data_7NYC
#
_entry.id   7NYC
#
_cell.length_a   1.00
_cell.length_b   1.00
_cell.length_c   1.00
_cell.angle_alpha   90.00
_cell.angle_beta   90.00
_cell.angle_gamma   90.00
#
_symmetry.space_group_name_H-M   'P 1'
#
loop_
_entity.id
_entity.type
_entity.pdbx_description
1 polymer 'Complement component C7'
2 polymer 'Complement component C8 beta chain'
3 polymer 'Complement component C8 alpha chain'
4 polymer 'Complement component C9'
5 polymer 'Complement component C6'
6 polymer 'Complement C5'
7 polymer 'Complement component C8 gamma chain'
8 branched 2-acetamido-2-deoxy-beta-D-glucopyranose-(1-4)-2-acetamido-2-deoxy-beta-D-glucopyranose
9 branched beta-D-mannopyranose-(1-4)-2-acetamido-2-deoxy-beta-D-glucopyranose-(1-4)-2-acetamido-2-deoxy-beta-D-glucopyranose
10 non-polymer alpha-D-mannopyranose
11 non-polymer 'CALCIUM ION'
12 non-polymer 2-acetamido-2-deoxy-beta-D-glucopyranose
13 non-polymer alpha-L-fucopyranose
#
loop_
_entity_poly.entity_id
_entity_poly.type
_entity_poly.pdbx_seq_one_letter_code
_entity_poly.pdbx_strand_id
1 'polypeptide(L)'
;SSPVNCQWDFYAPWSECNGCTKTQTRRRSVAVYGQYGGQPCVGNAFETQSCEPTRGCPTEEGCGERFRCFSGQCISKSLV
CNGDSDCDEDSADEDRCEDSERRPSCDIDKPPPNIELTGNGYNELTGQFRNRVINTKSFGGQCRKVFSGDGKDFYRLSGN
VLSYTFQVKINNDFNYEFYNSTWSYVKHTSTEHTSSSRKRSFFRSSSSSSRSYTSHTNEIHKGKSYQLLVVENTVEVAQF
INNNPEFLQLAEPFWKELSHLPSLYDYSAYRRLIDQYGTHYLQSGSLGGEYRVLFYVDSEKLKQNDFNSVEEKKCKSSGW
HFVVKFSSHGCKELENALKAASGTQNNVLRGEPFIRGGGAGFISGLSYLELDNPAGNKRRYSAWAESVTNLPQVIKQKLT
PLYELVKEVPCASVKKLYLKWALEEYLDEFDPCHCRPCQNGGLATVEGTHCLCHCKPYTFGAACEQGVLVGNQAGGVDGG
WSCWSSWSPCVQGKKTRSRECNNPPPSGGGRSCVGETTESTQCEDEELEHLRLLEPHCFPLSLVPTEFCPSPPALKDGFV
QDEGTMFPVGKNVVYTCNEGYSLIGNPVARCGEDLRWLVGEMHCQKIACVLPVLMDGIQSHPQKPFYTVGEKVTVSCSGG
MSLEGPSAFLCGSSLKWSPEMKNARCVQKENPLTQAVPKCQRWEKLQNSRCVCKMPYECGPSLDVCAQDERSKRILPLTV
CKMHVLHCQGRNYTLTGRDSCTLPASAEKACGACPLWGKCDAESSKCVCREASECEEEGFSICVEVNGKEQTMSECEAGA
LRCRGQSISVTSIRPCAAETQ
;
C
2 'polypeptide(L)'
;SVDVTLMPIDCELSSWSSWTTCDPCQKKRYRYAYLLQPSQFHGEPCNFSDKEVEDCVTNRPCRSQVRCEGFVCAQTGRCV
NRRLLCNGDNDCGDQSDEANCRRIYKKCQHEMDQYWGIGSLASGINLFTNSFEGPVLDHRYYAGGCSPHYILNTRFRKPY
NVESYTPQTQGKYEFILKEYESYSDFERNVTEKMASKSGFSFGFKIPGIFELGISSQSDRGKHYIRRTKRFSHTKSVFLH
ARSDLEVAHYKLKPRSLMLHYEFLQRVKRLPLEYSYGEYRDLFRDFGTHYITEAVLGGIYEYTLVMNKEAMERGDYTLNN
VHACAKNDFKIGGAIEEVYVSLGVSVGKCRGILNEIKDRNKRDTMVEDLVVLVRGGASEHITTLAYQELPTADLMQEWGD
AVQYNPAIIKVKVEPLYELVTATDFAYSSTVRQNMKQALEEFQKEVSSCHCAPCQGNGVPVLKGSRCDCICPVGSQGLAC
EVSYRKNTPIDGKWNCWSNWSSCSGRRKTRQRQCNNPPPQNGGSPCSGPASETLDCS
;
D
3 'polypeptide(L)'
;AATPAAVTCQLSNWSEWTDCFPCQDKKYRHRSLLQPNKFGGTICSGDIWDQASCSSSTTCVRQAQCGQDFQCKETGRCLK
RHLVCNGDQDCLDGSDEDDCEDVRAIDEDCSQYEPIPGSQKAALGYNILTQEDAQSVYDASYYGGQCETVYNGEWRELRY
DSTCERLYYGDDEKYFRKPYNFLKYHFEALADTGISSEFYDNANDLLSKVKKDKSDSFGVTIGIGPAGSPLLVGVGVSHS
QDTSFLNELNKYNEKKFIFTRIFTKVQTAHFKMRKDDIMLDEGMLQSLMELPDQYNYGMYAKFINDYGTHYITSGSMGGI
YEYILVIDKAKMESLGITSRDITTCFGGSLGIQYEDKINVGGGLSGDHCKKFGGGKTERARKAMAVEDIISRVRGGSSGW
SGGLAQNRSTITYRSWGRSLKYNPVVIDFEMQPIHEVLRHTSLGPLEAKRQNLRRALDQYLMEFNACRCGPCFNNGVPIL
EGTSCRCQCRLGSLGAACEQTQTEGAKADGSWSCWSSWSVCRAGIQERRRECDNPAPQNGGASCPGRKVQTQAC
;
E
4 'polypeptide(L)'
;QYTTSYDPELTESSGSASHIDCRMSPWSEWSQCDPCLRQMFRSRSIEVFGQFNGKRCTDAVGDRRQCVPTEPCEDAEDDC
GNDFQCSTGRCIKMRLRCNGDNDCGDFSDEDDCESEPRPPCRDRVVEESELARTAGYGINILGMDPLSTPFDNEFYNGLC
NRDRDGNTLTYYRRPWNVASLIYETKGEKNFRTEHYEEQIEAFKSIIQEKTSNFNAAISLKFTPTETNKAEQCCEETASS
ISLHGKGSFRFSYSKNETYQLFLSYSSKKEKMFLHVKGEIHLGRFVMRNRDVVLTTTFVDDIKALPTTYEKGEYFAFLET
YGTHYSSSGSLGGLYELIYVLDKASMKRKGVELKDIKRCLGYHLDVSLAFSEISVGAEFNKDDCVKRGEGRAVNITSENL
IDDVVSLIRGGTRKYAFELKEKLLRGTVIDVTDFVNWASSINDAPVLISQKLSPIYNLVPVKMKNAHLKKQNLERAIEDY
INEFSVRKCHTCQNGGTVILMDGKCLCACPFKFEGIACEISKQKISEGLPALEFPNEK
;
G,H,I
5 'polypeptide(L)'
;CFCDHYAWTQWTSCSKTCNSGTQSRHRQIVVDKYYQENFCEQICSKQETRECNWQRCPINCLLGDFGPWSDCDPCIEKQS
KVRSVLRPSQFGGQPCTAPLVAFQPCIPSKLCKIEEADCKNKFRCDSGRCIARKLECNGENDCGDNSDERDCGRTKAVCT
RKYNPIPSVQLMGNGFHFLAGEPRGEVLDNSFTGGICKTVKSSRTSNPYRVPANLENVGFEVQTAEDDLKTDFYKDLTSL
GHNENQQGSFSSQGGSSFSVPIFYSSKRSENINHNSAFKQAIQASHKKDSSFIRIHKVMKVLNFTTKAKDLHLSDVFLKA
LNHLPLEYNSALYSRIFDDFGTHYFTSGSLGGVYDLLYQFSSEELKNSGLTEEEAKHCVRIETKKRVLFAKKTKVEHRCT
TNKLSEKHEGSFIQGAEKSISLIRGGRSEYGAALAWEKGSSGLEEKTFSEWLESVKENPAVIDFELAPIVDLVRNIPCAV
TKRNNLRKALQEYAAKFDPCQCAPCPNNGRPTLSGTECLCVCQSGTYGENCEKQSPDYKSNAVDGQWGCWSSWSTCDATY
KRSRTRECNNPAPQRGGKRCEGEKRQEEDCTFSIMENNGQPCINDDEEMKEVDLPEIEADSGCPQPVPPENGFIRNEKQL
YLVGEDVEISCLTGFETVGYQYFRCLPDGTWRQGDVECQRTECIKPVVQEVLTITPFQRLYRIGESIELTCPKGFVVAGP
SRYTCQGNSWTPPISNSLTCEKDTLTKLKGHCQLGQKQSGSECICMSPEEDCSHHSEDLCVFDTDSNDYFTSPACKFLAE
KCLNNQQLHFLHIGSCQDGRQLEWGLERTRLSSNSTKKESCGYDTCYDWEKCSASTSKCVCLLPPQCFKGGNQLYCVKMG
SSTSEKTLNICEVGTIRCANRKMEILHPGKCLA
;
B
6 'polypeptide(L)'
;QEQTYVISAPKIFRVGASENIVIQVYGYTEAFDATISIKSYPDKKFSYSSGHVHLSSENKFQNSAILTIQPKQLPGGQNP
VSYVYLEVVSKHFSKSKRMPITYDNGFLFIHTDKPVYTPDQSVKVRVYSLNDDLKPAKRETVLTFIDPEGSEVDMVEEID
HIGIISFPDFKIPSNPRYGMWTIKAKYKEDFSTTGTAYFEVKEYVLPHFSVSIEPEYNFIGYKNFKNFEITIKARYFYNK
VVTEADVYITFGIREDLKDDQKEMMQTAMQNTMLINGIAQVTFDSETAVKELSYYSLEDLNNKYLYIAVTVIESTGGFSE
EAEIPGIKYVLSPYKLNLVATPLFLKPGIPYPIKVQVKDSLDQLVGGVPVTLNAQTIDVNQETSDLDPSKSVTRVDDGVA
SFVLNLPSGVTVLEFNVKTDAPDLPEENQAREGYRAIAYSSLSQSYLYIDWTDNHKALLVGEHLNIIVTPKSPYIDKITH
YNYLILSKGKIIHFGTREKFSDASYQSINIPVTQNMVPSSRLLVYYIVTGEQTAELVSDSVWLNIEEKCGNQLQVHLSPD
ADAYSPGQTVSLNMATGMDSWVALAAVDSAVYGVQRGAKKPLERVFQFLEKSDLGCGAGGGLNNANVFHLAGLTFLTNAN
ADDSQENDEPCKEILRPRRTLQKKIEEIAAKYKHSVVKKCCYDGACVNNDETCEQRAARISLGPRCIKAFTECCVVASQL
RANISHKDMQLGRLHMKTLLPVSKPEIRSYFPESWLWEVHLVPRRKQLQFALPDSLTTWEIQGVGISNTGICVADTVKAK
VFKDVFLEMNIPYSVVRGEQIQLKGTVYNYRTSGMQFCVKMSAVEGICTSESPVIDHQGTKSSKCVRQKVEGSSSHLVTF
TVLPLEIGLHNINFSLETWFGKEILVKTLRVVPEGVKRESYSGVTLDPRGIYGTISRRKEFPYRIPLDLVPKTEIKRILS
VKGLLVGEILSAVLSQEGINILTHLPKGSAEAELMSVVPVFYVFHYLETGNHWNIFHSDPLIEKQKLKKKLKEGMLSIMS
YRNADYSYSVWKGGSASTWLTAFALRVLGQVNKYVEQNQNSICNSLLWLVENYQLDNGSFKENSQYQPIKLQGTLPVEAR
ENSLYLTAFTVIGIRKAFDICPLVKIDTALIKADNFLLENTLPAQSTFTLAISAYALSLGDKTHPQFRSIVSALKREALV
KGNPPIYRFWKDNLQHKDSSVPNTGTARMVETTAYALLTSLNLKDINYVNPVIKWLSEEQRYGGGFYSTQDTINAIEGLT
EYSLLVKQLRLSMDIDVSYKHKGALHNYKMTDKNFLGRPVEVLLNDDLIVSTGFGSGLATVHVTTVVHKTSTSEEVCSFY
LKIDTQDIEASHYRGYGNSDYKRIVACASYKPSREESSSGSSHAVMDISLPTGISANEEDLKALVEGVDQLFTDYQIKDG
HVILQLNSIPSSDFLCVRFRIFELFEVGFLSPATFTVYEYHRPDKQCTMFYSTSNIKIQKVCEGAACKCVEADCGQMQEE
LDLTISAETRKQTACKPEIAYAYKVSITSITVENVFVKYKATLLDIYKTGEAVAEKDSEITFIKKVTCTNAELVKGRQYL
IMGKEALQIKYNFSFRYIYPLDSLTWIEYWPRDTTCSSCQAFLANLDEFAEDIFLNGC
;
A
7 'polypeptide(L)'
;QKPQRPRRPASPISTIQPKANFDAQQFAGTWLLVAVGSACRFLQEQGHRAEATTLHVAPQGTAMAVSTFRKLDGICWQVR
QLYGDTGVLGRFLLQARDARGAVHVVVAETDYQSFAVLYLERAGQLSVKLYARSLPVSDSVLSGFEQRVQEAHLTEDQIF
YFPKYGFCEAADQFHVLDEVRR
;
F
#
loop_
_chem_comp.id
_chem_comp.type
_chem_comp.name
_chem_comp.formula
BMA D-saccharide, beta linking beta-D-mannopyranose 'C6 H12 O6'
CA non-polymer 'CALCIUM ION' 'Ca 2'
FUC L-saccharide, alpha linking alpha-L-fucopyranose 'C6 H12 O5'
MAN D-saccharide, alpha linking alpha-D-mannopyranose 'C6 H12 O6'
NAG D-saccharide, beta linking 2-acetamido-2-deoxy-beta-D-glucopyranose 'C8 H15 N O6'
#
# COMPACT_ATOMS: atom_id res chain seq x y z
N SER A 1 45.68 30.61 8.46
CA SER A 1 45.22 31.56 7.45
C SER A 1 44.17 32.51 8.04
N SER A 2 44.04 33.72 7.50
CA SER A 2 43.16 34.76 8.08
C SER A 2 41.67 34.36 7.98
N PRO A 3 40.85 34.52 9.04
CA PRO A 3 39.43 34.19 9.00
C PRO A 3 38.68 35.05 7.96
N VAL A 4 37.93 34.40 7.06
CA VAL A 4 37.18 35.08 6.02
C VAL A 4 35.71 35.17 6.44
N ASN A 5 35.20 36.38 6.63
CA ASN A 5 33.76 36.61 6.79
C ASN A 5 33.08 36.63 5.42
N CYS A 6 31.88 36.08 5.32
CA CYS A 6 31.11 36.05 4.09
C CYS A 6 30.68 37.45 3.61
N GLN A 7 30.47 37.60 2.30
CA GLN A 7 29.84 38.78 1.70
C GLN A 7 28.75 38.37 0.72
N TRP A 8 27.59 39.02 0.82
CA TRP A 8 26.49 38.89 -0.13
C TRP A 8 26.84 39.56 -1.46
N ASP A 9 26.38 39.00 -2.57
CA ASP A 9 26.30 39.74 -3.83
C ASP A 9 25.16 40.78 -3.78
N PHE A 10 25.13 41.74 -4.70
CA PHE A 10 23.90 42.47 -5.00
C PHE A 10 22.85 41.51 -5.57
N TYR A 11 21.58 41.73 -5.27
CA TYR A 11 20.48 40.86 -5.69
C TYR A 11 20.43 40.62 -7.20
N ALA A 12 19.91 39.47 -7.58
CA ALA A 12 19.47 39.15 -8.94
C ALA A 12 18.18 39.93 -9.30
N PRO A 13 17.73 39.93 -10.56
CA PRO A 13 16.65 40.79 -11.04
C PRO A 13 15.26 40.19 -10.78
N TRP A 14 15.05 39.83 -9.54
CA TRP A 14 13.85 39.13 -9.24
C TRP A 14 13.73 37.79 -9.98
N SER A 15 12.66 37.46 -10.67
CA SER A 15 12.29 36.19 -11.25
C SER A 15 11.13 36.42 -12.18
N GLU A 16 10.87 35.45 -13.04
CA GLU A 16 9.53 35.23 -13.55
C GLU A 16 8.52 35.16 -12.39
N CYS A 17 7.45 35.95 -12.48
CA CYS A 17 6.46 36.14 -11.42
C CYS A 17 5.56 34.92 -11.26
N ASN A 18 5.44 34.38 -10.04
CA ASN A 18 4.87 33.05 -9.78
C ASN A 18 3.35 33.04 -9.91
N GLY A 19 2.83 32.26 -10.86
CA GLY A 19 1.42 32.24 -11.24
C GLY A 19 0.46 31.72 -10.17
N CYS A 20 0.93 30.88 -9.25
CA CYS A 20 0.14 30.32 -8.17
C CYS A 20 0.19 31.18 -6.93
N THR A 21 1.39 31.55 -6.47
CA THR A 21 1.54 32.33 -5.23
C THR A 21 1.26 33.81 -5.43
N LYS A 22 1.32 34.30 -6.68
CA LYS A 22 1.32 35.73 -7.00
C LYS A 22 2.46 36.47 -6.28
N THR A 23 3.68 35.92 -6.35
CA THR A 23 4.90 36.49 -5.76
C THR A 23 6.11 36.41 -6.69
N GLN A 24 7.18 37.12 -6.33
CA GLN A 24 8.47 37.07 -7.01
C GLN A 24 9.55 36.90 -5.97
N THR A 25 10.50 35.99 -6.19
CA THR A 25 11.68 35.83 -5.32
C THR A 25 12.92 36.35 -6.04
N ARG A 26 13.75 37.14 -5.33
CA ARG A 26 15.09 37.53 -5.78
C ARG A 26 16.16 36.76 -5.01
N ARG A 27 17.09 36.14 -5.73
CA ARG A 27 18.29 35.49 -5.18
C ARG A 27 19.25 36.53 -4.62
N ARG A 28 19.93 36.18 -3.54
CA ARG A 28 21.10 36.90 -3.06
C ARG A 28 22.25 35.90 -2.95
N SER A 29 22.90 35.66 -4.09
CA SER A 29 24.07 34.76 -4.20
C SER A 29 25.28 35.31 -3.46
N VAL A 30 26.35 34.53 -3.39
CA VAL A 30 27.50 34.80 -2.52
C VAL A 30 28.64 35.43 -3.33
N ALA A 31 29.16 36.56 -2.85
CA ALA A 31 30.31 37.22 -3.45
C ALA A 31 31.61 36.67 -2.87
N VAL A 32 31.67 36.48 -1.55
CA VAL A 32 32.78 35.88 -0.83
C VAL A 32 32.20 34.87 0.15
N TYR A 33 32.64 33.61 0.13
CA TYR A 33 32.19 32.60 1.10
C TYR A 33 32.98 32.76 2.38
N GLY A 34 32.35 32.60 3.53
CA GLY A 34 33.09 32.60 4.78
C GLY A 34 33.95 31.32 4.91
N GLN A 35 35.18 31.47 5.41
CA GLN A 35 36.20 30.42 5.50
C GLN A 35 37.04 30.58 6.76
N TYR A 36 37.76 29.53 7.15
CA TYR A 36 38.85 29.62 8.14
C TYR A 36 38.40 30.16 9.53
N GLY A 37 37.19 29.76 9.94
CA GLY A 37 36.57 30.21 11.21
C GLY A 37 35.82 31.54 11.13
N GLY A 38 35.85 32.24 9.98
CA GLY A 38 35.06 33.46 9.75
C GLY A 38 33.58 33.19 9.45
N GLN A 39 32.77 34.23 9.55
CA GLN A 39 31.30 34.18 9.65
C GLN A 39 30.60 33.73 8.34
N PRO A 40 29.50 32.98 8.41
CA PRO A 40 28.60 32.81 7.28
C PRO A 40 27.83 34.10 7.03
N CYS A 41 27.21 34.26 5.86
CA CYS A 41 26.41 35.45 5.57
C CYS A 41 25.15 35.46 6.46
N VAL A 42 25.05 36.49 7.31
CA VAL A 42 23.91 36.72 8.21
C VAL A 42 22.65 37.04 7.41
N GLY A 43 21.53 36.43 7.78
CA GLY A 43 20.25 36.59 7.08
C GLY A 43 20.05 35.69 5.89
N ASN A 44 19.11 36.07 5.04
CA ASN A 44 18.37 35.19 4.15
C ASN A 44 18.94 35.20 2.73
N ALA A 45 19.20 34.00 2.17
CA ALA A 45 19.72 33.82 0.81
C ALA A 45 18.73 34.23 -0.29
N PHE A 46 17.49 34.50 0.08
CA PHE A 46 16.45 34.98 -0.81
C PHE A 46 15.55 36.00 -0.10
N GLU A 47 14.88 36.86 -0.86
CA GLU A 47 13.65 37.50 -0.39
C GLU A 47 12.57 37.47 -1.45
N THR A 48 11.33 37.64 -1.02
CA THR A 48 10.13 37.47 -1.83
C THR A 48 9.15 38.61 -1.58
N GLN A 49 8.53 39.12 -2.65
CA GLN A 49 7.55 40.20 -2.60
C GLN A 49 6.32 39.84 -3.45
N SER A 50 5.17 40.46 -3.19
CA SER A 50 3.95 40.22 -3.98
C SER A 50 4.13 40.70 -5.42
N CYS A 51 3.42 40.07 -6.36
CA CYS A 51 3.51 40.41 -7.78
C CYS A 51 2.31 39.86 -8.54
N GLU A 52 1.68 40.69 -9.36
CA GLU A 52 0.55 40.32 -10.23
C GLU A 52 1.06 39.61 -11.49
N PRO A 53 0.86 38.29 -11.68
CA PRO A 53 1.53 37.57 -12.75
C PRO A 53 0.74 37.58 -14.05
N THR A 54 1.41 37.81 -15.18
CA THR A 54 0.89 37.41 -16.51
C THR A 54 0.96 35.89 -16.71
N ARG A 55 1.71 35.22 -15.85
CA ARG A 55 1.88 33.76 -15.81
C ARG A 55 0.65 33.13 -15.16
N GLY A 56 0.09 32.06 -15.71
CA GLY A 56 -0.89 31.28 -14.96
C GLY A 56 -0.22 30.41 -13.91
N CYS A 57 -0.89 30.15 -12.79
CA CYS A 57 -0.64 28.93 -12.07
C CYS A 57 -0.94 27.73 -12.97
N PRO A 58 -0.07 26.75 -13.15
CA PRO A 58 -0.44 25.55 -13.87
C PRO A 58 -1.53 24.84 -13.09
N THR A 59 -2.56 24.35 -13.77
CA THR A 59 -3.43 23.34 -13.15
C THR A 59 -2.64 22.06 -12.88
N GLU A 60 -3.25 21.11 -12.18
CA GLU A 60 -2.67 19.81 -11.92
C GLU A 60 -3.67 18.75 -12.31
N GLU A 61 -3.19 17.62 -12.83
CA GLU A 61 -4.02 16.73 -13.62
C GLU A 61 -3.95 15.26 -13.15
N GLY A 62 -5.12 14.61 -13.11
CA GLY A 62 -5.30 13.24 -12.64
C GLY A 62 -5.11 12.17 -13.70
N CYS A 63 -5.88 11.09 -13.58
CA CYS A 63 -5.43 9.78 -14.06
C CYS A 63 -6.26 9.13 -15.15
N GLY A 64 -7.46 9.62 -15.44
CA GLY A 64 -8.25 9.12 -16.57
C GLY A 64 -8.63 7.64 -16.46
N GLU A 65 -8.17 6.82 -17.40
CA GLU A 65 -8.37 5.37 -17.38
C GLU A 65 -7.66 4.69 -16.19
N ARG A 66 -6.58 5.29 -15.66
CA ARG A 66 -5.81 4.78 -14.51
C ARG A 66 -6.48 5.21 -13.21
N PHE A 67 -6.37 4.40 -12.17
CA PHE A 67 -6.79 4.79 -10.83
C PHE A 67 -5.89 5.91 -10.28
N ARG A 68 -6.36 6.63 -9.28
CA ARG A 68 -5.73 7.81 -8.68
C ARG A 68 -5.70 7.64 -7.19
N CYS A 69 -4.57 7.88 -6.55
CA CYS A 69 -4.53 7.88 -5.11
C CYS A 69 -4.78 9.26 -4.52
N PHE A 70 -4.90 9.35 -3.20
CA PHE A 70 -5.19 10.57 -2.45
C PHE A 70 -4.15 11.67 -2.68
N SER A 71 -2.90 11.29 -2.92
CA SER A 71 -1.82 12.21 -3.27
C SER A 71 -1.97 12.85 -4.64
N GLY A 72 -2.57 12.14 -5.60
CA GLY A 72 -2.62 12.51 -7.03
C GLY A 72 -1.72 11.68 -7.96
N GLN A 73 -0.88 10.79 -7.42
CA GLN A 73 -0.18 9.79 -8.23
C GLN A 73 -1.17 8.85 -8.91
N CYS A 74 -0.79 8.29 -10.05
CA CYS A 74 -1.65 7.40 -10.84
C CYS A 74 -1.12 5.98 -10.88
N ILE A 75 -2.01 5.00 -10.84
CA ILE A 75 -1.70 3.56 -10.72
C ILE A 75 -2.68 2.74 -11.56
N SER A 76 -2.25 1.61 -12.11
CA SER A 76 -3.10 0.79 -12.97
C SER A 76 -4.33 0.26 -12.24
N LYS A 77 -5.48 0.13 -12.92
CA LYS A 77 -6.69 -0.47 -12.34
C LYS A 77 -6.53 -1.96 -11.99
N SER A 78 -5.64 -2.68 -12.68
CA SER A 78 -5.21 -4.04 -12.31
C SER A 78 -4.50 -4.11 -10.94
N LEU A 79 -4.11 -2.99 -10.34
CA LEU A 79 -3.53 -2.90 -8.99
C LEU A 79 -4.50 -2.40 -7.92
N VAL A 80 -5.77 -2.11 -8.25
CA VAL A 80 -6.82 -1.90 -7.24
C VAL A 80 -7.23 -3.25 -6.63
N CYS A 81 -7.26 -3.34 -5.31
CA CYS A 81 -7.49 -4.57 -4.52
C CYS A 81 -6.55 -5.75 -4.87
N ASN A 82 -5.36 -5.45 -5.37
CA ASN A 82 -4.24 -6.40 -5.43
C ASN A 82 -3.74 -6.80 -4.02
N GLY A 83 -4.10 -6.05 -2.97
CA GLY A 83 -3.81 -6.40 -1.58
C GLY A 83 -2.40 -6.05 -1.11
N ASP A 84 -1.46 -5.83 -2.02
CA ASP A 84 -0.30 -5.00 -1.71
C ASP A 84 -0.75 -3.56 -1.50
N SER A 85 0.07 -2.72 -0.86
CA SER A 85 -0.12 -1.27 -0.96
C SER A 85 0.54 -0.75 -2.25
N ASP A 86 -0.21 -0.66 -3.36
CA ASP A 86 0.35 -0.09 -4.58
C ASP A 86 0.42 1.43 -4.54
N CYS A 87 -0.58 2.15 -4.01
CA CYS A 87 -0.40 3.57 -3.71
C CYS A 87 0.58 3.76 -2.57
N ASP A 88 1.63 4.55 -2.85
CA ASP A 88 2.85 4.56 -2.08
C ASP A 88 2.65 4.79 -0.58
N GLU A 89 1.72 5.66 -0.22
CA GLU A 89 1.54 6.07 1.18
C GLU A 89 0.14 5.80 1.74
N ASP A 90 -0.89 5.93 0.91
CA ASP A 90 -2.27 6.08 1.37
C ASP A 90 -3.17 4.91 0.95
N SER A 91 -2.62 3.99 0.17
CA SER A 91 -3.17 2.69 -0.20
C SER A 91 -4.65 2.71 -0.56
N ALA A 92 -5.11 3.74 -1.26
CA ALA A 92 -6.52 3.86 -1.63
C ALA A 92 -6.99 2.66 -2.48
N ASP A 93 -6.07 1.96 -3.13
CA ASP A 93 -6.26 0.68 -3.80
C ASP A 93 -6.65 -0.46 -2.85
N GLU A 94 -6.46 -0.31 -1.54
CA GLU A 94 -6.85 -1.26 -0.50
C GLU A 94 -8.07 -0.79 0.34
N ASP A 95 -8.67 0.37 0.04
CA ASP A 95 -9.86 0.84 0.77
C ASP A 95 -11.12 0.01 0.43
N ARG A 96 -11.76 -0.46 1.50
CA ARG A 96 -13.10 -1.11 1.58
C ARG A 96 -13.32 -2.27 0.59
N CYS A 97 -12.27 -2.99 0.21
CA CYS A 97 -12.44 -4.14 -0.67
C CYS A 97 -13.08 -5.31 0.09
N GLU A 98 -13.79 -6.19 -0.62
CA GLU A 98 -14.39 -7.38 -0.04
C GLU A 98 -13.37 -8.51 0.12
N ASP A 99 -13.43 -9.24 1.24
CA ASP A 99 -12.59 -10.43 1.44
C ASP A 99 -12.89 -11.56 0.43
N SER A 100 -14.08 -11.54 -0.19
CA SER A 100 -14.43 -12.44 -1.29
C SER A 100 -13.75 -12.02 -2.62
N GLU A 101 -13.46 -10.73 -2.80
CA GLU A 101 -12.78 -10.17 -3.98
C GLU A 101 -11.24 -10.19 -3.84
N ARG A 102 -10.72 -10.02 -2.62
CA ARG A 102 -9.29 -10.09 -2.30
C ARG A 102 -8.67 -11.45 -2.70
N ARG A 103 -7.39 -11.41 -3.08
CA ARG A 103 -6.56 -12.56 -3.50
C ARG A 103 -5.10 -12.39 -3.03
N PRO A 104 -4.32 -13.46 -2.83
CA PRO A 104 -2.88 -13.36 -2.55
C PRO A 104 -2.11 -12.76 -3.73
N SER A 105 -1.25 -11.76 -3.46
CA SER A 105 -0.30 -11.23 -4.46
C SER A 105 1.04 -11.99 -4.45
N CYS A 106 1.49 -12.43 -3.27
CA CYS A 106 2.69 -13.25 -3.12
C CYS A 106 2.70 -13.97 -1.75
N ASP A 107 3.55 -14.98 -1.61
CA ASP A 107 3.66 -15.80 -0.39
C ASP A 107 4.20 -15.04 0.82
N ILE A 108 4.95 -13.97 0.60
CA ILE A 108 5.69 -13.25 1.64
C ILE A 108 5.63 -11.75 1.40
N ASP A 109 5.91 -10.98 2.44
CA ASP A 109 5.90 -9.52 2.40
C ASP A 109 7.28 -8.90 2.65
N LYS A 110 8.29 -9.70 3.01
CA LYS A 110 9.59 -9.19 3.44
C LYS A 110 10.49 -8.81 2.25
N PRO A 111 11.08 -7.61 2.22
CA PRO A 111 12.10 -7.23 1.25
C PRO A 111 13.51 -7.66 1.72
N PRO A 112 14.54 -7.55 0.86
CA PRO A 112 15.91 -7.50 1.28
C PRO A 112 16.15 -6.43 2.34
N PRO A 113 16.98 -6.64 3.36
CA PRO A 113 16.79 -5.97 4.65
C PRO A 113 16.90 -4.45 4.75
N ASN A 114 17.51 -3.79 3.77
CA ASN A 114 17.50 -2.33 3.67
C ASN A 114 17.35 -1.92 2.21
N ILE A 115 16.45 -2.56 1.46
CA ILE A 115 16.18 -2.16 0.08
C ILE A 115 15.85 -0.67 -0.01
N GLU A 116 15.30 -0.07 1.05
CA GLU A 116 14.93 1.34 1.19
C GLU A 116 16.07 2.27 0.83
N LEU A 117 17.29 1.96 1.27
CA LEU A 117 18.43 2.83 1.01
C LEU A 117 18.78 2.88 -0.48
N THR A 118 18.43 1.86 -1.26
CA THR A 118 18.68 1.87 -2.71
C THR A 118 17.88 2.93 -3.46
N GLY A 119 16.73 3.37 -2.95
CA GLY A 119 15.89 4.39 -3.61
C GLY A 119 16.10 5.80 -3.08
N ASN A 120 17.01 6.00 -2.14
CA ASN A 120 17.36 7.31 -1.66
C ASN A 120 18.03 8.16 -2.74
N GLY A 121 17.92 9.47 -2.59
CA GLY A 121 18.69 10.43 -3.37
C GLY A 121 20.11 10.59 -2.84
N TYR A 122 20.96 11.31 -3.56
CA TYR A 122 22.38 11.42 -3.26
C TYR A 122 22.92 12.82 -3.58
N ASN A 123 23.50 13.51 -2.60
CA ASN A 123 24.12 14.82 -2.76
C ASN A 123 25.61 14.64 -2.99
N GLU A 124 26.04 14.82 -4.23
CA GLU A 124 27.42 14.58 -4.59
C GLU A 124 28.39 15.43 -3.79
N LEU A 125 28.04 16.68 -3.48
CA LEU A 125 29.01 17.64 -2.98
C LEU A 125 29.17 17.66 -1.46
N THR A 126 28.14 17.30 -0.70
CA THR A 126 28.31 16.99 0.73
C THR A 126 28.73 15.53 0.92
N GLY A 127 28.51 14.70 -0.09
CA GLY A 127 28.79 13.26 -0.11
C GLY A 127 27.67 12.38 0.48
N GLN A 128 26.63 12.97 1.08
CA GLN A 128 25.62 12.26 1.88
C GLN A 128 24.45 11.72 1.04
N PHE A 129 23.79 10.70 1.55
CA PHE A 129 22.49 10.28 1.06
C PHE A 129 21.40 11.31 1.43
N ARG A 130 20.31 11.29 0.67
CA ARG A 130 19.17 12.20 0.74
C ARG A 130 17.89 11.38 0.58
N ASN A 131 16.75 11.98 0.91
CA ASN A 131 15.54 11.25 1.27
C ASN A 131 14.85 10.56 0.11
N ARG A 132 13.75 9.89 0.37
CA ARG A 132 13.23 8.79 -0.43
C ARG A 132 12.77 9.26 -1.79
N VAL A 133 13.42 8.83 -2.86
CA VAL A 133 13.17 9.34 -4.21
C VAL A 133 12.43 8.31 -5.04
N ILE A 134 13.05 7.17 -5.25
CA ILE A 134 12.40 6.03 -5.90
C ILE A 134 11.57 5.31 -4.83
N ASN A 135 10.35 4.91 -5.15
CA ASN A 135 9.61 3.95 -4.34
C ASN A 135 10.31 2.60 -4.48
N THR A 136 11.01 2.15 -3.44
CA THR A 136 11.78 0.89 -3.49
C THR A 136 10.93 -0.38 -3.49
N LYS A 137 9.63 -0.26 -3.22
CA LYS A 137 8.75 -1.36 -2.87
C LYS A 137 7.41 -1.32 -3.60
N SER A 138 7.37 -0.80 -4.82
CA SER A 138 6.19 -0.97 -5.66
C SER A 138 6.16 -2.41 -6.15
N PHE A 139 5.57 -3.29 -5.36
CA PHE A 139 5.71 -4.69 -5.70
C PHE A 139 5.18 -4.94 -7.10
N GLY A 140 4.12 -4.21 -7.47
CA GLY A 140 3.53 -4.26 -8.80
C GLY A 140 2.71 -5.51 -9.11
N GLY A 141 2.10 -6.08 -8.05
CA GLY A 141 1.26 -7.28 -8.04
C GLY A 141 2.02 -8.56 -8.40
N GLN A 142 3.34 -8.57 -8.16
CA GLN A 142 4.27 -9.59 -8.62
C GLN A 142 4.96 -10.31 -7.46
N CYS A 143 5.23 -11.59 -7.68
CA CYS A 143 5.87 -12.47 -6.72
C CYS A 143 7.29 -12.85 -7.14
N ARG A 144 8.05 -11.86 -7.64
CA ARG A 144 9.49 -12.00 -7.89
C ARG A 144 10.18 -12.17 -6.55
N LYS A 145 10.65 -13.39 -6.30
CA LYS A 145 11.23 -13.89 -5.05
C LYS A 145 12.69 -14.29 -5.28
N VAL A 146 13.52 -14.15 -4.26
CA VAL A 146 14.89 -14.66 -4.23
C VAL A 146 15.19 -15.33 -2.88
N PHE A 147 15.87 -16.47 -2.89
CA PHE A 147 16.50 -17.02 -1.69
C PHE A 147 17.89 -16.41 -1.53
N SER A 148 18.10 -15.63 -0.47
CA SER A 148 19.42 -15.15 -0.13
C SER A 148 20.25 -16.27 0.46
N GLY A 149 21.40 -16.57 -0.17
CA GLY A 149 22.39 -17.46 0.42
C GLY A 149 23.11 -16.85 1.63
N ASP A 150 22.77 -15.63 2.05
CA ASP A 150 23.37 -14.97 3.20
C ASP A 150 22.28 -14.41 4.12
N GLY A 151 22.41 -14.56 5.44
CA GLY A 151 21.28 -14.34 6.35
C GLY A 151 20.13 -15.37 6.19
N LYS A 152 20.23 -16.28 5.20
CA LYS A 152 19.47 -17.52 5.01
C LYS A 152 17.97 -17.33 5.06
N ASP A 153 17.42 -16.59 4.09
CA ASP A 153 16.01 -16.21 4.07
C ASP A 153 15.49 -15.99 2.64
N PHE A 154 14.19 -16.15 2.42
CA PHE A 154 13.52 -15.71 1.21
C PHE A 154 13.11 -14.24 1.29
N TYR A 155 13.12 -13.54 0.15
CA TYR A 155 12.77 -12.13 0.04
C TYR A 155 11.98 -11.84 -1.23
N ARG A 156 11.21 -10.74 -1.22
CA ARG A 156 10.41 -10.22 -2.33
C ARG A 156 11.08 -9.00 -2.96
N LEU A 157 11.09 -8.91 -4.29
CA LEU A 157 11.69 -7.80 -5.04
C LEU A 157 10.62 -6.99 -5.80
N SER A 158 10.86 -5.70 -5.93
CA SER A 158 10.00 -4.78 -6.69
C SER A 158 10.39 -4.72 -8.16
N GLY A 159 9.44 -4.39 -9.04
CA GLY A 159 9.73 -4.05 -10.45
C GLY A 159 10.53 -2.75 -10.66
N ASN A 160 10.86 -2.03 -9.60
CA ASN A 160 11.71 -0.83 -9.64
C ASN A 160 13.22 -1.18 -9.69
N VAL A 161 13.58 -2.38 -9.22
CA VAL A 161 14.95 -2.87 -9.18
C VAL A 161 15.19 -3.77 -10.38
N LEU A 162 16.13 -3.35 -11.23
CA LEU A 162 16.70 -4.02 -12.40
C LEU A 162 17.40 -5.33 -12.06
N SER A 163 18.02 -5.43 -10.89
CA SER A 163 18.68 -6.65 -10.45
C SER A 163 18.99 -6.58 -8.98
N TYR A 164 18.58 -7.62 -8.24
CA TYR A 164 19.02 -7.84 -6.88
C TYR A 164 19.66 -9.23 -6.81
N THR A 165 20.95 -9.24 -6.51
CA THR A 165 21.84 -10.32 -6.98
C THR A 165 22.08 -11.45 -5.98
N PHE A 166 22.41 -11.12 -4.73
CA PHE A 166 22.85 -12.06 -3.67
C PHE A 166 24.21 -12.77 -3.87
N GLN A 167 25.15 -12.11 -4.55
CA GLN A 167 26.59 -12.39 -4.51
C GLN A 167 27.22 -11.88 -3.21
N VAL A 168 28.28 -12.52 -2.73
CA VAL A 168 29.05 -12.04 -1.58
C VAL A 168 30.47 -11.80 -2.01
N LYS A 169 31.06 -10.75 -1.48
CA LYS A 169 32.46 -10.38 -1.63
C LYS A 169 32.85 -9.76 -0.32
N ILE A 170 34.06 -9.97 0.10
CA ILE A 170 34.63 -9.33 1.26
C ILE A 170 36.06 -9.10 0.92
N ASN A 171 36.54 -7.88 1.02
CA ASN A 171 37.87 -7.52 0.55
C ASN A 171 38.53 -6.81 1.69
N ASN A 172 39.70 -7.24 2.07
CA ASN A 172 40.40 -6.81 3.26
C ASN A 172 41.79 -6.41 2.85
N ASP A 173 42.25 -5.36 3.48
CA ASP A 173 43.59 -4.80 3.29
C ASP A 173 44.03 -4.42 4.68
N PHE A 174 45.22 -4.81 5.03
CA PHE A 174 45.85 -4.55 6.30
C PHE A 174 47.20 -3.98 6.01
N ASN A 175 47.58 -2.97 6.77
CA ASN A 175 48.95 -2.50 6.81
C ASN A 175 49.27 -2.27 8.25
N TYR A 176 50.36 -2.83 8.75
CA TYR A 176 50.85 -2.64 10.10
C TYR A 176 52.32 -2.29 10.00
N GLU A 177 52.78 -1.20 10.60
CA GLU A 177 54.14 -0.73 10.43
C GLU A 177 54.68 -0.26 11.75
N PHE A 178 55.91 -0.63 12.06
CA PHE A 178 56.43 -0.60 13.42
C PHE A 178 57.87 -0.14 13.43
N TYR A 179 58.22 0.64 14.44
CA TYR A 179 59.56 1.12 14.68
C TYR A 179 59.84 1.03 16.17
N ASN A 180 61.06 0.72 16.57
CA ASN A 180 61.53 0.92 17.92
C ASN A 180 63.04 1.20 17.90
N SER A 181 63.53 2.01 18.83
CA SER A 181 64.90 2.48 18.91
C SER A 181 65.33 2.66 20.34
N THR A 182 66.62 2.57 20.65
CA THR A 182 67.16 2.70 21.99
C THR A 182 68.64 3.00 21.96
N TRP A 183 69.12 3.87 22.83
CA TRP A 183 70.54 4.22 22.93
C TRP A 183 70.98 4.44 24.36
N SER A 184 72.25 4.24 24.65
CA SER A 184 72.90 4.63 25.90
C SER A 184 74.34 5.05 25.64
N TYR A 185 74.85 5.98 26.44
CA TYR A 185 76.17 6.58 26.27
C TYR A 185 76.77 6.98 27.62
N VAL A 186 78.09 6.93 27.73
CA VAL A 186 78.91 7.29 28.88
C VAL A 186 80.19 8.00 28.43
N LYS A 187 80.59 9.02 29.17
CA LYS A 187 81.87 9.72 29.07
C LYS A 187 82.44 9.96 30.46
N HIS A 188 83.76 9.87 30.61
CA HIS A 188 84.49 10.17 31.83
C HIS A 188 85.83 10.84 31.54
N THR A 189 86.27 11.74 32.42
CA THR A 189 87.60 12.35 32.39
C THR A 189 88.13 12.57 33.81
N SER A 190 89.46 12.55 33.97
CA SER A 190 90.13 12.98 35.21
C SER A 190 91.50 13.58 34.92
N THR A 191 91.89 14.57 35.70
CA THR A 191 93.15 15.31 35.56
C THR A 191 93.69 15.62 36.95
N GLU A 192 94.92 15.23 37.23
CA GLU A 192 95.40 15.05 38.59
C GLU A 192 96.87 15.46 38.74
N HIS A 193 97.28 15.82 39.97
CA HIS A 193 98.61 16.36 40.27
C HIS A 193 99.09 15.98 41.66
N THR A 194 100.40 15.98 41.88
CA THR A 194 101.00 16.17 43.20
C THR A 194 102.37 16.86 43.11
N SER A 195 102.76 17.60 44.14
CA SER A 195 104.09 18.19 44.27
C SER A 195 104.51 18.21 45.74
N SER A 196 105.80 18.02 46.03
CA SER A 196 106.37 18.08 47.38
C SER A 196 107.76 18.70 47.35
N SER A 197 108.04 19.65 48.25
CA SER A 197 109.27 20.44 48.27
C SER A 197 109.81 20.59 49.69
N ARG A 198 111.12 20.44 49.89
CA ARG A 198 111.78 20.56 51.21
C ARG A 198 113.11 21.29 51.10
N LYS A 199 113.35 22.25 52.00
CA LYS A 199 114.51 23.16 52.01
C LYS A 199 115.02 23.40 53.44
N ARG A 200 116.34 23.39 53.63
CA ARG A 200 117.01 23.62 54.92
C ARG A 200 118.39 24.29 54.76
N ARG A 204 114.70 23.84 59.06
CA ARG A 204 114.05 23.02 58.03
C ARG A 204 112.65 23.54 57.69
N SER A 205 112.26 23.46 56.42
CA SER A 205 110.96 23.91 55.90
C SER A 205 110.49 23.00 54.76
N SER A 206 109.18 22.80 54.62
CA SER A 206 108.62 21.97 53.54
C SER A 206 107.14 22.24 53.28
N SER A 207 106.68 21.91 52.07
CA SER A 207 105.27 22.01 51.65
C SER A 207 104.92 20.95 50.59
N SER A 208 103.65 20.58 50.49
CA SER A 208 103.15 19.53 49.59
C SER A 208 101.71 19.82 49.13
N SER A 209 101.29 19.25 47.99
CA SER A 209 99.97 19.47 47.40
C SER A 209 99.51 18.29 46.52
N SER A 210 98.21 18.15 46.28
CA SER A 210 97.61 17.22 45.31
C SER A 210 96.27 17.71 44.75
N ARG A 211 95.80 17.11 43.65
CA ARG A 211 94.56 17.47 42.94
C ARG A 211 93.88 16.30 42.25
N SER A 212 92.55 16.37 42.11
CA SER A 212 91.81 15.71 41.03
C SER A 212 90.67 16.59 40.54
N TYR A 213 90.78 17.14 39.34
CA TYR A 213 89.58 17.42 38.55
C TYR A 213 89.04 16.09 38.04
N THR A 214 87.73 15.87 38.10
CA THR A 214 87.11 14.65 37.59
C THR A 214 85.68 14.94 37.12
N SER A 215 85.22 14.31 36.04
CA SER A 215 83.91 14.59 35.45
C SER A 215 83.34 13.40 34.69
N HIS A 216 82.03 13.39 34.48
CA HIS A 216 81.27 12.29 33.88
C HIS A 216 79.99 12.82 33.19
N THR A 217 79.52 12.14 32.14
CA THR A 217 78.24 12.44 31.47
C THR A 217 77.65 11.16 30.90
N ASN A 218 76.33 11.01 30.95
CA ASN A 218 75.59 9.94 30.28
C ASN A 218 74.35 10.50 29.58
N GLU A 219 73.83 9.77 28.60
CA GLU A 219 72.49 9.98 28.05
C GLU A 219 71.87 8.67 27.58
N ILE A 220 70.55 8.68 27.39
CA ILE A 220 69.72 7.62 26.83
C ILE A 220 68.65 8.27 25.97
N HIS A 221 68.17 7.56 24.96
CA HIS A 221 66.92 7.87 24.27
C HIS A 221 66.24 6.58 23.84
N LYS A 222 64.93 6.60 23.67
CA LYS A 222 64.16 5.54 23.03
C LYS A 222 63.01 6.16 22.25
N GLY A 223 62.61 5.57 21.14
CA GLY A 223 61.45 6.03 20.37
C GLY A 223 60.78 4.87 19.68
N LYS A 224 59.46 4.85 19.62
CA LYS A 224 58.69 3.71 19.12
C LYS A 224 57.43 4.24 18.48
N SER A 225 57.05 3.70 17.34
CA SER A 225 55.75 4.02 16.77
C SER A 225 55.21 2.84 15.99
N TYR A 226 53.91 2.68 16.00
CA TYR A 226 53.22 1.55 15.43
C TYR A 226 51.97 2.09 14.79
N GLN A 227 51.74 1.83 13.52
CA GLN A 227 50.62 2.40 12.78
C GLN A 227 49.94 1.31 12.01
N LEU A 228 48.63 1.25 12.11
CA LEU A 228 47.79 0.20 11.62
C LEU A 228 46.69 0.82 10.79
N LEU A 229 46.36 0.15 9.71
CA LEU A 229 45.22 0.45 8.90
C LEU A 229 44.57 -0.87 8.56
N VAL A 230 43.26 -0.86 8.56
CA VAL A 230 42.44 -1.93 8.04
C VAL A 230 41.37 -1.26 7.21
N VAL A 231 41.10 -1.76 6.03
CA VAL A 231 39.93 -1.37 5.26
C VAL A 231 39.34 -2.63 4.74
N GLU A 232 38.05 -2.76 4.94
CA GLU A 232 37.33 -3.94 4.65
C GLU A 232 35.96 -3.59 4.15
N ASN A 233 35.49 -4.38 3.22
CA ASN A 233 34.23 -4.19 2.58
C ASN A 233 33.53 -5.51 2.67
N THR A 234 32.23 -5.48 2.83
CA THR A 234 31.38 -6.62 2.74
C THR A 234 30.30 -6.27 1.80
N VAL A 235 29.90 -7.25 1.05
CA VAL A 235 28.73 -7.16 0.24
C VAL A 235 27.91 -8.42 0.44
N GLU A 236 26.62 -8.23 0.25
CA GLU A 236 25.60 -9.26 0.31
C GLU A 236 24.66 -9.15 -0.89
N VAL A 237 24.53 -7.97 -1.53
CA VAL A 237 24.08 -7.82 -2.93
C VAL A 237 24.98 -6.77 -3.61
N ALA A 238 25.47 -6.99 -4.84
CA ALA A 238 26.71 -6.35 -5.34
C ALA A 238 26.46 -5.48 -6.60
N GLN A 239 25.64 -5.93 -7.56
CA GLN A 239 24.92 -4.97 -8.35
C GLN A 239 23.54 -5.11 -7.70
N PHE A 240 23.08 -4.04 -7.09
CA PHE A 240 21.69 -3.69 -6.96
C PHE A 240 21.57 -2.66 -8.05
N ILE A 241 20.62 -2.84 -8.94
CA ILE A 241 20.45 -1.93 -10.04
C ILE A 241 19.05 -1.36 -9.92
N ASN A 242 18.90 -0.04 -9.81
CA ASN A 242 17.63 0.64 -9.99
C ASN A 242 17.38 0.80 -11.47
N ASN A 243 16.14 0.77 -11.93
CA ASN A 243 15.86 0.97 -13.34
C ASN A 243 16.15 2.40 -13.80
N ASN A 244 16.20 2.65 -15.11
CA ASN A 244 16.24 4.01 -15.64
C ASN A 244 14.85 4.69 -15.42
N PRO A 245 14.75 6.02 -15.60
CA PRO A 245 13.54 6.77 -15.25
C PRO A 245 12.25 6.35 -15.94
N GLU A 246 12.30 5.56 -17.00
CA GLU A 246 11.13 5.04 -17.69
C GLU A 246 10.33 4.06 -16.84
N PHE A 247 10.96 3.43 -15.85
CA PHE A 247 10.34 2.39 -15.03
C PHE A 247 10.54 2.54 -13.54
N LEU A 248 11.31 3.51 -13.09
CA LEU A 248 11.21 3.97 -11.71
C LEU A 248 9.82 4.57 -11.44
N GLN A 249 9.22 4.23 -10.29
CA GLN A 249 8.00 4.83 -9.76
C GLN A 249 8.39 5.62 -8.52
N LEU A 250 7.94 6.86 -8.40
CA LEU A 250 8.50 7.79 -7.42
C LEU A 250 7.79 7.73 -6.07
N ALA A 251 8.49 8.18 -5.03
CA ALA A 251 7.93 8.38 -3.71
C ALA A 251 6.88 9.50 -3.71
N GLU A 252 5.79 9.32 -2.97
CA GLU A 252 4.69 10.28 -2.86
C GLU A 252 5.14 11.70 -2.51
N PRO A 253 5.93 11.95 -1.47
CA PRO A 253 6.33 13.32 -1.15
C PRO A 253 7.30 13.95 -2.15
N PHE A 254 8.22 13.18 -2.73
CA PHE A 254 9.06 13.65 -3.82
C PHE A 254 8.23 14.00 -5.07
N TRP A 255 7.27 13.16 -5.46
CA TRP A 255 6.35 13.43 -6.56
C TRP A 255 5.42 14.59 -6.28
N LYS A 256 5.05 14.80 -5.02
CA LYS A 256 4.32 15.99 -4.61
C LYS A 256 5.18 17.22 -4.83
N GLU A 257 6.43 17.19 -4.42
CA GLU A 257 7.35 18.31 -4.65
C GLU A 257 7.52 18.60 -6.13
N LEU A 258 7.62 17.57 -6.98
CA LEU A 258 7.65 17.76 -8.43
C LEU A 258 6.35 18.41 -8.97
N SER A 259 5.20 18.17 -8.36
CA SER A 259 3.97 18.91 -8.66
C SER A 259 3.96 20.34 -8.10
N HIS A 260 4.55 20.60 -6.93
CA HIS A 260 4.66 21.95 -6.35
C HIS A 260 5.78 22.81 -6.94
N LEU A 261 6.74 22.23 -7.66
CA LEU A 261 7.74 22.99 -8.41
C LEU A 261 7.06 23.96 -9.38
N PRO A 262 7.39 25.28 -9.39
CA PRO A 262 6.56 26.31 -9.99
C PRO A 262 6.34 26.33 -11.51
N SER A 263 7.11 25.62 -12.32
CA SER A 263 7.07 25.75 -13.81
C SER A 263 7.40 27.15 -14.36
N LEU A 264 7.94 27.98 -13.52
CA LEU A 264 8.55 29.18 -13.97
C LEU A 264 9.77 29.10 -13.13
N TYR A 265 10.83 29.85 -13.44
CA TYR A 265 12.16 29.53 -12.94
C TYR A 265 12.59 30.17 -11.61
N ASP A 266 11.82 29.94 -10.52
CA ASP A 266 12.20 30.41 -9.20
C ASP A 266 13.29 29.50 -8.62
N TYR A 267 14.51 30.03 -8.60
CA TYR A 267 15.71 29.38 -8.08
C TYR A 267 15.54 28.97 -6.62
N SER A 268 14.86 29.79 -5.82
CA SER A 268 14.60 29.44 -4.42
C SER A 268 13.68 28.22 -4.32
N ALA A 269 12.69 28.10 -5.21
CA ALA A 269 11.73 27.01 -5.16
C ALA A 269 12.38 25.68 -5.57
N TYR A 270 13.18 25.70 -6.63
CA TYR A 270 13.91 24.51 -7.07
C TYR A 270 15.03 24.04 -6.13
N ARG A 271 15.65 24.91 -5.33
CA ARG A 271 16.58 24.50 -4.27
C ARG A 271 15.93 23.55 -3.26
N ARG A 272 14.66 23.77 -2.91
CA ARG A 272 13.97 23.00 -1.85
C ARG A 272 13.86 21.52 -2.18
N LEU A 273 13.72 21.15 -3.44
CA LEU A 273 13.80 19.76 -3.85
C LEU A 273 15.23 19.24 -3.77
N ILE A 274 16.20 20.01 -4.27
CA ILE A 274 17.62 19.61 -4.31
C ILE A 274 18.19 19.39 -2.89
N ASP A 275 17.77 20.18 -1.90
CA ASP A 275 18.22 20.01 -0.52
C ASP A 275 17.57 18.78 0.17
N GLN A 276 16.33 18.45 -0.17
CA GLN A 276 15.65 17.26 0.37
C GLN A 276 16.07 15.95 -0.29
N TYR A 277 16.34 15.98 -1.60
CA TYR A 277 16.54 14.78 -2.42
C TYR A 277 17.89 14.71 -3.16
N GLY A 278 18.75 15.72 -3.03
CA GLY A 278 20.13 15.69 -3.50
C GLY A 278 20.33 16.08 -4.96
N THR A 279 21.47 15.69 -5.51
CA THR A 279 21.86 15.97 -6.89
C THR A 279 21.64 14.81 -7.82
N HIS A 280 21.64 13.58 -7.33
CA HIS A 280 21.55 12.35 -8.13
C HIS A 280 20.68 11.32 -7.44
N TYR A 281 20.25 10.31 -8.19
CA TYR A 281 19.82 9.07 -7.58
C TYR A 281 20.85 7.97 -7.84
N LEU A 282 20.92 7.01 -6.93
CA LEU A 282 21.76 5.84 -7.03
C LEU A 282 21.22 4.98 -8.17
N GLN A 283 21.89 4.92 -9.32
CA GLN A 283 21.43 4.12 -10.44
C GLN A 283 21.73 2.64 -10.19
N SER A 284 22.87 2.36 -9.55
CA SER A 284 23.27 1.02 -9.11
C SER A 284 24.33 1.11 -8.00
N GLY A 285 24.58 0.01 -7.33
CA GLY A 285 25.55 -0.03 -6.25
C GLY A 285 25.66 -1.37 -5.56
N SER A 286 26.50 -1.41 -4.55
CA SER A 286 26.66 -2.56 -3.67
C SER A 286 26.07 -2.25 -2.31
N LEU A 287 25.13 -3.09 -1.86
CA LEU A 287 24.49 -3.01 -0.56
C LEU A 287 25.17 -4.07 0.29
N GLY A 288 25.73 -3.62 1.39
CA GLY A 288 26.72 -4.38 2.10
C GLY A 288 27.10 -3.71 3.39
N GLY A 289 28.39 -3.70 3.66
CA GLY A 289 28.97 -3.04 4.78
C GLY A 289 30.40 -2.63 4.54
N GLU A 290 30.87 -1.74 5.38
CA GLU A 290 32.21 -1.22 5.36
C GLU A 290 32.73 -1.33 6.75
N TYR A 291 33.98 -1.68 6.88
CA TYR A 291 34.68 -1.65 8.13
C TYR A 291 36.02 -1.02 7.87
N ARG A 292 36.43 -0.17 8.78
CA ARG A 292 37.64 0.58 8.66
C ARG A 292 38.23 0.67 10.02
N VAL A 293 39.55 0.65 10.07
CA VAL A 293 40.31 0.99 11.26
C VAL A 293 41.47 1.85 10.83
N LEU A 294 41.76 2.82 11.65
CA LEU A 294 43.03 3.50 11.72
C LEU A 294 43.40 3.38 13.19
N PHE A 295 44.64 3.03 13.48
CA PHE A 295 45.14 2.92 14.84
C PHE A 295 46.60 3.27 14.83
N TYR A 296 47.00 4.18 15.68
CA TYR A 296 48.31 4.79 15.64
C TYR A 296 48.80 4.89 17.05
N VAL A 297 50.04 4.48 17.30
CA VAL A 297 50.69 4.54 18.61
C VAL A 297 52.04 5.18 18.42
N ASP A 298 52.41 6.10 19.27
CA ASP A 298 53.67 6.81 19.12
C ASP A 298 54.20 7.20 20.48
N SER A 299 55.43 6.82 20.80
CA SER A 299 55.99 6.98 22.12
C SER A 299 57.48 7.27 22.10
N GLU A 300 57.91 8.09 23.04
CA GLU A 300 59.27 8.60 23.11
C GLU A 300 59.75 8.69 24.55
N LYS A 301 61.04 8.44 24.78
CA LYS A 301 61.74 8.71 26.03
C LYS A 301 63.04 9.45 25.77
N LEU A 302 63.39 10.39 26.64
CA LEU A 302 64.76 10.89 26.80
C LEU A 302 65.21 10.70 28.25
N LYS A 303 66.51 10.46 28.50
CA LYS A 303 67.11 10.64 29.82
C LYS A 303 68.55 11.13 29.71
N GLN A 304 69.01 11.95 30.66
CA GLN A 304 70.34 12.56 30.62
C GLN A 304 70.91 12.67 32.03
N ASN A 305 72.23 12.57 32.17
CA ASN A 305 72.95 12.83 33.40
C ASN A 305 74.24 13.60 33.11
N ASP A 306 74.57 14.60 33.92
CA ASP A 306 75.85 15.30 33.89
C ASP A 306 76.43 15.45 35.28
N PHE A 307 77.75 15.33 35.42
CA PHE A 307 78.45 15.33 36.69
C PHE A 307 79.80 16.04 36.59
N ASN A 308 80.13 16.84 37.60
CA ASN A 308 81.37 17.59 37.66
C ASN A 308 81.91 17.57 39.09
N SER A 309 83.23 17.51 39.25
CA SER A 309 83.86 17.46 40.56
C SER A 309 85.28 18.00 40.56
N VAL A 310 85.72 18.44 41.73
CA VAL A 310 87.07 18.94 42.02
C VAL A 310 87.50 18.40 43.37
N GLU A 311 88.77 18.07 43.52
CA GLU A 311 89.47 17.90 44.78
C GLU A 311 90.80 18.66 44.72
N GLU A 312 91.12 19.42 45.77
CA GLU A 312 92.35 20.18 45.94
C GLU A 312 92.89 19.96 47.36
N LYS A 313 94.21 19.84 47.51
CA LYS A 313 94.88 19.70 48.82
C LYS A 313 96.19 20.47 48.88
N LYS A 314 96.51 21.03 50.05
CA LYS A 314 97.77 21.71 50.37
C LYS A 314 98.20 21.41 51.80
N CYS A 315 99.50 21.38 52.06
CA CYS A 315 100.11 21.09 53.36
C CYS A 315 101.44 21.82 53.57
N LYS A 316 101.84 22.01 54.84
CA LYS A 316 103.18 22.51 55.25
C LYS A 316 103.64 21.88 56.56
N SER A 317 104.97 21.76 56.74
CA SER A 317 105.61 21.23 57.96
C SER A 317 107.07 21.67 58.08
N SER A 318 107.64 21.63 59.30
CA SER A 318 108.99 22.07 59.64
C SER A 318 109.64 21.16 60.68
N SER A 328 103.51 22.08 64.46
CA SER A 328 103.82 22.96 63.35
C SER A 328 103.25 22.48 62.00
N HIS A 329 102.83 21.21 61.93
CA HIS A 329 102.12 20.61 60.79
C HIS A 329 100.76 21.26 60.55
N GLY A 330 100.36 21.43 59.28
CA GLY A 330 99.03 21.94 58.90
C GLY A 330 98.66 21.76 57.42
N CYS A 331 97.40 21.46 57.15
CA CYS A 331 96.85 21.10 55.84
C CYS A 331 95.45 21.69 55.59
N LYS A 332 95.03 21.71 54.32
CA LYS A 332 93.73 22.16 53.81
C LYS A 332 93.21 21.25 52.70
N GLU A 333 91.90 21.00 52.65
CA GLU A 333 91.26 20.23 51.58
C GLU A 333 89.97 20.92 51.12
N LEU A 334 89.73 20.92 49.82
CA LEU A 334 88.48 21.39 49.22
C LEU A 334 87.97 20.33 48.23
N GLU A 335 86.68 20.03 48.30
CA GLU A 335 86.03 19.06 47.42
C GLU A 335 84.65 19.56 46.99
N ASN A 336 84.28 19.30 45.73
CA ASN A 336 83.02 19.72 45.15
C ASN A 336 82.45 18.57 44.32
N ALA A 337 81.12 18.43 44.30
CA ALA A 337 80.43 17.53 43.39
C ALA A 337 79.06 18.08 43.01
N LEU A 338 78.67 17.85 41.77
CA LEU A 338 77.37 18.18 41.21
C LEU A 338 76.89 16.99 40.38
N LYS A 339 75.61 16.62 40.50
CA LYS A 339 74.94 15.69 39.59
C LYS A 339 73.57 16.23 39.20
N ALA A 340 73.27 16.23 37.92
CA ALA A 340 71.99 16.69 37.40
C ALA A 340 71.42 15.64 36.46
N ALA A 341 70.12 15.36 36.58
CA ALA A 341 69.43 14.40 35.76
C ALA A 341 68.06 14.90 35.31
N SER A 342 67.70 14.59 34.09
CA SER A 342 66.41 14.94 33.48
C SER A 342 65.88 13.73 32.73
N GLY A 343 64.57 13.54 32.73
CA GLY A 343 63.94 12.47 31.97
C GLY A 343 62.55 12.85 31.51
N THR A 344 62.13 12.41 30.33
CA THR A 344 60.81 12.74 29.76
C THR A 344 60.24 11.56 29.01
N GLN A 345 58.93 11.35 29.04
CA GLN A 345 58.24 10.40 28.19
C GLN A 345 56.96 10.96 27.60
N ASN A 346 56.52 10.38 26.50
CA ASN A 346 55.33 10.73 25.78
C ASN A 346 54.74 9.45 25.20
N ASN A 347 53.43 9.36 25.14
CA ASN A 347 52.75 8.34 24.38
C ASN A 347 51.46 8.91 23.85
N VAL A 348 51.08 8.50 22.67
CA VAL A 348 49.75 8.71 22.13
C VAL A 348 49.33 7.39 21.54
N LEU A 349 48.06 7.10 21.66
CA LEU A 349 47.34 6.14 20.89
C LEU A 349 46.09 6.86 20.37
N ARG A 350 45.75 6.68 19.12
CA ARG A 350 44.44 6.97 18.57
C ARG A 350 43.98 5.75 17.81
N GLY A 351 42.70 5.45 17.84
CA GLY A 351 42.12 4.35 17.12
C GLY A 351 40.71 4.69 16.73
N GLU A 352 40.23 4.30 15.57
CA GLU A 352 39.03 4.92 15.02
C GLU A 352 38.16 3.98 14.17
N PRO A 353 37.66 2.87 14.73
CA PRO A 353 36.87 1.92 13.98
C PRO A 353 35.60 2.56 13.44
N PHE A 354 35.29 2.35 12.17
CA PHE A 354 34.10 2.89 11.56
C PHE A 354 33.40 1.82 10.75
N ILE A 355 32.09 1.77 10.81
CA ILE A 355 31.26 0.68 10.38
C ILE A 355 30.06 1.23 9.65
N ARG A 356 29.67 0.57 8.57
CA ARG A 356 28.42 0.80 7.88
C ARG A 356 27.81 -0.52 7.55
N GLY A 357 26.51 -0.62 7.70
CA GLY A 357 25.87 -1.92 7.80
C GLY A 357 26.25 -2.67 9.08
N GLY A 358 25.43 -3.64 9.45
CA GLY A 358 25.50 -4.40 10.68
C GLY A 358 24.23 -4.23 11.51
N GLY A 359 23.92 -5.22 12.33
CA GLY A 359 22.88 -5.11 13.34
C GLY A 359 23.33 -4.20 14.46
N ALA A 360 22.42 -3.45 15.07
CA ALA A 360 22.79 -2.34 15.93
C ALA A 360 23.73 -2.74 17.07
N GLY A 361 23.48 -3.89 17.70
CA GLY A 361 24.34 -4.44 18.76
C GLY A 361 25.66 -4.98 18.25
N PHE A 362 25.64 -5.74 17.16
CA PHE A 362 26.87 -6.26 16.56
C PHE A 362 27.80 -5.13 16.13
N ILE A 363 27.25 -4.02 15.61
CA ILE A 363 28.03 -2.83 15.24
C ILE A 363 28.78 -2.32 16.46
N SER A 364 28.10 -2.08 17.57
CA SER A 364 28.73 -1.56 18.78
C SER A 364 29.63 -2.59 19.43
N GLY A 365 29.40 -3.87 19.18
CA GLY A 365 30.30 -4.96 19.57
C GLY A 365 31.63 -4.89 18.82
N LEU A 366 31.60 -5.03 17.48
CA LEU A 366 32.81 -5.00 16.66
C LEU A 366 33.59 -3.73 16.88
N SER A 367 32.92 -2.58 16.83
CA SER A 367 33.60 -1.30 16.94
C SER A 367 34.11 -1.00 18.34
N TYR A 368 33.90 -1.84 19.35
CA TYR A 368 34.49 -1.56 20.66
C TYR A 368 35.98 -1.91 20.67
N LEU A 369 36.84 -0.90 20.54
CA LEU A 369 38.28 -1.08 20.27
C LEU A 369 39.03 -1.87 21.36
N GLU A 370 39.75 -2.90 20.95
CA GLU A 370 40.62 -3.71 21.79
C GLU A 370 42.05 -3.19 21.76
N LEU A 371 42.55 -2.66 22.88
CA LEU A 371 43.98 -2.35 23.03
C LEU A 371 44.87 -3.57 22.74
N ASP A 372 44.42 -4.75 23.15
CA ASP A 372 45.10 -6.02 22.97
C ASP A 372 44.94 -6.62 21.56
N ASN A 373 44.03 -6.10 20.73
CA ASN A 373 43.77 -6.64 19.39
C ASN A 373 43.14 -5.58 18.47
N PRO A 374 43.87 -4.53 18.08
CA PRO A 374 43.28 -3.34 17.47
C PRO A 374 42.49 -3.53 16.18
N ALA A 375 42.72 -4.62 15.45
CA ALA A 375 41.94 -4.86 14.24
C ALA A 375 40.54 -5.36 14.54
N GLY A 376 40.39 -6.21 15.55
CA GLY A 376 39.10 -6.76 15.98
C GLY A 376 39.20 -8.22 16.46
N ASN A 377 38.45 -8.55 17.52
CA ASN A 377 38.23 -9.90 17.96
C ASN A 377 37.44 -10.69 16.91
N LYS A 378 38.01 -11.81 16.46
CA LYS A 378 37.63 -12.48 15.22
C LYS A 378 36.19 -12.94 15.24
N ARG A 379 35.69 -13.37 16.40
CA ARG A 379 34.29 -13.83 16.58
C ARG A 379 33.31 -12.66 16.51
N ARG A 380 33.58 -11.56 17.22
CA ARG A 380 32.80 -10.31 17.13
C ARG A 380 32.76 -9.80 15.69
N TYR A 381 33.90 -9.74 15.02
CA TYR A 381 33.99 -9.39 13.61
C TYR A 381 33.17 -10.31 12.70
N SER A 382 33.23 -11.63 12.91
CA SER A 382 32.41 -12.59 12.16
C SER A 382 30.94 -12.40 12.43
N ALA A 383 30.56 -12.07 13.66
CA ALA A 383 29.19 -11.77 14.04
C ALA A 383 28.70 -10.47 13.39
N TRP A 384 29.50 -9.41 13.37
CA TRP A 384 29.22 -8.22 12.57
C TRP A 384 29.01 -8.58 11.11
N ALA A 385 29.93 -9.31 10.52
CA ALA A 385 29.82 -9.80 9.16
C ALA A 385 28.62 -10.71 8.92
N GLU A 386 27.99 -11.27 9.95
CA GLU A 386 26.69 -11.94 9.82
C GLU A 386 25.56 -10.91 9.87
N SER A 387 25.57 -10.04 10.88
CA SER A 387 24.49 -9.11 11.14
C SER A 387 24.29 -8.13 9.98
N VAL A 388 25.36 -7.76 9.27
CA VAL A 388 25.27 -6.85 8.15
C VAL A 388 24.43 -7.44 7.03
N THR A 389 24.41 -8.75 6.90
CA THR A 389 23.58 -9.44 5.92
C THR A 389 22.10 -9.25 6.20
N ASN A 390 21.77 -8.90 7.44
CA ASN A 390 20.43 -8.67 7.98
C ASN A 390 20.14 -7.19 8.24
N LEU A 391 21.15 -6.32 8.22
CA LEU A 391 21.01 -4.87 8.30
C LEU A 391 22.12 -4.17 7.48
N PRO A 392 21.99 -4.07 6.15
CA PRO A 392 22.99 -3.45 5.27
C PRO A 392 23.06 -1.92 5.29
N GLN A 393 24.02 -1.38 4.53
CA GLN A 393 24.03 -0.01 4.00
C GLN A 393 24.51 0.05 2.54
N VAL A 394 24.32 1.17 1.81
CA VAL A 394 24.91 1.35 0.46
C VAL A 394 26.39 1.66 0.59
N ILE A 395 27.23 0.97 -0.18
CA ILE A 395 28.69 0.91 0.02
C ILE A 395 29.45 1.53 -1.16
N LYS A 396 29.07 1.17 -2.39
CA LYS A 396 29.53 1.80 -3.63
C LYS A 396 28.32 2.15 -4.48
N GLN A 397 28.39 3.28 -5.18
CA GLN A 397 27.29 3.86 -5.93
C GLN A 397 27.71 4.38 -7.30
N LYS A 398 26.90 4.06 -8.31
CA LYS A 398 26.85 4.68 -9.63
C LYS A 398 25.63 5.57 -9.68
N LEU A 399 25.70 6.72 -10.32
CA LEU A 399 24.72 7.81 -10.19
C LEU A 399 24.10 8.19 -11.53
N THR A 400 22.85 8.60 -11.51
CA THR A 400 22.20 9.35 -12.59
C THR A 400 21.77 10.71 -12.04
N PRO A 401 21.89 11.83 -12.78
CA PRO A 401 21.45 13.14 -12.31
C PRO A 401 19.96 13.16 -11.96
N LEU A 402 19.62 13.81 -10.86
CA LEU A 402 18.27 13.73 -10.28
C LEU A 402 17.19 14.18 -11.24
N TYR A 403 17.48 15.21 -12.05
CA TYR A 403 16.53 15.79 -12.99
C TYR A 403 15.98 14.78 -14.00
N GLU A 404 16.67 13.67 -14.22
CA GLU A 404 16.24 12.67 -15.19
C GLU A 404 14.99 11.94 -14.72
N LEU A 405 14.62 12.04 -13.44
CA LEU A 405 13.44 11.39 -12.88
C LEU A 405 12.11 12.11 -13.13
N VAL A 406 12.10 13.41 -13.41
CA VAL A 406 10.83 14.15 -13.36
C VAL A 406 9.88 13.63 -14.43
N LYS A 407 8.71 13.19 -14.01
CA LYS A 407 7.78 12.41 -14.83
C LYS A 407 6.37 12.50 -14.24
N GLU A 408 5.36 12.64 -15.09
CA GLU A 408 3.93 12.69 -14.72
C GLU A 408 3.61 13.67 -13.58
N VAL A 409 4.05 14.91 -13.78
CA VAL A 409 3.62 16.11 -13.05
C VAL A 409 3.30 17.20 -14.08
N PRO A 410 2.56 18.27 -13.73
CA PRO A 410 2.30 19.37 -14.65
C PRO A 410 3.58 20.04 -15.12
N CYS A 411 3.69 20.33 -16.43
CA CYS A 411 4.87 20.91 -17.07
C CYS A 411 6.17 20.10 -16.93
N ALA A 412 6.13 18.77 -16.71
CA ALA A 412 7.31 17.94 -16.46
C ALA A 412 8.42 18.14 -17.50
N SER A 413 8.05 18.22 -18.77
CA SER A 413 8.91 18.54 -19.91
C SER A 413 9.83 19.72 -19.62
N VAL A 414 9.28 20.83 -19.15
CA VAL A 414 10.03 22.05 -18.79
C VAL A 414 10.75 21.85 -17.49
N LYS A 415 10.10 21.23 -16.53
CA LYS A 415 10.63 21.09 -15.18
C LYS A 415 11.92 20.29 -15.20
N LYS A 416 12.07 19.38 -16.16
CA LYS A 416 13.29 18.58 -16.34
C LYS A 416 14.47 19.48 -16.63
N LEU A 417 14.33 20.37 -17.59
CA LEU A 417 15.38 21.33 -17.92
C LEU A 417 15.58 22.31 -16.77
N TYR A 418 14.52 22.74 -16.11
CA TYR A 418 14.70 23.73 -15.06
C TYR A 418 15.37 23.10 -13.85
N LEU A 419 15.05 21.85 -13.51
CA LEU A 419 15.74 21.15 -12.45
C LEU A 419 17.20 20.94 -12.84
N LYS A 420 17.51 20.70 -14.12
CA LYS A 420 18.88 20.71 -14.60
C LYS A 420 19.53 22.05 -14.35
N TRP A 421 19.01 23.17 -14.86
CA TRP A 421 19.70 24.46 -14.70
C TRP A 421 19.81 24.82 -13.23
N ALA A 422 18.83 24.43 -12.43
CA ALA A 422 18.85 24.62 -11.00
C ALA A 422 19.90 23.74 -10.34
N LEU A 423 20.08 22.50 -10.80
CA LEU A 423 21.18 21.66 -10.33
C LEU A 423 22.50 22.24 -10.76
N GLU A 424 22.63 22.69 -12.01
CA GLU A 424 23.86 23.33 -12.45
C GLU A 424 24.15 24.55 -11.58
N GLU A 425 23.16 25.35 -11.27
CA GLU A 425 23.33 26.49 -10.39
C GLU A 425 23.52 26.08 -8.94
N TYR A 426 22.94 24.96 -8.49
CA TYR A 426 23.19 24.41 -7.17
C TYR A 426 24.65 24.04 -7.06
N LEU A 427 25.16 23.27 -8.04
CA LEU A 427 26.56 22.94 -8.13
C LEU A 427 27.39 24.21 -8.19
N ASP A 428 26.94 25.24 -8.90
CA ASP A 428 27.66 26.50 -8.94
C ASP A 428 27.73 27.18 -7.57
N GLU A 429 26.75 27.02 -6.68
CA GLU A 429 26.93 27.44 -5.28
C GLU A 429 27.83 26.49 -4.50
N PHE A 430 27.54 25.20 -4.56
CA PHE A 430 28.16 24.15 -3.77
C PHE A 430 29.60 23.71 -4.12
N ASP A 431 30.04 23.80 -5.38
CA ASP A 431 31.38 23.37 -5.84
C ASP A 431 32.49 23.94 -4.92
N PRO A 432 33.39 23.09 -4.36
CA PRO A 432 34.42 23.50 -3.42
C PRO A 432 35.38 24.55 -3.98
N CYS A 433 35.37 24.79 -5.28
CA CYS A 433 36.15 25.83 -5.92
C CYS A 433 36.02 27.20 -5.24
N HIS A 434 34.90 27.49 -4.56
CA HIS A 434 34.74 28.77 -3.86
C HIS A 434 35.65 28.89 -2.65
N CYS A 435 36.11 27.77 -2.13
CA CYS A 435 36.88 27.72 -0.92
C CYS A 435 38.35 27.74 -1.30
N ARG A 436 39.08 28.78 -0.88
CA ARG A 436 40.55 28.79 -0.86
C ARG A 436 41.00 27.51 -0.14
N PRO A 437 41.82 26.65 -0.75
CA PRO A 437 41.86 25.23 -0.40
C PRO A 437 42.33 24.96 1.02
N CYS A 438 41.82 23.89 1.64
CA CYS A 438 42.37 23.38 2.89
C CYS A 438 43.84 22.98 2.67
N GLN A 439 44.72 23.20 3.65
CA GLN A 439 46.08 22.65 3.64
C GLN A 439 46.06 21.12 3.82
N ASN A 440 47.24 20.50 3.72
CA ASN A 440 47.46 19.11 4.11
C ASN A 440 46.50 18.11 3.47
N GLY A 441 46.15 18.34 2.20
CA GLY A 441 45.40 17.39 1.38
C GLY A 441 43.94 17.27 1.74
N GLY A 442 43.44 18.04 2.71
CA GLY A 442 42.02 18.10 3.04
C GLY A 442 41.20 18.66 1.88
N LEU A 443 40.00 18.11 1.68
CA LEU A 443 39.10 18.54 0.61
C LEU A 443 38.01 19.44 1.20
N ALA A 444 37.81 20.61 0.61
CA ALA A 444 36.74 21.50 1.04
C ALA A 444 35.35 20.95 0.66
N THR A 445 34.32 21.45 1.34
CA THR A 445 32.93 21.37 0.90
C THR A 445 32.19 22.65 1.32
N VAL A 446 31.14 23.00 0.59
CA VAL A 446 30.28 24.13 0.90
C VAL A 446 29.19 23.69 1.87
N GLU A 447 29.23 24.23 3.07
CA GLU A 447 28.04 24.44 3.91
C GLU A 447 27.20 25.55 3.26
N GLY A 448 25.88 25.64 3.49
CA GLY A 448 25.11 26.77 2.96
C GLY A 448 25.80 28.12 3.23
N THR A 449 26.12 28.84 2.15
CA THR A 449 26.86 30.11 2.16
C THR A 449 28.20 30.10 2.94
N HIS A 450 28.85 28.95 3.13
CA HIS A 450 30.04 28.81 3.99
C HIS A 450 30.95 27.62 3.58
N CYS A 451 32.22 27.61 3.97
CA CYS A 451 33.16 26.51 3.66
C CYS A 451 33.56 25.71 4.90
N LEU A 452 33.68 24.39 4.73
CA LEU A 452 34.17 23.43 5.71
C LEU A 452 35.23 22.55 5.05
N CYS A 453 36.05 21.88 5.86
CA CYS A 453 37.13 21.01 5.42
C CYS A 453 37.00 19.57 5.92
N HIS A 454 36.97 18.61 5.00
CA HIS A 454 37.24 17.21 5.27
C HIS A 454 38.76 17.02 5.41
N CYS A 455 39.30 17.25 6.60
CA CYS A 455 40.74 17.08 6.86
C CYS A 455 41.19 15.62 6.75
N LYS A 456 42.49 15.40 6.51
CA LYS A 456 43.13 14.08 6.57
C LYS A 456 43.63 13.75 8.00
N PRO A 457 43.69 12.46 8.40
CA PRO A 457 43.70 12.05 9.79
C PRO A 457 44.76 12.69 10.68
N TYR A 458 44.30 13.12 11.86
CA TYR A 458 45.04 13.75 12.96
C TYR A 458 45.77 15.05 12.60
N THR A 459 45.44 15.62 11.43
CA THR A 459 45.67 17.02 11.05
C THR A 459 44.34 17.77 11.03
N PHE A 460 44.28 18.93 11.68
CA PHE A 460 43.03 19.51 12.22
C PHE A 460 43.01 21.04 12.18
N GLY A 461 41.87 21.62 12.59
CA GLY A 461 41.58 23.05 12.48
C GLY A 461 40.84 23.40 11.18
N ALA A 462 40.29 24.60 11.08
CA ALA A 462 39.36 24.96 10.00
C ALA A 462 39.99 24.86 8.59
N ALA A 463 41.26 25.26 8.47
CA ALA A 463 42.08 25.15 7.25
C ALA A 463 42.92 23.86 7.19
N CYS A 464 42.78 22.95 8.16
CA CYS A 464 43.64 21.78 8.37
C CYS A 464 45.12 22.12 8.60
N GLU A 465 45.46 23.24 9.25
CA GLU A 465 46.86 23.68 9.42
C GLU A 465 47.61 22.95 10.56
N GLN A 466 46.91 22.61 11.64
CA GLN A 466 47.50 22.09 12.88
C GLN A 466 47.65 20.55 12.87
N GLY A 467 48.60 20.02 13.65
CA GLY A 467 48.84 18.58 13.79
C GLY A 467 49.70 17.96 12.69
N VAL A 468 49.69 16.62 12.61
CA VAL A 468 50.52 15.82 11.69
C VAL A 468 49.71 14.77 10.97
N LEU A 469 50.03 14.49 9.72
CA LEU A 469 49.36 13.47 8.92
C LEU A 469 49.85 12.06 9.30
N VAL A 470 49.08 11.04 8.90
CA VAL A 470 49.39 9.62 9.12
C VAL A 470 49.19 8.84 7.82
N GLY A 471 50.02 7.83 7.59
CA GLY A 471 50.12 7.10 6.32
C GLY A 471 51.13 7.72 5.35
N ASN A 472 51.26 7.15 4.16
CA ASN A 472 52.18 7.62 3.12
C ASN A 472 51.81 9.04 2.63
N GLN A 473 52.83 9.86 2.40
CA GLN A 473 52.72 11.27 1.98
C GLN A 473 53.63 11.57 0.77
N ALA A 474 53.13 12.34 -0.19
CA ALA A 474 53.83 12.71 -1.43
C ALA A 474 54.68 14.00 -1.33
N GLY A 475 54.48 14.81 -0.28
CA GLY A 475 55.12 16.12 -0.12
C GLY A 475 54.58 17.20 -1.08
N GLY A 476 55.06 18.44 -0.91
CA GLY A 476 54.61 19.59 -1.68
C GLY A 476 53.12 19.91 -1.49
N VAL A 477 52.52 20.55 -2.50
CA VAL A 477 51.09 20.90 -2.54
C VAL A 477 50.56 20.64 -3.94
N ASP A 478 49.72 19.61 -4.08
CA ASP A 478 48.99 19.33 -5.31
C ASP A 478 48.03 20.47 -5.65
N GLY A 479 47.94 20.84 -6.92
CA GLY A 479 47.16 21.99 -7.38
C GLY A 479 45.65 21.80 -7.31
N GLY A 480 44.91 22.91 -7.18
CA GLY A 480 43.45 22.90 -7.16
C GLY A 480 42.83 24.18 -7.73
N TRP A 481 41.73 24.02 -8.45
CA TRP A 481 41.03 25.09 -9.13
C TRP A 481 40.35 26.13 -8.21
N SER A 482 40.33 27.39 -8.65
CA SER A 482 39.30 28.39 -8.30
C SER A 482 38.13 28.33 -9.30
N CYS A 483 36.96 28.89 -8.97
CA CYS A 483 35.74 28.68 -9.75
C CYS A 483 35.79 29.25 -11.16
N TRP A 484 34.95 28.72 -12.03
CA TRP A 484 34.83 29.17 -13.41
C TRP A 484 34.63 30.69 -13.53
N SER A 485 35.32 31.29 -14.50
CA SER A 485 34.92 32.58 -15.08
C SER A 485 33.59 32.35 -15.79
N SER A 486 32.57 33.16 -15.51
CA SER A 486 31.18 32.91 -15.95
C SER A 486 31.05 32.86 -17.47
N TRP A 487 30.17 32.00 -17.98
CA TRP A 487 30.16 31.64 -19.41
C TRP A 487 30.16 32.88 -20.33
N SER A 488 31.05 32.87 -21.32
CA SER A 488 31.11 33.84 -22.40
C SER A 488 29.83 33.77 -23.26
N PRO A 489 29.31 34.90 -23.76
CA PRO A 489 28.16 34.91 -24.66
C PRO A 489 28.33 34.04 -25.91
N CYS A 490 27.22 33.50 -26.38
CA CYS A 490 27.21 32.46 -27.41
C CYS A 490 27.86 32.91 -28.73
N VAL A 491 28.55 31.97 -29.38
CA VAL A 491 29.02 32.06 -30.77
C VAL A 491 28.72 30.73 -31.45
N GLN A 492 28.14 30.76 -32.66
CA GLN A 492 27.83 29.55 -33.45
C GLN A 492 27.06 28.45 -32.67
N GLY A 493 26.24 28.86 -31.70
CA GLY A 493 25.45 27.98 -30.83
C GLY A 493 26.17 27.47 -29.57
N LYS A 494 27.38 27.93 -29.26
CA LYS A 494 28.18 27.49 -28.09
C LYS A 494 28.70 28.63 -27.22
N LYS A 495 28.67 28.42 -25.91
CA LYS A 495 29.30 29.24 -24.86
C LYS A 495 30.74 28.78 -24.68
N THR A 496 31.50 29.47 -23.85
CA THR A 496 32.77 28.97 -23.28
C THR A 496 32.91 29.40 -21.83
N ARG A 497 33.70 28.70 -21.01
CA ARG A 497 34.12 29.17 -19.68
C ARG A 497 35.53 28.71 -19.35
N SER A 498 36.23 29.45 -18.49
CA SER A 498 37.64 29.20 -18.14
C SER A 498 37.92 29.22 -16.63
N ARG A 499 38.65 28.22 -16.12
CA ARG A 499 39.24 28.14 -14.77
C ARG A 499 40.72 27.82 -14.90
N GLU A 500 41.58 28.47 -14.10
CA GLU A 500 43.02 28.57 -14.42
C GLU A 500 43.94 28.33 -13.22
N CYS A 501 43.46 27.54 -12.25
CA CYS A 501 44.20 27.15 -11.04
C CYS A 501 44.74 28.34 -10.21
N ASN A 502 43.94 29.41 -10.13
CA ASN A 502 44.33 30.70 -9.54
C ASN A 502 44.51 30.71 -7.99
N ASN A 503 44.04 29.68 -7.28
CA ASN A 503 44.46 29.42 -5.90
C ASN A 503 45.98 29.10 -5.86
N PRO A 504 46.63 29.01 -4.68
CA PRO A 504 48.07 28.74 -4.61
C PRO A 504 48.47 27.55 -5.48
N PRO A 505 49.40 27.73 -6.44
CA PRO A 505 49.57 26.84 -7.59
C PRO A 505 50.14 25.48 -7.17
N PRO A 506 50.06 24.45 -8.03
CA PRO A 506 50.78 23.21 -7.81
C PRO A 506 52.26 23.49 -7.53
N SER A 507 52.73 23.10 -6.35
CA SER A 507 53.97 23.57 -5.72
C SER A 507 54.73 22.43 -5.02
N GLY A 508 56.01 22.60 -4.76
CA GLY A 508 56.83 21.61 -4.05
C GLY A 508 56.88 20.24 -4.75
N GLY A 509 56.68 20.23 -6.08
CA GLY A 509 56.60 19.02 -6.90
C GLY A 509 55.22 18.36 -6.93
N GLY A 510 54.22 18.93 -6.26
CA GLY A 510 52.84 18.41 -6.24
C GLY A 510 52.22 18.40 -7.63
N ARG A 511 51.31 17.43 -7.87
CA ARG A 511 50.67 17.23 -9.18
C ARG A 511 49.84 18.43 -9.59
N SER A 512 49.74 18.66 -10.89
CA SER A 512 48.90 19.74 -11.43
C SER A 512 47.42 19.50 -11.08
N CYS A 513 46.65 20.57 -11.02
CA CYS A 513 45.21 20.56 -10.76
C CYS A 513 44.49 19.50 -11.63
N VAL A 514 43.59 18.74 -11.02
CA VAL A 514 42.95 17.62 -11.70
C VAL A 514 41.74 18.15 -12.44
N GLY A 515 41.79 18.30 -13.76
CA GLY A 515 40.67 18.80 -14.57
C GLY A 515 41.07 19.46 -15.88
N GLU A 516 40.08 20.10 -16.52
CA GLU A 516 40.25 20.86 -17.76
C GLU A 516 40.14 22.36 -17.51
N THR A 517 41.07 23.14 -18.07
CA THR A 517 41.13 24.60 -17.90
C THR A 517 39.92 25.30 -18.51
N THR A 518 39.39 24.77 -19.62
CA THR A 518 38.31 25.41 -20.36
C THR A 518 37.25 24.40 -20.77
N GLU A 519 35.99 24.84 -20.71
CA GLU A 519 34.84 24.10 -21.22
C GLU A 519 34.08 24.94 -22.24
N SER A 520 33.43 24.27 -23.19
CA SER A 520 32.48 24.87 -24.11
C SER A 520 31.25 23.99 -24.27
N THR A 521 30.08 24.63 -24.23
CA THR A 521 28.76 23.98 -24.08
C THR A 521 27.75 24.60 -25.04
N GLN A 522 26.79 23.83 -25.56
CA GLN A 522 25.75 24.37 -26.43
C GLN A 522 24.73 25.23 -25.67
N CYS A 523 24.24 26.28 -26.33
CA CYS A 523 23.37 27.32 -25.75
C CYS A 523 21.90 26.87 -25.53
N GLU A 524 21.15 27.66 -24.76
CA GLU A 524 19.81 27.32 -24.22
C GLU A 524 18.64 27.57 -25.19
N ASP A 525 18.87 28.13 -26.37
CA ASP A 525 17.83 28.60 -27.28
C ASP A 525 16.84 27.53 -27.74
N GLU A 526 17.25 26.26 -27.82
CA GLU A 526 16.33 25.15 -28.07
C GLU A 526 15.24 24.97 -26.98
N GLU A 527 15.47 25.29 -25.71
CA GLU A 527 14.40 25.26 -24.69
C GLU A 527 13.34 26.33 -24.96
N LEU A 528 13.82 27.53 -25.25
CA LEU A 528 13.06 28.74 -25.46
C LEU A 528 12.18 28.62 -26.70
N GLU A 529 12.76 28.13 -27.80
CA GLU A 529 12.00 27.88 -29.00
C GLU A 529 11.13 26.62 -28.86
N HIS A 530 11.72 25.47 -28.50
CA HIS A 530 10.98 24.22 -28.59
C HIS A 530 9.92 23.98 -27.52
N LEU A 531 10.24 24.13 -26.23
CA LEU A 531 9.30 23.65 -25.21
C LEU A 531 8.01 24.49 -25.18
N ARG A 532 8.14 25.76 -25.56
CA ARG A 532 7.06 26.72 -25.74
C ARG A 532 6.08 26.34 -26.84
N LEU A 533 6.48 25.50 -27.79
CA LEU A 533 5.61 24.95 -28.82
C LEU A 533 4.89 23.69 -28.34
N LEU A 534 5.55 22.89 -27.50
CA LEU A 534 4.99 21.65 -26.94
C LEU A 534 3.95 21.94 -25.87
N GLU A 535 4.35 22.74 -24.88
CA GLU A 535 3.75 22.93 -23.58
C GLU A 535 3.60 24.43 -23.33
N PRO A 536 2.82 25.16 -24.16
CA PRO A 536 2.82 26.62 -24.15
C PRO A 536 2.43 27.21 -22.80
N HIS A 537 1.45 26.63 -22.14
CA HIS A 537 0.85 27.17 -20.91
C HIS A 537 1.81 27.25 -19.73
N CYS A 538 2.98 26.64 -19.82
CA CYS A 538 3.99 26.77 -18.79
C CYS A 538 4.61 28.18 -18.79
N PHE A 539 4.57 28.86 -19.93
CA PHE A 539 5.15 30.18 -20.18
C PHE A 539 4.14 31.34 -19.99
N PRO A 540 4.60 32.61 -19.97
CA PRO A 540 3.72 33.75 -20.27
C PRO A 540 3.08 33.59 -21.64
N LEU A 541 1.88 34.14 -21.85
CA LEU A 541 1.32 34.29 -23.19
C LEU A 541 0.70 35.68 -23.43
N SER A 542 1.03 36.31 -24.56
CA SER A 542 0.15 37.30 -25.21
C SER A 542 -0.86 36.54 -26.06
N LEU A 543 -1.88 35.96 -25.42
CA LEU A 543 -2.86 35.13 -26.13
C LEU A 543 -3.71 35.96 -27.11
N VAL A 544 -3.88 37.26 -26.83
CA VAL A 544 -4.33 38.27 -27.80
C VAL A 544 -3.30 38.46 -28.94
N PRO A 545 -3.66 38.24 -30.21
CA PRO A 545 -2.74 38.35 -31.34
C PRO A 545 -2.20 39.78 -31.57
N THR A 546 -1.05 39.87 -32.24
CA THR A 546 -0.41 41.12 -32.68
C THR A 546 0.06 41.08 -34.14
N GLU A 547 -0.36 40.09 -34.92
CA GLU A 547 -0.13 40.02 -36.37
C GLU A 547 -1.44 39.64 -37.09
N PHE A 548 -1.76 40.33 -38.18
CA PHE A 548 -3.10 40.33 -38.77
C PHE A 548 -3.09 40.41 -40.30
N CYS A 549 -4.11 39.85 -40.94
CA CYS A 549 -4.51 40.27 -42.27
C CYS A 549 -5.24 41.63 -42.19
N PRO A 550 -5.15 42.48 -43.24
CA PRO A 550 -6.13 43.54 -43.45
C PRO A 550 -7.50 42.92 -43.72
N SER A 551 -8.60 43.67 -43.57
CA SER A 551 -9.96 43.16 -43.81
C SER A 551 -10.09 42.46 -45.18
N PRO A 552 -10.79 41.33 -45.30
CA PRO A 552 -10.88 40.59 -46.56
C PRO A 552 -11.47 41.43 -47.69
N PRO A 553 -11.17 41.11 -48.94
CA PRO A 553 -11.82 41.74 -50.08
C PRO A 553 -13.32 41.44 -50.07
N ALA A 554 -14.14 42.40 -50.46
CA ALA A 554 -15.54 42.14 -50.77
C ALA A 554 -15.69 41.34 -52.09
N LEU A 555 -16.92 40.98 -52.43
CA LEU A 555 -17.32 40.38 -53.71
C LEU A 555 -18.52 41.13 -54.29
N LYS A 556 -18.68 41.10 -55.61
CA LYS A 556 -19.93 41.51 -56.28
C LYS A 556 -21.06 40.57 -55.84
N ASP A 557 -22.16 41.14 -55.36
CA ASP A 557 -23.38 40.40 -54.96
C ASP A 557 -23.17 39.34 -53.87
N GLY A 558 -22.20 39.57 -52.98
CA GLY A 558 -21.94 38.71 -51.82
C GLY A 558 -21.18 39.41 -50.69
N PHE A 559 -21.04 38.73 -49.55
CA PHE A 559 -20.39 39.30 -48.38
C PHE A 559 -19.62 38.25 -47.56
N VAL A 560 -18.69 38.75 -46.74
CA VAL A 560 -17.96 37.93 -45.77
C VAL A 560 -18.95 37.50 -44.68
N GLN A 561 -19.19 36.20 -44.53
CA GLN A 561 -20.14 35.62 -43.56
C GLN A 561 -19.71 35.85 -42.10
N ASP A 562 -18.51 36.36 -41.89
CA ASP A 562 -17.87 36.70 -40.64
C ASP A 562 -17.52 38.18 -40.62
N GLU A 563 -17.52 38.81 -39.44
CA GLU A 563 -17.20 40.22 -39.31
C GLU A 563 -16.45 40.49 -38.00
N GLY A 564 -15.59 41.50 -37.97
CA GLY A 564 -14.79 41.87 -36.81
C GLY A 564 -13.91 43.10 -37.01
N THR A 565 -13.20 43.52 -35.97
CA THR A 565 -12.31 44.69 -36.01
C THR A 565 -10.99 44.38 -36.71
N MET A 566 -10.45 43.16 -36.55
CA MET A 566 -9.26 42.64 -37.25
C MET A 566 -9.38 41.11 -37.45
N PHE A 567 -8.61 40.54 -38.38
CA PHE A 567 -8.47 39.09 -38.54
C PHE A 567 -7.00 38.69 -38.35
N PRO A 568 -6.64 37.97 -37.28
CA PRO A 568 -5.27 37.51 -37.03
C PRO A 568 -4.75 36.55 -38.10
N VAL A 569 -3.42 36.48 -38.24
CA VAL A 569 -2.76 35.58 -39.19
C VAL A 569 -3.29 34.16 -39.03
N GLY A 570 -3.71 33.56 -40.13
CA GLY A 570 -4.25 32.20 -40.17
C GLY A 570 -5.66 32.03 -39.61
N LYS A 571 -6.38 33.11 -39.25
CA LYS A 571 -7.82 33.05 -38.99
C LYS A 571 -8.56 32.98 -40.32
N ASN A 572 -9.51 32.07 -40.46
CA ASN A 572 -10.36 32.03 -41.63
C ASN A 572 -11.48 33.08 -41.60
N VAL A 573 -12.03 33.33 -42.78
CA VAL A 573 -13.40 33.78 -43.00
C VAL A 573 -14.04 32.92 -44.08
N VAL A 574 -15.36 32.90 -44.15
CA VAL A 574 -16.10 32.26 -45.23
C VAL A 574 -16.96 33.30 -45.93
N TYR A 575 -17.15 33.18 -47.25
CA TYR A 575 -18.05 34.05 -48.02
C TYR A 575 -19.41 33.41 -48.21
N THR A 576 -20.46 34.21 -48.24
CA THR A 576 -21.78 33.81 -48.76
C THR A 576 -22.30 34.86 -49.72
N CYS A 577 -22.75 34.43 -50.90
CA CYS A 577 -23.36 35.35 -51.86
C CYS A 577 -24.80 35.64 -51.46
N ASN A 578 -25.29 36.85 -51.75
CA ASN A 578 -26.58 37.32 -51.26
C ASN A 578 -27.78 36.71 -52.00
N GLU A 579 -28.97 37.08 -51.56
CA GLU A 579 -30.23 36.46 -51.89
C GLU A 579 -30.41 36.30 -53.41
N GLY A 580 -30.68 35.07 -53.85
CA GLY A 580 -30.74 34.71 -55.27
C GLY A 580 -29.40 34.34 -55.90
N TYR A 581 -28.32 34.14 -55.14
CA TYR A 581 -27.01 33.73 -55.66
C TYR A 581 -26.48 32.43 -55.03
N SER A 582 -25.70 31.66 -55.81
CA SER A 582 -24.85 30.56 -55.35
C SER A 582 -23.37 30.89 -55.54
N LEU A 583 -22.58 30.76 -54.49
CA LEU A 583 -21.12 30.96 -54.54
C LEU A 583 -20.44 29.74 -55.19
N ILE A 584 -19.96 29.91 -56.41
CA ILE A 584 -19.22 28.92 -57.17
C ILE A 584 -17.74 28.91 -56.72
N GLY A 585 -17.09 27.75 -56.75
CA GLY A 585 -15.71 27.58 -56.30
C GLY A 585 -15.59 27.30 -54.80
N ASN A 586 -14.52 27.79 -54.17
CA ASN A 586 -14.21 27.56 -52.77
C ASN A 586 -14.54 28.81 -51.93
N PRO A 587 -15.49 28.75 -50.98
CA PRO A 587 -15.93 29.91 -50.23
C PRO A 587 -14.99 30.29 -49.07
N VAL A 588 -13.87 29.62 -48.89
CA VAL A 588 -13.10 29.71 -47.65
C VAL A 588 -11.81 30.46 -47.89
N ALA A 589 -11.55 31.52 -47.12
CA ALA A 589 -10.34 32.32 -47.23
C ALA A 589 -9.43 32.16 -46.02
N ARG A 590 -8.12 32.01 -46.26
CA ARG A 590 -7.13 31.44 -45.34
C ARG A 590 -6.53 32.41 -44.32
N CYS A 591 -6.31 33.66 -44.73
CA CYS A 591 -5.33 34.55 -44.08
C CYS A 591 -3.92 33.94 -44.02
N GLY A 592 -3.39 33.52 -45.17
CA GLY A 592 -2.15 32.75 -45.30
C GLY A 592 -0.84 33.57 -45.14
N GLU A 593 0.24 33.02 -45.67
CA GLU A 593 1.59 33.61 -45.65
C GLU A 593 1.67 34.98 -46.36
N ASP A 594 2.66 35.79 -46.02
CA ASP A 594 2.85 37.17 -46.50
C ASP A 594 1.67 38.11 -46.18
N LEU A 595 0.86 37.76 -45.16
CA LEU A 595 -0.34 38.46 -44.68
C LEU A 595 -1.48 38.60 -45.71
N ARG A 596 -1.37 37.99 -46.89
CA ARG A 596 -2.41 38.00 -47.95
C ARG A 596 -3.42 36.88 -47.74
N TRP A 597 -4.66 37.10 -48.18
CA TRP A 597 -5.77 36.21 -47.83
C TRP A 597 -5.74 34.85 -48.50
N LEU A 598 -5.08 34.72 -49.64
CA LEU A 598 -5.10 33.49 -50.45
C LEU A 598 -6.53 33.00 -50.65
N VAL A 599 -7.44 33.91 -51.02
CA VAL A 599 -8.88 33.64 -51.13
C VAL A 599 -9.21 32.45 -52.02
N GLY A 600 -8.40 32.14 -53.01
CA GLY A 600 -8.65 31.06 -53.95
C GLY A 600 -9.79 31.39 -54.94
N GLU A 601 -10.09 30.45 -55.83
CA GLU A 601 -11.10 30.64 -56.88
C GLU A 601 -12.52 30.71 -56.29
N MET A 602 -13.19 31.86 -56.47
CA MET A 602 -14.55 32.11 -55.98
C MET A 602 -15.31 33.10 -56.88
N HIS A 603 -16.63 32.92 -57.04
CA HIS A 603 -17.49 33.74 -57.90
C HIS A 603 -18.98 33.65 -57.50
N CYS A 604 -19.65 34.80 -57.36
CA CYS A 604 -21.09 34.83 -57.11
C CYS A 604 -21.90 34.70 -58.40
N GLN A 605 -22.62 33.59 -58.59
CA GLN A 605 -23.53 33.40 -59.71
C GLN A 605 -25.00 33.58 -59.28
N LYS A 606 -25.77 34.47 -59.92
CA LYS A 606 -27.22 34.64 -59.67
C LYS A 606 -27.97 33.42 -60.20
N ILE A 607 -28.79 32.79 -59.37
CA ILE A 607 -29.38 31.49 -59.67
C ILE A 607 -30.61 31.64 -60.57
N ALA A 608 -30.31 31.92 -61.82
CA ALA A 608 -31.24 31.86 -62.93
C ALA A 608 -30.70 30.91 -63.99
N CYS A 609 -31.58 30.26 -64.73
CA CYS A 609 -31.22 29.61 -65.97
C CYS A 609 -30.95 30.66 -67.07
N VAL A 610 -29.76 31.26 -67.12
CA VAL A 610 -29.38 32.15 -68.22
C VAL A 610 -29.29 31.34 -69.51
N LEU A 611 -30.04 31.73 -70.55
CA LEU A 611 -30.28 30.89 -71.70
C LEU A 611 -28.98 30.56 -72.46
N PRO A 612 -28.70 29.29 -72.81
CA PRO A 612 -27.58 28.93 -73.69
C PRO A 612 -27.92 29.29 -75.14
N VAL A 613 -27.04 28.92 -76.09
CA VAL A 613 -27.33 29.13 -77.52
C VAL A 613 -28.60 28.39 -77.94
N LEU A 614 -29.51 29.10 -78.61
CA LEU A 614 -30.78 28.57 -79.10
C LEU A 614 -30.59 27.56 -80.23
N MET A 615 -31.70 27.04 -80.75
CA MET A 615 -31.75 26.11 -81.87
C MET A 615 -32.32 26.80 -83.13
N ASP A 616 -31.62 26.75 -84.27
CA ASP A 616 -32.17 27.00 -85.62
C ASP A 616 -33.06 28.26 -85.82
N GLY A 617 -32.85 29.34 -85.06
CA GLY A 617 -33.73 30.53 -85.11
C GLY A 617 -35.12 30.32 -84.45
N ILE A 618 -35.17 29.47 -83.42
CA ILE A 618 -36.35 29.15 -82.60
C ILE A 618 -36.21 29.93 -81.28
N GLN A 619 -37.25 30.68 -80.92
CA GLN A 619 -37.15 31.83 -80.01
C GLN A 619 -37.86 31.58 -78.69
N SER A 620 -37.20 31.94 -77.59
CA SER A 620 -37.79 31.95 -76.24
C SER A 620 -38.55 33.24 -76.03
N HIS A 621 -39.86 33.16 -75.83
CA HIS A 621 -40.72 34.35 -75.81
C HIS A 621 -40.64 35.21 -74.53
N PRO A 622 -40.66 34.66 -73.30
CA PRO A 622 -40.73 35.45 -72.08
C PRO A 622 -39.33 35.92 -71.62
N GLN A 623 -38.57 36.52 -72.52
CA GLN A 623 -37.18 36.91 -72.27
C GLN A 623 -37.06 37.90 -71.10
N LYS A 624 -36.07 37.65 -70.26
CA LYS A 624 -35.66 38.44 -69.09
C LYS A 624 -34.13 38.44 -69.00
N PRO A 625 -33.50 39.33 -68.22
CA PRO A 625 -32.06 39.25 -67.96
C PRO A 625 -31.65 37.99 -67.18
N PHE A 626 -32.57 37.44 -66.39
CA PHE A 626 -32.36 36.29 -65.50
C PHE A 626 -33.68 35.52 -65.32
N TYR A 627 -33.93 34.46 -66.09
CA TYR A 627 -35.15 33.64 -65.95
C TYR A 627 -35.29 33.07 -64.52
N THR A 628 -36.41 33.37 -63.87
CA THR A 628 -36.62 33.14 -62.43
C THR A 628 -36.94 31.67 -62.13
N VAL A 629 -36.64 31.23 -60.90
CA VAL A 629 -36.70 29.81 -60.56
C VAL A 629 -38.11 29.25 -60.74
N GLY A 630 -38.24 28.09 -61.39
CA GLY A 630 -39.51 27.48 -61.73
C GLY A 630 -40.33 28.22 -62.81
N GLU A 631 -39.79 29.26 -63.44
CA GLU A 631 -40.49 29.99 -64.49
C GLU A 631 -40.66 29.16 -65.77
N LYS A 632 -41.89 28.76 -66.08
CA LYS A 632 -42.17 28.05 -67.34
C LYS A 632 -41.95 28.97 -68.55
N VAL A 633 -41.01 28.58 -69.42
CA VAL A 633 -40.61 29.30 -70.64
C VAL A 633 -41.14 28.58 -71.85
N THR A 634 -41.74 29.31 -72.79
CA THR A 634 -42.33 28.79 -74.05
C THR A 634 -41.52 29.26 -75.26
N VAL A 635 -41.37 28.37 -76.25
CA VAL A 635 -40.38 28.48 -77.33
C VAL A 635 -41.00 28.17 -78.70
N SER A 636 -40.70 28.92 -79.75
CA SER A 636 -41.22 28.66 -81.12
C SER A 636 -40.34 29.18 -82.27
N CYS A 637 -40.42 28.52 -83.43
CA CYS A 637 -39.92 29.03 -84.71
C CYS A 637 -40.73 30.26 -85.19
N SER A 638 -40.24 30.95 -86.22
CA SER A 638 -41.03 31.91 -87.00
C SER A 638 -42.25 31.25 -87.66
N GLY A 639 -43.35 31.99 -87.79
CA GLY A 639 -44.67 31.43 -88.14
C GLY A 639 -44.78 30.68 -89.47
N GLY A 640 -45.57 29.60 -89.46
CA GLY A 640 -45.83 28.72 -90.61
C GLY A 640 -44.76 27.65 -90.86
N MET A 641 -43.55 27.81 -90.33
CA MET A 641 -42.45 26.86 -90.48
C MET A 641 -42.67 25.59 -89.64
N SER A 642 -42.31 24.43 -90.18
CA SER A 642 -42.44 23.13 -89.54
C SER A 642 -41.41 22.92 -88.42
N LEU A 643 -41.74 23.44 -87.24
CA LEU A 643 -40.98 23.34 -86.00
C LEU A 643 -40.90 21.89 -85.47
N GLU A 644 -39.83 21.57 -84.76
CA GLU A 644 -39.61 20.29 -84.05
C GLU A 644 -39.13 20.52 -82.60
N GLY A 645 -39.24 19.49 -81.76
CA GLY A 645 -38.93 19.54 -80.32
C GLY A 645 -40.10 19.99 -79.42
N PRO A 646 -39.93 19.97 -78.09
CA PRO A 646 -40.96 20.35 -77.13
C PRO A 646 -41.24 21.86 -77.12
N SER A 647 -42.41 22.24 -76.60
CA SER A 647 -42.84 23.64 -76.52
C SER A 647 -42.20 24.45 -75.38
N ALA A 648 -41.69 23.80 -74.33
CA ALA A 648 -41.34 24.49 -73.08
C ALA A 648 -40.17 23.88 -72.30
N PHE A 649 -39.56 24.73 -71.46
CA PHE A 649 -38.48 24.43 -70.50
C PHE A 649 -38.73 25.25 -69.23
N LEU A 650 -38.36 24.77 -68.04
CA LEU A 650 -39.04 25.23 -66.80
C LEU A 650 -38.16 25.74 -65.65
N CYS A 651 -36.84 25.70 -65.75
CA CYS A 651 -35.93 26.22 -64.71
C CYS A 651 -36.26 25.81 -63.24
N GLY A 652 -36.86 24.64 -63.04
CA GLY A 652 -37.16 24.07 -61.72
C GLY A 652 -35.93 23.44 -61.08
N SER A 653 -35.02 22.92 -61.91
CA SER A 653 -33.59 22.85 -61.59
C SER A 653 -33.00 24.26 -61.82
N SER A 654 -32.76 25.05 -60.78
CA SER A 654 -32.69 26.52 -60.96
C SER A 654 -31.46 27.07 -61.72
N LEU A 655 -30.47 26.22 -62.01
CA LEU A 655 -29.34 26.52 -62.89
C LEU A 655 -29.31 25.65 -64.15
N LYS A 656 -30.27 24.77 -64.42
CA LYS A 656 -30.31 23.99 -65.67
C LYS A 656 -31.73 23.73 -66.12
N TRP A 657 -32.00 23.97 -67.40
CA TRP A 657 -33.34 23.78 -67.97
C TRP A 657 -33.85 22.35 -67.76
N SER A 658 -35.05 22.19 -67.18
CA SER A 658 -35.47 20.90 -66.66
C SER A 658 -35.48 19.81 -67.74
N PRO A 659 -36.26 19.91 -68.81
CA PRO A 659 -35.91 19.35 -70.09
C PRO A 659 -35.06 20.38 -70.87
N GLU A 660 -34.37 19.96 -71.93
CA GLU A 660 -33.63 20.84 -72.85
C GLU A 660 -33.46 20.15 -74.21
N MET A 661 -33.25 20.93 -75.27
CA MET A 661 -32.66 20.46 -76.52
C MET A 661 -31.52 21.36 -76.98
N LYS A 662 -30.48 20.75 -77.56
CA LYS A 662 -29.28 21.43 -78.10
C LYS A 662 -29.41 21.81 -79.57
N ASN A 663 -30.17 21.06 -80.37
CA ASN A 663 -30.53 21.38 -81.75
C ASN A 663 -31.87 20.73 -82.16
N ALA A 664 -32.70 21.44 -82.91
CA ALA A 664 -33.99 21.00 -83.45
C ALA A 664 -34.38 21.83 -84.68
N ARG A 665 -35.18 21.29 -85.59
CA ARG A 665 -35.58 21.96 -86.83
C ARG A 665 -36.61 23.07 -86.63
N CYS A 666 -36.41 24.21 -87.30
CA CYS A 666 -37.40 25.28 -87.38
C CYS A 666 -38.44 25.03 -88.48
N VAL A 667 -38.04 24.41 -89.61
CA VAL A 667 -38.75 24.43 -90.91
C VAL A 667 -38.58 23.11 -91.70
N GLN A 668 -39.46 22.83 -92.67
CA GLN A 668 -39.39 21.64 -93.54
C GLN A 668 -39.98 21.84 -94.96
N LYS A 669 -40.01 20.79 -95.80
CA LYS A 669 -40.70 20.79 -97.11
C LYS A 669 -42.22 20.90 -96.91
N GLU A 670 -42.76 22.11 -97.03
CA GLU A 670 -44.16 22.45 -96.75
C GLU A 670 -45.03 22.53 -98.03
N ASN A 671 -44.58 21.95 -99.16
CA ASN A 671 -45.30 21.94 -100.45
C ASN A 671 -45.26 20.57 -101.16
N PRO A 672 -46.34 19.77 -101.12
CA PRO A 672 -46.43 18.45 -101.76
C PRO A 672 -46.56 18.45 -103.30
N LEU A 673 -46.51 17.25 -103.90
CA LEU A 673 -46.93 16.99 -105.29
C LEU A 673 -48.36 17.49 -105.52
N THR A 674 -48.58 18.17 -106.65
CA THR A 674 -49.85 18.84 -107.00
C THR A 674 -50.21 18.63 -108.46
N GLN A 675 -51.50 18.47 -108.77
CA GLN A 675 -52.06 18.29 -110.11
C GLN A 675 -51.51 17.07 -110.88
N ALA A 676 -51.52 15.90 -110.23
CA ALA A 676 -51.02 14.65 -110.82
C ALA A 676 -51.82 14.15 -112.05
N VAL A 677 -53.10 14.53 -112.15
CA VAL A 677 -53.93 14.43 -113.37
C VAL A 677 -53.99 13.05 -114.06
N PRO A 678 -54.60 12.03 -113.43
CA PRO A 678 -54.84 10.71 -114.05
C PRO A 678 -55.82 10.78 -115.25
N LYS A 679 -55.68 9.84 -116.18
CA LYS A 679 -56.30 9.90 -117.51
C LYS A 679 -57.79 9.51 -117.58
N CYS A 680 -58.67 10.40 -117.13
CA CYS A 680 -60.13 10.22 -117.20
C CYS A 680 -60.73 10.48 -118.60
N GLN A 681 -61.98 10.09 -118.79
CA GLN A 681 -62.77 10.26 -120.03
C GLN A 681 -64.27 10.13 -119.76
N ARG A 682 -65.13 10.42 -120.75
CA ARG A 682 -66.59 10.37 -120.61
C ARG A 682 -67.14 8.97 -120.21
N TRP A 683 -66.54 7.90 -120.73
CA TRP A 683 -66.78 6.51 -120.34
C TRP A 683 -65.82 6.00 -119.23
N GLU A 684 -65.16 6.88 -118.50
CA GLU A 684 -63.95 6.59 -117.71
C GLU A 684 -63.96 7.19 -116.30
N LYS A 685 -63.05 6.69 -115.46
CA LYS A 685 -62.92 6.97 -114.04
C LYS A 685 -61.49 6.67 -113.55
N LEU A 686 -60.53 7.52 -113.93
CA LEU A 686 -59.09 7.33 -113.68
C LEU A 686 -58.70 7.31 -112.19
N GLN A 687 -57.65 6.54 -111.86
CA GLN A 687 -57.19 6.21 -110.51
C GLN A 687 -55.72 5.76 -110.47
N ASN A 688 -55.08 5.76 -109.29
CA ASN A 688 -53.69 5.29 -109.09
C ASN A 688 -52.66 5.92 -110.06
N SER A 689 -52.81 7.21 -110.36
CA SER A 689 -52.01 7.96 -111.35
C SER A 689 -52.09 7.44 -112.80
N ARG A 690 -53.20 6.80 -113.18
CA ARG A 690 -53.43 6.20 -114.49
C ARG A 690 -54.91 6.24 -114.92
N CYS A 691 -55.16 6.05 -116.23
CA CYS A 691 -56.50 5.95 -116.80
C CYS A 691 -57.28 4.71 -116.31
N VAL A 692 -58.61 4.76 -116.38
CA VAL A 692 -59.49 3.62 -116.04
C VAL A 692 -60.91 3.80 -116.58
N CYS A 693 -61.68 2.72 -116.70
CA CYS A 693 -63.09 2.77 -117.11
C CYS A 693 -64.05 3.14 -115.98
N LYS A 694 -65.18 3.77 -116.30
CA LYS A 694 -66.28 4.02 -115.37
C LYS A 694 -67.34 2.90 -115.39
N MET A 695 -68.13 2.78 -114.33
CA MET A 695 -69.27 1.87 -114.25
C MET A 695 -70.43 2.28 -115.19
N PRO A 696 -71.08 1.37 -115.93
CA PRO A 696 -72.22 1.72 -116.79
C PRO A 696 -73.40 2.37 -116.04
N TYR A 697 -73.58 2.06 -114.75
CA TYR A 697 -74.55 2.71 -113.87
C TYR A 697 -74.22 4.16 -113.51
N GLU A 698 -72.93 4.50 -113.37
CA GLU A 698 -72.47 5.88 -113.24
C GLU A 698 -72.57 6.68 -114.55
N CYS A 699 -72.54 5.98 -115.69
CA CYS A 699 -72.88 6.49 -117.01
C CYS A 699 -74.40 6.51 -117.34
N GLY A 700 -75.25 6.00 -116.44
CA GLY A 700 -76.70 5.90 -116.60
C GLY A 700 -77.46 7.20 -116.99
N PRO A 701 -77.07 8.38 -116.49
CA PRO A 701 -77.67 9.68 -116.86
C PRO A 701 -77.50 10.16 -118.31
N SER A 702 -76.84 9.40 -119.19
CA SER A 702 -76.72 9.72 -120.61
C SER A 702 -78.06 9.75 -121.36
N LEU A 703 -78.10 10.43 -122.51
CA LEU A 703 -79.30 10.51 -123.35
C LEU A 703 -79.69 9.14 -123.94
N ASP A 704 -80.95 8.76 -123.80
CA ASP A 704 -81.47 7.50 -124.34
C ASP A 704 -81.52 7.48 -125.88
N VAL A 705 -81.27 6.32 -126.49
CA VAL A 705 -81.33 6.09 -127.93
C VAL A 705 -81.54 4.61 -128.27
N CYS A 706 -81.90 4.31 -129.51
CA CYS A 706 -81.94 2.93 -129.99
C CYS A 706 -80.55 2.30 -130.14
N ALA A 707 -80.47 0.99 -129.92
CA ALA A 707 -79.27 0.16 -130.08
C ALA A 707 -79.65 -1.29 -130.49
N GLN A 708 -78.67 -2.19 -130.62
CA GLN A 708 -78.85 -3.60 -130.99
C GLN A 708 -77.98 -4.56 -130.15
N ASP A 709 -78.35 -5.84 -130.14
CA ASP A 709 -77.76 -6.85 -129.27
C ASP A 709 -76.27 -7.14 -129.53
N GLU A 710 -75.53 -7.50 -128.46
CA GLU A 710 -74.09 -7.77 -128.50
C GLU A 710 -73.66 -8.97 -129.35
N ARG A 711 -74.59 -9.88 -129.67
CA ARG A 711 -74.36 -11.02 -130.56
C ARG A 711 -75.62 -11.45 -131.34
N SER A 712 -76.54 -10.52 -131.62
CA SER A 712 -77.78 -10.77 -132.38
C SER A 712 -78.32 -9.51 -133.06
N LYS A 713 -79.14 -9.68 -134.09
CA LYS A 713 -79.71 -8.61 -134.93
C LYS A 713 -80.87 -7.82 -134.30
N ARG A 714 -81.39 -8.27 -133.15
CA ARG A 714 -82.51 -7.65 -132.45
C ARG A 714 -82.20 -6.26 -131.88
N ILE A 715 -83.13 -5.31 -132.01
CA ILE A 715 -83.02 -3.95 -131.49
C ILE A 715 -83.59 -3.77 -130.07
N LEU A 716 -83.01 -2.85 -129.29
CA LEU A 716 -83.44 -2.51 -127.93
C LEU A 716 -83.00 -1.11 -127.49
N PRO A 717 -83.62 -0.50 -126.47
CA PRO A 717 -83.19 0.77 -125.88
C PRO A 717 -81.82 0.71 -125.17
N LEU A 718 -81.07 1.82 -125.19
CA LEU A 718 -79.76 1.99 -124.56
C LEU A 718 -79.42 3.46 -124.30
N THR A 719 -78.29 3.73 -123.64
CA THR A 719 -77.74 5.08 -123.42
C THR A 719 -76.26 5.16 -123.84
N VAL A 720 -75.84 6.29 -124.42
CA VAL A 720 -74.50 6.43 -125.03
C VAL A 720 -73.34 6.23 -124.05
N CYS A 721 -73.44 6.76 -122.82
CA CYS A 721 -72.39 6.63 -121.81
C CYS A 721 -72.29 5.21 -121.25
N LYS A 722 -73.41 4.52 -121.06
CA LYS A 722 -73.46 3.12 -120.64
C LYS A 722 -72.86 2.19 -121.71
N MET A 723 -73.20 2.41 -122.99
CA MET A 723 -72.64 1.68 -124.13
C MET A 723 -71.12 1.91 -124.29
N HIS A 724 -70.64 3.14 -124.04
CA HIS A 724 -69.22 3.47 -124.04
C HIS A 724 -68.47 2.82 -122.88
N VAL A 725 -69.00 2.88 -121.65
CA VAL A 725 -68.42 2.22 -120.48
C VAL A 725 -68.35 0.70 -120.62
N LEU A 726 -69.38 0.08 -121.20
CA LEU A 726 -69.40 -1.34 -121.56
C LEU A 726 -68.33 -1.70 -122.58
N HIS A 727 -68.22 -0.95 -123.68
CA HIS A 727 -67.15 -1.11 -124.67
C HIS A 727 -65.74 -0.90 -124.10
N CYS A 728 -65.57 0.03 -123.15
CA CYS A 728 -64.35 0.21 -122.36
C CYS A 728 -64.03 -0.94 -121.39
N GLN A 729 -65.03 -1.75 -121.02
CA GLN A 729 -64.89 -3.02 -120.31
C GLN A 729 -64.80 -4.24 -121.25
N GLY A 730 -64.69 -4.03 -122.56
CA GLY A 730 -64.60 -5.12 -123.56
C GLY A 730 -65.92 -5.82 -123.87
N ARG A 731 -67.07 -5.32 -123.42
CA ARG A 731 -68.38 -5.84 -123.76
C ARG A 731 -68.81 -5.47 -125.19
N ASN A 732 -69.49 -6.38 -125.89
CA ASN A 732 -70.03 -6.14 -127.24
C ASN A 732 -71.28 -5.24 -127.22
N TYR A 733 -71.56 -4.61 -128.37
CA TYR A 733 -72.70 -3.72 -128.62
C TYR A 733 -72.92 -3.51 -130.13
N THR A 734 -74.08 -2.97 -130.51
CA THR A 734 -74.41 -2.64 -131.91
C THR A 734 -75.28 -1.38 -132.02
N LEU A 735 -75.13 -0.61 -133.09
CA LEU A 735 -75.93 0.61 -133.34
C LEU A 735 -77.33 0.31 -133.88
N THR A 736 -78.19 1.33 -133.86
CA THR A 736 -79.54 1.32 -134.42
C THR A 736 -79.97 2.74 -134.86
N GLY A 737 -81.01 2.85 -135.70
CA GLY A 737 -81.54 4.13 -136.14
C GLY A 737 -82.31 4.88 -135.05
N ARG A 738 -82.57 6.18 -135.25
CA ARG A 738 -83.20 7.04 -134.25
C ARG A 738 -84.61 6.59 -133.80
N ASP A 739 -85.34 5.87 -134.65
CA ASP A 739 -86.65 5.27 -134.34
C ASP A 739 -86.63 3.75 -134.02
N SER A 740 -85.46 3.10 -133.97
CA SER A 740 -85.34 1.63 -133.89
C SER A 740 -85.72 0.99 -132.53
N CYS A 741 -85.90 1.78 -131.48
CA CYS A 741 -86.31 1.32 -130.14
C CYS A 741 -87.03 2.42 -129.34
N THR A 742 -87.78 2.01 -128.32
CA THR A 742 -88.55 2.88 -127.42
C THR A 742 -87.72 3.56 -126.32
N LEU A 743 -86.69 4.31 -126.70
CA LEU A 743 -85.81 5.03 -125.77
C LEU A 743 -86.59 6.09 -124.94
N PRO A 744 -86.48 6.11 -123.59
CA PRO A 744 -87.29 6.99 -122.73
C PRO A 744 -87.15 8.49 -123.03
N ALA A 745 -85.98 8.93 -123.49
CA ALA A 745 -85.67 10.33 -123.77
C ALA A 745 -86.04 10.81 -125.19
N SER A 746 -86.71 9.97 -126.00
CA SER A 746 -87.03 10.26 -127.41
C SER A 746 -88.04 11.40 -127.65
N ALA A 747 -88.66 11.94 -126.60
CA ALA A 747 -89.58 13.06 -126.65
C ALA A 747 -89.53 13.89 -125.35
N GLU A 748 -90.16 15.07 -125.36
CA GLU A 748 -90.15 16.00 -124.23
C GLU A 748 -90.87 15.46 -122.99
N LYS A 749 -90.25 15.59 -121.81
CA LYS A 749 -90.75 15.07 -120.53
C LYS A 749 -91.64 16.05 -119.74
N ALA A 750 -92.19 15.58 -118.63
CA ALA A 750 -92.90 16.37 -117.62
C ALA A 750 -91.96 16.94 -116.54
N CYS A 751 -92.49 17.83 -115.70
CA CYS A 751 -91.81 18.36 -114.52
C CYS A 751 -91.46 17.27 -113.49
N GLY A 752 -90.42 17.51 -112.69
CA GLY A 752 -89.98 16.60 -111.61
C GLY A 752 -89.19 15.37 -112.05
N ALA A 753 -88.91 15.21 -113.34
CA ALA A 753 -88.15 14.09 -113.92
C ALA A 753 -87.36 14.49 -115.19
N CYS A 754 -87.12 15.79 -115.42
CA CYS A 754 -86.50 16.30 -116.65
C CYS A 754 -85.06 15.77 -116.87
N PRO A 755 -84.69 15.35 -118.09
CA PRO A 755 -83.32 15.08 -118.49
C PRO A 755 -82.41 16.32 -118.37
N LEU A 756 -81.10 16.13 -118.46
CA LEU A 756 -80.11 17.22 -118.30
C LEU A 756 -80.23 18.38 -119.32
N TRP A 757 -80.92 18.18 -120.44
CA TRP A 757 -81.18 19.22 -121.45
C TRP A 757 -82.40 20.12 -121.15
N GLY A 758 -83.03 20.02 -119.97
CA GLY A 758 -84.26 20.75 -119.65
C GLY A 758 -84.61 20.82 -118.16
N LYS A 759 -85.64 21.58 -117.84
CA LYS A 759 -86.10 21.85 -116.47
C LYS A 759 -87.59 22.21 -116.44
N CYS A 760 -88.24 22.07 -115.28
CA CYS A 760 -89.63 22.49 -115.06
C CYS A 760 -89.82 24.01 -115.21
N ASP A 761 -90.86 24.42 -115.93
CA ASP A 761 -91.28 25.82 -116.03
C ASP A 761 -92.01 26.32 -114.77
N ALA A 762 -92.03 27.63 -114.54
CA ALA A 762 -92.64 28.26 -113.36
C ALA A 762 -94.15 28.03 -113.29
N GLU A 763 -94.63 27.47 -112.17
CA GLU A 763 -96.05 27.14 -111.94
C GLU A 763 -96.71 26.23 -113.00
N SER A 764 -95.91 25.40 -113.69
CA SER A 764 -96.34 24.54 -114.79
C SER A 764 -95.91 23.08 -114.57
N SER A 765 -96.77 22.14 -114.95
CA SER A 765 -96.52 20.70 -114.82
C SER A 765 -95.65 20.11 -115.96
N LYS A 766 -95.50 20.81 -117.08
CA LYS A 766 -94.67 20.40 -118.20
C LYS A 766 -93.21 20.82 -118.05
N CYS A 767 -92.27 20.00 -118.54
CA CYS A 767 -90.87 20.40 -118.68
C CYS A 767 -90.63 21.25 -119.93
N VAL A 768 -89.60 22.09 -119.89
CA VAL A 768 -89.16 22.95 -120.99
C VAL A 768 -87.69 22.68 -121.36
N CYS A 769 -87.37 22.77 -122.65
CA CYS A 769 -86.03 22.54 -123.17
C CYS A 769 -85.11 23.76 -122.98
N ARG A 770 -83.86 23.56 -122.58
CA ARG A 770 -82.87 24.63 -122.35
C ARG A 770 -82.13 25.05 -123.63
N GLU A 771 -81.61 26.28 -123.67
CA GLU A 771 -80.65 26.72 -124.68
C GLU A 771 -79.30 25.99 -124.52
N ALA A 772 -78.50 25.89 -125.57
CA ALA A 772 -77.22 25.17 -125.54
C ALA A 772 -76.20 25.70 -124.51
N SER A 773 -76.32 26.97 -124.09
CA SER A 773 -75.54 27.59 -123.02
C SER A 773 -75.82 27.05 -121.61
N GLU A 774 -76.94 26.36 -121.42
CA GLU A 774 -77.26 25.75 -120.14
C GLU A 774 -76.75 24.31 -120.03
N CYS A 775 -75.54 24.07 -120.56
CA CYS A 775 -74.82 22.79 -120.50
C CYS A 775 -74.05 22.54 -119.20
N GLU A 776 -74.78 22.29 -118.11
CA GLU A 776 -74.21 21.97 -116.79
C GLU A 776 -73.55 20.58 -116.74
N GLU A 777 -74.07 19.61 -117.50
CA GLU A 777 -73.47 18.28 -117.68
C GLU A 777 -72.25 18.31 -118.62
N GLU A 778 -71.30 17.41 -118.42
CA GLU A 778 -70.09 17.29 -119.24
C GLU A 778 -70.39 16.83 -120.67
N GLY A 779 -71.21 15.79 -120.81
CA GLY A 779 -71.70 15.23 -122.07
C GLY A 779 -70.66 14.49 -122.92
N PHE A 780 -71.12 13.54 -123.73
CA PHE A 780 -70.37 13.04 -124.90
C PHE A 780 -70.47 14.04 -126.07
N SER A 781 -69.69 13.81 -127.14
CA SER A 781 -69.92 14.41 -128.46
C SER A 781 -70.39 13.33 -129.44
N ILE A 782 -71.42 13.61 -130.23
CA ILE A 782 -72.18 12.60 -130.99
C ILE A 782 -72.44 13.05 -132.44
N CYS A 783 -72.73 12.11 -133.33
CA CYS A 783 -73.03 12.43 -134.73
C CYS A 783 -74.55 12.44 -135.01
N VAL A 784 -75.01 13.48 -135.70
CA VAL A 784 -76.43 13.71 -135.99
C VAL A 784 -76.58 14.38 -137.35
N GLU A 785 -77.69 14.14 -138.04
CA GLU A 785 -78.07 14.84 -139.27
C GLU A 785 -79.04 15.98 -138.96
N VAL A 786 -78.72 17.18 -139.42
CA VAL A 786 -79.47 18.44 -139.21
C VAL A 786 -79.41 19.28 -140.49
N ASN A 787 -80.49 19.99 -140.84
CA ASN A 787 -80.60 20.73 -142.10
C ASN A 787 -80.23 19.89 -143.35
N GLY A 788 -80.47 18.58 -143.33
CA GLY A 788 -80.08 17.65 -144.39
C GLY A 788 -78.59 17.27 -144.44
N LYS A 789 -77.75 17.64 -143.46
CA LYS A 789 -76.30 17.34 -143.40
C LYS A 789 -75.86 16.74 -142.05
N GLU A 790 -74.91 15.82 -142.06
CA GLU A 790 -74.27 15.29 -140.85
C GLU A 790 -73.35 16.34 -140.19
N GLN A 791 -73.37 16.43 -138.86
CA GLN A 791 -72.54 17.37 -138.09
C GLN A 791 -72.28 16.84 -136.66
N THR A 792 -71.08 17.03 -136.13
CA THR A 792 -70.76 16.71 -134.72
C THR A 792 -71.30 17.80 -133.80
N MET A 793 -71.99 17.42 -132.72
CA MET A 793 -72.40 18.34 -131.65
C MET A 793 -72.39 17.65 -130.28
N SER A 794 -72.43 18.45 -129.21
CA SER A 794 -72.51 17.94 -127.84
C SER A 794 -73.82 17.20 -127.57
N GLU A 795 -73.76 16.16 -126.74
CA GLU A 795 -74.91 15.36 -126.34
C GLU A 795 -76.04 16.20 -125.73
N CYS A 796 -75.70 17.20 -124.92
CA CYS A 796 -76.67 18.13 -124.32
C CYS A 796 -77.33 19.07 -125.35
N GLU A 797 -76.60 19.51 -126.38
CA GLU A 797 -77.13 20.35 -127.47
C GLU A 797 -78.08 19.55 -128.38
N ALA A 798 -77.71 18.31 -128.72
CA ALA A 798 -78.60 17.39 -129.40
C ALA A 798 -79.86 17.07 -128.57
N GLY A 799 -79.71 16.86 -127.26
CA GLY A 799 -80.84 16.69 -126.34
C GLY A 799 -81.77 17.89 -126.30
N ALA A 800 -81.25 19.12 -126.31
CA ALA A 800 -82.04 20.36 -126.40
C ALA A 800 -82.83 20.44 -127.72
N LEU A 801 -82.17 20.20 -128.87
CA LEU A 801 -82.83 20.18 -130.18
C LEU A 801 -83.94 19.11 -130.25
N ARG A 802 -83.70 17.91 -129.71
CA ARG A 802 -84.68 16.82 -129.61
C ARG A 802 -85.88 17.22 -128.74
N CYS A 803 -85.63 17.76 -127.55
CA CYS A 803 -86.66 18.14 -126.60
C CYS A 803 -87.55 19.31 -127.10
N ARG A 804 -86.96 20.31 -127.77
CA ARG A 804 -87.68 21.46 -128.37
C ARG A 804 -88.40 21.16 -129.68
N GLY A 805 -88.33 19.93 -130.19
CA GLY A 805 -89.01 19.48 -131.41
C GLY A 805 -88.38 19.93 -132.74
N GLN A 806 -87.08 20.26 -132.76
CA GLN A 806 -86.36 20.56 -134.01
C GLN A 806 -86.17 19.30 -134.86
N SER A 807 -86.19 19.40 -136.20
CA SER A 807 -86.01 18.27 -137.10
C SER A 807 -84.56 17.77 -137.12
N ILE A 808 -84.28 16.70 -136.38
CA ILE A 808 -82.96 16.06 -136.24
C ILE A 808 -83.06 14.54 -136.48
N SER A 809 -81.94 13.86 -136.73
CA SER A 809 -81.85 12.40 -136.81
C SER A 809 -80.46 11.91 -136.39
N VAL A 810 -80.33 11.31 -135.21
CA VAL A 810 -79.05 10.82 -134.67
C VAL A 810 -78.51 9.64 -135.48
N THR A 811 -77.21 9.62 -135.77
CA THR A 811 -76.57 8.63 -136.68
C THR A 811 -75.54 7.74 -135.98
N SER A 812 -74.81 8.24 -134.96
CA SER A 812 -73.95 7.41 -134.11
C SER A 812 -73.68 8.08 -132.77
N ILE A 813 -73.41 7.29 -131.72
CA ILE A 813 -72.93 7.79 -130.42
C ILE A 813 -71.46 8.25 -130.46
N ARG A 814 -70.71 7.88 -131.51
CA ARG A 814 -69.41 8.45 -131.91
C ARG A 814 -69.63 9.73 -132.74
N PRO A 815 -68.70 10.70 -132.73
CA PRO A 815 -68.77 11.92 -133.55
C PRO A 815 -68.61 11.65 -135.06
N CYS A 816 -68.91 12.65 -135.90
CA CYS A 816 -68.85 12.54 -137.35
C CYS A 816 -67.41 12.67 -137.90
N ALA A 817 -67.22 12.41 -139.19
CA ALA A 817 -65.98 12.73 -139.89
C ALA A 817 -65.85 14.25 -140.25
N ALA A 818 -66.92 15.03 -140.09
CA ALA A 818 -67.09 16.40 -140.60
C ALA A 818 -66.06 17.44 -140.13
N GLU A 819 -65.39 17.20 -139.01
CA GLU A 819 -64.32 18.06 -138.46
C GLU A 819 -62.91 17.76 -139.01
N THR A 820 -62.78 16.86 -140.00
CA THR A 820 -61.48 16.48 -140.59
C THR A 820 -60.82 17.63 -141.36
N GLN A 821 -59.49 17.76 -141.25
CA GLN A 821 -58.67 18.82 -141.86
C GLN A 821 -57.35 18.28 -142.44
N VAL B 4 29.25 31.11 49.79
CA VAL B 4 29.04 31.42 48.35
C VAL B 4 28.84 32.92 48.14
N THR B 5 29.38 33.49 47.06
CA THR B 5 29.26 34.93 46.73
C THR B 5 27.99 35.21 45.91
N LEU B 6 26.84 35.24 46.60
CA LEU B 6 25.52 35.38 45.99
C LEU B 6 24.61 36.36 46.73
N MET B 7 23.69 36.93 45.95
CA MET B 7 22.46 37.57 46.38
C MET B 7 21.43 37.29 45.26
N PRO B 8 20.48 36.37 45.43
CA PRO B 8 19.72 35.82 44.31
C PRO B 8 18.92 36.80 43.47
N ILE B 9 18.71 36.47 42.19
CA ILE B 9 17.91 37.28 41.28
C ILE B 9 16.50 36.70 41.13
N ASP B 10 15.54 37.42 41.72
CA ASP B 10 14.11 37.16 41.58
C ASP B 10 13.63 37.53 40.18
N CYS B 11 12.62 36.83 39.70
CA CYS B 11 12.04 37.03 38.38
C CYS B 11 11.46 38.45 38.21
N GLU B 12 11.54 39.00 36.99
CA GLU B 12 10.70 40.13 36.57
C GLU B 12 10.11 39.87 35.17
N LEU B 13 8.79 39.94 35.06
CA LEU B 13 8.12 40.25 33.79
C LEU B 13 7.92 41.77 33.67
N SER B 14 7.68 42.28 32.47
CA SER B 14 7.48 43.72 32.25
C SER B 14 6.16 44.21 32.82
N SER B 15 5.99 45.53 32.91
CA SER B 15 4.66 46.13 32.90
C SER B 15 3.92 45.77 31.61
N TRP B 16 2.60 45.67 31.69
CA TRP B 16 1.80 45.07 30.64
C TRP B 16 1.86 45.89 29.35
N SER B 17 1.69 45.22 28.22
CA SER B 17 1.29 45.88 26.98
C SER B 17 -0.04 46.63 27.17
N SER B 18 -0.34 47.58 26.27
CA SER B 18 -1.73 47.93 26.03
C SER B 18 -2.54 46.70 25.60
N TRP B 19 -3.86 46.68 25.79
CA TRP B 19 -4.68 45.62 25.20
C TRP B 19 -4.63 45.71 23.68
N THR B 20 -4.60 44.57 23.00
CA THR B 20 -5.11 44.54 21.64
C THR B 20 -6.60 44.88 21.67
N THR B 21 -7.10 45.48 20.60
CA THR B 21 -8.54 45.47 20.33
C THR B 21 -9.06 44.04 20.28
N CYS B 22 -10.35 43.88 20.51
CA CYS B 22 -11.04 42.60 20.54
C CYS B 22 -10.95 41.84 19.21
N ASP B 23 -10.61 40.56 19.28
CA ASP B 23 -10.52 39.74 18.09
C ASP B 23 -11.92 39.40 17.54
N PRO B 24 -12.20 39.56 16.25
CA PRO B 24 -13.51 39.27 15.67
C PRO B 24 -13.96 37.82 15.81
N CYS B 25 -13.02 36.87 15.87
CA CYS B 25 -13.31 35.44 15.79
C CYS B 25 -13.11 34.73 17.14
N GLN B 26 -12.07 35.09 17.90
CA GLN B 26 -11.84 34.56 19.25
C GLN B 26 -12.70 35.23 20.32
N LYS B 27 -13.33 36.37 20.01
CA LYS B 27 -14.18 37.19 20.89
C LYS B 27 -13.58 37.45 22.29
N LYS B 28 -12.27 37.65 22.32
CA LYS B 28 -11.46 37.98 23.51
C LYS B 28 -10.44 39.05 23.16
N ARG B 29 -9.85 39.69 24.18
CA ARG B 29 -8.70 40.60 24.07
C ARG B 29 -7.58 40.24 25.05
N TYR B 30 -6.35 40.59 24.69
CA TYR B 30 -5.12 40.02 25.26
C TYR B 30 -4.12 41.11 25.64
N ARG B 31 -3.36 40.86 26.69
CA ARG B 31 -2.26 41.71 27.16
C ARG B 31 -1.13 40.80 27.63
N TYR B 32 0.11 41.22 27.37
CA TYR B 32 1.27 40.39 27.66
C TYR B 32 2.42 41.23 28.20
N ALA B 33 3.42 40.55 28.75
CA ALA B 33 4.63 41.14 29.25
C ALA B 33 5.84 40.38 28.70
N TYR B 34 6.96 41.05 28.47
CA TYR B 34 8.20 40.33 28.18
C TYR B 34 8.79 39.76 29.47
N LEU B 35 9.41 38.59 29.42
CA LEU B 35 10.32 38.17 30.48
C LEU B 35 11.53 39.08 30.43
N LEU B 36 11.80 39.83 31.50
CA LEU B 36 12.88 40.83 31.53
C LEU B 36 14.11 40.35 32.28
N GLN B 37 13.94 39.48 33.27
CA GLN B 37 15.03 38.92 34.03
C GLN B 37 14.61 37.55 34.57
N PRO B 38 15.26 36.42 34.22
CA PRO B 38 14.85 35.10 34.69
C PRO B 38 15.17 34.86 36.19
N SER B 39 14.44 33.96 36.83
CA SER B 39 14.76 33.46 38.18
C SER B 39 16.10 32.73 38.17
N GLN B 40 17.03 33.08 39.06
CA GLN B 40 18.32 32.35 39.19
C GLN B 40 18.89 32.50 40.59
N PHE B 41 19.75 31.56 41.00
CA PHE B 41 20.27 31.40 42.36
C PHE B 41 19.15 31.07 43.38
N HIS B 42 18.08 30.42 42.91
CA HIS B 42 16.82 30.19 43.62
C HIS B 42 16.07 31.47 44.05
N GLY B 43 16.31 32.60 43.37
CA GLY B 43 15.45 33.79 43.46
C GLY B 43 14.03 33.47 42.97
N GLU B 44 13.03 34.15 43.54
CA GLU B 44 11.63 33.74 43.48
C GLU B 44 11.03 33.82 42.08
N PRO B 45 10.28 32.82 41.62
CA PRO B 45 9.56 32.88 40.35
C PRO B 45 8.41 33.89 40.40
N CYS B 46 8.12 34.48 39.24
CA CYS B 46 7.05 35.46 39.01
C CYS B 46 6.26 35.11 37.73
N ASN B 47 6.21 33.81 37.40
CA ASN B 47 5.85 33.33 36.07
C ASN B 47 4.44 33.76 35.68
N PHE B 48 3.46 33.57 36.57
CA PHE B 48 2.06 33.95 36.34
C PHE B 48 1.46 33.38 35.03
N SER B 49 2.07 32.31 34.50
CA SER B 49 1.84 31.75 33.17
C SER B 49 1.90 32.79 32.02
N ASP B 50 2.71 33.85 32.21
CA ASP B 50 3.14 34.83 31.21
C ASP B 50 2.03 35.60 30.44
N LYS B 51 0.77 35.65 30.91
CA LYS B 51 -0.34 36.17 30.10
C LYS B 51 -1.53 36.69 30.92
N GLU B 52 -2.29 37.65 30.38
CA GLU B 52 -3.65 37.99 30.83
C GLU B 52 -4.60 38.19 29.65
N VAL B 53 -5.85 37.76 29.80
CA VAL B 53 -6.86 37.67 28.75
C VAL B 53 -8.25 38.04 29.31
N GLU B 54 -9.13 38.60 28.49
CA GLU B 54 -10.48 39.05 28.86
C GLU B 54 -11.47 38.80 27.72
N ASP B 55 -12.76 38.65 28.03
CA ASP B 55 -13.85 38.53 27.03
C ASP B 55 -14.21 39.89 26.37
N CYS B 56 -14.97 39.85 25.28
CA CYS B 56 -15.32 41.02 24.45
C CYS B 56 -16.79 41.07 24.02
N VAL B 57 -17.24 42.27 23.63
CA VAL B 57 -18.62 42.57 23.19
C VAL B 57 -18.73 43.19 21.79
N THR B 58 -17.63 43.23 21.03
CA THR B 58 -17.59 43.75 19.65
C THR B 58 -18.34 42.86 18.65
N ASN B 59 -18.67 43.42 17.48
CA ASN B 59 -19.54 42.77 16.48
C ASN B 59 -18.95 42.78 15.03
N ARG B 60 -17.63 42.89 14.89
CA ARG B 60 -16.95 42.80 13.58
C ARG B 60 -17.24 41.45 12.90
N PRO B 61 -17.37 41.40 11.57
CA PRO B 61 -17.60 40.15 10.86
C PRO B 61 -16.42 39.17 10.99
N CYS B 62 -16.71 37.87 10.98
CA CYS B 62 -15.71 36.80 11.07
C CYS B 62 -16.01 35.69 10.05
N ARG B 63 -14.95 35.18 9.40
CA ARG B 63 -15.00 34.14 8.35
C ARG B 63 -14.43 32.79 8.81
N SER B 64 -14.56 32.46 10.11
CA SER B 64 -13.96 31.27 10.75
C SER B 64 -14.40 29.90 10.19
N GLN B 65 -15.45 29.84 9.37
CA GLN B 65 -16.00 28.62 8.78
C GLN B 65 -15.23 28.14 7.53
N VAL B 66 -13.96 27.76 7.69
CA VAL B 66 -13.24 26.92 6.70
C VAL B 66 -13.83 25.52 6.71
N ARG B 67 -14.41 25.09 5.58
CA ARG B 67 -15.24 23.88 5.51
C ARG B 67 -14.47 22.60 5.78
N CYS B 68 -14.89 21.84 6.78
CA CYS B 68 -14.62 20.41 6.83
C CYS B 68 -15.42 19.72 5.73
N GLU B 69 -14.73 19.28 4.69
CA GLU B 69 -15.35 18.65 3.52
C GLU B 69 -15.75 17.19 3.78
N GLY B 70 -15.12 16.50 4.74
CA GLY B 70 -15.26 15.06 4.93
C GLY B 70 -16.25 14.62 6.01
N PHE B 71 -15.88 14.81 7.27
CA PHE B 71 -16.63 14.44 8.47
C PHE B 71 -16.00 15.13 9.68
N VAL B 72 -16.79 15.86 10.47
CA VAL B 72 -16.29 16.53 11.68
C VAL B 72 -16.14 15.53 12.82
N CYS B 73 -14.94 15.43 13.36
CA CYS B 73 -14.64 14.66 14.55
C CYS B 73 -15.20 15.36 15.78
N ALA B 74 -16.35 14.89 16.28
CA ALA B 74 -17.23 15.66 17.15
C ALA B 74 -16.56 16.30 18.38
N GLN B 75 -15.64 15.58 19.03
CA GLN B 75 -14.94 16.02 20.24
C GLN B 75 -13.72 16.92 19.93
N THR B 76 -12.90 16.51 18.95
CA THR B 76 -11.57 17.09 18.69
C THR B 76 -11.60 18.27 17.72
N GLY B 77 -12.66 18.41 16.92
CA GLY B 77 -12.79 19.44 15.90
C GLY B 77 -11.88 19.24 14.67
N ARG B 78 -11.21 18.08 14.59
CA ARG B 78 -10.54 17.60 13.37
C ARG B 78 -11.59 17.33 12.28
N CYS B 79 -11.15 17.34 11.02
CA CYS B 79 -11.88 16.76 9.90
C CYS B 79 -11.11 15.56 9.34
N VAL B 80 -11.80 14.51 8.90
CA VAL B 80 -11.16 13.35 8.26
C VAL B 80 -11.85 13.03 6.94
N ASN B 81 -11.07 12.67 5.92
CA ASN B 81 -11.61 12.35 4.61
C ASN B 81 -12.49 11.10 4.67
N ARG B 82 -13.51 11.03 3.83
CA ARG B 82 -14.60 10.05 4.00
C ARG B 82 -14.16 8.59 3.81
N ARG B 83 -13.09 8.30 3.07
CA ARG B 83 -12.56 6.93 2.97
C ARG B 83 -11.99 6.37 4.28
N LEU B 84 -11.68 7.21 5.27
CA LEU B 84 -11.18 6.81 6.60
C LEU B 84 -12.28 6.42 7.62
N LEU B 85 -13.54 6.82 7.41
CA LEU B 85 -14.63 6.37 8.28
C LEU B 85 -14.79 4.86 8.15
N CYS B 86 -14.90 4.12 9.25
CA CYS B 86 -15.10 2.68 9.26
C CYS B 86 -13.96 1.89 8.58
N ASN B 87 -12.75 2.45 8.57
CA ASN B 87 -11.52 1.75 8.17
C ASN B 87 -10.98 0.82 9.27
N GLY B 88 -11.68 0.74 10.40
CA GLY B 88 -11.28 -0.06 11.54
C GLY B 88 -10.17 0.63 12.34
N ASP B 89 -10.12 1.96 12.31
CA ASP B 89 -9.06 2.74 12.91
C ASP B 89 -9.55 4.08 13.45
N ASN B 90 -8.90 4.63 14.45
CA ASN B 90 -9.26 5.88 15.11
C ASN B 90 -8.54 7.05 14.43
N ASP B 91 -9.21 7.69 13.48
CA ASP B 91 -8.66 8.83 12.77
C ASP B 91 -9.05 10.17 13.42
N CYS B 92 -10.10 10.20 14.23
CA CYS B 92 -10.53 11.41 14.94
C CYS B 92 -9.81 11.71 16.24
N GLY B 93 -9.08 10.76 16.82
CA GLY B 93 -8.47 10.86 18.15
C GLY B 93 -9.31 10.23 19.26
N ASP B 94 -10.64 10.44 19.22
CA ASP B 94 -11.59 9.98 20.24
C ASP B 94 -12.54 8.87 19.70
N GLN B 95 -12.11 8.15 18.67
CA GLN B 95 -12.82 7.03 18.02
C GLN B 95 -14.13 7.40 17.30
N SER B 96 -14.48 8.69 17.25
CA SER B 96 -15.72 9.20 16.64
C SER B 96 -15.99 8.69 15.23
N ASP B 97 -14.98 8.63 14.37
CA ASP B 97 -15.13 8.25 12.97
C ASP B 97 -15.71 6.82 12.78
N GLU B 98 -15.53 5.95 13.77
CA GLU B 98 -15.96 4.55 13.69
C GLU B 98 -17.34 4.31 14.34
N ALA B 99 -18.05 5.37 14.73
CA ALA B 99 -19.45 5.26 15.18
C ALA B 99 -20.38 4.82 14.05
N ASN B 100 -21.42 4.04 14.38
CA ASN B 100 -22.54 3.69 13.48
C ASN B 100 -22.12 3.06 12.13
N CYS B 101 -21.05 2.27 12.15
CA CYS B 101 -20.52 1.60 10.96
C CYS B 101 -21.38 0.40 10.55
N ARG B 102 -22.16 0.56 9.47
CA ARG B 102 -23.04 -0.49 8.92
C ARG B 102 -22.29 -1.74 8.44
N ARG B 103 -21.01 -1.57 8.10
CA ARG B 103 -19.89 -2.54 8.15
C ARG B 103 -18.58 -1.79 8.42
N ILE B 104 -17.60 -2.49 8.98
CA ILE B 104 -16.21 -2.04 9.08
C ILE B 104 -15.37 -2.84 8.08
N TYR B 105 -14.42 -2.16 7.43
CA TYR B 105 -13.42 -2.81 6.59
C TYR B 105 -12.04 -2.63 7.21
N LYS B 106 -11.38 -3.75 7.51
CA LYS B 106 -9.97 -3.77 7.94
C LYS B 106 -9.03 -3.74 6.73
N LYS B 107 -7.78 -3.33 6.99
CA LYS B 107 -6.70 -3.24 5.98
C LYS B 107 -5.43 -3.98 6.40
N CYS B 108 -4.88 -3.68 7.57
CA CYS B 108 -3.69 -4.35 8.11
C CYS B 108 -3.95 -5.85 8.31
N GLN B 109 -3.27 -6.69 7.53
CA GLN B 109 -3.44 -8.14 7.53
C GLN B 109 -2.79 -8.83 8.75
N HIS B 110 -1.85 -8.14 9.39
CA HIS B 110 -1.03 -8.61 10.50
C HIS B 110 -0.94 -7.52 11.57
N GLU B 111 -0.55 -7.88 12.78
CA GLU B 111 -0.11 -6.87 13.75
C GLU B 111 1.14 -6.16 13.25
N MET B 112 1.26 -4.87 13.53
CA MET B 112 2.31 -4.02 12.99
C MET B 112 2.70 -3.00 14.05
N ASP B 113 3.88 -3.10 14.60
CA ASP B 113 4.34 -2.15 15.61
C ASP B 113 4.46 -0.73 15.04
N GLN B 114 4.25 0.29 15.86
CA GLN B 114 4.82 1.58 15.52
C GLN B 114 6.33 1.46 15.55
N TYR B 115 7.02 2.03 14.57
CA TYR B 115 8.45 2.27 14.72
C TYR B 115 8.73 2.95 16.05
N TRP B 116 9.81 2.58 16.67
CA TRP B 116 10.08 3.02 18.02
C TRP B 116 10.39 4.50 18.06
N GLY B 117 9.79 5.20 19.01
CA GLY B 117 9.93 6.64 19.15
C GLY B 117 9.20 7.45 18.08
N ILE B 118 8.42 6.83 17.19
CA ILE B 118 7.78 7.57 16.10
C ILE B 118 6.74 8.57 16.63
N GLY B 119 6.05 8.23 17.72
CA GLY B 119 5.20 9.19 18.44
C GLY B 119 5.97 10.25 19.21
N SER B 120 7.24 10.01 19.53
CA SER B 120 8.11 10.96 20.21
C SER B 120 8.57 12.05 19.23
N LEU B 121 8.97 11.65 18.03
CA LEU B 121 9.27 12.53 16.89
C LEU B 121 8.10 13.42 16.45
N ALA B 122 6.86 13.02 16.76
CA ALA B 122 5.62 13.73 16.50
C ALA B 122 5.48 15.10 17.17
N SER B 123 6.34 15.43 18.10
CA SER B 123 6.29 16.64 18.91
C SER B 123 7.32 17.67 18.45
N GLY B 124 6.96 18.95 18.52
CA GLY B 124 7.86 20.04 18.10
C GLY B 124 8.93 20.34 19.15
N ILE B 125 10.07 20.92 18.73
CA ILE B 125 11.12 21.31 19.65
C ILE B 125 11.16 22.79 19.93
N ASN B 126 11.39 23.11 21.19
CA ASN B 126 12.03 24.33 21.61
C ASN B 126 13.51 24.20 21.26
N LEU B 127 13.93 24.90 20.21
CA LEU B 127 15.27 24.76 19.67
C LEU B 127 16.36 25.32 20.62
N PHE B 128 15.99 26.12 21.62
CA PHE B 128 16.92 26.85 22.47
C PHE B 128 17.23 26.12 23.77
N THR B 129 16.24 25.49 24.40
CA THR B 129 16.51 24.49 25.45
C THR B 129 16.94 23.15 24.83
N ASN B 130 16.77 22.99 23.51
CA ASN B 130 16.85 21.75 22.75
C ASN B 130 15.99 20.64 23.38
N SER B 131 14.67 20.86 23.40
CA SER B 131 13.72 19.98 24.06
C SER B 131 12.48 19.76 23.21
N PHE B 132 11.98 18.53 23.12
CA PHE B 132 10.60 18.30 22.70
C PHE B 132 9.64 18.91 23.74
N GLU B 133 8.66 19.73 23.31
CA GLU B 133 7.71 20.37 24.22
C GLU B 133 6.34 19.67 24.27
N GLY B 134 5.77 19.29 23.14
CA GLY B 134 4.42 18.71 23.07
C GLY B 134 3.95 18.41 21.66
N PRO B 135 2.78 17.81 21.48
CA PRO B 135 2.42 17.05 20.29
C PRO B 135 1.85 17.88 19.15
N VAL B 136 2.42 17.78 17.95
CA VAL B 136 2.06 18.66 16.83
C VAL B 136 1.54 17.95 15.61
N LEU B 137 1.98 16.73 15.33
CA LEU B 137 1.52 15.95 14.20
C LEU B 137 1.01 14.61 14.68
N ASP B 138 -0.08 14.10 14.13
CA ASP B 138 -0.69 12.89 14.66
C ASP B 138 -0.01 11.63 14.15
N HIS B 139 1.03 11.21 14.85
CA HIS B 139 1.78 9.99 14.52
C HIS B 139 1.05 8.70 14.88
N ARG B 140 -0.25 8.79 15.23
CA ARG B 140 -1.16 7.65 15.30
C ARG B 140 -2.16 7.66 14.15
N TYR B 141 -1.90 8.42 13.08
CA TYR B 141 -2.79 8.55 11.95
C TYR B 141 -2.23 7.79 10.76
N TYR B 142 -3.03 6.97 10.10
CA TYR B 142 -2.52 6.01 9.11
C TYR B 142 -3.17 6.07 7.72
N ALA B 143 -4.11 6.97 7.47
CA ALA B 143 -4.55 7.35 6.12
C ALA B 143 -4.83 6.23 5.13
N GLY B 144 -5.35 5.10 5.58
CA GLY B 144 -5.27 3.85 4.85
C GLY B 144 -4.00 3.12 5.25
N GLY B 145 -2.87 3.44 4.60
CA GLY B 145 -1.55 2.93 5.00
C GLY B 145 -1.46 1.41 4.99
N CYS B 146 -0.96 0.82 6.08
CA CYS B 146 -0.76 -0.63 6.26
C CYS B 146 0.25 -1.28 5.29
N SER B 147 1.11 -0.49 4.64
CA SER B 147 2.18 -1.02 3.79
C SER B 147 3.20 -1.77 4.65
N PRO B 148 3.59 -3.01 4.31
CA PRO B 148 4.46 -3.80 5.16
C PRO B 148 5.89 -3.27 5.14
N HIS B 149 6.39 -2.84 6.28
CA HIS B 149 7.79 -2.48 6.47
C HIS B 149 8.46 -3.39 7.49
N TYR B 150 9.74 -3.71 7.31
CA TYR B 150 10.50 -4.62 8.16
C TYR B 150 11.79 -4.00 8.65
N ILE B 151 12.16 -4.29 9.88
CA ILE B 151 13.49 -4.05 10.44
C ILE B 151 13.85 -5.32 11.22
N LEU B 152 15.04 -5.90 10.96
CA LEU B 152 15.36 -7.28 11.31
C LEU B 152 14.30 -8.26 10.77
N ASN B 153 13.51 -8.87 11.65
CA ASN B 153 12.31 -9.63 11.30
C ASN B 153 11.02 -9.02 11.88
N THR B 154 11.12 -7.96 12.68
CA THR B 154 9.96 -7.22 13.21
C THR B 154 9.27 -6.46 12.08
N ARG B 155 7.93 -6.35 12.08
CA ARG B 155 7.17 -5.60 11.08
C ARG B 155 6.44 -4.40 11.66
N PHE B 156 6.38 -3.32 10.90
CA PHE B 156 5.99 -2.00 11.37
C PHE B 156 4.97 -1.29 10.48
N ARG B 157 4.22 -0.36 11.10
CA ARG B 157 3.29 0.57 10.46
C ARG B 157 3.90 1.98 10.48
N LYS B 158 3.88 2.68 9.33
CA LYS B 158 4.45 4.03 9.18
C LYS B 158 3.36 5.09 9.32
N PRO B 159 3.52 6.07 10.23
CA PRO B 159 2.56 7.16 10.35
C PRO B 159 2.44 7.95 9.06
N TYR B 160 1.23 8.38 8.67
CA TYR B 160 0.98 9.12 7.42
C TYR B 160 1.89 10.33 7.25
N ASN B 161 2.17 11.04 8.33
CA ASN B 161 3.06 12.18 8.36
C ASN B 161 4.52 11.89 7.96
N VAL B 162 5.00 10.65 8.06
CA VAL B 162 6.43 10.30 7.91
C VAL B 162 6.74 9.77 6.51
N GLU B 163 7.75 10.34 5.87
CA GLU B 163 8.23 9.97 4.54
C GLU B 163 9.00 8.68 4.56
N SER B 164 9.97 8.58 5.45
CA SER B 164 10.74 7.37 5.66
C SER B 164 11.20 7.26 7.09
N TYR B 165 11.01 6.08 7.65
CA TYR B 165 11.75 5.59 8.79
C TYR B 165 12.46 4.33 8.31
N THR B 166 13.79 4.35 8.29
CA THR B 166 14.59 3.24 7.78
C THR B 166 15.85 3.09 8.61
N PRO B 167 16.40 1.87 8.82
CA PRO B 167 17.52 1.68 9.74
C PRO B 167 18.77 2.49 9.43
N GLN B 168 19.16 2.65 8.16
CA GLN B 168 20.33 3.47 7.76
C GLN B 168 21.59 3.13 8.62
N THR B 169 21.78 1.84 8.86
CA THR B 169 22.47 1.32 10.05
C THR B 169 23.98 1.49 10.04
N GLN B 170 24.43 2.52 10.74
CA GLN B 170 25.78 3.06 10.68
C GLN B 170 26.35 3.16 12.07
N GLY B 171 27.64 2.93 12.21
CA GLY B 171 28.27 3.06 13.51
C GLY B 171 29.70 3.51 13.43
N LYS B 172 30.06 4.29 14.42
CA LYS B 172 31.36 4.89 14.56
C LYS B 172 31.85 4.54 15.92
N TYR B 173 33.13 4.34 16.02
CA TYR B 173 33.84 4.37 17.28
C TYR B 173 35.07 5.21 17.08
N GLU B 174 35.37 6.04 18.05
CA GLU B 174 36.54 6.88 18.05
C GLU B 174 37.13 6.80 19.41
N PHE B 175 38.41 6.48 19.46
CA PHE B 175 39.17 6.25 20.66
C PHE B 175 40.45 7.05 20.61
N ILE B 176 40.86 7.55 21.74
CA ILE B 176 42.15 8.13 21.95
C ILE B 176 42.60 7.74 23.33
N LEU B 177 43.89 7.48 23.49
CA LEU B 177 44.57 7.38 24.76
C LEU B 177 45.82 8.24 24.63
N LYS B 178 46.18 8.96 25.67
CA LYS B 178 47.33 9.83 25.71
C LYS B 178 48.02 9.65 27.01
N GLU B 179 49.34 9.63 26.98
CA GLU B 179 50.14 9.78 28.16
C GLU B 179 51.21 10.83 27.93
N TYR B 180 51.47 11.60 28.94
CA TYR B 180 52.63 12.48 29.04
C TYR B 180 53.28 12.18 30.37
N GLU B 181 54.60 12.19 30.45
CA GLU B 181 55.32 12.07 31.70
C GLU B 181 56.59 12.90 31.65
N SER B 182 57.00 13.44 32.79
CA SER B 182 58.25 14.18 32.87
C SER B 182 58.80 14.09 34.27
N TYR B 183 60.12 13.98 34.36
CA TYR B 183 60.90 13.64 35.53
C TYR B 183 62.10 14.57 35.62
N SER B 184 62.50 14.95 36.83
CA SER B 184 63.73 15.71 37.03
C SER B 184 64.34 15.39 38.39
N ASP B 185 65.66 15.36 38.49
CA ASP B 185 66.37 15.10 39.74
C ASP B 185 67.70 15.86 39.77
N PHE B 186 67.94 16.67 40.78
CA PHE B 186 69.15 17.48 40.90
C PHE B 186 69.78 17.27 42.27
N GLU B 187 71.08 17.03 42.31
CA GLU B 187 71.84 16.86 43.53
C GLU B 187 73.12 17.69 43.46
N ARG B 188 73.34 18.55 44.46
CA ARG B 188 74.50 19.45 44.53
C ARG B 188 75.10 19.39 45.93
N ASN B 189 76.43 19.33 46.02
CA ASN B 189 77.15 19.10 47.26
C ASN B 189 78.33 20.06 47.39
N VAL B 190 78.82 20.23 48.62
CA VAL B 190 80.05 20.96 48.95
C VAL B 190 80.75 20.24 50.09
N THR B 191 82.08 20.24 50.13
CA THR B 191 82.85 19.81 51.30
C THR B 191 84.15 20.60 51.41
N GLU B 192 84.50 21.06 52.61
CA GLU B 192 85.72 21.82 52.85
C GLU B 192 86.29 21.48 54.22
N LYS B 193 87.61 21.45 54.35
CA LYS B 193 88.31 20.98 55.55
C LYS B 193 89.61 21.74 55.78
N MET B 194 90.05 21.77 57.03
CA MET B 194 91.37 22.28 57.47
C MET B 194 91.82 21.55 58.74
N ALA B 195 93.13 21.40 58.96
CA ALA B 195 93.69 20.93 60.23
C ALA B 195 95.11 21.45 60.50
N SER B 196 95.48 21.62 61.77
CA SER B 196 96.87 21.88 62.20
C SER B 196 97.15 21.35 63.61
N LYS B 197 98.40 20.95 63.88
CA LYS B 197 98.89 20.48 65.17
C LYS B 197 99.69 21.55 65.92
N ASP B 219 96.54 23.11 68.80
CA ASP B 219 95.94 22.31 67.73
C ASP B 219 94.54 22.79 67.31
N ARG B 220 94.15 22.51 66.06
CA ARG B 220 92.91 22.97 65.40
C ARG B 220 92.45 22.02 64.28
N GLY B 221 91.16 22.02 63.97
CA GLY B 221 90.59 21.53 62.73
C GLY B 221 89.19 22.05 62.39
N LYS B 222 88.72 21.82 61.17
CA LYS B 222 87.42 22.27 60.63
C LYS B 222 86.87 21.29 59.59
N HIS B 223 85.54 21.22 59.46
CA HIS B 223 84.86 20.47 58.40
C HIS B 223 83.52 21.15 58.03
N TYR B 224 83.07 20.98 56.80
CA TYR B 224 81.75 21.40 56.35
C TYR B 224 81.19 20.41 55.33
N ILE B 225 79.87 20.20 55.31
CA ILE B 225 79.18 19.38 54.32
C ILE B 225 77.86 20.02 53.91
N ARG B 226 77.51 19.91 52.63
CA ARG B 226 76.10 19.89 52.20
C ARG B 226 75.85 18.74 51.24
N ARG B 227 74.70 18.08 51.36
CA ARG B 227 74.08 17.24 50.34
C ARG B 227 72.68 17.77 50.04
N THR B 228 72.20 17.59 48.82
CA THR B 228 70.85 18.02 48.42
C THR B 228 70.23 17.04 47.42
N LYS B 229 68.90 17.06 47.34
CA LYS B 229 68.08 16.55 46.25
C LYS B 229 66.92 17.51 46.02
N ARG B 230 66.62 17.79 44.77
CA ARG B 230 65.29 18.25 44.34
C ARG B 230 64.77 17.29 43.29
N PHE B 231 63.51 16.93 43.35
CA PHE B 231 62.93 15.96 42.41
C PHE B 231 61.50 16.33 42.03
N SER B 232 61.08 15.92 40.85
CA SER B 232 59.72 16.12 40.36
C SER B 232 59.31 14.98 39.44
N HIS B 233 58.01 14.74 39.38
CA HIS B 233 57.40 13.82 38.45
C HIS B 233 56.01 14.32 38.10
N THR B 234 55.55 14.00 36.91
CA THR B 234 54.24 14.35 36.40
C THR B 234 53.77 13.22 35.52
N LYS B 235 52.46 13.03 35.47
CA LYS B 235 51.82 12.20 34.48
C LYS B 235 50.46 12.77 34.13
N SER B 236 50.03 12.55 32.91
CA SER B 236 48.63 12.52 32.58
C SER B 236 48.33 11.19 31.93
N VAL B 237 47.13 10.70 32.17
CA VAL B 237 46.48 9.77 31.27
C VAL B 237 45.20 10.45 30.84
N PHE B 238 44.93 10.46 29.56
CA PHE B 238 43.64 10.87 29.05
C PHE B 238 43.19 9.78 28.12
N LEU B 239 41.93 9.45 28.21
CA LEU B 239 41.25 8.51 27.37
C LEU B 239 39.92 9.12 27.00
N HIS B 240 39.56 9.03 25.75
CA HIS B 240 38.21 9.31 25.29
C HIS B 240 37.84 8.24 24.33
N ALA B 241 36.65 7.72 24.47
CA ALA B 241 36.07 6.77 23.56
C ALA B 241 34.63 7.18 23.34
N ARG B 242 34.25 7.36 22.10
CA ARG B 242 32.90 7.74 21.73
C ARG B 242 32.46 6.79 20.68
N SER B 243 31.22 6.39 20.78
CA SER B 243 30.56 5.66 19.75
C SER B 243 29.26 6.35 19.47
N ASP B 244 28.96 6.42 18.20
CA ASP B 244 27.72 6.93 17.70
C ASP B 244 27.20 5.81 16.83
N LEU B 245 25.97 5.45 17.05
CA LEU B 245 25.29 4.33 16.45
C LEU B 245 24.00 4.90 15.91
N GLU B 246 23.71 4.66 14.66
CA GLU B 246 22.70 5.40 13.93
C GLU B 246 21.91 4.37 13.18
N VAL B 247 20.90 3.81 13.83
CA VAL B 247 20.19 2.63 13.33
C VAL B 247 18.71 2.90 13.12
N ALA B 248 18.35 4.17 12.95
CA ALA B 248 17.21 4.61 12.16
C ALA B 248 17.41 6.03 11.61
N HIS B 249 16.79 6.35 10.49
CA HIS B 249 16.73 7.69 9.89
C HIS B 249 15.28 8.04 9.61
N TYR B 250 14.82 9.16 10.16
CA TYR B 250 13.46 9.69 10.03
C TYR B 250 13.48 10.89 9.10
N LYS B 251 12.59 10.92 8.12
CA LYS B 251 12.23 12.17 7.46
C LYS B 251 10.72 12.34 7.43
N LEU B 252 10.26 13.48 7.89
CA LEU B 252 8.90 13.95 7.84
C LEU B 252 8.59 14.44 6.44
N LYS B 253 7.35 14.34 6.01
CA LYS B 253 6.94 14.90 4.71
C LYS B 253 7.11 16.43 4.71
N PRO B 254 7.27 17.08 3.53
CA PRO B 254 7.49 18.52 3.47
C PRO B 254 6.23 19.33 3.87
N ARG B 255 5.05 18.93 3.36
CA ARG B 255 3.71 19.43 3.72
C ARG B 255 2.63 18.44 3.29
N SER B 256 1.35 18.83 3.33
CA SER B 256 0.15 17.94 3.37
C SER B 256 0.00 17.18 4.70
N LEU B 257 0.49 17.78 5.77
CA LEU B 257 0.57 17.20 7.09
C LEU B 257 -0.79 17.09 7.81
N MET B 258 -0.93 16.10 8.69
CA MET B 258 -2.12 15.89 9.53
C MET B 258 -1.77 16.12 11.01
N LEU B 259 -2.32 17.17 11.59
CA LEU B 259 -1.92 17.73 12.86
C LEU B 259 -2.49 16.96 14.06
N HIS B 260 -1.75 16.96 15.15
CA HIS B 260 -2.26 16.48 16.42
C HIS B 260 -3.32 17.45 16.96
N TYR B 261 -4.45 16.94 17.43
CA TYR B 261 -5.61 17.80 17.67
C TYR B 261 -5.38 18.83 18.79
N GLU B 262 -4.56 18.53 19.79
CA GLU B 262 -4.25 19.47 20.86
C GLU B 262 -3.50 20.71 20.37
N PHE B 263 -2.58 20.57 19.40
CA PHE B 263 -1.94 21.69 18.70
C PHE B 263 -2.96 22.47 17.87
N LEU B 264 -3.71 21.76 17.03
CA LEU B 264 -4.70 22.32 16.13
C LEU B 264 -5.68 23.21 16.87
N GLN B 265 -6.06 22.81 18.08
CA GLN B 265 -6.97 23.60 18.88
C GLN B 265 -6.34 24.84 19.50
N ARG B 266 -5.06 24.87 19.94
CA ARG B 266 -4.49 26.18 20.26
C ARG B 266 -4.35 27.03 19.00
N VAL B 267 -4.00 26.48 17.84
CA VAL B 267 -3.91 27.30 16.60
C VAL B 267 -5.25 27.95 16.25
N LYS B 268 -6.37 27.21 16.30
CA LYS B 268 -7.71 27.79 16.12
C LYS B 268 -8.08 28.80 17.21
N ARG B 269 -7.37 28.89 18.32
CA ARG B 269 -7.55 29.87 19.43
C ARG B 269 -6.60 31.07 19.35
N LEU B 270 -5.69 31.15 18.38
CA LEU B 270 -4.83 32.32 18.21
C LEU B 270 -5.62 33.54 17.69
N PRO B 271 -5.36 34.78 18.16
CA PRO B 271 -5.94 35.97 17.57
C PRO B 271 -5.39 36.23 16.16
N LEU B 272 -6.20 36.82 15.29
CA LEU B 272 -5.77 37.42 14.03
C LEU B 272 -5.13 38.78 14.29
N GLU B 273 -5.57 39.47 15.33
CA GLU B 273 -4.85 40.61 15.88
C GLU B 273 -3.49 40.18 16.44
N TYR B 274 -2.52 41.09 16.53
CA TYR B 274 -1.21 40.76 17.05
C TYR B 274 -1.03 41.24 18.50
N SER B 275 -0.70 40.29 19.37
CA SER B 275 -0.43 40.49 20.79
C SER B 275 0.32 39.24 21.24
N TYR B 276 1.62 39.38 21.49
CA TYR B 276 2.58 38.27 21.47
C TYR B 276 2.27 37.12 22.46
N GLY B 277 1.70 37.42 23.64
CA GLY B 277 1.46 36.43 24.71
C GLY B 277 0.68 35.16 24.32
N GLU B 278 -0.39 35.24 23.54
CA GLU B 278 -1.13 34.02 23.15
C GLU B 278 -0.33 33.16 22.16
N TYR B 279 0.39 33.79 21.23
CA TYR B 279 1.32 33.11 20.34
C TYR B 279 2.51 32.48 21.10
N ARG B 280 3.04 33.14 22.13
CA ARG B 280 4.08 32.60 23.02
C ARG B 280 3.69 31.25 23.63
N ASP B 281 2.46 31.12 24.10
CA ASP B 281 1.98 29.85 24.67
C ASP B 281 1.97 28.70 23.66
N LEU B 282 1.78 28.95 22.36
CA LEU B 282 1.88 27.86 21.40
C LEU B 282 3.30 27.32 21.35
N PHE B 283 4.32 28.18 21.36
CA PHE B 283 5.72 27.73 21.37
C PHE B 283 6.08 26.99 22.66
N ARG B 284 5.52 27.40 23.80
CA ARG B 284 5.64 26.71 25.07
C ARG B 284 4.98 25.34 25.06
N ASP B 285 3.82 25.21 24.45
CA ASP B 285 3.02 23.99 24.46
C ASP B 285 3.41 23.00 23.38
N PHE B 286 3.91 23.50 22.25
CA PHE B 286 4.11 22.73 21.03
C PHE B 286 5.48 22.93 20.36
N GLY B 287 6.38 23.71 20.94
CA GLY B 287 7.74 23.95 20.42
C GLY B 287 7.80 25.10 19.42
N THR B 288 9.02 25.55 19.11
CA THR B 288 9.28 26.63 18.15
C THR B 288 9.32 26.12 16.71
N HIS B 289 9.87 24.94 16.49
CA HIS B 289 10.09 24.32 15.17
C HIS B 289 9.60 22.89 15.16
N TYR B 290 9.17 22.37 14.03
CA TYR B 290 8.85 20.96 13.89
C TYR B 290 10.00 20.17 13.25
N ILE B 291 10.22 18.94 13.73
CA ILE B 291 11.32 18.08 13.33
C ILE B 291 11.02 17.43 11.98
N THR B 292 11.81 17.80 10.96
CA THR B 292 11.60 17.39 9.58
C THR B 292 12.56 16.32 9.10
N GLU B 293 13.84 16.34 9.48
CA GLU B 293 14.73 15.20 9.21
C GLU B 293 15.64 14.94 10.40
N ALA B 294 15.74 13.69 10.85
CA ALA B 294 16.51 13.32 12.03
C ALA B 294 17.18 11.97 11.84
N VAL B 295 18.40 11.83 12.32
CA VAL B 295 19.09 10.53 12.45
C VAL B 295 18.96 10.05 13.89
N LEU B 296 18.62 8.79 14.05
CA LEU B 296 18.07 8.20 15.27
C LEU B 296 18.96 7.05 15.65
N GLY B 297 19.39 7.19 16.87
CA GLY B 297 20.64 6.66 17.30
C GLY B 297 20.72 6.33 18.76
N GLY B 298 21.86 5.74 19.01
CA GLY B 298 22.43 5.69 20.31
C GLY B 298 23.81 6.33 20.23
N ILE B 299 24.22 6.90 21.33
CA ILE B 299 25.53 7.46 21.54
C ILE B 299 26.01 6.77 22.79
N TYR B 300 27.28 6.44 22.84
CA TYR B 300 27.97 6.00 24.03
C TYR B 300 29.27 6.76 24.10
N GLU B 301 29.26 7.91 24.75
CA GLU B 301 30.46 8.66 25.03
C GLU B 301 31.01 8.25 26.36
N TYR B 302 32.31 8.01 26.41
CA TYR B 302 33.08 7.76 27.61
C TYR B 302 34.30 8.65 27.57
N THR B 303 34.60 9.33 28.65
CA THR B 303 35.85 10.06 28.83
C THR B 303 36.42 9.76 30.19
N LEU B 304 37.72 9.54 30.26
CA LEU B 304 38.49 9.42 31.48
C LEU B 304 39.68 10.35 31.38
N VAL B 305 39.82 11.23 32.36
CA VAL B 305 40.80 12.30 32.34
C VAL B 305 41.53 12.26 33.65
N MET B 306 42.85 12.16 33.60
CA MET B 306 43.67 12.06 34.79
C MET B 306 44.87 12.97 34.67
N ASN B 307 45.14 13.68 35.76
CA ASN B 307 46.37 14.42 35.97
C ASN B 307 46.94 13.99 37.31
N LYS B 308 48.24 13.68 37.33
CA LYS B 308 48.96 13.16 38.47
C LYS B 308 50.28 13.89 38.59
N GLU B 309 50.67 14.18 39.82
CA GLU B 309 51.89 14.91 40.09
C GLU B 309 52.55 14.35 41.33
N ALA B 310 53.86 14.44 41.36
CA ALA B 310 54.63 14.17 42.55
C ALA B 310 55.82 15.12 42.61
N MET B 311 56.24 15.45 43.81
CA MET B 311 57.43 16.26 44.08
C MET B 311 58.14 15.80 45.34
N GLU B 312 59.44 16.08 45.42
CA GLU B 312 60.24 15.92 46.64
C GLU B 312 61.33 16.99 46.75
N ARG B 313 61.73 17.29 47.98
CA ARG B 313 62.97 18.00 48.34
C ARG B 313 63.62 17.28 49.50
N GLY B 314 64.93 17.06 49.42
CA GLY B 314 65.79 16.59 50.50
C GLY B 314 67.02 17.47 50.63
N ASP B 315 67.45 17.79 51.84
CA ASP B 315 68.53 18.72 52.11
C ASP B 315 69.16 18.38 53.48
N TYR B 316 70.47 18.35 53.54
CA TYR B 316 71.25 17.82 54.64
C TYR B 316 72.56 18.58 54.74
N THR B 317 72.89 19.13 55.91
CA THR B 317 74.13 19.90 56.10
C THR B 317 74.73 19.73 57.47
N LEU B 318 76.05 19.87 57.54
CA LEU B 318 76.87 19.81 58.75
C LEU B 318 77.92 20.91 58.75
N ASN B 319 78.36 21.32 59.94
CA ASN B 319 79.52 22.17 60.17
C ASN B 319 80.24 21.71 61.46
N ASN B 320 81.57 21.67 61.47
CA ASN B 320 82.39 21.25 62.60
C ASN B 320 83.59 22.19 62.81
N VAL B 321 83.94 22.44 64.07
CA VAL B 321 85.17 23.08 64.50
C VAL B 321 85.77 22.31 65.67
N HIS B 322 87.10 22.20 65.70
CA HIS B 322 87.90 21.59 66.75
C HIS B 322 89.11 22.48 67.08
N ALA B 323 89.51 22.53 68.35
CA ALA B 323 90.52 23.45 68.88
C ALA B 323 91.43 22.77 69.92
N ARG B 350 88.80 21.46 72.79
CA ARG B 350 87.42 21.94 72.66
C ARG B 350 86.86 21.70 71.26
N GLY B 351 85.56 21.45 71.11
CA GLY B 351 84.92 21.23 69.80
C GLY B 351 83.40 21.36 69.75
N ILE B 352 82.87 21.58 68.55
CA ILE B 352 81.45 21.84 68.27
C ILE B 352 81.01 21.15 66.95
N LEU B 353 79.79 20.64 66.93
CA LEU B 353 79.10 20.01 65.80
C LEU B 353 77.72 20.67 65.59
N ASN B 354 77.38 20.94 64.34
CA ASN B 354 76.03 21.27 63.88
C ASN B 354 75.61 20.26 62.79
N GLU B 355 74.37 19.79 62.80
CA GLU B 355 73.80 18.92 61.75
C GLU B 355 72.30 19.21 61.55
N ILE B 356 71.82 19.15 60.30
CA ILE B 356 70.45 19.47 59.89
C ILE B 356 69.97 18.46 58.85
N LYS B 357 68.67 18.09 58.88
CA LYS B 357 67.98 17.45 57.76
C LYS B 357 66.62 18.09 57.51
N ASP B 358 66.22 18.20 56.25
CA ASP B 358 64.94 18.69 55.78
C ASP B 358 64.49 17.83 54.59
N ARG B 359 63.40 17.07 54.74
CA ARG B 359 62.89 16.09 53.77
C ARG B 359 61.39 16.24 53.58
N ASN B 360 60.93 16.19 52.33
CA ASN B 360 59.58 16.58 51.94
C ASN B 360 59.09 15.73 50.76
N LYS B 361 57.80 15.40 50.73
CA LYS B 361 57.15 14.69 49.62
C LYS B 361 55.70 15.15 49.44
N ARG B 362 55.25 15.21 48.20
CA ARG B 362 53.86 15.35 47.79
C ARG B 362 53.54 14.41 46.65
N ASP B 363 52.33 13.88 46.64
CA ASP B 363 51.71 13.11 45.58
C ASP B 363 50.25 13.56 45.44
N THR B 364 49.75 13.66 44.23
CA THR B 364 48.33 13.92 43.98
C THR B 364 47.84 13.31 42.69
N MET B 365 46.55 13.00 42.66
CA MET B 365 45.78 12.75 41.46
C MET B 365 44.51 13.59 41.48
N VAL B 366 44.19 14.18 40.35
CA VAL B 366 42.84 14.59 40.00
C VAL B 366 42.39 13.75 38.83
N GLU B 367 41.24 13.12 38.95
CA GLU B 367 40.62 12.33 37.92
C GLU B 367 39.14 12.65 37.76
N ASP B 368 38.70 12.76 36.52
CA ASP B 368 37.29 12.93 36.13
C ASP B 368 36.93 11.90 35.07
N LEU B 369 35.71 11.40 35.14
CA LEU B 369 35.13 10.49 34.20
C LEU B 369 33.69 10.90 33.95
N VAL B 370 33.29 10.89 32.70
CA VAL B 370 31.92 11.17 32.28
C VAL B 370 31.52 10.13 31.26
N VAL B 371 30.30 9.68 31.38
CA VAL B 371 29.70 8.76 30.43
C VAL B 371 28.32 9.29 30.08
N LEU B 372 27.98 9.34 28.82
CA LEU B 372 26.65 9.72 28.35
C LEU B 372 26.21 8.64 27.41
N VAL B 373 24.99 8.17 27.57
CA VAL B 373 24.41 7.17 26.71
C VAL B 373 22.99 7.54 26.40
N ARG B 374 22.60 7.45 25.14
CA ARG B 374 21.38 8.11 24.67
C ARG B 374 20.63 7.23 23.69
N GLY B 375 20.28 6.04 24.13
CA GLY B 375 19.36 5.13 23.45
C GLY B 375 19.62 3.70 23.95
N GLY B 376 18.61 2.84 23.97
CA GLY B 376 18.73 1.52 24.61
C GLY B 376 17.65 1.19 25.64
N ALA B 377 17.87 0.16 26.46
CA ALA B 377 16.95 -0.30 27.49
C ALA B 377 17.64 -0.29 28.86
N SER B 378 16.89 -0.03 29.93
CA SER B 378 17.42 0.44 31.22
C SER B 378 18.45 -0.50 31.85
N GLU B 379 18.34 -1.82 31.66
CA GLU B 379 19.33 -2.79 32.15
C GLU B 379 20.71 -2.65 31.52
N HIS B 380 20.75 -2.40 30.20
CA HIS B 380 21.98 -2.16 29.46
C HIS B 380 22.50 -0.80 29.81
N ILE B 381 21.62 0.19 29.78
CA ILE B 381 21.93 1.58 30.00
C ILE B 381 22.65 1.78 31.33
N THR B 382 22.16 1.19 32.44
CA THR B 382 22.87 1.28 33.72
C THR B 382 24.23 0.60 33.69
N THR B 383 24.38 -0.58 33.11
CA THR B 383 25.69 -1.26 33.10
C THR B 383 26.70 -0.54 32.22
N LEU B 384 26.30 0.08 31.12
CA LEU B 384 27.15 0.96 30.34
C LEU B 384 27.55 2.20 31.11
N ALA B 385 26.61 2.72 31.87
CA ALA B 385 26.73 3.92 32.69
C ALA B 385 27.67 3.68 33.88
N TYR B 386 28.02 2.43 34.14
CA TYR B 386 28.97 2.05 35.17
C TYR B 386 30.36 2.65 34.88
N GLN B 387 31.16 2.87 35.92
CA GLN B 387 32.43 3.58 35.76
C GLN B 387 33.47 2.86 34.87
N GLU B 388 33.40 1.53 34.74
CA GLU B 388 34.36 0.76 33.95
C GLU B 388 34.04 0.73 32.44
N LEU B 389 35.09 0.88 31.64
CA LEU B 389 35.07 0.72 30.19
C LEU B 389 34.32 -0.56 29.79
N PRO B 390 33.26 -0.48 28.99
CA PRO B 390 32.30 -1.57 28.88
C PRO B 390 32.85 -2.77 28.13
N THR B 391 32.81 -3.95 28.75
CA THR B 391 33.09 -5.21 28.06
C THR B 391 32.15 -5.38 26.88
N ALA B 392 32.68 -5.79 25.73
CA ALA B 392 31.98 -5.75 24.46
C ALA B 392 30.65 -6.51 24.39
N ASP B 393 30.37 -7.42 25.33
CA ASP B 393 29.04 -8.02 25.47
C ASP B 393 27.96 -6.98 25.83
N LEU B 394 28.28 -6.15 26.82
CA LEU B 394 27.40 -5.03 27.25
C LEU B 394 27.15 -4.20 26.02
N MET B 395 28.23 -3.69 25.42
CA MET B 395 28.14 -2.86 24.22
C MET B 395 27.26 -3.50 23.17
N GLN B 396 27.30 -4.81 23.02
CA GLN B 396 26.47 -5.49 22.05
C GLN B 396 25.00 -5.40 22.44
N GLU B 397 24.69 -5.77 23.68
CA GLU B 397 23.30 -5.79 24.14
C GLU B 397 22.70 -4.38 24.23
N TRP B 398 23.53 -3.37 24.52
CA TRP B 398 23.13 -1.97 24.42
C TRP B 398 22.73 -1.56 23.02
N GLY B 399 23.57 -1.84 22.03
CA GLY B 399 23.27 -1.43 20.68
C GLY B 399 22.05 -2.18 20.17
N ASP B 400 21.88 -3.44 20.56
CA ASP B 400 20.71 -4.19 20.18
C ASP B 400 19.43 -3.52 20.70
N ALA B 401 19.47 -2.94 21.89
CA ALA B 401 18.33 -2.20 22.44
C ALA B 401 18.19 -0.77 21.89
N VAL B 402 19.25 -0.12 21.40
CA VAL B 402 19.15 1.16 20.69
C VAL B 402 18.21 1.03 19.51
N GLN B 403 18.16 -0.13 18.87
CA GLN B 403 17.21 -0.41 17.80
C GLN B 403 15.76 -0.19 18.24
N TYR B 404 15.45 -0.36 19.53
CA TYR B 404 14.11 -0.31 20.11
C TYR B 404 13.82 0.96 20.89
N ASN B 405 14.81 1.80 21.18
CA ASN B 405 14.61 3.09 21.84
C ASN B 405 15.76 4.06 21.53
N PRO B 406 15.73 4.75 20.38
CA PRO B 406 16.74 5.72 20.02
C PRO B 406 16.54 7.08 20.68
N ALA B 407 17.61 7.87 20.79
CA ALA B 407 17.54 9.32 20.85
C ALA B 407 17.76 9.95 19.45
N ILE B 408 17.39 11.24 19.29
CA ILE B 408 17.82 12.04 18.14
C ILE B 408 19.31 12.38 18.26
N ILE B 409 20.07 12.07 17.22
CA ILE B 409 21.51 12.34 17.13
C ILE B 409 21.78 13.70 16.50
N LYS B 410 21.28 13.89 15.27
CA LYS B 410 21.33 15.14 14.50
C LYS B 410 19.99 15.35 13.81
N VAL B 411 19.51 16.59 13.78
CA VAL B 411 18.17 16.94 13.28
C VAL B 411 18.09 18.30 12.60
N LYS B 412 17.34 18.35 11.49
CA LYS B 412 17.00 19.52 10.69
C LYS B 412 15.52 19.82 10.88
N VAL B 413 15.23 21.05 11.24
CA VAL B 413 13.92 21.50 11.74
C VAL B 413 13.39 22.67 10.91
N GLU B 414 12.07 22.77 10.80
CA GLU B 414 11.39 23.85 10.08
C GLU B 414 10.53 24.68 11.03
N PRO B 415 10.38 25.99 10.82
CA PRO B 415 9.61 26.84 11.71
C PRO B 415 8.12 26.49 11.65
N LEU B 416 7.47 26.49 12.82
CA LEU B 416 6.17 25.85 13.00
C LEU B 416 5.06 26.46 12.13
N TYR B 417 5.19 27.73 11.73
CA TYR B 417 4.22 28.42 10.87
C TYR B 417 4.03 27.76 9.49
N GLU B 418 4.96 26.92 9.02
CA GLU B 418 4.77 26.15 7.79
C GLU B 418 3.74 25.05 7.99
N LEU B 419 3.42 24.66 9.23
CA LEU B 419 2.26 23.82 9.52
C LEU B 419 0.94 24.58 9.31
N VAL B 420 0.87 25.84 9.77
CA VAL B 420 -0.33 26.66 9.67
C VAL B 420 -0.71 26.81 8.20
N THR B 421 -1.88 26.36 7.78
CA THR B 421 -2.20 26.20 6.36
C THR B 421 -3.67 26.48 6.07
N ALA B 422 -3.98 26.99 4.88
CA ALA B 422 -5.32 27.42 4.47
C ALA B 422 -6.34 26.27 4.39
N THR B 423 -5.90 25.04 4.14
CA THR B 423 -6.79 23.87 4.23
C THR B 423 -7.14 23.47 5.69
N ASP B 424 -6.48 24.06 6.69
CA ASP B 424 -6.64 23.75 8.11
C ASP B 424 -7.18 24.89 8.96
N PHE B 425 -6.92 26.16 8.61
CA PHE B 425 -7.32 27.33 9.41
C PHE B 425 -7.89 28.48 8.57
N ALA B 426 -8.89 29.20 9.10
CA ALA B 426 -9.37 30.47 8.54
C ALA B 426 -8.39 31.61 8.80
N TYR B 427 -8.33 32.60 7.90
CA TYR B 427 -7.41 33.74 7.98
C TYR B 427 -5.94 33.33 8.19
N SER B 428 -5.60 32.14 7.69
CA SER B 428 -4.33 31.43 7.88
C SER B 428 -3.14 32.35 7.66
N SER B 429 -3.11 33.12 6.58
CA SER B 429 -1.94 33.91 6.23
C SER B 429 -1.63 35.00 7.25
N THR B 430 -2.65 35.57 7.88
CA THR B 430 -2.48 36.50 9.02
C THR B 430 -1.93 35.76 10.23
N VAL B 431 -2.47 34.57 10.53
CA VAL B 431 -1.94 33.72 11.60
C VAL B 431 -0.48 33.39 11.32
N ARG B 432 -0.10 33.09 10.07
CA ARG B 432 1.31 32.89 9.72
C ARG B 432 2.15 34.12 10.00
N GLN B 433 1.79 35.28 9.49
CA GLN B 433 2.60 36.51 9.64
C GLN B 433 2.77 36.87 11.12
N ASN B 434 1.67 36.76 11.87
CA ASN B 434 1.69 36.93 13.32
C ASN B 434 2.66 35.94 13.94
N MET B 435 2.54 34.68 13.59
CA MET B 435 3.32 33.60 14.18
C MET B 435 4.81 33.79 13.87
N LYS B 436 5.18 34.15 12.64
CA LYS B 436 6.55 34.52 12.26
C LYS B 436 7.10 35.63 13.15
N GLN B 437 6.35 36.71 13.37
CA GLN B 437 6.83 37.77 14.25
C GLN B 437 6.96 37.27 15.69
N ALA B 438 5.96 36.57 16.19
CA ALA B 438 5.99 36.03 17.53
C ALA B 438 7.15 35.06 17.71
N LEU B 439 7.47 34.27 16.70
CA LEU B 439 8.55 33.30 16.71
C LEU B 439 9.91 33.98 16.88
N GLU B 440 10.11 35.10 16.19
CA GLU B 440 11.30 35.91 16.35
C GLU B 440 11.38 36.53 17.76
N GLU B 441 10.28 37.09 18.25
CA GLU B 441 10.24 37.64 19.60
C GLU B 441 10.46 36.52 20.65
N PHE B 442 9.93 35.33 20.41
CA PHE B 442 10.08 34.19 21.31
C PHE B 442 11.50 33.71 21.36
N GLN B 443 12.18 33.55 20.23
CA GLN B 443 13.61 33.26 20.20
C GLN B 443 14.41 34.25 21.07
N LYS B 444 14.07 35.55 21.05
CA LYS B 444 14.74 36.52 21.91
C LYS B 444 14.45 36.27 23.39
N GLU B 445 13.29 35.74 23.74
CA GLU B 445 13.03 35.33 25.12
C GLU B 445 13.73 34.02 25.50
N VAL B 446 13.60 32.95 24.72
CA VAL B 446 14.14 31.63 25.11
C VAL B 446 15.66 31.49 25.00
N SER B 447 16.31 32.24 24.11
CA SER B 447 17.78 32.23 24.02
C SER B 447 18.43 32.60 25.37
N SER B 448 19.46 31.85 25.78
CA SER B 448 19.91 31.83 27.18
C SER B 448 20.50 33.14 27.70
N CYS B 449 20.80 34.08 26.80
CA CYS B 449 21.72 35.19 26.99
C CYS B 449 21.44 36.07 28.22
N HIS B 450 20.18 36.12 28.67
CA HIS B 450 19.75 36.85 29.87
C HIS B 450 20.43 36.35 31.15
N CYS B 451 20.82 35.07 31.17
CA CYS B 451 21.27 34.37 32.35
C CYS B 451 22.67 34.79 32.81
N ALA B 452 22.82 35.22 34.06
CA ALA B 452 24.12 35.60 34.61
C ALA B 452 25.07 34.39 34.62
N PRO B 453 26.39 34.59 34.43
CA PRO B 453 27.31 33.50 34.20
C PRO B 453 27.45 32.56 35.39
N CYS B 454 27.44 31.26 35.11
CA CYS B 454 27.76 30.20 36.07
C CYS B 454 29.24 30.26 36.50
N GLN B 455 29.53 29.92 37.76
CA GLN B 455 30.90 29.63 38.19
C GLN B 455 31.34 28.23 37.69
N GLY B 456 32.63 27.89 37.80
CA GLY B 456 33.14 26.55 37.48
C GLY B 456 32.92 26.11 36.03
N ASN B 457 32.80 27.06 35.09
CA ASN B 457 32.43 26.83 33.69
C ASN B 457 31.06 26.14 33.48
N GLY B 458 30.11 26.32 34.41
CA GLY B 458 28.77 25.75 34.30
C GLY B 458 27.98 26.26 33.08
N VAL B 459 27.00 25.47 32.62
CA VAL B 459 26.21 25.76 31.42
C VAL B 459 24.76 26.09 31.79
N PRO B 460 24.22 27.25 31.41
CA PRO B 460 22.81 27.57 31.56
C PRO B 460 21.97 27.01 30.39
N VAL B 461 20.73 26.56 30.65
CA VAL B 461 19.78 26.10 29.60
C VAL B 461 18.41 26.80 29.64
N LEU B 462 18.09 27.52 30.72
CA LEU B 462 16.91 28.40 30.84
C LEU B 462 15.58 27.70 30.47
N LYS B 463 15.24 26.64 31.22
CA LYS B 463 13.93 25.99 31.15
C LYS B 463 12.85 26.90 31.73
N GLY B 464 11.62 26.80 31.25
CA GLY B 464 10.49 27.55 31.81
C GLY B 464 10.80 29.05 31.89
N SER B 465 10.89 29.59 33.10
CA SER B 465 11.33 30.96 33.35
C SER B 465 12.39 31.04 34.45
N ARG B 466 13.15 29.96 34.65
CA ARG B 466 14.27 29.88 35.59
C ARG B 466 15.55 29.50 34.84
N CYS B 467 16.66 30.15 35.17
CA CYS B 467 17.97 29.73 34.70
C CYS B 467 18.68 28.98 35.82
N ASP B 468 19.05 27.74 35.52
CA ASP B 468 19.76 26.83 36.42
C ASP B 468 21.10 26.43 35.79
N CYS B 469 22.20 26.70 36.48
CA CYS B 469 23.54 26.35 36.01
C CYS B 469 23.81 24.86 36.17
N ILE B 470 23.89 24.13 35.07
CA ILE B 470 24.34 22.74 35.06
C ILE B 470 25.82 22.73 35.46
N CYS B 471 26.18 21.95 36.48
CA CYS B 471 27.54 21.91 36.99
C CYS B 471 28.32 20.72 36.40
N PRO B 472 29.54 20.92 35.87
CA PRO B 472 30.43 19.84 35.45
C PRO B 472 30.85 18.92 36.61
N VAL B 473 31.55 17.84 36.29
CA VAL B 473 32.30 17.08 37.28
C VAL B 473 33.29 18.00 38.01
N GLY B 474 33.38 17.90 39.34
CA GLY B 474 34.38 18.58 40.15
C GLY B 474 34.00 19.97 40.68
N SER B 475 32.77 20.46 40.47
CA SER B 475 32.24 21.65 41.15
C SER B 475 30.73 21.55 41.39
N GLN B 476 30.22 22.16 42.47
CA GLN B 476 28.88 21.94 43.04
C GLN B 476 28.25 23.24 43.58
N GLY B 477 26.99 23.19 43.98
CA GLY B 477 26.22 24.31 44.53
C GLY B 477 25.38 25.06 43.49
N LEU B 478 24.55 26.01 43.93
CA LEU B 478 23.54 26.67 43.06
C LEU B 478 24.17 27.36 41.83
N ALA B 479 25.26 28.09 42.04
CA ALA B 479 26.03 28.76 40.99
C ALA B 479 27.22 27.92 40.46
N CYS B 480 27.35 26.65 40.88
CA CYS B 480 28.51 25.79 40.63
C CYS B 480 29.85 26.30 41.21
N GLU B 481 29.81 26.97 42.38
CA GLU B 481 30.99 27.52 43.06
C GLU B 481 31.87 26.47 43.77
N VAL B 482 31.25 25.51 44.46
CA VAL B 482 31.89 24.70 45.50
C VAL B 482 32.77 23.60 44.88
N SER B 483 34.08 23.77 44.99
CA SER B 483 35.11 22.83 44.50
C SER B 483 36.36 22.82 45.38
N TYR B 484 37.09 21.70 45.39
CA TYR B 484 38.44 21.60 45.96
C TYR B 484 39.53 22.24 45.06
N ARG B 485 39.24 22.48 43.78
CA ARG B 485 40.22 22.84 42.74
C ARG B 485 40.60 24.33 42.77
N LYS B 486 41.81 24.65 42.30
CA LYS B 486 42.32 26.02 42.28
C LYS B 486 41.62 26.91 41.26
N ASN B 487 41.52 26.43 40.01
CA ASN B 487 41.00 27.18 38.86
C ASN B 487 40.45 26.25 37.77
N THR B 488 39.60 26.79 36.90
CA THR B 488 38.97 26.08 35.76
C THR B 488 38.91 26.96 34.52
N PRO B 489 39.31 26.49 33.33
CA PRO B 489 39.12 27.22 32.08
C PRO B 489 37.64 27.54 31.80
N ILE B 490 37.34 28.78 31.39
CA ILE B 490 35.98 29.26 31.06
C ILE B 490 35.77 29.35 29.54
N ASP B 491 34.63 28.88 29.04
CA ASP B 491 34.22 28.99 27.64
C ASP B 491 33.29 30.20 27.41
N GLY B 492 33.54 30.98 26.36
CA GLY B 492 32.83 32.25 26.12
C GLY B 492 31.44 32.12 25.48
N LYS B 493 30.56 33.07 25.82
CA LYS B 493 29.24 33.33 25.19
C LYS B 493 28.91 34.81 25.34
N TRP B 494 28.19 35.42 24.39
CA TRP B 494 27.85 36.85 24.46
C TRP B 494 26.71 37.19 25.43
N ASN B 495 26.57 38.49 25.73
CA ASN B 495 25.32 39.08 26.16
C ASN B 495 24.21 38.96 25.08
N CYS B 496 22.98 39.34 25.43
CA CYS B 496 21.92 39.42 24.43
C CYS B 496 22.26 40.51 23.40
N TRP B 497 22.01 40.22 22.12
CA TRP B 497 22.35 41.14 21.03
C TRP B 497 21.41 42.35 20.98
N SER B 498 21.96 43.53 20.65
CA SER B 498 21.16 44.76 20.44
C SER B 498 20.17 44.56 19.30
N ASN B 499 18.94 45.05 19.47
CA ASN B 499 17.78 44.50 18.74
C ASN B 499 17.80 44.78 17.24
N TRP B 500 17.97 46.05 16.86
CA TRP B 500 18.36 46.55 15.54
C TRP B 500 18.77 48.02 15.67
N SER B 501 19.57 48.51 14.73
CA SER B 501 19.65 49.94 14.38
C SER B 501 18.51 50.34 13.41
N SER B 502 18.56 51.55 12.84
CA SER B 502 17.56 52.05 11.87
C SER B 502 17.44 51.22 10.58
N CYS B 503 16.39 51.46 9.79
CA CYS B 503 16.26 50.96 8.41
C CYS B 503 17.28 51.62 7.44
N SER B 504 17.24 51.26 6.16
CA SER B 504 18.25 51.64 5.14
C SER B 504 19.66 51.11 5.47
N GLY B 505 19.74 49.83 5.85
CA GLY B 505 20.92 49.14 6.35
C GLY B 505 20.93 49.06 7.89
N ARG B 506 20.83 47.84 8.43
CA ARG B 506 20.49 47.56 9.84
C ARG B 506 21.50 46.63 10.51
N ARG B 507 21.86 46.91 11.76
CA ARG B 507 23.01 46.35 12.50
C ARG B 507 22.62 45.84 13.89
N LYS B 508 23.26 44.75 14.32
CA LYS B 508 23.13 44.10 15.63
C LYS B 508 24.52 43.86 16.20
N THR B 509 24.71 44.06 17.50
CA THR B 509 26.03 44.08 18.16
C THR B 509 26.02 43.32 19.49
N ARG B 510 27.17 42.70 19.86
CA ARG B 510 27.33 41.78 21.05
C ARG B 510 28.68 41.99 21.77
N GLN B 511 28.69 41.78 23.09
CA GLN B 511 29.82 41.93 24.02
C GLN B 511 29.91 40.71 24.97
N ARG B 512 31.04 40.52 25.68
CA ARG B 512 31.33 39.35 26.53
C ARG B 512 31.87 39.75 27.92
N GLN B 513 31.46 40.91 28.44
CA GLN B 513 32.21 41.66 29.46
C GLN B 513 32.58 40.83 30.72
N CYS B 514 31.60 40.17 31.33
CA CYS B 514 31.81 39.16 32.37
C CYS B 514 32.14 37.76 31.84
N ASN B 515 31.54 37.40 30.70
CA ASN B 515 31.51 36.07 30.10
C ASN B 515 32.88 35.58 29.61
N ASN B 516 33.78 36.51 29.27
CA ASN B 516 34.97 36.30 28.48
C ASN B 516 35.93 35.19 28.98
N PRO B 517 36.67 34.50 28.09
CA PRO B 517 37.65 33.49 28.48
C PRO B 517 38.87 33.94 29.31
N PRO B 518 39.48 35.14 29.15
CA PRO B 518 40.78 35.44 29.77
C PRO B 518 40.90 35.28 31.29
N PRO B 519 39.89 35.60 32.12
CA PRO B 519 39.94 35.29 33.55
C PRO B 519 40.17 33.80 33.79
N GLN B 520 41.17 33.46 34.59
CA GLN B 520 41.64 32.09 34.85
C GLN B 520 41.90 31.25 33.57
N ASN B 521 42.33 31.89 32.48
CA ASN B 521 42.87 31.27 31.26
C ASN B 521 41.91 30.26 30.58
N GLY B 522 40.77 30.76 30.13
CA GLY B 522 39.72 29.99 29.46
C GLY B 522 39.99 29.53 28.01
N GLY B 523 38.95 28.96 27.40
CA GLY B 523 38.96 28.37 26.06
C GLY B 523 38.51 29.34 24.95
N SER B 524 37.73 28.84 23.99
CA SER B 524 37.23 29.63 22.85
C SER B 524 36.27 30.76 23.29
N PRO B 525 36.38 31.96 22.69
CA PRO B 525 35.46 33.07 22.96
C PRO B 525 34.18 33.06 22.10
N CYS B 526 34.11 32.22 21.05
CA CYS B 526 33.24 32.51 19.91
C CYS B 526 32.68 31.27 19.18
N SER B 527 31.53 31.44 18.53
CA SER B 527 30.85 30.43 17.70
C SER B 527 30.13 31.02 16.46
N GLY B 528 30.23 32.35 16.32
CA GLY B 528 29.54 33.11 15.25
C GLY B 528 30.06 34.54 15.12
N PRO B 529 29.34 35.44 14.43
CA PRO B 529 29.84 36.79 14.22
C PRO B 529 29.65 37.89 15.26
N ALA B 530 30.74 38.34 15.90
CA ALA B 530 30.79 39.34 16.99
C ALA B 530 30.06 40.66 16.68
N SER B 531 29.50 40.78 15.48
CA SER B 531 28.69 41.90 14.99
C SER B 531 28.04 41.49 13.66
N GLU B 532 26.87 42.04 13.35
CA GLU B 532 25.98 41.49 12.34
C GLU B 532 25.22 42.61 11.62
N THR B 533 25.08 42.57 10.29
CA THR B 533 24.33 43.61 9.55
C THR B 533 23.70 43.11 8.25
N LEU B 534 22.58 43.72 7.87
CA LEU B 534 21.68 43.31 6.80
C LEU B 534 21.01 44.50 6.09
N ASP B 535 20.45 44.25 4.91
CA ASP B 535 19.49 45.14 4.26
C ASP B 535 18.19 45.24 5.07
N CYS B 536 17.50 46.36 5.00
CA CYS B 536 16.17 46.51 5.61
C CYS B 536 15.08 45.74 4.85
N SER B 537 15.25 45.55 3.53
CA SER B 537 14.32 44.81 2.66
C SER B 537 15.00 44.33 1.38
N ALA C 1 28.45 20.49 74.12
CA ALA C 1 27.32 20.73 73.19
C ALA C 1 26.23 21.58 73.88
N ALA C 2 25.50 22.39 73.11
CA ALA C 2 24.46 23.27 73.63
C ALA C 2 23.25 22.50 74.21
N THR C 3 22.66 23.04 75.28
CA THR C 3 21.47 22.47 75.94
C THR C 3 20.20 22.51 75.07
N PRO C 4 19.28 21.54 75.23
CA PRO C 4 18.06 21.44 74.44
C PRO C 4 17.07 22.60 74.69
N ALA C 5 16.19 22.86 73.71
CA ALA C 5 15.17 23.91 73.70
C ALA C 5 13.74 23.35 73.55
N ALA C 6 13.49 22.15 74.06
CA ALA C 6 12.20 21.47 74.03
C ALA C 6 11.06 22.29 74.68
N VAL C 7 9.91 22.39 74.02
CA VAL C 7 8.71 23.09 74.51
C VAL C 7 7.45 22.36 74.05
N THR C 8 6.42 22.33 74.89
CA THR C 8 5.11 21.76 74.54
C THR C 8 4.44 22.55 73.41
N CYS C 9 3.75 21.86 72.53
CA CYS C 9 3.08 22.44 71.37
C CYS C 9 1.95 23.41 71.79
N GLN C 10 1.77 24.50 71.05
CA GLN C 10 0.61 25.39 71.17
C GLN C 10 -0.11 25.56 69.83
N LEU C 11 -1.41 25.31 69.82
CA LEU C 11 -2.32 25.99 68.90
C LEU C 11 -2.88 27.28 69.52
N SER C 12 -3.42 28.16 68.68
CA SER C 12 -4.08 29.40 69.09
C SER C 12 -5.42 29.14 69.79
N ASN C 13 -6.00 30.17 70.39
CA ASN C 13 -7.44 30.21 70.63
C ASN C 13 -8.20 30.07 69.29
N TRP C 14 -9.40 29.48 69.30
CA TRP C 14 -10.22 29.37 68.10
C TRP C 14 -10.65 30.73 67.54
N SER C 15 -10.77 30.79 66.22
CA SER C 15 -11.57 31.80 65.53
C SER C 15 -13.09 31.56 65.70
N GLU C 16 -13.90 32.58 65.43
CA GLU C 16 -15.36 32.46 65.35
C GLU C 16 -15.81 31.64 64.13
N TRP C 17 -16.93 30.93 64.25
CA TRP C 17 -17.45 30.06 63.20
C TRP C 17 -17.83 30.79 61.91
N THR C 18 -17.59 30.14 60.79
CA THR C 18 -18.24 30.46 59.52
C THR C 18 -19.71 30.01 59.53
N ASP C 19 -20.56 30.75 58.83
CA ASP C 19 -22.00 30.49 58.75
C ASP C 19 -22.33 29.22 57.93
N CYS C 20 -23.53 28.69 58.13
CA CYS C 20 -23.92 27.38 57.65
C CYS C 20 -24.22 27.37 56.14
N PHE C 21 -23.18 27.31 55.32
CA PHE C 21 -23.25 27.27 53.86
C PHE C 21 -24.19 26.17 53.34
N PRO C 22 -25.12 26.48 52.42
CA PRO C 22 -25.93 25.47 51.75
C PRO C 22 -25.08 24.45 51.00
N CYS C 23 -25.64 23.26 50.77
CA CYS C 23 -25.01 22.10 50.14
C CYS C 23 -23.83 21.50 50.93
N GLN C 24 -22.94 22.33 51.45
CA GLN C 24 -21.85 21.95 52.34
C GLN C 24 -22.36 21.39 53.67
N ASP C 25 -23.48 21.92 54.17
CA ASP C 25 -24.15 21.51 55.41
C ASP C 25 -23.26 21.67 56.66
N LYS C 26 -22.26 22.55 56.60
CA LYS C 26 -21.19 22.61 57.60
C LYS C 26 -20.87 24.02 58.04
N LYS C 27 -20.55 24.16 59.31
CA LYS C 27 -19.77 25.26 59.88
C LYS C 27 -18.32 24.85 59.90
N TYR C 28 -17.41 25.80 59.75
CA TYR C 28 -15.96 25.58 59.93
C TYR C 28 -15.37 26.69 60.79
N ARG C 29 -14.21 26.40 61.37
CA ARG C 29 -13.36 27.35 62.08
C ARG C 29 -11.94 26.82 62.10
N HIS C 30 -10.99 27.64 62.53
CA HIS C 30 -9.58 27.26 62.54
C HIS C 30 -8.82 27.83 63.74
N ARG C 31 -7.65 27.26 63.97
CA ARG C 31 -6.58 27.71 64.86
C ARG C 31 -5.33 27.95 64.00
N SER C 32 -4.46 28.89 64.32
CA SER C 32 -3.44 29.44 63.40
C SER C 32 -2.07 28.74 63.40
N LEU C 33 -2.01 27.45 63.79
CA LEU C 33 -0.74 26.69 63.94
C LEU C 33 0.31 27.47 64.77
N LEU C 34 -0.15 28.10 65.86
CA LEU C 34 0.54 29.22 66.53
C LEU C 34 2.02 28.94 66.82
N GLN C 35 2.32 27.81 67.45
CA GLN C 35 3.68 27.29 67.57
C GLN C 35 3.62 25.76 67.71
N PRO C 36 3.70 24.99 66.60
CA PRO C 36 3.98 23.56 66.69
C PRO C 36 5.31 23.36 67.41
N ASN C 37 5.47 22.25 68.13
CA ASN C 37 6.60 22.03 69.02
C ASN C 37 7.97 22.21 68.33
N LYS C 38 8.97 22.68 69.08
CA LYS C 38 10.39 22.47 68.75
C LYS C 38 10.73 20.98 68.90
N PHE C 39 11.95 20.56 68.57
CA PHE C 39 12.29 19.14 68.41
C PHE C 39 11.97 18.26 69.64
N GLY C 40 11.88 18.84 70.85
CA GLY C 40 11.32 18.15 72.01
C GLY C 40 10.12 18.88 72.60
N GLY C 41 9.34 18.17 73.42
CA GLY C 41 8.11 18.64 74.06
C GLY C 41 6.85 18.00 73.45
N THR C 42 5.85 17.75 74.31
CA THR C 42 4.66 16.94 73.97
C THR C 42 3.75 17.65 72.97
N ILE C 43 3.09 16.87 72.09
CA ILE C 43 2.30 17.39 70.99
C ILE C 43 0.99 18.09 71.41
N CYS C 44 0.41 18.88 70.50
CA CYS C 44 -0.92 19.48 70.67
C CYS C 44 -1.99 18.39 70.62
N SER C 45 -2.95 18.39 71.54
CA SER C 45 -4.13 17.51 71.42
C SER C 45 -4.98 17.89 70.20
N GLY C 46 -5.06 19.20 69.92
CA GLY C 46 -5.85 19.78 68.85
C GLY C 46 -5.22 19.75 67.45
N ASP C 47 -5.89 20.41 66.53
CA ASP C 47 -5.60 20.52 65.10
C ASP C 47 -6.03 21.88 64.52
N ILE C 48 -5.53 22.21 63.32
CA ILE C 48 -5.74 23.50 62.64
C ILE C 48 -7.20 23.74 62.25
N TRP C 49 -7.90 22.74 61.72
CA TRP C 49 -9.15 22.89 60.99
C TRP C 49 -10.29 22.03 61.56
N ASP C 50 -11.51 22.56 61.54
CA ASP C 50 -12.71 21.95 62.14
C ASP C 50 -13.89 21.96 61.15
N GLN C 51 -14.67 20.87 61.08
CA GLN C 51 -16.00 20.87 60.48
C GLN C 51 -17.06 20.35 61.45
N ALA C 52 -18.22 21.04 61.49
CA ALA C 52 -19.38 20.70 62.33
C ALA C 52 -20.69 20.80 61.54
N SER C 53 -21.64 19.88 61.75
CA SER C 53 -22.92 19.87 61.02
C SER C 53 -23.81 21.08 61.35
N CYS C 54 -24.47 21.67 60.35
CA CYS C 54 -25.49 22.69 60.54
C CYS C 54 -26.48 22.77 59.37
N SER C 55 -27.76 23.06 59.64
CA SER C 55 -28.78 23.37 58.63
C SER C 55 -28.61 24.79 58.06
N SER C 56 -28.76 24.95 56.75
CA SER C 56 -28.44 26.19 56.05
C SER C 56 -29.55 27.24 56.08
N SER C 57 -29.17 28.52 55.97
CA SER C 57 -30.10 29.67 55.99
C SER C 57 -30.96 29.81 54.72
N THR C 58 -30.66 29.05 53.66
CA THR C 58 -31.38 29.02 52.38
C THR C 58 -31.19 27.66 51.70
N THR C 59 -32.01 27.35 50.69
CA THR C 59 -32.00 26.07 49.98
C THR C 59 -30.81 25.94 49.01
N CYS C 60 -30.24 24.74 48.88
CA CYS C 60 -29.07 24.44 48.05
C CYS C 60 -29.28 24.70 46.54
N VAL C 61 -28.28 25.29 45.89
CA VAL C 61 -28.27 25.55 44.44
C VAL C 61 -28.24 24.26 43.62
N ARG C 62 -29.00 24.24 42.51
CA ARG C 62 -29.12 23.10 41.58
C ARG C 62 -27.91 22.97 40.65
N GLN C 63 -27.82 21.83 39.96
CA GLN C 63 -26.76 21.51 38.98
C GLN C 63 -26.71 22.44 37.75
N ALA C 64 -27.64 23.40 37.62
CA ALA C 64 -27.51 24.55 36.74
C ALA C 64 -26.19 25.35 36.95
N GLN C 65 -25.52 25.18 38.10
CA GLN C 65 -24.16 25.65 38.37
C GLN C 65 -23.11 25.19 37.33
N CYS C 66 -23.31 24.03 36.68
CA CYS C 66 -22.48 23.55 35.56
C CYS C 66 -22.82 24.23 34.21
N GLY C 67 -24.01 24.81 34.06
CA GLY C 67 -24.47 25.45 32.82
C GLY C 67 -25.17 24.49 31.85
N GLN C 68 -24.90 24.62 30.55
CA GLN C 68 -25.65 23.99 29.46
C GLN C 68 -25.44 22.47 29.27
N ASP C 69 -24.63 21.81 30.10
CA ASP C 69 -24.26 20.39 29.97
C ASP C 69 -24.26 19.64 31.32
N PHE C 70 -24.14 18.31 31.27
CA PHE C 70 -24.42 17.40 32.39
C PHE C 70 -23.42 17.52 33.56
N GLN C 71 -23.91 17.31 34.79
CA GLN C 71 -23.10 17.21 36.01
C GLN C 71 -23.56 16.01 36.84
N CYS C 72 -22.62 15.19 37.31
CA CYS C 72 -22.94 14.02 38.13
C CYS C 72 -23.42 14.42 39.54
N LYS C 73 -24.73 14.30 39.81
CA LYS C 73 -25.41 14.98 40.93
C LYS C 73 -24.83 14.71 42.33
N GLU C 74 -24.38 13.49 42.59
CA GLU C 74 -23.80 13.07 43.88
C GLU C 74 -22.30 13.42 44.06
N THR C 75 -21.67 14.06 43.08
CA THR C 75 -20.24 14.43 43.12
C THR C 75 -19.98 15.77 42.40
N GLY C 76 -18.75 16.09 42.02
CA GLY C 76 -18.39 17.41 41.50
C GLY C 76 -18.63 17.58 40.01
N ARG C 77 -18.12 16.64 39.21
CA ARG C 77 -17.73 16.88 37.80
C ARG C 77 -18.87 17.32 36.89
N CYS C 78 -18.74 18.55 36.40
CA CYS C 78 -19.37 19.06 35.20
C CYS C 78 -18.67 18.47 33.95
N LEU C 79 -19.43 17.91 33.01
CA LEU C 79 -18.94 17.12 31.87
C LEU C 79 -19.40 17.71 30.53
N LYS C 80 -18.53 17.66 29.52
CA LYS C 80 -18.94 17.79 28.12
C LYS C 80 -19.85 16.63 27.72
N ARG C 81 -20.89 16.90 26.93
CA ARG C 81 -22.02 15.99 26.63
C ARG C 81 -21.61 14.61 26.10
N HIS C 82 -20.59 14.54 25.26
CA HIS C 82 -20.11 13.31 24.62
C HIS C 82 -19.64 12.24 25.62
N LEU C 83 -19.35 12.62 26.86
CA LEU C 83 -18.87 11.72 27.91
C LEU C 83 -20.00 10.84 28.50
N VAL C 84 -21.21 11.38 28.57
CA VAL C 84 -22.37 10.58 28.94
C VAL C 84 -22.55 9.44 27.94
N CYS C 85 -22.48 8.21 28.42
CA CYS C 85 -22.58 6.98 27.63
C CYS C 85 -21.45 6.81 26.59
N ASN C 86 -20.26 7.36 26.84
CA ASN C 86 -19.08 7.08 26.02
C ASN C 86 -18.54 5.64 26.18
N GLY C 87 -18.98 4.91 27.20
CA GLY C 87 -18.50 3.56 27.50
C GLY C 87 -17.38 3.55 28.55
N ASP C 88 -17.12 4.69 29.19
CA ASP C 88 -16.07 4.84 30.19
C ASP C 88 -16.54 5.72 31.37
N GLN C 89 -16.02 5.44 32.56
CA GLN C 89 -16.49 6.05 33.81
C GLN C 89 -15.85 7.42 34.01
N ASP C 90 -16.60 8.48 33.74
CA ASP C 90 -16.10 9.86 33.75
C ASP C 90 -16.19 10.56 35.11
N CYS C 91 -17.04 10.14 36.05
CA CYS C 91 -17.20 10.80 37.36
C CYS C 91 -17.29 9.79 38.53
N LEU C 92 -17.09 10.22 39.78
CA LEU C 92 -17.14 9.31 40.94
C LEU C 92 -18.52 8.69 41.17
N ASP C 93 -19.60 9.36 40.76
CA ASP C 93 -20.95 8.80 40.83
C ASP C 93 -21.24 7.79 39.71
N GLY C 94 -20.49 7.83 38.61
CA GLY C 94 -20.67 6.95 37.46
C GLY C 94 -21.97 7.19 36.67
N SER C 95 -22.75 8.22 37.00
CA SER C 95 -24.02 8.51 36.33
C SER C 95 -23.84 8.88 34.86
N ASP C 96 -22.63 9.28 34.46
CA ASP C 96 -22.20 9.44 33.06
C ASP C 96 -22.15 8.12 32.24
N GLU C 97 -22.55 6.98 32.84
CA GLU C 97 -22.75 5.67 32.23
C GLU C 97 -24.05 5.00 32.71
N ASP C 98 -24.88 5.71 33.49
CA ASP C 98 -26.17 5.22 33.97
C ASP C 98 -27.32 5.50 32.97
N ASP C 99 -28.33 4.64 32.94
CA ASP C 99 -29.55 4.74 32.11
C ASP C 99 -29.29 4.93 30.60
N CYS C 100 -28.19 4.40 30.08
CA CYS C 100 -27.85 4.51 28.66
C CYS C 100 -28.79 3.66 27.79
N ASP C 107 -18.35 3.45 23.00
CA ASP C 107 -17.79 2.11 23.16
C ASP C 107 -16.25 2.05 23.33
N GLU C 108 -15.68 2.95 24.14
CA GLU C 108 -14.21 3.05 24.33
C GLU C 108 -13.56 1.73 24.79
N ASP C 109 -12.62 1.20 24.02
CA ASP C 109 -11.79 0.02 24.38
C ASP C 109 -10.40 0.40 24.93
N CYS C 110 -10.09 1.69 25.02
CA CYS C 110 -8.76 2.24 25.28
C CYS C 110 -8.15 1.79 26.62
N SER C 111 -8.98 1.34 27.56
CA SER C 111 -8.59 0.71 28.84
C SER C 111 -7.79 -0.59 28.67
N GLN C 112 -7.70 -1.12 27.43
CA GLN C 112 -6.78 -2.20 27.04
C GLN C 112 -5.33 -1.96 27.48
N TYR C 113 -4.91 -0.71 27.62
CA TYR C 113 -3.58 -0.31 28.01
C TYR C 113 -3.57 0.27 29.43
N GLU C 114 -2.63 -0.15 30.24
CA GLU C 114 -2.55 0.31 31.63
C GLU C 114 -2.12 1.78 31.72
N PRO C 115 -2.42 2.49 32.80
CA PRO C 115 -2.05 3.88 32.92
C PRO C 115 -0.54 4.02 32.99
N ILE C 116 -0.03 5.04 32.30
CA ILE C 116 1.38 5.38 32.18
C ILE C 116 2.10 5.33 33.54
N PRO C 117 3.28 4.72 33.66
CA PRO C 117 4.04 4.70 34.90
C PRO C 117 4.34 6.12 35.39
N GLY C 118 4.00 6.43 36.63
CA GLY C 118 4.05 7.79 37.15
C GLY C 118 2.73 8.58 37.01
N SER C 119 1.73 8.05 36.31
CA SER C 119 0.40 8.66 36.20
C SER C 119 -0.14 9.17 37.53
N GLN C 120 0.16 8.48 38.63
CA GLN C 120 -0.21 8.89 39.96
C GLN C 120 0.66 10.04 40.45
N LYS C 121 1.97 9.85 40.64
CA LYS C 121 2.76 10.81 41.43
C LYS C 121 2.89 12.17 40.77
N ALA C 122 2.79 12.22 39.43
CA ALA C 122 2.74 13.47 38.68
C ALA C 122 1.38 14.19 38.77
N ALA C 123 0.27 13.47 39.02
CA ALA C 123 -1.04 14.04 39.26
C ALA C 123 -1.20 14.56 40.69
N LEU C 124 -0.54 13.94 41.65
CA LEU C 124 -0.58 14.36 43.04
C LEU C 124 0.06 15.72 43.17
N GLY C 125 -0.48 16.55 44.05
CA GLY C 125 0.16 17.79 44.45
C GLY C 125 1.44 17.54 45.23
N TYR C 126 2.05 18.61 45.70
CA TYR C 126 3.37 18.57 46.31
C TYR C 126 3.51 19.66 47.36
N ASN C 127 4.37 19.46 48.34
CA ASN C 127 4.49 20.35 49.48
C ASN C 127 5.91 20.83 49.65
N ILE C 128 6.28 22.00 49.16
CA ILE C 128 7.64 22.54 49.29
C ILE C 128 8.11 22.74 50.73
N LEU C 129 7.21 22.65 51.71
CA LEU C 129 7.51 22.80 53.13
C LEU C 129 7.88 21.49 53.80
N THR C 130 7.53 20.34 53.21
CA THR C 130 7.72 19.01 53.79
C THR C 130 8.25 17.98 52.79
N GLN C 131 8.30 18.33 51.51
CA GLN C 131 8.67 17.51 50.35
C GLN C 131 7.73 16.30 50.10
N GLU C 132 6.59 16.25 50.77
CA GLU C 132 5.61 15.19 50.59
C GLU C 132 4.73 15.39 49.36
N ASP C 133 4.09 14.32 48.89
CA ASP C 133 2.90 14.45 48.03
C ASP C 133 1.66 14.93 48.79
N ALA C 134 0.55 15.12 48.07
CA ALA C 134 -0.74 15.52 48.61
C ALA C 134 -1.87 14.78 47.86
N GLN C 135 -3.13 15.09 48.14
CA GLN C 135 -4.26 14.48 47.42
C GLN C 135 -4.18 14.82 45.93
N SER C 136 -4.86 14.07 45.06
CA SER C 136 -4.80 14.29 43.61
C SER C 136 -5.22 15.72 43.23
N VAL C 137 -4.39 16.44 42.45
CA VAL C 137 -4.71 17.76 41.92
C VAL C 137 -5.27 17.63 40.51
N TYR C 138 -4.48 17.11 39.61
CA TYR C 138 -5.02 16.60 38.35
C TYR C 138 -5.86 15.36 38.64
N ASP C 139 -6.74 14.98 37.73
CA ASP C 139 -7.34 13.66 37.76
C ASP C 139 -6.49 12.68 36.97
N ALA C 140 -5.75 11.85 37.71
CA ALA C 140 -4.81 10.87 37.22
C ALA C 140 -5.41 9.87 36.23
N SER C 141 -6.72 9.74 36.21
CA SER C 141 -7.43 8.74 35.40
C SER C 141 -8.47 9.36 34.48
N TYR C 142 -8.51 10.69 34.37
CA TYR C 142 -9.43 11.33 33.43
C TYR C 142 -8.89 11.24 32.00
N TYR C 143 -9.72 10.81 31.06
CA TYR C 143 -9.34 10.72 29.64
C TYR C 143 -10.11 11.68 28.71
N GLY C 144 -11.20 12.30 29.14
CA GLY C 144 -11.93 13.26 28.31
C GLY C 144 -12.50 12.67 27.01
N GLY C 145 -12.52 11.34 26.90
CA GLY C 145 -12.91 10.61 25.69
C GLY C 145 -11.75 10.30 24.74
N GLN C 146 -10.56 10.84 25.00
CA GLN C 146 -9.35 10.61 24.22
C GLN C 146 -8.88 9.15 24.30
N CYS C 147 -8.45 8.59 23.16
CA CYS C 147 -7.81 7.29 23.09
C CYS C 147 -6.29 7.42 22.86
N GLU C 148 -5.65 8.34 23.59
CA GLU C 148 -4.26 8.72 23.36
C GLU C 148 -3.26 7.70 23.92
N THR C 149 -2.82 6.76 23.10
CA THR C 149 -1.80 5.76 23.44
C THR C 149 -0.38 6.27 23.29
N VAL C 150 0.54 5.76 24.13
CA VAL C 150 1.97 6.08 24.16
C VAL C 150 2.80 4.78 24.14
N TYR C 151 3.78 4.68 23.24
CA TYR C 151 4.71 3.55 23.12
C TYR C 151 5.71 3.47 24.29
N ASN C 152 5.83 2.29 24.89
CA ASN C 152 6.78 1.97 25.95
C ASN C 152 8.17 1.65 25.39
N GLY C 153 9.04 2.65 25.35
CA GLY C 153 10.46 2.49 24.99
C GLY C 153 11.28 1.55 25.89
N GLU C 154 10.76 1.02 26.99
CA GLU C 154 11.42 0.02 27.82
C GLU C 154 10.81 -1.38 27.71
N TRP C 155 9.83 -1.63 26.85
CA TRP C 155 9.03 -2.86 26.87
C TRP C 155 9.81 -4.17 26.79
N ARG C 156 10.96 -4.15 26.14
CA ARG C 156 11.84 -5.29 25.86
C ARG C 156 12.20 -6.05 27.14
N GLU C 157 11.67 -7.28 27.28
CA GLU C 157 11.93 -8.23 28.37
C GLU C 157 11.92 -9.67 27.85
N LEU C 158 12.84 -10.53 28.29
CA LEU C 158 12.94 -11.91 27.81
C LEU C 158 11.93 -12.88 28.44
N ARG C 159 11.48 -13.81 27.61
CA ARG C 159 10.66 -15.01 27.89
C ARG C 159 11.25 -16.20 27.14
N TYR C 160 11.09 -17.42 27.63
CA TYR C 160 11.44 -18.64 26.88
C TYR C 160 10.23 -19.54 26.66
N ASP C 161 10.14 -20.19 25.51
CA ASP C 161 9.07 -21.13 25.19
C ASP C 161 9.59 -22.54 24.92
N SER C 162 9.35 -23.40 25.90
CA SER C 162 9.71 -24.81 25.84
C SER C 162 9.05 -25.56 24.68
N THR C 163 7.92 -25.10 24.15
CA THR C 163 7.18 -25.84 23.11
C THR C 163 7.69 -25.61 21.69
N CYS C 164 8.56 -24.61 21.50
CA CYS C 164 9.04 -24.26 20.17
C CYS C 164 10.49 -23.75 20.11
N GLU C 165 11.23 -23.76 21.23
CA GLU C 165 12.65 -23.38 21.27
C GLU C 165 12.94 -21.94 20.83
N ARG C 166 12.22 -20.96 21.42
CA ARG C 166 12.50 -19.53 21.28
C ARG C 166 12.82 -18.88 22.62
N LEU C 167 13.94 -18.18 22.72
CA LEU C 167 14.24 -17.22 23.77
C LEU C 167 14.07 -15.83 23.16
N TYR C 168 13.09 -15.06 23.62
CA TYR C 168 12.56 -13.94 22.86
C TYR C 168 11.84 -12.94 23.74
N TYR C 169 11.58 -11.75 23.20
CA TYR C 169 11.17 -10.60 23.98
C TYR C 169 9.65 -10.40 23.95
N GLY C 170 9.04 -10.20 25.11
CA GLY C 170 7.60 -10.32 25.29
C GLY C 170 6.81 -9.10 24.83
N ASP C 171 5.64 -9.33 24.24
CA ASP C 171 4.72 -8.27 23.77
C ASP C 171 4.06 -7.45 24.90
N ASP C 172 4.23 -7.86 26.16
CA ASP C 172 3.62 -7.21 27.32
C ASP C 172 4.18 -5.80 27.58
N GLU C 173 3.36 -4.93 28.17
CA GLU C 173 3.66 -3.52 28.47
C GLU C 173 3.97 -2.62 27.26
N LYS C 174 3.87 -3.07 26.01
CA LYS C 174 4.30 -2.30 24.82
C LYS C 174 3.65 -0.92 24.70
N TYR C 175 2.40 -0.78 25.13
CA TYR C 175 1.64 0.47 25.09
C TYR C 175 1.05 0.83 26.45
N PHE C 176 0.95 2.13 26.70
CA PHE C 176 0.21 2.72 27.81
C PHE C 176 -0.88 3.67 27.30
N ARG C 177 -2.00 3.81 28.02
CA ARG C 177 -2.96 4.91 27.79
C ARG C 177 -2.45 6.16 28.52
N LYS C 178 -2.26 7.29 27.83
CA LYS C 178 -1.92 8.57 28.46
C LYS C 178 -3.17 9.17 29.11
N PRO C 179 -3.11 9.70 30.35
CA PRO C 179 -4.21 10.45 30.91
C PRO C 179 -4.32 11.81 30.22
N TYR C 180 -5.53 12.33 30.03
CA TYR C 180 -5.76 13.60 29.33
C TYR C 180 -4.98 14.76 29.96
N ASN C 181 -4.74 14.73 31.27
CA ASN C 181 -3.99 15.75 31.99
C ASN C 181 -2.48 15.81 31.70
N PHE C 182 -1.89 14.82 31.03
CA PHE C 182 -0.48 14.84 30.59
C PHE C 182 -0.45 15.31 29.14
N LEU C 183 0.21 16.42 28.81
CA LEU C 183 0.24 16.94 27.43
C LEU C 183 1.08 16.06 26.52
N LYS C 184 2.30 15.71 26.95
CA LYS C 184 3.05 14.55 26.44
C LYS C 184 3.90 13.93 27.54
N TYR C 185 4.19 12.64 27.30
CA TYR C 185 4.94 11.67 28.10
C TYR C 185 5.66 10.77 27.08
N HIS C 186 6.97 10.95 26.96
CA HIS C 186 7.76 10.72 25.75
C HIS C 186 8.51 9.40 25.45
N PHE C 187 8.84 8.62 26.48
CA PHE C 187 9.51 7.30 26.39
C PHE C 187 10.91 7.17 25.74
N GLU C 188 11.68 8.26 25.59
CA GLU C 188 13.09 8.21 25.16
C GLU C 188 14.04 7.70 26.27
N ALA C 189 14.93 6.75 25.94
CA ALA C 189 15.95 6.22 26.86
C ALA C 189 17.22 7.06 26.91
N LEU C 190 17.67 7.42 28.11
CA LEU C 190 18.88 8.18 28.37
C LEU C 190 19.57 7.70 29.64
N ALA C 191 20.89 7.86 29.72
CA ALA C 191 21.60 7.99 30.97
C ALA C 191 22.86 8.84 30.87
N ASP C 192 23.28 9.30 32.01
CA ASP C 192 24.34 10.25 32.19
C ASP C 192 24.98 9.91 33.51
N THR C 193 26.29 9.71 33.50
CA THR C 193 27.07 9.51 34.71
C THR C 193 28.29 10.37 34.74
N GLY C 194 28.57 10.84 35.94
CA GLY C 194 29.63 11.78 36.22
C GLY C 194 30.33 11.29 37.46
N ILE C 195 31.64 11.16 37.36
CA ILE C 195 32.50 10.55 38.34
C ILE C 195 33.70 11.46 38.52
N SER C 196 34.10 11.66 39.75
CA SER C 196 35.34 12.29 40.11
C SER C 196 36.07 11.40 41.09
N SER C 197 37.39 11.39 41.00
CA SER C 197 38.24 10.96 42.09
C SER C 197 39.33 11.98 42.30
N GLU C 198 39.59 12.40 43.52
CA GLU C 198 40.78 13.19 43.83
C GLU C 198 41.46 12.67 45.06
N PHE C 199 42.77 12.54 44.97
CA PHE C 199 43.64 12.03 46.01
C PHE C 199 44.76 13.01 46.21
N TYR C 200 45.14 13.22 47.46
CA TYR C 200 46.30 14.01 47.83
C TYR C 200 46.99 13.31 48.98
N ASP C 201 48.32 13.31 49.00
CA ASP C 201 49.12 12.45 49.86
C ASP C 201 50.45 13.16 50.09
N ASN C 202 50.80 13.44 51.34
CA ASN C 202 51.93 14.29 51.68
C ASN C 202 52.69 13.73 52.87
N ALA C 203 53.99 14.00 52.94
CA ALA C 203 54.82 13.70 54.09
C ALA C 203 55.94 14.72 54.24
N ASN C 204 56.30 15.05 55.48
CA ASN C 204 57.43 15.90 55.78
C ASN C 204 58.19 15.36 56.99
N ASP C 205 59.50 15.51 56.98
CA ASP C 205 60.43 14.88 57.92
C ASP C 205 61.61 15.84 58.12
N LEU C 206 61.91 16.23 59.36
CA LEU C 206 62.88 17.28 59.66
C LEU C 206 63.67 16.95 60.93
N LEU C 207 64.95 17.32 60.95
CA LEU C 207 65.83 17.17 62.11
C LEU C 207 66.76 18.37 62.27
N SER C 208 67.22 18.56 63.50
CA SER C 208 68.39 19.41 63.80
C SER C 208 69.11 18.89 65.05
N LYS C 209 70.43 19.09 65.08
CA LYS C 209 71.32 18.64 66.15
C LYS C 209 72.41 19.69 66.41
N VAL C 210 72.75 19.87 67.67
CA VAL C 210 73.95 20.60 68.09
C VAL C 210 74.65 19.85 69.23
N LYS C 211 75.98 19.80 69.21
CA LYS C 211 76.82 19.23 70.27
C LYS C 211 78.05 20.09 70.47
N LYS C 212 78.48 20.27 71.71
CA LYS C 212 79.68 21.05 72.08
C LYS C 212 80.33 20.46 73.34
N ASP C 213 81.66 20.47 73.41
CA ASP C 213 82.45 20.01 74.56
C ASP C 213 83.73 20.82 74.71
N PHE C 245 77.55 19.98 76.24
CA PHE C 245 76.15 20.09 75.89
C PHE C 245 75.77 19.34 74.60
N LEU C 246 74.56 18.78 74.56
CA LEU C 246 73.94 18.17 73.39
C LEU C 246 72.44 18.54 73.30
N ASN C 247 71.94 18.78 72.09
CA ASN C 247 70.52 18.84 71.79
C ASN C 247 70.21 18.20 70.42
N GLU C 248 69.11 17.46 70.34
CA GLU C 248 68.58 16.83 69.13
C GLU C 248 67.05 17.02 69.06
N LEU C 249 66.54 17.34 67.86
CA LEU C 249 65.13 17.52 67.56
C LEU C 249 64.74 16.78 66.28
N ASN C 250 63.52 16.23 66.23
CA ASN C 250 62.95 15.55 65.06
C ASN C 250 61.45 15.85 64.95
N LYS C 251 60.95 16.02 63.71
CA LYS C 251 59.51 16.18 63.38
C LYS C 251 59.13 15.27 62.21
N TYR C 252 57.95 14.66 62.28
CA TYR C 252 57.35 13.88 61.20
C TYR C 252 55.86 14.21 61.03
N ASN C 253 55.41 14.29 59.77
CA ASN C 253 54.02 14.33 59.37
C ASN C 253 53.80 13.39 58.18
N GLU C 254 52.66 12.71 58.16
CA GLU C 254 52.12 11.96 57.04
C GLU C 254 50.61 12.20 56.93
N LYS C 255 50.09 12.32 55.71
CA LYS C 255 48.71 12.74 55.44
C LYS C 255 48.17 12.02 54.21
N LYS C 256 46.86 11.79 54.18
CA LYS C 256 46.13 11.33 52.99
C LYS C 256 44.72 11.91 52.93
N PHE C 257 44.24 12.14 51.73
CA PHE C 257 42.88 12.52 51.41
C PHE C 257 42.39 11.69 50.25
N ILE C 258 41.13 11.27 50.28
CA ILE C 258 40.39 10.80 49.12
C ILE C 258 39.04 11.48 49.11
N PHE C 259 38.65 11.99 47.95
CA PHE C 259 37.27 12.32 47.63
C PHE C 259 36.87 11.56 46.38
N THR C 260 35.63 11.13 46.34
CA THR C 260 34.95 10.82 45.11
C THR C 260 33.49 11.20 45.22
N ARG C 261 32.92 11.56 44.07
CA ARG C 261 31.49 11.68 43.85
C ARG C 261 31.18 10.87 42.62
N ILE C 262 30.09 10.13 42.67
CA ILE C 262 29.51 9.42 41.55
C ILE C 262 28.05 9.80 41.51
N PHE C 263 27.61 10.24 40.37
CA PHE C 263 26.24 10.55 40.08
C PHE C 263 25.88 9.81 38.83
N THR C 264 24.70 9.24 38.82
CA THR C 264 24.08 8.69 37.64
C THR C 264 22.65 9.15 37.61
N LYS C 265 22.14 9.40 36.42
CA LYS C 265 20.72 9.44 36.18
C LYS C 265 20.42 8.58 34.98
N VAL C 266 19.30 7.90 35.02
CA VAL C 266 18.70 7.16 33.92
C VAL C 266 17.32 7.72 33.74
N GLN C 267 16.83 7.78 32.51
CA GLN C 267 15.44 8.10 32.21
C GLN C 267 14.86 7.07 31.26
N THR C 268 13.62 6.66 31.52
CA THR C 268 12.81 5.79 30.67
C THR C 268 11.78 6.59 29.88
N ALA C 269 11.39 7.77 30.36
CA ALA C 269 10.44 8.70 29.75
C ALA C 269 10.54 10.07 30.44
N HIS C 270 10.06 11.14 29.80
CA HIS C 270 9.79 12.44 30.46
C HIS C 270 8.43 12.97 30.04
N PHE C 271 7.86 13.90 30.80
CA PHE C 271 6.48 14.35 30.62
C PHE C 271 6.25 15.81 31.02
N LYS C 272 5.19 16.41 30.47
CA LYS C 272 4.69 17.76 30.79
C LYS C 272 3.19 17.74 30.92
N MET C 273 2.63 18.20 32.03
CA MET C 273 1.20 18.35 32.24
C MET C 273 0.64 19.49 31.39
N ARG C 274 -0.65 19.44 31.05
CA ARG C 274 -1.31 20.52 30.29
C ARG C 274 -1.50 21.77 31.13
N LYS C 275 -1.57 22.91 30.43
CA LYS C 275 -1.69 24.28 30.99
C LYS C 275 -2.99 24.99 30.59
N ASP C 276 -3.93 24.29 29.99
CA ASP C 276 -5.28 24.76 29.67
C ASP C 276 -6.24 23.58 29.60
N ASP C 277 -7.51 23.84 29.87
CA ASP C 277 -8.58 22.86 29.93
C ASP C 277 -8.29 21.68 30.90
N ILE C 278 -7.58 21.91 32.01
CA ILE C 278 -7.31 20.90 33.06
C ILE C 278 -8.64 20.30 33.54
N MET C 279 -8.71 18.98 33.67
CA MET C 279 -9.75 18.34 34.46
C MET C 279 -9.22 18.01 35.85
N LEU C 280 -9.77 18.66 36.85
CA LEU C 280 -9.36 18.47 38.24
C LEU C 280 -9.74 17.09 38.73
N ASP C 281 -9.06 16.60 39.75
CA ASP C 281 -9.57 15.50 40.56
C ASP C 281 -10.98 15.86 41.07
N GLU C 282 -11.90 14.93 41.11
CA GLU C 282 -13.21 15.14 41.72
C GLU C 282 -13.10 15.58 43.19
N GLY C 283 -12.16 15.01 43.94
CA GLY C 283 -11.89 15.42 45.29
C GLY C 283 -11.41 16.84 45.34
N MET C 284 -10.46 17.23 44.50
CA MET C 284 -10.06 18.64 44.36
C MET C 284 -11.23 19.54 43.99
N LEU C 285 -12.01 19.16 42.98
CA LEU C 285 -13.12 19.97 42.45
C LEU C 285 -14.14 20.31 43.52
N GLN C 286 -14.68 19.32 44.22
CA GLN C 286 -15.58 19.58 45.34
C GLN C 286 -14.88 20.33 46.46
N SER C 287 -13.66 19.97 46.84
CA SER C 287 -12.93 20.69 47.90
C SER C 287 -12.62 22.14 47.56
N LEU C 288 -12.60 22.50 46.27
CA LEU C 288 -12.51 23.87 45.74
C LEU C 288 -13.87 24.60 45.79
N MET C 289 -14.93 23.99 45.28
CA MET C 289 -16.26 24.60 45.28
C MET C 289 -16.72 24.90 46.71
N GLU C 290 -16.35 24.05 47.65
CA GLU C 290 -16.58 24.21 49.09
C GLU C 290 -15.85 25.43 49.73
N LEU C 291 -15.09 26.21 48.97
CA LEU C 291 -14.35 27.36 49.50
C LEU C 291 -15.21 28.64 49.52
N PRO C 292 -15.01 29.56 50.49
CA PRO C 292 -15.84 30.74 50.63
C PRO C 292 -15.44 31.81 49.61
N ASP C 293 -16.41 32.56 49.09
CA ASP C 293 -16.12 33.71 48.22
C ASP C 293 -15.41 34.82 49.01
N GLN C 294 -15.81 35.07 50.26
CA GLN C 294 -15.08 35.96 51.15
C GLN C 294 -13.76 35.32 51.59
N TYR C 295 -12.73 36.13 51.84
CA TYR C 295 -11.49 35.67 52.41
C TYR C 295 -11.64 35.29 53.90
N ASN C 296 -11.69 33.98 54.17
CA ASN C 296 -11.45 33.41 55.50
C ASN C 296 -10.35 32.35 55.40
N TYR C 297 -9.30 32.47 56.21
CA TYR C 297 -8.06 31.71 56.02
C TYR C 297 -8.25 30.19 56.09
N GLY C 298 -9.09 29.71 57.00
CA GLY C 298 -9.25 28.29 57.34
C GLY C 298 -9.50 27.39 56.14
N MET C 299 -10.55 27.64 55.35
CA MET C 299 -10.89 26.74 54.24
C MET C 299 -9.85 26.77 53.12
N TYR C 300 -9.20 27.91 52.89
CA TYR C 300 -8.15 27.97 51.89
C TYR C 300 -6.86 27.30 52.38
N ALA C 301 -6.47 27.53 53.63
CA ALA C 301 -5.40 26.78 54.29
C ALA C 301 -5.65 25.27 54.24
N LYS C 302 -6.88 24.81 54.44
CA LYS C 302 -7.22 23.38 54.39
C LYS C 302 -7.09 22.80 52.98
N PHE C 303 -7.58 23.50 51.97
CA PHE C 303 -7.37 23.08 50.59
C PHE C 303 -5.89 23.10 50.19
N ILE C 304 -5.11 24.08 50.64
CA ILE C 304 -3.65 24.08 50.46
C ILE C 304 -3.07 22.80 51.08
N ASN C 305 -3.35 22.54 52.36
CA ASN C 305 -2.84 21.38 53.08
C ASN C 305 -3.25 20.03 52.49
N ASP C 306 -4.46 19.90 51.96
CA ASP C 306 -4.98 18.67 51.39
C ASP C 306 -4.56 18.49 49.94
N TYR C 307 -4.54 19.54 49.12
CA TYR C 307 -4.20 19.44 47.70
C TYR C 307 -2.77 19.86 47.36
N GLY C 308 -2.02 20.33 48.36
CA GLY C 308 -0.61 20.68 48.27
C GLY C 308 -0.34 22.15 47.95
N THR C 309 0.84 22.64 48.35
CA THR C 309 1.32 23.99 48.02
C THR C 309 1.55 24.22 46.53
N HIS C 310 1.90 23.17 45.80
CA HIS C 310 2.30 23.21 44.40
C HIS C 310 1.67 22.05 43.63
N TYR C 311 1.68 22.14 42.32
CA TYR C 311 1.35 21.05 41.42
C TYR C 311 2.50 20.85 40.45
N ILE C 312 2.76 19.60 40.08
CA ILE C 312 3.88 19.27 39.21
C ILE C 312 3.49 19.61 37.77
N THR C 313 4.18 20.58 37.18
CA THR C 313 3.94 20.94 35.78
C THR C 313 4.64 20.00 34.82
N SER C 314 5.85 19.54 35.08
CA SER C 314 6.57 18.58 34.22
C SER C 314 7.56 17.78 35.01
N GLY C 315 7.92 16.58 34.56
CA GLY C 315 8.92 15.76 35.21
C GLY C 315 9.53 14.69 34.31
N SER C 316 10.45 13.92 34.87
CA SER C 316 11.22 12.89 34.18
C SER C 316 11.22 11.62 35.01
N MET C 317 11.16 10.47 34.37
CA MET C 317 10.88 9.23 35.05
C MET C 317 12.08 8.37 34.76
N GLY C 318 12.64 7.91 35.88
CA GLY C 318 14.04 7.64 36.02
C GLY C 318 14.40 6.62 37.07
N GLY C 319 15.66 6.23 37.02
CA GLY C 319 16.33 5.81 38.23
C GLY C 319 17.58 6.64 38.42
N ILE C 320 17.75 7.21 39.60
CA ILE C 320 18.99 7.87 40.01
C ILE C 320 19.72 6.95 40.97
N TYR C 321 21.01 6.76 40.72
CA TYR C 321 21.93 6.29 41.73
C TYR C 321 22.98 7.35 41.98
N GLU C 322 23.11 7.81 43.21
CA GLU C 322 24.26 8.56 43.66
C GLU C 322 25.07 7.71 44.62
N TYR C 323 26.39 7.82 44.54
CA TYR C 323 27.31 7.26 45.50
C TYR C 323 28.36 8.31 45.81
N ILE C 324 28.67 8.50 47.07
CA ILE C 324 29.69 9.47 47.51
C ILE C 324 30.53 8.80 48.57
N LEU C 325 31.85 8.98 48.48
CA LEU C 325 32.82 8.34 49.36
C LEU C 325 33.96 9.32 49.60
N VAL C 326 34.20 9.68 50.85
CA VAL C 326 35.22 10.64 51.23
C VAL C 326 35.97 10.14 52.45
N ILE C 327 37.29 10.28 52.43
CA ILE C 327 38.20 9.81 53.46
C ILE C 327 39.22 10.89 53.78
N ASP C 328 39.56 11.03 55.06
CA ASP C 328 40.75 11.71 55.53
C ASP C 328 41.56 10.76 56.42
N LYS C 329 42.89 10.82 56.34
CA LYS C 329 43.81 10.25 57.32
C LYS C 329 44.96 11.19 57.60
N ALA C 330 45.55 11.08 58.79
CA ALA C 330 46.78 11.79 59.15
C ALA C 330 47.54 11.03 60.24
N LYS C 331 48.85 11.23 60.32
CA LYS C 331 49.76 10.66 61.32
C LYS C 331 50.89 11.65 61.58
N MET C 332 51.25 11.92 62.83
CA MET C 332 52.32 12.87 63.16
C MET C 332 53.15 12.38 64.35
N GLU C 333 54.42 12.75 64.41
CA GLU C 333 55.34 12.48 65.53
C GLU C 333 56.35 13.61 65.74
N SER C 334 56.91 13.72 66.95
CA SER C 334 58.04 14.59 67.29
C SER C 334 58.90 13.99 68.40
N LEU C 335 60.22 14.21 68.34
CA LEU C 335 61.20 13.74 69.33
C LEU C 335 62.07 14.92 69.79
N GLY C 336 62.45 14.91 71.07
CA GLY C 336 63.41 15.86 71.62
C GLY C 336 64.32 15.20 72.67
N ILE C 337 65.63 15.36 72.52
CA ILE C 337 66.65 14.81 73.44
C ILE C 337 67.71 15.88 73.73
N THR C 338 68.10 16.05 74.99
CA THR C 338 69.17 16.98 75.39
C THR C 338 69.90 16.53 76.65
N SER C 339 71.15 16.94 76.82
CA SER C 339 71.98 16.64 78.01
C SER C 339 73.10 17.67 78.20
N GLY C 375 70.75 13.43 80.88
CA GLY C 375 69.71 13.90 79.98
C GLY C 375 68.33 13.31 80.23
N LYS C 376 67.37 13.69 79.39
CA LYS C 376 65.97 13.21 79.38
C LYS C 376 65.49 12.96 77.93
N THR C 377 64.48 12.12 77.77
CA THR C 377 63.90 11.74 76.46
C THR C 377 62.38 11.81 76.50
N GLU C 378 61.75 12.28 75.41
CA GLU C 378 60.29 12.28 75.23
C GLU C 378 59.90 12.02 73.77
N ARG C 379 58.78 11.33 73.55
CA ARG C 379 58.19 11.00 72.24
C ARG C 379 56.66 11.05 72.30
N ALA C 380 56.03 11.42 71.20
CA ALA C 380 54.58 11.31 71.04
C ALA C 380 54.19 11.00 69.58
N ARG C 381 53.05 10.33 69.40
CA ARG C 381 52.41 10.02 68.12
C ARG C 381 50.91 10.32 68.19
N LYS C 382 50.33 10.87 67.12
CA LYS C 382 48.86 11.02 66.97
C LYS C 382 48.42 10.67 65.56
N ALA C 383 47.30 9.98 65.41
CA ALA C 383 46.77 9.54 64.11
C ALA C 383 45.24 9.50 64.05
N MET C 384 44.70 9.65 62.85
CA MET C 384 43.28 9.78 62.52
C MET C 384 42.90 8.98 61.28
N ALA C 385 41.70 8.41 61.26
CA ALA C 385 41.03 7.98 60.04
C ALA C 385 39.52 8.25 60.11
N VAL C 386 38.93 8.86 59.09
CA VAL C 386 37.48 9.12 59.03
C VAL C 386 36.94 8.83 57.64
N GLU C 387 35.81 8.13 57.53
CA GLU C 387 35.18 7.80 56.26
C GLU C 387 33.68 8.13 56.24
N ASP C 388 33.25 8.90 55.25
CA ASP C 388 31.85 9.15 54.92
C ASP C 388 31.48 8.39 53.65
N ILE C 389 30.45 7.55 53.70
CA ILE C 389 30.03 6.72 52.57
C ILE C 389 28.51 6.75 52.45
N ILE C 390 28.02 7.04 51.24
CA ILE C 390 26.62 7.11 50.92
C ILE C 390 26.39 6.29 49.68
N SER C 391 25.33 5.49 49.67
CA SER C 391 24.82 4.87 48.47
C SER C 391 23.32 5.05 48.45
N ARG C 392 22.74 5.61 47.38
CA ARG C 392 21.30 5.86 47.31
C ARG C 392 20.73 5.63 45.95
N VAL C 393 19.76 4.75 45.90
CA VAL C 393 19.05 4.29 44.72
C VAL C 393 17.64 4.83 44.84
N ARG C 394 17.20 5.57 43.83
CA ARG C 394 15.80 5.97 43.65
C ARG C 394 15.32 5.27 42.40
N GLY C 395 14.19 4.59 42.45
CA GLY C 395 13.70 3.72 41.40
C GLY C 395 14.32 2.35 41.46
N GLY C 396 13.70 1.38 40.81
CA GLY C 396 14.09 -0.02 40.79
C GLY C 396 13.21 -0.91 41.68
N SER C 397 13.52 -2.19 41.78
CA SER C 397 12.80 -3.15 42.66
C SER C 397 13.29 -3.03 44.10
N SER C 398 12.46 -3.42 45.07
CA SER C 398 12.85 -3.46 46.48
C SER C 398 14.08 -4.35 46.68
N GLY C 399 14.10 -5.54 46.07
CA GLY C 399 15.25 -6.46 46.08
C GLY C 399 16.54 -5.82 45.55
N TRP C 400 16.55 -5.43 44.28
CA TRP C 400 17.77 -4.92 43.66
C TRP C 400 18.19 -3.55 44.14
N SER C 401 17.29 -2.70 44.60
CA SER C 401 17.68 -1.47 45.30
C SER C 401 18.32 -1.77 46.65
N GLY C 402 18.06 -2.93 47.26
CA GLY C 402 18.84 -3.45 48.38
C GLY C 402 20.23 -3.89 47.96
N GLY C 403 20.32 -4.60 46.82
CA GLY C 403 21.60 -4.95 46.20
C GLY C 403 22.48 -3.72 45.95
N LEU C 404 21.97 -2.75 45.20
CA LEU C 404 22.73 -1.55 44.85
C LEU C 404 22.90 -0.59 46.03
N ALA C 405 22.02 -0.62 47.04
CA ALA C 405 22.31 0.06 48.30
C ALA C 405 23.56 -0.53 48.94
N GLN C 406 23.62 -1.85 49.10
CA GLN C 406 24.68 -2.50 49.86
C GLN C 406 26.04 -2.47 49.15
N ASN C 407 26.07 -2.61 47.82
CA ASN C 407 27.29 -2.79 47.02
C ASN C 407 27.26 -2.03 45.68
N ARG C 408 28.36 -1.37 45.30
CA ARG C 408 28.58 -0.80 43.95
C ARG C 408 29.37 -1.80 43.11
N SER C 409 28.78 -2.32 42.03
CA SER C 409 29.47 -3.24 41.11
C SER C 409 28.76 -3.36 39.77
N THR C 410 29.48 -3.93 38.79
CA THR C 410 28.91 -4.38 37.51
C THR C 410 27.81 -5.41 37.70
N ILE C 411 27.73 -6.03 38.88
CA ILE C 411 26.59 -6.85 39.27
C ILE C 411 25.39 -5.94 39.59
N THR C 412 25.52 -5.09 40.60
CA THR C 412 24.36 -4.41 41.17
C THR C 412 23.74 -3.38 40.24
N TYR C 413 24.52 -2.72 39.37
CA TYR C 413 23.97 -1.79 38.38
C TYR C 413 23.08 -2.47 37.34
N ARG C 414 23.42 -3.65 36.83
CA ARG C 414 22.75 -4.18 35.64
C ARG C 414 21.34 -4.64 35.97
N SER C 415 21.18 -5.42 37.03
CA SER C 415 19.88 -5.85 37.53
C SER C 415 19.05 -4.69 38.09
N TRP C 416 19.66 -3.72 38.76
CA TRP C 416 18.96 -2.48 39.12
C TRP C 416 18.33 -1.82 37.89
N GLY C 417 19.10 -1.67 36.82
CA GLY C 417 18.60 -1.18 35.55
C GLY C 417 17.46 -2.03 35.01
N ARG C 418 17.52 -3.36 35.13
CA ARG C 418 16.41 -4.20 34.69
C ARG C 418 15.16 -3.93 35.50
N SER C 419 15.31 -3.67 36.79
CA SER C 419 14.18 -3.33 37.65
C SER C 419 13.58 -1.94 37.38
N LEU C 420 14.33 -0.98 36.83
CA LEU C 420 13.77 0.30 36.35
C LEU C 420 12.84 0.15 35.16
N LYS C 421 12.84 -0.98 34.45
CA LYS C 421 11.82 -1.28 33.44
C LYS C 421 10.43 -1.25 34.06
N TYR C 422 10.31 -1.81 35.27
CA TYR C 422 9.05 -2.07 35.97
C TYR C 422 8.70 -1.04 37.02
N ASN C 423 9.67 -0.55 37.79
CA ASN C 423 9.40 0.38 38.86
C ASN C 423 10.29 1.62 38.77
N PRO C 424 9.93 2.61 37.94
CA PRO C 424 10.58 3.91 37.90
C PRO C 424 10.11 4.84 39.00
N VAL C 425 10.88 5.87 39.29
CA VAL C 425 10.55 7.02 40.15
C VAL C 425 10.57 8.30 39.31
N VAL C 426 9.78 9.32 39.67
CA VAL C 426 9.99 10.67 39.14
C VAL C 426 11.30 11.23 39.71
N ILE C 427 12.34 11.37 38.88
CA ILE C 427 13.67 11.77 39.35
C ILE C 427 13.85 13.29 39.43
N ASP C 428 13.32 14.04 38.48
CA ASP C 428 13.37 15.51 38.48
C ASP C 428 12.16 16.09 37.77
N PHE C 429 11.72 17.24 38.27
CA PHE C 429 10.44 17.86 37.93
C PHE C 429 10.45 19.39 38.13
N GLU C 430 9.52 20.07 37.47
CA GLU C 430 9.23 21.51 37.60
C GLU C 430 7.75 21.76 37.91
N MET C 431 7.45 22.85 38.60
CA MET C 431 6.19 23.03 39.31
C MET C 431 5.72 24.50 39.32
N GLN C 432 4.44 24.72 39.64
CA GLN C 432 3.84 26.03 39.86
C GLN C 432 3.05 26.03 41.20
N PRO C 433 2.88 27.18 41.86
CA PRO C 433 2.02 27.30 43.04
C PRO C 433 0.56 26.94 42.74
N ILE C 434 -0.13 26.31 43.71
CA ILE C 434 -1.41 25.63 43.49
C ILE C 434 -2.52 26.48 42.88
N HIS C 435 -2.57 27.78 43.17
CA HIS C 435 -3.63 28.67 42.67
C HIS C 435 -3.62 28.82 41.16
N GLU C 436 -2.48 28.71 40.51
CA GLU C 436 -2.41 28.71 39.05
C GLU C 436 -3.23 27.58 38.42
N VAL C 437 -3.57 26.51 39.14
CA VAL C 437 -4.31 25.41 38.52
C VAL C 437 -5.63 25.92 37.96
N LEU C 438 -6.33 26.71 38.75
CA LEU C 438 -7.71 27.12 38.50
C LEU C 438 -7.83 27.80 37.14
N ARG C 439 -6.98 28.78 36.83
CA ARG C 439 -7.06 29.56 35.60
C ARG C 439 -6.98 28.67 34.36
N HIS C 440 -6.24 27.57 34.45
CA HIS C 440 -6.07 26.59 33.38
C HIS C 440 -7.20 25.55 33.29
N THR C 441 -8.18 25.53 34.20
CA THR C 441 -9.32 24.60 34.18
C THR C 441 -10.40 24.96 33.17
N SER C 442 -11.33 24.03 32.90
CA SER C 442 -12.55 24.30 32.13
C SER C 442 -13.64 25.10 32.89
N LEU C 443 -13.43 25.43 34.17
CA LEU C 443 -14.44 26.05 35.03
C LEU C 443 -14.74 27.52 34.69
N GLY C 444 -13.89 28.16 33.88
CA GLY C 444 -13.87 29.61 33.71
C GLY C 444 -13.26 30.32 34.93
N PRO C 445 -12.85 31.59 34.82
CA PRO C 445 -12.07 32.26 35.86
C PRO C 445 -12.78 32.34 37.20
N LEU C 446 -12.01 32.15 38.27
CA LEU C 446 -12.50 32.06 39.64
C LEU C 446 -11.86 33.15 40.50
N GLU C 447 -11.65 34.33 39.94
CA GLU C 447 -10.63 35.29 40.37
C GLU C 447 -10.67 35.64 41.87
N ALA C 448 -11.86 35.85 42.43
CA ALA C 448 -12.06 36.09 43.85
C ALA C 448 -11.50 34.93 44.71
N LYS C 449 -11.90 33.70 44.39
CA LYS C 449 -11.38 32.49 45.04
C LYS C 449 -9.89 32.37 44.80
N ARG C 450 -9.42 32.49 43.56
CA ARG C 450 -8.01 32.34 43.20
C ARG C 450 -7.11 33.28 44.02
N GLN C 451 -7.51 34.53 44.17
CA GLN C 451 -6.86 35.49 45.06
C GLN C 451 -6.97 35.11 46.54
N ASN C 452 -8.09 34.58 47.03
CA ASN C 452 -8.16 34.09 48.42
C ASN C 452 -7.20 32.90 48.65
N LEU C 453 -7.14 31.97 47.69
CA LEU C 453 -6.24 30.82 47.71
C LEU C 453 -4.78 31.28 47.72
N ARG C 454 -4.42 32.26 46.88
CA ARG C 454 -3.09 32.89 46.92
C ARG C 454 -2.86 33.60 48.26
N ARG C 455 -3.82 34.37 48.75
CA ARG C 455 -3.67 35.18 49.96
C ARG C 455 -3.41 34.30 51.18
N ALA C 456 -4.11 33.18 51.27
CA ALA C 456 -3.85 32.12 52.23
C ALA C 456 -2.47 31.47 52.04
N LEU C 457 -2.08 31.10 50.82
CA LEU C 457 -0.76 30.53 50.57
C LEU C 457 0.37 31.49 51.00
N ASP C 458 0.20 32.79 50.79
CA ASP C 458 1.16 33.81 51.19
C ASP C 458 1.31 33.94 52.72
N GLN C 459 0.36 33.49 53.52
CA GLN C 459 0.57 33.21 54.95
C GLN C 459 1.13 31.80 55.18
N TYR C 460 0.64 30.79 54.46
CA TYR C 460 0.91 29.37 54.65
C TYR C 460 2.38 29.03 54.54
N LEU C 461 3.05 29.55 53.51
CA LEU C 461 4.49 29.35 53.30
C LEU C 461 5.36 30.09 54.34
N MET C 462 4.77 30.85 55.27
CA MET C 462 5.40 31.27 56.53
C MET C 462 5.00 30.32 57.68
N GLU C 463 3.71 30.00 57.78
CA GLU C 463 3.10 29.32 58.94
C GLU C 463 3.36 27.80 59.02
N PHE C 464 3.19 27.05 57.94
CA PHE C 464 3.44 25.61 57.86
C PHE C 464 4.90 25.27 57.50
N ASN C 465 5.77 26.27 57.38
CA ASN C 465 7.09 26.11 56.80
C ASN C 465 8.10 25.44 57.77
N ALA C 466 8.88 24.48 57.26
CA ALA C 466 9.95 23.82 58.02
C ALA C 466 10.99 24.79 58.59
N CYS C 467 11.03 26.03 58.14
CA CYS C 467 11.83 27.11 58.73
C CYS C 467 11.66 27.23 60.26
N ARG C 468 10.45 26.95 60.78
CA ARG C 468 10.10 27.02 62.21
C ARG C 468 10.59 25.83 63.01
N CYS C 469 11.02 24.75 62.37
CA CYS C 469 11.46 23.53 63.02
C CYS C 469 12.84 23.61 63.68
N GLY C 470 13.50 24.75 63.63
CA GLY C 470 14.57 25.08 64.58
C GLY C 470 15.86 24.26 64.40
N PRO C 471 16.77 24.31 65.39
CA PRO C 471 18.11 23.76 65.27
C PRO C 471 18.13 22.24 65.07
N CYS C 472 18.78 21.79 64.00
CA CYS C 472 19.13 20.40 63.78
C CYS C 472 20.65 20.24 63.87
N PHE C 473 21.14 19.38 64.77
CA PHE C 473 22.57 19.06 64.87
C PHE C 473 23.05 18.19 63.69
N ASN C 474 24.37 18.14 63.45
CA ASN C 474 25.02 17.25 62.49
C ASN C 474 24.37 17.25 61.08
N ASN C 475 24.02 18.44 60.58
CA ASN C 475 23.37 18.66 59.29
C ASN C 475 22.00 17.97 59.11
N GLY C 476 21.29 17.65 60.20
CA GLY C 476 19.98 16.99 60.12
C GLY C 476 18.92 17.82 59.38
N VAL C 477 18.00 17.16 58.67
CA VAL C 477 16.90 17.80 57.94
C VAL C 477 15.80 18.23 58.92
N PRO C 478 15.47 19.53 59.07
CA PRO C 478 14.21 19.95 59.69
C PRO C 478 13.05 19.68 58.73
N ILE C 479 12.04 18.93 59.14
CA ILE C 479 10.74 18.80 58.43
C ILE C 479 9.60 18.91 59.45
N LEU C 480 8.53 19.62 59.08
CA LEU C 480 7.26 19.59 59.81
C LEU C 480 6.46 18.34 59.40
N GLU C 481 6.36 17.33 60.29
CA GLU C 481 5.23 16.40 60.24
C GLU C 481 3.98 17.13 60.74
N GLY C 482 2.77 16.80 60.29
CA GLY C 482 1.57 17.60 60.60
C GLY C 482 1.48 18.01 62.08
N THR C 483 1.55 19.31 62.35
CA THR C 483 1.51 19.92 63.71
C THR C 483 2.72 19.65 64.61
N SER C 484 3.79 19.00 64.13
CA SER C 484 4.95 18.63 64.96
C SER C 484 6.24 18.43 64.16
N CYS C 485 7.29 19.16 64.50
CA CYS C 485 8.58 19.11 63.80
C CYS C 485 9.47 17.91 64.19
N ARG C 486 10.27 17.44 63.22
CA ARG C 486 11.39 16.48 63.39
C ARG C 486 12.69 17.11 62.86
N CYS C 487 13.82 16.78 63.47
CA CYS C 487 15.15 16.96 62.88
C CYS C 487 15.76 15.59 62.58
N GLN C 488 15.62 15.10 61.34
CA GLN C 488 16.19 13.82 60.90
C GLN C 488 17.72 13.92 60.78
N CYS C 489 18.42 13.57 61.85
CA CYS C 489 19.88 13.50 61.87
C CYS C 489 20.43 12.27 61.11
N ARG C 490 21.53 12.43 60.36
CA ARG C 490 22.18 11.37 59.55
C ARG C 490 22.97 10.34 60.36
N LEU C 491 23.15 10.62 61.66
CA LEU C 491 23.69 9.76 62.71
C LEU C 491 23.01 10.09 64.04
N GLY C 492 22.95 9.11 64.95
CA GLY C 492 22.39 9.27 66.30
C GLY C 492 20.88 9.53 66.36
N SER C 493 20.36 9.70 67.58
CA SER C 493 18.96 10.06 67.84
C SER C 493 18.67 11.51 67.44
N LEU C 494 17.42 11.78 67.00
CA LEU C 494 16.97 13.06 66.44
C LEU C 494 16.93 14.20 67.47
N GLY C 495 16.90 15.45 66.98
CA GLY C 495 16.76 16.65 67.81
C GLY C 495 18.10 17.30 68.21
N ALA C 496 18.20 17.90 69.40
CA ALA C 496 19.45 18.47 69.85
C ALA C 496 20.52 17.40 70.12
N ALA C 497 21.80 17.79 70.06
CA ALA C 497 22.95 16.95 70.41
C ALA C 497 22.94 15.58 69.71
N CYS C 498 22.72 15.54 68.40
CA CYS C 498 22.69 14.30 67.62
C CYS C 498 24.01 13.50 67.60
N GLU C 499 25.11 14.08 68.12
CA GLU C 499 26.42 13.43 68.15
C GLU C 499 27.07 13.34 69.54
N GLN C 500 27.75 12.21 69.72
CA GLN C 500 28.55 11.83 70.88
C GLN C 500 29.82 11.06 70.45
N THR C 501 29.89 10.63 69.18
CA THR C 501 31.04 9.95 68.57
C THR C 501 31.96 10.97 67.89
N GLN C 502 31.37 11.95 67.19
CA GLN C 502 32.10 13.08 66.61
C GLN C 502 32.54 14.10 67.67
N THR C 503 33.72 14.69 67.50
CA THR C 503 34.24 15.74 68.40
C THR C 503 33.54 17.08 68.19
N GLU C 504 33.73 18.03 69.11
CA GLU C 504 33.20 19.40 68.97
C GLU C 504 33.86 20.21 67.84
N GLY C 505 34.91 19.66 67.19
CA GLY C 505 35.51 20.18 65.97
C GLY C 505 34.75 19.82 64.67
N ALA C 506 33.61 19.11 64.76
CA ALA C 506 32.81 18.71 63.60
C ALA C 506 32.26 19.90 62.78
N LYS C 507 32.10 19.69 61.47
CA LYS C 507 31.73 20.72 60.49
C LYS C 507 30.26 20.60 60.08
N ALA C 508 29.49 21.68 60.24
CA ALA C 508 28.08 21.73 59.83
C ALA C 508 27.67 23.15 59.44
N ASP C 509 26.77 23.28 58.46
CA ASP C 509 26.43 24.59 57.89
C ASP C 509 25.57 25.48 58.80
N GLY C 510 25.52 26.77 58.46
CA GLY C 510 24.39 27.63 58.78
C GLY C 510 23.32 27.53 57.67
N SER C 511 22.05 27.43 58.07
CA SER C 511 20.90 27.36 57.15
C SER C 511 19.70 28.16 57.69
N TRP C 512 18.82 28.60 56.80
CA TRP C 512 17.86 29.70 57.02
C TRP C 512 17.07 29.67 58.34
N SER C 513 17.00 30.82 59.00
CA SER C 513 15.87 31.20 59.85
C SER C 513 14.68 31.67 58.98
N CYS C 514 13.45 31.64 59.51
CA CYS C 514 12.26 31.87 58.69
C CYS C 514 12.08 33.31 58.16
N TRP C 515 11.19 33.46 57.18
CA TRP C 515 10.54 34.72 56.87
C TRP C 515 9.91 35.37 58.12
N SER C 516 10.01 36.68 58.25
CA SER C 516 9.08 37.47 59.06
C SER C 516 7.64 37.41 58.47
N SER C 517 6.65 37.91 59.21
CA SER C 517 5.41 38.38 58.58
C SER C 517 5.67 39.61 57.68
N TRP C 518 4.72 40.00 56.83
CA TRP C 518 4.81 41.26 56.08
C TRP C 518 4.85 42.46 57.04
N SER C 519 5.92 43.25 57.01
CA SER C 519 6.12 44.36 57.94
C SER C 519 5.23 45.57 57.62
N VAL C 520 5.14 46.52 58.56
CA VAL C 520 4.45 47.81 58.41
C VAL C 520 5.00 48.57 57.20
N CYS C 521 4.13 49.27 56.47
CA CYS C 521 4.43 49.72 55.11
C CYS C 521 4.06 51.19 54.84
N ARG C 522 4.64 51.71 53.76
CA ARG C 522 4.54 53.10 53.26
C ARG C 522 4.34 53.05 51.74
N ALA C 523 3.91 54.15 51.11
CA ALA C 523 3.46 54.16 49.72
C ALA C 523 4.43 53.48 48.71
N GLY C 524 5.75 53.63 48.91
CA GLY C 524 6.79 52.98 48.12
C GLY C 524 7.63 51.91 48.84
N ILE C 525 7.29 51.52 50.07
CA ILE C 525 8.08 50.57 50.89
C ILE C 525 7.19 49.54 51.59
N GLN C 526 7.49 48.25 51.41
CA GLN C 526 7.12 47.18 52.34
C GLN C 526 8.20 46.10 52.35
N GLU C 527 8.43 45.47 53.51
CA GLU C 527 9.51 44.49 53.69
C GLU C 527 9.03 43.16 54.29
N ARG C 528 9.73 42.08 53.93
CA ARG C 528 9.77 40.79 54.62
C ARG C 528 11.23 40.40 54.78
N ARG C 529 11.61 39.80 55.91
CA ARG C 529 13.02 39.64 56.31
C ARG C 529 13.38 38.20 56.66
N ARG C 530 14.69 37.89 56.62
CA ARG C 530 15.30 36.57 56.85
C ARG C 530 16.57 36.72 57.70
N GLU C 531 17.07 35.63 58.25
CA GLU C 531 18.45 35.52 58.74
C GLU C 531 19.10 34.22 58.22
N CYS C 532 20.38 34.29 57.84
CA CYS C 532 21.09 33.20 57.18
C CYS C 532 21.17 31.91 58.04
N ASP C 533 21.35 32.10 59.34
CA ASP C 533 21.00 31.18 60.43
C ASP C 533 21.01 31.98 61.75
N ASN C 534 20.49 31.44 62.85
CA ASN C 534 20.59 32.06 64.18
C ASN C 534 22.05 32.04 64.71
N PRO C 535 22.72 30.88 64.88
CA PRO C 535 24.15 30.81 65.19
C PRO C 535 25.02 31.02 63.94
N ALA C 536 26.33 31.14 64.14
CA ALA C 536 27.31 30.88 63.08
C ALA C 536 27.35 29.37 62.70
N PRO C 537 27.89 28.99 61.53
CA PRO C 537 28.13 27.59 61.18
C PRO C 537 29.04 26.88 62.20
N GLN C 538 28.90 25.55 62.35
CA GLN C 538 29.77 24.79 63.24
C GLN C 538 31.16 24.63 62.60
N ASN C 539 32.18 25.14 63.30
CA ASN C 539 33.58 25.20 62.85
C ASN C 539 33.69 25.81 61.43
N GLY C 540 34.33 25.12 60.48
CA GLY C 540 34.50 25.58 59.09
C GLY C 540 33.27 25.45 58.18
N GLY C 541 32.07 25.24 58.74
CA GLY C 541 30.84 24.95 57.98
C GLY C 541 30.41 26.01 56.96
N ALA C 542 29.64 25.57 55.96
CA ALA C 542 29.07 26.41 54.91
C ALA C 542 27.94 27.35 55.40
N SER C 543 27.37 28.15 54.49
CA SER C 543 26.32 29.14 54.79
C SER C 543 25.23 29.19 53.69
N CYS C 544 24.11 29.87 53.99
CA CYS C 544 22.96 30.03 53.09
C CYS C 544 23.29 30.72 51.75
N PRO C 545 22.39 30.68 50.75
CA PRO C 545 22.49 31.43 49.49
C PRO C 545 22.56 32.98 49.60
N GLY C 546 22.32 33.56 50.78
CA GLY C 546 22.63 34.97 51.09
C GLY C 546 21.52 35.98 50.76
N ARG C 547 20.68 36.30 51.75
CA ARG C 547 19.65 37.36 51.74
C ARG C 547 19.42 37.89 53.16
N LYS C 548 18.86 39.10 53.26
CA LYS C 548 18.33 39.68 54.52
C LYS C 548 16.94 40.30 54.36
N VAL C 549 16.67 40.94 53.22
CA VAL C 549 15.41 41.67 52.95
C VAL C 549 14.82 41.28 51.59
N GLN C 550 13.49 41.22 51.52
CA GLN C 550 12.66 41.10 50.32
C GLN C 550 11.53 42.15 50.43
N THR C 551 10.94 42.57 49.31
CA THR C 551 9.99 43.71 49.28
C THR C 551 8.66 43.39 48.58
N GLN C 552 7.63 44.17 48.91
CA GLN C 552 6.22 43.92 48.54
C GLN C 552 5.52 45.22 48.07
N ALA C 553 4.36 45.10 47.40
CA ALA C 553 3.76 46.15 46.56
C ALA C 553 3.36 47.48 47.27
N CYS C 554 3.13 47.50 48.59
CA CYS C 554 2.84 48.75 49.32
C CYS C 554 4.02 49.74 49.30
N SER D 18 15.66 5.49 95.65
CA SER D 18 15.20 4.18 96.14
C SER D 18 13.84 3.80 95.52
N HIS D 19 13.32 2.60 95.79
CA HIS D 19 12.06 2.08 95.25
C HIS D 19 10.84 2.91 95.70
N ILE D 20 9.87 3.10 94.79
CA ILE D 20 8.64 3.89 95.03
C ILE D 20 7.43 3.16 94.47
N ASP D 21 6.35 3.11 95.23
CA ASP D 21 5.10 2.42 94.86
C ASP D 21 4.14 3.30 94.03
N CYS D 22 3.18 2.65 93.38
CA CYS D 22 2.03 3.21 92.70
C CYS D 22 1.23 4.19 93.59
N ARG D 23 0.78 5.32 93.02
CA ARG D 23 -0.12 6.28 93.67
C ARG D 23 -1.14 6.86 92.69
N MET D 24 -2.37 7.05 93.17
CA MET D 24 -3.51 7.51 92.37
C MET D 24 -4.33 8.54 93.15
N SER D 25 -5.15 9.32 92.46
CA SER D 25 -6.19 10.15 93.08
C SER D 25 -7.27 9.30 93.77
N PRO D 26 -8.19 9.90 94.55
CA PRO D 26 -9.50 9.33 94.79
C PRO D 26 -10.28 9.13 93.48
N TRP D 27 -11.42 8.52 93.64
CA TRP D 27 -12.34 8.22 92.53
C TRP D 27 -13.23 9.49 92.42
N SER D 28 -13.32 10.28 91.27
CA SER D 28 -14.23 11.43 91.11
C SER D 28 -15.69 11.04 91.36
N GLU D 29 -16.53 12.00 91.75
CA GLU D 29 -17.94 11.78 92.05
C GLU D 29 -18.72 11.28 90.81
N TRP D 30 -19.65 10.37 91.04
CA TRP D 30 -20.42 9.63 89.99
C TRP D 30 -21.02 10.53 88.93
N SER D 31 -20.98 10.09 87.67
CA SER D 31 -21.84 10.72 86.67
C SER D 31 -23.31 10.44 86.92
N GLN D 32 -24.19 11.30 86.41
CA GLN D 32 -25.58 10.93 86.19
C GLN D 32 -25.67 9.80 85.17
N CYS D 33 -26.84 9.16 85.10
CA CYS D 33 -27.11 8.04 84.20
C CYS D 33 -27.25 8.53 82.76
N ASP D 34 -26.43 8.02 81.86
CA ASP D 34 -26.54 8.30 80.43
C ASP D 34 -27.80 7.61 79.85
N PRO D 35 -28.75 8.34 79.24
CA PRO D 35 -30.06 7.79 78.91
C PRO D 35 -30.06 6.55 78.01
N CYS D 36 -29.27 6.58 76.94
CA CYS D 36 -29.22 5.50 75.95
C CYS D 36 -28.20 4.41 76.30
N LEU D 37 -27.11 4.77 77.00
CA LEU D 37 -26.00 3.87 77.36
C LEU D 37 -26.25 3.09 78.68
N ARG D 38 -27.19 3.53 79.52
CA ARG D 38 -27.64 2.84 80.75
C ARG D 38 -26.53 2.60 81.77
N GLN D 39 -25.56 3.50 81.83
CA GLN D 39 -24.37 3.39 82.68
C GLN D 39 -24.02 4.73 83.32
N MET D 40 -23.11 4.68 84.30
CA MET D 40 -22.68 5.87 85.07
C MET D 40 -21.25 5.61 85.55
N PHE D 41 -20.38 6.61 85.53
CA PHE D 41 -18.97 6.41 85.91
C PHE D 41 -18.40 7.67 86.53
N ARG D 42 -17.16 7.55 86.98
CA ARG D 42 -16.26 8.66 87.33
C ARG D 42 -14.82 8.19 87.02
N SER D 43 -13.80 8.89 87.50
CA SER D 43 -12.46 8.44 87.08
C SER D 43 -11.46 8.58 88.22
N ARG D 44 -10.24 8.15 87.95
CA ARG D 44 -9.15 8.15 88.93
C ARG D 44 -7.82 8.36 88.19
N SER D 45 -7.18 9.50 88.40
CA SER D 45 -5.90 9.85 87.76
C SER D 45 -4.73 9.10 88.40
N ILE D 46 -3.78 8.61 87.61
CA ILE D 46 -2.50 8.16 88.16
C ILE D 46 -1.68 9.38 88.57
N GLU D 47 -1.14 9.39 89.79
CA GLU D 47 -0.16 10.40 90.21
C GLU D 47 1.25 9.94 89.84
N VAL D 48 1.63 8.74 90.31
CA VAL D 48 2.93 8.11 90.08
C VAL D 48 2.71 6.65 89.70
N PHE D 49 3.31 6.19 88.60
CA PHE D 49 3.13 4.83 88.06
C PHE D 49 3.81 3.71 88.89
N GLY D 50 4.54 4.07 89.94
CA GLY D 50 5.61 3.27 90.52
C GLY D 50 6.97 3.68 89.92
N GLN D 51 8.04 3.57 90.70
CA GLN D 51 9.40 3.93 90.26
C GLN D 51 10.43 2.97 90.88
N PHE D 52 11.54 2.74 90.18
CA PHE D 52 12.74 2.08 90.72
C PHE D 52 12.45 0.74 91.44
N ASN D 53 11.60 -0.09 90.81
CA ASN D 53 11.15 -1.39 91.29
C ASN D 53 10.40 -1.39 92.65
N GLY D 54 9.79 -0.27 93.03
CA GLY D 54 8.67 -0.29 93.98
C GLY D 54 7.40 -0.86 93.33
N LYS D 55 6.32 -1.01 94.09
CA LYS D 55 5.10 -1.68 93.60
C LYS D 55 4.51 -0.92 92.43
N ARG D 56 4.56 -1.53 91.25
CA ARG D 56 4.14 -0.98 89.94
C ARG D 56 2.62 -0.82 89.84
N CYS D 57 2.11 0.26 89.25
CA CYS D 57 0.67 0.46 89.04
C CYS D 57 0.04 -0.49 88.02
N THR D 58 -1.20 -0.83 88.14
CA THR D 58 -2.14 -1.20 87.15
C THR D 58 -3.55 -0.63 87.12
N ASP D 59 -4.04 -0.29 88.31
CA ASP D 59 -5.47 -0.30 88.62
C ASP D 59 -6.24 0.84 87.95
N ALA D 60 -7.51 0.56 87.62
CA ALA D 60 -8.23 1.27 86.56
C ALA D 60 -8.33 2.80 86.77
N VAL D 61 -8.21 3.54 85.65
CA VAL D 61 -8.41 4.99 85.55
C VAL D 61 -9.88 5.38 85.32
N GLY D 62 -10.69 4.47 84.77
CA GLY D 62 -12.14 4.64 84.58
C GLY D 62 -12.86 3.33 84.90
N ASP D 63 -13.90 3.38 85.73
CA ASP D 63 -14.75 2.22 86.01
C ASP D 63 -16.20 2.66 86.27
N ARG D 64 -17.15 1.79 85.99
CA ARG D 64 -18.56 2.15 85.75
C ARG D 64 -19.59 1.21 86.40
N ARG D 65 -20.77 1.75 86.68
CA ARG D 65 -21.91 1.06 87.31
C ARG D 65 -23.16 1.19 86.43
N GLN D 66 -23.98 0.15 86.36
CA GLN D 66 -25.21 0.16 85.57
C GLN D 66 -26.29 1.05 86.21
N CYS D 67 -27.18 1.63 85.41
CA CYS D 67 -28.32 2.40 85.91
C CYS D 67 -29.57 2.20 85.04
N VAL D 68 -30.75 2.05 85.67
CA VAL D 68 -32.04 2.27 84.99
C VAL D 68 -32.24 3.78 84.80
N PRO D 69 -32.27 4.29 83.55
CA PRO D 69 -32.01 5.70 83.27
C PRO D 69 -33.09 6.66 83.82
N THR D 70 -32.67 7.85 84.22
CA THR D 70 -33.51 8.89 84.87
C THR D 70 -34.41 9.66 83.90
N GLU D 71 -34.24 9.49 82.59
CA GLU D 71 -35.04 10.13 81.54
C GLU D 71 -35.00 9.31 80.23
N PRO D 72 -35.93 9.53 79.28
CA PRO D 72 -35.98 8.79 78.02
C PRO D 72 -34.72 8.98 77.14
N CYS D 73 -34.29 7.90 76.48
CA CYS D 73 -33.37 7.98 75.34
C CYS D 73 -34.06 8.62 74.13
N GLU D 74 -33.31 9.33 73.29
CA GLU D 74 -33.79 9.86 72.01
C GLU D 74 -34.10 8.73 70.99
N ASP D 75 -34.77 9.06 69.88
CA ASP D 75 -35.01 8.11 68.79
C ASP D 75 -33.68 7.55 68.23
N ALA D 76 -33.58 6.23 68.12
CA ALA D 76 -32.30 5.52 67.95
C ALA D 76 -31.70 5.57 66.54
N GLU D 77 -32.52 5.74 65.50
CA GLU D 77 -32.05 5.79 64.12
C GLU D 77 -31.19 7.03 63.83
N ASP D 78 -30.11 6.86 63.08
CA ASP D 78 -29.16 7.93 62.74
C ASP D 78 -28.74 7.83 61.26
N ASP D 79 -29.72 7.57 60.40
CA ASP D 79 -29.55 7.39 58.96
C ASP D 79 -29.27 8.73 58.24
N CYS D 80 -28.32 8.75 57.29
CA CYS D 80 -28.00 9.93 56.49
C CYS D 80 -29.05 10.20 55.39
N GLY D 81 -30.31 10.44 55.77
CA GLY D 81 -31.37 10.85 54.83
C GLY D 81 -31.74 9.78 53.81
N ASN D 82 -31.64 10.12 52.52
CA ASN D 82 -32.01 9.25 51.39
C ASN D 82 -31.07 8.04 51.16
N ASP D 83 -29.98 7.93 51.91
CA ASP D 83 -29.04 6.80 51.86
C ASP D 83 -29.69 5.44 52.21
N PHE D 84 -29.10 4.34 51.73
CA PHE D 84 -29.57 2.97 51.95
C PHE D 84 -29.15 2.44 53.33
N GLN D 85 -30.11 2.02 54.15
CA GLN D 85 -29.84 1.57 55.51
C GLN D 85 -29.37 0.11 55.52
N CYS D 86 -28.05 -0.10 55.43
CA CYS D 86 -27.42 -1.43 55.42
C CYS D 86 -27.56 -2.14 56.77
N SER D 87 -27.36 -3.46 56.82
CA SER D 87 -27.40 -4.24 58.08
C SER D 87 -26.35 -3.81 59.12
N THR D 88 -25.33 -3.06 58.71
CA THR D 88 -24.37 -2.38 59.58
C THR D 88 -24.92 -1.12 60.25
N GLY D 89 -25.92 -0.48 59.64
CA GLY D 89 -26.30 0.89 59.99
C GLY D 89 -25.21 1.92 59.67
N ARG D 90 -24.67 1.86 58.45
CA ARG D 90 -23.65 2.76 57.89
C ARG D 90 -24.18 3.42 56.61
N CYS D 91 -23.93 4.72 56.43
CA CYS D 91 -24.49 5.51 55.33
C CYS D 91 -23.86 5.16 53.96
N ILE D 92 -24.66 4.68 53.00
CA ILE D 92 -24.23 4.27 51.64
C ILE D 92 -25.31 4.57 50.58
N LYS D 93 -24.96 4.51 49.30
CA LYS D 93 -25.87 4.82 48.18
C LYS D 93 -26.05 3.62 47.25
N MET D 94 -27.19 3.51 46.59
CA MET D 94 -27.67 2.27 45.96
C MET D 94 -26.74 1.69 44.87
N ARG D 95 -25.97 2.54 44.18
CA ARG D 95 -24.92 2.12 43.24
C ARG D 95 -23.86 1.19 43.84
N LEU D 96 -23.60 1.30 45.15
CA LEU D 96 -22.57 0.56 45.89
C LEU D 96 -23.02 -0.87 46.28
N ARG D 97 -24.33 -1.02 46.51
CA ARG D 97 -24.97 -2.28 46.85
C ARG D 97 -25.35 -3.09 45.61
N CYS D 98 -26.18 -2.54 44.72
CA CYS D 98 -26.72 -3.27 43.57
C CYS D 98 -25.68 -3.63 42.51
N ASN D 99 -24.52 -2.98 42.47
CA ASN D 99 -23.38 -3.39 41.64
C ASN D 99 -22.57 -4.55 42.27
N GLY D 100 -23.13 -5.20 43.29
CA GLY D 100 -22.60 -6.42 43.88
C GLY D 100 -21.35 -6.25 44.73
N ASP D 101 -20.92 -5.01 44.99
CA ASP D 101 -19.56 -4.79 45.50
C ASP D 101 -19.45 -5.02 47.01
N ASN D 102 -20.57 -5.08 47.72
CA ASN D 102 -20.62 -5.31 49.18
C ASN D 102 -19.89 -4.22 49.98
N ASP D 103 -20.01 -2.98 49.56
CA ASP D 103 -19.34 -1.86 50.21
C ASP D 103 -19.86 -1.59 51.62
N CYS D 104 -21.13 -1.82 51.93
CA CYS D 104 -21.74 -1.29 53.16
C CYS D 104 -21.33 -1.95 54.49
N GLY D 105 -20.59 -3.06 54.45
CA GLY D 105 -19.76 -3.53 55.57
C GLY D 105 -20.14 -4.91 56.12
N ASP D 106 -21.20 -5.53 55.62
CA ASP D 106 -21.72 -6.80 56.12
C ASP D 106 -22.27 -7.72 55.00
N PHE D 107 -21.67 -7.64 53.81
CA PHE D 107 -21.93 -8.55 52.68
C PHE D 107 -23.41 -8.77 52.34
N SER D 108 -24.19 -7.68 52.25
CA SER D 108 -25.65 -7.75 52.08
C SER D 108 -26.16 -7.69 50.62
N ASP D 109 -25.30 -7.52 49.60
CA ASP D 109 -25.71 -7.13 48.23
C ASP D 109 -26.80 -7.99 47.59
N GLU D 110 -26.84 -9.29 47.92
CA GLU D 110 -27.83 -10.23 47.37
C GLU D 110 -29.27 -9.81 47.69
N ASP D 111 -29.46 -8.99 48.72
CA ASP D 111 -30.78 -8.48 49.08
C ASP D 111 -31.25 -7.34 48.15
N ASP D 112 -30.36 -6.72 47.38
CA ASP D 112 -30.61 -5.41 46.79
C ASP D 112 -31.04 -5.44 45.32
N CYS D 113 -30.45 -6.31 44.49
CA CYS D 113 -30.77 -6.43 43.06
C CYS D 113 -30.69 -7.88 42.54
N GLU D 114 -31.44 -8.17 41.48
CA GLU D 114 -31.48 -9.48 40.80
C GLU D 114 -30.85 -9.47 39.38
N SER D 115 -30.88 -8.33 38.68
CA SER D 115 -30.45 -8.20 37.28
C SER D 115 -29.13 -7.43 37.17
N GLU D 116 -28.17 -8.08 36.51
CA GLU D 116 -26.82 -7.63 36.19
C GLU D 116 -26.08 -6.91 37.34
N PRO D 117 -26.07 -7.45 38.57
CA PRO D 117 -25.40 -6.82 39.71
C PRO D 117 -23.88 -7.05 39.71
N ARG D 118 -23.26 -7.39 38.58
CA ARG D 118 -21.85 -7.79 38.52
C ARG D 118 -20.89 -6.64 38.92
N PRO D 119 -19.73 -6.94 39.53
CA PRO D 119 -18.76 -5.96 40.03
C PRO D 119 -18.31 -4.93 38.98
N PRO D 120 -17.72 -3.78 39.40
CA PRO D 120 -17.51 -2.64 38.51
C PRO D 120 -16.49 -2.91 37.39
N CYS D 121 -15.62 -3.90 37.58
CA CYS D 121 -14.72 -4.41 36.58
C CYS D 121 -15.47 -5.38 35.65
N ARG D 122 -16.13 -4.85 34.61
CA ARG D 122 -17.18 -5.53 33.84
C ARG D 122 -16.86 -6.99 33.51
N ASP D 123 -15.73 -7.22 32.84
CA ASP D 123 -15.14 -8.56 32.65
C ASP D 123 -13.81 -8.74 33.41
N ARG D 124 -13.02 -7.68 33.51
CA ARG D 124 -11.63 -7.72 33.97
C ARG D 124 -11.46 -7.73 35.50
N VAL D 125 -12.13 -8.67 36.16
CA VAL D 125 -12.03 -8.86 37.62
C VAL D 125 -10.58 -9.11 38.06
N VAL D 126 -10.22 -8.52 39.20
CA VAL D 126 -8.83 -8.23 39.58
C VAL D 126 -8.61 -8.49 41.07
N GLU D 127 -7.42 -8.95 41.44
CA GLU D 127 -7.07 -9.27 42.81
C GLU D 127 -7.04 -8.02 43.72
N GLU D 128 -7.17 -8.20 45.03
CA GLU D 128 -6.93 -7.15 46.02
C GLU D 128 -5.44 -7.05 46.37
N SER D 129 -5.07 -6.17 47.31
CA SER D 129 -3.72 -6.17 47.89
C SER D 129 -3.78 -6.08 49.40
N GLU D 130 -3.01 -6.93 50.06
CA GLU D 130 -2.88 -6.93 51.52
C GLU D 130 -2.10 -5.70 51.99
N LEU D 131 -1.11 -5.26 51.21
CA LEU D 131 -0.32 -4.07 51.49
C LEU D 131 -1.19 -2.83 51.38
N ALA D 132 -2.21 -2.87 50.52
CA ALA D 132 -3.23 -1.84 50.50
C ALA D 132 -4.22 -1.94 51.67
N ARG D 133 -4.76 -3.12 51.98
CA ARG D 133 -5.74 -3.30 53.07
C ARG D 133 -5.29 -2.71 54.40
N THR D 134 -4.04 -2.86 54.81
CA THR D 134 -3.59 -2.36 56.10
C THR D 134 -3.34 -0.86 56.12
N ALA D 135 -3.73 -0.11 55.09
CA ALA D 135 -3.50 1.33 55.01
C ALA D 135 -4.37 2.10 56.00
N GLY D 136 -3.82 3.16 56.57
CA GLY D 136 -4.48 3.83 57.69
C GLY D 136 -4.53 2.90 58.89
N TYR D 137 -3.38 2.40 59.31
CA TYR D 137 -3.18 1.88 60.65
C TYR D 137 -3.51 2.97 61.67
N GLY D 138 -4.23 2.66 62.73
CA GLY D 138 -4.25 3.53 63.89
C GLY D 138 -2.87 3.57 64.51
N ILE D 139 -2.55 4.57 65.31
CA ILE D 139 -1.32 4.63 66.09
C ILE D 139 -1.61 5.23 67.45
N ASN D 140 -0.87 4.81 68.48
CA ASN D 140 -1.03 5.28 69.84
C ASN D 140 0.32 5.76 70.37
N ILE D 141 0.39 6.93 71.00
CA ILE D 141 1.62 7.45 71.61
C ILE D 141 2.21 6.45 72.62
N LEU D 142 1.38 5.66 73.32
CA LEU D 142 1.87 4.50 74.05
C LEU D 142 2.17 3.33 73.09
N GLY D 143 3.44 2.90 73.01
CA GLY D 143 3.90 1.77 72.21
C GLY D 143 4.00 1.99 70.69
N MET D 144 3.34 3.02 70.15
CA MET D 144 3.47 3.46 68.76
C MET D 144 3.07 2.39 67.73
N ASP D 145 2.16 1.53 68.15
CA ASP D 145 1.73 0.34 67.46
C ASP D 145 0.89 0.66 66.22
N PRO D 146 1.16 0.09 65.04
CA PRO D 146 0.23 0.09 63.92
C PRO D 146 -1.02 -0.75 64.20
N LEU D 147 -1.91 -0.24 65.04
CA LEU D 147 -3.22 -0.82 65.35
C LEU D 147 -4.05 -1.00 64.07
N SER D 148 -4.81 -2.10 63.99
CA SER D 148 -5.57 -2.47 62.79
C SER D 148 -6.57 -1.39 62.38
N THR D 149 -6.83 -1.28 61.08
CA THR D 149 -7.23 0.00 60.47
C THR D 149 -8.59 0.53 60.97
N PRO D 150 -8.66 1.81 61.42
CA PRO D 150 -9.93 2.52 61.56
C PRO D 150 -10.76 2.52 60.27
N PHE D 151 -10.06 2.62 59.16
CA PHE D 151 -10.57 2.64 57.81
C PHE D 151 -11.07 1.29 57.38
N ASP D 152 -12.08 1.26 56.54
CA ASP D 152 -12.59 0.05 55.94
C ASP D 152 -12.13 -0.05 54.51
N ASN D 153 -10.91 -0.49 54.33
CA ASN D 153 -10.32 -0.58 53.00
C ASN D 153 -10.92 -1.68 52.14
N GLU D 154 -11.95 -2.36 52.58
CA GLU D 154 -12.70 -3.27 51.74
C GLU D 154 -13.92 -2.57 51.13
N PHE D 155 -14.20 -1.33 51.54
CA PHE D 155 -15.03 -0.42 50.77
C PHE D 155 -14.22 0.09 49.58
N TYR D 156 -14.77 0.00 48.37
CA TYR D 156 -14.14 0.43 47.13
C TYR D 156 -14.90 1.54 46.41
N ASN D 157 -15.97 2.08 47.02
CA ASN D 157 -16.83 3.11 46.43
C ASN D 157 -17.41 2.69 45.07
N GLY D 158 -17.68 1.39 44.88
CA GLY D 158 -18.09 0.81 43.61
C GLY D 158 -17.10 1.03 42.47
N LEU D 159 -15.87 1.47 42.73
CA LEU D 159 -14.85 1.72 41.72
C LEU D 159 -14.15 0.40 41.34
N CYS D 160 -13.76 0.24 40.07
CA CYS D 160 -12.86 -0.85 39.70
C CYS D 160 -11.40 -0.56 40.07
N ASN D 161 -10.97 0.71 39.99
CA ASN D 161 -9.76 1.27 40.58
C ASN D 161 -8.48 0.39 40.52
N ARG D 162 -8.13 -0.06 39.32
CA ARG D 162 -7.00 -0.94 39.02
C ARG D 162 -5.66 -0.20 39.04
N ASP D 163 -4.87 -0.41 40.09
CA ASP D 163 -3.42 -0.31 39.97
C ASP D 163 -2.84 -1.56 39.26
N ARG D 164 -1.59 -1.48 38.83
CA ARG D 164 -0.73 -2.62 38.53
C ARG D 164 0.64 -2.51 39.19
N ASP D 165 0.72 -1.77 40.31
CA ASP D 165 1.97 -1.38 40.93
C ASP D 165 2.53 -2.44 41.90
N GLY D 166 3.72 -2.20 42.46
CA GLY D 166 4.50 -3.23 43.14
C GLY D 166 5.20 -4.20 42.18
N ASN D 167 6.14 -5.00 42.70
CA ASN D 167 7.10 -5.74 41.87
C ASN D 167 6.58 -7.09 41.35
N THR D 168 5.44 -7.58 41.86
CA THR D 168 4.77 -8.81 41.38
C THR D 168 4.29 -8.71 39.92
N LEU D 169 4.36 -7.52 39.31
CA LEU D 169 4.04 -7.29 37.89
C LEU D 169 2.65 -7.82 37.53
N THR D 170 1.67 -7.56 38.40
CA THR D 170 0.30 -8.08 38.34
C THR D 170 -0.70 -7.05 38.89
N TYR D 171 -1.87 -6.93 38.27
CA TYR D 171 -2.91 -5.95 38.60
C TYR D 171 -3.54 -6.16 40.00
N TYR D 172 -3.93 -5.06 40.65
CA TYR D 172 -4.69 -5.10 41.91
C TYR D 172 -5.68 -3.92 42.06
N ARG D 173 -6.83 -4.10 42.71
CA ARG D 173 -7.76 -3.00 43.02
C ARG D 173 -7.36 -2.27 44.30
N ARG D 174 -7.18 -0.95 44.21
CA ARG D 174 -6.79 -0.07 45.32
C ARG D 174 -8.01 0.38 46.12
N PRO D 175 -7.92 0.49 47.46
CA PRO D 175 -9.09 0.72 48.30
C PRO D 175 -9.50 2.18 48.33
N TRP D 176 -10.77 2.45 48.60
CA TRP D 176 -11.34 3.80 48.51
C TRP D 176 -10.63 4.81 49.37
N ASN D 177 -10.24 4.44 50.58
CA ASN D 177 -9.66 5.38 51.51
C ASN D 177 -8.20 5.69 51.23
N VAL D 178 -7.59 5.09 50.22
CA VAL D 178 -6.20 5.33 49.84
C VAL D 178 -6.14 6.13 48.54
N ALA D 179 -5.61 7.34 48.61
CA ALA D 179 -5.57 8.25 47.46
C ALA D 179 -4.64 7.70 46.38
N SER D 180 -3.46 7.25 46.78
CA SER D 180 -2.65 6.28 46.05
C SER D 180 -1.81 5.47 47.01
N LEU D 181 -1.47 4.24 46.64
CA LEU D 181 -0.35 3.47 47.18
C LEU D 181 0.72 3.47 46.08
N ILE D 182 1.53 4.52 46.05
CA ILE D 182 2.61 4.65 45.06
C ILE D 182 3.78 3.80 45.49
N TYR D 183 4.17 2.80 44.70
CA TYR D 183 5.38 2.02 44.97
C TYR D 183 6.61 2.78 44.48
N GLU D 184 6.85 3.96 45.03
CA GLU D 184 7.97 4.83 44.71
C GLU D 184 9.25 4.28 45.36
N THR D 185 9.92 3.32 44.70
CA THR D 185 11.01 2.58 45.34
C THR D 185 12.21 3.44 45.65
N LYS D 186 12.79 3.21 46.82
CA LYS D 186 14.10 3.71 47.21
C LYS D 186 14.84 2.61 47.94
N GLY D 187 16.14 2.48 47.69
CA GLY D 187 17.07 1.71 48.51
C GLY D 187 18.25 2.59 48.87
N GLU D 188 18.51 2.85 50.14
CA GLU D 188 19.64 3.67 50.57
C GLU D 188 20.44 2.98 51.67
N LYS D 189 21.76 2.96 51.52
CA LYS D 189 22.72 2.63 52.57
C LYS D 189 23.47 3.91 52.96
N ASN D 190 23.45 4.23 54.23
CA ASN D 190 24.23 5.29 54.84
C ASN D 190 25.27 4.61 55.72
N PHE D 191 26.54 4.97 55.58
CA PHE D 191 27.62 4.33 56.30
C PHE D 191 28.63 5.37 56.79
N ARG D 192 29.16 5.17 57.98
CA ARG D 192 30.18 6.03 58.58
C ARG D 192 31.12 5.15 59.41
N THR D 193 32.41 5.45 59.34
CA THR D 193 33.41 4.95 60.27
C THR D 193 34.37 6.06 60.66
N GLU D 194 34.96 5.91 61.84
CA GLU D 194 35.79 6.93 62.46
C GLU D 194 36.66 6.28 63.53
N HIS D 195 37.97 6.53 63.47
CA HIS D 195 38.96 5.83 64.27
C HIS D 195 40.11 6.76 64.62
N TYR D 196 40.71 6.57 65.80
CA TYR D 196 41.80 7.41 66.28
C TYR D 196 42.81 6.61 67.07
N GLU D 197 44.06 7.09 67.06
CA GLU D 197 45.15 6.54 67.87
C GLU D 197 46.00 7.66 68.47
N GLU D 198 46.47 7.47 69.70
CA GLU D 198 47.32 8.41 70.43
C GLU D 198 48.38 7.62 71.21
N GLN D 199 49.62 8.10 71.28
CA GLN D 199 50.65 7.50 72.14
C GLN D 199 51.68 8.53 72.63
N ILE D 200 52.22 8.30 73.84
CA ILE D 200 53.23 9.12 74.50
C ILE D 200 54.23 8.22 75.23
N SER D 267 52.38 5.27 77.42
CA SER D 267 50.92 5.08 77.31
C SER D 267 50.43 5.13 75.85
N LYS D 268 49.34 4.42 75.56
CA LYS D 268 48.70 4.38 74.23
C LYS D 268 47.17 4.26 74.36
N LYS D 269 46.44 4.88 73.43
CA LYS D 269 44.96 4.86 73.34
C LYS D 269 44.47 4.62 71.92
N GLU D 270 43.40 3.84 71.77
CA GLU D 270 42.80 3.46 70.49
C GLU D 270 41.27 3.50 70.56
N LYS D 271 40.61 4.08 69.56
CA LYS D 271 39.17 4.43 69.59
C LYS D 271 38.50 4.08 68.27
N MET D 272 37.30 3.52 68.30
CA MET D 272 36.53 3.14 67.11
C MET D 272 35.04 3.46 67.23
N PHE D 273 34.46 4.00 66.16
CA PHE D 273 33.02 4.07 65.94
C PHE D 273 32.64 3.56 64.54
N LEU D 274 31.56 2.78 64.46
CA LEU D 274 30.97 2.30 63.21
C LEU D 274 29.45 2.46 63.25
N HIS D 275 28.87 3.00 62.17
CA HIS D 275 27.43 3.07 61.97
C HIS D 275 27.08 2.63 60.55
N VAL D 276 26.06 1.80 60.44
CA VAL D 276 25.49 1.38 59.17
C VAL D 276 23.98 1.39 59.28
N LYS D 277 23.27 1.98 58.32
CA LYS D 277 21.85 1.66 58.11
C LYS D 277 21.51 1.47 56.66
N GLY D 278 20.60 0.55 56.39
CA GLY D 278 20.05 0.32 55.07
C GLY D 278 18.53 0.34 55.14
N GLU D 279 17.90 1.07 54.23
CA GLU D 279 16.48 1.33 54.21
C GLU D 279 16.00 1.00 52.83
N ILE D 280 14.90 0.29 52.75
CA ILE D 280 14.26 0.08 51.47
C ILE D 280 12.80 0.46 51.65
N HIS D 281 12.33 1.37 50.81
CA HIS D 281 10.96 1.84 50.79
C HIS D 281 10.34 1.20 49.59
N LEU D 282 9.37 0.34 49.81
CA LEU D 282 8.62 -0.31 48.75
C LEU D 282 7.57 0.64 48.17
N GLY D 283 7.01 1.53 48.99
CA GLY D 283 5.97 2.46 48.59
C GLY D 283 5.39 3.29 49.73
N ARG D 284 4.54 4.26 49.37
CA ARG D 284 3.85 5.19 50.28
C ARG D 284 2.36 5.19 50.02
N PHE D 285 1.58 5.13 51.08
CA PHE D 285 0.13 5.27 51.05
C PHE D 285 -0.27 6.62 51.62
N VAL D 286 -1.27 7.27 51.02
CA VAL D 286 -1.92 8.49 51.53
C VAL D 286 -3.40 8.21 51.73
N MET D 287 -3.95 8.49 52.92
CA MET D 287 -5.36 8.34 53.23
C MET D 287 -6.16 9.58 52.82
N ARG D 288 -7.35 9.37 52.25
CA ARG D 288 -8.19 10.44 51.69
C ARG D 288 -8.67 11.40 52.79
N ASN D 289 -8.48 12.72 52.63
CA ASN D 289 -8.75 13.72 53.69
C ASN D 289 -10.22 14.21 53.80
N ARG D 290 -11.11 13.76 52.93
CA ARG D 290 -12.58 13.90 53.01
C ARG D 290 -13.24 12.66 52.45
N ASP D 291 -14.47 12.40 52.83
CA ASP D 291 -15.28 11.24 52.40
C ASP D 291 -14.75 9.86 52.84
N VAL D 292 -14.11 9.79 54.01
CA VAL D 292 -13.61 8.55 54.60
C VAL D 292 -14.74 7.54 54.88
N VAL D 293 -14.54 6.26 54.55
CA VAL D 293 -15.39 5.16 55.01
C VAL D 293 -14.69 4.42 56.12
N LEU D 294 -15.29 4.45 57.29
CA LEU D 294 -14.78 3.81 58.48
C LEU D 294 -15.34 2.42 58.65
N THR D 295 -14.61 1.57 59.36
CA THR D 295 -15.11 0.23 59.73
C THR D 295 -16.40 0.35 60.51
N THR D 296 -17.30 -0.61 60.31
CA THR D 296 -18.58 -0.68 61.05
C THR D 296 -18.32 -0.59 62.54
N THR D 297 -17.29 -1.28 63.00
CA THR D 297 -16.87 -1.21 64.39
C THR D 297 -16.39 0.18 64.77
N PHE D 298 -15.55 0.88 64.00
CA PHE D 298 -15.08 2.21 64.39
C PHE D 298 -16.24 3.18 64.57
N VAL D 299 -17.16 3.26 63.60
CA VAL D 299 -18.30 4.18 63.68
C VAL D 299 -19.25 3.80 64.81
N ASP D 300 -19.61 2.52 64.94
CA ASP D 300 -20.52 2.11 65.99
C ASP D 300 -19.86 2.19 67.38
N ASP D 301 -18.55 2.02 67.48
CA ASP D 301 -17.82 2.18 68.72
C ASP D 301 -17.57 3.65 69.08
N ILE D 302 -17.86 4.61 68.20
CA ILE D 302 -18.05 6.01 68.64
C ILE D 302 -19.52 6.32 68.96
N LYS D 303 -20.50 5.65 68.34
CA LYS D 303 -21.92 5.79 68.73
C LYS D 303 -22.08 5.48 70.21
N ALA D 304 -21.36 4.47 70.68
CA ALA D 304 -21.31 4.05 72.07
C ALA D 304 -20.69 5.05 73.05
N LEU D 305 -20.18 6.22 72.63
CA LEU D 305 -19.54 7.17 73.55
C LEU D 305 -20.54 7.77 74.59
N PRO D 306 -20.05 8.38 75.70
CA PRO D 306 -20.91 8.86 76.79
C PRO D 306 -21.83 10.03 76.44
N THR D 307 -21.36 10.90 75.53
CA THR D 307 -21.90 12.24 75.23
C THR D 307 -21.68 13.31 76.31
N THR D 308 -20.97 13.01 77.41
CA THR D 308 -20.96 13.89 78.62
C THR D 308 -19.59 14.18 79.24
N TYR D 309 -18.49 13.90 78.52
CA TYR D 309 -17.09 14.05 78.97
C TYR D 309 -16.73 13.18 80.19
N GLU D 310 -16.76 11.85 80.02
CA GLU D 310 -16.31 10.88 81.04
C GLU D 310 -15.04 10.17 80.54
N LYS D 311 -13.90 10.30 81.24
CA LYS D 311 -12.59 9.82 80.72
C LYS D 311 -12.65 8.39 80.26
N GLY D 312 -13.24 7.50 81.05
CA GLY D 312 -13.09 6.06 80.88
C GLY D 312 -13.54 5.56 79.51
N GLU D 313 -14.68 6.03 79.02
CA GLU D 313 -15.21 5.52 77.75
C GLU D 313 -14.50 6.13 76.55
N TYR D 314 -14.12 7.40 76.65
CA TYR D 314 -13.23 8.06 75.68
C TYR D 314 -11.85 7.39 75.64
N PHE D 315 -11.19 7.16 76.78
CA PHE D 315 -9.92 6.45 76.86
C PHE D 315 -10.06 5.04 76.31
N ALA D 316 -11.15 4.34 76.57
CA ALA D 316 -11.36 3.01 76.03
C ALA D 316 -11.46 3.03 74.51
N PHE D 317 -12.06 4.06 73.92
CA PHE D 317 -12.03 4.21 72.47
C PHE D 317 -10.62 4.53 71.97
N LEU D 318 -9.89 5.44 72.64
CA LEU D 318 -8.49 5.71 72.29
C LEU D 318 -7.65 4.42 72.33
N GLU D 319 -7.60 3.75 73.47
CA GLU D 319 -6.74 2.61 73.71
C GLU D 319 -7.10 1.39 72.85
N THR D 320 -8.23 1.41 72.14
CA THR D 320 -8.67 0.34 71.26
C THR D 320 -8.76 0.74 69.81
N TYR D 321 -8.47 2.00 69.46
CA TYR D 321 -8.43 2.46 68.06
C TYR D 321 -7.30 3.44 67.69
N GLY D 322 -6.63 4.05 68.66
CA GLY D 322 -5.47 4.95 68.54
C GLY D 322 -5.69 6.33 69.16
N THR D 323 -4.61 7.04 69.48
CA THR D 323 -4.65 8.51 69.66
C THR D 323 -4.64 9.24 68.31
N HIS D 324 -4.13 8.60 67.26
CA HIS D 324 -3.98 9.12 65.90
C HIS D 324 -4.30 8.05 64.88
N TYR D 325 -4.51 8.44 63.63
CA TYR D 325 -4.36 7.52 62.52
C TYR D 325 -3.20 7.95 61.64
N SER D 326 -2.52 6.97 61.03
CA SER D 326 -1.53 7.21 60.00
C SER D 326 -2.25 7.73 58.74
N SER D 327 -2.31 9.05 58.61
CA SER D 327 -2.98 9.71 57.49
C SER D 327 -2.23 9.54 56.18
N SER D 328 -0.94 9.25 56.25
CA SER D 328 -0.10 8.70 55.18
C SER D 328 1.11 7.99 55.79
N GLY D 329 1.68 6.97 55.17
CA GLY D 329 3.00 6.49 55.59
C GLY D 329 3.77 5.62 54.59
N SER D 330 5.02 5.30 54.91
CA SER D 330 5.95 4.55 54.06
C SER D 330 6.15 3.10 54.51
N LEU D 331 5.66 2.17 53.70
CA LEU D 331 5.90 0.73 53.75
C LEU D 331 7.31 0.38 53.25
N GLY D 332 8.01 -0.51 53.94
CA GLY D 332 9.34 -0.97 53.52
C GLY D 332 9.99 -2.00 54.45
N GLY D 333 11.32 -2.02 54.44
CA GLY D 333 12.19 -2.73 55.38
C GLY D 333 13.40 -1.88 55.76
N LEU D 334 14.06 -2.24 56.84
CA LEU D 334 15.19 -1.51 57.40
C LEU D 334 16.14 -2.49 58.11
N TYR D 335 17.44 -2.25 58.02
CA TYR D 335 18.45 -2.81 58.90
C TYR D 335 19.34 -1.71 59.47
N GLU D 336 19.88 -1.90 60.66
CA GLU D 336 20.86 -0.98 61.24
C GLU D 336 21.84 -1.76 62.12
N LEU D 337 23.10 -1.32 62.17
CA LEU D 337 24.19 -1.97 62.91
C LEU D 337 25.08 -0.93 63.59
N ILE D 338 25.74 -1.33 64.68
CA ILE D 338 26.81 -0.57 65.34
C ILE D 338 27.89 -1.53 65.80
N TYR D 339 29.17 -1.13 65.71
CA TYR D 339 30.26 -1.64 66.55
C TYR D 339 30.96 -0.44 67.18
N VAL D 340 31.30 -0.51 68.45
CA VAL D 340 32.14 0.48 69.14
C VAL D 340 33.19 -0.24 69.98
N LEU D 341 34.42 0.30 69.96
CA LEU D 341 35.54 -0.12 70.82
C LEU D 341 36.27 1.11 71.35
N ASP D 342 36.77 1.00 72.58
CA ASP D 342 37.56 2.04 73.24
C ASP D 342 38.56 1.35 74.18
N LYS D 343 39.86 1.58 73.93
CA LYS D 343 40.99 0.76 74.39
C LYS D 343 42.14 1.67 74.87
N ALA D 344 42.73 1.37 76.02
CA ALA D 344 43.87 2.11 76.57
C ALA D 344 44.83 1.21 77.35
N SER D 345 46.12 1.52 77.30
CA SER D 345 47.19 0.85 78.06
C SER D 345 48.20 1.87 78.58
N MET D 346 48.64 1.72 79.83
CA MET D 346 49.57 2.64 80.51
C MET D 346 50.60 1.87 81.35
N ALA D 392 62.38 -0.75 94.42
CA ALA D 392 61.94 -0.59 93.04
C ALA D 392 60.42 -0.38 92.92
N VAL D 393 59.94 0.13 91.78
CA VAL D 393 58.49 0.34 91.55
C VAL D 393 58.01 -0.32 90.24
N ASN D 394 56.82 -0.95 90.26
CA ASN D 394 56.19 -1.63 89.10
C ASN D 394 54.68 -1.29 88.95
N ILE D 395 54.36 -0.27 88.15
CA ILE D 395 52.94 0.17 87.99
C ILE D 395 52.49 0.08 86.53
N THR D 396 51.24 -0.39 86.31
CA THR D 396 50.63 -0.52 84.95
C THR D 396 49.11 -0.68 85.04
N SER D 397 48.40 -0.38 83.93
CA SER D 397 46.94 -0.53 83.80
C SER D 397 46.52 -0.73 82.35
N GLU D 398 45.40 -1.43 82.15
CA GLU D 398 44.75 -1.64 80.86
C GLU D 398 43.23 -1.50 81.01
N ASN D 399 42.58 -0.83 80.04
CA ASN D 399 41.14 -0.60 80.02
C ASN D 399 40.58 -0.85 78.61
N LEU D 400 39.41 -1.51 78.52
CA LEU D 400 38.75 -1.90 77.26
C LEU D 400 37.23 -1.93 77.44
N ILE D 401 36.47 -1.56 76.39
CA ILE D 401 35.01 -1.76 76.31
C ILE D 401 34.56 -2.07 74.87
N ASP D 402 33.44 -2.78 74.75
CA ASP D 402 32.87 -3.37 73.54
C ASP D 402 31.35 -3.16 73.50
N ASP D 403 30.79 -2.82 72.35
CA ASP D 403 29.33 -2.66 72.16
C ASP D 403 28.93 -2.92 70.69
N VAL D 404 28.13 -3.97 70.45
CA VAL D 404 27.69 -4.37 69.11
C VAL D 404 26.20 -4.68 69.08
N VAL D 405 25.48 -4.18 68.08
CA VAL D 405 24.02 -4.40 67.94
C VAL D 405 23.61 -4.48 66.48
N SER D 406 22.53 -5.22 66.23
CA SER D 406 21.89 -5.46 64.93
C SER D 406 20.38 -5.35 65.06
N LEU D 407 19.76 -4.74 64.06
CA LEU D 407 18.30 -4.62 63.91
C LEU D 407 17.90 -5.03 62.50
N ILE D 408 16.78 -5.74 62.34
CA ILE D 408 16.13 -5.99 61.05
C ILE D 408 14.61 -5.85 61.19
N ARG D 409 13.94 -5.34 60.16
CA ARG D 409 12.47 -5.37 60.05
C ARG D 409 12.01 -5.49 58.61
N GLY D 410 10.81 -6.01 58.45
CA GLY D 410 10.24 -6.34 57.16
C GLY D 410 10.85 -7.60 56.58
N GLY D 411 10.21 -8.12 55.54
CA GLY D 411 10.65 -9.31 54.81
C GLY D 411 10.20 -10.62 55.47
N THR D 412 10.28 -11.72 54.72
CA THR D 412 9.88 -13.05 55.23
C THR D 412 10.98 -13.68 56.09
N ARG D 413 10.56 -14.51 57.05
CA ARG D 413 11.34 -14.90 58.25
C ARG D 413 12.71 -15.47 57.90
N LYS D 414 12.76 -16.43 56.97
CA LYS D 414 13.98 -17.16 56.61
C LYS D 414 15.13 -16.22 56.23
N TYR D 415 14.86 -15.24 55.38
CA TYR D 415 15.87 -14.30 54.94
C TYR D 415 16.20 -13.26 56.00
N ALA D 416 15.20 -12.72 56.68
CA ALA D 416 15.42 -11.68 57.68
C ALA D 416 16.25 -12.24 58.86
N PHE D 417 15.86 -13.41 59.37
CA PHE D 417 16.52 -13.99 60.52
C PHE D 417 17.78 -14.79 60.17
N GLU D 418 18.06 -14.99 58.88
CA GLU D 418 19.43 -15.13 58.41
C GLU D 418 20.20 -13.82 58.57
N LEU D 419 19.76 -12.76 57.89
CA LEU D 419 20.59 -11.59 57.65
C LEU D 419 20.92 -10.81 58.94
N LYS D 420 19.97 -10.66 59.87
CA LYS D 420 20.19 -9.86 61.07
C LYS D 420 21.31 -10.42 61.93
N GLU D 421 21.39 -11.75 62.00
CA GLU D 421 22.49 -12.53 62.57
C GLU D 421 23.77 -12.32 61.74
N LYS D 422 23.67 -12.62 60.44
CA LYS D 422 24.78 -12.69 59.50
C LYS D 422 25.61 -11.42 59.48
N LEU D 423 24.95 -10.27 59.55
CA LEU D 423 25.58 -8.95 59.51
C LEU D 423 26.21 -8.53 60.85
N LEU D 424 25.88 -9.20 61.96
CA LEU D 424 26.47 -8.83 63.25
C LEU D 424 27.91 -9.33 63.35
N ARG D 425 28.12 -10.47 62.68
CA ARG D 425 29.47 -11.02 62.46
C ARG D 425 30.09 -10.25 61.30
N GLY D 426 31.39 -10.35 61.14
CA GLY D 426 32.11 -9.56 60.13
C GLY D 426 31.75 -9.95 58.67
N THR D 427 31.05 -11.07 58.46
CA THR D 427 30.92 -11.80 57.19
C THR D 427 30.63 -10.91 55.97
N VAL D 428 31.50 -10.99 54.95
CA VAL D 428 31.32 -10.31 53.64
C VAL D 428 30.14 -10.94 52.90
N ILE D 429 29.04 -10.21 52.82
CA ILE D 429 27.73 -10.77 52.48
C ILE D 429 27.60 -11.14 51.01
N ASP D 430 26.91 -12.24 50.70
CA ASP D 430 26.41 -12.48 49.36
C ASP D 430 25.33 -11.44 49.02
N VAL D 431 25.54 -10.66 47.95
CA VAL D 431 24.55 -9.70 47.46
C VAL D 431 23.19 -10.36 47.23
N THR D 432 23.15 -11.65 46.91
CA THR D 432 21.88 -12.38 46.72
C THR D 432 21.08 -12.51 48.01
N ASP D 433 21.72 -12.46 49.18
CA ASP D 433 21.01 -12.39 50.47
C ASP D 433 20.26 -11.06 50.62
N PHE D 434 20.88 -9.95 50.22
CA PHE D 434 20.21 -8.65 50.15
C PHE D 434 19.08 -8.64 49.13
N VAL D 435 19.29 -9.23 47.97
CA VAL D 435 18.25 -9.34 46.95
C VAL D 435 17.08 -10.16 47.45
N ASN D 436 17.31 -11.34 48.04
CA ASN D 436 16.24 -12.17 48.57
C ASN D 436 15.51 -11.50 49.75
N TRP D 437 16.23 -10.95 50.74
CA TRP D 437 15.61 -10.23 51.87
C TRP D 437 14.72 -9.10 51.38
N ALA D 438 15.28 -8.16 50.65
CA ALA D 438 14.54 -6.99 50.26
C ALA D 438 13.50 -7.29 49.18
N SER D 439 13.64 -8.36 48.39
CA SER D 439 12.57 -8.82 47.51
C SER D 439 11.35 -9.26 48.32
N SER D 440 11.58 -9.97 49.43
CA SER D 440 10.51 -10.46 50.31
C SER D 440 9.72 -9.34 51.02
N ILE D 441 10.21 -8.09 51.04
CA ILE D 441 9.41 -6.94 51.52
C ILE D 441 8.17 -6.71 50.65
N ASN D 442 8.17 -7.11 49.38
CA ASN D 442 7.00 -7.08 48.52
C ASN D 442 5.81 -7.89 49.08
N ASP D 443 6.10 -8.84 49.96
CA ASP D 443 5.14 -9.78 50.54
C ASP D 443 4.94 -9.56 52.05
N ALA D 444 5.76 -8.74 52.70
CA ALA D 444 5.80 -8.60 54.16
C ALA D 444 6.46 -7.30 54.65
N PRO D 445 5.90 -6.11 54.39
CA PRO D 445 6.50 -4.84 54.81
C PRO D 445 6.26 -4.47 56.26
N VAL D 446 7.05 -3.53 56.76
CA VAL D 446 6.87 -2.81 58.02
C VAL D 446 6.81 -1.30 57.76
N LEU D 447 6.03 -0.57 58.56
CA LEU D 447 5.87 0.87 58.47
C LEU D 447 7.11 1.60 59.01
N ILE D 448 7.86 2.26 58.14
CA ILE D 448 9.12 2.94 58.51
C ILE D 448 8.84 4.29 59.17
N SER D 449 7.96 5.10 58.57
CA SER D 449 7.52 6.41 59.08
C SER D 449 6.21 6.85 58.41
N GLN D 450 5.52 7.81 59.02
CA GLN D 450 4.12 8.16 58.71
C GLN D 450 3.73 9.55 59.23
N LYS D 451 2.63 10.11 58.72
CA LYS D 451 2.00 11.37 59.16
C LYS D 451 0.84 11.12 60.13
N LEU D 452 1.04 11.41 61.42
CA LEU D 452 0.01 11.27 62.45
C LEU D 452 -1.07 12.35 62.34
N SER D 453 -2.34 11.93 62.21
CA SER D 453 -3.52 12.81 62.32
C SER D 453 -4.30 12.49 63.60
N PRO D 454 -4.60 13.46 64.48
CA PRO D 454 -5.44 13.26 65.66
C PRO D 454 -6.77 12.58 65.32
N ILE D 455 -7.07 11.50 66.04
CA ILE D 455 -8.02 10.44 65.63
C ILE D 455 -9.46 10.92 65.42
N TYR D 456 -9.91 11.88 66.23
CA TYR D 456 -11.30 12.38 66.25
C TYR D 456 -11.79 12.91 64.92
N ASN D 457 -10.90 13.28 64.01
CA ASN D 457 -11.23 13.65 62.63
C ASN D 457 -11.96 12.55 61.85
N LEU D 458 -12.07 11.36 62.41
CA LEU D 458 -12.81 10.25 61.85
C LEU D 458 -14.21 10.08 62.50
N VAL D 459 -14.79 11.02 63.27
CA VAL D 459 -16.24 10.92 63.58
C VAL D 459 -17.06 11.59 62.49
N PRO D 460 -17.72 10.85 61.59
CA PRO D 460 -18.40 11.47 60.48
C PRO D 460 -19.63 12.26 60.96
N VAL D 461 -19.68 13.54 60.58
CA VAL D 461 -20.88 14.37 60.76
C VAL D 461 -22.01 13.87 59.86
N LYS D 462 -23.25 14.22 60.22
CA LYS D 462 -24.48 13.45 59.94
C LYS D 462 -24.59 12.20 60.84
N MET D 463 -24.08 12.35 62.06
CA MET D 463 -24.36 11.49 63.21
C MET D 463 -24.67 12.34 64.44
N LYS D 464 -25.58 11.85 65.28
CA LYS D 464 -26.12 12.57 66.44
C LYS D 464 -25.04 12.94 67.46
N ASN D 465 -24.97 14.24 67.78
CA ASN D 465 -23.95 14.87 68.62
C ASN D 465 -22.50 14.63 68.17
N ALA D 466 -22.26 14.39 66.88
CA ALA D 466 -20.94 14.13 66.31
C ALA D 466 -19.85 15.08 66.81
N HIS D 467 -20.12 16.38 66.88
CA HIS D 467 -19.10 17.36 67.31
C HIS D 467 -18.80 17.28 68.81
N LEU D 468 -19.76 16.93 69.67
CA LEU D 468 -19.51 16.82 71.11
C LEU D 468 -18.57 15.65 71.43
N LYS D 469 -18.68 14.58 70.62
CA LYS D 469 -17.73 13.46 70.61
C LYS D 469 -16.33 13.97 70.24
N LYS D 470 -16.16 14.68 69.11
CA LYS D 470 -14.88 15.32 68.75
C LYS D 470 -14.29 16.11 69.91
N GLN D 471 -15.08 17.00 70.49
CA GLN D 471 -14.64 17.90 71.56
C GLN D 471 -14.04 17.13 72.72
N ASN D 472 -14.72 16.08 73.16
CA ASN D 472 -14.30 15.36 74.34
C ASN D 472 -13.29 14.25 74.07
N LEU D 473 -13.16 13.74 72.83
CA LEU D 473 -11.96 13.00 72.40
C LEU D 473 -10.74 13.88 72.55
N GLU D 474 -10.80 15.12 72.06
CA GLU D 474 -9.70 16.07 72.23
C GLU D 474 -9.43 16.35 73.73
N ARG D 475 -10.47 16.53 74.57
CA ARG D 475 -10.22 16.75 76.01
C ARG D 475 -9.66 15.51 76.68
N ALA D 476 -10.11 14.31 76.32
CA ALA D 476 -9.52 13.06 76.80
C ALA D 476 -8.07 12.88 76.35
N ILE D 477 -7.71 13.25 75.12
CA ILE D 477 -6.32 13.22 74.67
C ILE D 477 -5.50 14.26 75.45
N GLU D 478 -6.03 15.44 75.75
CA GLU D 478 -5.36 16.38 76.65
C GLU D 478 -5.15 15.80 78.07
N ASP D 479 -6.13 15.08 78.61
CA ASP D 479 -5.99 14.34 79.85
C ASP D 479 -4.94 13.21 79.74
N TYR D 480 -4.79 12.58 78.57
CA TYR D 480 -3.71 11.63 78.25
C TYR D 480 -2.35 12.30 78.40
N ILE D 481 -2.26 13.53 77.91
CA ILE D 481 -1.04 14.32 77.96
C ILE D 481 -0.69 14.71 79.40
N ASN D 482 -1.65 14.70 80.34
CA ASN D 482 -1.42 15.06 81.73
C ASN D 482 -0.77 13.94 82.57
N GLU D 483 -1.35 12.75 82.65
CA GLU D 483 -0.88 11.76 83.63
C GLU D 483 0.35 10.96 83.20
N PHE D 484 0.50 10.64 81.91
CA PHE D 484 1.65 9.92 81.36
C PHE D 484 2.94 10.77 81.23
N SER D 485 2.96 11.96 81.83
CA SER D 485 4.17 12.79 81.91
C SER D 485 5.21 12.17 82.85
N VAL D 486 6.37 11.80 82.31
CA VAL D 486 7.50 11.24 83.08
C VAL D 486 8.17 12.28 83.99
N ARG D 487 8.02 13.57 83.69
CA ARG D 487 8.78 14.68 84.32
C ARG D 487 8.67 14.74 85.85
N LYS D 488 7.53 14.31 86.39
CA LYS D 488 7.19 14.28 87.82
C LYS D 488 7.79 13.11 88.62
N CYS D 489 8.35 12.10 87.96
CA CYS D 489 9.14 11.07 88.64
C CYS D 489 10.44 11.64 89.23
N HIS D 490 10.98 10.96 90.24
CA HIS D 490 12.13 11.43 91.03
C HIS D 490 13.46 11.18 90.31
N THR D 491 14.49 11.97 90.66
CA THR D 491 15.79 11.94 89.97
C THR D 491 16.53 10.62 90.13
N CYS D 492 16.98 10.04 89.02
CA CYS D 492 17.98 8.97 88.99
C CYS D 492 19.32 9.44 89.59
N GLN D 493 20.08 8.56 90.25
CA GLN D 493 21.40 8.91 90.79
C GLN D 493 22.51 8.97 89.73
N ASN D 494 23.62 9.63 90.09
CA ASN D 494 24.83 9.76 89.28
C ASN D 494 24.55 10.27 87.84
N GLY D 495 25.19 9.71 86.82
CA GLY D 495 25.11 10.18 85.42
C GLY D 495 23.83 9.82 84.64
N GLY D 496 22.81 9.25 85.30
CA GLY D 496 21.60 8.73 84.65
C GLY D 496 20.54 9.78 84.24
N THR D 497 19.50 9.28 83.57
CA THR D 497 18.27 10.02 83.23
C THR D 497 17.06 9.07 83.20
N VAL D 498 15.86 9.57 83.51
CA VAL D 498 14.66 8.75 83.72
C VAL D 498 13.90 8.45 82.42
N ILE D 499 13.37 7.24 82.32
CA ILE D 499 12.48 6.71 81.28
C ILE D 499 11.20 6.20 81.97
N LEU D 500 10.05 6.22 81.27
CA LEU D 500 8.81 5.61 81.75
C LEU D 500 8.46 4.33 80.97
N MET D 501 8.10 3.28 81.69
CA MET D 501 7.59 1.99 81.20
C MET D 501 6.33 1.60 82.02
N ASP D 502 5.64 0.54 81.58
CA ASP D 502 4.23 0.26 81.87
C ASP D 502 3.69 0.53 83.29
N GLY D 503 4.47 0.21 84.36
CA GLY D 503 4.28 0.61 85.75
C GLY D 503 5.56 1.01 86.47
N LYS D 504 6.54 1.58 85.76
CA LYS D 504 7.84 1.95 86.34
C LYS D 504 8.49 3.14 85.63
N CYS D 505 8.74 4.22 86.38
CA CYS D 505 9.87 5.11 86.07
C CYS D 505 11.20 4.44 86.46
N LEU D 506 12.21 4.50 85.59
CA LEU D 506 13.50 3.81 85.75
C LEU D 506 14.63 4.49 84.99
N CYS D 507 15.89 4.10 85.23
CA CYS D 507 17.04 4.63 84.49
C CYS D 507 18.12 3.59 84.19
N ALA D 508 18.97 3.89 83.20
CA ALA D 508 20.17 3.15 82.82
C ALA D 508 21.29 4.16 82.45
N CYS D 509 22.55 3.82 82.75
CA CYS D 509 23.57 4.85 83.03
C CYS D 509 24.97 4.54 82.46
N PRO D 510 25.80 5.58 82.22
CA PRO D 510 27.20 5.45 81.82
C PRO D 510 28.10 5.04 83.00
N PHE D 511 29.43 5.03 82.78
CA PHE D 511 30.46 4.95 83.82
C PHE D 511 30.36 3.76 84.80
N LYS D 512 29.74 2.67 84.37
CA LYS D 512 29.47 1.48 85.20
C LYS D 512 28.66 1.74 86.48
N PHE D 513 27.78 2.75 86.51
CA PHE D 513 26.75 2.86 87.56
C PHE D 513 25.71 1.73 87.43
N GLU D 514 25.15 1.28 88.56
CA GLU D 514 24.43 0.01 88.67
C GLU D 514 23.20 0.08 89.59
N GLY D 515 22.31 -0.90 89.44
CA GLY D 515 20.96 -0.89 90.01
C GLY D 515 19.98 -0.04 89.18
N ILE D 516 18.68 -0.29 89.33
CA ILE D 516 17.62 0.36 88.53
C ILE D 516 17.53 1.89 88.73
N ALA D 517 18.08 2.40 89.82
CA ALA D 517 18.21 3.83 90.14
C ALA D 517 19.65 4.38 90.01
N CYS D 518 20.62 3.56 89.58
CA CYS D 518 22.04 3.94 89.41
C CYS D 518 22.74 4.47 90.68
N GLU D 519 22.31 4.04 91.87
CA GLU D 519 22.82 4.53 93.16
C GLU D 519 24.23 4.03 93.54
N ILE D 520 24.75 3.01 92.84
CA ILE D 520 25.97 2.27 93.21
C ILE D 520 26.87 2.01 91.99
N SER D 521 28.12 1.59 92.23
CA SER D 521 29.03 1.09 91.18
C SER D 521 30.09 0.13 91.74
N CYS E 1 76.48 0.16 15.03
CA CYS E 1 76.22 1.60 15.14
C CYS E 1 74.77 1.90 15.58
N PHE E 2 74.56 2.99 16.33
CA PHE E 2 73.24 3.58 16.55
C PHE E 2 72.90 4.54 15.40
N CYS E 3 72.55 4.00 14.21
CA CYS E 3 72.30 4.80 13.01
C CYS E 3 71.12 5.80 13.16
N ASP E 4 70.23 5.59 14.14
CA ASP E 4 69.14 6.51 14.52
C ASP E 4 69.63 7.81 15.21
N HIS E 5 70.94 7.93 15.49
CA HIS E 5 71.58 9.20 15.84
C HIS E 5 71.40 10.27 14.74
N TYR E 6 71.41 9.85 13.49
CA TYR E 6 71.44 10.73 12.31
C TYR E 6 70.03 11.13 11.80
N ALA E 7 69.99 12.14 10.93
CA ALA E 7 68.80 12.99 10.75
C ALA E 7 67.58 12.32 10.09
N TRP E 8 66.41 12.49 10.70
CA TRP E 8 65.10 12.24 10.09
C TRP E 8 64.67 13.40 9.17
N THR E 9 65.44 13.60 8.10
CA THR E 9 65.11 14.48 6.97
C THR E 9 63.75 14.16 6.34
N GLN E 10 63.07 15.18 5.82
CA GLN E 10 61.88 14.98 4.99
C GLN E 10 62.26 14.37 3.63
N TRP E 11 61.34 13.64 3.02
CA TRP E 11 61.52 13.09 1.68
C TRP E 11 61.52 14.19 0.60
N THR E 12 62.45 14.09 -0.34
CA THR E 12 62.62 15.05 -1.45
C THR E 12 61.37 15.14 -2.32
N SER E 13 61.03 16.33 -2.82
CA SER E 13 59.88 16.56 -3.71
C SER E 13 59.82 15.52 -4.83
N CYS E 14 58.64 14.93 -5.04
CA CYS E 14 58.49 13.73 -5.85
C CYS E 14 59.00 13.92 -7.29
N SER E 15 59.97 13.10 -7.70
CA SER E 15 60.80 13.31 -8.89
C SER E 15 59.98 13.50 -10.18
N LYS E 16 59.03 12.60 -10.41
CA LYS E 16 57.98 12.71 -11.42
C LYS E 16 56.71 13.06 -10.68
N THR E 17 56.04 14.16 -11.05
CA THR E 17 54.96 14.71 -10.24
C THR E 17 53.73 13.82 -10.15
N CYS E 18 53.43 13.03 -11.20
CA CYS E 18 52.22 12.23 -11.25
C CYS E 18 52.34 10.87 -11.95
N ASN E 19 53.53 10.31 -12.22
CA ASN E 19 53.62 8.99 -12.85
C ASN E 19 54.86 8.21 -12.43
N SER E 20 54.68 7.04 -11.79
CA SER E 20 55.74 6.09 -11.44
C SER E 20 56.93 6.73 -10.69
N GLY E 21 56.69 7.80 -9.95
CA GLY E 21 57.74 8.68 -9.43
C GLY E 21 58.47 8.10 -8.22
N THR E 22 59.47 8.84 -7.75
CA THR E 22 60.32 8.44 -6.62
C THR E 22 60.68 9.63 -5.74
N GLN E 23 61.01 9.36 -4.48
CA GLN E 23 61.53 10.33 -3.54
C GLN E 23 62.59 9.67 -2.66
N SER E 24 63.48 10.49 -2.13
CA SER E 24 64.62 10.03 -1.34
C SER E 24 64.90 10.95 -0.16
N ARG E 25 65.59 10.43 0.84
CA ARG E 25 66.09 11.18 1.99
C ARG E 25 67.46 10.65 2.41
N HIS E 26 68.26 11.45 3.11
CA HIS E 26 69.59 11.03 3.57
C HIS E 26 69.87 11.49 4.99
N ARG E 27 70.86 10.86 5.62
CA ARG E 27 71.11 10.98 7.07
C ARG E 27 71.77 12.28 7.54
N GLN E 28 72.10 13.22 6.64
CA GLN E 28 72.91 14.40 6.97
C GLN E 28 74.21 14.01 7.69
N ILE E 29 74.93 13.04 7.12
CA ILE E 29 76.05 12.35 7.76
C ILE E 29 77.16 13.35 8.07
N VAL E 30 77.41 13.55 9.36
CA VAL E 30 78.63 14.19 9.88
C VAL E 30 79.51 13.11 10.52
N VAL E 31 80.74 12.98 10.05
CA VAL E 31 81.71 12.00 10.54
C VAL E 31 82.35 12.49 11.83
N ASP E 32 82.54 11.58 12.78
CA ASP E 32 83.14 11.82 14.09
C ASP E 32 83.91 10.55 14.52
N LYS E 33 84.74 10.62 15.57
CA LYS E 33 85.42 9.45 16.13
C LYS E 33 84.45 8.31 16.46
N TYR E 34 83.25 8.66 16.94
CA TYR E 34 82.15 7.69 17.11
C TYR E 34 81.82 6.96 15.80
N TYR E 35 81.60 7.69 14.71
CA TYR E 35 81.23 7.14 13.40
C TYR E 35 82.32 6.23 12.83
N GLN E 36 83.59 6.64 13.00
CA GLN E 36 84.75 5.89 12.55
C GLN E 36 84.90 4.56 13.30
N GLU E 37 84.76 4.58 14.62
CA GLU E 37 85.02 3.40 15.46
C GLU E 37 83.82 2.44 15.55
N ASN E 38 82.60 2.95 15.61
CA ASN E 38 81.48 2.08 15.92
C ASN E 38 80.79 1.47 14.71
N PHE E 39 81.56 1.19 13.63
CA PHE E 39 81.12 0.51 12.40
C PHE E 39 80.01 1.21 11.61
N CYS E 40 79.84 2.52 11.79
CA CYS E 40 78.72 3.25 11.18
C CYS E 40 78.83 3.31 9.66
N GLU E 41 80.04 3.58 9.16
CA GLU E 41 80.34 3.56 7.72
C GLU E 41 80.01 2.20 7.08
N GLN E 42 80.19 1.10 7.82
CA GLN E 42 79.89 -0.25 7.36
C GLN E 42 78.39 -0.55 7.38
N ILE E 43 77.69 -0.34 8.51
CA ILE E 43 76.32 -0.87 8.66
C ILE E 43 75.20 0.12 8.32
N CYS E 44 75.40 1.43 8.45
CA CYS E 44 74.33 2.41 8.21
C CYS E 44 74.12 2.69 6.72
N SER E 45 72.87 2.65 6.24
CA SER E 45 72.51 3.17 4.92
C SER E 45 72.49 4.71 4.93
N LYS E 46 73.22 5.34 4.01
CA LYS E 46 73.40 6.81 3.99
C LYS E 46 72.18 7.54 3.44
N GLN E 47 71.52 6.97 2.43
CA GLN E 47 70.32 7.53 1.79
C GLN E 47 69.29 6.46 1.43
N GLU E 48 68.02 6.77 1.66
CA GLU E 48 66.85 5.92 1.44
C GLU E 48 66.08 6.45 0.23
N THR E 49 65.69 5.59 -0.71
CA THR E 49 64.93 5.98 -1.92
C THR E 49 63.77 5.02 -2.17
N ARG E 50 62.60 5.56 -2.56
CA ARG E 50 61.32 4.84 -2.68
C ARG E 50 60.37 5.51 -3.66
N GLU E 51 59.33 4.80 -4.07
CA GLU E 51 58.31 5.38 -4.95
C GLU E 51 57.43 6.44 -4.25
N CYS E 52 56.94 7.40 -5.03
CA CYS E 52 55.86 8.33 -4.66
C CYS E 52 55.06 8.71 -5.91
N ASN E 53 53.77 9.02 -5.73
CA ASN E 53 52.85 9.23 -6.85
C ASN E 53 53.04 8.16 -7.93
N TRP E 54 53.08 6.90 -7.47
CA TRP E 54 53.17 5.75 -8.34
C TRP E 54 51.98 5.72 -9.28
N GLN E 55 50.78 5.96 -8.75
CA GLN E 55 49.54 6.03 -9.52
C GLN E 55 49.70 7.08 -10.62
N ARG E 56 49.33 6.71 -11.84
CA ARG E 56 49.76 7.42 -13.05
C ARG E 56 48.99 8.73 -13.30
N CYS E 57 49.43 9.56 -14.26
CA CYS E 57 48.95 10.94 -14.34
C CYS E 57 47.46 10.96 -14.71
N PRO E 58 46.61 11.73 -14.01
CA PRO E 58 45.18 11.67 -14.20
C PRO E 58 44.78 12.16 -15.58
N ILE E 59 44.22 11.28 -16.39
CA ILE E 59 43.54 11.67 -17.62
C ILE E 59 42.16 12.22 -17.23
N ASN E 60 41.91 13.50 -17.50
CA ASN E 60 40.59 14.11 -17.33
C ASN E 60 39.71 13.80 -18.54
N CYS E 61 38.42 13.50 -18.33
CA CYS E 61 37.54 13.14 -19.43
C CYS E 61 37.43 14.28 -20.43
N LEU E 62 37.25 13.94 -21.72
CA LEU E 62 36.76 14.88 -22.72
C LEU E 62 35.67 14.21 -23.55
N LEU E 63 34.58 14.93 -23.79
CA LEU E 63 33.47 14.54 -24.64
C LEU E 63 33.36 15.52 -25.81
N GLY E 64 32.89 15.04 -26.95
CA GLY E 64 32.67 15.86 -28.14
C GLY E 64 31.57 16.91 -27.96
N ASP E 65 31.37 17.74 -28.98
CA ASP E 65 30.17 18.59 -29.07
C ASP E 65 28.93 17.72 -29.30
N PHE E 66 27.81 18.06 -28.66
CA PHE E 66 26.55 17.37 -28.86
C PHE E 66 26.14 17.34 -30.33
N GLY E 67 25.71 16.18 -30.83
CA GLY E 67 25.23 15.97 -32.19
C GLY E 67 23.85 16.61 -32.45
N PRO E 68 23.09 16.14 -33.44
CA PRO E 68 21.73 16.60 -33.67
C PRO E 68 20.74 16.00 -32.67
N TRP E 69 19.48 16.49 -32.68
CA TRP E 69 18.41 15.92 -31.86
C TRP E 69 17.91 14.97 -32.86
N SER E 70 17.93 13.71 -32.54
CA SER E 70 17.60 12.61 -33.46
C SER E 70 16.17 12.72 -33.97
N ASP E 71 15.82 12.04 -35.05
CA ASP E 71 14.44 11.99 -35.51
C ASP E 71 13.50 11.57 -34.37
N CYS E 72 12.50 12.39 -34.10
CA CYS E 72 11.73 12.39 -32.85
C CYS E 72 10.85 11.15 -32.69
N ASP E 73 11.10 10.37 -31.64
CA ASP E 73 10.57 9.02 -31.46
C ASP E 73 9.15 9.05 -30.93
N PRO E 74 8.16 8.52 -31.66
CA PRO E 74 6.79 8.78 -31.33
C PRO E 74 6.42 8.21 -29.96
N CYS E 75 6.70 6.93 -29.74
CA CYS E 75 6.13 6.19 -28.61
C CYS E 75 6.74 6.60 -27.27
N ILE E 76 8.01 7.01 -27.30
CA ILE E 76 8.70 7.63 -26.18
C ILE E 76 8.41 9.13 -26.09
N GLU E 77 7.87 9.74 -27.15
CA GLU E 77 7.58 11.17 -27.35
C GLU E 77 8.78 12.08 -27.02
N LYS E 78 9.98 11.66 -27.42
CA LYS E 78 11.24 12.37 -27.16
C LYS E 78 12.13 12.40 -28.38
N GLN E 79 13.14 13.27 -28.36
CA GLN E 79 14.24 13.25 -29.30
C GLN E 79 15.57 13.30 -28.54
N SER E 80 16.54 12.48 -28.94
CA SER E 80 17.80 12.27 -28.21
C SER E 80 18.97 12.96 -28.89
N LYS E 81 19.78 13.68 -28.12
CA LYS E 81 21.02 14.29 -28.59
C LYS E 81 22.22 13.58 -27.96
N VAL E 82 23.02 12.93 -28.82
CA VAL E 82 24.17 12.11 -28.43
C VAL E 82 25.43 12.95 -28.28
N ARG E 83 26.40 12.48 -27.49
CA ARG E 83 27.81 12.87 -27.65
C ARG E 83 28.78 11.73 -27.36
N SER E 84 29.95 11.78 -28.01
CA SER E 84 30.99 10.74 -27.97
C SER E 84 32.17 11.12 -27.07
N VAL E 85 33.05 10.16 -26.81
CA VAL E 85 34.18 10.32 -25.89
C VAL E 85 35.49 10.55 -26.67
N LEU E 86 36.19 11.62 -26.34
CA LEU E 86 37.49 11.97 -26.92
C LEU E 86 38.63 11.35 -26.11
N ARG E 87 38.50 11.30 -24.79
CA ARG E 87 39.27 10.43 -23.89
C ARG E 87 38.50 10.16 -22.58
N PRO E 88 38.37 8.91 -22.10
CA PRO E 88 37.78 8.63 -20.80
C PRO E 88 38.58 9.24 -19.66
N SER E 89 37.96 9.37 -18.48
CA SER E 89 38.75 9.63 -17.28
C SER E 89 39.46 8.34 -16.84
N GLN E 90 40.70 8.43 -16.36
CA GLN E 90 41.36 7.35 -15.61
C GLN E 90 42.52 7.86 -14.79
N PHE E 91 43.03 6.99 -13.92
CA PHE E 91 43.99 7.33 -12.86
C PHE E 91 43.50 8.45 -11.93
N GLY E 92 42.19 8.66 -11.89
CA GLY E 92 41.52 9.57 -10.96
C GLY E 92 41.19 10.94 -11.53
N GLY E 93 41.24 11.12 -12.85
CA GLY E 93 40.88 12.41 -13.46
C GLY E 93 39.40 12.79 -13.32
N GLN E 94 39.06 14.05 -13.59
CA GLN E 94 37.69 14.56 -13.53
C GLN E 94 36.77 13.71 -14.41
N PRO E 95 35.66 13.17 -13.88
CA PRO E 95 34.77 12.32 -14.65
C PRO E 95 34.13 13.10 -15.79
N CYS E 96 33.37 12.38 -16.60
CA CYS E 96 32.50 13.00 -17.61
C CYS E 96 31.25 13.59 -16.90
N THR E 97 31.49 14.56 -16.01
CA THR E 97 30.53 15.07 -15.00
C THR E 97 29.39 15.84 -15.64
N ALA E 98 29.65 16.57 -16.72
CA ALA E 98 28.60 17.04 -17.61
C ALA E 98 27.96 15.80 -18.27
N PRO E 99 26.68 15.49 -17.98
CA PRO E 99 26.09 14.19 -18.28
C PRO E 99 26.12 13.85 -19.76
N LEU E 100 26.30 12.57 -20.02
CA LEU E 100 26.77 12.03 -21.29
C LEU E 100 25.68 11.92 -22.36
N VAL E 101 24.43 12.17 -22.02
CA VAL E 101 23.33 12.11 -22.98
C VAL E 101 22.21 13.08 -22.61
N ALA E 102 21.42 13.50 -23.59
CA ALA E 102 20.31 14.43 -23.41
C ALA E 102 19.08 13.99 -24.19
N PHE E 103 17.91 14.25 -23.62
CA PHE E 103 16.62 13.97 -24.23
C PHE E 103 15.76 15.21 -24.13
N GLN E 104 15.12 15.58 -25.22
CA GLN E 104 14.18 16.70 -25.28
C GLN E 104 12.77 16.14 -25.50
N PRO E 105 11.77 16.57 -24.71
CA PRO E 105 10.34 16.31 -24.96
C PRO E 105 9.97 16.69 -26.39
N CYS E 106 9.19 15.91 -27.13
CA CYS E 106 9.00 16.24 -28.54
C CYS E 106 7.70 15.71 -29.18
N ILE E 107 7.17 16.45 -30.16
CA ILE E 107 5.95 16.12 -30.90
C ILE E 107 6.23 14.95 -31.84
N PRO E 108 5.41 13.90 -31.88
CA PRO E 108 5.58 12.83 -32.85
C PRO E 108 5.46 13.33 -34.28
N SER E 109 5.71 12.45 -35.24
CA SER E 109 5.42 12.67 -36.66
C SER E 109 5.10 11.38 -37.40
N LYS E 110 4.65 10.35 -36.67
CA LYS E 110 4.09 9.11 -37.21
C LYS E 110 3.31 8.36 -36.12
N LEU E 111 2.47 7.40 -36.49
CA LEU E 111 1.84 6.47 -35.55
C LEU E 111 2.85 5.45 -34.99
N CYS E 112 2.66 4.98 -33.76
CA CYS E 112 3.37 3.83 -33.22
C CYS E 112 2.86 2.52 -33.86
N LYS E 113 3.78 1.67 -34.33
CA LYS E 113 3.47 0.45 -35.11
C LYS E 113 3.70 -0.88 -34.35
N ILE E 114 3.92 -0.83 -33.04
CA ILE E 114 4.12 -2.02 -32.18
C ILE E 114 2.85 -2.90 -32.12
N GLU E 115 3.03 -4.22 -32.22
CA GLU E 115 1.93 -5.22 -32.17
C GLU E 115 1.59 -5.68 -30.74
N GLU E 116 0.37 -6.21 -30.56
CA GLU E 116 0.01 -7.06 -29.40
C GLU E 116 0.30 -8.54 -29.70
N ALA E 117 0.65 -9.34 -28.68
CA ALA E 117 0.95 -10.76 -28.82
C ALA E 117 -0.30 -11.65 -28.64
N ASP E 118 -0.66 -12.43 -29.66
CA ASP E 118 -1.71 -13.46 -29.60
C ASP E 118 -1.20 -14.79 -29.02
N CYS E 119 0.06 -15.12 -29.31
CA CYS E 119 0.87 -16.17 -28.67
C CYS E 119 0.27 -17.58 -28.60
N LYS E 120 -0.54 -17.98 -29.59
CA LYS E 120 -0.96 -19.38 -29.88
C LYS E 120 -1.26 -20.23 -28.63
N ASN E 121 -2.30 -19.82 -27.90
CA ASN E 121 -2.81 -20.49 -26.69
C ASN E 121 -1.86 -20.54 -25.48
N LYS E 122 -0.68 -19.92 -25.53
CA LYS E 122 0.12 -19.66 -24.33
C LYS E 122 -0.61 -18.65 -23.43
N PHE E 123 -0.31 -18.66 -22.15
CA PHE E 123 -1.12 -17.96 -21.14
C PHE E 123 -0.58 -16.56 -20.92
N ARG E 124 -1.29 -15.54 -21.42
CA ARG E 124 -0.90 -14.13 -21.26
C ARG E 124 -1.16 -13.65 -19.82
N CYS E 125 -0.08 -13.53 -19.05
CA CYS E 125 -0.06 -12.90 -17.75
C CYS E 125 -0.41 -11.41 -17.81
N ASP E 126 -0.82 -10.81 -16.70
CA ASP E 126 -1.32 -9.42 -16.67
C ASP E 126 -0.27 -8.35 -17.01
N SER E 127 1.02 -8.62 -16.79
CA SER E 127 2.13 -7.79 -17.27
C SER E 127 2.60 -8.15 -18.69
N GLY E 128 1.92 -9.07 -19.38
CA GLY E 128 2.05 -9.35 -20.81
C GLY E 128 2.92 -10.54 -21.21
N ARG E 129 3.62 -11.21 -20.28
CA ARG E 129 4.37 -12.47 -20.58
C ARG E 129 3.40 -13.59 -20.99
N CYS E 130 3.66 -14.28 -22.11
CA CYS E 130 2.91 -15.49 -22.47
C CYS E 130 3.62 -16.76 -21.95
N ILE E 131 3.33 -17.19 -20.72
CA ILE E 131 3.92 -18.43 -20.16
C ILE E 131 3.32 -19.69 -20.82
N ALA E 132 4.00 -20.83 -20.69
CA ALA E 132 3.56 -22.07 -21.33
C ALA E 132 2.18 -22.55 -20.85
N ARG E 133 1.32 -23.01 -21.78
CA ARG E 133 -0.07 -23.41 -21.51
C ARG E 133 -0.21 -24.50 -20.44
N LYS E 134 0.80 -25.38 -20.35
CA LYS E 134 0.93 -26.41 -19.31
C LYS E 134 0.75 -25.85 -17.89
N LEU E 135 1.13 -24.60 -17.67
CA LEU E 135 1.13 -23.92 -16.37
C LEU E 135 -0.20 -23.25 -16.03
N GLU E 136 -1.26 -23.36 -16.84
CA GLU E 136 -2.59 -22.87 -16.44
C GLU E 136 -3.11 -23.64 -15.20
N CYS E 137 -3.50 -22.92 -14.15
CA CYS E 137 -3.81 -23.48 -12.83
C CYS E 137 -2.70 -24.40 -12.27
N ASN E 138 -1.45 -24.09 -12.61
CA ASN E 138 -0.22 -24.70 -12.13
C ASN E 138 -0.16 -24.96 -10.62
N GLY E 139 -0.59 -24.02 -9.79
CA GLY E 139 -0.05 -23.88 -8.46
C GLY E 139 1.36 -23.24 -8.49
N GLU E 140 1.87 -22.81 -7.33
CA GLU E 140 2.94 -21.79 -7.28
C GLU E 140 2.48 -20.51 -8.01
N ASN E 141 3.37 -19.77 -8.66
CA ASN E 141 3.05 -18.54 -9.39
C ASN E 141 4.08 -18.33 -10.50
N ASP E 142 3.73 -18.72 -11.72
CA ASP E 142 4.61 -18.67 -12.88
C ASP E 142 4.54 -17.36 -13.65
N CYS E 143 3.45 -16.59 -13.53
CA CYS E 143 3.40 -15.26 -14.14
C CYS E 143 4.21 -14.21 -13.37
N GLY E 144 4.53 -14.45 -12.11
CA GLY E 144 4.88 -13.39 -11.17
C GLY E 144 3.61 -12.63 -10.76
N ASP E 145 2.80 -12.21 -11.73
CA ASP E 145 1.49 -11.59 -11.57
C ASP E 145 0.40 -12.46 -10.90
N ASN E 146 0.59 -13.76 -10.67
CA ASN E 146 -0.42 -14.75 -10.28
C ASN E 146 -1.51 -15.05 -11.32
N SER E 147 -1.51 -14.39 -12.48
CA SER E 147 -2.60 -14.51 -13.47
C SER E 147 -2.89 -15.97 -13.88
N ASP E 148 -1.87 -16.81 -13.82
CA ASP E 148 -1.87 -18.25 -14.03
C ASP E 148 -2.79 -19.04 -13.07
N GLU E 149 -3.10 -18.48 -11.90
CA GLU E 149 -3.71 -19.20 -10.78
C GLU E 149 -4.83 -18.43 -10.05
N ARG E 150 -4.95 -17.11 -10.29
CA ARG E 150 -5.75 -16.16 -9.50
C ARG E 150 -7.15 -16.68 -9.15
N ASP E 151 -7.90 -17.09 -10.16
CA ASP E 151 -9.12 -17.89 -10.02
C ASP E 151 -8.96 -19.24 -10.74
N CYS E 152 -9.12 -20.33 -10.00
CA CYS E 152 -8.98 -21.72 -10.45
C CYS E 152 -9.81 -22.66 -9.56
N GLY E 153 -10.05 -23.89 -10.03
CA GLY E 153 -10.39 -25.02 -9.17
C GLY E 153 -9.18 -25.52 -8.38
N ARG E 154 -9.14 -26.82 -8.03
CA ARG E 154 -7.94 -27.46 -7.49
C ARG E 154 -6.79 -27.37 -8.50
N THR E 155 -5.63 -26.87 -8.08
CA THR E 155 -4.47 -26.70 -8.97
C THR E 155 -3.88 -28.03 -9.41
N LYS E 156 -2.98 -27.98 -10.40
CA LYS E 156 -1.99 -29.04 -10.64
C LYS E 156 -1.06 -29.19 -9.42
N ALA E 157 -0.29 -30.28 -9.40
CA ALA E 157 0.50 -30.68 -8.23
C ALA E 157 1.67 -29.72 -7.94
N VAL E 158 1.57 -28.97 -6.83
CA VAL E 158 2.72 -28.29 -6.20
C VAL E 158 3.62 -29.35 -5.54
N CYS E 159 4.93 -29.08 -5.44
CA CYS E 159 5.90 -30.08 -4.98
C CYS E 159 5.61 -30.62 -3.57
N THR E 160 6.02 -31.88 -3.33
CA THR E 160 5.75 -32.64 -2.10
C THR E 160 6.39 -32.06 -0.82
N ARG E 161 7.20 -31.01 -0.95
CA ARG E 161 7.95 -30.38 0.13
C ARG E 161 8.28 -28.94 -0.22
N LYS E 162 8.64 -28.16 0.81
CA LYS E 162 9.54 -27.00 0.65
C LYS E 162 10.90 -27.49 0.15
N TYR E 163 11.40 -26.89 -0.92
CA TYR E 163 12.79 -27.05 -1.37
C TYR E 163 13.41 -25.68 -1.61
N ASN E 164 14.63 -25.46 -1.13
CA ASN E 164 15.39 -24.26 -1.46
C ASN E 164 15.93 -24.34 -2.91
N PRO E 165 16.22 -23.21 -3.56
CA PRO E 165 16.81 -23.22 -4.89
C PRO E 165 18.31 -23.51 -4.80
N ILE E 166 18.94 -23.72 -5.96
CA ILE E 166 20.39 -23.81 -6.06
C ILE E 166 21.06 -22.55 -5.45
N PRO E 167 22.18 -22.64 -4.72
CA PRO E 167 22.78 -21.50 -4.07
C PRO E 167 23.26 -20.44 -5.06
N SER E 168 23.05 -19.16 -4.76
CA SER E 168 23.41 -18.00 -5.61
C SER E 168 22.85 -18.04 -7.04
N VAL E 169 21.82 -18.84 -7.32
CA VAL E 169 21.36 -19.13 -8.68
C VAL E 169 20.95 -17.92 -9.51
N GLN E 170 20.51 -16.81 -8.89
CA GLN E 170 20.19 -15.60 -9.62
C GLN E 170 21.42 -14.94 -10.29
N LEU E 171 22.64 -15.21 -9.81
CA LEU E 171 23.86 -14.74 -10.46
C LEU E 171 23.97 -15.33 -11.86
N MET E 172 23.53 -16.57 -12.04
CA MET E 172 23.55 -17.22 -13.36
C MET E 172 22.60 -16.56 -14.35
N GLY E 173 21.59 -15.85 -13.83
CA GLY E 173 20.62 -15.08 -14.60
C GLY E 173 20.94 -13.59 -14.72
N ASN E 174 21.96 -13.03 -14.07
CA ASN E 174 22.42 -11.67 -14.36
C ASN E 174 23.11 -11.58 -15.73
N GLY E 175 23.24 -10.36 -16.22
CA GLY E 175 24.11 -10.01 -17.34
C GLY E 175 25.48 -9.55 -16.87
N PHE E 176 26.38 -9.40 -17.84
CA PHE E 176 27.76 -9.00 -17.68
C PHE E 176 28.08 -7.92 -18.71
N HIS E 177 28.66 -6.82 -18.26
CA HIS E 177 29.10 -5.73 -19.11
C HIS E 177 30.56 -5.99 -19.53
N PHE E 178 30.74 -6.65 -20.69
CA PHE E 178 32.03 -7.12 -21.16
C PHE E 178 33.08 -6.03 -21.33
N LEU E 179 32.66 -4.80 -21.62
CA LEU E 179 33.55 -3.64 -21.68
C LEU E 179 33.96 -3.11 -20.31
N ALA E 180 33.21 -3.36 -19.24
CA ALA E 180 33.43 -2.78 -17.92
C ALA E 180 33.88 -3.80 -16.88
N GLY E 181 33.83 -5.10 -17.19
CA GLY E 181 34.32 -6.17 -16.31
C GLY E 181 33.48 -6.38 -15.06
N GLU E 182 32.16 -6.16 -15.14
CA GLU E 182 31.26 -6.22 -13.99
C GLU E 182 29.84 -6.69 -14.38
N PRO E 183 29.02 -7.17 -13.45
CA PRO E 183 27.66 -7.57 -13.77
C PRO E 183 26.80 -6.35 -14.09
N ARG E 184 25.70 -6.58 -14.81
CA ARG E 184 24.58 -5.65 -15.02
C ARG E 184 23.32 -6.48 -15.23
N GLY E 185 22.14 -5.89 -15.10
CA GLY E 185 20.87 -6.57 -15.31
C GLY E 185 20.53 -7.71 -14.38
N GLU E 186 19.30 -8.13 -14.52
CA GLU E 186 18.79 -9.42 -14.12
C GLU E 186 18.10 -9.92 -15.34
N VAL E 187 18.82 -10.64 -16.16
CA VAL E 187 18.41 -10.95 -17.51
C VAL E 187 17.44 -12.13 -17.51
N LEU E 188 17.71 -13.14 -16.67
CA LEU E 188 16.85 -14.31 -16.48
C LEU E 188 16.26 -14.29 -15.08
N ASP E 189 14.97 -14.64 -14.93
CA ASP E 189 14.40 -14.93 -13.61
C ASP E 189 14.86 -16.33 -13.19
N ASN E 190 15.94 -16.40 -12.43
CA ASN E 190 16.48 -17.65 -11.94
C ASN E 190 15.85 -18.14 -10.63
N SER E 191 14.69 -17.58 -10.25
CA SER E 191 13.74 -18.21 -9.34
C SER E 191 12.52 -18.80 -10.05
N PHE E 192 12.47 -18.81 -11.39
CA PHE E 192 11.43 -19.53 -12.12
C PHE E 192 11.51 -21.07 -11.92
N THR E 193 10.44 -21.69 -11.44
CA THR E 193 10.43 -23.10 -11.06
C THR E 193 9.99 -24.07 -12.16
N GLY E 194 9.40 -23.61 -13.26
CA GLY E 194 9.02 -24.47 -14.39
C GLY E 194 7.89 -25.46 -14.12
N GLY E 195 7.20 -25.37 -12.98
CA GLY E 195 6.09 -26.26 -12.63
C GLY E 195 6.50 -27.70 -12.29
N ILE E 196 7.79 -27.97 -12.05
CA ILE E 196 8.36 -29.31 -11.83
C ILE E 196 9.31 -29.32 -10.64
N CYS E 197 9.61 -30.51 -10.12
CA CYS E 197 10.22 -30.72 -8.81
C CYS E 197 11.59 -31.41 -8.88
N LYS E 198 12.27 -31.38 -10.04
CA LYS E 198 13.63 -31.93 -10.19
C LYS E 198 14.61 -31.32 -9.18
N THR E 199 15.52 -32.14 -8.69
CA THR E 199 16.37 -31.80 -7.54
C THR E 199 17.79 -32.38 -7.65
N VAL E 200 18.75 -31.73 -6.99
CA VAL E 200 20.16 -32.11 -6.89
C VAL E 200 20.56 -32.09 -5.41
N LYS E 201 21.39 -33.05 -4.96
CA LYS E 201 21.88 -33.11 -3.58
C LYS E 201 23.35 -32.70 -3.52
N SER E 202 23.68 -31.70 -2.70
CA SER E 202 25.05 -31.19 -2.55
C SER E 202 25.93 -32.14 -1.72
N SER E 203 25.36 -32.67 -0.63
CA SER E 203 26.01 -33.58 0.32
C SER E 203 24.96 -34.40 1.08
N ARG E 204 25.36 -35.50 1.73
CA ARG E 204 24.49 -36.24 2.66
C ARG E 204 23.98 -35.37 3.80
N THR E 205 24.81 -34.45 4.31
CA THR E 205 24.43 -33.46 5.35
C THR E 205 23.52 -32.32 4.83
N SER E 206 23.53 -32.02 3.53
CA SER E 206 22.75 -30.92 2.97
C SER E 206 21.25 -31.23 2.88
N ASN E 207 20.40 -30.19 2.88
CA ASN E 207 19.04 -30.32 2.34
C ASN E 207 19.08 -30.55 0.81
N PRO E 208 18.03 -31.10 0.17
CA PRO E 208 17.93 -31.16 -1.28
C PRO E 208 17.73 -29.76 -1.89
N TYR E 209 18.24 -29.53 -3.11
CA TYR E 209 18.05 -28.27 -3.84
C TYR E 209 17.28 -28.49 -5.12
N ARG E 210 16.45 -27.51 -5.52
CA ARG E 210 15.60 -27.52 -6.71
C ARG E 210 16.24 -26.77 -7.87
N VAL E 211 16.15 -27.31 -9.08
CA VAL E 211 16.77 -26.70 -10.28
C VAL E 211 15.79 -25.74 -11.00
N PRO E 212 16.07 -24.43 -11.15
CA PRO E 212 15.26 -23.55 -11.99
C PRO E 212 15.37 -23.90 -13.48
N ALA E 213 14.28 -23.78 -14.24
CA ALA E 213 14.16 -24.36 -15.58
C ALA E 213 15.07 -23.71 -16.65
N ASN E 214 15.75 -22.62 -16.30
CA ASN E 214 16.77 -21.95 -17.11
C ASN E 214 18.10 -22.69 -17.17
N LEU E 215 18.32 -23.70 -16.32
CA LEU E 215 19.59 -24.43 -16.26
C LEU E 215 19.45 -25.82 -16.91
N GLU E 216 20.35 -26.09 -17.84
CA GLU E 216 20.48 -27.37 -18.54
C GLU E 216 21.15 -28.41 -17.65
N ASN E 217 22.13 -27.99 -16.84
CA ASN E 217 22.75 -28.81 -15.80
C ASN E 217 23.47 -27.96 -14.75
N VAL E 218 23.59 -28.47 -13.53
CA VAL E 218 24.45 -27.94 -12.46
C VAL E 218 25.13 -29.10 -11.75
N GLY E 219 26.41 -28.96 -11.41
CA GLY E 219 27.16 -29.90 -10.59
C GLY E 219 27.69 -29.22 -9.33
N PHE E 220 27.46 -29.83 -8.17
CA PHE E 220 28.25 -29.53 -6.98
C PHE E 220 29.55 -30.34 -7.01
N GLU E 221 30.62 -29.72 -6.57
CA GLU E 221 31.94 -30.30 -6.38
C GLU E 221 32.65 -29.59 -5.23
N VAL E 222 33.87 -30.00 -4.93
CA VAL E 222 34.88 -29.13 -4.34
C VAL E 222 36.15 -29.40 -5.13
N GLN E 223 36.85 -28.33 -5.45
CA GLN E 223 37.97 -28.29 -6.38
C GLN E 223 38.91 -27.22 -5.88
N THR E 224 40.18 -27.34 -6.21
CA THR E 224 40.97 -26.13 -6.35
C THR E 224 41.55 -26.17 -7.76
N ALA E 225 41.29 -25.12 -8.51
CA ALA E 225 41.28 -25.15 -9.98
C ALA E 225 42.31 -24.20 -10.59
N GLU E 226 42.66 -23.21 -9.80
CA GLU E 226 43.93 -22.54 -9.85
C GLU E 226 44.37 -22.57 -8.38
N ASP E 227 45.58 -23.02 -8.13
CA ASP E 227 46.17 -23.16 -6.81
C ASP E 227 47.56 -22.58 -6.90
N ASP E 228 47.89 -21.66 -6.01
CA ASP E 228 49.16 -20.96 -6.06
C ASP E 228 49.58 -20.63 -4.64
N LEU E 229 50.79 -21.06 -4.26
CA LEU E 229 51.49 -20.57 -3.10
C LEU E 229 52.88 -20.19 -3.56
N LYS E 230 53.29 -18.96 -3.28
CA LYS E 230 54.62 -18.46 -3.54
C LYS E 230 55.12 -17.83 -2.27
N THR E 231 56.38 -18.08 -1.99
CA THR E 231 57.01 -17.67 -0.76
C THR E 231 58.44 -17.31 -1.03
N ASP E 232 58.89 -16.35 -0.28
CA ASP E 232 60.21 -15.80 -0.37
C ASP E 232 60.66 -15.57 1.06
N PHE E 233 61.94 -15.77 1.27
CA PHE E 233 62.62 -15.37 2.48
C PHE E 233 63.93 -14.74 2.03
N TYR E 234 64.31 -13.66 2.68
CA TYR E 234 65.62 -13.08 2.59
C TYR E 234 66.10 -12.90 4.02
N LYS E 235 67.27 -13.41 4.34
CA LYS E 235 67.86 -13.36 5.67
C LYS E 235 69.30 -12.95 5.54
N ASP E 236 69.70 -12.03 6.39
CA ASP E 236 70.97 -11.34 6.29
C ASP E 236 71.40 -10.99 7.70
N LEU E 237 72.62 -11.33 8.07
CA LEU E 237 73.19 -11.06 9.36
C LEU E 237 74.62 -10.60 9.15
N THR E 238 75.01 -9.61 9.93
CA THR E 238 76.37 -9.10 9.97
C THR E 238 76.80 -9.07 11.42
N SER E 239 78.05 -9.41 11.68
CA SER E 239 78.68 -9.29 12.99
C SER E 239 80.06 -8.70 12.77
N LEU E 240 80.34 -7.60 13.45
CA LEU E 240 81.56 -6.83 13.29
C LEU E 240 82.15 -6.56 14.67
N GLY E 241 83.48 -6.52 14.78
CA GLY E 241 84.11 -6.16 16.04
C GLY E 241 85.59 -5.89 15.91
N HIS E 242 86.13 -5.11 16.83
CA HIS E 242 87.57 -4.93 16.99
C HIS E 242 87.93 -4.62 18.44
N ASN E 243 89.12 -5.00 18.89
CA ASN E 243 89.57 -4.83 20.25
C ASN E 243 91.10 -4.75 20.34
N GLU E 244 91.60 -3.91 21.22
CA GLU E 244 92.95 -3.31 21.13
C GLU E 244 93.48 -2.93 22.50
N ASN E 245 94.80 -2.87 22.65
CA ASN E 245 95.46 -2.17 23.75
C ASN E 245 96.87 -1.71 23.35
N GLN E 246 97.39 -0.70 24.04
CA GLN E 246 98.72 -0.12 23.82
C GLN E 246 99.33 0.35 25.14
N GLN E 247 100.65 0.38 25.25
CA GLN E 247 101.41 0.86 26.42
C GLN E 247 102.75 1.49 25.99
N GLY E 248 103.30 2.39 26.80
CA GLY E 248 104.66 2.93 26.60
C GLY E 248 105.15 3.80 27.76
N SER E 249 106.47 3.92 27.91
CA SER E 249 107.12 4.75 28.94
C SER E 249 108.48 5.26 28.47
N PHE E 250 108.88 6.45 28.95
CA PHE E 250 110.14 7.11 28.60
C PHE E 250 110.77 7.78 29.84
N SER E 251 112.07 8.05 29.80
CA SER E 251 112.83 8.66 30.91
C SER E 251 114.00 9.52 30.40
N SER E 252 114.43 10.50 31.20
CA SER E 252 115.52 11.43 30.87
C SER E 252 116.24 11.98 32.11
N ARG E 268 123.08 21.22 40.62
CA ARG E 268 121.83 20.74 40.48
C ARG E 268 121.78 19.37 39.80
N SER E 269 121.00 18.45 40.36
CA SER E 269 120.63 17.16 39.75
C SER E 269 119.15 17.16 39.39
N GLU E 270 118.80 16.72 38.18
CA GLU E 270 117.44 16.79 37.63
C GLU E 270 117.08 15.53 36.81
N ASN E 271 115.86 15.00 36.96
CA ASN E 271 115.38 13.77 36.31
C ASN E 271 113.88 13.85 35.93
N ILE E 272 113.48 13.22 34.82
CA ILE E 272 112.13 13.28 34.23
C ILE E 272 111.67 11.86 33.81
N ASN E 273 110.37 11.57 33.95
CA ASN E 273 109.74 10.29 33.60
C ASN E 273 108.36 10.47 32.94
N HIS E 274 107.96 9.51 32.10
CA HIS E 274 106.68 9.50 31.37
C HIS E 274 106.09 8.08 31.29
N ASN E 275 104.76 7.97 31.24
CA ASN E 275 104.04 6.75 30.91
C ASN E 275 102.74 7.09 30.16
N SER E 276 102.27 6.20 29.28
CA SER E 276 100.90 6.25 28.73
C SER E 276 100.41 4.88 28.31
N ALA E 277 99.10 4.71 28.18
CA ALA E 277 98.45 3.46 27.75
C ALA E 277 97.06 3.72 27.15
N PHE E 278 96.51 2.71 26.47
CA PHE E 278 95.18 2.74 25.84
C PHE E 278 94.53 1.35 25.81
N LYS E 279 93.19 1.29 25.81
CA LYS E 279 92.38 0.08 25.56
C LYS E 279 91.11 0.43 24.79
N GLN E 280 90.63 -0.46 23.94
CA GLN E 280 89.32 -0.36 23.29
C GLN E 280 88.75 -1.75 23.00
N ALA E 281 87.42 -1.88 23.00
CA ALA E 281 86.71 -3.00 22.41
C ALA E 281 85.35 -2.54 21.89
N ILE E 282 84.94 -3.03 20.72
CA ILE E 282 83.66 -2.69 20.08
C ILE E 282 83.09 -3.93 19.40
N GLN E 283 81.77 -4.08 19.41
CA GLN E 283 81.03 -5.06 18.61
C GLN E 283 79.76 -4.42 18.05
N ALA E 284 79.40 -4.75 16.80
CA ALA E 284 78.22 -4.22 16.14
C ALA E 284 77.52 -5.28 15.29
N SER E 285 76.26 -5.06 14.94
CA SER E 285 75.50 -5.92 14.05
C SER E 285 74.38 -5.17 13.35
N HIS E 286 74.02 -5.67 12.19
CA HIS E 286 72.76 -5.46 11.50
C HIS E 286 72.22 -6.83 11.12
N LYS E 287 70.91 -6.96 11.16
CA LYS E 287 70.19 -8.15 10.73
C LYS E 287 68.97 -7.71 9.93
N LYS E 288 68.61 -8.47 8.92
CA LYS E 288 67.34 -8.35 8.22
C LYS E 288 66.76 -9.72 8.00
N ASP E 289 65.46 -9.83 8.18
CA ASP E 289 64.68 -10.97 7.74
C ASP E 289 63.42 -10.40 7.08
N SER E 290 63.14 -10.75 5.85
CA SER E 290 61.93 -10.30 5.16
C SER E 290 61.37 -11.44 4.37
N SER E 291 60.08 -11.65 4.46
CA SER E 291 59.44 -12.85 3.99
C SER E 291 58.07 -12.56 3.47
N PHE E 292 57.69 -13.31 2.50
CA PHE E 292 56.53 -13.05 1.71
C PHE E 292 55.79 -14.36 1.57
N ILE E 293 54.48 -14.25 1.43
CA ILE E 293 53.58 -15.41 1.27
C ILE E 293 52.35 -14.99 0.46
N ARG E 294 52.25 -15.37 -0.81
CA ARG E 294 51.04 -15.11 -1.55
C ARG E 294 50.38 -16.42 -1.86
N ILE E 295 49.11 -16.52 -1.54
CA ILE E 295 48.31 -17.70 -1.72
C ILE E 295 47.12 -17.23 -2.52
N HIS E 296 46.88 -17.85 -3.65
CA HIS E 296 45.72 -17.60 -4.45
C HIS E 296 45.10 -18.94 -4.72
N LYS E 297 43.85 -19.08 -4.33
CA LYS E 297 43.08 -20.29 -4.50
C LYS E 297 41.77 -19.93 -5.14
N VAL E 298 41.44 -20.69 -6.15
CA VAL E 298 40.23 -20.60 -6.88
C VAL E 298 39.63 -21.95 -6.68
N MET E 299 38.41 -21.93 -6.19
CA MET E 299 37.67 -23.03 -5.63
C MET E 299 36.34 -23.04 -6.36
N LYS E 300 35.85 -24.19 -6.78
CA LYS E 300 34.75 -24.25 -7.73
C LYS E 300 33.62 -25.16 -7.25
N VAL E 301 32.88 -24.71 -6.23
CA VAL E 301 31.87 -25.49 -5.49
C VAL E 301 30.62 -25.84 -6.31
N LEU E 302 30.26 -25.01 -7.27
CA LEU E 302 29.17 -25.17 -8.21
C LEU E 302 29.78 -25.00 -9.61
N ASN E 303 29.23 -25.73 -10.56
CA ASN E 303 29.46 -25.39 -11.99
C ASN E 303 28.10 -25.54 -12.68
N PHE E 304 27.84 -24.74 -13.72
CA PHE E 304 26.51 -24.72 -14.32
C PHE E 304 26.52 -24.53 -15.83
N THR E 305 25.44 -24.94 -16.49
CA THR E 305 25.12 -24.59 -17.86
C THR E 305 23.69 -24.05 -17.93
N THR E 306 23.53 -22.84 -18.46
CA THR E 306 22.25 -22.21 -18.83
C THR E 306 21.77 -22.80 -20.15
N LYS E 307 20.47 -23.04 -20.34
CA LYS E 307 19.93 -23.71 -21.54
C LYS E 307 20.28 -23.00 -22.85
N ALA E 308 20.17 -23.71 -23.96
CA ALA E 308 20.36 -23.16 -25.29
C ALA E 308 19.13 -22.41 -25.83
N LYS E 309 17.93 -22.73 -25.35
CA LYS E 309 16.64 -22.23 -25.88
C LYS E 309 15.64 -21.93 -24.74
N ASP E 310 14.65 -21.08 -25.03
CA ASP E 310 13.44 -20.84 -24.22
C ASP E 310 13.67 -20.34 -22.76
N LEU E 311 14.76 -19.64 -22.50
CA LEU E 311 15.07 -19.11 -21.17
C LEU E 311 14.00 -18.11 -20.69
N HIS E 312 13.64 -18.17 -19.41
CA HIS E 312 12.69 -17.26 -18.77
C HIS E 312 13.39 -15.95 -18.39
N LEU E 313 13.09 -14.89 -19.13
CA LEU E 313 13.61 -13.55 -18.92
C LEU E 313 13.01 -12.88 -17.68
N SER E 314 13.78 -12.10 -16.94
CA SER E 314 13.27 -11.42 -15.74
C SER E 314 12.17 -10.41 -16.07
N ASP E 315 11.21 -10.20 -15.16
CA ASP E 315 10.15 -9.21 -15.30
C ASP E 315 10.71 -7.84 -15.69
N VAL E 316 11.71 -7.38 -14.95
CA VAL E 316 12.27 -6.05 -15.13
C VAL E 316 13.05 -5.91 -16.45
N PHE E 317 13.56 -7.01 -17.02
CA PHE E 317 14.17 -7.04 -18.35
C PHE E 317 13.13 -7.13 -19.47
N LEU E 318 12.15 -8.02 -19.32
CA LEU E 318 11.09 -8.19 -20.29
C LEU E 318 10.26 -6.91 -20.42
N LYS E 319 10.16 -6.11 -19.35
CA LYS E 319 9.53 -4.79 -19.40
C LYS E 319 10.28 -3.82 -20.32
N ALA E 320 11.59 -3.67 -20.14
CA ALA E 320 12.39 -2.70 -20.88
C ALA E 320 12.45 -3.03 -22.36
N LEU E 321 12.60 -4.30 -22.72
CA LEU E 321 12.68 -4.74 -24.11
C LEU E 321 11.40 -4.41 -24.89
N ASN E 322 10.23 -4.53 -24.26
CA ASN E 322 8.96 -4.16 -24.87
C ASN E 322 8.82 -2.65 -25.08
N HIS E 323 9.23 -1.87 -24.09
CA HIS E 323 9.22 -0.41 -24.10
C HIS E 323 10.07 0.23 -25.22
N LEU E 324 11.22 -0.35 -25.60
CA LEU E 324 12.09 0.17 -26.68
C LEU E 324 11.33 0.59 -27.95
N PRO E 325 11.64 1.73 -28.60
CA PRO E 325 10.99 2.11 -29.83
C PRO E 325 11.30 1.13 -30.93
N LEU E 326 10.37 0.95 -31.85
CA LEU E 326 10.54 0.07 -33.00
C LEU E 326 11.49 0.65 -34.05
N GLU E 327 11.43 1.96 -34.30
CA GLU E 327 12.46 2.71 -35.00
C GLU E 327 13.72 2.84 -34.13
N TYR E 328 14.91 2.78 -34.72
CA TYR E 328 16.15 2.86 -33.97
C TYR E 328 16.32 4.19 -33.22
N ASN E 329 16.99 4.14 -32.09
CA ASN E 329 17.52 5.30 -31.39
C ASN E 329 18.75 4.85 -30.63
N SER E 330 19.89 5.48 -30.88
CA SER E 330 21.14 5.08 -30.26
C SER E 330 21.12 5.18 -28.73
N ALA E 331 20.69 6.29 -28.12
CA ALA E 331 20.72 6.42 -26.67
C ALA E 331 19.76 5.45 -25.98
N LEU E 332 18.53 5.29 -26.49
CA LEU E 332 17.53 4.39 -25.90
C LEU E 332 17.97 2.93 -25.94
N TYR E 333 18.38 2.42 -27.11
CA TYR E 333 18.91 1.08 -27.15
C TYR E 333 20.26 0.98 -26.44
N SER E 334 21.05 2.04 -26.31
CA SER E 334 22.30 1.99 -25.53
C SER E 334 22.06 1.79 -24.03
N ARG E 335 21.01 2.38 -23.46
CA ARG E 335 20.78 2.23 -22.01
C ARG E 335 20.50 0.77 -21.61
N ILE E 336 19.95 -0.06 -22.51
CA ILE E 336 19.85 -1.51 -22.29
C ILE E 336 21.20 -2.10 -21.85
N PHE E 337 22.32 -1.59 -22.36
CA PHE E 337 23.64 -2.09 -22.00
C PHE E 337 24.17 -1.54 -20.69
N ASP E 338 23.81 -0.32 -20.30
CA ASP E 338 24.12 0.14 -18.95
C ASP E 338 23.23 -0.55 -17.90
N ASP E 339 21.98 -0.86 -18.25
CA ASP E 339 20.96 -1.41 -17.37
C ASP E 339 21.08 -2.93 -17.20
N PHE E 340 21.13 -3.65 -18.33
CA PHE E 340 21.11 -5.10 -18.40
C PHE E 340 22.45 -5.76 -18.72
N GLY E 341 23.43 -5.01 -19.21
CA GLY E 341 24.70 -5.57 -19.62
C GLY E 341 24.70 -6.15 -21.02
N THR E 342 25.89 -6.57 -21.43
CA THR E 342 26.23 -6.85 -22.82
C THR E 342 26.07 -8.32 -23.15
N HIS E 343 26.42 -9.21 -22.23
CA HIS E 343 26.45 -10.66 -22.43
C HIS E 343 26.00 -11.36 -21.15
N TYR E 344 25.60 -12.62 -21.22
CA TYR E 344 25.21 -13.44 -20.07
C TYR E 344 26.03 -14.74 -19.98
N PHE E 345 26.12 -15.29 -18.78
CA PHE E 345 26.83 -16.52 -18.49
C PHE E 345 26.11 -17.76 -19.06
N THR E 346 26.63 -18.33 -20.14
CA THR E 346 26.15 -19.61 -20.71
C THR E 346 26.60 -20.79 -19.88
N SER E 347 27.80 -20.71 -19.32
CA SER E 347 28.34 -21.65 -18.34
C SER E 347 29.37 -20.92 -17.49
N GLY E 348 29.67 -21.42 -16.31
CA GLY E 348 30.55 -20.69 -15.40
C GLY E 348 30.74 -21.40 -14.07
N SER E 349 31.81 -21.01 -13.39
CA SER E 349 32.18 -21.55 -12.11
C SER E 349 31.65 -20.64 -11.03
N LEU E 350 30.45 -20.94 -10.54
CA LEU E 350 29.98 -20.38 -9.28
C LEU E 350 30.83 -21.03 -8.19
N GLY E 351 31.89 -20.33 -7.86
CA GLY E 351 32.93 -20.77 -6.97
C GLY E 351 33.16 -19.80 -5.83
N GLY E 352 34.30 -19.94 -5.21
CA GLY E 352 34.83 -18.99 -4.27
C GLY E 352 36.25 -18.67 -4.68
N VAL E 353 36.72 -17.55 -4.23
CA VAL E 353 38.11 -17.14 -4.41
C VAL E 353 38.62 -16.74 -3.07
N TYR E 354 39.86 -17.11 -2.81
CA TYR E 354 40.66 -16.51 -1.78
C TYR E 354 41.96 -16.09 -2.41
N ASP E 355 42.31 -14.86 -2.16
CA ASP E 355 43.56 -14.26 -2.55
C ASP E 355 44.11 -13.73 -1.26
N LEU E 356 45.38 -13.92 -1.02
CA LEU E 356 46.04 -13.55 0.20
C LEU E 356 47.45 -13.22 -0.17
N LEU E 357 47.89 -12.07 0.27
CA LEU E 357 49.27 -11.67 0.16
C LEU E 357 49.57 -11.26 1.55
N TYR E 358 50.59 -11.83 2.12
CA TYR E 358 51.15 -11.41 3.38
C TYR E 358 52.60 -11.07 3.13
N GLN E 359 52.95 -9.82 3.29
CA GLN E 359 54.32 -9.35 3.18
C GLN E 359 54.81 -9.04 4.57
N PHE E 360 56.03 -9.42 4.90
CA PHE E 360 56.67 -9.10 6.15
C PHE E 360 58.05 -8.56 5.90
N SER E 361 58.41 -7.54 6.66
CA SER E 361 59.75 -7.06 6.76
C SER E 361 60.13 -7.00 8.22
N SER E 362 61.36 -7.37 8.56
CA SER E 362 61.97 -7.16 9.85
C SER E 362 63.41 -6.74 9.66
N GLU E 363 63.85 -5.73 10.39
CA GLU E 363 65.21 -5.20 10.29
C GLU E 363 65.68 -4.76 11.66
N GLU E 364 66.96 -4.95 11.96
CA GLU E 364 67.51 -4.77 13.30
C GLU E 364 68.93 -4.24 13.23
N LEU E 365 69.33 -3.45 14.23
CA LEU E 365 70.67 -2.89 14.36
C LEU E 365 71.09 -2.85 15.82
N LYS E 366 72.38 -2.97 16.09
CA LYS E 366 72.95 -3.07 17.44
C LYS E 366 74.35 -2.48 17.50
N ASN E 367 74.76 -2.02 18.68
CA ASN E 367 76.13 -1.60 18.95
C ASN E 367 76.50 -1.80 20.42
N SER E 368 77.77 -2.05 20.68
CA SER E 368 78.42 -1.91 21.99
C SER E 368 79.86 -1.44 21.79
N GLY E 369 80.34 -0.51 22.60
CA GLY E 369 81.71 0.00 22.51
C GLY E 369 82.24 0.50 23.84
N LEU E 370 83.56 0.39 24.02
CA LEU E 370 84.28 0.65 25.27
C LEU E 370 85.62 1.31 24.94
N THR E 371 86.11 2.20 25.78
CA THR E 371 87.42 2.84 25.61
C THR E 371 88.04 3.26 26.93
N GLU E 372 89.36 3.18 27.06
CA GLU E 372 90.14 3.85 28.10
C GLU E 372 91.45 4.41 27.56
N GLU E 373 91.93 5.51 28.14
CA GLU E 373 93.23 6.08 27.85
C GLU E 373 93.85 6.66 29.13
N GLU E 374 95.17 6.64 29.27
CA GLU E 374 95.87 7.16 30.44
C GLU E 374 97.23 7.79 30.07
N ALA E 375 97.68 8.79 30.83
CA ALA E 375 99.01 9.40 30.69
C ALA E 375 99.56 9.93 32.03
N LYS E 376 100.88 9.96 32.20
CA LYS E 376 101.57 10.38 33.42
C LYS E 376 102.90 11.03 33.10
N HIS E 377 103.24 12.12 33.80
CA HIS E 377 104.34 13.02 33.46
C HIS E 377 105.00 13.57 34.75
N CYS E 378 106.20 13.11 35.11
CA CYS E 378 106.82 13.37 36.43
C CYS E 378 108.26 13.95 36.34
N VAL E 379 108.67 14.69 37.38
CA VAL E 379 109.97 15.38 37.48
C VAL E 379 110.51 15.43 38.93
N ARG E 380 111.83 15.36 39.11
CA ARG E 380 112.55 15.64 40.38
C ARG E 380 113.74 16.58 40.15
N ILE E 381 113.98 17.50 41.08
CA ILE E 381 115.11 18.43 41.11
C ILE E 381 115.72 18.49 42.52
N GLU E 382 117.04 18.60 42.66
CA GLU E 382 117.72 18.70 43.95
C GLU E 382 119.09 19.40 43.90
N THR E 383 119.57 19.93 45.04
CA THR E 383 120.93 20.48 45.23
C THR E 383 121.41 20.38 46.68
N THR E 393 120.63 21.91 52.09
CA THR E 393 120.06 20.98 51.12
C THR E 393 118.65 21.40 50.67
N LYS E 394 118.36 21.29 49.37
CA LYS E 394 117.03 21.53 48.77
C LYS E 394 116.64 20.38 47.83
N VAL E 395 115.40 19.91 47.92
CA VAL E 395 114.81 18.81 47.13
C VAL E 395 113.38 19.14 46.72
N GLU E 396 112.96 18.85 45.50
CA GLU E 396 111.56 18.95 45.07
C GLU E 396 111.17 17.86 44.06
N HIS E 397 110.04 17.21 44.27
CA HIS E 397 109.48 16.15 43.43
C HIS E 397 108.04 16.47 43.04
N ARG E 398 107.66 16.28 41.77
CA ARG E 398 106.35 16.69 41.22
C ARG E 398 105.87 15.76 40.10
N CYS E 399 104.57 15.54 39.98
CA CYS E 399 103.98 14.81 38.86
C CYS E 399 102.56 15.25 38.49
N THR E 400 102.14 15.01 37.25
CA THR E 400 100.76 15.14 36.79
C THR E 400 100.32 13.91 36.00
N THR E 401 99.06 13.52 36.16
CA THR E 401 98.46 12.31 35.61
C THR E 401 97.08 12.62 35.03
N ASN E 402 96.68 11.95 33.96
CA ASN E 402 95.41 12.19 33.29
C ASN E 402 94.80 10.86 32.81
N LYS E 403 93.47 10.77 32.75
CA LYS E 403 92.75 9.58 32.33
C LYS E 403 91.45 9.95 31.64
N LEU E 404 90.97 9.09 30.74
CA LEU E 404 89.73 9.29 29.99
C LEU E 404 89.08 7.93 29.73
N SER E 405 87.76 7.88 29.63
CA SER E 405 87.04 6.67 29.25
C SER E 405 85.69 6.98 28.60
N GLU E 406 85.18 6.06 27.80
CA GLU E 406 83.87 6.16 27.15
C GLU E 406 83.23 4.78 27.02
N LYS E 407 81.89 4.74 26.91
CA LYS E 407 81.10 3.55 26.62
C LYS E 407 79.85 3.94 25.84
N HIS E 408 79.40 3.09 24.92
CA HIS E 408 78.21 3.32 24.10
C HIS E 408 77.46 2.02 23.88
N GLU E 409 76.15 2.07 23.83
CA GLU E 409 75.28 0.94 23.52
C GLU E 409 74.10 1.41 22.67
N GLY E 410 73.66 0.58 21.74
CA GLY E 410 72.67 0.96 20.75
C GLY E 410 71.81 -0.21 20.35
N SER E 411 70.55 0.06 20.07
CA SER E 411 69.59 -0.90 19.55
C SER E 411 68.56 -0.21 18.66
N PHE E 412 68.10 -0.87 17.61
CA PHE E 412 66.93 -0.49 16.84
C PHE E 412 66.29 -1.73 16.24
N ILE E 413 64.99 -1.73 16.05
CA ILE E 413 64.26 -2.74 15.29
C ILE E 413 63.14 -2.08 14.52
N GLN E 414 62.74 -2.68 13.42
CA GLN E 414 61.66 -2.22 12.57
C GLN E 414 60.97 -3.42 11.99
N GLY E 415 59.66 -3.30 11.83
CA GLY E 415 58.81 -4.32 11.30
C GLY E 415 57.78 -3.69 10.39
N ALA E 416 57.39 -4.36 9.34
CA ALA E 416 56.19 -4.00 8.63
C ALA E 416 55.51 -5.22 8.11
N GLU E 417 54.20 -5.22 8.14
CA GLU E 417 53.34 -6.26 7.64
C GLU E 417 52.31 -5.63 6.74
N LYS E 418 51.96 -6.34 5.69
CA LYS E 418 50.78 -6.05 4.91
C LYS E 418 50.03 -7.33 4.76
N SER E 419 48.73 -7.23 4.70
CA SER E 419 47.89 -8.30 4.21
C SER E 419 46.94 -7.72 3.20
N ILE E 420 46.63 -8.45 2.15
CA ILE E 420 45.55 -8.09 1.25
C ILE E 420 44.84 -9.38 0.98
N SER E 421 43.53 -9.39 1.04
CA SER E 421 42.78 -10.56 0.72
C SER E 421 41.45 -10.23 0.14
N LEU E 422 41.06 -10.96 -0.89
CA LEU E 422 39.77 -10.88 -1.49
C LEU E 422 39.12 -12.23 -1.32
N ILE E 423 37.95 -12.22 -0.69
CA ILE E 423 37.02 -13.32 -0.64
C ILE E 423 35.87 -13.01 -1.55
N ARG E 424 35.47 -13.99 -2.34
CA ARG E 424 34.29 -13.93 -3.19
C ARG E 424 33.54 -15.22 -2.98
N GLY E 425 32.24 -15.15 -2.83
CA GLY E 425 31.43 -16.22 -2.24
C GLY E 425 31.57 -16.29 -0.70
N GLY E 426 30.71 -17.10 -0.08
CA GLY E 426 30.55 -17.29 1.36
C GLY E 426 29.24 -16.71 1.92
N ARG E 427 28.82 -17.18 3.09
CA ARG E 427 28.01 -16.39 4.02
C ARG E 427 28.93 -15.36 4.66
N SER E 428 28.52 -14.12 4.79
CA SER E 428 29.42 -13.07 5.25
C SER E 428 29.84 -13.21 6.70
N GLU E 429 29.25 -14.12 7.47
CA GLU E 429 29.77 -14.51 8.79
C GLU E 429 31.16 -15.16 8.71
N TYR E 430 31.34 -16.07 7.73
CA TYR E 430 32.57 -16.83 7.53
C TYR E 430 33.43 -16.28 6.41
N GLY E 431 32.83 -15.63 5.41
CA GLY E 431 33.55 -14.73 4.53
C GLY E 431 34.25 -13.65 5.35
N ALA E 432 33.61 -13.09 6.37
CA ALA E 432 34.31 -12.32 7.38
C ALA E 432 35.41 -13.15 8.03
N ALA E 433 35.12 -14.34 8.54
CA ALA E 433 36.12 -15.08 9.31
C ALA E 433 37.42 -15.33 8.54
N LEU E 434 37.33 -15.85 7.31
CA LEU E 434 38.52 -16.13 6.52
C LEU E 434 39.19 -14.85 6.01
N ALA E 435 38.42 -13.85 5.57
CA ALA E 435 39.02 -12.61 5.08
C ALA E 435 39.77 -11.90 6.19
N TRP E 436 39.38 -12.08 7.45
CA TRP E 436 40.05 -11.44 8.56
C TRP E 436 41.43 -12.03 8.84
N GLU E 437 41.70 -13.27 8.41
CA GLU E 437 42.95 -13.95 8.75
C GLU E 437 44.18 -13.28 8.17
N LYS E 438 45.09 -12.85 9.04
CA LYS E 438 46.29 -12.05 8.68
C LYS E 438 47.23 -12.77 7.72
N GLY E 439 47.27 -14.11 7.78
CA GLY E 439 47.95 -14.96 6.80
C GLY E 439 49.41 -15.31 7.11
N SER E 440 49.98 -14.82 8.22
CA SER E 440 51.39 -15.06 8.58
C SER E 440 51.73 -16.55 8.73
N SER E 441 50.76 -17.34 9.17
CA SER E 441 50.84 -18.80 9.29
C SER E 441 50.70 -19.55 7.95
N GLY E 442 50.34 -18.87 6.86
CA GLY E 442 49.63 -19.53 5.77
C GLY E 442 48.24 -19.97 6.22
N LEU E 443 47.51 -20.70 5.38
CA LEU E 443 46.10 -21.02 5.63
C LEU E 443 45.87 -21.76 6.95
N GLU E 444 44.96 -21.23 7.77
CA GLU E 444 44.44 -21.94 8.94
C GLU E 444 43.27 -22.82 8.48
N GLU E 445 43.51 -24.12 8.29
CA GLU E 445 42.54 -25.04 7.67
C GLU E 445 41.18 -25.05 8.37
N LYS E 446 41.12 -24.79 9.68
CA LYS E 446 39.86 -24.63 10.43
C LYS E 446 39.01 -23.51 9.85
N THR E 447 39.58 -22.33 9.67
CA THR E 447 38.86 -21.19 9.11
C THR E 447 38.62 -21.41 7.63
N PHE E 448 39.62 -21.87 6.89
CA PHE E 448 39.46 -22.07 5.46
C PHE E 448 38.37 -23.09 5.15
N SER E 449 38.27 -24.17 5.91
CA SER E 449 37.21 -25.15 5.72
C SER E 449 35.84 -24.61 6.11
N GLU E 450 35.71 -23.88 7.21
CA GLU E 450 34.42 -23.27 7.59
C GLU E 450 33.94 -22.25 6.56
N TRP E 451 34.88 -21.47 6.02
CA TRP E 451 34.60 -20.63 4.88
C TRP E 451 34.19 -21.47 3.68
N LEU E 452 34.91 -22.53 3.34
CA LEU E 452 34.65 -23.29 2.12
C LEU E 452 33.28 -23.96 2.17
N GLU E 453 32.89 -24.47 3.32
CA GLU E 453 31.52 -24.94 3.55
C GLU E 453 30.50 -23.81 3.34
N SER E 454 30.81 -22.60 3.81
CA SER E 454 29.97 -21.41 3.56
C SER E 454 29.97 -20.98 2.10
N VAL E 455 31.01 -21.27 1.32
CA VAL E 455 31.01 -21.01 -0.12
C VAL E 455 30.03 -21.92 -0.82
N LYS E 456 29.89 -23.19 -0.39
CA LYS E 456 28.82 -24.06 -0.89
C LYS E 456 27.44 -23.43 -0.69
N GLU E 457 27.27 -22.68 0.41
CA GLU E 457 26.01 -22.02 0.77
C GLU E 457 25.76 -20.69 0.04
N ASN E 458 26.79 -19.97 -0.41
CA ASN E 458 26.62 -18.84 -1.32
C ASN E 458 27.85 -18.53 -2.19
N PRO E 459 27.97 -19.10 -3.39
CA PRO E 459 29.08 -18.83 -4.29
C PRO E 459 29.15 -17.40 -4.86
N ALA E 460 30.19 -17.16 -5.66
CA ALA E 460 30.39 -16.00 -6.55
C ALA E 460 30.91 -16.48 -7.92
N VAL E 461 30.67 -15.77 -9.01
CA VAL E 461 31.15 -16.22 -10.33
C VAL E 461 32.65 -15.96 -10.43
N ILE E 462 33.46 -17.01 -10.58
CA ILE E 462 34.93 -16.94 -10.55
C ILE E 462 35.54 -16.95 -11.95
N ASP E 463 35.05 -17.81 -12.83
CA ASP E 463 35.25 -17.69 -14.28
C ASP E 463 33.97 -18.08 -15.03
N PHE E 464 33.83 -17.60 -16.26
CA PHE E 464 32.56 -17.56 -16.97
C PHE E 464 32.71 -17.59 -18.48
N GLU E 465 31.72 -18.12 -19.17
CA GLU E 465 31.66 -18.25 -20.63
C GLU E 465 30.43 -17.50 -21.16
N LEU E 466 30.62 -16.52 -22.04
CA LEU E 466 29.63 -15.50 -22.37
C LEU E 466 29.00 -15.69 -23.76
N ALA E 467 27.69 -15.46 -23.87
CA ALA E 467 26.98 -15.22 -25.12
C ALA E 467 26.32 -13.83 -25.08
N PRO E 468 26.21 -13.12 -26.21
CA PRO E 468 25.73 -11.74 -26.22
C PRO E 468 24.24 -11.68 -25.90
N ILE E 469 23.86 -10.65 -25.14
CA ILE E 469 22.51 -10.50 -24.58
C ILE E 469 21.44 -10.62 -25.65
N VAL E 470 21.66 -9.94 -26.75
CA VAL E 470 20.78 -9.86 -27.92
C VAL E 470 20.45 -11.20 -28.60
N ASP E 471 21.11 -12.31 -28.29
CA ASP E 471 20.67 -13.62 -28.81
C ASP E 471 19.43 -14.18 -28.09
N LEU E 472 19.19 -13.73 -26.85
CA LEU E 472 18.20 -14.29 -25.94
C LEU E 472 16.76 -14.13 -26.40
N VAL E 473 16.42 -12.92 -26.84
CA VAL E 473 15.06 -12.39 -26.74
C VAL E 473 14.14 -13.07 -27.73
N ARG E 474 13.01 -13.64 -27.28
CA ARG E 474 12.00 -14.28 -28.15
C ARG E 474 10.54 -13.94 -27.79
N ASN E 475 10.26 -13.53 -26.56
CA ASN E 475 8.89 -13.26 -26.13
C ASN E 475 8.30 -11.96 -26.72
N ILE E 476 9.09 -10.87 -26.71
CA ILE E 476 8.58 -9.51 -26.93
C ILE E 476 7.89 -9.32 -28.31
N PRO E 477 6.79 -8.56 -28.41
CA PRO E 477 6.36 -8.01 -29.69
C PRO E 477 7.47 -7.21 -30.37
N CYS E 478 7.53 -7.33 -31.69
CA CYS E 478 8.58 -6.87 -32.58
C CYS E 478 9.97 -7.43 -32.23
N ALA E 479 10.04 -8.67 -31.74
CA ALA E 479 11.30 -9.26 -31.28
C ALA E 479 12.43 -9.09 -32.28
N VAL E 480 12.27 -9.59 -33.49
CA VAL E 480 13.30 -9.56 -34.52
C VAL E 480 13.74 -8.13 -34.77
N THR E 481 12.81 -7.17 -34.86
CA THR E 481 13.18 -5.79 -35.13
C THR E 481 14.00 -5.20 -33.99
N LYS E 482 13.54 -5.37 -32.76
CA LYS E 482 14.21 -4.86 -31.57
C LYS E 482 15.55 -5.55 -31.40
N ARG E 483 15.65 -6.83 -31.75
CA ARG E 483 16.89 -7.62 -31.78
C ARG E 483 17.91 -7.05 -32.77
N ASN E 484 17.53 -6.85 -34.04
CA ASN E 484 18.39 -6.23 -35.04
C ASN E 484 18.94 -4.92 -34.52
N ASN E 485 18.06 -4.03 -34.09
CA ASN E 485 18.44 -2.74 -33.53
C ASN E 485 19.35 -2.91 -32.32
N LEU E 486 19.15 -3.93 -31.50
CA LEU E 486 19.94 -4.11 -30.31
C LEU E 486 21.35 -4.62 -30.65
N ARG E 487 21.55 -5.48 -31.66
CA ARG E 487 22.92 -5.80 -32.16
C ARG E 487 23.60 -4.53 -32.63
N LYS E 488 22.90 -3.79 -33.48
CA LYS E 488 23.34 -2.53 -34.07
C LYS E 488 23.75 -1.53 -33.01
N ALA E 489 23.00 -1.43 -31.91
CA ALA E 489 23.37 -0.56 -30.80
C ALA E 489 24.62 -1.08 -30.10
N LEU E 490 24.79 -2.40 -29.99
CA LEU E 490 25.98 -2.99 -29.36
C LEU E 490 27.24 -2.64 -30.17
N GLN E 491 27.17 -2.68 -31.50
CA GLN E 491 28.24 -2.24 -32.37
C GLN E 491 28.60 -0.78 -32.07
N GLU E 492 27.64 0.14 -32.12
CA GLU E 492 27.88 1.54 -31.77
C GLU E 492 28.39 1.70 -30.33
N TYR E 493 27.88 0.91 -29.40
CA TYR E 493 28.22 0.98 -27.99
C TYR E 493 29.69 0.62 -27.82
N ALA E 494 30.12 -0.47 -28.46
CA ALA E 494 31.51 -0.85 -28.52
C ALA E 494 32.34 0.24 -29.20
N ALA E 495 31.94 0.77 -30.35
CA ALA E 495 32.71 1.83 -30.98
C ALA E 495 32.97 3.02 -30.03
N LYS E 496 32.00 3.35 -29.18
CA LYS E 496 32.08 4.43 -28.20
C LYS E 496 32.84 4.05 -26.92
N PHE E 497 32.70 2.82 -26.43
CA PHE E 497 33.07 2.41 -25.08
C PHE E 497 34.03 1.23 -25.00
N ASP E 498 34.53 0.75 -26.13
CA ASP E 498 35.61 -0.24 -26.21
C ASP E 498 36.84 0.29 -25.47
N PRO E 499 37.28 -0.37 -24.38
CA PRO E 499 38.32 0.14 -23.51
C PRO E 499 39.70 0.16 -24.16
N CYS E 500 39.84 -0.28 -25.41
CA CYS E 500 41.03 -0.03 -26.20
C CYS E 500 41.47 1.44 -26.16
N GLN E 501 40.52 2.36 -25.98
CA GLN E 501 40.77 3.80 -25.94
C GLN E 501 41.41 4.27 -24.64
N CYS E 502 41.40 3.42 -23.61
CA CYS E 502 42.01 3.72 -22.34
C CYS E 502 43.52 3.86 -22.55
N ALA E 503 44.17 4.69 -21.75
CA ALA E 503 45.62 4.70 -21.68
C ALA E 503 46.15 3.32 -21.21
N PRO E 504 47.39 2.96 -21.56
CA PRO E 504 47.94 1.63 -21.31
C PRO E 504 47.82 1.23 -19.83
N CYS E 505 47.26 0.07 -19.52
CA CYS E 505 47.15 -0.40 -18.14
C CYS E 505 48.51 -0.75 -17.56
N PRO E 506 48.86 -0.33 -16.33
CA PRO E 506 50.09 -0.77 -15.70
C PRO E 506 50.03 -2.27 -15.39
N ASN E 507 51.20 -2.91 -15.41
CA ASN E 507 51.39 -4.29 -14.96
C ASN E 507 50.47 -5.31 -15.64
N ASN E 508 50.19 -5.08 -16.92
CA ASN E 508 49.51 -5.99 -17.83
C ASN E 508 48.07 -6.38 -17.44
N GLY E 509 47.36 -5.52 -16.73
CA GLY E 509 45.90 -5.65 -16.58
C GLY E 509 45.14 -5.40 -17.88
N ARG E 510 43.94 -5.96 -18.04
CA ARG E 510 43.05 -5.62 -19.16
C ARG E 510 42.38 -4.27 -18.88
N PRO E 511 42.37 -3.30 -19.81
CA PRO E 511 41.60 -2.08 -19.61
C PRO E 511 40.10 -2.38 -19.69
N THR E 512 39.31 -1.78 -18.80
CA THR E 512 37.84 -1.86 -18.80
C THR E 512 37.23 -0.49 -18.50
N LEU E 513 36.15 -0.14 -19.16
CA LEU E 513 35.57 1.19 -19.22
C LEU E 513 34.08 1.15 -18.82
N SER E 514 33.70 1.88 -17.78
CA SER E 514 32.31 1.95 -17.29
C SER E 514 31.35 2.64 -18.27
N GLY E 515 31.90 3.45 -19.18
CA GLY E 515 31.23 4.48 -19.95
C GLY E 515 31.94 5.83 -19.80
N THR E 516 32.34 6.17 -18.56
CA THR E 516 32.88 7.48 -18.18
C THR E 516 34.23 7.42 -17.48
N GLU E 517 34.64 6.25 -16.99
CA GLU E 517 36.00 6.03 -16.49
C GLU E 517 36.55 4.66 -16.89
N CYS E 518 37.84 4.58 -17.19
CA CYS E 518 38.53 3.30 -17.28
C CYS E 518 39.05 2.88 -15.89
N LEU E 519 39.00 1.58 -15.63
CA LEU E 519 39.71 0.87 -14.58
C LEU E 519 40.37 -0.38 -15.19
N CYS E 520 41.52 -0.80 -14.68
CA CYS E 520 42.20 -1.99 -15.16
C CYS E 520 41.83 -3.24 -14.32
N VAL E 521 41.48 -4.34 -14.98
CA VAL E 521 41.29 -5.65 -14.36
C VAL E 521 42.65 -6.30 -14.15
N CYS E 522 42.99 -6.62 -12.91
CA CYS E 522 44.34 -6.99 -12.52
C CYS E 522 44.64 -8.50 -12.60
N GLN E 523 45.92 -8.82 -12.79
CA GLN E 523 46.43 -10.18 -12.83
C GLN E 523 46.79 -10.65 -11.42
N SER E 524 46.74 -11.95 -11.15
CA SER E 524 47.16 -12.48 -9.84
C SER E 524 48.60 -12.05 -9.54
N GLY E 525 48.81 -11.38 -8.41
CA GLY E 525 50.08 -10.72 -8.09
C GLY E 525 50.16 -9.22 -8.46
N THR E 526 49.04 -8.60 -8.84
CA THR E 526 48.94 -7.15 -9.08
C THR E 526 47.71 -6.53 -8.43
N TYR E 527 47.89 -5.34 -7.85
CA TYR E 527 46.86 -4.65 -7.06
C TYR E 527 47.05 -3.12 -7.12
N GLY E 528 46.25 -2.39 -6.34
CA GLY E 528 45.97 -0.96 -6.51
C GLY E 528 44.71 -0.72 -7.32
N GLU E 529 44.29 0.54 -7.49
CA GLU E 529 43.00 0.90 -8.06
C GLU E 529 42.84 0.45 -9.51
N ASN E 530 43.95 0.47 -10.25
CA ASN E 530 44.05 0.15 -11.66
C ASN E 530 45.38 -0.59 -11.94
N CYS E 531 45.75 -1.48 -11.01
CA CYS E 531 46.88 -2.41 -11.09
C CYS E 531 48.29 -1.79 -10.97
N GLU E 532 48.45 -0.59 -10.42
CA GLU E 532 49.74 0.10 -10.41
C GLU E 532 50.88 -0.63 -9.68
N LYS E 533 50.62 -1.57 -8.76
CA LYS E 533 51.69 -2.22 -7.99
C LYS E 533 51.59 -3.75 -7.92
N GLN E 534 52.75 -4.36 -7.62
CA GLN E 534 53.04 -5.77 -7.86
C GLN E 534 53.45 -6.48 -6.57
N SER E 535 53.16 -7.77 -6.45
CA SER E 535 53.88 -8.66 -5.54
C SER E 535 55.30 -8.94 -6.04
N PRO E 536 56.28 -9.28 -5.16
CA PRO E 536 57.69 -9.38 -5.56
C PRO E 536 58.00 -10.45 -6.61
N ASP E 537 57.18 -11.50 -6.70
CA ASP E 537 57.26 -12.56 -7.71
C ASP E 537 56.79 -12.10 -9.09
N TYR E 538 55.70 -11.33 -9.17
CA TYR E 538 55.05 -10.96 -10.44
C TYR E 538 55.95 -10.11 -11.35
N LYS E 539 56.86 -9.33 -10.76
CA LYS E 539 57.87 -8.49 -11.46
C LYS E 539 58.68 -9.26 -12.52
N SER E 540 58.79 -10.58 -12.37
CA SER E 540 59.49 -11.48 -13.29
C SER E 540 58.83 -11.66 -14.68
N ASN E 541 57.56 -11.30 -14.87
CA ASN E 541 56.81 -11.62 -16.10
C ASN E 541 57.22 -10.80 -17.34
N ALA E 542 56.92 -9.49 -17.34
CA ALA E 542 57.21 -8.53 -18.43
C ALA E 542 56.73 -8.92 -19.85
N VAL E 543 55.76 -9.83 -19.97
CA VAL E 543 55.28 -10.40 -21.23
C VAL E 543 54.57 -9.39 -22.14
N ASP E 544 53.67 -8.59 -21.57
CA ASP E 544 53.19 -7.31 -22.09
C ASP E 544 52.49 -7.30 -23.47
N GLY E 545 51.66 -8.28 -23.82
CA GLY E 545 51.04 -8.38 -25.15
C GLY E 545 49.57 -7.89 -25.25
N GLN E 546 49.30 -6.63 -25.63
CA GLN E 546 47.93 -6.06 -25.68
C GLN E 546 47.68 -4.97 -26.77
N TRP E 547 46.44 -4.86 -27.26
CA TRP E 547 46.01 -3.93 -28.32
C TRP E 547 45.77 -2.49 -27.87
N GLY E 548 45.93 -1.55 -28.79
CA GLY E 548 45.22 -0.26 -28.80
C GLY E 548 44.02 -0.32 -29.76
N CYS E 549 43.29 0.76 -29.98
CA CYS E 549 42.05 0.70 -30.77
C CYS E 549 42.26 0.39 -32.26
N TRP E 550 41.20 -0.05 -32.92
CA TRP E 550 41.17 -0.08 -34.38
C TRP E 550 41.45 1.31 -34.97
N SER E 551 42.11 1.38 -36.12
CA SER E 551 41.91 2.53 -37.01
C SER E 551 40.46 2.55 -37.49
N SER E 552 39.96 3.70 -37.98
CA SER E 552 38.71 3.74 -38.74
C SER E 552 38.78 2.84 -39.98
N TRP E 553 37.66 2.56 -40.64
CA TRP E 553 37.70 1.68 -41.78
C TRP E 553 38.52 2.25 -42.93
N SER E 554 39.49 1.45 -43.38
CA SER E 554 40.00 1.59 -44.73
C SER E 554 38.90 1.19 -45.69
N THR E 555 38.52 2.13 -46.56
CA THR E 555 37.51 1.96 -47.61
C THR E 555 37.87 0.84 -48.60
N CYS E 556 36.90 0.51 -49.44
CA CYS E 556 36.83 -0.78 -50.13
C CYS E 556 38.13 -1.27 -50.79
N ASP E 557 38.43 -2.54 -50.61
CA ASP E 557 39.68 -3.23 -50.93
C ASP E 557 39.88 -3.66 -52.41
N ALA E 558 39.12 -3.09 -53.34
CA ALA E 558 39.04 -3.55 -54.73
C ALA E 558 38.45 -4.97 -54.93
N THR E 559 37.75 -5.52 -53.95
CA THR E 559 36.66 -6.50 -54.16
C THR E 559 35.44 -6.08 -53.33
N TYR E 560 35.20 -4.77 -53.26
CA TYR E 560 34.10 -4.09 -52.55
C TYR E 560 34.05 -4.33 -51.03
N LYS E 561 35.02 -4.96 -50.37
CA LYS E 561 35.00 -5.15 -48.90
C LYS E 561 35.82 -4.07 -48.21
N ARG E 562 35.24 -3.34 -47.27
CA ARG E 562 36.00 -2.48 -46.36
C ARG E 562 36.75 -3.35 -45.38
N SER E 563 37.61 -2.74 -44.60
CA SER E 563 38.40 -3.42 -43.59
C SER E 563 38.84 -2.46 -42.49
N ARG E 564 39.38 -2.98 -41.39
CA ARG E 564 40.13 -2.20 -40.40
C ARG E 564 41.11 -3.10 -39.66
N THR E 565 42.09 -2.51 -39.01
CA THR E 565 43.20 -3.21 -38.32
C THR E 565 43.53 -2.56 -36.99
N ARG E 566 44.14 -3.32 -36.06
CA ARG E 566 44.66 -2.82 -34.78
C ARG E 566 46.10 -3.27 -34.56
N GLU E 567 46.82 -2.56 -33.70
CA GLU E 567 48.29 -2.43 -33.80
C GLU E 567 49.07 -2.82 -32.53
N CYS E 568 48.50 -3.65 -31.65
CA CYS E 568 49.21 -4.25 -30.51
C CYS E 568 49.97 -3.23 -29.62
N ASN E 569 49.46 -2.00 -29.54
CA ASN E 569 50.21 -0.77 -29.20
C ASN E 569 49.83 -0.11 -27.85
N ASN E 570 49.03 -0.75 -27.00
CA ASN E 570 49.15 -0.50 -25.56
C ASN E 570 50.53 -1.08 -25.09
N PRO E 571 50.99 -0.85 -23.85
CA PRO E 571 52.43 -0.81 -23.55
C PRO E 571 53.17 -2.07 -24.05
N ALA E 572 54.07 -1.86 -25.01
CA ALA E 572 54.46 -2.91 -25.97
C ALA E 572 55.22 -4.11 -25.35
N PRO E 573 55.22 -5.28 -26.02
CA PRO E 573 55.99 -6.45 -25.60
C PRO E 573 57.50 -6.23 -25.74
N GLN E 574 58.07 -5.46 -24.80
CA GLN E 574 59.44 -4.94 -24.85
C GLN E 574 60.48 -5.83 -24.17
N ARG E 575 60.46 -5.93 -22.83
CA ARG E 575 61.48 -6.68 -22.07
C ARG E 575 61.26 -8.18 -22.21
N GLY E 576 60.05 -8.65 -21.93
CA GLY E 576 59.54 -9.93 -22.39
C GLY E 576 58.86 -9.78 -23.75
N GLY E 577 58.26 -10.87 -24.24
CA GLY E 577 57.60 -10.90 -25.55
C GLY E 577 56.33 -11.74 -25.54
N LYS E 578 55.26 -11.19 -26.11
CA LYS E 578 53.94 -11.87 -26.18
C LYS E 578 52.98 -11.21 -27.18
N ARG E 579 52.24 -12.04 -27.91
CA ARG E 579 51.19 -11.57 -28.82
C ARG E 579 49.94 -11.12 -28.04
N CYS E 580 49.37 -10.00 -28.45
CA CYS E 580 47.99 -9.62 -28.16
C CYS E 580 47.02 -10.61 -28.83
N GLU E 581 45.91 -10.98 -28.18
CA GLU E 581 45.04 -12.09 -28.62
C GLU E 581 43.84 -11.64 -29.48
N GLY E 582 43.47 -12.45 -30.47
CA GLY E 582 42.32 -12.23 -31.38
C GLY E 582 42.66 -11.47 -32.66
N GLU E 583 42.10 -11.89 -33.80
CA GLU E 583 42.54 -11.50 -35.15
C GLU E 583 42.72 -10.00 -35.34
N LYS E 584 43.89 -9.59 -35.87
CA LYS E 584 44.37 -8.20 -35.95
C LYS E 584 43.53 -7.30 -36.85
N ARG E 585 42.76 -7.90 -37.75
CA ARG E 585 42.06 -7.26 -38.87
C ARG E 585 40.63 -7.81 -39.09
N GLN E 586 39.77 -6.98 -39.67
CA GLN E 586 38.37 -7.25 -39.97
C GLN E 586 38.07 -6.94 -41.44
N GLU E 587 37.20 -7.70 -42.10
CA GLU E 587 36.68 -7.39 -43.45
C GLU E 587 35.15 -7.52 -43.53
N GLU E 588 34.45 -6.53 -44.12
CA GLU E 588 33.02 -6.23 -43.80
C GLU E 588 32.16 -5.69 -44.96
N ASP E 589 32.44 -6.06 -46.21
CA ASP E 589 31.53 -5.90 -47.35
C ASP E 589 31.08 -4.48 -47.83
N CYS E 590 31.55 -3.37 -47.24
CA CYS E 590 31.17 -1.98 -47.63
C CYS E 590 29.64 -1.75 -47.72
N THR E 591 28.84 -2.39 -46.87
CA THR E 591 27.37 -2.27 -46.93
C THR E 591 26.88 -0.89 -46.50
N PHE E 592 25.96 -0.30 -47.29
CA PHE E 592 25.23 0.93 -46.97
C PHE E 592 23.74 0.83 -47.38
N SER E 593 22.95 1.84 -46.98
CA SER E 593 21.50 1.97 -47.25
C SER E 593 21.15 2.42 -48.68
N ILE E 594 19.94 2.09 -49.13
CA ILE E 594 19.48 2.20 -50.53
C ILE E 594 18.15 2.97 -50.67
N MET E 595 17.29 3.01 -49.65
CA MET E 595 15.89 3.44 -49.74
C MET E 595 15.48 4.45 -48.67
N GLU E 596 14.40 5.19 -48.91
CA GLU E 596 13.94 6.25 -48.01
C GLU E 596 13.49 5.68 -46.65
N ASN E 597 14.09 6.15 -45.56
CA ASN E 597 14.15 5.43 -44.29
C ASN E 597 12.76 5.13 -43.67
N ASN E 598 11.95 6.16 -43.45
CA ASN E 598 10.50 6.04 -43.20
C ASN E 598 10.11 5.13 -42.01
N GLY E 599 10.90 5.11 -40.93
CA GLY E 599 10.66 4.30 -39.72
C GLY E 599 11.15 2.84 -39.79
N GLN E 600 10.49 1.93 -39.09
CA GLN E 600 10.80 0.48 -39.07
C GLN E 600 9.55 -0.40 -38.90
N PRO E 601 9.52 -1.63 -39.42
CA PRO E 601 8.38 -2.53 -39.33
C PRO E 601 8.48 -3.49 -38.12
N CYS E 602 7.36 -3.97 -37.59
CA CYS E 602 7.33 -4.89 -36.46
C CYS E 602 7.46 -6.35 -36.89
N ILE E 603 8.43 -7.10 -36.34
CA ILE E 603 8.76 -8.46 -36.79
C ILE E 603 8.91 -9.41 -35.60
N ASN E 604 8.35 -10.63 -35.67
CA ASN E 604 8.34 -11.63 -34.58
C ASN E 604 8.63 -13.04 -35.09
N ASP E 605 9.42 -13.82 -34.35
CA ASP E 605 10.18 -14.92 -34.95
C ASP E 605 9.34 -16.00 -35.65
N ASP E 606 8.24 -16.37 -35.03
CA ASP E 606 7.46 -17.54 -35.45
C ASP E 606 6.67 -17.31 -36.74
N GLU E 607 6.40 -16.05 -37.09
CA GLU E 607 5.29 -15.70 -37.99
C GLU E 607 5.50 -16.09 -39.46
N GLU E 608 6.72 -15.88 -39.93
CA GLU E 608 6.96 -15.70 -41.36
C GLU E 608 6.62 -16.95 -42.16
N MET E 609 6.87 -18.11 -41.55
CA MET E 609 6.44 -19.39 -42.10
C MET E 609 4.97 -19.60 -41.79
N LYS E 610 4.15 -18.79 -42.46
CA LYS E 610 2.69 -18.98 -42.59
C LYS E 610 2.30 -18.97 -44.06
N GLU E 611 2.88 -19.91 -44.82
CA GLU E 611 2.52 -20.11 -46.23
C GLU E 611 1.01 -20.33 -46.42
N VAL E 612 0.35 -20.93 -45.43
CA VAL E 612 -1.10 -21.10 -45.35
C VAL E 612 -1.59 -20.84 -43.92
N ASP E 613 -2.77 -20.24 -43.84
CA ASP E 613 -3.55 -19.93 -42.63
C ASP E 613 -5.04 -19.95 -42.98
N LEU E 614 -5.93 -20.13 -42.01
CA LEU E 614 -7.35 -20.39 -42.25
C LEU E 614 -8.11 -19.16 -42.80
N PRO E 615 -9.19 -19.35 -43.57
CA PRO E 615 -10.03 -18.26 -44.05
C PRO E 615 -10.58 -17.40 -42.90
N GLU E 616 -10.49 -16.09 -43.06
CA GLU E 616 -10.85 -15.12 -42.02
C GLU E 616 -12.38 -15.05 -41.73
N ILE E 617 -12.79 -14.39 -40.65
CA ILE E 617 -14.20 -14.14 -40.29
C ILE E 617 -14.97 -13.36 -41.38
N GLU E 618 -14.26 -12.62 -42.25
CA GLU E 618 -14.75 -12.13 -43.56
C GLU E 618 -16.07 -11.32 -43.51
N ALA E 619 -16.24 -10.49 -42.48
CA ALA E 619 -17.49 -9.74 -42.24
C ALA E 619 -17.92 -8.82 -43.40
N ASP E 620 -16.97 -8.32 -44.20
CA ASP E 620 -17.24 -7.63 -45.48
C ASP E 620 -17.55 -8.65 -46.60
N SER E 621 -18.66 -9.37 -46.45
CA SER E 621 -18.89 -10.73 -46.97
C SER E 621 -18.36 -11.01 -48.38
N GLY E 622 -18.80 -10.25 -49.40
CA GLY E 622 -18.25 -10.33 -50.77
C GLY E 622 -18.15 -11.76 -51.31
N CYS E 623 -17.04 -12.09 -51.96
CA CYS E 623 -16.74 -13.42 -52.48
C CYS E 623 -15.22 -13.74 -52.45
N PRO E 624 -14.80 -14.99 -52.19
CA PRO E 624 -13.43 -15.46 -52.46
C PRO E 624 -13.23 -15.80 -53.95
N GLN E 625 -11.99 -16.02 -54.38
CA GLN E 625 -11.66 -16.33 -55.76
C GLN E 625 -12.37 -17.60 -56.27
N PRO E 626 -13.14 -17.56 -57.35
CA PRO E 626 -13.69 -18.75 -57.97
C PRO E 626 -12.59 -19.55 -58.64
N VAL E 627 -12.72 -20.87 -58.72
CA VAL E 627 -11.74 -21.70 -59.44
C VAL E 627 -11.97 -21.52 -60.94
N PRO E 628 -11.05 -20.91 -61.71
CA PRO E 628 -11.25 -20.68 -63.13
C PRO E 628 -11.47 -21.96 -63.94
N PRO E 629 -12.08 -21.88 -65.13
CA PRO E 629 -12.53 -23.04 -65.90
C PRO E 629 -11.37 -23.86 -66.50
N GLU E 630 -11.71 -24.88 -67.29
CA GLU E 630 -10.75 -25.76 -67.97
C GLU E 630 -9.70 -24.97 -68.76
N ASN E 631 -8.42 -25.27 -68.51
CA ASN E 631 -7.25 -24.56 -69.06
C ASN E 631 -7.26 -23.05 -68.78
N GLY E 632 -7.88 -22.58 -67.69
CA GLY E 632 -8.11 -21.14 -67.41
C GLY E 632 -7.15 -20.49 -66.40
N PHE E 633 -7.17 -19.16 -66.34
CA PHE E 633 -6.25 -18.33 -65.58
C PHE E 633 -6.88 -16.98 -65.16
N ILE E 634 -6.94 -16.69 -63.86
CA ILE E 634 -7.46 -15.42 -63.31
C ILE E 634 -6.46 -14.30 -63.47
N ARG E 635 -6.87 -13.22 -64.12
CA ARG E 635 -5.99 -12.11 -64.47
C ARG E 635 -5.71 -11.22 -63.27
N ASN E 636 -6.73 -10.82 -62.53
CA ASN E 636 -6.60 -9.98 -61.34
C ASN E 636 -6.88 -10.82 -60.09
N GLU E 637 -5.92 -10.96 -59.19
CA GLU E 637 -6.00 -11.87 -58.04
C GLU E 637 -6.16 -11.15 -56.70
N LYS E 638 -7.22 -11.50 -55.96
CA LYS E 638 -7.52 -11.00 -54.60
C LYS E 638 -7.99 -12.11 -53.64
N GLN E 639 -7.80 -11.89 -52.33
CA GLN E 639 -8.40 -12.76 -51.31
C GLN E 639 -9.92 -12.72 -51.34
N LEU E 640 -10.48 -11.51 -51.39
CA LEU E 640 -11.91 -11.24 -51.17
C LEU E 640 -12.34 -10.07 -52.07
N TYR E 641 -13.11 -10.38 -53.10
CA TYR E 641 -13.72 -9.41 -54.01
C TYR E 641 -15.05 -8.90 -53.42
N LEU E 642 -15.29 -7.59 -53.45
CA LEU E 642 -16.52 -6.97 -52.92
C LEU E 642 -17.76 -7.31 -53.77
N VAL E 643 -18.93 -7.06 -53.21
CA VAL E 643 -20.17 -7.12 -54.00
C VAL E 643 -20.06 -6.12 -55.15
N GLY E 644 -20.50 -6.53 -56.34
CA GLY E 644 -20.39 -5.75 -57.57
C GLY E 644 -18.98 -5.65 -58.17
N GLU E 645 -17.93 -6.04 -57.44
CA GLU E 645 -16.56 -6.09 -57.95
C GLU E 645 -16.34 -7.30 -58.87
N ASP E 646 -15.43 -7.19 -59.82
CA ASP E 646 -15.27 -8.15 -60.91
C ASP E 646 -13.85 -8.71 -61.07
N VAL E 647 -13.80 -9.88 -61.69
CA VAL E 647 -12.60 -10.66 -62.00
C VAL E 647 -12.59 -10.98 -63.49
N GLU E 648 -11.43 -10.93 -64.12
CA GLU E 648 -11.23 -11.31 -65.52
C GLU E 648 -10.51 -12.65 -65.61
N ILE E 649 -10.94 -13.48 -66.55
CA ILE E 649 -10.39 -14.79 -66.87
C ILE E 649 -10.00 -14.83 -68.36
N SER E 650 -9.14 -15.76 -68.74
CA SER E 650 -9.12 -16.34 -70.09
C SER E 650 -8.22 -17.57 -70.17
N CYS E 651 -8.43 -18.38 -71.21
CA CYS E 651 -7.73 -19.62 -71.45
C CYS E 651 -6.22 -19.41 -71.63
N LEU E 652 -5.44 -20.44 -71.31
CA LEU E 652 -3.98 -20.44 -71.41
C LEU E 652 -3.49 -20.47 -72.88
N THR E 653 -2.16 -20.56 -73.08
CA THR E 653 -1.51 -20.13 -74.33
C THR E 653 -1.99 -20.82 -75.60
N GLY E 654 -2.43 -22.09 -75.51
CA GLY E 654 -2.99 -22.84 -76.66
C GLY E 654 -4.41 -22.44 -77.09
N PHE E 655 -5.03 -21.47 -76.43
CA PHE E 655 -6.48 -21.44 -76.34
C PHE E 655 -7.10 -20.03 -76.32
N GLU E 656 -8.40 -19.93 -76.62
CA GLU E 656 -9.14 -18.66 -76.67
C GLU E 656 -10.56 -18.80 -76.10
N THR E 657 -11.06 -17.75 -75.44
CA THR E 657 -12.43 -17.70 -74.89
C THR E 657 -13.46 -17.35 -75.94
N VAL E 658 -14.36 -18.29 -76.24
CA VAL E 658 -15.70 -17.92 -76.71
C VAL E 658 -16.45 -17.30 -75.53
N GLY E 659 -17.15 -16.19 -75.75
CA GLY E 659 -18.02 -15.56 -74.74
C GLY E 659 -17.33 -14.57 -73.78
N TYR E 660 -18.14 -13.94 -72.94
CA TYR E 660 -17.72 -12.85 -72.04
C TYR E 660 -16.82 -13.33 -70.90
N GLN E 661 -15.62 -12.78 -70.82
CA GLN E 661 -14.53 -13.27 -70.00
C GLN E 661 -14.33 -12.58 -68.64
N TYR E 662 -15.29 -11.80 -68.15
CA TYR E 662 -15.31 -11.38 -66.74
C TYR E 662 -16.37 -12.15 -65.95
N PHE E 663 -16.27 -12.17 -64.62
CA PHE E 663 -17.38 -12.45 -63.72
C PHE E 663 -17.40 -11.50 -62.53
N ARG E 664 -18.55 -11.37 -61.87
CA ARG E 664 -18.85 -10.32 -60.88
C ARG E 664 -19.53 -10.91 -59.65
N CYS E 665 -19.10 -10.47 -58.47
CA CYS E 665 -19.57 -11.00 -57.20
C CYS E 665 -20.95 -10.44 -56.87
N LEU E 666 -21.98 -11.28 -56.89
CA LEU E 666 -23.34 -10.90 -56.59
C LEU E 666 -23.56 -10.71 -55.07
N PRO E 667 -24.63 -10.04 -54.62
CA PRO E 667 -24.82 -9.72 -53.20
C PRO E 667 -24.91 -10.94 -52.25
N ASP E 668 -25.33 -12.10 -52.77
CA ASP E 668 -25.44 -13.36 -52.02
C ASP E 668 -24.10 -14.12 -51.85
N GLY E 669 -23.02 -13.66 -52.50
CA GLY E 669 -21.71 -14.30 -52.48
C GLY E 669 -21.39 -15.22 -53.65
N THR E 670 -22.27 -15.33 -54.65
CA THR E 670 -22.03 -16.14 -55.87
C THR E 670 -21.35 -15.33 -56.98
N TRP E 671 -20.87 -16.03 -58.02
CA TRP E 671 -20.21 -15.44 -59.20
C TRP E 671 -21.01 -15.57 -60.52
N ARG E 672 -22.07 -16.39 -60.56
CA ARG E 672 -22.92 -16.62 -61.73
C ARG E 672 -22.11 -16.91 -63.01
N GLN E 673 -21.05 -17.69 -62.84
CA GLN E 673 -20.16 -18.11 -63.92
C GLN E 673 -20.93 -18.87 -65.01
N GLY E 674 -20.78 -18.45 -66.26
CA GLY E 674 -21.44 -19.09 -67.39
C GLY E 674 -21.24 -18.34 -68.71
N ASP E 675 -21.76 -18.91 -69.79
CA ASP E 675 -21.69 -18.35 -71.16
C ASP E 675 -20.26 -18.01 -71.62
N VAL E 676 -19.30 -18.86 -71.25
CA VAL E 676 -17.89 -18.81 -71.65
C VAL E 676 -17.37 -20.22 -71.93
N GLU E 677 -16.51 -20.39 -72.93
CA GLU E 677 -15.94 -21.71 -73.28
C GLU E 677 -14.58 -21.60 -73.97
N CYS E 678 -13.56 -22.27 -73.42
CA CYS E 678 -12.24 -22.34 -74.03
C CYS E 678 -12.22 -23.22 -75.29
N GLN E 679 -11.58 -22.70 -76.34
CA GLN E 679 -11.37 -23.40 -77.62
C GLN E 679 -9.87 -23.53 -77.86
N ARG E 680 -9.40 -24.66 -78.43
CA ARG E 680 -8.00 -24.78 -78.87
C ARG E 680 -7.76 -24.07 -80.20
N THR E 681 -6.62 -23.40 -80.32
CA THR E 681 -6.04 -22.92 -81.60
C THR E 681 -4.56 -23.32 -81.75
N GLU E 682 -3.85 -23.63 -80.66
CA GLU E 682 -2.45 -24.05 -80.70
C GLU E 682 -2.15 -25.31 -79.84
N CYS E 683 -1.03 -25.95 -80.13
CA CYS E 683 -0.50 -27.19 -79.55
C CYS E 683 0.98 -27.00 -79.21
N ILE E 684 1.55 -27.82 -78.32
CA ILE E 684 2.91 -27.62 -77.74
C ILE E 684 3.74 -28.92 -77.75
N LYS E 685 5.04 -28.80 -78.05
CA LYS E 685 6.00 -29.93 -78.18
C LYS E 685 5.80 -30.95 -77.04
N PRO E 686 5.44 -32.21 -77.34
CA PRO E 686 5.09 -33.19 -76.32
C PRO E 686 6.31 -33.60 -75.49
N VAL E 687 6.04 -34.20 -74.32
CA VAL E 687 7.09 -34.85 -73.51
C VAL E 687 7.68 -36.05 -74.27
N VAL E 688 9.01 -36.14 -74.27
CA VAL E 688 9.81 -37.16 -74.99
C VAL E 688 10.99 -37.64 -74.15
N GLN E 689 11.57 -38.78 -74.52
CA GLN E 689 12.74 -39.38 -73.87
C GLN E 689 14.03 -38.56 -74.02
N GLU E 690 15.09 -38.96 -73.31
CA GLU E 690 16.35 -38.21 -73.26
C GLU E 690 17.06 -38.07 -74.63
N VAL E 691 16.98 -39.09 -75.50
CA VAL E 691 17.27 -38.94 -76.93
C VAL E 691 16.12 -38.19 -77.61
N LEU E 692 16.40 -37.06 -78.27
CA LEU E 692 15.37 -36.33 -79.01
C LEU E 692 14.93 -37.18 -80.21
N THR E 693 13.74 -37.76 -80.09
CA THR E 693 13.11 -38.50 -81.16
C THR E 693 12.22 -37.60 -82.04
N ILE E 694 12.43 -36.28 -82.00
CA ILE E 694 11.55 -35.24 -82.53
C ILE E 694 12.36 -34.03 -82.99
N THR E 695 11.85 -33.27 -83.96
CA THR E 695 12.48 -31.99 -84.35
C THR E 695 11.63 -30.80 -83.88
N PRO E 696 12.16 -29.93 -83.02
CA PRO E 696 11.41 -28.83 -82.44
C PRO E 696 11.44 -27.58 -83.35
N PHE E 697 10.51 -27.50 -84.30
CA PHE E 697 10.41 -26.37 -85.23
C PHE E 697 9.98 -25.03 -84.58
N GLN E 698 9.05 -25.06 -83.61
CA GLN E 698 8.30 -23.88 -83.12
C GLN E 698 8.10 -23.88 -81.59
N ARG E 699 7.79 -22.72 -80.98
CA ARG E 699 7.27 -22.63 -79.61
C ARG E 699 5.83 -23.16 -79.49
N LEU E 700 4.91 -22.63 -80.30
CA LEU E 700 3.52 -23.10 -80.39
C LEU E 700 3.19 -23.47 -81.84
N TYR E 701 2.43 -24.55 -82.02
CA TYR E 701 2.03 -25.07 -83.33
C TYR E 701 0.55 -24.79 -83.51
N ARG E 702 0.14 -24.12 -84.58
CA ARG E 702 -1.29 -23.87 -84.86
C ARG E 702 -1.97 -25.16 -85.31
N ILE E 703 -3.22 -25.36 -84.94
CA ILE E 703 -4.01 -26.51 -85.43
C ILE E 703 -4.02 -26.53 -86.96
N GLY E 704 -3.85 -27.72 -87.54
CA GLY E 704 -3.62 -27.90 -88.99
C GLY E 704 -2.16 -27.75 -89.45
N GLU E 705 -1.25 -27.19 -88.65
CA GLU E 705 0.20 -27.37 -88.84
C GLU E 705 0.64 -28.79 -88.45
N SER E 706 1.93 -29.10 -88.53
CA SER E 706 2.47 -30.43 -88.20
C SER E 706 3.84 -30.41 -87.52
N ILE E 707 4.12 -31.47 -86.76
CA ILE E 707 5.38 -31.74 -86.06
C ILE E 707 5.94 -33.08 -86.55
N GLU E 708 7.27 -33.26 -86.55
CA GLU E 708 7.93 -34.46 -87.08
C GLU E 708 8.72 -35.21 -86.01
N LEU E 709 8.45 -36.51 -85.86
CA LEU E 709 9.35 -37.41 -85.15
C LEU E 709 10.56 -37.73 -86.04
N THR E 710 11.77 -37.66 -85.49
CA THR E 710 13.03 -37.78 -86.25
C THR E 710 14.09 -38.60 -85.50
N CYS E 711 14.72 -39.55 -86.19
CA CYS E 711 15.96 -40.19 -85.75
C CYS E 711 17.20 -39.30 -86.02
N PRO E 712 18.19 -39.19 -85.11
CA PRO E 712 19.43 -38.47 -85.37
C PRO E 712 20.27 -39.02 -86.54
N LYS E 713 20.39 -40.36 -86.68
CA LYS E 713 21.06 -41.02 -87.83
C LYS E 713 20.66 -42.50 -87.94
N GLY E 714 20.30 -42.95 -89.14
CA GLY E 714 20.45 -44.33 -89.60
C GLY E 714 19.55 -45.43 -89.03
N PHE E 715 18.37 -45.13 -88.49
CA PHE E 715 17.42 -46.16 -88.04
C PHE E 715 15.97 -45.66 -87.88
N VAL E 716 15.02 -46.58 -87.68
CA VAL E 716 13.59 -46.34 -87.42
C VAL E 716 13.11 -47.24 -86.25
N VAL E 717 12.28 -46.73 -85.33
CA VAL E 717 11.89 -47.42 -84.09
C VAL E 717 10.37 -47.51 -83.82
N ALA E 718 9.67 -46.38 -83.67
CA ALA E 718 8.25 -46.32 -83.34
C ALA E 718 7.63 -44.94 -83.69
N GLY E 719 6.30 -44.86 -83.76
CA GLY E 719 5.55 -43.62 -83.94
C GLY E 719 5.43 -43.12 -85.40
N PRO E 720 4.44 -42.27 -85.75
CA PRO E 720 4.34 -41.68 -87.09
C PRO E 720 5.46 -40.66 -87.37
N SER E 721 5.99 -40.63 -88.60
CA SER E 721 7.07 -39.71 -88.99
C SER E 721 6.65 -38.23 -88.93
N ARG E 722 5.40 -37.92 -89.32
CA ARG E 722 4.79 -36.59 -89.23
C ARG E 722 3.37 -36.70 -88.68
N TYR E 723 2.94 -35.69 -87.91
CA TYR E 723 1.63 -35.67 -87.24
C TYR E 723 1.03 -34.25 -87.27
N THR E 724 -0.30 -34.10 -87.43
CA THR E 724 -1.06 -32.83 -87.40
C THR E 724 -2.08 -32.80 -86.25
N CYS E 725 -2.30 -31.64 -85.61
CA CYS E 725 -3.08 -31.52 -84.36
C CYS E 725 -4.61 -31.39 -84.60
N GLN E 726 -5.45 -31.84 -83.65
CA GLN E 726 -6.82 -32.37 -83.88
C GLN E 726 -7.94 -31.79 -82.97
N GLY E 727 -7.82 -30.54 -82.49
CA GLY E 727 -8.72 -29.95 -81.48
C GLY E 727 -8.42 -30.49 -80.08
N ASN E 728 -8.33 -31.81 -79.96
CA ASN E 728 -7.50 -32.45 -78.96
C ASN E 728 -6.03 -32.37 -79.42
N SER E 729 -5.08 -32.77 -78.57
CA SER E 729 -3.70 -33.03 -78.98
C SER E 729 -3.65 -34.14 -80.06
N TRP E 730 -2.51 -34.31 -80.75
CA TRP E 730 -2.35 -35.23 -81.88
C TRP E 730 -2.71 -36.71 -81.63
N THR E 731 -2.88 -37.13 -80.37
CA THR E 731 -2.64 -38.50 -79.88
C THR E 731 -1.20 -38.94 -80.20
N PRO E 732 -0.18 -38.16 -79.74
CA PRO E 732 1.22 -38.43 -80.02
C PRO E 732 1.78 -39.64 -79.25
N PRO E 733 2.85 -40.29 -79.73
CA PRO E 733 3.62 -41.26 -78.96
C PRO E 733 4.41 -40.56 -77.83
N ILE E 734 4.11 -40.87 -76.55
CA ILE E 734 4.76 -40.31 -75.36
C ILE E 734 5.15 -41.34 -74.27
N SER E 735 4.59 -42.55 -74.31
CA SER E 735 5.06 -43.70 -73.51
C SER E 735 6.45 -44.14 -73.95
N ASN E 736 6.66 -44.18 -75.27
CA ASN E 736 7.93 -44.23 -75.98
C ASN E 736 7.82 -43.40 -77.26
N SER E 737 8.91 -42.81 -77.74
CA SER E 737 8.97 -42.05 -79.00
C SER E 737 9.83 -42.76 -80.05
N LEU E 738 10.34 -42.07 -81.07
CA LEU E 738 11.23 -42.62 -82.11
C LEU E 738 12.66 -42.85 -81.59
N THR E 739 12.83 -43.78 -80.65
CA THR E 739 14.12 -44.16 -80.03
C THR E 739 14.92 -45.12 -80.92
N CYS E 740 15.36 -44.63 -82.08
CA CYS E 740 16.11 -45.41 -83.07
C CYS E 740 17.50 -45.86 -82.61
N GLU E 741 18.08 -46.86 -83.27
CA GLU E 741 19.50 -47.20 -83.18
C GLU E 741 20.36 -46.16 -83.92
N LYS E 742 20.63 -45.02 -83.27
CA LYS E 742 21.33 -43.85 -83.82
C LYS E 742 22.52 -44.21 -84.74
N SER F 18 18.16 -18.34 113.41
CA SER F 18 17.68 -19.65 112.90
C SER F 18 16.51 -19.46 111.93
N HIS F 19 16.17 -20.47 111.13
CA HIS F 19 15.04 -20.41 110.19
C HIS F 19 13.67 -20.34 110.89
N ILE F 20 12.63 -19.95 110.15
CA ILE F 20 11.31 -19.57 110.69
C ILE F 20 10.21 -20.40 110.05
N ASP F 21 9.48 -21.18 110.85
CA ASP F 21 8.26 -21.89 110.43
C ASP F 21 7.05 -20.96 110.30
N CYS F 22 5.98 -21.48 109.69
CA CYS F 22 4.67 -20.84 109.54
C CYS F 22 4.15 -20.09 110.77
N ARG F 23 3.52 -18.93 110.56
CA ARG F 23 2.73 -18.21 111.57
C ARG F 23 1.42 -17.66 110.98
N MET F 24 0.32 -17.79 111.72
CA MET F 24 -1.06 -17.42 111.33
C MET F 24 -1.92 -17.14 112.58
N SER F 25 -3.08 -16.50 112.39
CA SER F 25 -4.21 -16.51 113.31
C SER F 25 -5.48 -16.97 112.57
N PRO F 26 -6.42 -17.68 113.23
CA PRO F 26 -7.56 -18.34 112.58
C PRO F 26 -8.63 -17.35 112.05
N TRP F 27 -9.75 -17.90 111.57
CA TRP F 27 -10.84 -17.17 110.92
C TRP F 27 -11.29 -15.88 111.62
N SER F 28 -11.57 -15.93 112.93
CA SER F 28 -12.10 -14.81 113.74
C SER F 28 -13.42 -14.18 113.21
N GLU F 29 -14.15 -14.87 112.35
CA GLU F 29 -15.42 -14.44 111.75
C GLU F 29 -16.13 -15.65 111.11
N TRP F 30 -17.43 -15.56 110.86
CA TRP F 30 -18.23 -16.56 110.15
C TRP F 30 -19.45 -15.89 109.50
N SER F 31 -19.60 -15.99 108.18
CA SER F 31 -20.72 -15.37 107.50
C SER F 31 -22.07 -15.99 107.89
N GLN F 32 -23.15 -15.21 107.73
CA GLN F 32 -24.49 -15.77 107.59
C GLN F 32 -24.61 -16.56 106.26
N CYS F 33 -25.72 -17.29 106.08
CA CYS F 33 -25.98 -18.10 104.89
C CYS F 33 -26.35 -17.26 103.67
N ASP F 34 -25.67 -17.50 102.54
CA ASP F 34 -25.98 -16.90 101.23
C ASP F 34 -27.20 -17.59 100.59
N PRO F 35 -28.36 -16.91 100.39
CA PRO F 35 -29.63 -17.59 100.11
C PRO F 35 -29.66 -18.46 98.84
N CYS F 36 -29.18 -17.92 97.71
CA CYS F 36 -29.16 -18.64 96.44
C CYS F 36 -28.01 -19.67 96.34
N LEU F 37 -26.89 -19.42 97.03
CA LEU F 37 -25.69 -20.24 96.99
C LEU F 37 -25.67 -21.37 98.04
N ARG F 38 -26.56 -21.32 99.05
CA ARG F 38 -26.73 -22.31 100.13
C ARG F 38 -25.46 -22.56 100.96
N GLN F 39 -24.61 -21.54 101.11
CA GLN F 39 -23.27 -21.66 101.69
C GLN F 39 -22.91 -20.48 102.60
N MET F 40 -21.85 -20.65 103.37
CA MET F 40 -21.29 -19.69 104.31
C MET F 40 -19.76 -19.74 104.18
N PHE F 41 -19.05 -18.68 104.59
CA PHE F 41 -17.62 -18.53 104.37
C PHE F 41 -16.86 -18.05 105.61
N ARG F 42 -15.55 -18.30 105.60
CA ARG F 42 -14.56 -17.88 106.61
C ARG F 42 -13.23 -17.55 105.91
N SER F 43 -12.44 -16.64 106.44
CA SER F 43 -11.07 -16.40 105.96
C SER F 43 -10.12 -15.96 107.08
N ARG F 44 -8.84 -16.40 107.03
CA ARG F 44 -7.89 -16.35 108.16
C ARG F 44 -6.66 -15.49 107.87
N SER F 45 -6.07 -14.91 108.91
CA SER F 45 -4.90 -14.04 108.81
C SER F 45 -3.60 -14.85 108.76
N ILE F 46 -3.00 -14.98 107.58
CA ILE F 46 -1.59 -15.43 107.47
C ILE F 46 -0.68 -14.30 108.00
N GLU F 47 0.23 -14.63 108.92
CA GLU F 47 1.20 -13.67 109.43
C GLU F 47 2.51 -13.73 108.64
N VAL F 48 3.08 -14.93 108.52
CA VAL F 48 4.34 -15.23 107.82
C VAL F 48 4.26 -16.66 107.28
N PHE F 49 4.37 -16.85 105.96
CA PHE F 49 4.31 -18.17 105.33
C PHE F 49 5.46 -19.11 105.78
N GLY F 50 6.64 -18.52 106.01
CA GLY F 50 7.88 -19.19 106.42
C GLY F 50 9.09 -18.37 105.96
N GLN F 51 10.25 -18.54 106.59
CA GLN F 51 11.51 -17.93 106.14
C GLN F 51 12.68 -18.90 106.29
N PHE F 52 13.66 -18.82 105.38
CA PHE F 52 14.92 -19.56 105.42
C PHE F 52 14.76 -21.09 105.46
N ASN F 53 13.72 -21.59 104.77
CA ASN F 53 13.29 -23.00 104.73
C ASN F 53 12.76 -23.59 106.05
N GLY F 54 12.33 -22.75 107.00
CA GLY F 54 11.36 -23.19 108.02
C GLY F 54 10.02 -23.56 107.35
N LYS F 55 9.22 -24.41 108.00
CA LYS F 55 8.11 -25.12 107.35
C LYS F 55 6.97 -24.19 106.90
N ARG F 56 6.49 -24.41 105.67
CA ARG F 56 5.40 -23.69 104.98
C ARG F 56 4.08 -23.64 105.75
N CYS F 57 3.34 -22.53 105.66
CA CYS F 57 1.89 -22.49 105.88
C CYS F 57 1.13 -23.05 104.66
N THR F 58 0.81 -24.35 104.63
CA THR F 58 0.00 -24.90 103.52
C THR F 58 -1.49 -24.65 103.70
N ASP F 59 -1.95 -24.42 104.94
CA ASP F 59 -3.36 -24.32 105.28
C ASP F 59 -4.13 -23.14 104.66
N ALA F 60 -5.42 -23.38 104.41
CA ALA F 60 -6.25 -22.56 103.53
C ALA F 60 -6.47 -21.12 104.02
N VAL F 61 -6.38 -20.15 103.11
CA VAL F 61 -6.68 -18.72 103.37
C VAL F 61 -8.18 -18.47 103.57
N GLY F 62 -9.04 -19.27 102.95
CA GLY F 62 -10.50 -19.24 103.15
C GLY F 62 -11.16 -20.60 102.95
N ASP F 63 -12.29 -20.82 103.63
CA ASP F 63 -13.05 -22.07 103.62
C ASP F 63 -14.56 -21.78 103.69
N ARG F 64 -15.39 -22.78 103.33
CA ARG F 64 -16.85 -22.64 103.23
C ARG F 64 -17.63 -23.88 103.69
N ARG F 65 -18.88 -23.66 104.14
CA ARG F 65 -19.78 -24.66 104.76
C ARG F 65 -21.19 -24.56 104.19
N GLN F 66 -21.86 -25.69 103.96
CA GLN F 66 -23.25 -25.70 103.48
C GLN F 66 -24.23 -25.22 104.55
N CYS F 67 -25.29 -24.51 104.14
CA CYS F 67 -26.40 -24.10 104.99
C CYS F 67 -27.74 -24.26 104.27
N VAL F 68 -28.77 -24.80 104.94
CA VAL F 68 -30.16 -24.65 104.48
C VAL F 68 -30.59 -23.18 104.72
N PRO F 69 -30.86 -22.39 103.67
CA PRO F 69 -30.89 -20.93 103.77
C PRO F 69 -32.07 -20.41 104.62
N THR F 70 -31.82 -19.31 105.34
CA THR F 70 -32.78 -18.69 106.29
C THR F 70 -33.90 -17.89 105.62
N GLU F 71 -33.83 -17.65 104.30
CA GLU F 71 -34.84 -16.93 103.52
C GLU F 71 -34.81 -17.36 102.04
N PRO F 72 -35.87 -17.08 101.25
CA PRO F 72 -35.93 -17.42 99.82
C PRO F 72 -34.83 -16.75 98.99
N CYS F 73 -34.36 -17.46 97.96
CA CYS F 73 -33.57 -16.86 96.87
C CYS F 73 -34.44 -15.95 95.98
N GLU F 74 -33.84 -14.90 95.43
CA GLU F 74 -34.46 -13.99 94.46
C GLU F 74 -34.69 -14.66 93.09
N ASP F 75 -35.37 -13.99 92.16
CA ASP F 75 -35.57 -14.49 90.79
C ASP F 75 -34.22 -14.71 90.08
N ALA F 76 -33.96 -15.95 89.64
CA ALA F 76 -32.64 -16.40 89.20
C ALA F 76 -32.24 -15.94 87.79
N GLU F 77 -33.20 -15.68 86.90
CA GLU F 77 -32.94 -15.24 85.53
C GLU F 77 -32.33 -13.81 85.49
N ASP F 78 -31.41 -13.57 84.55
CA ASP F 78 -30.68 -12.29 84.40
C ASP F 78 -30.60 -11.92 82.90
N ASP F 79 -31.75 -12.01 82.23
CA ASP F 79 -31.92 -11.85 80.78
C ASP F 79 -31.54 -10.44 80.29
N CYS F 80 -30.64 -10.36 79.30
CA CYS F 80 -30.18 -9.10 78.70
C CYS F 80 -31.24 -8.39 77.82
N GLY F 81 -32.39 -8.99 77.52
CA GLY F 81 -33.54 -8.33 76.90
C GLY F 81 -33.70 -8.55 75.38
N ASN F 82 -33.38 -7.55 74.56
CA ASN F 82 -33.47 -7.65 73.10
C ASN F 82 -32.38 -8.54 72.48
N ASP F 83 -31.25 -8.72 73.18
CA ASP F 83 -30.24 -9.74 72.86
C ASP F 83 -30.79 -11.16 73.11
N PHE F 84 -30.34 -12.13 72.31
CA PHE F 84 -30.59 -13.55 72.55
C PHE F 84 -29.91 -14.01 73.83
N GLN F 85 -30.69 -14.59 74.75
CA GLN F 85 -30.15 -15.26 75.94
C GLN F 85 -29.67 -16.66 75.54
N CYS F 86 -28.36 -16.84 75.37
CA CYS F 86 -27.77 -18.08 74.88
C CYS F 86 -27.98 -19.25 75.85
N SER F 87 -28.06 -20.48 75.35
CA SER F 87 -28.17 -21.68 76.21
C SER F 87 -27.03 -21.80 77.23
N THR F 88 -25.88 -21.17 76.98
CA THR F 88 -24.75 -21.04 77.91
C THR F 88 -24.94 -20.01 79.03
N GLY F 89 -25.88 -19.08 78.88
CA GLY F 89 -26.05 -17.91 79.73
C GLY F 89 -25.35 -16.64 79.23
N ARG F 90 -24.62 -16.70 78.11
CA ARG F 90 -24.13 -15.51 77.38
C ARG F 90 -25.29 -14.73 76.74
N CYS F 91 -25.02 -13.50 76.30
CA CYS F 91 -25.97 -12.63 75.58
C CYS F 91 -25.35 -12.10 74.28
N ILE F 92 -26.09 -12.09 73.16
CA ILE F 92 -25.61 -11.59 71.86
C ILE F 92 -26.75 -11.11 70.94
N LYS F 93 -26.46 -10.27 69.94
CA LYS F 93 -27.43 -9.82 68.93
C LYS F 93 -28.09 -11.01 68.22
N MET F 94 -29.43 -11.04 68.19
CA MET F 94 -30.22 -12.24 67.89
C MET F 94 -29.85 -12.93 66.57
N ARG F 95 -29.74 -12.17 65.47
CA ARG F 95 -29.64 -12.72 64.10
C ARG F 95 -28.48 -13.70 63.90
N LEU F 96 -27.37 -13.44 64.58
CA LEU F 96 -26.15 -14.26 64.48
C LEU F 96 -26.38 -15.72 64.88
N ARG F 97 -27.35 -16.01 65.77
CA ARG F 97 -27.67 -17.35 66.28
C ARG F 97 -28.04 -18.36 65.18
N CYS F 98 -28.36 -17.87 63.98
CA CYS F 98 -28.57 -18.70 62.82
C CYS F 98 -27.30 -18.78 61.94
N ASN F 99 -26.52 -17.70 61.85
CA ASN F 99 -25.26 -17.71 61.11
C ASN F 99 -24.25 -18.72 61.69
N GLY F 100 -23.51 -19.38 60.79
CA GLY F 100 -22.52 -20.41 61.10
C GLY F 100 -21.29 -19.96 61.91
N ASP F 101 -21.20 -18.68 62.26
CA ASP F 101 -20.32 -18.22 63.33
C ASP F 101 -20.73 -18.87 64.66
N ASN F 102 -19.80 -19.25 65.54
CA ASN F 102 -20.17 -19.72 66.87
C ASN F 102 -20.20 -18.53 67.84
N ASP F 103 -21.37 -17.97 68.04
CA ASP F 103 -21.57 -16.84 68.93
C ASP F 103 -21.70 -17.24 70.39
N CYS F 104 -22.19 -18.46 70.63
CA CYS F 104 -22.91 -18.76 71.85
C CYS F 104 -22.02 -19.28 73.00
N GLY F 105 -20.84 -19.83 72.69
CA GLY F 105 -20.17 -20.75 73.62
C GLY F 105 -20.82 -22.14 73.62
N ASP F 106 -21.72 -22.40 72.67
CA ASP F 106 -22.31 -23.70 72.37
C ASP F 106 -22.75 -23.72 70.91
N PHE F 107 -21.99 -24.45 70.07
CA PHE F 107 -22.25 -24.60 68.65
C PHE F 107 -23.69 -25.03 68.35
N SER F 108 -24.33 -25.81 69.21
CA SER F 108 -25.66 -26.29 68.87
C SER F 108 -26.76 -25.25 69.00
N ASP F 109 -26.51 -24.07 69.57
CA ASP F 109 -27.46 -22.98 69.38
C ASP F 109 -27.45 -22.53 67.92
N GLU F 110 -26.31 -22.63 67.26
CA GLU F 110 -26.19 -22.43 65.81
C GLU F 110 -26.87 -23.58 65.06
N ASP F 111 -26.71 -24.82 65.54
CA ASP F 111 -27.39 -25.97 64.94
C ASP F 111 -28.91 -25.86 65.06
N ASP F 112 -29.42 -25.21 66.10
CA ASP F 112 -30.86 -25.10 66.35
C ASP F 112 -31.56 -24.29 65.24
N CYS F 113 -31.06 -23.09 64.95
CA CYS F 113 -31.62 -22.24 63.92
C CYS F 113 -31.12 -22.64 62.52
N GLU F 114 -31.58 -23.78 62.02
CA GLU F 114 -31.27 -24.30 60.68
C GLU F 114 -31.74 -23.38 59.53
N SER F 115 -32.67 -22.46 59.81
CA SER F 115 -33.38 -21.65 58.81
C SER F 115 -32.58 -20.51 58.18
N GLU F 116 -31.42 -20.10 58.73
CA GLU F 116 -30.56 -19.06 58.13
C GLU F 116 -29.06 -19.30 58.47
N PRO F 117 -28.45 -20.33 57.85
CA PRO F 117 -27.24 -20.97 58.37
C PRO F 117 -25.92 -20.24 58.11
N ARG F 118 -25.89 -19.24 57.22
CA ARG F 118 -24.67 -18.90 56.46
C ARG F 118 -23.47 -18.42 57.31
N PRO F 119 -22.22 -18.79 56.99
CA PRO F 119 -21.00 -18.28 57.61
C PRO F 119 -20.80 -16.77 57.41
N PRO F 120 -19.91 -16.11 58.18
CA PRO F 120 -19.72 -14.67 58.09
C PRO F 120 -19.06 -14.22 56.76
N CYS F 121 -18.24 -15.06 56.13
CA CYS F 121 -17.71 -14.83 54.78
C CYS F 121 -18.40 -15.72 53.75
N ARG F 122 -18.75 -15.17 52.57
CA ARG F 122 -19.55 -15.88 51.55
C ARG F 122 -18.73 -16.90 50.75
N ASP F 123 -17.60 -16.47 50.17
CA ASP F 123 -16.76 -17.26 49.26
C ASP F 123 -15.31 -17.49 49.77
N ARG F 124 -14.94 -16.90 50.90
CA ARG F 124 -13.58 -16.97 51.42
C ARG F 124 -13.18 -18.38 51.87
N VAL F 125 -11.92 -18.76 51.65
CA VAL F 125 -11.30 -19.95 52.24
C VAL F 125 -10.17 -19.51 53.17
N VAL F 126 -10.29 -19.87 54.45
CA VAL F 126 -9.66 -19.12 55.55
C VAL F 126 -9.30 -20.04 56.72
N GLU F 127 -8.23 -19.74 57.46
CA GLU F 127 -7.74 -20.46 58.64
C GLU F 127 -8.11 -19.80 59.97
N GLU F 128 -8.07 -20.54 61.07
CA GLU F 128 -8.11 -19.98 62.42
C GLU F 128 -6.73 -19.46 62.83
N SER F 129 -6.65 -18.23 63.34
CA SER F 129 -5.38 -17.70 63.82
C SER F 129 -5.07 -18.28 65.19
N GLU F 130 -4.09 -19.17 65.22
CA GLU F 130 -3.63 -19.82 66.46
C GLU F 130 -2.98 -18.83 67.44
N LEU F 131 -2.46 -17.69 66.96
CA LEU F 131 -2.03 -16.58 67.80
C LEU F 131 -3.24 -15.89 68.44
N ALA F 132 -4.32 -15.69 67.68
CA ALA F 132 -5.55 -15.09 68.18
C ALA F 132 -6.28 -15.96 69.21
N ARG F 133 -6.31 -17.28 69.01
CA ARG F 133 -6.95 -18.20 69.96
C ARG F 133 -6.43 -17.99 71.37
N THR F 134 -5.12 -17.95 71.57
CA THR F 134 -4.53 -17.79 72.90
C THR F 134 -4.31 -16.34 73.30
N ALA F 135 -4.85 -15.37 72.57
CA ALA F 135 -4.71 -13.95 72.88
C ALA F 135 -5.54 -13.53 74.11
N GLY F 136 -4.99 -12.62 74.91
CA GLY F 136 -5.59 -12.24 76.17
C GLY F 136 -5.49 -13.37 77.19
N TYR F 137 -4.29 -13.93 77.36
CA TYR F 137 -3.97 -14.81 78.49
C TYR F 137 -4.33 -14.13 79.80
N GLY F 138 -4.91 -14.87 80.74
CA GLY F 138 -4.87 -14.44 82.12
C GLY F 138 -3.42 -14.40 82.59
N ILE F 139 -3.06 -13.55 83.55
CA ILE F 139 -1.73 -13.54 84.15
C ILE F 139 -1.84 -13.49 85.67
N ASN F 140 -0.96 -14.19 86.38
CA ASN F 140 -0.80 -14.06 87.83
C ASN F 140 0.56 -13.46 88.18
N ILE F 141 0.54 -12.33 88.90
CA ILE F 141 1.72 -11.58 89.36
C ILE F 141 2.70 -12.42 90.22
N LEU F 142 2.26 -13.54 90.82
CA LEU F 142 3.12 -14.41 91.66
C LEU F 142 4.39 -14.90 90.96
N GLY F 143 4.39 -15.00 89.63
CA GLY F 143 5.60 -15.21 88.82
C GLY F 143 5.49 -14.66 87.39
N MET F 144 4.52 -13.77 87.15
CA MET F 144 3.98 -13.47 85.82
C MET F 144 3.67 -14.76 85.04
N ASP F 145 3.01 -15.70 85.69
CA ASP F 145 2.51 -16.90 85.03
C ASP F 145 1.43 -16.50 84.04
N PRO F 146 1.48 -16.94 82.78
CA PRO F 146 0.34 -16.88 81.89
C PRO F 146 -0.65 -17.98 82.19
N LEU F 147 -1.91 -17.76 81.82
CA LEU F 147 -3.05 -18.65 82.00
C LEU F 147 -3.93 -18.58 80.76
N SER F 148 -4.65 -19.64 80.44
CA SER F 148 -5.58 -19.68 79.31
C SER F 148 -6.60 -18.54 79.37
N THR F 149 -7.10 -18.13 78.21
CA THR F 149 -7.78 -16.84 78.01
C THR F 149 -9.13 -16.77 78.74
N PRO F 150 -9.40 -15.72 79.53
CA PRO F 150 -10.76 -15.41 79.95
C PRO F 150 -11.71 -15.24 78.76
N PHE F 151 -11.15 -14.73 77.67
CA PHE F 151 -11.81 -14.40 76.43
C PHE F 151 -12.19 -15.64 75.62
N ASP F 152 -13.28 -15.53 74.87
CA ASP F 152 -13.83 -16.59 74.03
C ASP F 152 -12.94 -16.94 72.83
N ASN F 153 -12.63 -15.95 71.99
CA ASN F 153 -11.70 -16.07 70.86
C ASN F 153 -12.08 -17.13 69.81
N GLU F 154 -13.33 -17.57 69.79
CA GLU F 154 -13.88 -18.55 68.84
C GLU F 154 -15.01 -17.95 68.00
N PHE F 155 -15.63 -16.90 68.52
CA PHE F 155 -16.68 -16.08 67.90
C PHE F 155 -16.11 -14.98 66.98
N TYR F 156 -16.75 -14.74 65.83
CA TYR F 156 -16.35 -13.68 64.89
C TYR F 156 -17.26 -12.43 64.91
N ASN F 157 -18.29 -12.36 65.75
CA ASN F 157 -19.30 -11.29 65.76
C ASN F 157 -20.00 -11.09 64.41
N GLY F 158 -20.15 -12.18 63.66
CA GLY F 158 -20.61 -12.19 62.28
C GLY F 158 -19.67 -11.50 61.30
N LEU F 159 -18.54 -10.94 61.74
CA LEU F 159 -17.63 -10.19 60.89
C LEU F 159 -16.86 -11.17 59.99
N CYS F 160 -16.78 -10.88 58.69
CA CYS F 160 -15.95 -11.68 57.78
C CYS F 160 -14.44 -11.46 58.04
N ASN F 161 -14.04 -10.21 58.24
CA ASN F 161 -12.74 -9.78 58.78
C ASN F 161 -11.55 -10.57 58.21
N ARG F 162 -11.49 -10.64 56.87
CA ARG F 162 -10.69 -11.57 56.06
C ARG F 162 -9.23 -11.16 55.93
N ASP F 163 -8.52 -11.15 57.04
CA ASP F 163 -7.08 -10.92 57.06
C ASP F 163 -6.24 -11.97 56.30
N ARG F 164 -5.01 -11.59 55.90
CA ARG F 164 -4.02 -12.48 55.30
C ARG F 164 -2.59 -12.20 55.77
N ASP F 165 -2.42 -11.73 57.01
CA ASP F 165 -1.10 -11.60 57.64
C ASP F 165 -0.47 -12.96 58.00
N GLY F 166 0.79 -12.96 58.41
CA GLY F 166 1.62 -14.15 58.58
C GLY F 166 2.45 -14.48 57.34
N ASN F 167 3.57 -15.17 57.54
CA ASN F 167 4.63 -15.37 56.54
C ASN F 167 4.20 -16.19 55.30
N THR F 168 3.24 -17.09 55.46
CA THR F 168 2.63 -17.86 54.36
C THR F 168 1.65 -17.02 53.52
N LEU F 169 1.37 -15.77 53.92
CA LEU F 169 0.55 -14.80 53.16
C LEU F 169 -0.81 -15.38 52.70
N THR F 170 -1.46 -16.13 53.60
CA THR F 170 -2.66 -16.91 53.31
C THR F 170 -3.72 -16.66 54.39
N TYR F 171 -4.99 -16.58 53.98
CA TYR F 171 -6.04 -15.93 54.78
C TYR F 171 -6.36 -16.62 56.12
N TYR F 172 -6.57 -15.80 57.16
CA TYR F 172 -7.10 -16.21 58.45
C TYR F 172 -8.22 -15.24 58.89
N ARG F 173 -9.11 -15.67 59.79
CA ARG F 173 -10.16 -14.79 60.35
C ARG F 173 -9.83 -14.38 61.78
N ARG F 174 -9.99 -13.10 62.10
CA ARG F 174 -9.65 -12.55 63.41
C ARG F 174 -10.89 -12.56 64.31
N PRO F 175 -10.94 -13.36 65.39
CA PRO F 175 -12.11 -13.49 66.23
C PRO F 175 -12.37 -12.20 67.02
N TRP F 176 -13.62 -11.96 67.39
CA TRP F 176 -14.18 -10.68 67.80
C TRP F 176 -13.43 -9.97 68.91
N ASN F 177 -12.69 -10.66 69.77
CA ASN F 177 -12.00 -10.03 70.88
C ASN F 177 -10.67 -9.40 70.54
N VAL F 178 -9.93 -9.94 69.58
CA VAL F 178 -8.63 -9.38 69.19
C VAL F 178 -8.88 -8.26 68.19
N ALA F 179 -9.05 -7.04 68.71
CA ALA F 179 -9.27 -5.86 67.87
C ALA F 179 -8.10 -5.74 66.87
N SER F 180 -6.88 -5.82 67.36
CA SER F 180 -5.68 -5.97 66.53
C SER F 180 -5.03 -7.31 66.78
N LEU F 181 -4.69 -8.04 65.73
CA LEU F 181 -3.62 -9.03 65.76
C LEU F 181 -2.87 -8.97 64.44
N ILE F 182 -1.55 -8.90 64.50
CA ILE F 182 -0.65 -8.72 63.36
C ILE F 182 0.61 -9.56 63.55
N TYR F 183 1.27 -9.92 62.45
CA TYR F 183 2.36 -10.86 62.41
C TYR F 183 3.68 -10.19 61.92
N GLU F 184 4.14 -9.14 62.63
CA GLU F 184 5.34 -8.36 62.30
C GLU F 184 6.66 -9.19 62.37
N THR F 185 7.48 -9.15 61.32
CA THR F 185 8.68 -10.00 61.15
C THR F 185 10.00 -9.40 61.65
N LYS F 186 9.97 -8.48 62.60
CA LYS F 186 11.14 -7.82 63.20
C LYS F 186 12.11 -8.78 63.92
N GLY F 187 13.40 -8.48 63.84
CA GLY F 187 14.47 -9.09 64.65
C GLY F 187 15.46 -8.08 65.23
N GLU F 188 16.10 -8.44 66.33
CA GLU F 188 17.24 -7.72 66.89
C GLU F 188 18.22 -8.72 67.53
N LYS F 189 19.52 -8.37 67.57
CA LYS F 189 20.57 -9.13 68.24
C LYS F 189 21.59 -8.18 68.84
N ASN F 190 22.13 -8.54 70.00
CA ASN F 190 23.09 -7.76 70.74
C ASN F 190 24.30 -8.62 71.08
N PHE F 191 25.49 -8.02 71.09
CA PHE F 191 26.72 -8.64 71.54
C PHE F 191 27.48 -7.65 72.43
N ARG F 192 27.99 -8.15 73.56
CA ARG F 192 29.02 -7.49 74.35
C ARG F 192 29.95 -8.56 74.93
N THR F 193 31.25 -8.36 74.76
CA THR F 193 32.32 -9.16 75.37
C THR F 193 33.32 -8.22 76.04
N GLU F 194 33.59 -8.40 77.33
CA GLU F 194 34.29 -7.39 78.13
C GLU F 194 35.27 -8.05 79.09
N HIS F 195 36.53 -7.63 79.02
CA HIS F 195 37.64 -8.35 79.63
C HIS F 195 38.62 -7.37 80.28
N TYR F 196 39.18 -7.75 81.43
CA TYR F 196 40.22 -6.98 82.10
C TYR F 196 41.24 -7.89 82.77
N GLU F 197 42.49 -7.43 82.86
CA GLU F 197 43.54 -8.03 83.69
C GLU F 197 44.29 -6.93 84.44
N GLU F 198 44.58 -7.15 85.73
CA GLU F 198 45.23 -6.19 86.61
C GLU F 198 46.35 -6.88 87.38
N GLN F 199 47.52 -6.25 87.52
CA GLN F 199 48.68 -6.83 88.19
C GLN F 199 49.31 -5.80 89.14
N ILE F 200 49.70 -6.23 90.35
CA ILE F 200 50.46 -5.41 91.30
C ILE F 200 51.58 -6.25 91.89
N GLU F 201 52.81 -5.72 91.91
CA GLU F 201 54.02 -6.37 92.43
C GLU F 201 54.94 -5.38 93.15
N ALA F 202 55.62 -5.83 94.21
CA ALA F 202 56.47 -4.99 95.05
C ALA F 202 57.63 -5.78 95.70
N PHE F 203 58.68 -5.06 96.13
CA PHE F 203 59.84 -5.61 96.85
C PHE F 203 60.36 -4.60 97.88
N LYS F 204 60.94 -5.10 98.98
CA LYS F 204 61.58 -4.30 100.03
C LYS F 204 62.69 -5.06 100.75
N LEU F 263 61.40 -8.86 101.64
CA LEU F 263 60.04 -9.26 101.30
C LEU F 263 59.79 -9.05 99.79
N SER F 264 59.21 -10.07 99.14
CA SER F 264 58.72 -10.04 97.75
C SER F 264 57.21 -10.27 97.72
N TYR F 265 56.45 -9.42 97.02
CA TYR F 265 54.99 -9.51 96.90
C TYR F 265 54.54 -9.44 95.43
N SER F 266 53.58 -10.28 95.06
CA SER F 266 52.96 -10.30 93.73
C SER F 266 51.47 -10.65 93.80
N SER F 267 50.68 -10.11 92.88
CA SER F 267 49.26 -10.41 92.75
C SER F 267 48.73 -10.09 91.35
N LYS F 268 47.68 -10.80 90.95
CA LYS F 268 46.97 -10.60 89.67
C LYS F 268 45.46 -10.79 89.86
N LYS F 269 44.67 -10.03 89.10
CA LYS F 269 43.22 -10.20 88.95
C LYS F 269 42.84 -10.29 87.47
N GLU F 270 41.81 -11.07 87.17
CA GLU F 270 41.27 -11.24 85.82
C GLU F 270 39.73 -11.22 85.87
N LYS F 271 39.10 -10.56 84.90
CA LYS F 271 37.65 -10.32 84.85
C LYS F 271 37.10 -10.62 83.45
N MET F 272 35.93 -11.23 83.38
CA MET F 272 35.15 -11.38 82.15
C MET F 272 33.68 -11.07 82.41
N PHE F 273 33.06 -10.35 81.49
CA PHE F 273 31.61 -10.19 81.40
C PHE F 273 31.17 -10.39 79.94
N LEU F 274 30.06 -11.09 79.73
CA LEU F 274 29.42 -11.23 78.43
C LEU F 274 27.94 -10.92 78.55
N HIS F 275 27.36 -10.30 77.52
CA HIS F 275 25.93 -10.36 77.27
C HIS F 275 25.67 -10.60 75.79
N VAL F 276 24.70 -11.47 75.52
CA VAL F 276 24.13 -11.69 74.18
C VAL F 276 22.64 -11.86 74.35
N LYS F 277 21.85 -11.34 73.42
CA LYS F 277 20.46 -11.78 73.22
C LYS F 277 20.11 -11.77 71.75
N GLY F 278 19.08 -12.52 71.36
CA GLY F 278 18.44 -12.32 70.06
C GLY F 278 16.93 -12.59 70.10
N GLU F 279 16.18 -11.70 69.46
CA GLU F 279 14.72 -11.67 69.44
C GLU F 279 14.20 -12.01 68.05
N ILE F 280 13.28 -12.96 67.95
CA ILE F 280 12.60 -13.34 66.72
C ILE F 280 11.12 -13.05 66.92
N HIS F 281 10.68 -11.84 66.60
CA HIS F 281 9.27 -11.45 66.75
C HIS F 281 8.41 -12.12 65.67
N LEU F 282 7.25 -12.60 66.10
CA LEU F 282 6.24 -13.23 65.25
C LEU F 282 5.03 -12.31 65.07
N GLY F 283 4.57 -11.62 66.14
CA GLY F 283 3.33 -10.83 66.11
C GLY F 283 2.97 -10.08 67.39
N ARG F 284 1.87 -9.31 67.34
CA ARG F 284 1.36 -8.38 68.36
C ARG F 284 -0.17 -8.31 68.37
N PHE F 285 -0.79 -8.06 69.54
CA PHE F 285 -2.24 -8.03 69.73
C PHE F 285 -2.76 -7.00 70.75
N VAL F 286 -4.02 -6.58 70.60
CA VAL F 286 -4.81 -5.80 71.56
C VAL F 286 -6.23 -6.38 71.66
N MET F 287 -6.81 -6.43 72.86
CA MET F 287 -8.13 -6.99 73.09
C MET F 287 -9.20 -5.89 73.25
N ARG F 288 -10.36 -6.05 72.61
CA ARG F 288 -11.46 -5.08 72.57
C ARG F 288 -12.00 -4.83 73.98
N ASN F 289 -11.92 -3.59 74.48
CA ASN F 289 -12.31 -3.26 75.86
C ASN F 289 -13.81 -2.98 76.07
N ARG F 290 -14.68 -3.23 75.07
CA ARG F 290 -16.15 -3.11 75.16
C ARG F 290 -16.81 -4.13 74.27
N ASP F 291 -18.03 -4.53 74.63
CA ASP F 291 -18.76 -5.62 73.99
C ASP F 291 -17.93 -6.91 73.89
N VAL F 292 -17.07 -7.15 74.88
CA VAL F 292 -16.17 -8.31 74.98
C VAL F 292 -16.98 -9.60 75.10
N VAL F 293 -16.54 -10.65 74.41
CA VAL F 293 -17.18 -11.97 74.47
C VAL F 293 -16.28 -12.96 75.18
N LEU F 294 -16.84 -13.59 76.21
CA LEU F 294 -16.09 -14.26 77.24
C LEU F 294 -16.38 -15.75 77.22
N THR F 295 -15.43 -16.55 77.69
CA THR F 295 -15.65 -17.98 77.93
C THR F 295 -16.86 -18.13 78.84
N THR F 296 -17.75 -19.07 78.51
CA THR F 296 -18.95 -19.35 79.32
C THR F 296 -18.56 -19.56 80.78
N THR F 297 -17.44 -20.26 80.99
CA THR F 297 -16.89 -20.47 82.33
C THR F 297 -16.55 -19.16 83.02
N PHE F 298 -15.88 -18.18 82.40
CA PHE F 298 -15.53 -16.96 83.11
C PHE F 298 -16.78 -16.17 83.50
N VAL F 299 -17.72 -16.00 82.57
CA VAL F 299 -18.96 -15.26 82.84
C VAL F 299 -19.84 -15.98 83.85
N ASP F 300 -19.85 -17.32 83.87
CA ASP F 300 -20.49 -18.09 84.92
C ASP F 300 -19.72 -18.08 86.24
N ASP F 301 -18.39 -18.08 86.23
CA ASP F 301 -17.56 -18.10 87.43
C ASP F 301 -17.51 -16.76 88.17
N ILE F 302 -18.21 -15.77 87.64
CA ILE F 302 -18.63 -14.57 88.37
C ILE F 302 -19.88 -14.84 89.23
N LYS F 303 -20.78 -15.75 88.82
CA LYS F 303 -22.05 -16.03 89.53
C LYS F 303 -21.80 -16.57 90.93
N ALA F 304 -20.81 -17.43 91.07
CA ALA F 304 -20.45 -18.06 92.32
C ALA F 304 -19.89 -17.09 93.38
N LEU F 305 -19.65 -15.82 93.03
CA LEU F 305 -18.96 -14.90 93.94
C LEU F 305 -19.84 -14.53 95.16
N PRO F 306 -19.27 -14.37 96.38
CA PRO F 306 -20.04 -14.16 97.62
C PRO F 306 -20.89 -12.89 97.74
N THR F 307 -20.55 -11.84 97.00
CA THR F 307 -21.10 -10.46 97.11
C THR F 307 -20.68 -9.66 98.36
N THR F 308 -19.90 -10.22 99.28
CA THR F 308 -19.74 -9.68 100.66
C THR F 308 -18.30 -9.39 101.13
N TYR F 309 -17.33 -9.26 100.20
CA TYR F 309 -15.90 -9.07 100.53
C TYR F 309 -15.28 -10.18 101.41
N GLU F 310 -15.59 -11.44 101.13
CA GLU F 310 -14.94 -12.59 101.77
C GLU F 310 -13.51 -12.75 101.21
N LYS F 311 -12.52 -12.17 101.89
CA LYS F 311 -11.19 -11.86 101.33
C LYS F 311 -10.57 -13.04 100.58
N GLY F 312 -10.40 -14.17 101.25
CA GLY F 312 -9.83 -15.39 100.69
C GLY F 312 -10.62 -16.01 99.54
N GLU F 313 -11.91 -15.74 99.41
CA GLU F 313 -12.67 -16.22 98.25
C GLU F 313 -12.38 -15.40 97.00
N TYR F 314 -12.35 -14.08 97.10
CA TYR F 314 -11.92 -13.26 95.97
C TYR F 314 -10.44 -13.50 95.66
N PHE F 315 -9.63 -13.76 96.69
CA PHE F 315 -8.27 -14.28 96.53
C PHE F 315 -8.25 -15.60 95.76
N ALA F 316 -9.24 -16.48 95.92
CA ALA F 316 -9.29 -17.76 95.22
C ALA F 316 -9.64 -17.60 93.73
N PHE F 317 -10.50 -16.66 93.38
CA PHE F 317 -10.66 -16.30 91.97
C PHE F 317 -9.38 -15.69 91.37
N LEU F 318 -8.73 -14.76 92.06
CA LEU F 318 -7.44 -14.17 91.65
C LEU F 318 -6.31 -15.20 91.53
N GLU F 319 -6.29 -16.22 92.38
CA GLU F 319 -5.36 -17.34 92.28
C GLU F 319 -5.59 -18.25 91.07
N THR F 320 -6.82 -18.33 90.52
CA THR F 320 -7.19 -19.39 89.55
C THR F 320 -7.94 -18.92 88.30
N TYR F 321 -8.11 -17.61 88.13
CA TYR F 321 -8.25 -16.94 86.83
C TYR F 321 -7.18 -15.85 86.61
N GLY F 322 -6.35 -15.56 87.62
CA GLY F 322 -5.24 -14.61 87.55
C GLY F 322 -5.60 -13.23 88.10
N THR F 323 -4.58 -12.48 88.54
CA THR F 323 -4.72 -11.09 88.99
C THR F 323 -5.08 -10.13 87.85
N HIS F 324 -4.64 -10.43 86.62
CA HIS F 324 -4.79 -9.58 85.43
C HIS F 324 -5.15 -10.42 84.20
N TYR F 325 -5.60 -9.74 83.18
CA TYR F 325 -5.65 -10.18 81.80
C TYR F 325 -4.91 -9.09 81.06
N SER F 326 -4.31 -9.39 79.94
CA SER F 326 -3.36 -8.50 79.30
C SER F 326 -3.81 -8.23 77.87
N SER F 327 -3.55 -7.01 77.37
CA SER F 327 -3.31 -6.98 75.94
C SER F 327 -2.29 -5.90 75.50
N SER F 328 -1.11 -6.43 75.19
CA SER F 328 -0.03 -5.91 74.27
C SER F 328 0.73 -7.20 73.82
N GLY F 329 1.28 -7.32 72.60
CA GLY F 329 2.09 -8.51 72.31
C GLY F 329 3.48 -8.23 71.77
N SER F 330 4.45 -8.97 72.30
CA SER F 330 5.53 -9.45 71.49
C SER F 330 5.39 -10.94 71.71
N LEU F 331 4.89 -11.64 70.69
CA LEU F 331 4.91 -13.08 70.56
C LEU F 331 6.16 -13.46 69.75
N GLY F 332 6.90 -14.52 70.09
CA GLY F 332 8.04 -14.95 69.28
C GLY F 332 8.87 -16.06 69.89
N GLY F 333 10.12 -16.12 69.43
CA GLY F 333 11.21 -16.81 70.13
C GLY F 333 12.23 -15.80 70.63
N LEU F 334 12.96 -16.18 71.68
CA LEU F 334 14.03 -15.37 72.28
C LEU F 334 15.17 -16.28 72.75
N TYR F 335 16.40 -15.80 72.62
CA TYR F 335 17.57 -16.34 73.30
C TYR F 335 18.31 -15.27 74.09
N GLU F 336 19.00 -15.67 75.15
CA GLU F 336 19.89 -14.80 75.92
C GLU F 336 21.05 -15.61 76.55
N LEU F 337 22.17 -14.94 76.82
CA LEU F 337 23.34 -15.47 77.52
C LEU F 337 23.96 -14.41 78.42
N ILE F 338 24.61 -14.90 79.47
CA ILE F 338 25.57 -14.16 80.29
C ILE F 338 26.76 -15.09 80.57
N TYR F 339 27.97 -14.54 80.54
CA TYR F 339 29.09 -15.03 81.34
C TYR F 339 29.39 -13.96 82.38
N VAL F 340 29.64 -14.36 83.62
CA VAL F 340 30.42 -13.55 84.56
C VAL F 340 31.52 -14.42 85.15
N LEU F 341 32.78 -14.01 84.96
CA LEU F 341 33.94 -14.65 85.59
C LEU F 341 34.76 -13.58 86.32
N ASP F 342 35.23 -13.87 87.53
CA ASP F 342 36.05 -12.94 88.32
C ASP F 342 37.03 -13.73 89.20
N LYS F 343 38.33 -13.42 89.04
CA LYS F 343 39.46 -14.24 89.46
C LYS F 343 40.54 -13.36 90.10
N ALA F 344 41.09 -13.78 91.24
CA ALA F 344 42.18 -13.10 91.94
C ALA F 344 43.19 -14.11 92.53
N SER F 345 44.48 -13.80 92.45
CA SER F 345 45.58 -14.57 93.06
C SER F 345 46.60 -13.63 93.70
N MET F 346 47.08 -13.97 94.90
CA MET F 346 48.02 -13.16 95.69
C MET F 346 49.08 -14.04 96.36
N LYS F 347 50.35 -13.60 96.33
CA LYS F 347 51.50 -14.30 96.94
C LYS F 347 52.47 -13.31 97.58
N ARG F 348 52.98 -13.59 98.78
CA ARG F 348 54.21 -12.95 99.28
C ARG F 348 55.13 -13.87 100.07
N LYS F 349 56.44 -13.67 99.89
CA LYS F 349 57.54 -14.51 100.38
C LYS F 349 58.64 -13.64 100.97
N ALA F 392 62.08 -18.66 107.37
CA ALA F 392 61.47 -18.08 106.19
C ALA F 392 59.93 -18.07 106.24
N VAL F 393 59.26 -17.18 105.50
CA VAL F 393 57.79 -17.04 105.49
C VAL F 393 57.25 -17.14 104.07
N ASN F 394 56.12 -17.84 103.92
CA ASN F 394 55.48 -18.16 102.64
C ASN F 394 53.96 -18.05 102.77
N ILE F 395 53.34 -17.03 102.15
CA ILE F 395 51.90 -16.77 102.28
C ILE F 395 51.22 -16.55 100.92
N THR F 396 50.05 -17.15 100.72
CA THR F 396 49.33 -17.15 99.44
C THR F 396 47.80 -17.16 99.61
N SER F 397 47.06 -16.67 98.61
CA SER F 397 45.62 -16.86 98.49
C SER F 397 45.14 -16.81 97.04
N GLU F 398 44.03 -17.47 96.76
CA GLU F 398 43.32 -17.46 95.48
C GLU F 398 41.80 -17.38 95.73
N ASN F 399 41.12 -16.56 94.91
CA ASN F 399 39.65 -16.38 95.00
C ASN F 399 39.09 -16.37 93.58
N LEU F 400 38.04 -17.16 93.31
CA LEU F 400 37.50 -17.19 91.92
C LEU F 400 36.02 -17.60 91.90
N ILE F 401 35.20 -16.83 91.20
CA ILE F 401 33.74 -17.12 91.03
C ILE F 401 33.47 -17.22 89.53
N ASP F 402 32.83 -18.31 89.08
CA ASP F 402 32.54 -18.51 87.64
C ASP F 402 31.05 -18.82 87.46
N ASP F 403 30.40 -18.17 86.48
CA ASP F 403 28.96 -18.42 86.25
C ASP F 403 28.60 -18.19 84.79
N VAL F 404 27.96 -19.17 84.15
CA VAL F 404 27.55 -19.06 82.75
C VAL F 404 26.13 -19.60 82.56
N VAL F 405 25.27 -18.88 81.85
CA VAL F 405 23.84 -19.23 81.72
C VAL F 405 23.28 -18.95 80.32
N SER F 406 22.37 -19.81 79.87
CA SER F 406 21.64 -19.79 78.61
C SER F 406 20.13 -19.85 78.86
N LEU F 407 19.36 -19.15 78.03
CA LEU F 407 17.90 -19.28 77.92
C LEU F 407 17.48 -19.39 76.45
N ILE F 408 16.52 -20.27 76.17
CA ILE F 408 15.74 -20.36 74.93
C ILE F 408 14.28 -20.38 75.31
N ARG F 409 13.44 -19.66 74.58
CA ARG F 409 11.99 -19.81 74.64
C ARG F 409 11.34 -19.74 73.28
N GLY F 410 10.27 -20.49 73.11
CA GLY F 410 9.47 -20.59 71.89
C GLY F 410 10.08 -21.47 70.83
N GLY F 411 9.28 -21.78 69.81
CA GLY F 411 9.65 -22.70 68.73
C GLY F 411 9.43 -24.17 69.09
N THR F 412 9.71 -25.07 68.17
CA THR F 412 9.51 -26.53 68.37
C THR F 412 10.76 -27.21 68.94
N ARG F 413 10.55 -28.29 69.70
CA ARG F 413 11.58 -29.03 70.45
C ARG F 413 12.81 -29.35 69.61
N LYS F 414 12.61 -29.91 68.41
CA LYS F 414 13.68 -30.45 67.54
C LYS F 414 14.78 -29.46 67.20
N TYR F 415 14.46 -28.16 67.13
CA TYR F 415 15.42 -27.10 66.80
C TYR F 415 15.69 -26.17 67.98
N ALA F 416 14.67 -25.79 68.75
CA ALA F 416 14.83 -24.88 69.89
C ALA F 416 15.64 -25.52 71.03
N PHE F 417 15.34 -26.77 71.38
CA PHE F 417 16.16 -27.52 72.32
C PHE F 417 17.50 -27.90 71.72
N GLU F 418 17.61 -28.09 70.41
CA GLU F 418 18.92 -28.25 69.79
C GLU F 418 19.81 -27.03 69.98
N LEU F 419 19.29 -25.83 69.82
CA LEU F 419 20.09 -24.62 69.95
C LEU F 419 20.57 -24.36 71.40
N LYS F 420 19.77 -24.73 72.42
CA LYS F 420 19.88 -24.07 73.74
C LYS F 420 21.25 -24.15 74.37
N GLU F 421 21.96 -25.26 74.16
CA GLU F 421 23.26 -25.52 74.79
C GLU F 421 24.41 -24.96 73.94
N LYS F 422 24.26 -25.00 72.61
CA LYS F 422 25.28 -24.57 71.65
C LYS F 422 25.73 -23.15 71.95
N LEU F 423 24.76 -22.31 72.30
CA LEU F 423 24.89 -20.89 72.63
C LEU F 423 26.00 -20.59 73.67
N LEU F 424 26.20 -21.46 74.66
CA LEU F 424 27.17 -21.25 75.74
C LEU F 424 28.64 -21.38 75.28
N ARG F 425 28.88 -22.26 74.30
CA ARG F 425 30.18 -22.81 73.97
C ARG F 425 31.06 -21.84 73.17
N GLY F 426 32.33 -22.18 73.00
CA GLY F 426 33.22 -21.60 71.98
C GLY F 426 32.76 -21.89 70.54
N THR F 427 31.91 -22.92 70.36
CA THR F 427 31.31 -23.35 69.09
C THR F 427 30.63 -22.22 68.32
N VAL F 428 31.09 -21.95 67.10
CA VAL F 428 30.40 -21.02 66.17
C VAL F 428 29.14 -21.71 65.62
N ILE F 429 27.97 -21.12 65.87
CA ILE F 429 26.67 -21.67 65.51
C ILE F 429 26.41 -21.61 63.99
N ASP F 430 25.90 -22.72 63.45
CA ASP F 430 25.46 -22.83 62.05
C ASP F 430 24.23 -21.94 61.79
N VAL F 431 24.34 -21.01 60.84
CA VAL F 431 23.26 -20.07 60.49
C VAL F 431 21.95 -20.81 60.12
N THR F 432 22.00 -21.96 59.46
CA THR F 432 20.74 -22.66 59.13
C THR F 432 20.04 -23.25 60.36
N ASP F 433 20.74 -23.49 61.48
CA ASP F 433 20.06 -23.85 62.73
C ASP F 433 19.16 -22.71 63.20
N PHE F 434 19.66 -21.47 63.17
CA PHE F 434 18.80 -20.33 63.48
C PHE F 434 17.63 -20.26 62.51
N VAL F 435 17.84 -20.48 61.20
CA VAL F 435 16.77 -20.40 60.20
C VAL F 435 15.68 -21.44 60.45
N ASN F 436 16.06 -22.66 60.83
CA ASN F 436 15.09 -23.70 61.21
C ASN F 436 14.29 -23.31 62.47
N TRP F 437 14.94 -22.69 63.47
CA TRP F 437 14.23 -22.17 64.65
C TRP F 437 13.27 -21.04 64.31
N ALA F 438 13.72 -20.05 63.55
CA ALA F 438 12.93 -18.92 63.09
C ALA F 438 11.68 -19.38 62.33
N SER F 439 11.79 -20.44 61.53
CA SER F 439 10.64 -21.11 60.92
C SER F 439 9.71 -21.71 61.98
N SER F 440 10.24 -22.46 62.94
CA SER F 440 9.43 -23.16 63.96
C SER F 440 8.62 -22.24 64.89
N ILE F 441 9.02 -20.97 65.06
CA ILE F 441 8.27 -20.01 65.90
C ILE F 441 6.88 -19.72 65.32
N ASN F 442 6.65 -19.98 64.03
CA ASN F 442 5.33 -20.06 63.43
C ASN F 442 4.34 -20.91 64.24
N ASP F 443 4.83 -21.99 64.85
CA ASP F 443 3.99 -23.01 65.47
C ASP F 443 3.85 -22.82 66.98
N ALA F 444 4.76 -22.09 67.63
CA ALA F 444 4.96 -22.18 69.07
C ALA F 444 5.52 -20.89 69.68
N PRO F 445 4.78 -19.78 69.61
CA PRO F 445 5.19 -18.52 70.21
C PRO F 445 5.23 -18.56 71.74
N VAL F 446 6.05 -17.69 72.34
CA VAL F 446 5.96 -17.28 73.74
C VAL F 446 5.79 -15.76 73.85
N LEU F 447 5.03 -15.29 74.83
CA LEU F 447 4.73 -13.88 75.07
C LEU F 447 5.89 -13.18 75.81
N ILE F 448 6.74 -12.50 75.05
CA ILE F 448 7.97 -11.83 75.50
C ILE F 448 7.68 -10.49 76.21
N SER F 449 6.62 -9.76 75.82
CA SER F 449 6.15 -8.54 76.50
C SER F 449 4.67 -8.26 76.24
N GLN F 450 4.01 -7.58 77.20
CA GLN F 450 2.56 -7.34 77.22
C GLN F 450 2.16 -6.13 78.09
N LYS F 451 0.92 -5.63 77.95
CA LYS F 451 0.32 -4.60 78.82
C LYS F 451 -0.75 -5.22 79.69
N LEU F 452 -0.59 -5.17 81.02
CA LEU F 452 -1.54 -5.74 81.98
C LEU F 452 -2.78 -4.84 82.19
N SER F 453 -3.93 -5.46 82.38
CA SER F 453 -5.19 -4.81 82.74
C SER F 453 -5.87 -5.61 83.88
N PRO F 454 -6.48 -4.98 84.89
CA PRO F 454 -7.07 -5.71 86.00
C PRO F 454 -8.18 -6.66 85.55
N ILE F 455 -8.27 -7.85 86.15
CA ILE F 455 -9.20 -8.91 85.71
C ILE F 455 -10.68 -8.51 85.79
N TYR F 456 -11.01 -7.62 86.75
CA TYR F 456 -12.38 -7.15 86.99
C TYR F 456 -13.01 -6.43 85.81
N ASN F 457 -12.24 -5.88 84.88
CA ASN F 457 -12.79 -5.24 83.69
C ASN F 457 -13.57 -6.21 82.80
N LEU F 458 -13.43 -7.51 83.00
CA LEU F 458 -14.16 -8.50 82.23
C LEU F 458 -15.48 -8.92 82.90
N VAL F 459 -15.76 -8.60 84.18
CA VAL F 459 -17.12 -8.86 84.73
C VAL F 459 -18.10 -7.85 84.13
N PRO F 460 -19.00 -8.28 83.23
CA PRO F 460 -19.67 -7.37 82.33
C PRO F 460 -20.88 -6.67 82.97
N VAL F 461 -21.25 -5.53 82.39
CA VAL F 461 -22.57 -4.89 82.57
C VAL F 461 -23.67 -5.82 82.02
N LYS F 462 -24.92 -5.66 82.47
CA LYS F 462 -26.05 -6.60 82.25
C LYS F 462 -26.00 -7.89 83.10
N MET F 463 -25.34 -7.86 84.27
CA MET F 463 -25.45 -8.90 85.30
C MET F 463 -25.56 -8.36 86.72
N LYS F 464 -26.45 -8.96 87.52
CA LYS F 464 -26.81 -8.61 88.90
C LYS F 464 -25.61 -8.46 89.84
N ASN F 465 -25.61 -7.36 90.59
CA ASN F 465 -24.57 -6.95 91.56
C ASN F 465 -23.15 -6.81 90.99
N ALA F 466 -22.98 -6.72 89.67
CA ALA F 466 -21.66 -6.70 89.02
C ALA F 466 -20.69 -5.66 89.60
N HIS F 467 -21.16 -4.44 89.90
CA HIS F 467 -20.29 -3.41 90.50
C HIS F 467 -19.73 -3.81 91.86
N LEU F 468 -20.54 -4.42 92.72
CA LEU F 468 -20.07 -4.89 94.03
C LEU F 468 -19.02 -5.99 93.86
N LYS F 469 -19.21 -6.87 92.87
CA LYS F 469 -18.24 -7.91 92.50
C LYS F 469 -16.92 -7.28 92.05
N LYS F 470 -16.95 -6.22 91.21
CA LYS F 470 -15.77 -5.42 90.86
C LYS F 470 -15.09 -4.78 92.08
N GLN F 471 -15.86 -4.15 92.97
CA GLN F 471 -15.32 -3.55 94.20
C GLN F 471 -14.53 -4.58 95.02
N ASN F 472 -15.09 -5.77 95.19
CA ASN F 472 -14.44 -6.83 95.95
C ASN F 472 -13.20 -7.38 95.22
N LEU F 473 -13.24 -7.53 93.90
CA LEU F 473 -12.08 -7.96 93.10
C LEU F 473 -10.91 -6.98 93.23
N GLU F 474 -11.13 -5.67 93.16
CA GLU F 474 -10.02 -4.72 93.39
C GLU F 474 -9.47 -4.80 94.83
N ARG F 475 -10.33 -4.78 95.86
CA ARG F 475 -9.85 -4.89 97.25
C ARG F 475 -9.05 -6.18 97.46
N ALA F 476 -9.48 -7.29 96.87
CA ALA F 476 -8.76 -8.55 96.93
C ALA F 476 -7.43 -8.52 96.15
N ILE F 477 -7.31 -7.77 95.05
CA ILE F 477 -6.02 -7.51 94.43
C ILE F 477 -5.12 -6.74 95.42
N GLU F 478 -5.63 -5.73 96.12
CA GLU F 478 -4.84 -5.03 97.14
C GLU F 478 -4.38 -5.97 98.27
N ASP F 479 -5.24 -6.88 98.70
CA ASP F 479 -4.86 -7.92 99.65
C ASP F 479 -3.77 -8.84 99.05
N TYR F 480 -3.90 -9.25 97.79
CA TYR F 480 -2.89 -10.02 97.03
C TYR F 480 -1.53 -9.33 97.07
N ILE F 481 -1.53 -8.02 96.86
CA ILE F 481 -0.33 -7.17 96.88
C ILE F 481 0.28 -7.12 98.28
N ASN F 482 -0.54 -7.00 99.32
CA ASN F 482 -0.06 -6.77 100.68
C ASN F 482 0.34 -8.05 101.42
N GLU F 483 -0.34 -9.18 101.24
CA GLU F 483 0.01 -10.38 102.00
C GLU F 483 1.23 -11.13 101.46
N PHE F 484 1.49 -11.07 100.15
CA PHE F 484 2.76 -11.49 99.55
C PHE F 484 3.90 -10.46 99.72
N SER F 485 3.70 -9.35 100.45
CA SER F 485 4.68 -8.27 100.50
C SER F 485 5.99 -8.68 101.19
N VAL F 486 7.09 -8.67 100.44
CA VAL F 486 8.43 -9.05 100.94
C VAL F 486 8.95 -8.11 102.05
N ARG F 487 8.35 -6.92 102.20
CA ARG F 487 8.57 -5.99 103.33
C ARG F 487 8.38 -6.65 104.69
N LYS F 488 7.53 -7.68 104.78
CA LYS F 488 7.25 -8.43 106.01
C LYS F 488 8.42 -9.34 106.45
N CYS F 489 9.23 -9.82 105.50
CA CYS F 489 10.33 -10.74 105.76
C CYS F 489 11.58 -10.04 106.34
N HIS F 490 12.41 -10.82 107.05
CA HIS F 490 13.62 -10.29 107.71
C HIS F 490 14.74 -9.95 106.72
N THR F 491 15.65 -9.06 107.11
CA THR F 491 16.75 -8.57 106.28
C THR F 491 17.77 -9.66 105.93
N CYS F 492 18.12 -9.78 104.64
CA CYS F 492 19.24 -10.62 104.18
C CYS F 492 20.59 -10.09 104.71
N GLN F 493 21.54 -10.96 105.01
CA GLN F 493 22.86 -10.56 105.52
C GLN F 493 23.84 -10.14 104.40
N ASN F 494 24.87 -9.39 104.78
CA ASN F 494 25.95 -8.91 103.90
C ASN F 494 25.42 -8.19 102.64
N GLY F 495 26.01 -8.44 101.46
CA GLY F 495 25.65 -7.75 100.21
C GLY F 495 24.35 -8.22 99.52
N GLY F 496 23.61 -9.17 100.10
CA GLY F 496 22.43 -9.77 99.50
C GLY F 496 21.13 -8.94 99.61
N THR F 497 20.05 -9.48 99.05
CA THR F 497 18.68 -8.94 99.14
C THR F 497 17.64 -10.06 99.12
N VAL F 498 16.46 -9.84 99.71
CA VAL F 498 15.45 -10.89 99.96
C VAL F 498 14.80 -11.40 98.66
N ILE F 499 14.55 -12.70 98.61
CA ILE F 499 13.91 -13.46 97.53
C ILE F 499 12.63 -14.11 98.10
N LEU F 500 11.57 -14.20 97.31
CA LEU F 500 10.33 -14.90 97.63
C LEU F 500 10.13 -16.14 96.74
N MET F 501 9.77 -17.26 97.34
CA MET F 501 9.42 -18.54 96.70
C MET F 501 8.15 -19.11 97.33
N ASP F 502 7.52 -20.12 96.73
CA ASP F 502 6.28 -20.72 97.26
C ASP F 502 6.42 -21.12 98.74
N GLY F 503 5.72 -20.40 99.62
CA GLY F 503 5.71 -20.62 101.05
C GLY F 503 6.96 -20.17 101.83
N LYS F 504 7.98 -19.53 101.22
CA LYS F 504 9.16 -19.04 101.96
C LYS F 504 9.81 -17.76 101.40
N CYS F 505 10.26 -16.88 102.29
CA CYS F 505 11.34 -15.91 102.00
C CYS F 505 12.72 -16.55 102.24
N LEU F 506 13.75 -16.10 101.52
CA LEU F 506 15.16 -16.50 101.66
C LEU F 506 16.09 -15.46 100.99
N CYS F 507 17.41 -15.68 100.95
CA CYS F 507 18.27 -15.02 99.96
C CYS F 507 19.50 -15.87 99.57
N ALA F 508 20.08 -15.58 98.41
CA ALA F 508 21.25 -16.28 97.86
C ALA F 508 22.17 -15.31 97.09
N CYS F 509 23.48 -15.55 97.11
CA CYS F 509 24.47 -14.54 96.73
C CYS F 509 25.70 -15.17 96.03
N PRO F 510 25.75 -15.23 94.68
CA PRO F 510 26.94 -15.66 93.94
C PRO F 510 28.15 -14.72 93.94
N PHE F 511 28.59 -14.34 95.15
CA PHE F 511 29.50 -13.21 95.40
C PHE F 511 30.38 -13.39 96.65
N LYS F 512 30.93 -14.59 96.86
CA LYS F 512 31.73 -14.95 98.05
C LYS F 512 30.97 -14.91 99.39
N PHE F 513 29.66 -15.14 99.37
CA PHE F 513 28.81 -15.32 100.55
C PHE F 513 28.03 -16.65 100.49
N GLU F 514 27.70 -17.21 101.66
CA GLU F 514 27.12 -18.54 101.79
C GLU F 514 26.02 -18.62 102.86
N GLY F 515 25.24 -19.71 102.83
CA GLY F 515 24.06 -19.92 103.66
C GLY F 515 22.77 -19.33 103.06
N ILE F 516 21.61 -19.84 103.50
CA ILE F 516 20.26 -19.50 102.97
C ILE F 516 19.79 -18.06 103.30
N ALA F 517 20.59 -17.31 104.06
CA ALA F 517 20.41 -15.89 104.35
C ALA F 517 21.68 -15.06 104.04
N CYS F 518 22.63 -15.60 103.26
CA CYS F 518 23.95 -15.02 102.95
C CYS F 518 24.79 -14.63 104.19
N GLU F 519 24.70 -15.41 105.27
CA GLU F 519 25.22 -15.09 106.60
C GLU F 519 26.75 -15.07 106.72
N ILE F 520 27.47 -15.84 105.90
CA ILE F 520 28.88 -16.18 106.10
C ILE F 520 29.72 -16.03 104.83
N SER F 521 31.05 -15.98 104.97
CA SER F 521 32.00 -15.81 103.86
C SER F 521 33.31 -16.56 104.10
N GLN G 1 -6.16 19.81 -5.55
CA GLN G 1 -6.73 20.23 -6.86
C GLN G 1 -7.88 21.24 -6.66
N GLU G 2 -7.61 22.51 -6.33
CA GLU G 2 -8.68 23.50 -6.26
C GLU G 2 -9.16 23.97 -7.65
N GLN G 3 -8.24 24.07 -8.63
CA GLN G 3 -8.54 24.59 -9.97
C GLN G 3 -8.82 23.46 -10.94
N THR G 4 -9.89 23.53 -11.69
CA THR G 4 -10.27 22.48 -12.65
C THR G 4 -10.99 23.04 -13.86
N TYR G 5 -11.10 22.22 -14.89
CA TYR G 5 -11.82 22.55 -16.11
C TYR G 5 -12.54 21.35 -16.69
N VAL G 6 -13.51 21.60 -17.55
CA VAL G 6 -13.97 20.63 -18.53
C VAL G 6 -14.10 21.36 -19.85
N ILE G 7 -13.61 20.76 -20.91
CA ILE G 7 -14.06 21.04 -22.26
C ILE G 7 -14.97 19.91 -22.64
N SER G 8 -16.05 20.19 -23.33
CA SER G 8 -16.81 19.15 -23.98
C SER G 8 -17.06 19.48 -25.43
N ALA G 9 -17.22 18.43 -26.18
CA ALA G 9 -17.19 18.38 -27.61
C ALA G 9 -17.97 17.15 -28.01
N PRO G 10 -18.43 17.02 -29.25
CA PRO G 10 -19.07 15.79 -29.65
C PRO G 10 -18.02 14.67 -29.69
N LYS G 11 -18.45 13.41 -29.50
CA LYS G 11 -17.55 12.24 -29.55
C LYS G 11 -16.69 12.21 -30.83
N ILE G 12 -17.21 12.76 -31.92
CA ILE G 12 -16.59 12.87 -33.23
C ILE G 12 -16.77 14.32 -33.72
N PHE G 13 -15.72 15.01 -34.19
CA PHE G 13 -15.93 16.28 -34.91
C PHE G 13 -16.31 16.02 -36.37
N ARG G 14 -17.31 16.69 -36.91
CA ARG G 14 -17.66 16.54 -38.34
C ARG G 14 -16.85 17.53 -39.19
N VAL G 15 -16.39 17.09 -40.37
CA VAL G 15 -15.49 17.88 -41.23
C VAL G 15 -16.27 18.95 -41.97
N GLY G 16 -16.00 20.23 -41.69
CA GLY G 16 -16.72 21.40 -42.23
C GLY G 16 -18.03 21.73 -41.50
N ALA G 17 -18.09 21.52 -40.19
CA ALA G 17 -19.33 21.36 -39.45
C ALA G 17 -19.51 22.32 -38.27
N SER G 18 -18.75 23.42 -38.19
CA SER G 18 -19.00 24.50 -37.23
C SER G 18 -19.34 23.97 -35.83
N GLU G 19 -18.50 23.08 -35.33
CA GLU G 19 -18.68 22.39 -34.07
C GLU G 19 -18.66 23.40 -32.93
N ASN G 20 -19.57 23.26 -31.97
CA ASN G 20 -19.72 24.22 -30.89
C ASN G 20 -19.07 23.62 -29.65
N ILE G 21 -17.96 24.19 -29.21
CA ILE G 21 -17.07 23.54 -28.25
C ILE G 21 -17.05 24.38 -27.00
N VAL G 22 -17.45 23.78 -25.89
CA VAL G 22 -17.78 24.48 -24.65
C VAL G 22 -16.68 24.24 -23.66
N ILE G 23 -16.30 25.28 -22.95
CA ILE G 23 -15.41 25.20 -21.82
C ILE G 23 -16.08 25.77 -20.58
N GLN G 24 -15.75 25.18 -19.46
CA GLN G 24 -16.04 25.67 -18.13
C GLN G 24 -14.79 25.53 -17.28
N VAL G 25 -14.57 26.45 -16.36
CA VAL G 25 -13.53 26.34 -15.34
C VAL G 25 -14.09 26.65 -13.97
N TYR G 26 -13.36 26.27 -12.93
CA TYR G 26 -13.78 26.30 -11.54
C TYR G 26 -12.60 26.58 -10.61
N GLY G 27 -12.86 27.01 -9.38
CA GLY G 27 -11.81 27.33 -8.41
C GLY G 27 -11.08 28.64 -8.70
N TYR G 28 -11.63 29.44 -9.62
CA TYR G 28 -11.10 30.74 -10.06
C TYR G 28 -11.90 31.92 -9.48
N THR G 29 -11.20 33.02 -9.19
CA THR G 29 -11.75 34.33 -8.79
C THR G 29 -11.19 35.47 -9.66
N GLU G 30 -10.57 35.15 -10.80
CA GLU G 30 -9.97 36.11 -11.73
C GLU G 30 -10.18 35.65 -13.19
N ALA G 31 -10.50 36.58 -14.09
CA ALA G 31 -10.76 36.29 -15.49
C ALA G 31 -9.48 36.01 -16.30
N PHE G 32 -9.60 35.21 -17.35
CA PHE G 32 -8.54 34.90 -18.31
C PHE G 32 -9.17 34.33 -19.58
N ASP G 33 -8.38 34.02 -20.60
CA ASP G 33 -8.86 33.61 -21.92
C ASP G 33 -8.15 32.35 -22.41
N ALA G 34 -8.71 31.71 -23.43
CA ALA G 34 -8.23 30.42 -23.91
C ALA G 34 -8.48 30.24 -25.40
N THR G 35 -7.48 29.84 -26.16
CA THR G 35 -7.64 29.53 -27.59
C THR G 35 -7.96 28.06 -27.80
N ILE G 36 -9.20 27.66 -27.54
CA ILE G 36 -9.69 26.36 -27.97
C ILE G 36 -9.48 26.22 -29.49
N SER G 37 -8.89 25.11 -29.93
CA SER G 37 -8.37 24.94 -31.29
C SER G 37 -8.50 23.52 -31.81
N ILE G 38 -8.64 23.36 -33.11
CA ILE G 38 -8.60 22.08 -33.82
C ILE G 38 -7.28 22.06 -34.60
N LYS G 39 -6.39 21.09 -34.37
CA LYS G 39 -4.99 21.07 -34.87
C LYS G 39 -4.63 19.78 -35.56
N SER G 40 -3.60 19.86 -36.39
CA SER G 40 -3.02 18.75 -37.14
C SER G 40 -2.49 17.65 -36.23
N TYR G 41 -2.62 16.40 -36.68
CA TYR G 41 -2.26 15.20 -35.93
C TYR G 41 -1.50 14.23 -36.84
N PRO G 42 -0.41 13.59 -36.37
CA PRO G 42 0.18 13.73 -35.03
C PRO G 42 0.95 15.02 -34.77
N ASP G 43 1.19 15.86 -35.79
CA ASP G 43 2.30 16.81 -35.74
C ASP G 43 2.05 18.16 -35.06
N LYS G 44 0.80 18.50 -34.69
CA LYS G 44 0.43 19.58 -33.75
C LYS G 44 1.02 20.96 -34.04
N LYS G 45 1.27 21.28 -35.33
CA LYS G 45 1.93 22.53 -35.79
C LYS G 45 1.06 23.39 -36.72
N PHE G 46 -0.08 22.88 -37.18
CA PHE G 46 -1.04 23.60 -38.01
C PHE G 46 -2.44 23.59 -37.36
N SER G 47 -3.22 24.65 -37.55
CA SER G 47 -4.54 24.82 -36.94
C SER G 47 -5.63 24.91 -37.99
N TYR G 48 -6.57 23.96 -37.99
CA TYR G 48 -7.73 23.98 -38.88
C TYR G 48 -8.81 24.96 -38.44
N SER G 49 -8.79 25.41 -37.18
CA SER G 49 -9.68 26.43 -36.63
C SER G 49 -9.31 26.80 -35.20
N SER G 50 -9.56 28.03 -34.78
CA SER G 50 -9.34 28.45 -33.40
C SER G 50 -10.32 29.53 -32.95
N GLY G 51 -10.61 29.61 -31.65
CA GLY G 51 -11.46 30.62 -31.06
C GLY G 51 -10.91 31.06 -29.71
N HIS G 52 -10.60 32.34 -29.60
CA HIS G 52 -10.10 32.98 -28.40
C HIS G 52 -11.27 33.34 -27.47
N VAL G 53 -11.79 32.35 -26.74
CA VAL G 53 -12.90 32.54 -25.81
C VAL G 53 -12.44 33.28 -24.55
N HIS G 54 -13.27 34.15 -23.98
CA HIS G 54 -12.95 34.87 -22.74
C HIS G 54 -13.71 34.23 -21.57
N LEU G 55 -13.01 33.88 -20.50
CA LEU G 55 -13.58 33.27 -19.31
C LEU G 55 -13.58 34.31 -18.20
N SER G 56 -14.77 34.65 -17.71
CA SER G 56 -14.96 35.78 -16.81
C SER G 56 -16.09 35.54 -15.82
N SER G 57 -16.04 36.26 -14.70
CA SER G 57 -17.10 36.33 -13.70
C SER G 57 -18.45 36.69 -14.33
N GLU G 58 -18.48 37.53 -15.38
CA GLU G 58 -19.67 37.90 -16.14
C GLU G 58 -20.44 36.69 -16.69
N ASN G 59 -19.73 35.71 -17.25
CA ASN G 59 -20.26 34.48 -17.81
C ASN G 59 -20.12 33.29 -16.85
N LYS G 60 -19.77 33.54 -15.58
CA LYS G 60 -19.51 32.53 -14.53
C LYS G 60 -18.57 31.43 -15.03
N PHE G 61 -17.46 31.86 -15.63
CA PHE G 61 -16.37 31.04 -16.13
C PHE G 61 -16.77 30.01 -17.19
N GLN G 62 -17.77 30.31 -18.01
CA GLN G 62 -18.30 29.43 -19.04
C GLN G 62 -18.32 30.09 -20.43
N ASN G 63 -17.83 29.44 -21.48
CA ASN G 63 -17.89 30.00 -22.84
C ASN G 63 -17.91 28.91 -23.90
N SER G 64 -18.27 29.22 -25.14
CA SER G 64 -18.02 28.32 -26.26
C SER G 64 -17.39 29.03 -27.45
N ALA G 65 -16.43 28.36 -28.08
CA ALA G 65 -16.02 28.66 -29.43
C ALA G 65 -16.93 27.91 -30.39
N ILE G 66 -17.08 28.38 -31.61
CA ILE G 66 -17.50 27.53 -32.72
C ILE G 66 -16.30 27.39 -33.64
N LEU G 67 -15.95 26.15 -33.94
CA LEU G 67 -14.72 25.77 -34.62
C LEU G 67 -15.06 24.82 -35.76
N THR G 68 -14.13 24.56 -36.67
CA THR G 68 -14.27 23.39 -37.54
C THR G 68 -12.94 22.86 -38.04
N ILE G 69 -12.89 21.58 -38.40
CA ILE G 69 -11.94 21.20 -39.44
C ILE G 69 -12.41 21.95 -40.68
N GLN G 70 -11.62 22.87 -41.24
CA GLN G 70 -11.94 23.43 -42.55
C GLN G 70 -11.77 22.36 -43.63
N PRO G 71 -12.79 22.05 -44.44
CA PRO G 71 -12.85 20.81 -45.20
C PRO G 71 -11.74 20.71 -46.26
N LYS G 72 -11.41 21.82 -46.93
CA LYS G 72 -10.29 21.90 -47.87
C LYS G 72 -8.90 21.85 -47.24
N GLN G 73 -8.74 22.34 -46.02
CA GLN G 73 -7.45 22.48 -45.36
C GLN G 73 -6.86 21.17 -44.81
N LEU G 74 -7.60 20.05 -44.77
CA LEU G 74 -7.01 18.75 -44.42
C LEU G 74 -5.92 18.34 -45.43
N PRO G 75 -4.78 17.79 -44.98
CA PRO G 75 -3.68 17.45 -45.89
C PRO G 75 -4.03 16.35 -46.89
N GLY G 76 -5.03 15.50 -46.57
CA GLY G 76 -5.80 14.76 -47.56
C GLY G 76 -5.00 13.88 -48.52
N GLY G 77 -5.43 13.85 -49.78
CA GLY G 77 -4.92 12.94 -50.82
C GLY G 77 -5.60 11.58 -50.79
N GLN G 78 -4.87 10.55 -51.22
CA GLN G 78 -5.38 9.19 -51.42
C GLN G 78 -5.96 8.54 -50.16
N ASN G 79 -5.51 8.91 -48.96
CA ASN G 79 -6.04 8.43 -47.68
C ASN G 79 -6.56 9.58 -46.80
N PRO G 80 -7.62 9.38 -46.00
CA PRO G 80 -8.15 10.38 -45.06
C PRO G 80 -7.32 10.52 -43.78
N VAL G 81 -7.26 11.72 -43.21
CA VAL G 81 -6.84 11.92 -41.82
C VAL G 81 -7.95 11.46 -40.90
N SER G 82 -7.71 10.44 -40.09
CA SER G 82 -8.73 9.79 -39.25
C SER G 82 -8.76 10.31 -37.82
N TYR G 83 -7.80 11.12 -37.43
CA TYR G 83 -7.67 11.69 -36.10
C TYR G 83 -7.09 13.10 -36.16
N VAL G 84 -7.38 13.89 -35.14
CA VAL G 84 -7.08 15.30 -34.98
C VAL G 84 -6.88 15.57 -33.52
N TYR G 85 -6.29 16.70 -33.20
CA TYR G 85 -6.07 17.09 -31.85
C TYR G 85 -6.89 18.33 -31.58
N LEU G 86 -7.37 18.44 -30.35
CA LEU G 86 -8.17 19.53 -29.85
C LEU G 86 -7.37 20.01 -28.69
N GLU G 87 -7.07 21.27 -28.72
CA GLU G 87 -6.09 21.88 -27.85
C GLU G 87 -6.65 23.13 -27.29
N VAL G 88 -6.28 23.37 -26.07
CA VAL G 88 -6.62 24.55 -25.35
C VAL G 88 -5.32 25.04 -24.85
N VAL G 89 -5.16 26.33 -24.93
CA VAL G 89 -4.01 27.02 -24.41
C VAL G 89 -4.64 28.12 -23.65
N SER G 90 -4.90 27.86 -22.38
CA SER G 90 -5.24 28.94 -21.48
C SER G 90 -3.98 29.41 -20.79
N LYS G 91 -4.04 30.57 -20.17
CA LYS G 91 -3.00 31.12 -19.30
C LYS G 91 -2.49 30.08 -18.30
N HIS G 92 -3.35 29.15 -17.88
CA HIS G 92 -3.20 28.24 -16.76
C HIS G 92 -3.05 26.76 -17.13
N PHE G 93 -3.48 26.34 -18.33
CA PHE G 93 -3.46 24.95 -18.73
C PHE G 93 -3.43 24.74 -20.23
N SER G 94 -2.79 23.66 -20.66
CA SER G 94 -2.98 23.10 -21.97
C SER G 94 -3.19 21.61 -21.91
N LYS G 95 -4.05 21.08 -22.75
CA LYS G 95 -4.00 19.69 -23.12
C LYS G 95 -4.43 19.57 -24.55
N SER G 96 -3.81 18.66 -25.28
CA SER G 96 -4.38 18.07 -26.46
C SER G 96 -5.32 16.93 -26.07
N LYS G 97 -5.99 16.33 -27.02
CA LYS G 97 -6.65 15.03 -26.91
C LYS G 97 -6.97 14.59 -28.29
N ARG G 98 -6.68 13.34 -28.64
CA ARG G 98 -6.96 12.81 -29.97
C ARG G 98 -8.45 12.55 -30.15
N MET G 99 -9.17 13.60 -30.49
CA MET G 99 -10.55 13.54 -30.95
C MET G 99 -10.63 12.92 -32.35
N PRO G 100 -11.53 11.99 -32.63
CA PRO G 100 -11.81 11.58 -33.98
C PRO G 100 -12.42 12.72 -34.80
N ILE G 101 -12.33 12.58 -36.13
CA ILE G 101 -13.13 13.37 -37.07
C ILE G 101 -13.92 12.46 -37.99
N THR G 102 -15.03 12.93 -38.53
CA THR G 102 -15.70 12.23 -39.59
C THR G 102 -16.13 13.13 -40.73
N TYR G 103 -15.87 12.64 -41.93
CA TYR G 103 -16.26 13.22 -43.19
C TYR G 103 -17.76 13.09 -43.41
N ASP G 104 -18.45 12.33 -42.55
CA ASP G 104 -19.90 12.33 -42.41
C ASP G 104 -20.35 13.63 -41.75
N ASN G 105 -20.52 14.68 -42.54
CA ASN G 105 -20.96 15.99 -42.10
C ASN G 105 -22.36 16.30 -42.61
N GLY G 106 -23.19 16.87 -41.73
CA GLY G 106 -24.53 17.27 -42.06
C GLY G 106 -25.36 16.09 -42.53
N PHE G 107 -26.24 16.32 -43.47
CA PHE G 107 -27.26 15.40 -43.86
C PHE G 107 -27.49 15.48 -45.34
N LEU G 108 -27.91 14.35 -45.87
CA LEU G 108 -28.41 14.26 -47.21
C LEU G 108 -29.69 13.47 -47.09
N PHE G 109 -30.76 13.98 -47.67
CA PHE G 109 -32.05 13.34 -47.70
C PHE G 109 -32.48 13.35 -49.14
N ILE G 110 -33.09 12.28 -49.60
CA ILE G 110 -33.20 12.02 -51.01
C ILE G 110 -34.67 11.75 -51.24
N HIS G 111 -35.25 12.56 -52.11
CA HIS G 111 -36.64 12.53 -52.41
C HIS G 111 -36.81 12.19 -53.86
N THR G 112 -37.50 11.09 -54.07
CA THR G 112 -37.78 10.56 -55.38
C THR G 112 -39.24 10.86 -55.70
N ASP G 113 -39.54 11.31 -56.92
CA ASP G 113 -40.90 11.77 -57.26
C ASP G 113 -41.97 10.67 -57.12
N LYS G 114 -41.53 9.43 -56.97
CA LYS G 114 -42.28 8.27 -56.52
C LYS G 114 -41.33 7.37 -55.70
N PRO G 115 -41.81 6.55 -54.77
CA PRO G 115 -41.04 5.41 -54.30
C PRO G 115 -40.96 4.24 -55.30
N VAL G 116 -41.80 4.17 -56.34
CA VAL G 116 -41.75 3.12 -57.39
C VAL G 116 -41.66 3.64 -58.81
N TYR G 117 -41.08 2.84 -59.71
CA TYR G 117 -41.06 3.10 -61.16
C TYR G 117 -41.30 1.85 -61.97
N THR G 118 -41.76 2.03 -63.18
CA THR G 118 -41.64 1.00 -64.21
C THR G 118 -40.40 1.24 -65.07
N PRO G 119 -40.02 0.30 -65.95
CA PRO G 119 -39.24 0.58 -67.14
C PRO G 119 -39.83 1.71 -67.98
N ASP G 120 -38.99 2.32 -68.82
CA ASP G 120 -39.34 3.48 -69.65
C ASP G 120 -39.99 4.61 -68.83
N GLN G 121 -39.30 4.97 -67.75
CA GLN G 121 -39.53 6.11 -66.89
C GLN G 121 -38.18 6.71 -66.50
N SER G 122 -38.17 7.80 -65.77
CA SER G 122 -36.94 8.50 -65.39
C SER G 122 -37.04 8.97 -63.96
N VAL G 123 -36.02 8.70 -63.16
CA VAL G 123 -36.19 8.67 -61.71
C VAL G 123 -35.99 10.00 -61.02
N LYS G 124 -35.70 11.05 -61.78
CA LYS G 124 -36.01 12.46 -61.43
C LYS G 124 -35.74 12.84 -59.97
N VAL G 125 -34.68 12.30 -59.41
CA VAL G 125 -34.34 12.52 -58.02
C VAL G 125 -34.07 13.98 -57.76
N ARG G 126 -34.39 14.43 -56.57
CA ARG G 126 -33.87 15.63 -55.97
C ARG G 126 -33.39 15.32 -54.57
N VAL G 127 -32.39 16.04 -54.14
CA VAL G 127 -31.66 15.77 -52.92
C VAL G 127 -31.56 17.05 -52.14
N TYR G 128 -31.59 16.95 -50.83
CA TYR G 128 -31.68 18.07 -49.93
C TYR G 128 -30.45 17.95 -49.08
N SER G 129 -29.67 19.01 -49.02
CA SER G 129 -28.30 18.97 -48.57
C SER G 129 -28.12 20.05 -47.53
N LEU G 130 -27.70 19.65 -46.33
CA LEU G 130 -27.77 20.52 -45.18
C LEU G 130 -26.61 20.25 -44.24
N ASN G 131 -26.07 21.30 -43.65
CA ASN G 131 -25.06 21.24 -42.60
C ASN G 131 -25.62 20.56 -41.36
N ASP G 132 -24.79 20.32 -40.35
CA ASP G 132 -25.28 19.88 -39.05
C ASP G 132 -25.98 21.02 -38.26
N ASP G 133 -25.66 22.29 -38.56
CA ASP G 133 -26.51 23.46 -38.27
C ASP G 133 -27.90 23.35 -38.91
N LEU G 134 -28.09 22.45 -39.88
CA LEU G 134 -29.29 22.28 -40.71
C LEU G 134 -29.63 23.49 -41.60
N LYS G 135 -28.72 24.47 -41.69
CA LYS G 135 -28.62 25.41 -42.82
C LYS G 135 -28.36 24.61 -44.10
N PRO G 136 -28.85 24.99 -45.28
CA PRO G 136 -28.46 24.34 -46.52
C PRO G 136 -26.94 24.46 -46.78
N ALA G 137 -26.33 23.43 -47.38
CA ALA G 137 -24.86 23.32 -47.44
C ALA G 137 -24.17 24.07 -48.61
N LYS G 138 -24.77 24.07 -49.80
CA LYS G 138 -24.21 24.65 -51.03
C LYS G 138 -22.84 24.05 -51.45
N ARG G 139 -22.73 22.72 -51.39
CA ARG G 139 -21.59 21.90 -51.88
C ARG G 139 -21.94 21.13 -53.15
N GLU G 140 -21.08 21.14 -54.15
CA GLU G 140 -21.21 20.24 -55.28
C GLU G 140 -21.36 18.80 -54.82
N THR G 141 -22.19 18.06 -55.52
CA THR G 141 -22.63 16.74 -55.09
C THR G 141 -22.72 15.83 -56.27
N VAL G 142 -22.47 14.55 -56.04
CA VAL G 142 -22.43 13.51 -57.05
C VAL G 142 -23.29 12.36 -56.57
N LEU G 143 -24.08 11.79 -57.45
CA LEU G 143 -25.16 10.92 -57.06
C LEU G 143 -24.97 9.54 -57.63
N THR G 144 -24.78 8.57 -56.75
CA THR G 144 -24.32 7.23 -57.11
C THR G 144 -25.52 6.30 -57.21
N PHE G 145 -26.05 6.11 -58.41
CA PHE G 145 -27.11 5.13 -58.60
C PHE G 145 -26.53 3.71 -58.59
N ILE G 146 -27.06 2.87 -57.72
CA ILE G 146 -26.68 1.47 -57.50
C ILE G 146 -27.78 0.54 -58.00
N ASP G 147 -27.42 -0.48 -58.75
CA ASP G 147 -28.28 -1.56 -59.23
C ASP G 147 -28.89 -2.35 -58.05
N PRO G 148 -29.84 -3.27 -58.26
CA PRO G 148 -30.21 -4.24 -57.25
C PRO G 148 -29.08 -5.25 -56.98
N GLU G 149 -28.25 -5.51 -58.00
CA GLU G 149 -27.12 -6.44 -57.95
C GLU G 149 -25.85 -5.83 -57.31
N GLY G 150 -25.95 -4.66 -56.67
CA GLY G 150 -24.89 -4.02 -55.90
C GLY G 150 -23.80 -3.31 -56.70
N SER G 151 -23.81 -3.42 -58.04
CA SER G 151 -22.96 -2.63 -58.93
C SER G 151 -23.41 -1.18 -59.04
N GLU G 152 -22.47 -0.26 -59.22
CA GLU G 152 -22.76 1.14 -59.54
C GLU G 152 -23.08 1.28 -61.03
N VAL G 153 -24.07 2.10 -61.38
CA VAL G 153 -24.54 2.25 -62.77
C VAL G 153 -24.46 3.68 -63.26
N ASP G 154 -24.50 4.67 -62.38
CA ASP G 154 -24.27 6.06 -62.76
C ASP G 154 -23.63 6.83 -61.60
N MET G 155 -22.78 7.79 -61.97
CA MET G 155 -22.48 8.93 -61.12
C MET G 155 -22.68 10.18 -61.97
N VAL G 156 -23.51 11.08 -61.44
CA VAL G 156 -23.95 12.34 -62.05
C VAL G 156 -23.73 13.42 -61.02
N GLU G 157 -23.38 14.62 -61.42
CA GLU G 157 -22.99 15.68 -60.51
C GLU G 157 -23.76 16.97 -60.78
N GLU G 158 -24.07 17.70 -59.73
CA GLU G 158 -24.64 19.04 -59.83
C GLU G 158 -24.18 19.90 -58.65
N ILE G 159 -24.06 21.19 -58.88
CA ILE G 159 -23.72 22.15 -57.83
C ILE G 159 -24.95 22.34 -56.96
N ASP G 160 -24.82 22.23 -55.64
CA ASP G 160 -25.86 22.64 -54.72
C ASP G 160 -25.94 24.17 -54.72
N HIS G 161 -26.75 24.72 -55.61
CA HIS G 161 -26.80 26.16 -55.83
C HIS G 161 -27.93 26.81 -55.01
N ILE G 162 -29.10 26.19 -54.91
CA ILE G 162 -30.19 26.68 -54.05
C ILE G 162 -29.85 26.52 -52.56
N GLY G 163 -29.26 25.37 -52.22
CA GLY G 163 -29.39 24.72 -50.91
C GLY G 163 -30.23 23.43 -51.00
N ILE G 164 -30.53 23.01 -52.22
CA ILE G 164 -31.30 21.90 -52.74
C ILE G 164 -30.62 21.55 -54.05
N ILE G 165 -30.67 20.30 -54.49
CA ILE G 165 -29.93 19.83 -55.66
C ILE G 165 -30.84 18.92 -56.46
N SER G 166 -31.35 19.43 -57.57
CA SER G 166 -31.92 18.59 -58.63
C SER G 166 -30.83 17.76 -59.30
N PHE G 167 -31.18 16.70 -60.02
CA PHE G 167 -30.27 16.07 -60.97
C PHE G 167 -31.00 15.72 -62.27
N PRO G 168 -30.28 15.58 -63.39
CA PRO G 168 -30.85 15.05 -64.62
C PRO G 168 -31.52 13.72 -64.35
N ASP G 169 -32.60 13.39 -65.06
CA ASP G 169 -33.54 12.41 -64.55
C ASP G 169 -33.01 10.97 -64.36
N PHE G 170 -31.83 10.62 -64.86
CA PHE G 170 -31.33 9.25 -64.88
C PHE G 170 -32.35 8.31 -65.50
N LYS G 171 -32.70 8.59 -66.77
CA LYS G 171 -33.58 7.74 -67.57
C LYS G 171 -33.21 6.28 -67.35
N ILE G 172 -34.18 5.45 -66.97
CA ILE G 172 -33.95 4.05 -66.61
C ILE G 172 -33.15 3.36 -67.73
N PRO G 173 -31.95 2.83 -67.45
CA PRO G 173 -31.14 2.10 -68.42
C PRO G 173 -31.93 1.05 -69.18
N SER G 174 -31.67 0.94 -70.49
CA SER G 174 -32.62 0.46 -71.51
C SER G 174 -33.37 -0.86 -71.23
N ASN G 175 -32.80 -1.74 -70.43
CA ASN G 175 -33.49 -2.90 -69.86
C ASN G 175 -32.92 -3.14 -68.45
N PRO G 176 -33.54 -2.60 -67.41
CA PRO G 176 -32.95 -2.55 -66.07
C PRO G 176 -33.02 -3.91 -65.37
N ARG G 177 -32.17 -4.11 -64.36
CA ARG G 177 -32.38 -5.15 -63.34
C ARG G 177 -33.48 -4.66 -62.40
N TYR G 178 -34.62 -5.33 -62.39
CA TYR G 178 -35.71 -5.01 -61.47
C TYR G 178 -35.27 -5.24 -60.03
N GLY G 179 -35.83 -4.51 -59.09
CA GLY G 179 -35.47 -4.62 -57.68
C GLY G 179 -35.14 -3.28 -57.07
N MET G 180 -34.67 -3.29 -55.84
CA MET G 180 -34.38 -2.09 -55.10
C MET G 180 -33.05 -1.51 -55.55
N TRP G 181 -33.09 -0.60 -56.52
CA TRP G 181 -31.95 0.27 -56.77
C TRP G 181 -31.78 1.19 -55.58
N THR G 182 -30.71 1.96 -55.55
CA THR G 182 -30.37 2.77 -54.40
C THR G 182 -29.58 3.98 -54.83
N ILE G 183 -29.67 5.03 -54.05
CA ILE G 183 -29.11 6.34 -54.34
C ILE G 183 -28.12 6.64 -53.24
N LYS G 184 -26.85 6.30 -53.43
CA LYS G 184 -25.81 6.76 -52.51
C LYS G 184 -25.44 8.17 -52.93
N ALA G 185 -26.14 9.13 -52.38
CA ALA G 185 -25.84 10.52 -52.63
C ALA G 185 -24.51 10.84 -51.96
N LYS G 186 -23.48 11.14 -52.75
CA LYS G 186 -22.16 11.48 -52.24
C LYS G 186 -21.90 12.95 -52.49
N TYR G 187 -21.62 13.72 -51.44
CA TYR G 187 -20.89 14.95 -51.64
C TYR G 187 -19.63 14.67 -52.46
N LYS G 188 -19.37 15.48 -53.50
CA LYS G 188 -18.04 15.57 -54.10
C LYS G 188 -17.11 16.27 -53.10
N GLU G 189 -15.83 16.35 -53.38
CA GLU G 189 -14.87 16.97 -52.46
C GLU G 189 -14.87 16.28 -51.09
N ASP G 190 -14.74 16.99 -49.98
CA ASP G 190 -14.22 16.42 -48.75
C ASP G 190 -15.12 15.41 -48.03
N PHE G 191 -16.44 15.42 -48.27
CA PHE G 191 -17.42 14.85 -47.35
C PHE G 191 -17.91 13.45 -47.78
N SER G 192 -18.04 12.53 -46.82
CA SER G 192 -18.43 11.13 -47.01
C SER G 192 -19.90 10.82 -46.67
N THR G 193 -20.71 11.81 -46.30
CA THR G 193 -21.97 11.67 -45.54
C THR G 193 -22.89 10.58 -46.02
N THR G 194 -23.05 10.40 -47.33
CA THR G 194 -23.71 9.21 -47.92
C THR G 194 -25.03 8.84 -47.23
N GLY G 195 -25.89 9.82 -46.99
CA GLY G 195 -27.31 9.54 -46.81
C GLY G 195 -27.79 8.74 -48.01
N THR G 196 -28.65 7.76 -47.79
CA THR G 196 -28.95 6.75 -48.79
C THR G 196 -30.42 6.42 -48.80
N ALA G 197 -30.99 6.19 -49.99
CA ALA G 197 -32.42 6.01 -50.18
C ALA G 197 -32.70 5.12 -51.37
N TYR G 198 -33.92 4.66 -51.47
CA TYR G 198 -34.23 3.43 -52.17
C TYR G 198 -35.46 3.59 -53.02
N PHE G 199 -35.48 2.95 -54.16
CA PHE G 199 -36.59 2.96 -55.09
C PHE G 199 -36.60 1.63 -55.81
N GLU G 200 -37.76 1.18 -56.22
CA GLU G 200 -37.85 -0.14 -56.81
C GLU G 200 -38.47 -0.06 -58.20
N VAL G 201 -37.73 -0.61 -59.15
CA VAL G 201 -38.23 -0.83 -60.49
C VAL G 201 -39.10 -2.09 -60.48
N LYS G 202 -40.38 -1.95 -60.84
CA LYS G 202 -41.36 -3.03 -61.01
C LYS G 202 -42.23 -2.79 -62.23
N GLU G 203 -42.56 -3.83 -62.98
CA GLU G 203 -43.62 -3.74 -64.00
C GLU G 203 -45.01 -3.59 -63.32
N TYR G 204 -45.70 -2.45 -63.40
CA TYR G 204 -47.02 -2.28 -62.74
C TYR G 204 -47.94 -1.26 -63.41
N VAL G 205 -49.25 -1.39 -63.16
CA VAL G 205 -50.30 -0.37 -63.35
C VAL G 205 -50.74 0.09 -61.97
N LEU G 206 -51.04 1.37 -61.75
CA LEU G 206 -51.44 1.79 -60.40
C LEU G 206 -52.75 1.13 -59.95
N PRO G 207 -52.88 0.82 -58.64
CA PRO G 207 -54.06 0.16 -58.08
C PRO G 207 -55.29 1.05 -58.17
N HIS G 208 -56.48 0.45 -58.26
CA HIS G 208 -57.72 1.23 -58.21
C HIS G 208 -58.10 1.61 -56.77
N PHE G 209 -57.85 0.72 -55.81
CA PHE G 209 -58.21 0.94 -54.40
C PHE G 209 -57.16 0.36 -53.44
N SER G 210 -57.13 0.89 -52.22
CA SER G 210 -56.32 0.37 -51.14
C SER G 210 -57.00 -0.85 -50.53
N VAL G 211 -56.20 -1.82 -50.08
CA VAL G 211 -56.64 -3.00 -49.30
C VAL G 211 -55.70 -3.15 -48.13
N SER G 212 -56.23 -3.44 -46.95
CA SER G 212 -55.45 -3.56 -45.72
C SER G 212 -56.04 -4.64 -44.81
N ILE G 213 -55.16 -5.23 -43.99
CA ILE G 213 -55.48 -6.37 -43.14
C ILE G 213 -55.03 -6.05 -41.71
N GLU G 214 -55.95 -6.25 -40.75
CA GLU G 214 -55.76 -5.85 -39.35
C GLU G 214 -56.37 -6.86 -38.36
N PRO G 215 -55.55 -7.73 -37.74
CA PRO G 215 -55.88 -8.47 -36.51
C PRO G 215 -55.36 -7.70 -35.28
N GLU G 216 -55.75 -8.15 -34.09
CA GLU G 216 -55.21 -7.59 -32.84
C GLU G 216 -53.80 -8.12 -32.49
N TYR G 217 -53.43 -9.34 -32.92
CA TYR G 217 -52.25 -10.03 -32.39
C TYR G 217 -51.10 -10.31 -33.37
N ASN G 218 -51.33 -10.39 -34.68
CA ASN G 218 -50.32 -10.81 -35.69
C ASN G 218 -49.60 -12.14 -35.38
N PHE G 219 -50.19 -13.00 -34.55
CA PHE G 219 -49.69 -14.33 -34.24
C PHE G 219 -50.83 -15.31 -33.93
N ILE G 220 -50.55 -16.59 -34.14
CA ILE G 220 -51.33 -17.75 -33.72
C ILE G 220 -50.60 -18.44 -32.56
N GLY G 221 -51.35 -18.69 -31.49
CA GLY G 221 -50.88 -19.32 -30.26
C GLY G 221 -52.04 -19.55 -29.28
N TYR G 222 -51.72 -19.77 -28.01
CA TYR G 222 -52.64 -20.35 -27.04
C TYR G 222 -53.99 -19.64 -26.95
N LYS G 223 -53.99 -18.31 -27.06
CA LYS G 223 -55.18 -17.47 -26.96
C LYS G 223 -56.16 -17.66 -28.10
N ASN G 224 -55.69 -18.10 -29.27
CA ASN G 224 -56.45 -18.04 -30.52
C ASN G 224 -56.21 -19.20 -31.52
N PHE G 225 -55.43 -20.23 -31.25
CA PHE G 225 -55.10 -21.21 -32.29
C PHE G 225 -56.35 -21.94 -32.83
N LYS G 226 -57.35 -22.17 -31.98
CA LYS G 226 -58.68 -22.69 -32.35
C LYS G 226 -59.52 -21.71 -33.17
N ASN G 227 -59.29 -20.40 -33.04
CA ASN G 227 -60.02 -19.31 -33.69
C ASN G 227 -59.19 -18.02 -33.66
N PHE G 228 -58.51 -17.73 -34.77
CA PHE G 228 -57.74 -16.52 -35.01
C PHE G 228 -58.55 -15.57 -35.87
N GLU G 229 -58.62 -14.28 -35.54
CA GLU G 229 -59.72 -13.41 -35.99
C GLU G 229 -59.20 -12.05 -36.48
N ILE G 230 -59.57 -11.67 -37.70
CA ILE G 230 -58.84 -10.66 -38.51
C ILE G 230 -59.76 -9.86 -39.45
N THR G 231 -59.43 -8.58 -39.67
CA THR G 231 -60.21 -7.64 -40.50
C THR G 231 -59.62 -7.56 -41.89
N ILE G 232 -60.44 -7.61 -42.93
CA ILE G 232 -60.07 -7.28 -44.29
C ILE G 232 -60.84 -5.99 -44.64
N LYS G 233 -60.16 -4.94 -45.11
CA LYS G 233 -60.79 -3.63 -45.37
C LYS G 233 -60.25 -2.98 -46.63
N ALA G 234 -61.06 -2.17 -47.30
CA ALA G 234 -60.73 -1.58 -48.60
C ALA G 234 -61.39 -0.21 -48.84
N ARG G 235 -60.62 0.74 -49.38
CA ARG G 235 -61.04 2.12 -49.66
C ARG G 235 -60.52 2.59 -51.01
N TYR G 236 -61.37 3.29 -51.75
CA TYR G 236 -60.96 3.97 -52.96
C TYR G 236 -59.97 5.09 -52.63
N PHE G 237 -59.03 5.37 -53.54
CA PHE G 237 -58.04 6.42 -53.35
C PHE G 237 -58.63 7.83 -53.38
N TYR G 238 -59.93 8.00 -53.60
CA TYR G 238 -60.70 9.22 -53.35
C TYR G 238 -61.40 9.26 -51.97
N ASN G 239 -60.89 8.51 -50.98
CA ASN G 239 -61.34 8.46 -49.59
C ASN G 239 -62.84 8.15 -49.38
N LYS G 240 -63.27 7.04 -49.96
CA LYS G 240 -64.60 6.46 -49.82
C LYS G 240 -64.49 4.93 -49.72
N VAL G 241 -65.35 4.28 -48.94
CA VAL G 241 -65.33 2.82 -48.77
C VAL G 241 -65.69 2.08 -50.05
N VAL G 242 -65.01 0.96 -50.33
CA VAL G 242 -65.39 0.08 -51.43
C VAL G 242 -66.77 -0.49 -51.14
N THR G 243 -67.71 -0.32 -52.08
CA THR G 243 -69.14 -0.56 -51.79
C THR G 243 -69.40 -2.05 -51.55
N GLU G 244 -69.03 -2.89 -52.52
CA GLU G 244 -69.09 -4.34 -52.45
C GLU G 244 -67.87 -4.95 -53.12
N ALA G 245 -67.23 -5.91 -52.47
CA ALA G 245 -66.19 -6.72 -53.09
C ALA G 245 -66.25 -8.18 -52.60
N ASP G 246 -66.02 -9.09 -53.55
CA ASP G 246 -65.80 -10.51 -53.29
C ASP G 246 -64.35 -10.67 -52.80
N VAL G 247 -64.12 -11.45 -51.74
CA VAL G 247 -62.77 -11.65 -51.19
C VAL G 247 -62.44 -13.13 -51.10
N TYR G 248 -61.28 -13.52 -51.59
CA TYR G 248 -60.66 -14.80 -51.29
C TYR G 248 -59.56 -14.59 -50.26
N ILE G 249 -59.51 -15.45 -49.27
CA ILE G 249 -58.39 -15.57 -48.33
C ILE G 249 -57.62 -16.85 -48.66
N THR G 250 -56.33 -16.72 -48.88
CA THR G 250 -55.39 -17.83 -48.96
C THR G 250 -54.72 -17.98 -47.61
N PHE G 251 -54.68 -19.19 -47.07
CA PHE G 251 -53.86 -19.58 -45.92
C PHE G 251 -52.80 -20.60 -46.37
N GLY G 252 -51.52 -20.35 -46.11
CA GLY G 252 -50.44 -21.30 -46.39
C GLY G 252 -49.42 -21.35 -45.26
N ILE G 253 -49.02 -22.56 -44.85
CA ILE G 253 -47.95 -22.71 -43.87
C ILE G 253 -46.65 -22.24 -44.53
N ARG G 254 -45.84 -21.48 -43.79
CA ARG G 254 -44.58 -20.91 -44.26
C ARG G 254 -43.49 -21.11 -43.21
N GLU G 255 -42.34 -21.58 -43.64
CA GLU G 255 -41.25 -21.93 -42.73
C GLU G 255 -40.54 -20.71 -42.14
N ASP G 256 -40.55 -19.57 -42.84
CA ASP G 256 -39.89 -18.34 -42.42
C ASP G 256 -40.45 -17.10 -43.15
N LEU G 257 -40.15 -15.91 -42.63
CA LEU G 257 -40.46 -14.63 -43.27
C LEU G 257 -39.59 -14.34 -44.51
N LYS G 258 -38.47 -15.06 -44.69
CA LYS G 258 -37.45 -14.80 -45.73
C LYS G 258 -37.90 -15.25 -47.12
N ASP G 259 -38.11 -16.54 -47.31
CA ASP G 259 -38.47 -17.15 -48.58
C ASP G 259 -38.89 -18.60 -48.37
N ASP G 260 -39.99 -19.02 -48.99
CA ASP G 260 -40.22 -20.42 -49.38
C ASP G 260 -41.23 -20.48 -50.54
N GLN G 261 -41.45 -21.69 -51.08
CA GLN G 261 -42.50 -22.00 -52.04
C GLN G 261 -43.53 -23.02 -51.49
N LYS G 262 -43.81 -22.97 -50.18
CA LYS G 262 -44.85 -23.83 -49.56
C LYS G 262 -46.25 -23.49 -50.10
N GLU G 263 -47.17 -24.44 -49.94
CA GLU G 263 -48.51 -24.41 -50.54
C GLU G 263 -49.61 -23.96 -49.59
N MET G 264 -50.81 -23.76 -50.14
CA MET G 264 -52.01 -23.41 -49.39
C MET G 264 -52.77 -24.63 -48.86
N MET G 265 -53.60 -24.39 -47.84
CA MET G 265 -54.58 -25.35 -47.35
C MET G 265 -55.56 -25.74 -48.47
N GLN G 266 -55.56 -27.01 -48.90
CA GLN G 266 -56.41 -27.54 -49.99
C GLN G 266 -57.92 -27.44 -49.68
N THR G 267 -58.27 -27.54 -48.40
CA THR G 267 -59.58 -27.26 -47.82
C THR G 267 -59.35 -26.59 -46.47
N ALA G 268 -60.36 -25.93 -45.90
CA ALA G 268 -60.16 -24.86 -44.91
C ALA G 268 -59.38 -23.64 -45.47
N MET G 269 -59.49 -23.40 -46.79
CA MET G 269 -59.41 -22.03 -47.34
C MET G 269 -60.70 -21.27 -47.02
N GLN G 270 -60.73 -19.94 -47.15
CA GLN G 270 -61.87 -19.14 -46.71
C GLN G 270 -62.25 -18.04 -47.72
N ASN G 271 -63.53 -17.96 -48.07
CA ASN G 271 -64.11 -16.77 -48.71
C ASN G 271 -64.65 -15.81 -47.65
N THR G 272 -64.77 -14.52 -47.98
CA THR G 272 -65.55 -13.56 -47.19
C THR G 272 -66.13 -12.47 -48.08
N MET G 273 -67.12 -11.73 -47.60
CA MET G 273 -67.72 -10.60 -48.33
C MET G 273 -67.28 -9.27 -47.70
N LEU G 274 -66.81 -8.35 -48.54
CA LEU G 274 -66.52 -6.99 -48.14
C LEU G 274 -67.69 -6.10 -48.57
N ILE G 275 -68.31 -5.45 -47.58
CA ILE G 275 -69.47 -4.57 -47.77
C ILE G 275 -69.26 -3.31 -46.94
N ASN G 276 -69.58 -2.14 -47.48
CA ASN G 276 -69.31 -0.86 -46.82
C ASN G 276 -67.83 -0.72 -46.38
N GLY G 277 -66.91 -1.19 -47.23
CA GLY G 277 -65.46 -1.10 -47.02
C GLY G 277 -64.82 -2.14 -46.11
N ILE G 278 -65.57 -3.05 -45.48
CA ILE G 278 -65.05 -3.96 -44.47
C ILE G 278 -65.59 -5.39 -44.66
N ALA G 279 -64.78 -6.37 -44.28
CA ALA G 279 -65.07 -7.78 -44.16
C ALA G 279 -64.38 -8.35 -42.91
N GLN G 280 -64.87 -9.49 -42.40
CA GLN G 280 -64.24 -10.21 -41.29
C GLN G 280 -63.89 -11.64 -41.72
N VAL G 281 -62.83 -12.18 -41.12
CA VAL G 281 -62.28 -13.50 -41.39
C VAL G 281 -61.90 -14.11 -40.06
N THR G 282 -62.15 -15.41 -39.91
CA THR G 282 -61.82 -16.17 -38.71
C THR G 282 -61.20 -17.51 -39.10
N PHE G 283 -59.90 -17.64 -38.94
CA PHE G 283 -59.17 -18.86 -39.24
C PHE G 283 -59.16 -19.78 -38.02
N ASP G 284 -59.90 -20.88 -38.05
CA ASP G 284 -59.79 -21.94 -37.05
C ASP G 284 -58.55 -22.79 -37.33
N SER G 285 -57.39 -22.22 -36.98
CA SER G 285 -56.08 -22.71 -37.39
C SER G 285 -55.75 -24.10 -36.84
N GLU G 286 -56.20 -24.46 -35.65
CA GLU G 286 -56.21 -25.86 -35.23
C GLU G 286 -56.95 -26.76 -36.22
N THR G 287 -58.17 -26.41 -36.64
CA THR G 287 -59.00 -27.26 -37.51
C THR G 287 -58.33 -27.51 -38.85
N ALA G 288 -57.75 -26.48 -39.45
CA ALA G 288 -56.95 -26.63 -40.66
C ALA G 288 -55.68 -27.44 -40.41
N VAL G 289 -54.86 -27.05 -39.43
CA VAL G 289 -53.55 -27.68 -39.20
C VAL G 289 -53.69 -29.16 -38.84
N LYS G 290 -54.56 -29.50 -37.89
CA LYS G 290 -54.78 -30.89 -37.46
C LYS G 290 -55.41 -31.78 -38.53
N GLU G 291 -56.13 -31.20 -39.49
CA GLU G 291 -56.71 -31.93 -40.62
C GLU G 291 -55.75 -32.12 -41.81
N LEU G 292 -54.94 -31.11 -42.15
CA LEU G 292 -54.14 -31.09 -43.39
C LEU G 292 -52.62 -31.19 -43.18
N SER G 293 -52.09 -31.00 -41.98
CA SER G 293 -50.69 -30.60 -41.77
C SER G 293 -49.99 -31.38 -40.66
N TYR G 294 -48.66 -31.34 -40.67
CA TYR G 294 -47.79 -32.03 -39.72
C TYR G 294 -47.83 -31.44 -38.31
N TYR G 295 -48.22 -30.17 -38.17
CA TYR G 295 -48.03 -29.40 -36.95
C TYR G 295 -49.12 -29.60 -35.90
N SER G 296 -49.46 -30.86 -35.58
CA SER G 296 -50.65 -31.24 -34.81
C SER G 296 -50.73 -30.64 -33.40
N LEU G 297 -49.63 -30.16 -32.84
CA LEU G 297 -49.56 -29.67 -31.47
C LEU G 297 -48.97 -28.25 -31.41
N GLU G 298 -49.56 -27.42 -30.54
CA GLU G 298 -49.19 -26.02 -30.33
C GLU G 298 -47.78 -25.80 -29.77
N ASP G 299 -47.17 -26.85 -29.26
CA ASP G 299 -45.80 -26.89 -28.76
C ASP G 299 -44.74 -26.90 -29.87
N LEU G 300 -45.14 -27.13 -31.12
CA LEU G 300 -44.18 -27.54 -32.17
C LEU G 300 -43.36 -26.40 -32.79
N ASN G 301 -43.86 -25.16 -32.78
CA ASN G 301 -43.42 -24.14 -33.73
C ASN G 301 -43.03 -22.78 -33.16
N ASN G 302 -42.00 -22.22 -33.78
CA ASN G 302 -41.71 -20.79 -33.92
C ASN G 302 -41.55 -20.56 -35.45
N LYS G 303 -42.67 -20.63 -36.19
CA LYS G 303 -42.79 -20.62 -37.67
C LYS G 303 -43.91 -19.66 -38.12
N TYR G 304 -44.38 -19.71 -39.38
CA TYR G 304 -45.30 -18.70 -39.94
C TYR G 304 -46.48 -19.24 -40.74
N LEU G 305 -47.56 -18.47 -40.73
CA LEU G 305 -48.70 -18.55 -41.63
C LEU G 305 -48.62 -17.36 -42.57
N TYR G 306 -48.57 -17.65 -43.85
CA TYR G 306 -48.79 -16.70 -44.91
C TYR G 306 -50.30 -16.55 -45.15
N ILE G 307 -50.85 -15.36 -44.88
CA ILE G 307 -52.21 -15.01 -45.29
C ILE G 307 -52.13 -14.06 -46.48
N ALA G 308 -52.86 -14.35 -47.55
CA ALA G 308 -52.93 -13.46 -48.71
C ALA G 308 -54.38 -13.23 -49.12
N VAL G 309 -54.69 -11.98 -49.42
CA VAL G 309 -56.05 -11.47 -49.54
C VAL G 309 -56.24 -10.89 -50.92
N THR G 310 -57.09 -11.52 -51.72
CA THR G 310 -57.48 -10.99 -53.03
C THR G 310 -58.87 -10.40 -52.92
N VAL G 311 -59.03 -9.12 -53.27
CA VAL G 311 -60.28 -8.37 -53.25
C VAL G 311 -60.68 -8.04 -54.68
N ILE G 312 -61.84 -8.51 -55.14
CA ILE G 312 -62.38 -8.16 -56.46
C ILE G 312 -63.68 -7.35 -56.27
N GLU G 313 -63.74 -6.11 -56.77
CA GLU G 313 -64.96 -5.30 -56.67
C GLU G 313 -66.15 -6.00 -57.34
N SER G 314 -67.24 -6.17 -56.60
CA SER G 314 -68.29 -7.15 -56.91
C SER G 314 -69.11 -6.82 -58.17
N THR G 315 -68.98 -5.57 -58.64
CA THR G 315 -69.61 -5.00 -59.84
C THR G 315 -68.69 -3.98 -60.53
N GLY G 316 -67.36 -4.12 -60.39
CA GLY G 316 -66.38 -3.07 -60.74
C GLY G 316 -65.12 -3.48 -61.52
N GLY G 317 -64.79 -4.77 -61.65
CA GLY G 317 -63.71 -5.25 -62.55
C GLY G 317 -62.24 -4.98 -62.14
N PHE G 318 -62.00 -4.35 -60.99
CA PHE G 318 -60.67 -4.17 -60.39
C PHE G 318 -60.45 -5.17 -59.25
N SER G 319 -59.26 -5.77 -59.22
CA SER G 319 -58.96 -7.00 -58.46
C SER G 319 -57.65 -6.90 -57.70
N GLU G 320 -57.59 -6.00 -56.73
CA GLU G 320 -56.41 -5.77 -55.91
C GLU G 320 -56.07 -6.95 -54.97
N GLU G 321 -54.80 -7.06 -54.59
CA GLU G 321 -54.30 -8.15 -53.75
C GLU G 321 -53.21 -7.65 -52.79
N ALA G 322 -53.16 -8.23 -51.60
CA ALA G 322 -52.21 -7.91 -50.54
C ALA G 322 -51.87 -9.15 -49.71
N GLU G 323 -50.83 -9.09 -48.89
CA GLU G 323 -50.31 -10.24 -48.13
C GLU G 323 -49.78 -9.81 -46.76
N ILE G 324 -49.85 -10.71 -45.78
CA ILE G 324 -49.13 -10.59 -44.51
C ILE G 324 -48.42 -11.94 -44.24
N PRO G 325 -47.09 -12.00 -44.37
CA PRO G 325 -46.29 -13.12 -43.84
C PRO G 325 -46.27 -13.14 -42.30
N GLY G 326 -46.55 -12.00 -41.69
CA GLY G 326 -46.58 -11.76 -40.24
C GLY G 326 -47.81 -12.33 -39.52
N ILE G 327 -48.07 -13.62 -39.66
CA ILE G 327 -48.78 -14.38 -38.63
C ILE G 327 -47.86 -15.48 -38.17
N LYS G 328 -47.18 -15.26 -37.05
CA LYS G 328 -46.31 -16.28 -36.46
C LYS G 328 -47.12 -17.40 -35.77
N TYR G 329 -46.81 -18.67 -36.04
CA TYR G 329 -47.04 -19.76 -35.08
C TYR G 329 -45.94 -19.73 -34.02
N VAL G 330 -46.23 -19.37 -32.77
CA VAL G 330 -45.17 -19.15 -31.75
C VAL G 330 -45.47 -19.74 -30.37
N LEU G 331 -44.42 -20.26 -29.71
CA LEU G 331 -44.47 -20.79 -28.33
C LEU G 331 -44.47 -19.70 -27.25
N SER G 332 -43.86 -18.57 -27.58
CA SER G 332 -43.53 -17.46 -26.67
C SER G 332 -43.71 -16.12 -27.40
N PRO G 333 -44.95 -15.79 -27.82
CA PRO G 333 -45.23 -14.62 -28.65
C PRO G 333 -44.74 -13.31 -28.06
N TYR G 334 -45.01 -13.09 -26.78
CA TYR G 334 -44.86 -11.78 -26.16
C TYR G 334 -43.42 -11.47 -25.71
N LYS G 335 -42.42 -11.55 -26.60
CA LYS G 335 -41.05 -11.08 -26.28
C LYS G 335 -41.06 -9.60 -25.90
N LEU G 336 -40.11 -9.17 -25.08
CA LEU G 336 -40.13 -7.84 -24.45
C LEU G 336 -38.86 -7.04 -24.71
N ASN G 337 -38.95 -5.72 -24.51
CA ASN G 337 -37.81 -4.80 -24.42
C ASN G 337 -38.11 -3.65 -23.46
N LEU G 338 -37.09 -3.04 -22.87
CA LEU G 338 -37.26 -1.75 -22.22
C LEU G 338 -37.40 -0.64 -23.28
N VAL G 339 -38.12 0.44 -22.94
CA VAL G 339 -38.54 1.48 -23.91
C VAL G 339 -37.76 2.77 -23.76
N ALA G 340 -37.53 3.21 -22.53
CA ALA G 340 -36.93 4.51 -22.24
C ALA G 340 -36.14 4.48 -20.93
N THR G 341 -35.80 3.29 -20.46
CA THR G 341 -35.34 3.08 -19.09
C THR G 341 -33.82 3.08 -19.11
N PRO G 342 -33.15 4.07 -18.49
CA PRO G 342 -31.71 4.25 -18.64
C PRO G 342 -30.85 3.14 -18.03
N LEU G 343 -31.44 2.26 -17.21
CA LEU G 343 -30.73 1.27 -16.40
C LEU G 343 -29.79 1.89 -15.37
N PHE G 344 -30.10 3.10 -14.90
CA PHE G 344 -29.40 3.76 -13.80
C PHE G 344 -30.39 4.31 -12.77
N LEU G 345 -30.12 4.10 -11.49
CA LEU G 345 -31.02 4.42 -10.38
C LEU G 345 -30.80 5.82 -9.79
N LYS G 346 -31.77 6.29 -9.02
CA LYS G 346 -31.68 7.48 -8.15
C LYS G 346 -32.43 7.24 -6.83
N PRO G 347 -31.76 7.00 -5.69
CA PRO G 347 -32.43 6.98 -4.38
C PRO G 347 -33.14 8.31 -4.08
N GLY G 348 -34.30 8.24 -3.42
CA GLY G 348 -35.11 9.40 -3.02
C GLY G 348 -35.96 10.05 -4.13
N ILE G 349 -35.78 9.67 -5.40
CA ILE G 349 -36.64 10.07 -6.53
C ILE G 349 -37.28 8.81 -7.12
N PRO G 350 -38.63 8.71 -7.19
CA PRO G 350 -39.29 7.51 -7.70
C PRO G 350 -38.81 7.16 -9.11
N TYR G 351 -38.43 5.91 -9.33
CA TYR G 351 -37.75 5.47 -10.55
C TYR G 351 -38.72 4.80 -11.50
N PRO G 352 -38.93 5.32 -12.72
CA PRO G 352 -39.77 4.68 -13.69
C PRO G 352 -39.14 3.42 -14.28
N ILE G 353 -39.98 2.62 -14.93
CA ILE G 353 -39.63 1.57 -15.87
C ILE G 353 -40.68 1.65 -16.97
N LYS G 354 -40.31 1.34 -18.21
CA LYS G 354 -41.27 1.17 -19.30
C LYS G 354 -40.85 0.00 -20.15
N VAL G 355 -41.76 -0.89 -20.50
CA VAL G 355 -41.49 -2.04 -21.37
C VAL G 355 -42.50 -2.12 -22.48
N GLN G 356 -42.13 -2.79 -23.55
CA GLN G 356 -42.96 -3.01 -24.73
C GLN G 356 -42.77 -4.42 -25.23
N VAL G 357 -43.73 -4.87 -26.03
CA VAL G 357 -43.94 -6.27 -26.37
C VAL G 357 -44.14 -6.37 -27.86
N LYS G 358 -43.47 -7.31 -28.51
CA LYS G 358 -43.40 -7.36 -29.97
C LYS G 358 -43.88 -8.69 -30.52
N ASP G 359 -44.89 -8.66 -31.35
CA ASP G 359 -45.23 -9.84 -32.18
C ASP G 359 -44.15 -10.07 -33.27
N SER G 360 -44.25 -11.15 -34.04
CA SER G 360 -43.37 -11.34 -35.20
C SER G 360 -43.85 -10.58 -36.43
N LEU G 361 -42.93 -10.15 -37.30
CA LEU G 361 -43.13 -9.04 -38.24
C LEU G 361 -43.62 -7.82 -37.46
N ASP G 362 -42.82 -7.42 -36.47
CA ASP G 362 -43.34 -6.76 -35.27
C ASP G 362 -44.19 -5.50 -35.45
N GLN G 363 -45.28 -5.49 -34.72
CA GLN G 363 -46.10 -4.37 -34.28
C GLN G 363 -46.16 -4.43 -32.74
N LEU G 364 -46.38 -3.29 -32.08
CA LEU G 364 -46.68 -3.30 -30.64
C LEU G 364 -48.05 -3.96 -30.41
N VAL G 365 -48.10 -4.98 -29.55
CA VAL G 365 -49.26 -5.90 -29.45
C VAL G 365 -50.54 -5.26 -28.88
N GLY G 366 -50.44 -4.08 -28.27
CA GLY G 366 -51.60 -3.40 -27.65
C GLY G 366 -51.84 -3.92 -26.24
N GLY G 367 -53.10 -4.18 -25.84
CA GLY G 367 -53.42 -4.62 -24.49
C GLY G 367 -53.00 -6.04 -24.15
N VAL G 368 -51.90 -6.16 -23.36
CA VAL G 368 -51.38 -7.43 -22.82
C VAL G 368 -51.02 -7.25 -21.33
N PRO G 369 -51.40 -8.16 -20.42
CA PRO G 369 -50.97 -8.09 -19.03
C PRO G 369 -49.47 -8.34 -18.86
N VAL G 370 -48.84 -7.59 -17.96
CA VAL G 370 -47.41 -7.65 -17.66
C VAL G 370 -47.21 -7.49 -16.15
N THR G 371 -46.25 -8.21 -15.58
CA THR G 371 -45.97 -8.17 -14.14
C THR G 371 -44.48 -8.23 -13.84
N LEU G 372 -44.10 -7.64 -12.72
CA LEU G 372 -42.75 -7.22 -12.42
C LEU G 372 -42.34 -7.64 -11.01
N ASN G 373 -41.09 -8.09 -10.86
CA ASN G 373 -40.43 -8.45 -9.60
C ASN G 373 -39.16 -7.60 -9.44
N ALA G 374 -38.85 -7.11 -8.25
CA ALA G 374 -37.78 -6.14 -8.05
C ALA G 374 -37.01 -6.37 -6.75
N GLN G 375 -35.87 -7.05 -6.85
CA GLN G 375 -34.96 -7.30 -5.73
C GLN G 375 -33.92 -6.17 -5.63
N THR G 376 -34.22 -5.16 -4.83
CA THR G 376 -33.26 -4.11 -4.53
C THR G 376 -32.12 -4.64 -3.67
N ILE G 377 -30.96 -3.98 -3.70
CA ILE G 377 -29.85 -4.25 -2.80
C ILE G 377 -29.39 -2.94 -2.16
N ASP G 378 -29.21 -2.97 -0.84
CA ASP G 378 -28.81 -1.86 0.00
C ASP G 378 -27.36 -1.38 -0.24
N VAL G 379 -26.92 -0.36 0.49
CA VAL G 379 -25.50 0.02 0.62
C VAL G 379 -24.67 -1.10 1.27
N ASN G 380 -25.31 -1.94 2.09
CA ASN G 380 -24.71 -3.08 2.75
C ASN G 380 -25.31 -4.43 2.28
N GLN G 381 -25.12 -5.47 3.07
CA GLN G 381 -25.52 -6.82 2.56
C GLN G 381 -27.01 -6.92 2.23
N GLU G 382 -27.85 -6.18 2.97
CA GLU G 382 -29.30 -6.29 2.94
C GLU G 382 -29.88 -6.31 1.51
N THR G 383 -30.57 -7.40 1.19
CA THR G 383 -31.36 -7.55 -0.05
C THR G 383 -32.84 -7.41 0.29
N SER G 384 -33.56 -6.55 -0.42
CA SER G 384 -34.97 -6.22 -0.10
C SER G 384 -35.83 -6.19 -1.35
N ASP G 385 -36.99 -6.85 -1.31
CA ASP G 385 -37.86 -6.99 -2.47
C ASP G 385 -39.07 -6.05 -2.37
N LEU G 386 -39.33 -5.31 -3.44
CA LEU G 386 -40.61 -4.60 -3.59
C LEU G 386 -41.73 -5.63 -3.77
N ASP G 387 -42.96 -5.28 -3.41
CA ASP G 387 -44.12 -6.14 -3.69
C ASP G 387 -44.32 -6.30 -5.21
N PRO G 388 -44.65 -7.50 -5.71
CA PRO G 388 -44.82 -7.73 -7.14
C PRO G 388 -45.95 -6.87 -7.70
N SER G 389 -45.72 -6.27 -8.87
CA SER G 389 -46.60 -5.26 -9.47
C SER G 389 -47.12 -5.70 -10.83
N LYS G 390 -48.29 -5.21 -11.24
CA LYS G 390 -48.99 -5.64 -12.47
C LYS G 390 -49.59 -4.44 -13.20
N SER G 391 -49.53 -4.47 -14.53
CA SER G 391 -50.13 -3.47 -15.42
C SER G 391 -50.34 -4.07 -16.81
N VAL G 392 -51.09 -3.40 -17.69
CA VAL G 392 -51.26 -3.81 -19.09
C VAL G 392 -50.48 -2.88 -20.01
N THR G 393 -49.87 -3.43 -21.06
CA THR G 393 -49.36 -2.62 -22.17
C THR G 393 -50.51 -1.82 -22.79
N ARG G 394 -50.29 -0.53 -23.03
CA ARG G 394 -51.26 0.41 -23.60
C ARG G 394 -51.70 0.00 -25.02
N VAL G 395 -52.79 0.60 -25.53
CA VAL G 395 -53.40 0.23 -26.82
C VAL G 395 -52.96 1.10 -28.00
N ASP G 396 -52.55 2.34 -27.76
CA ASP G 396 -52.10 3.31 -28.78
C ASP G 396 -50.57 3.55 -28.68
N ASP G 397 -50.07 3.88 -27.50
CA ASP G 397 -48.70 3.52 -27.11
C ASP G 397 -48.62 2.00 -26.90
N GLY G 398 -47.47 1.36 -27.11
CA GLY G 398 -47.29 -0.04 -26.70
C GLY G 398 -46.95 -0.24 -25.22
N VAL G 399 -46.68 0.86 -24.50
CA VAL G 399 -45.99 0.85 -23.20
C VAL G 399 -46.80 0.21 -22.08
N ALA G 400 -46.19 -0.68 -21.32
CA ALA G 400 -46.57 -0.92 -19.93
C ALA G 400 -45.57 -0.12 -19.08
N SER G 401 -46.05 0.78 -18.24
CA SER G 401 -45.21 1.65 -17.42
C SER G 401 -45.41 1.40 -15.95
N PHE G 402 -44.35 1.56 -15.19
CA PHE G 402 -44.32 1.35 -13.74
C PHE G 402 -43.52 2.47 -13.09
N VAL G 403 -43.70 2.66 -11.80
CA VAL G 403 -42.75 3.41 -10.99
C VAL G 403 -42.45 2.65 -9.71
N LEU G 404 -41.17 2.53 -9.40
CA LEU G 404 -40.66 1.82 -8.25
C LEU G 404 -40.15 2.85 -7.24
N ASN G 405 -40.62 2.77 -6.01
CA ASN G 405 -39.89 3.34 -4.88
C ASN G 405 -38.67 2.46 -4.58
N LEU G 406 -37.63 3.02 -3.97
CA LEU G 406 -36.38 2.33 -3.70
C LEU G 406 -35.80 2.76 -2.33
N PRO G 407 -35.03 1.90 -1.64
CA PRO G 407 -34.32 2.29 -0.42
C PRO G 407 -33.40 3.50 -0.63
N SER G 408 -33.29 4.38 0.37
CA SER G 408 -32.38 5.54 0.32
C SER G 408 -30.89 5.13 0.23
N GLY G 409 -30.55 3.90 0.66
CA GLY G 409 -29.22 3.31 0.49
C GLY G 409 -29.03 2.48 -0.78
N VAL G 410 -29.99 2.38 -1.70
CA VAL G 410 -29.94 1.40 -2.81
C VAL G 410 -28.65 1.51 -3.65
N THR G 411 -27.93 0.39 -3.80
CA THR G 411 -26.72 0.30 -4.64
C THR G 411 -27.06 -0.20 -6.04
N VAL G 412 -27.92 -1.21 -6.12
CA VAL G 412 -28.42 -1.79 -7.36
C VAL G 412 -29.84 -2.27 -7.18
N LEU G 413 -30.47 -2.56 -8.29
CA LEU G 413 -31.68 -3.32 -8.41
C LEU G 413 -31.40 -4.41 -9.44
N GLU G 414 -31.81 -5.63 -9.15
CA GLU G 414 -32.08 -6.59 -10.21
C GLU G 414 -33.59 -6.77 -10.29
N PHE G 415 -34.14 -6.64 -11.49
CA PHE G 415 -35.56 -6.75 -11.71
C PHE G 415 -35.86 -7.72 -12.84
N ASN G 416 -37.00 -8.37 -12.74
CA ASN G 416 -37.50 -9.28 -13.76
C ASN G 416 -38.89 -8.82 -14.14
N VAL G 417 -39.24 -9.08 -15.39
CA VAL G 417 -40.56 -8.82 -15.93
C VAL G 417 -41.00 -10.08 -16.65
N LYS G 418 -42.26 -10.45 -16.49
CA LYS G 418 -42.88 -11.51 -17.27
C LYS G 418 -44.17 -11.02 -17.86
N THR G 419 -44.53 -11.60 -18.98
CA THR G 419 -45.88 -11.44 -19.51
C THR G 419 -46.86 -12.19 -18.60
N ASP G 420 -47.89 -11.51 -18.11
CA ASP G 420 -48.89 -12.05 -17.20
C ASP G 420 -50.17 -12.50 -17.93
N ALA G 421 -50.11 -12.64 -19.26
CA ALA G 421 -51.25 -13.01 -20.09
C ALA G 421 -51.72 -14.44 -19.75
N PRO G 422 -52.97 -14.63 -19.28
CA PRO G 422 -53.40 -15.92 -18.74
C PRO G 422 -53.42 -17.06 -19.76
N ASP G 423 -53.54 -16.73 -21.05
CA ASP G 423 -53.44 -17.66 -22.16
C ASP G 423 -52.08 -18.38 -22.22
N LEU G 424 -51.02 -17.80 -21.66
CA LEU G 424 -49.73 -18.45 -21.62
C LEU G 424 -49.73 -19.61 -20.63
N PRO G 425 -49.32 -20.83 -21.04
CA PRO G 425 -48.74 -21.77 -20.09
C PRO G 425 -47.45 -21.13 -19.59
N GLU G 426 -47.34 -20.91 -18.29
CA GLU G 426 -46.39 -19.96 -17.72
C GLU G 426 -44.91 -20.32 -17.97
N GLU G 427 -44.58 -21.59 -18.24
CA GLU G 427 -43.23 -22.01 -18.62
C GLU G 427 -42.87 -21.65 -20.07
N ASN G 428 -43.84 -21.36 -20.93
CA ASN G 428 -43.62 -20.77 -22.26
C ASN G 428 -43.93 -19.26 -22.29
N GLN G 429 -44.44 -18.69 -21.22
CA GLN G 429 -44.65 -17.25 -21.08
C GLN G 429 -43.33 -16.48 -21.13
N ALA G 430 -43.21 -15.57 -22.09
CA ALA G 430 -41.99 -14.80 -22.32
C ALA G 430 -41.73 -13.79 -21.18
N ARG G 431 -40.45 -13.69 -20.81
CA ARG G 431 -39.92 -12.93 -19.68
C ARG G 431 -38.51 -12.42 -19.96
N GLU G 432 -38.14 -11.38 -19.24
CA GLU G 432 -36.84 -10.73 -19.38
C GLU G 432 -36.38 -10.22 -18.02
N GLY G 433 -35.09 -10.28 -17.81
CA GLY G 433 -34.45 -9.85 -16.58
C GLY G 433 -33.43 -8.78 -16.88
N TYR G 434 -33.33 -7.82 -15.98
CA TYR G 434 -32.57 -6.61 -16.16
C TYR G 434 -31.90 -6.20 -14.86
N ARG G 435 -30.93 -5.31 -14.93
CA ARG G 435 -30.15 -4.85 -13.79
C ARG G 435 -29.90 -3.38 -13.92
N ALA G 436 -29.98 -2.66 -12.82
CA ALA G 436 -29.84 -1.22 -12.80
C ALA G 436 -28.97 -0.79 -11.64
N ILE G 437 -28.16 0.24 -11.85
CA ILE G 437 -26.96 0.47 -11.04
C ILE G 437 -26.96 1.92 -10.53
N ALA G 438 -26.46 2.18 -9.33
CA ALA G 438 -26.21 3.55 -8.88
C ALA G 438 -25.05 4.20 -9.65
N TYR G 439 -25.01 5.53 -9.71
CA TYR G 439 -24.05 6.31 -10.50
C TYR G 439 -22.58 6.27 -10.00
N SER G 440 -22.28 5.54 -8.94
CA SER G 440 -20.91 5.08 -8.68
C SER G 440 -19.88 6.21 -8.44
N SER G 441 -20.28 7.24 -7.70
CA SER G 441 -19.33 8.28 -7.30
C SER G 441 -18.35 7.76 -6.27
N LEU G 442 -17.06 7.74 -6.60
CA LEU G 442 -16.01 7.43 -5.62
C LEU G 442 -16.08 8.37 -4.42
N SER G 443 -16.36 9.66 -4.64
CA SER G 443 -16.52 10.66 -3.58
C SER G 443 -17.90 10.63 -2.93
N GLN G 444 -18.79 9.72 -3.34
CA GLN G 444 -20.20 9.63 -2.95
C GLN G 444 -20.98 10.96 -3.12
N SER G 445 -20.64 11.73 -4.14
CA SER G 445 -21.31 12.95 -4.59
C SER G 445 -22.10 12.67 -5.86
N TYR G 446 -23.35 13.11 -5.91
CA TYR G 446 -24.28 12.76 -6.98
C TYR G 446 -24.97 14.02 -7.53
N LEU G 447 -25.63 13.84 -8.68
CA LEU G 447 -26.39 14.89 -9.36
C LEU G 447 -27.63 14.22 -9.95
N TYR G 448 -28.82 14.61 -9.51
CA TYR G 448 -30.05 14.00 -9.99
C TYR G 448 -30.92 15.02 -10.68
N ILE G 449 -31.22 14.74 -11.95
CA ILE G 449 -32.31 15.35 -12.71
C ILE G 449 -33.62 14.84 -12.15
N ASP G 450 -34.45 15.71 -11.61
CA ASP G 450 -35.82 15.39 -11.23
C ASP G 450 -36.71 15.47 -12.47
N TRP G 451 -36.75 14.39 -13.24
CA TRP G 451 -37.68 14.20 -14.34
C TRP G 451 -38.28 12.80 -14.30
N THR G 452 -39.59 12.71 -14.45
CA THR G 452 -40.36 11.46 -14.34
C THR G 452 -40.45 10.67 -15.65
N ASP G 453 -39.64 11.01 -16.65
CA ASP G 453 -39.66 10.37 -17.98
C ASP G 453 -41.07 10.40 -18.61
N ASN G 454 -41.64 11.59 -18.70
CA ASN G 454 -42.97 11.80 -19.26
C ASN G 454 -42.97 11.51 -20.77
N HIS G 455 -43.96 10.75 -21.26
CA HIS G 455 -43.93 10.22 -22.63
C HIS G 455 -44.26 11.28 -23.69
N LYS G 456 -45.21 12.18 -23.38
CA LYS G 456 -45.65 13.24 -24.30
C LYS G 456 -44.55 14.29 -24.52
N ALA G 457 -44.37 14.72 -25.77
CA ALA G 457 -43.30 15.65 -26.14
C ALA G 457 -43.57 17.07 -25.63
N LEU G 458 -42.52 17.82 -25.29
CA LEU G 458 -42.65 19.26 -25.02
C LEU G 458 -42.95 20.02 -26.32
N LEU G 459 -43.91 20.95 -26.27
CA LEU G 459 -44.41 21.73 -27.40
C LEU G 459 -43.47 22.88 -27.75
N VAL G 460 -43.27 23.17 -29.03
CA VAL G 460 -42.22 24.09 -29.47
C VAL G 460 -42.37 25.48 -28.84
N GLY G 461 -41.30 25.96 -28.23
CA GLY G 461 -41.25 27.24 -27.53
C GLY G 461 -41.75 27.23 -26.09
N GLU G 462 -42.27 26.13 -25.55
CA GLU G 462 -42.67 26.11 -24.14
C GLU G 462 -41.45 26.16 -23.21
N HIS G 463 -41.57 26.76 -22.03
CA HIS G 463 -40.52 26.62 -21.01
C HIS G 463 -40.37 25.18 -20.56
N LEU G 464 -39.13 24.68 -20.53
CA LEU G 464 -38.80 23.44 -19.84
C LEU G 464 -39.00 23.62 -18.32
N ASN G 465 -39.40 22.55 -17.62
CA ASN G 465 -39.71 22.59 -16.19
C ASN G 465 -39.07 21.42 -15.44
N ILE G 466 -37.74 21.29 -15.54
CA ILE G 466 -36.94 20.25 -14.89
C ILE G 466 -36.19 20.85 -13.71
N ILE G 467 -36.35 20.23 -12.54
CA ILE G 467 -35.62 20.57 -11.32
C ILE G 467 -34.38 19.67 -11.24
N VAL G 468 -33.33 20.11 -10.57
CA VAL G 468 -32.09 19.34 -10.43
C VAL G 468 -31.60 19.43 -8.99
N THR G 469 -31.05 18.34 -8.46
CA THR G 469 -30.46 18.31 -7.12
C THR G 469 -29.02 17.84 -7.14
N PRO G 470 -28.05 18.64 -6.66
CA PRO G 470 -26.69 18.19 -6.42
C PRO G 470 -26.58 17.57 -5.02
N LYS G 471 -27.02 16.30 -4.89
CA LYS G 471 -26.91 15.52 -3.65
C LYS G 471 -25.46 15.19 -3.34
N SER G 472 -24.82 15.88 -2.42
CA SER G 472 -23.39 15.68 -2.19
C SER G 472 -22.94 15.98 -0.76
N PRO G 473 -21.92 15.27 -0.24
CA PRO G 473 -21.28 15.61 1.03
C PRO G 473 -20.61 16.99 1.05
N TYR G 474 -20.40 17.59 -0.13
CA TYR G 474 -19.54 18.77 -0.34
C TYR G 474 -20.30 20.03 -0.82
N ILE G 475 -21.63 20.11 -0.64
CA ILE G 475 -22.46 21.14 -1.31
C ILE G 475 -22.06 22.58 -1.01
N ASP G 476 -21.43 22.90 0.13
CA ASP G 476 -20.92 24.25 0.39
C ASP G 476 -19.93 24.76 -0.67
N LYS G 477 -19.21 23.85 -1.34
CA LYS G 477 -18.32 24.17 -2.46
C LYS G 477 -19.08 24.34 -3.78
N ILE G 478 -20.28 23.77 -3.91
CA ILE G 478 -21.06 23.81 -5.17
C ILE G 478 -21.89 25.10 -5.22
N THR G 479 -21.31 26.18 -5.78
CA THR G 479 -22.06 27.43 -6.02
C THR G 479 -23.08 27.27 -7.15
N HIS G 480 -22.81 26.38 -8.10
CA HIS G 480 -23.56 26.29 -9.34
C HIS G 480 -23.51 24.89 -9.93
N TYR G 481 -24.39 24.62 -10.88
CA TYR G 481 -24.33 23.48 -11.77
C TYR G 481 -24.57 23.96 -13.19
N ASN G 482 -24.23 23.15 -14.17
CA ASN G 482 -24.12 23.55 -15.56
C ASN G 482 -24.76 22.49 -16.44
N TYR G 483 -25.11 22.86 -17.66
CA TYR G 483 -25.90 22.00 -18.53
C TYR G 483 -25.66 22.31 -19.99
N LEU G 484 -25.93 21.34 -20.84
CA LEU G 484 -25.70 21.35 -22.26
C LEU G 484 -26.87 20.68 -22.92
N ILE G 485 -27.29 21.15 -24.08
CA ILE G 485 -28.29 20.46 -24.87
C ILE G 485 -27.69 20.08 -26.20
N LEU G 486 -27.65 18.79 -26.49
CA LEU G 486 -27.37 18.30 -27.82
C LEU G 486 -28.67 18.26 -28.60
N SER G 487 -28.59 18.53 -29.89
CA SER G 487 -29.68 18.23 -30.81
C SER G 487 -29.08 17.69 -32.08
N LYS G 488 -29.69 16.65 -32.62
CA LYS G 488 -28.99 15.76 -33.53
C LYS G 488 -27.61 15.47 -32.89
N GLY G 489 -26.49 15.70 -33.60
CA GLY G 489 -25.17 15.46 -33.07
C GLY G 489 -24.50 16.57 -32.26
N LYS G 490 -25.00 17.81 -32.23
CA LYS G 490 -24.16 18.95 -31.78
C LYS G 490 -24.72 19.66 -30.58
N ILE G 491 -23.88 20.23 -29.70
CA ILE G 491 -24.41 21.10 -28.65
C ILE G 491 -24.94 22.42 -29.22
N ILE G 492 -26.18 22.73 -28.86
CA ILE G 492 -26.97 23.84 -29.39
C ILE G 492 -27.35 24.87 -28.32
N HIS G 493 -27.23 24.51 -27.05
CA HIS G 493 -27.33 25.42 -25.91
C HIS G 493 -26.40 24.96 -24.82
N PHE G 494 -26.00 25.90 -23.97
CA PHE G 494 -25.23 25.67 -22.78
C PHE G 494 -25.55 26.75 -21.76
N GLY G 495 -25.31 26.49 -20.49
CA GLY G 495 -25.61 27.49 -19.49
C GLY G 495 -25.23 27.08 -18.08
N THR G 496 -25.60 27.94 -17.14
CA THR G 496 -25.30 27.79 -15.72
C THR G 496 -26.54 28.07 -14.85
N ARG G 497 -26.61 27.41 -13.69
CA ARG G 497 -27.73 27.45 -12.74
C ARG G 497 -27.17 27.55 -11.33
N GLU G 498 -27.74 28.41 -10.49
CA GLU G 498 -27.08 28.86 -9.26
C GLU G 498 -27.84 28.49 -7.99
N LYS G 499 -27.11 28.37 -6.87
CA LYS G 499 -27.63 28.05 -5.53
C LYS G 499 -28.50 29.19 -4.97
N PHE G 500 -29.68 28.86 -4.46
CA PHE G 500 -30.51 29.77 -3.65
C PHE G 500 -30.02 29.86 -2.21
N SER G 501 -30.42 30.90 -1.48
CA SER G 501 -30.30 30.92 -0.01
C SER G 501 -31.06 29.76 0.65
N ASP G 502 -32.11 29.25 0.01
CA ASP G 502 -32.90 28.08 0.40
C ASP G 502 -32.19 26.71 0.20
N ALA G 503 -30.94 26.72 -0.28
CA ALA G 503 -30.10 25.53 -0.53
C ALA G 503 -30.66 24.52 -1.55
N SER G 504 -31.67 24.89 -2.34
CA SER G 504 -31.89 24.30 -3.68
C SER G 504 -31.30 25.21 -4.76
N TYR G 505 -31.43 24.85 -6.04
CA TYR G 505 -30.76 25.50 -7.16
C TYR G 505 -31.77 25.78 -8.27
N GLN G 506 -31.53 26.81 -9.09
CA GLN G 506 -32.41 27.14 -10.21
C GLN G 506 -32.71 25.94 -11.10
N SER G 507 -33.95 25.84 -11.56
CA SER G 507 -34.40 24.82 -12.50
C SER G 507 -33.97 25.12 -13.92
N ILE G 508 -34.08 24.13 -14.80
CA ILE G 508 -33.72 24.25 -16.21
C ILE G 508 -34.95 24.77 -16.97
N ASN G 509 -35.07 26.10 -17.03
CA ASN G 509 -36.29 26.81 -17.42
C ASN G 509 -36.47 27.03 -18.92
N ILE G 510 -35.36 27.11 -19.66
CA ILE G 510 -35.27 27.81 -20.93
C ILE G 510 -36.21 27.25 -22.01
N PRO G 511 -36.72 28.10 -22.92
CA PRO G 511 -37.75 27.70 -23.86
C PRO G 511 -37.21 26.67 -24.84
N VAL G 512 -38.05 25.72 -25.26
CA VAL G 512 -37.62 24.69 -26.21
C VAL G 512 -37.56 25.28 -27.62
N THR G 513 -36.46 25.98 -27.90
CA THR G 513 -36.14 26.64 -29.16
C THR G 513 -36.13 25.69 -30.35
N GLN G 514 -36.22 26.25 -31.54
CA GLN G 514 -36.43 25.50 -32.76
C GLN G 514 -35.30 24.53 -33.11
N ASN G 515 -34.06 24.85 -32.73
CA ASN G 515 -32.90 23.97 -32.94
C ASN G 515 -33.02 22.58 -32.29
N MET G 516 -33.94 22.37 -31.35
CA MET G 516 -34.14 21.10 -30.62
C MET G 516 -35.09 20.11 -31.29
N VAL G 517 -35.88 20.53 -32.28
CA VAL G 517 -37.17 19.87 -32.53
C VAL G 517 -37.25 18.41 -32.96
N PRO G 518 -36.29 17.77 -33.66
CA PRO G 518 -36.47 16.35 -33.97
C PRO G 518 -36.56 15.55 -32.68
N SER G 519 -35.60 15.80 -31.80
CA SER G 519 -35.45 15.32 -30.43
C SER G 519 -34.21 16.00 -29.86
N SER G 520 -34.01 15.93 -28.56
CA SER G 520 -32.87 16.54 -27.91
C SER G 520 -32.50 15.80 -26.66
N ARG G 521 -31.29 16.07 -26.19
CA ARG G 521 -30.72 15.43 -25.04
C ARG G 521 -30.14 16.51 -24.18
N LEU G 522 -30.47 16.49 -22.91
CA LEU G 522 -29.97 17.41 -21.93
C LEU G 522 -28.98 16.65 -21.07
N LEU G 523 -27.80 17.20 -20.90
CA LEU G 523 -26.81 16.69 -19.99
C LEU G 523 -26.50 17.78 -18.98
N VAL G 524 -26.19 17.38 -17.77
CA VAL G 524 -25.95 18.27 -16.64
C VAL G 524 -24.68 17.82 -15.93
N TYR G 525 -23.90 18.74 -15.39
CA TYR G 525 -22.72 18.43 -14.58
C TYR G 525 -22.36 19.51 -13.56
N TYR G 526 -21.53 19.16 -12.59
CA TYR G 526 -20.70 20.05 -11.81
C TYR G 526 -19.36 19.36 -11.51
N ILE G 527 -18.32 20.09 -11.11
CA ILE G 527 -17.13 19.50 -10.48
C ILE G 527 -17.11 19.97 -9.03
N VAL G 528 -16.83 19.08 -8.09
CA VAL G 528 -16.64 19.48 -6.70
C VAL G 528 -15.33 18.96 -6.16
N THR G 529 -14.73 19.72 -5.25
CA THR G 529 -13.57 19.29 -4.46
C THR G 529 -14.00 18.61 -3.16
N GLY G 530 -13.30 17.54 -2.77
CA GLY G 530 -13.17 17.15 -1.36
C GLY G 530 -12.19 18.08 -0.65
N GLU G 531 -11.46 17.56 0.33
CA GLU G 531 -10.27 18.27 0.81
C GLU G 531 -9.16 18.29 -0.25
N GLN G 532 -8.90 17.15 -0.89
CA GLN G 532 -7.78 17.00 -1.83
C GLN G 532 -8.03 16.25 -3.16
N THR G 533 -9.05 15.38 -3.24
CA THR G 533 -9.61 14.92 -4.51
C THR G 533 -10.42 16.04 -5.20
N ALA G 534 -10.85 15.81 -6.43
CA ALA G 534 -11.99 16.47 -7.07
C ALA G 534 -12.64 15.59 -8.12
N GLU G 535 -13.95 15.72 -8.32
CA GLU G 535 -14.71 14.77 -9.11
C GLU G 535 -15.67 15.47 -10.05
N LEU G 536 -15.73 15.00 -11.29
CA LEU G 536 -16.79 15.36 -12.23
C LEU G 536 -18.06 14.65 -11.80
N VAL G 537 -19.17 15.35 -11.65
CA VAL G 537 -20.45 14.78 -11.18
C VAL G 537 -21.52 15.16 -12.17
N SER G 538 -22.31 14.22 -12.66
CA SER G 538 -23.06 14.39 -13.90
C SER G 538 -24.35 13.57 -13.98
N ASP G 539 -25.29 14.00 -14.81
CA ASP G 539 -26.51 13.28 -15.16
C ASP G 539 -26.96 13.65 -16.56
N SER G 540 -27.80 12.86 -17.20
CA SER G 540 -28.37 13.20 -18.48
C SER G 540 -29.74 12.60 -18.70
N VAL G 541 -30.55 13.29 -19.49
CA VAL G 541 -31.94 12.94 -19.78
C VAL G 541 -32.26 13.20 -21.25
N TRP G 542 -32.94 12.28 -21.89
CA TRP G 542 -33.54 12.48 -23.20
C TRP G 542 -34.81 13.31 -23.07
N LEU G 543 -34.96 14.35 -23.88
CA LEU G 543 -36.14 15.20 -23.91
C LEU G 543 -36.84 15.04 -25.25
N ASN G 544 -38.08 14.55 -25.24
CA ASN G 544 -38.86 14.40 -26.45
C ASN G 544 -39.49 15.75 -26.81
N ILE G 545 -39.27 16.25 -28.03
CA ILE G 545 -39.76 17.58 -28.49
C ILE G 545 -40.69 17.42 -29.68
N GLU G 546 -41.71 18.28 -29.75
CA GLU G 546 -42.72 18.30 -30.78
C GLU G 546 -42.12 18.45 -32.20
N GLU G 547 -42.58 17.60 -33.13
CA GLU G 547 -42.20 17.62 -34.54
C GLU G 547 -42.83 18.80 -35.32
N LYS G 548 -42.38 20.03 -35.04
CA LYS G 548 -42.84 21.29 -35.66
C LYS G 548 -41.65 22.19 -36.06
N CYS G 549 -41.71 22.76 -37.25
CA CYS G 549 -40.59 23.44 -37.90
C CYS G 549 -40.50 24.95 -37.62
N GLY G 550 -39.33 25.56 -37.85
CA GLY G 550 -39.10 27.01 -37.71
C GLY G 550 -39.59 27.83 -38.89
N ASN G 551 -39.49 27.26 -40.09
CA ASN G 551 -40.13 27.82 -41.29
C ASN G 551 -41.66 27.74 -41.18
N GLN G 552 -42.18 26.93 -40.25
CA GLN G 552 -43.60 26.71 -39.95
C GLN G 552 -44.43 26.29 -41.16
N LEU G 553 -43.79 25.81 -42.24
CA LEU G 553 -44.39 25.69 -43.56
C LEU G 553 -45.74 24.99 -43.50
N GLN G 554 -46.79 25.71 -43.85
CA GLN G 554 -48.16 25.22 -43.89
C GLN G 554 -48.76 25.58 -45.23
N VAL G 555 -49.47 24.62 -45.80
CA VAL G 555 -49.89 24.66 -47.19
C VAL G 555 -51.38 24.38 -47.28
N HIS G 556 -52.08 25.04 -48.20
CA HIS G 556 -53.50 24.83 -48.46
C HIS G 556 -53.84 25.20 -49.89
N LEU G 557 -54.76 24.45 -50.50
CA LEU G 557 -55.45 24.94 -51.68
C LEU G 557 -56.42 26.07 -51.28
N SER G 558 -56.25 27.27 -51.82
CA SER G 558 -57.03 28.44 -51.37
C SER G 558 -58.51 28.43 -51.82
N PRO G 559 -58.91 27.78 -52.93
CA PRO G 559 -60.29 27.33 -53.14
C PRO G 559 -60.54 26.13 -52.21
N ASP G 560 -60.88 26.40 -50.96
CA ASP G 560 -61.08 25.36 -49.94
C ASP G 560 -62.34 24.53 -50.25
N ALA G 561 -62.17 23.24 -50.57
CA ALA G 561 -63.25 22.35 -50.97
C ALA G 561 -62.98 20.91 -50.54
N ASP G 562 -64.06 20.15 -50.32
CA ASP G 562 -63.99 18.71 -50.08
C ASP G 562 -63.48 17.96 -51.33
N ALA G 563 -63.96 18.35 -52.51
CA ALA G 563 -63.63 17.73 -53.79
C ALA G 563 -63.52 18.75 -54.92
N TYR G 564 -62.80 18.35 -55.97
CA TYR G 564 -62.58 19.11 -57.19
C TYR G 564 -62.79 18.17 -58.38
N SER G 565 -62.52 18.62 -59.61
CA SER G 565 -63.00 17.96 -60.83
C SER G 565 -61.93 17.90 -61.95
N PRO G 566 -62.12 17.07 -62.99
CA PRO G 566 -61.18 16.97 -64.10
C PRO G 566 -60.96 18.28 -64.83
N GLY G 567 -59.70 18.62 -65.11
CA GLY G 567 -59.32 19.86 -65.79
C GLY G 567 -59.50 21.13 -64.97
N GLN G 568 -59.96 21.05 -63.72
CA GLN G 568 -60.18 22.23 -62.89
C GLN G 568 -58.85 22.91 -62.54
N THR G 569 -58.71 24.18 -62.89
CA THR G 569 -57.63 25.00 -62.33
C THR G 569 -57.89 25.28 -60.86
N VAL G 570 -56.85 25.26 -60.04
CA VAL G 570 -56.92 25.53 -58.61
C VAL G 570 -55.66 26.25 -58.16
N SER G 571 -55.73 27.02 -57.07
CA SER G 571 -54.62 27.75 -56.50
C SER G 571 -54.13 27.10 -55.22
N LEU G 572 -52.82 26.92 -55.09
CA LEU G 572 -52.14 26.51 -53.87
C LEU G 572 -51.45 27.72 -53.27
N ASN G 573 -51.51 27.89 -51.96
CA ASN G 573 -50.78 28.93 -51.24
C ASN G 573 -49.93 28.30 -50.12
N MET G 574 -48.74 28.87 -49.91
CA MET G 574 -47.69 28.30 -49.07
C MET G 574 -47.28 29.32 -48.00
N ALA G 575 -48.12 29.46 -46.98
CA ALA G 575 -47.83 30.35 -45.86
C ALA G 575 -46.59 29.87 -45.10
N THR G 576 -45.61 30.76 -44.95
CA THR G 576 -44.29 30.40 -44.42
C THR G 576 -43.77 31.50 -43.50
N GLY G 577 -43.28 31.15 -42.32
CA GLY G 577 -42.99 32.10 -41.24
C GLY G 577 -41.76 33.01 -41.45
N MET G 578 -41.05 32.85 -42.56
CA MET G 578 -39.85 33.58 -42.94
C MET G 578 -39.63 33.45 -44.44
N ASP G 579 -38.72 34.25 -45.01
CA ASP G 579 -38.24 34.05 -46.38
C ASP G 579 -37.71 32.61 -46.52
N SER G 580 -38.24 31.84 -47.47
CA SER G 580 -37.87 30.42 -47.57
C SER G 580 -37.92 29.93 -48.99
N TRP G 581 -37.10 28.95 -49.31
CA TRP G 581 -37.34 28.12 -50.47
C TRP G 581 -38.47 27.16 -50.17
N VAL G 582 -39.08 26.61 -51.20
CA VAL G 582 -40.10 25.57 -51.07
C VAL G 582 -39.97 24.67 -52.26
N ALA G 583 -40.38 23.43 -52.11
CA ALA G 583 -40.22 22.41 -53.11
C ALA G 583 -41.48 21.56 -53.09
N LEU G 584 -42.33 21.75 -54.08
CA LEU G 584 -43.59 21.05 -54.20
C LEU G 584 -43.38 19.73 -54.94
N ALA G 585 -44.13 18.72 -54.54
CA ALA G 585 -44.19 17.43 -55.21
C ALA G 585 -45.55 16.80 -54.97
N ALA G 586 -46.07 16.12 -55.97
CA ALA G 586 -47.42 15.56 -55.91
C ALA G 586 -47.42 14.10 -56.37
N VAL G 587 -48.22 13.27 -55.71
CA VAL G 587 -48.37 11.85 -56.04
C VAL G 587 -49.81 11.40 -55.90
N ASP G 588 -50.23 10.53 -56.80
CA ASP G 588 -51.43 9.73 -56.64
C ASP G 588 -51.26 8.79 -55.45
N SER G 589 -52.17 8.78 -54.47
CA SER G 589 -52.12 7.84 -53.35
C SER G 589 -51.97 6.39 -53.80
N ALA G 590 -52.47 6.02 -54.97
CA ALA G 590 -52.33 4.68 -55.50
C ALA G 590 -50.86 4.24 -55.65
N VAL G 591 -49.91 5.18 -55.79
CA VAL G 591 -48.47 4.92 -55.78
C VAL G 591 -48.01 4.28 -54.47
N TYR G 592 -48.60 4.60 -53.33
CA TYR G 592 -48.32 3.89 -52.08
C TYR G 592 -49.07 2.56 -51.98
N GLY G 593 -50.11 2.37 -52.78
CA GLY G 593 -50.91 1.15 -52.74
C GLY G 593 -50.18 -0.07 -53.31
N VAL G 594 -49.17 0.15 -54.17
CA VAL G 594 -48.44 -0.93 -54.83
C VAL G 594 -47.20 -1.42 -54.05
N GLN G 595 -46.38 -0.54 -53.47
CA GLN G 595 -45.22 -0.97 -52.65
C GLN G 595 -45.60 -1.14 -51.17
N ARG G 596 -45.97 -2.37 -50.79
CA ARG G 596 -46.41 -2.75 -49.44
C ARG G 596 -45.48 -2.20 -48.37
N GLY G 597 -46.03 -1.43 -47.43
CA GLY G 597 -45.31 -0.88 -46.29
C GLY G 597 -44.35 0.27 -46.60
N ALA G 598 -44.37 0.81 -47.83
CA ALA G 598 -43.51 1.93 -48.21
C ALA G 598 -43.77 3.19 -47.35
N LYS G 599 -42.71 3.72 -46.75
CA LYS G 599 -42.71 5.02 -46.08
C LYS G 599 -43.03 6.17 -47.05
N LYS G 600 -43.49 7.32 -46.57
CA LYS G 600 -43.52 8.55 -47.41
C LYS G 600 -42.09 8.89 -47.83
N PRO G 601 -41.82 9.42 -49.03
CA PRO G 601 -40.44 9.62 -49.49
C PRO G 601 -39.57 10.50 -48.60
N LEU G 602 -40.15 11.34 -47.74
CA LEU G 602 -39.44 12.11 -46.72
C LEU G 602 -39.97 11.83 -45.30
N GLU G 603 -40.66 10.71 -45.12
CA GLU G 603 -41.24 10.29 -43.84
C GLU G 603 -40.20 10.27 -42.73
N ARG G 604 -40.60 10.75 -41.55
CA ARG G 604 -39.75 10.72 -40.35
C ARG G 604 -38.38 11.32 -40.62
N VAL G 605 -38.36 12.40 -41.41
CA VAL G 605 -37.19 13.26 -41.58
C VAL G 605 -36.62 13.68 -40.23
N PHE G 606 -37.46 13.95 -39.24
CA PHE G 606 -37.02 14.25 -37.88
C PHE G 606 -36.34 13.06 -37.21
N GLN G 607 -36.67 11.82 -37.56
CA GLN G 607 -36.03 10.64 -37.00
C GLN G 607 -34.66 10.38 -37.65
N PHE G 608 -34.56 10.53 -38.98
CA PHE G 608 -33.27 10.43 -39.67
C PHE G 608 -32.33 11.52 -39.18
N LEU G 609 -32.84 12.73 -39.04
CA LEU G 609 -32.18 13.89 -38.44
C LEU G 609 -31.74 13.62 -36.99
N GLU G 610 -32.43 12.73 -36.27
CA GLU G 610 -32.05 12.29 -34.95
C GLU G 610 -30.91 11.23 -34.98
N LYS G 611 -30.72 10.44 -36.04
CA LYS G 611 -29.62 9.44 -36.12
C LYS G 611 -28.23 10.08 -36.01
N SER G 612 -28.13 11.36 -36.31
CA SER G 612 -26.95 12.18 -36.08
C SER G 612 -26.64 12.42 -34.60
N ASP G 613 -27.52 12.13 -33.67
CA ASP G 613 -27.14 12.06 -32.26
C ASP G 613 -26.08 10.98 -32.01
N LEU G 614 -24.92 11.39 -31.51
CA LEU G 614 -23.79 10.52 -31.19
C LEU G 614 -23.99 9.69 -29.91
N GLY G 615 -24.98 10.02 -29.08
CA GLY G 615 -25.32 9.24 -27.90
C GLY G 615 -26.06 7.93 -28.24
N CYS G 616 -26.15 7.05 -27.25
CA CYS G 616 -26.91 5.81 -27.33
C CYS G 616 -27.55 5.56 -25.95
N GLY G 617 -28.83 5.21 -25.94
CA GLY G 617 -29.64 5.05 -24.72
C GLY G 617 -30.34 6.33 -24.22
N ALA G 618 -31.22 6.20 -23.24
CA ALA G 618 -32.13 7.26 -22.80
C ALA G 618 -31.51 8.30 -21.84
N GLY G 619 -30.34 8.03 -21.26
CA GLY G 619 -29.73 8.93 -20.29
C GLY G 619 -28.89 8.21 -19.24
N GLY G 620 -28.48 8.95 -18.22
CA GLY G 620 -27.67 8.44 -17.11
C GLY G 620 -26.30 7.87 -17.52
N GLY G 621 -25.68 7.10 -16.63
CA GLY G 621 -24.42 6.39 -16.89
C GLY G 621 -23.87 5.64 -15.68
N LEU G 622 -23.00 4.65 -15.93
CA LEU G 622 -22.29 3.90 -14.90
C LEU G 622 -21.43 4.79 -14.00
N ASN G 623 -20.87 5.87 -14.54
CA ASN G 623 -19.90 6.75 -13.90
C ASN G 623 -19.87 8.11 -14.64
N ASN G 624 -19.16 9.13 -14.12
CA ASN G 624 -19.08 10.46 -14.74
C ASN G 624 -18.67 10.42 -16.22
N ALA G 625 -17.63 9.71 -16.56
CA ALA G 625 -17.21 9.57 -17.94
C ALA G 625 -18.29 8.92 -18.81
N ASN G 626 -19.02 7.96 -18.27
CA ASN G 626 -19.97 7.18 -19.04
C ASN G 626 -21.27 7.95 -19.26
N VAL G 627 -21.59 8.90 -18.39
CA VAL G 627 -22.70 9.82 -18.67
C VAL G 627 -22.44 10.59 -19.96
N PHE G 628 -21.29 11.27 -20.06
CA PHE G 628 -20.91 11.98 -21.27
C PHE G 628 -20.89 11.04 -22.46
N HIS G 629 -20.23 9.89 -22.34
CA HIS G 629 -20.08 8.98 -23.46
C HIS G 629 -21.41 8.46 -23.99
N LEU G 630 -22.30 8.00 -23.12
CA LEU G 630 -23.63 7.55 -23.55
C LEU G 630 -24.42 8.70 -24.16
N ALA G 631 -24.17 9.94 -23.72
CA ALA G 631 -24.81 11.13 -24.25
C ALA G 631 -24.24 11.64 -25.59
N GLY G 632 -23.25 10.97 -26.19
CA GLY G 632 -22.66 11.39 -27.46
C GLY G 632 -21.61 12.47 -27.34
N LEU G 633 -21.35 12.98 -26.15
CA LEU G 633 -20.25 13.87 -25.89
C LEU G 633 -18.96 13.11 -25.63
N THR G 634 -17.86 13.86 -25.66
CA THR G 634 -16.59 13.54 -25.06
C THR G 634 -16.05 14.77 -24.36
N PHE G 635 -15.01 14.63 -23.57
CA PHE G 635 -14.55 15.70 -22.73
C PHE G 635 -13.08 15.60 -22.41
N LEU G 636 -12.50 16.72 -22.03
CA LEU G 636 -11.14 16.87 -21.56
C LEU G 636 -11.26 17.52 -20.21
N THR G 637 -10.68 16.95 -19.18
CA THR G 637 -10.73 17.52 -17.84
C THR G 637 -9.49 17.18 -17.08
N ASN G 638 -9.10 18.02 -16.13
CA ASN G 638 -8.13 17.63 -15.14
C ASN G 638 -8.76 16.95 -13.92
N ALA G 639 -10.09 17.03 -13.75
CA ALA G 639 -10.86 16.49 -12.63
C ALA G 639 -11.12 14.97 -12.75
N ASN G 640 -10.04 14.22 -12.98
CA ASN G 640 -9.92 12.81 -12.65
C ASN G 640 -10.92 11.92 -13.39
N ALA G 641 -11.06 12.09 -14.70
CA ALA G 641 -11.83 11.19 -15.55
C ALA G 641 -11.31 11.19 -16.98
N ASP G 642 -11.52 10.12 -17.76
CA ASP G 642 -11.26 10.15 -19.21
C ASP G 642 -12.03 9.08 -19.97
N ASP G 643 -12.96 9.48 -20.81
CA ASP G 643 -13.77 8.54 -21.59
C ASP G 643 -13.00 7.80 -22.68
N SER G 644 -11.69 8.03 -22.84
CA SER G 644 -10.84 7.13 -23.63
C SER G 644 -10.93 5.69 -23.12
N GLN G 645 -11.32 5.51 -21.85
CA GLN G 645 -11.67 4.23 -21.25
C GLN G 645 -12.74 3.44 -22.03
N GLU G 646 -13.57 4.10 -22.85
CA GLU G 646 -14.89 3.59 -23.19
C GLU G 646 -15.12 3.41 -24.69
N ASN G 647 -15.96 2.45 -25.03
CA ASN G 647 -16.41 2.17 -26.39
C ASN G 647 -17.89 1.79 -26.38
N ASP G 648 -18.51 1.97 -27.53
CA ASP G 648 -19.90 1.49 -27.59
C ASP G 648 -19.92 0.43 -28.69
N GLU G 649 -20.88 -0.48 -28.54
CA GLU G 649 -21.34 -1.45 -29.55
C GLU G 649 -22.09 -0.73 -30.70
N PRO G 650 -22.39 -1.37 -31.84
CA PRO G 650 -23.41 -0.88 -32.77
C PRO G 650 -24.76 -0.74 -32.05
N CYS G 651 -25.25 0.49 -31.89
CA CYS G 651 -26.33 0.82 -30.95
C CYS G 651 -27.68 0.21 -31.37
N LYS G 652 -28.47 -0.23 -30.39
CA LYS G 652 -29.84 -0.74 -30.59
C LYS G 652 -30.86 -0.32 -29.52
N GLU G 653 -30.45 0.60 -28.65
CA GLU G 653 -31.30 1.10 -27.54
C GLU G 653 -32.39 2.02 -28.09
N ILE G 654 -33.49 1.44 -28.59
CA ILE G 654 -34.62 2.22 -29.13
C ILE G 654 -35.44 2.92 -28.03
N LEU G 655 -35.67 4.22 -28.19
CA LEU G 655 -36.18 5.10 -27.14
C LEU G 655 -37.72 5.18 -27.14
N TYR G 750 -54.52 13.69 -69.13
CA TYR G 750 -53.27 13.89 -68.41
C TYR G 750 -52.84 12.59 -67.70
N PHE G 751 -53.71 12.01 -66.86
CA PHE G 751 -53.56 10.67 -66.25
C PHE G 751 -52.21 10.36 -65.53
N PRO G 752 -51.58 11.26 -64.75
CA PRO G 752 -50.22 11.11 -64.21
C PRO G 752 -50.13 10.17 -63.00
N GLU G 753 -48.91 9.68 -62.71
CA GLU G 753 -48.55 9.12 -61.39
C GLU G 753 -47.97 10.17 -60.43
N SER G 754 -47.30 11.18 -60.97
CA SER G 754 -46.80 12.33 -60.26
C SER G 754 -46.72 13.52 -61.22
N TRP G 755 -46.66 14.73 -60.69
CA TRP G 755 -46.45 16.00 -61.38
C TRP G 755 -46.14 17.04 -60.32
N LEU G 756 -46.22 18.34 -60.62
CA LEU G 756 -45.95 19.42 -59.66
C LEU G 756 -44.52 19.35 -59.07
N TRP G 757 -43.57 18.79 -59.81
CA TRP G 757 -42.19 18.69 -59.40
C TRP G 757 -41.49 20.03 -59.60
N GLU G 758 -41.45 20.88 -58.57
CA GLU G 758 -40.97 22.26 -58.70
C GLU G 758 -40.23 22.78 -57.46
N VAL G 759 -39.46 23.86 -57.59
CA VAL G 759 -38.81 24.59 -56.49
C VAL G 759 -39.04 26.09 -56.68
N HIS G 760 -39.29 26.83 -55.60
CA HIS G 760 -39.63 28.26 -55.62
C HIS G 760 -39.07 28.98 -54.40
N LEU G 761 -38.92 30.30 -54.49
CA LEU G 761 -38.61 31.16 -53.36
C LEU G 761 -39.88 31.90 -52.97
N VAL G 762 -40.28 31.80 -51.70
CA VAL G 762 -41.54 32.39 -51.22
C VAL G 762 -41.29 33.59 -50.29
N PRO G 763 -41.87 34.77 -50.61
CA PRO G 763 -42.25 35.76 -49.61
C PRO G 763 -43.30 35.13 -48.69
N ARG G 764 -43.60 35.74 -47.54
CA ARG G 764 -44.22 35.03 -46.40
C ARG G 764 -45.56 34.33 -46.72
N ARG G 765 -46.21 34.73 -47.81
CA ARG G 765 -47.11 33.90 -48.61
C ARG G 765 -46.71 33.98 -50.07
N LYS G 766 -46.85 32.89 -50.80
CA LYS G 766 -46.72 32.81 -52.26
C LYS G 766 -47.70 31.79 -52.79
N GLN G 767 -48.20 32.01 -53.98
CA GLN G 767 -49.28 31.23 -54.56
C GLN G 767 -48.88 30.76 -55.94
N LEU G 768 -49.30 29.57 -56.31
CA LEU G 768 -49.06 28.94 -57.59
C LEU G 768 -50.32 28.26 -58.05
N GLN G 769 -50.60 28.25 -59.34
CA GLN G 769 -51.87 27.79 -59.89
C GLN G 769 -51.67 26.71 -60.94
N PHE G 770 -52.55 25.72 -60.97
CA PHE G 770 -52.40 24.56 -61.84
C PHE G 770 -53.72 23.87 -62.17
N ALA G 771 -53.77 23.20 -63.31
CA ALA G 771 -54.89 22.37 -63.70
C ALA G 771 -54.76 20.99 -63.07
N LEU G 772 -55.72 20.60 -62.22
CA LEU G 772 -55.80 19.26 -61.69
C LEU G 772 -55.98 18.25 -62.84
N PRO G 773 -55.23 17.15 -62.85
CA PRO G 773 -55.22 16.21 -63.95
C PRO G 773 -56.46 15.31 -63.98
N ASP G 774 -56.62 14.58 -65.07
CA ASP G 774 -57.68 13.58 -65.24
C ASP G 774 -57.61 12.35 -64.33
N SER G 775 -56.50 12.13 -63.59
CA SER G 775 -56.40 11.05 -62.59
C SER G 775 -57.32 11.30 -61.40
N LEU G 776 -58.49 10.64 -61.38
CA LEU G 776 -59.50 10.78 -60.32
C LEU G 776 -59.11 10.01 -59.04
N THR G 777 -58.14 10.53 -58.29
CA THR G 777 -57.68 10.00 -56.99
C THR G 777 -57.23 11.13 -56.07
N THR G 778 -56.94 10.85 -54.81
CA THR G 778 -56.40 11.87 -53.92
C THR G 778 -55.01 12.20 -54.42
N TRP G 779 -54.86 13.43 -54.88
CA TRP G 779 -53.56 14.01 -55.03
C TRP G 779 -53.13 14.46 -53.66
N GLU G 780 -51.98 13.98 -53.25
CA GLU G 780 -51.47 14.19 -51.91
C GLU G 780 -50.16 14.86 -52.18
N ILE G 781 -50.02 16.01 -51.56
CA ILE G 781 -49.16 17.06 -52.06
C ILE G 781 -48.28 17.46 -50.89
N GLN G 782 -46.99 17.41 -51.14
CA GLN G 782 -46.01 17.41 -50.09
C GLN G 782 -45.01 18.47 -50.45
N GLY G 783 -44.79 19.36 -49.51
CA GLY G 783 -44.08 20.60 -49.75
C GLY G 783 -42.99 20.71 -48.72
N VAL G 784 -41.80 21.06 -49.16
CA VAL G 784 -40.62 20.92 -48.33
C VAL G 784 -39.93 22.23 -48.33
N GLY G 785 -39.68 22.76 -47.16
CA GLY G 785 -39.25 24.13 -46.96
C GLY G 785 -37.82 24.15 -46.47
N ILE G 786 -36.95 24.85 -47.18
CA ILE G 786 -35.53 24.90 -46.89
C ILE G 786 -35.18 26.36 -46.65
N SER G 787 -34.64 26.68 -45.48
CA SER G 787 -34.22 28.02 -45.12
C SER G 787 -33.35 27.97 -43.88
N ASN G 788 -32.73 29.08 -43.50
CA ASN G 788 -31.67 29.15 -42.50
C ASN G 788 -32.01 28.50 -41.13
N THR G 789 -33.28 28.36 -40.78
CA THR G 789 -33.69 27.69 -39.53
C THR G 789 -33.70 26.16 -39.61
N GLY G 790 -33.80 25.58 -40.80
CA GLY G 790 -33.90 24.14 -41.00
C GLY G 790 -34.64 23.72 -42.26
N ILE G 791 -34.84 22.40 -42.40
CA ILE G 791 -35.81 21.80 -43.30
C ILE G 791 -37.18 21.78 -42.62
N CYS G 792 -38.24 21.72 -43.41
CA CYS G 792 -39.54 21.29 -42.97
C CYS G 792 -40.26 20.51 -44.05
N VAL G 793 -41.12 19.57 -43.71
CA VAL G 793 -42.13 19.03 -44.62
C VAL G 793 -43.47 19.40 -44.07
N ALA G 794 -44.31 19.98 -44.92
CA ALA G 794 -45.65 20.43 -44.53
C ALA G 794 -46.49 19.22 -44.08
N ASP G 795 -47.49 19.44 -43.23
CA ASP G 795 -48.55 18.44 -43.10
C ASP G 795 -49.15 18.24 -44.49
N THR G 796 -49.06 17.02 -45.04
CA THR G 796 -49.36 16.79 -46.46
C THR G 796 -50.79 17.21 -46.75
N VAL G 797 -50.95 18.19 -47.64
CA VAL G 797 -52.25 18.58 -48.19
C VAL G 797 -52.79 17.42 -48.98
N LYS G 798 -54.11 17.22 -48.91
CA LYS G 798 -54.80 16.20 -49.67
C LYS G 798 -55.95 16.86 -50.40
N ALA G 799 -56.04 16.57 -51.67
CA ALA G 799 -57.03 17.10 -52.57
C ALA G 799 -57.62 15.93 -53.33
N LYS G 800 -58.90 15.97 -53.68
CA LYS G 800 -59.54 14.80 -54.31
C LYS G 800 -60.15 15.23 -55.61
N VAL G 801 -59.76 14.55 -56.68
CA VAL G 801 -60.31 14.73 -58.02
C VAL G 801 -61.42 13.69 -58.11
N PHE G 802 -62.66 14.16 -57.95
CA PHE G 802 -63.82 13.32 -57.68
C PHE G 802 -65.07 13.94 -58.29
N LYS G 803 -65.71 13.21 -59.19
CA LYS G 803 -66.87 13.65 -59.97
C LYS G 803 -68.05 12.68 -59.77
N ASP G 804 -69.29 13.17 -59.87
CA ASP G 804 -70.46 12.36 -59.54
C ASP G 804 -70.64 11.13 -60.45
N VAL G 805 -70.28 11.22 -61.73
CA VAL G 805 -70.25 10.07 -62.64
C VAL G 805 -68.97 10.10 -63.44
N PHE G 806 -68.27 8.97 -63.54
CA PHE G 806 -67.10 8.81 -64.40
C PHE G 806 -66.82 7.35 -64.77
N LEU G 807 -66.09 7.17 -65.88
CA LEU G 807 -65.55 5.89 -66.34
C LEU G 807 -64.12 5.68 -65.78
N GLU G 808 -63.68 4.43 -65.63
CA GLU G 808 -62.25 4.05 -65.53
C GLU G 808 -62.01 2.67 -66.17
N MET G 809 -60.78 2.36 -66.57
CA MET G 809 -60.47 1.17 -67.34
C MET G 809 -59.26 0.40 -66.78
N ASN G 810 -59.45 -0.88 -66.46
CA ASN G 810 -58.42 -1.84 -66.08
C ASN G 810 -57.68 -2.33 -67.34
N ILE G 811 -56.62 -1.61 -67.69
CA ILE G 811 -55.70 -1.93 -68.78
C ILE G 811 -54.38 -2.36 -68.15
N PRO G 812 -53.82 -3.54 -68.47
CA PRO G 812 -52.58 -4.03 -67.87
C PRO G 812 -51.36 -3.19 -68.27
N TYR G 813 -50.23 -3.40 -67.59
CA TYR G 813 -49.03 -2.60 -67.76
C TYR G 813 -48.37 -2.78 -69.14
N SER G 814 -48.22 -4.02 -69.57
CA SER G 814 -47.72 -4.32 -70.89
C SER G 814 -48.32 -5.61 -71.40
N VAL G 815 -48.36 -5.81 -72.70
CA VAL G 815 -49.07 -6.94 -73.32
C VAL G 815 -48.23 -7.56 -74.42
N VAL G 816 -48.45 -8.85 -74.64
CA VAL G 816 -47.78 -9.63 -75.68
C VAL G 816 -48.38 -9.28 -77.05
N ARG G 817 -47.57 -8.73 -77.94
CA ARG G 817 -47.95 -8.52 -79.34
C ARG G 817 -48.51 -9.82 -79.95
N GLY G 818 -49.69 -9.76 -80.53
CA GLY G 818 -50.29 -10.93 -81.17
C GLY G 818 -51.13 -11.84 -80.27
N GLU G 819 -51.26 -11.54 -78.97
CA GLU G 819 -52.22 -12.21 -78.07
C GLU G 819 -53.41 -11.30 -77.77
N GLN G 820 -54.64 -11.80 -77.93
CA GLN G 820 -55.83 -11.06 -77.50
C GLN G 820 -56.05 -11.17 -75.98
N ILE G 821 -56.48 -10.07 -75.35
CA ILE G 821 -56.75 -9.98 -73.91
C ILE G 821 -58.04 -9.18 -73.62
N GLN G 822 -58.57 -9.31 -72.40
CA GLN G 822 -59.68 -8.49 -71.91
C GLN G 822 -59.16 -7.29 -71.11
N LEU G 823 -59.63 -6.10 -71.48
CA LEU G 823 -59.51 -4.87 -70.69
C LEU G 823 -60.86 -4.70 -69.98
N LYS G 824 -60.88 -4.48 -68.67
CA LYS G 824 -62.17 -4.43 -67.94
C LYS G 824 -62.51 -3.01 -67.52
N GLY G 825 -63.66 -2.54 -67.98
CA GLY G 825 -64.12 -1.17 -67.78
C GLY G 825 -65.09 -1.05 -66.63
N THR G 826 -65.23 0.15 -66.10
CA THR G 826 -66.20 0.43 -65.07
C THR G 826 -66.71 1.85 -65.12
N VAL G 827 -67.98 2.02 -64.76
CA VAL G 827 -68.57 3.31 -64.38
C VAL G 827 -68.70 3.35 -62.87
N TYR G 828 -68.35 4.48 -62.26
CA TYR G 828 -68.82 4.83 -60.92
C TYR G 828 -69.91 5.90 -60.99
N ASN G 829 -71.02 5.70 -60.26
CA ASN G 829 -72.17 6.60 -60.18
C ASN G 829 -72.48 6.94 -58.72
N TYR G 830 -72.03 8.11 -58.28
CA TYR G 830 -72.31 8.69 -56.97
C TYR G 830 -73.47 9.71 -57.01
N ARG G 831 -74.24 9.80 -58.10
CA ARG G 831 -75.56 10.46 -58.07
C ARG G 831 -76.50 9.66 -57.16
N THR G 832 -77.52 10.33 -56.66
CA THR G 832 -78.51 9.75 -55.73
C THR G 832 -79.42 8.70 -56.38
N SER G 833 -79.35 8.50 -57.70
CA SER G 833 -80.29 7.68 -58.47
C SER G 833 -79.61 6.85 -59.56
N GLY G 834 -80.30 5.80 -60.00
CA GLY G 834 -79.86 4.95 -61.10
C GLY G 834 -80.14 5.57 -62.47
N MET G 835 -79.31 5.23 -63.45
CA MET G 835 -79.35 5.82 -64.80
C MET G 835 -78.80 4.85 -65.85
N GLN G 836 -79.32 4.91 -67.07
CA GLN G 836 -78.72 4.24 -68.24
C GLN G 836 -77.41 4.93 -68.66
N PHE G 837 -76.44 4.16 -69.11
CA PHE G 837 -75.11 4.62 -69.52
C PHE G 837 -74.63 3.89 -70.79
N CYS G 838 -73.57 4.40 -71.40
CA CYS G 838 -72.89 3.79 -72.54
C CYS G 838 -71.35 3.83 -72.40
N VAL G 839 -70.63 3.28 -73.39
CA VAL G 839 -69.16 3.33 -73.43
C VAL G 839 -68.66 3.07 -74.86
N LYS G 840 -67.53 3.68 -75.23
CA LYS G 840 -66.87 3.46 -76.52
C LYS G 840 -65.35 3.57 -76.40
N MET G 841 -64.66 2.91 -77.32
CA MET G 841 -63.20 2.79 -77.37
C MET G 841 -62.68 3.21 -78.75
N SER G 842 -61.58 3.96 -78.82
CA SER G 842 -60.94 4.33 -80.09
C SER G 842 -59.44 4.53 -79.91
N ALA G 843 -58.61 3.96 -80.76
CA ALA G 843 -57.16 3.90 -80.60
C ALA G 843 -56.39 3.76 -81.92
N VAL G 844 -55.09 3.99 -81.88
CA VAL G 844 -54.17 3.84 -83.03
C VAL G 844 -54.13 2.41 -83.58
N GLU G 845 -53.86 2.28 -84.88
CA GLU G 845 -53.88 1.01 -85.64
C GLU G 845 -52.77 0.02 -85.27
N GLY G 846 -51.92 0.33 -84.28
CA GLY G 846 -51.12 -0.66 -83.56
C GLY G 846 -51.94 -1.62 -82.67
N ILE G 847 -53.27 -1.48 -82.63
CA ILE G 847 -54.23 -2.39 -81.98
C ILE G 847 -55.25 -2.89 -83.02
N CYS G 848 -55.75 -4.12 -82.87
CA CYS G 848 -56.98 -4.56 -83.56
C CYS G 848 -58.01 -5.10 -82.54
N THR G 849 -59.30 -5.09 -82.89
CA THR G 849 -60.41 -5.45 -81.98
C THR G 849 -61.61 -6.06 -82.71
N SER G 850 -62.39 -6.88 -81.98
CA SER G 850 -63.74 -7.31 -82.34
C SER G 850 -64.79 -6.22 -82.07
N GLU G 851 -64.50 -5.27 -81.17
CA GLU G 851 -65.52 -4.41 -80.55
C GLU G 851 -66.05 -3.30 -81.46
N SER G 852 -65.48 -3.16 -82.67
CA SER G 852 -66.09 -2.50 -83.85
C SER G 852 -66.65 -1.09 -83.61
N PRO G 853 -65.85 -0.13 -83.09
CA PRO G 853 -66.28 1.25 -82.87
C PRO G 853 -66.59 2.00 -84.17
N LYS G 864 -72.55 2.80 -79.05
CA LYS G 864 -73.19 1.71 -79.79
C LYS G 864 -73.78 0.62 -78.88
N CYS G 865 -73.69 0.81 -77.57
CA CYS G 865 -74.04 -0.18 -76.54
C CYS G 865 -75.55 -0.50 -76.48
N VAL G 866 -75.89 -1.59 -75.79
CA VAL G 866 -77.26 -1.96 -75.37
C VAL G 866 -77.85 -0.97 -74.35
N ARG G 867 -77.00 -0.07 -73.81
CA ARG G 867 -77.34 1.04 -72.92
C ARG G 867 -77.83 0.60 -71.53
N GLN G 868 -77.07 -0.31 -70.92
CA GLN G 868 -77.29 -0.84 -69.57
C GLN G 868 -77.36 0.26 -68.49
N LYS G 869 -77.99 -0.02 -67.35
CA LYS G 869 -78.14 0.90 -66.21
C LYS G 869 -77.22 0.61 -65.03
N VAL G 870 -76.70 1.68 -64.42
CA VAL G 870 -75.94 1.67 -63.16
C VAL G 870 -76.80 2.32 -62.08
N GLU G 871 -76.91 1.69 -60.92
CA GLU G 871 -77.72 2.21 -59.82
C GLU G 871 -77.08 3.45 -59.16
N GLY G 872 -77.85 4.20 -58.37
CA GLY G 872 -77.29 5.29 -57.55
C GLY G 872 -76.28 4.77 -56.54
N SER G 873 -75.31 5.59 -56.16
CA SER G 873 -74.22 5.23 -55.24
C SER G 873 -73.55 3.87 -55.55
N SER G 874 -73.41 3.52 -56.83
CA SER G 874 -73.03 2.18 -57.29
C SER G 874 -72.08 2.19 -58.50
N SER G 875 -71.51 1.03 -58.85
CA SER G 875 -70.58 0.85 -59.97
C SER G 875 -71.05 -0.26 -60.90
N HIS G 876 -70.74 -0.17 -62.20
CA HIS G 876 -71.03 -1.24 -63.15
C HIS G 876 -69.78 -1.72 -63.89
N LEU G 877 -69.75 -3.00 -64.25
CA LEU G 877 -68.69 -3.66 -65.03
C LEU G 877 -68.89 -3.53 -66.55
N VAL G 878 -67.80 -3.49 -67.30
CA VAL G 878 -67.72 -3.44 -68.77
C VAL G 878 -66.55 -4.32 -69.22
N THR G 879 -66.56 -4.85 -70.44
CA THR G 879 -65.42 -5.57 -71.02
C THR G 879 -65.14 -5.12 -72.46
N PHE G 880 -63.86 -4.94 -72.80
CA PHE G 880 -63.40 -4.72 -74.17
C PHE G 880 -62.29 -5.71 -74.50
N THR G 881 -62.39 -6.33 -75.66
CA THR G 881 -61.45 -7.36 -76.13
C THR G 881 -60.61 -6.83 -77.28
N VAL G 882 -59.29 -6.88 -77.11
CA VAL G 882 -58.31 -6.30 -78.04
C VAL G 882 -57.12 -7.23 -78.21
N LEU G 883 -56.47 -7.15 -79.36
CA LEU G 883 -55.15 -7.71 -79.61
C LEU G 883 -54.22 -6.53 -79.95
N PRO G 884 -53.27 -6.17 -79.08
CA PRO G 884 -52.23 -5.23 -79.43
C PRO G 884 -51.30 -5.88 -80.47
N LEU G 885 -51.19 -5.23 -81.62
CA LEU G 885 -50.68 -5.78 -82.87
C LEU G 885 -49.31 -5.20 -83.21
N GLU G 886 -48.93 -4.06 -82.63
CA GLU G 886 -47.61 -3.44 -82.77
C GLU G 886 -47.00 -3.05 -81.41
N ILE G 887 -45.70 -2.85 -81.28
CA ILE G 887 -45.16 -2.60 -79.91
C ILE G 887 -45.25 -1.14 -79.48
N GLY G 888 -44.29 -0.77 -78.65
CA GLY G 888 -44.19 0.61 -78.18
C GLY G 888 -45.40 1.04 -77.35
N LEU G 889 -45.76 2.32 -77.42
CA LEU G 889 -46.93 2.90 -76.73
C LEU G 889 -48.08 3.12 -77.71
N HIS G 890 -49.28 2.69 -77.34
CA HIS G 890 -50.54 3.07 -77.98
C HIS G 890 -51.37 3.93 -77.05
N ASN G 891 -51.76 5.13 -77.49
CA ASN G 891 -52.80 5.94 -76.86
C ASN G 891 -54.18 5.45 -77.29
N ILE G 892 -55.07 5.32 -76.32
CA ILE G 892 -56.43 4.81 -76.44
C ILE G 892 -57.38 5.81 -75.77
N ASN G 893 -58.51 6.07 -76.43
CA ASN G 893 -59.48 6.89 -75.69
C ASN G 893 -60.66 6.02 -75.31
N PHE G 894 -60.91 5.99 -74.03
CA PHE G 894 -62.16 5.41 -73.55
C PHE G 894 -63.13 6.54 -73.23
N SER G 895 -64.35 6.51 -73.78
CA SER G 895 -65.33 7.60 -73.65
C SER G 895 -66.71 7.10 -73.25
N LEU G 896 -67.37 7.85 -72.36
CA LEU G 896 -68.55 7.42 -71.59
C LEU G 896 -69.91 7.68 -72.26
N GLU G 897 -70.02 8.57 -73.26
CA GLU G 897 -71.19 8.71 -74.16
C GLU G 897 -72.59 8.70 -73.47
N THR G 898 -72.75 9.44 -72.37
CA THR G 898 -73.91 9.34 -71.46
C THR G 898 -74.47 10.72 -71.07
N TRP G 899 -75.73 10.78 -70.67
CA TRP G 899 -76.42 11.97 -70.14
C TRP G 899 -75.72 12.57 -68.91
N PHE G 900 -75.98 13.84 -68.62
CA PHE G 900 -75.51 14.53 -67.42
C PHE G 900 -73.97 14.47 -67.29
N GLY G 901 -73.42 13.93 -66.19
CA GLY G 901 -71.97 13.76 -66.02
C GLY G 901 -71.36 12.77 -67.03
N LYS G 902 -70.39 13.25 -67.83
CA LYS G 902 -69.67 12.48 -68.86
C LYS G 902 -68.16 12.80 -68.88
N GLU G 903 -67.35 11.91 -69.44
CA GLU G 903 -65.89 11.97 -69.42
C GLU G 903 -65.24 11.40 -70.69
N ILE G 904 -64.06 11.94 -71.02
CA ILE G 904 -63.06 11.33 -71.90
C ILE G 904 -61.88 10.85 -71.05
N LEU G 905 -61.52 9.58 -71.22
CA LEU G 905 -60.27 9.00 -70.76
C LEU G 905 -59.32 8.92 -71.95
N VAL G 906 -58.04 9.21 -71.71
CA VAL G 906 -56.98 8.88 -72.66
C VAL G 906 -55.95 8.09 -71.86
N LYS G 907 -55.65 6.90 -72.36
CA LYS G 907 -54.99 5.85 -71.59
C LYS G 907 -53.96 5.23 -72.49
N THR G 908 -52.82 4.82 -71.93
CA THR G 908 -51.63 4.50 -72.71
C THR G 908 -51.10 3.12 -72.33
N LEU G 909 -50.81 2.31 -73.34
CA LEU G 909 -50.62 0.87 -73.22
C LEU G 909 -49.30 0.49 -73.90
N ARG G 910 -48.43 -0.18 -73.15
CA ARG G 910 -47.13 -0.68 -73.62
C ARG G 910 -47.31 -2.06 -74.24
N VAL G 911 -46.51 -2.38 -75.25
CA VAL G 911 -46.55 -3.68 -75.92
C VAL G 911 -45.13 -4.21 -76.16
N VAL G 912 -44.92 -5.51 -75.95
CA VAL G 912 -43.62 -6.19 -75.99
C VAL G 912 -43.72 -7.49 -76.82
N PRO G 913 -42.61 -7.97 -77.43
CA PRO G 913 -42.65 -9.06 -78.42
C PRO G 913 -42.96 -10.44 -77.84
N GLU G 914 -43.52 -11.32 -78.67
CA GLU G 914 -43.91 -12.69 -78.31
C GLU G 914 -42.77 -13.71 -78.49
N GLY G 915 -41.93 -13.88 -77.48
CA GLY G 915 -40.88 -14.91 -77.46
C GLY G 915 -40.10 -14.92 -76.14
N VAL G 916 -39.20 -15.89 -75.96
CA VAL G 916 -38.38 -16.00 -74.75
C VAL G 916 -37.32 -14.91 -74.73
N LYS G 917 -37.20 -14.18 -73.62
CA LYS G 917 -36.10 -13.23 -73.38
C LYS G 917 -34.79 -13.97 -73.14
N ARG G 918 -33.73 -13.55 -73.82
CA ARG G 918 -32.34 -13.91 -73.51
C ARG G 918 -31.51 -12.63 -73.43
N GLU G 919 -30.65 -12.51 -72.43
CA GLU G 919 -29.54 -11.54 -72.44
C GLU G 919 -28.27 -12.16 -73.07
N SER G 920 -27.38 -11.34 -73.66
CA SER G 920 -26.12 -11.73 -74.31
C SER G 920 -25.02 -10.67 -74.09
N TYR G 921 -23.74 -11.01 -74.17
CA TYR G 921 -22.62 -10.15 -73.73
C TYR G 921 -21.36 -10.17 -74.63
N SER G 922 -20.53 -9.14 -74.46
CA SER G 922 -19.12 -9.08 -74.85
C SER G 922 -18.42 -7.98 -74.02
N GLY G 923 -17.09 -7.91 -74.00
CA GLY G 923 -16.38 -6.82 -73.29
C GLY G 923 -14.87 -6.96 -73.21
N VAL G 924 -14.18 -5.87 -72.84
CA VAL G 924 -12.71 -5.82 -72.73
C VAL G 924 -12.23 -4.91 -71.61
N THR G 925 -10.99 -5.06 -71.18
CA THR G 925 -10.30 -3.90 -70.63
C THR G 925 -9.87 -3.05 -71.79
N LEU G 926 -9.87 -1.74 -71.64
CA LEU G 926 -9.00 -0.92 -72.46
C LEU G 926 -7.62 -0.88 -71.79
N ASP G 927 -6.59 -0.66 -72.59
CA ASP G 927 -5.21 -0.57 -72.14
C ASP G 927 -4.43 0.27 -73.15
N PRO G 928 -4.16 1.54 -72.84
CA PRO G 928 -3.51 2.46 -73.74
C PRO G 928 -1.97 2.31 -73.74
N ARG G 929 -1.41 1.39 -72.92
CA ARG G 929 -0.04 1.49 -72.43
C ARG G 929 0.71 0.17 -72.31
N GLY G 930 0.04 -0.97 -72.34
CA GLY G 930 0.65 -2.29 -72.26
C GLY G 930 0.65 -2.87 -70.84
N ILE G 931 -0.23 -3.84 -70.65
CA ILE G 931 -0.46 -4.68 -69.48
C ILE G 931 -0.99 -6.02 -70.03
N TYR G 932 -0.99 -7.10 -69.26
CA TYR G 932 -1.50 -8.42 -69.70
C TYR G 932 -0.82 -8.93 -70.99
N GLY G 933 0.50 -8.75 -71.10
CA GLY G 933 1.33 -9.32 -72.17
C GLY G 933 1.00 -8.84 -73.59
N THR G 934 0.20 -7.78 -73.70
CA THR G 934 -0.42 -7.27 -74.94
C THR G 934 -0.61 -5.75 -74.82
N ILE G 935 -1.42 -5.13 -75.67
CA ILE G 935 -1.92 -3.77 -75.48
C ILE G 935 -3.34 -3.65 -76.06
N SER G 936 -4.19 -2.75 -75.55
CA SER G 936 -5.63 -2.73 -75.90
C SER G 936 -6.17 -1.30 -76.04
N ARG G 937 -5.57 -0.48 -76.90
CA ARG G 937 -6.06 0.89 -77.15
C ARG G 937 -7.32 0.98 -78.05
N ARG G 938 -7.70 -0.10 -78.74
CA ARG G 938 -8.88 -0.17 -79.63
C ARG G 938 -9.52 -1.56 -79.58
N LYS G 939 -10.85 -1.64 -79.69
CA LYS G 939 -11.63 -2.88 -79.82
C LYS G 939 -12.86 -2.64 -80.70
N GLU G 940 -13.29 -3.66 -81.42
CA GLU G 940 -14.46 -3.62 -82.29
C GLU G 940 -15.39 -4.80 -82.02
N PHE G 941 -16.68 -4.53 -81.78
CA PHE G 941 -17.74 -5.50 -81.49
C PHE G 941 -18.67 -5.60 -82.69
N PRO G 942 -18.79 -6.77 -83.33
CA PRO G 942 -19.70 -6.97 -84.46
C PRO G 942 -21.19 -6.79 -84.13
N TYR G 943 -22.00 -6.63 -85.16
CA TYR G 943 -23.45 -6.75 -85.15
C TYR G 943 -23.89 -8.07 -85.82
N ARG G 944 -24.68 -8.87 -85.11
CA ARG G 944 -25.17 -10.18 -85.55
C ARG G 944 -26.68 -10.21 -85.75
N ILE G 945 -27.13 -11.06 -86.67
CA ILE G 945 -28.54 -11.23 -87.03
C ILE G 945 -28.87 -12.74 -86.93
N PRO G 946 -29.23 -13.25 -85.76
CA PRO G 946 -29.59 -14.66 -85.59
C PRO G 946 -30.87 -15.04 -86.32
N LEU G 947 -31.03 -16.32 -86.65
CA LEU G 947 -32.18 -16.86 -87.38
C LEU G 947 -33.42 -17.13 -86.49
N ASP G 948 -33.22 -17.41 -85.21
CA ASP G 948 -34.26 -17.70 -84.19
C ASP G 948 -35.25 -16.55 -83.90
N LEU G 949 -34.94 -15.33 -84.36
CA LEU G 949 -35.50 -14.06 -83.89
C LEU G 949 -37.01 -13.90 -84.13
N VAL G 950 -37.73 -13.29 -83.18
CA VAL G 950 -39.16 -12.91 -83.33
C VAL G 950 -39.31 -11.79 -84.39
N PRO G 951 -40.08 -11.97 -85.48
CA PRO G 951 -39.96 -11.17 -86.70
C PRO G 951 -39.95 -9.65 -86.55
N LYS G 952 -40.98 -9.05 -85.93
CA LYS G 952 -41.08 -7.58 -85.80
C LYS G 952 -40.26 -6.98 -84.63
N THR G 953 -39.32 -7.72 -84.05
CA THR G 953 -38.57 -7.27 -82.87
C THR G 953 -37.82 -5.97 -83.09
N GLU G 954 -37.66 -5.22 -82.00
CA GLU G 954 -36.59 -4.26 -81.82
C GLU G 954 -35.36 -4.95 -81.22
N ILE G 955 -34.15 -4.55 -81.62
CA ILE G 955 -32.88 -5.02 -81.04
C ILE G 955 -32.30 -3.93 -80.15
N LYS G 956 -31.92 -4.25 -78.90
CA LYS G 956 -31.45 -3.27 -77.90
C LYS G 956 -30.10 -3.66 -77.34
N ARG G 957 -29.26 -2.66 -77.05
CA ARG G 957 -27.90 -2.84 -76.56
C ARG G 957 -27.51 -1.72 -75.60
N ILE G 958 -26.62 -1.98 -74.65
CA ILE G 958 -26.15 -1.01 -73.67
C ILE G 958 -24.67 -1.19 -73.46
N LEU G 959 -23.91 -0.10 -73.40
CA LEU G 959 -22.47 -0.10 -73.14
C LEU G 959 -22.17 0.75 -71.89
N SER G 960 -21.34 0.26 -70.98
CA SER G 960 -20.90 1.01 -69.78
C SER G 960 -19.45 0.71 -69.44
N VAL G 961 -18.78 1.58 -68.70
CA VAL G 961 -17.33 1.47 -68.48
C VAL G 961 -16.96 1.74 -67.03
N LYS G 962 -16.13 0.88 -66.46
CA LYS G 962 -15.79 0.89 -65.03
C LYS G 962 -14.34 1.30 -64.87
N GLY G 963 -14.11 2.34 -64.09
CA GLY G 963 -12.78 2.85 -63.80
C GLY G 963 -12.07 2.01 -62.75
N LEU G 964 -11.26 1.06 -63.19
CA LEU G 964 -10.52 0.19 -62.30
C LEU G 964 -9.30 0.92 -61.72
N LEU G 965 -9.47 1.56 -60.57
CA LEU G 965 -8.39 2.25 -59.86
C LEU G 965 -7.26 1.31 -59.39
N VAL G 966 -6.12 1.89 -59.04
CA VAL G 966 -4.92 1.15 -58.61
C VAL G 966 -5.10 0.43 -57.27
N GLY G 967 -6.02 0.89 -56.42
CA GLY G 967 -5.92 0.65 -54.99
C GLY G 967 -4.85 1.56 -54.39
N GLU G 968 -4.26 1.15 -53.27
CA GLU G 968 -3.20 1.92 -52.61
C GLU G 968 -1.85 1.85 -53.36
N ILE G 969 -1.03 2.89 -53.21
CA ILE G 969 0.33 3.00 -53.75
C ILE G 969 1.28 3.30 -52.57
N LEU G 970 2.45 2.66 -52.54
CA LEU G 970 3.24 2.48 -51.30
C LEU G 970 4.49 3.35 -51.19
N SER G 971 4.71 4.29 -52.11
CA SER G 971 5.79 5.28 -52.07
C SER G 971 7.21 4.66 -51.94
N ALA G 972 7.45 3.52 -52.59
CA ALA G 972 8.74 2.83 -52.54
C ALA G 972 9.75 3.40 -53.55
N VAL G 973 10.88 3.91 -53.05
CA VAL G 973 11.77 4.81 -53.78
C VAL G 973 13.24 4.59 -53.40
N LEU G 974 14.16 4.89 -54.31
CA LEU G 974 15.53 5.19 -53.91
C LEU G 974 15.56 6.56 -53.26
N SER G 975 16.43 6.80 -52.29
CA SER G 975 16.50 8.11 -51.63
C SER G 975 17.30 9.14 -52.48
N GLN G 976 17.53 10.37 -51.99
CA GLN G 976 18.56 11.28 -52.53
C GLN G 976 19.95 10.61 -52.55
N GLU G 977 20.18 9.74 -51.56
CA GLU G 977 21.28 8.79 -51.44
C GLU G 977 21.42 7.84 -52.64
N GLY G 978 20.42 7.76 -53.51
CA GLY G 978 20.53 7.17 -54.85
C GLY G 978 21.72 7.72 -55.66
N ILE G 979 22.11 8.99 -55.43
CA ILE G 979 23.39 9.55 -55.92
C ILE G 979 24.61 8.74 -55.44
N ASN G 980 24.65 8.23 -54.20
CA ASN G 980 25.71 7.33 -53.72
C ASN G 980 25.67 5.95 -54.38
N ILE G 981 24.50 5.46 -54.78
CA ILE G 981 24.38 4.22 -55.56
C ILE G 981 24.89 4.40 -57.00
N LEU G 982 24.70 5.57 -57.62
CA LEU G 982 25.39 5.91 -58.88
C LEU G 982 26.90 6.06 -58.65
N THR G 983 27.26 6.85 -57.64
CA THR G 983 28.64 7.31 -57.37
C THR G 983 29.43 6.24 -56.63
N HIS G 984 29.66 5.13 -57.32
CA HIS G 984 30.00 3.84 -56.74
C HIS G 984 31.21 3.82 -55.81
N LEU G 985 31.22 2.80 -54.94
CA LEU G 985 32.35 2.42 -54.09
C LEU G 985 33.61 2.22 -54.92
N PRO G 986 34.81 2.40 -54.34
CA PRO G 986 36.08 2.43 -55.06
C PRO G 986 36.27 1.32 -56.11
N LYS G 987 36.43 1.72 -57.37
CA LYS G 987 36.80 0.86 -58.50
C LYS G 987 38.19 0.24 -58.30
N GLY G 988 38.47 -0.84 -59.01
CA GLY G 988 39.80 -1.46 -58.97
C GLY G 988 39.90 -2.79 -59.71
N SER G 989 41.02 -3.46 -59.45
CA SER G 989 41.43 -4.75 -60.02
C SER G 989 40.40 -5.87 -59.77
N ALA G 990 40.59 -7.01 -60.44
CA ALA G 990 39.56 -8.05 -60.59
C ALA G 990 38.21 -7.43 -61.02
N GLU G 991 38.30 -6.29 -61.73
CA GLU G 991 37.22 -5.38 -62.04
C GLU G 991 36.23 -5.14 -60.88
N ALA G 992 36.71 -4.70 -59.71
CA ALA G 992 35.84 -3.87 -58.85
C ALA G 992 35.39 -2.59 -59.57
N GLU G 993 36.10 -2.17 -60.62
CA GLU G 993 35.52 -1.27 -61.60
C GLU G 993 34.21 -1.82 -62.22
N LEU G 994 34.05 -3.12 -62.48
CA LEU G 994 32.77 -3.67 -62.96
C LEU G 994 31.66 -3.47 -61.93
N MET G 995 31.96 -3.78 -60.66
CA MET G 995 31.02 -3.47 -59.59
C MET G 995 30.71 -1.98 -59.50
N SER G 996 31.67 -1.12 -59.85
CA SER G 996 31.48 0.32 -59.98
C SER G 996 30.69 0.81 -61.20
N VAL G 997 30.74 0.13 -62.35
CA VAL G 997 29.89 0.50 -63.49
C VAL G 997 28.45 0.03 -63.35
N VAL G 998 28.20 -1.25 -63.05
CA VAL G 998 26.93 -1.84 -63.50
C VAL G 998 25.68 -1.22 -62.86
N PRO G 999 25.60 -0.97 -61.56
CA PRO G 999 24.37 -0.43 -60.99
C PRO G 999 24.04 1.00 -61.41
N VAL G 1000 24.97 1.77 -62.00
CA VAL G 1000 24.64 3.04 -62.68
C VAL G 1000 23.55 2.83 -63.73
N PHE G 1001 23.68 1.76 -64.53
CA PHE G 1001 22.74 1.39 -65.61
C PHE G 1001 21.35 0.99 -65.13
N TYR G 1002 21.16 0.93 -63.81
CA TYR G 1002 19.88 0.75 -63.14
C TYR G 1002 19.44 2.03 -62.41
N VAL G 1003 20.33 2.71 -61.68
CA VAL G 1003 19.91 3.91 -60.94
C VAL G 1003 19.48 5.02 -61.89
N PHE G 1004 20.12 5.15 -63.06
CA PHE G 1004 19.56 5.92 -64.17
C PHE G 1004 18.08 5.54 -64.42
N HIS G 1005 17.80 4.26 -64.68
CA HIS G 1005 16.50 3.79 -65.15
C HIS G 1005 15.42 4.02 -64.10
N TYR G 1006 15.78 3.88 -62.83
CA TYR G 1006 14.88 4.23 -61.75
C TYR G 1006 14.57 5.72 -61.77
N LEU G 1007 15.58 6.60 -61.82
CA LEU G 1007 15.33 8.05 -61.74
C LEU G 1007 14.49 8.52 -62.93
N GLU G 1008 14.81 8.02 -64.13
CA GLU G 1008 14.09 8.22 -65.41
C GLU G 1008 12.63 7.80 -65.37
N THR G 1009 12.32 6.67 -64.75
CA THR G 1009 10.92 6.23 -64.58
C THR G 1009 10.25 6.85 -63.35
N GLY G 1010 10.98 7.61 -62.54
CA GLY G 1010 10.52 8.16 -61.27
C GLY G 1010 10.40 9.68 -61.19
N ASN G 1011 10.75 10.42 -62.24
CA ASN G 1011 10.89 11.89 -62.22
C ASN G 1011 11.76 12.41 -61.07
N HIS G 1012 12.66 11.55 -60.59
CA HIS G 1012 13.24 11.62 -59.25
C HIS G 1012 14.27 12.74 -59.09
N TRP G 1013 14.96 13.13 -60.18
CA TRP G 1013 16.00 14.15 -60.13
C TRP G 1013 15.52 15.45 -59.47
N ASN G 1014 14.23 15.78 -59.59
CA ASN G 1014 13.66 16.92 -58.89
C ASN G 1014 13.93 16.85 -57.38
N ILE G 1015 13.78 15.67 -56.77
CA ILE G 1015 14.07 15.39 -55.34
C ILE G 1015 15.53 15.67 -55.01
N PHE G 1016 16.46 15.49 -55.96
CA PHE G 1016 17.84 15.98 -55.77
C PHE G 1016 17.94 17.50 -55.52
N HIS G 1017 17.03 18.31 -56.07
CA HIS G 1017 17.00 19.79 -55.98
C HIS G 1017 18.11 20.57 -56.71
N SER G 1018 18.88 19.92 -57.58
CA SER G 1018 19.52 20.59 -58.74
C SER G 1018 18.47 20.97 -59.80
N ASP G 1019 18.87 21.59 -60.92
CA ASP G 1019 18.05 21.55 -62.14
C ASP G 1019 17.98 20.10 -62.69
N PRO G 1020 16.78 19.50 -62.81
CA PRO G 1020 16.63 18.14 -63.31
C PRO G 1020 17.26 17.88 -64.67
N LEU G 1021 17.25 18.88 -65.58
CA LEU G 1021 17.84 18.70 -66.90
C LEU G 1021 19.36 18.53 -66.80
N ILE G 1022 20.02 19.29 -65.93
CA ILE G 1022 21.47 19.20 -65.73
C ILE G 1022 21.84 17.83 -65.17
N GLU G 1023 21.02 17.31 -64.25
CA GLU G 1023 21.19 15.95 -63.75
C GLU G 1023 20.92 14.91 -64.84
N LYS G 1024 19.93 15.12 -65.73
CA LYS G 1024 19.66 14.18 -66.82
C LYS G 1024 20.76 14.16 -67.89
N GLN G 1025 21.33 15.31 -68.21
CA GLN G 1025 22.51 15.42 -69.06
C GLN G 1025 23.75 14.78 -68.42
N LYS G 1026 24.01 15.08 -67.13
CA LYS G 1026 25.06 14.44 -66.34
C LYS G 1026 24.92 12.91 -66.38
N LEU G 1027 23.72 12.39 -66.18
CA LEU G 1027 23.47 10.95 -66.25
C LEU G 1027 23.79 10.41 -67.64
N LYS G 1028 23.22 10.96 -68.71
CA LYS G 1028 23.44 10.43 -70.06
C LYS G 1028 24.92 10.37 -70.39
N LYS G 1029 25.69 11.41 -70.02
CA LYS G 1029 27.16 11.41 -70.17
C LYS G 1029 27.81 10.34 -69.31
N LYS G 1030 27.60 10.33 -67.99
CA LYS G 1030 28.27 9.38 -67.09
C LYS G 1030 27.96 7.94 -67.46
N LEU G 1031 26.74 7.68 -67.91
CA LEU G 1031 26.30 6.40 -68.45
C LEU G 1031 27.05 6.01 -69.72
N LYS G 1032 27.22 6.92 -70.68
CA LYS G 1032 28.10 6.68 -71.83
C LYS G 1032 29.53 6.39 -71.40
N GLU G 1033 30.10 7.13 -70.44
CA GLU G 1033 31.42 6.80 -69.88
C GLU G 1033 31.43 5.38 -69.31
N GLY G 1034 30.33 4.98 -68.68
CA GLY G 1034 30.10 3.63 -68.20
C GLY G 1034 30.17 2.61 -69.33
N MET G 1035 29.56 2.87 -70.48
CA MET G 1035 29.55 1.92 -71.60
C MET G 1035 30.95 1.62 -72.11
N LEU G 1036 31.76 2.66 -72.28
CA LEU G 1036 33.17 2.49 -72.64
C LEU G 1036 33.92 1.74 -71.53
N SER G 1037 33.63 2.06 -70.27
CA SER G 1037 34.27 1.42 -69.12
C SER G 1037 33.97 -0.08 -69.07
N ILE G 1038 32.71 -0.52 -69.20
CA ILE G 1038 32.41 -1.96 -69.27
C ILE G 1038 32.95 -2.58 -70.55
N MET G 1039 32.81 -1.91 -71.69
CA MET G 1039 33.29 -2.42 -72.97
C MET G 1039 34.80 -2.70 -72.96
N SER G 1040 35.57 -1.97 -72.14
CA SER G 1040 37.01 -2.17 -71.98
C SER G 1040 37.38 -3.55 -71.43
N TYR G 1041 36.44 -4.26 -70.79
CA TYR G 1041 36.62 -5.63 -70.31
C TYR G 1041 36.07 -6.66 -71.30
N ARG G 1042 35.67 -6.25 -72.50
CA ARG G 1042 35.28 -7.18 -73.55
C ARG G 1042 36.52 -7.83 -74.15
N ASN G 1043 36.49 -9.14 -74.30
CA ASN G 1043 37.45 -9.91 -75.07
C ASN G 1043 37.20 -9.75 -76.58
N ALA G 1044 38.19 -10.03 -77.42
CA ALA G 1044 38.06 -10.09 -78.88
C ALA G 1044 37.08 -11.19 -79.37
N ASP G 1045 36.87 -12.24 -78.59
CA ASP G 1045 35.79 -13.23 -78.78
C ASP G 1045 34.41 -12.69 -78.37
N TYR G 1046 34.30 -11.42 -78.00
CA TYR G 1046 33.11 -10.73 -77.45
C TYR G 1046 32.55 -11.33 -76.15
N SER G 1047 33.30 -12.22 -75.50
CA SER G 1047 33.12 -12.52 -74.08
C SER G 1047 33.71 -11.41 -73.21
N TYR G 1048 33.78 -11.66 -71.91
CA TYR G 1048 34.33 -10.71 -70.95
C TYR G 1048 35.13 -11.53 -69.94
N SER G 1049 35.91 -10.91 -69.05
CA SER G 1049 36.57 -11.60 -67.92
C SER G 1049 36.82 -10.73 -66.66
N VAL G 1050 37.19 -11.38 -65.53
CA VAL G 1050 37.59 -10.73 -64.26
C VAL G 1050 38.78 -9.77 -64.40
N TRP G 1051 39.66 -10.06 -65.37
CA TRP G 1051 40.76 -9.21 -65.81
C TRP G 1051 40.79 -9.20 -67.35
N LYS G 1052 41.39 -8.19 -67.97
CA LYS G 1052 41.52 -8.12 -69.44
C LYS G 1052 42.23 -9.34 -70.06
N GLY G 1053 43.18 -9.94 -69.32
CA GLY G 1053 43.90 -11.16 -69.70
C GLY G 1053 43.33 -12.46 -69.11
N GLY G 1054 42.20 -12.39 -68.40
CA GLY G 1054 41.64 -13.55 -67.70
C GLY G 1054 41.02 -14.60 -68.63
N SER G 1055 40.68 -15.78 -68.10
CA SER G 1055 39.94 -16.78 -68.87
C SER G 1055 38.46 -16.36 -69.00
N ALA G 1056 37.86 -16.55 -70.17
CA ALA G 1056 36.51 -16.06 -70.47
C ALA G 1056 35.43 -16.60 -69.52
N SER G 1057 34.34 -15.84 -69.34
CA SER G 1057 33.16 -16.30 -68.60
C SER G 1057 31.88 -16.05 -69.36
N THR G 1058 31.07 -17.09 -69.51
CA THR G 1058 29.70 -16.98 -69.99
C THR G 1058 28.81 -16.28 -68.96
N TRP G 1059 29.00 -16.52 -67.66
CA TRP G 1059 28.20 -15.86 -66.64
C TRP G 1059 28.36 -14.35 -66.75
N LEU G 1060 29.59 -13.88 -66.89
CA LEU G 1060 29.83 -12.45 -67.02
C LEU G 1060 29.43 -11.93 -68.40
N THR G 1061 29.56 -12.75 -69.44
CA THR G 1061 28.99 -12.44 -70.76
C THR G 1061 27.47 -12.23 -70.64
N ALA G 1062 26.76 -13.06 -69.86
CA ALA G 1062 25.33 -12.93 -69.64
C ALA G 1062 24.95 -11.73 -68.77
N PHE G 1063 25.74 -11.37 -67.75
CA PHE G 1063 25.54 -10.11 -67.02
C PHE G 1063 25.66 -8.90 -67.94
N ALA G 1064 26.67 -8.88 -68.81
CA ALA G 1064 26.83 -7.82 -69.80
C ALA G 1064 25.64 -7.75 -70.76
N LEU G 1065 25.16 -8.89 -71.26
CA LEU G 1065 23.95 -8.94 -72.10
C LEU G 1065 22.67 -8.53 -71.35
N ARG G 1066 22.51 -8.84 -70.05
CA ARG G 1066 21.39 -8.30 -69.25
C ARG G 1066 21.42 -6.78 -69.25
N VAL G 1067 22.59 -6.19 -68.98
CA VAL G 1067 22.81 -4.74 -68.94
C VAL G 1067 22.62 -4.08 -70.30
N LEU G 1068 23.20 -4.60 -71.37
CA LEU G 1068 23.06 -4.04 -72.71
C LEU G 1068 21.60 -4.07 -73.16
N GLY G 1069 20.89 -5.14 -72.82
CA GLY G 1069 19.45 -5.21 -72.95
C GLY G 1069 18.72 -4.07 -72.23
N GLN G 1070 19.15 -3.65 -71.04
CA GLN G 1070 18.64 -2.44 -70.40
C GLN G 1070 18.94 -1.19 -71.25
N VAL G 1071 20.22 -0.85 -71.45
CA VAL G 1071 20.57 0.55 -71.74
C VAL G 1071 20.27 0.98 -73.17
N ASN G 1072 20.06 0.06 -74.10
CA ASN G 1072 19.63 0.44 -75.46
C ASN G 1072 18.16 0.91 -75.54
N LYS G 1073 17.41 0.79 -74.44
CA LYS G 1073 16.18 1.57 -74.19
C LYS G 1073 16.46 3.07 -73.92
N TYR G 1074 17.73 3.47 -73.77
CA TYR G 1074 18.13 4.83 -73.41
C TYR G 1074 19.22 5.42 -74.32
N VAL G 1075 20.39 4.78 -74.40
CA VAL G 1075 21.53 5.18 -75.26
C VAL G 1075 21.91 3.99 -76.15
N GLU G 1076 21.89 4.17 -77.46
CA GLU G 1076 22.14 3.09 -78.42
C GLU G 1076 23.63 2.77 -78.58
N GLN G 1077 23.95 1.50 -78.71
CA GLN G 1077 25.26 1.00 -79.16
C GLN G 1077 25.02 0.03 -80.32
N ASN G 1078 25.97 -0.09 -81.25
CA ASN G 1078 25.75 -0.82 -82.49
C ASN G 1078 25.36 -2.28 -82.21
N GLN G 1079 24.45 -2.81 -83.04
CA GLN G 1079 23.87 -4.13 -82.86
C GLN G 1079 24.91 -5.24 -82.92
N ASN G 1080 25.91 -5.16 -83.80
CA ASN G 1080 26.98 -6.17 -83.88
C ASN G 1080 27.73 -6.33 -82.55
N SER G 1081 28.02 -5.24 -81.85
CA SER G 1081 28.67 -5.28 -80.53
C SER G 1081 27.87 -6.09 -79.50
N ILE G 1082 26.55 -6.13 -79.64
CA ILE G 1082 25.65 -7.00 -78.86
C ILE G 1082 25.61 -8.43 -79.44
N CYS G 1083 25.31 -8.55 -80.74
CA CYS G 1083 25.06 -9.81 -81.42
C CYS G 1083 26.26 -10.74 -81.38
N ASN G 1084 27.48 -10.23 -81.51
CA ASN G 1084 28.66 -11.08 -81.44
C ASN G 1084 28.86 -11.61 -80.00
N SER G 1085 28.60 -10.77 -78.98
CA SER G 1085 28.67 -11.22 -77.57
C SER G 1085 27.62 -12.27 -77.22
N LEU G 1086 26.42 -12.12 -77.79
CA LEU G 1086 25.34 -13.12 -77.80
C LEU G 1086 25.81 -14.39 -78.51
N LEU G 1087 26.35 -14.28 -79.71
CA LEU G 1087 26.67 -15.43 -80.53
C LEU G 1087 27.87 -16.20 -79.97
N TRP G 1088 28.79 -15.58 -79.22
CA TRP G 1088 29.80 -16.34 -78.48
C TRP G 1088 29.15 -17.38 -77.57
N LEU G 1089 28.29 -16.90 -76.69
CA LEU G 1089 27.50 -17.66 -75.73
C LEU G 1089 26.56 -18.67 -76.43
N VAL G 1090 25.69 -18.17 -77.31
CA VAL G 1090 24.65 -18.93 -78.02
C VAL G 1090 25.22 -20.01 -78.93
N GLU G 1091 26.37 -19.77 -79.59
CA GLU G 1091 27.01 -20.80 -80.38
C GLU G 1091 27.69 -21.84 -79.48
N ASN G 1092 28.60 -21.41 -78.61
CA ASN G 1092 29.62 -22.31 -78.05
C ASN G 1092 29.21 -23.04 -76.78
N TYR G 1093 28.10 -22.66 -76.14
CA TYR G 1093 27.73 -23.15 -74.79
C TYR G 1093 26.26 -23.59 -74.66
N GLN G 1094 25.51 -23.58 -75.76
CA GLN G 1094 24.11 -23.99 -75.80
C GLN G 1094 23.99 -25.51 -75.94
N LEU G 1095 24.01 -26.22 -74.82
CA LEU G 1095 23.85 -27.67 -74.77
C LEU G 1095 22.41 -28.14 -75.11
N ASP G 1096 22.12 -29.44 -75.05
CA ASP G 1096 20.77 -30.02 -75.11
C ASP G 1096 20.50 -30.90 -73.89
N ASN G 1097 19.23 -31.16 -73.55
CA ASN G 1097 18.87 -31.86 -72.30
C ASN G 1097 19.42 -31.12 -71.06
N GLY G 1098 19.36 -29.78 -71.09
CA GLY G 1098 20.15 -28.87 -70.24
C GLY G 1098 20.89 -27.93 -71.17
N SER G 1099 20.83 -26.61 -70.98
CA SER G 1099 20.97 -25.72 -72.16
C SER G 1099 21.79 -24.45 -72.04
N PHE G 1100 22.43 -24.16 -70.90
CA PHE G 1100 23.53 -23.18 -70.92
C PHE G 1100 24.62 -23.52 -69.90
N LYS G 1101 25.87 -23.30 -70.31
CA LYS G 1101 27.09 -23.92 -69.74
C LYS G 1101 28.19 -22.89 -69.53
N GLU G 1102 29.18 -23.16 -68.66
CA GLU G 1102 30.18 -22.20 -68.20
C GLU G 1102 31.60 -22.80 -68.10
N ASN G 1103 32.62 -21.93 -68.25
CA ASN G 1103 34.05 -22.21 -68.39
C ASN G 1103 34.83 -22.45 -67.07
N SER G 1104 34.16 -22.45 -65.91
CA SER G 1104 34.80 -22.54 -64.59
C SER G 1104 35.87 -21.46 -64.35
N GLN G 1105 35.40 -20.21 -64.28
CA GLN G 1105 36.19 -19.05 -63.87
C GLN G 1105 36.94 -19.32 -62.54
N TYR G 1106 38.06 -18.64 -62.33
CA TYR G 1106 38.95 -18.85 -61.18
C TYR G 1106 38.23 -18.93 -59.84
N GLN G 1107 37.44 -17.92 -59.49
CA GLN G 1107 36.58 -17.84 -58.31
C GLN G 1107 35.30 -17.03 -58.59
N PRO G 1108 34.21 -17.24 -57.83
CA PRO G 1108 33.13 -16.25 -57.73
C PRO G 1108 33.63 -14.99 -57.00
N ILE G 1109 33.42 -13.80 -57.59
CA ILE G 1109 33.88 -12.54 -57.00
C ILE G 1109 33.09 -12.26 -55.72
N LYS G 1110 33.77 -11.93 -54.63
CA LYS G 1110 33.20 -12.04 -53.27
C LYS G 1110 32.02 -11.08 -52.98
N LEU G 1111 31.77 -10.10 -53.85
CA LEU G 1111 30.60 -9.22 -53.82
C LEU G 1111 29.91 -9.04 -55.18
N GLN G 1112 30.19 -9.93 -56.14
CA GLN G 1112 29.49 -10.01 -57.43
C GLN G 1112 29.14 -11.48 -57.69
N GLY G 1113 28.82 -11.91 -58.92
CA GLY G 1113 28.25 -13.24 -59.12
C GLY G 1113 26.96 -13.42 -58.30
N THR G 1114 26.78 -14.59 -57.70
CA THR G 1114 26.00 -14.83 -56.46
C THR G 1114 26.27 -16.28 -56.00
N LEU G 1115 25.52 -16.82 -55.05
CA LEU G 1115 25.56 -18.26 -54.77
C LEU G 1115 25.10 -19.04 -56.01
N PRO G 1116 25.81 -20.10 -56.41
CA PRO G 1116 25.32 -21.06 -57.37
C PRO G 1116 24.18 -21.86 -56.74
N VAL G 1117 23.66 -22.86 -57.45
CA VAL G 1117 23.09 -23.99 -56.71
C VAL G 1117 24.26 -24.64 -55.96
N GLU G 1118 24.23 -24.65 -54.62
CA GLU G 1118 25.48 -24.77 -53.84
C GLU G 1118 26.05 -26.18 -53.83
N ALA G 1119 25.26 -27.16 -53.40
CA ALA G 1119 25.78 -28.50 -53.15
C ALA G 1119 26.21 -29.22 -54.45
N ARG G 1120 25.55 -28.87 -55.55
CA ARG G 1120 25.65 -29.50 -56.87
C ARG G 1120 24.84 -28.69 -57.86
N GLU G 1121 24.67 -29.18 -59.08
CA GLU G 1121 23.51 -28.91 -59.92
C GLU G 1121 23.27 -27.43 -60.23
N ASN G 1122 24.34 -26.69 -60.54
CA ASN G 1122 24.29 -25.27 -60.87
C ASN G 1122 23.59 -24.95 -62.19
N SER G 1123 23.21 -25.96 -62.98
CA SER G 1123 22.63 -25.78 -64.31
C SER G 1123 21.37 -24.92 -64.27
N LEU G 1124 20.52 -25.01 -63.25
CA LEU G 1124 19.33 -24.17 -63.11
C LEU G 1124 19.69 -22.69 -62.94
N TYR G 1125 20.59 -22.34 -62.02
CA TYR G 1125 21.05 -20.96 -61.88
C TYR G 1125 21.75 -20.43 -63.13
N LEU G 1126 22.54 -21.25 -63.80
CA LEU G 1126 23.12 -20.85 -65.08
C LEU G 1126 22.03 -20.63 -66.12
N THR G 1127 21.25 -21.64 -66.44
CA THR G 1127 20.20 -21.56 -67.47
C THR G 1127 19.22 -20.42 -67.23
N ALA G 1128 18.83 -20.17 -65.98
CA ALA G 1128 18.03 -19.01 -65.64
C ALA G 1128 18.80 -17.70 -65.85
N PHE G 1129 19.96 -17.50 -65.20
CA PHE G 1129 20.68 -16.22 -65.27
C PHE G 1129 21.07 -15.88 -66.71
N THR G 1130 21.50 -16.89 -67.46
CA THR G 1130 21.79 -16.75 -68.90
C THR G 1130 20.54 -16.42 -69.73
N VAL G 1131 19.41 -17.12 -69.53
CA VAL G 1131 18.15 -16.71 -70.17
C VAL G 1131 17.81 -15.28 -69.80
N ILE G 1132 17.98 -14.87 -68.53
CA ILE G 1132 17.67 -13.52 -68.05
C ILE G 1132 18.51 -12.47 -68.79
N GLY G 1133 19.80 -12.71 -68.99
CA GLY G 1133 20.64 -11.84 -69.80
C GLY G 1133 20.19 -11.79 -71.25
N ILE G 1134 20.03 -12.97 -71.86
CA ILE G 1134 19.71 -13.10 -73.27
C ILE G 1134 18.35 -12.48 -73.58
N ARG G 1135 17.33 -12.73 -72.78
CA ARG G 1135 16.00 -12.10 -72.91
C ARG G 1135 16.12 -10.58 -72.91
N LYS G 1136 16.97 -10.00 -72.05
CA LYS G 1136 17.09 -8.54 -71.99
C LYS G 1136 17.74 -8.00 -73.26
N ALA G 1137 18.77 -8.66 -73.74
CA ALA G 1137 19.41 -8.26 -74.99
C ALA G 1137 18.58 -8.56 -76.24
N PHE G 1138 17.70 -9.55 -76.24
CA PHE G 1138 17.13 -10.09 -77.49
C PHE G 1138 16.33 -9.04 -78.28
N ASP G 1139 15.71 -8.10 -77.58
CA ASP G 1139 15.02 -6.94 -78.19
C ASP G 1139 15.92 -6.08 -79.10
N ILE G 1140 17.24 -6.13 -78.94
CA ILE G 1140 18.23 -5.34 -79.70
C ILE G 1140 19.17 -6.21 -80.54
N CYS G 1141 18.89 -7.49 -80.67
CA CYS G 1141 19.48 -8.34 -81.70
C CYS G 1141 18.46 -9.42 -82.12
N PRO G 1142 17.43 -9.06 -82.89
CA PRO G 1142 16.25 -9.90 -83.11
C PRO G 1142 16.45 -11.05 -84.11
N LEU G 1143 17.69 -11.37 -84.50
CA LEU G 1143 17.95 -12.31 -85.60
C LEU G 1143 17.60 -13.77 -85.26
N VAL G 1144 17.25 -14.53 -86.29
CA VAL G 1144 16.59 -15.85 -86.25
C VAL G 1144 17.26 -16.83 -85.31
N LYS G 1145 18.58 -16.85 -85.31
CA LYS G 1145 19.36 -17.72 -84.43
C LYS G 1145 19.03 -17.52 -82.95
N ILE G 1146 18.89 -16.28 -82.49
CA ILE G 1146 18.75 -15.99 -81.06
C ILE G 1146 17.33 -16.31 -80.57
N ASP G 1147 16.32 -16.07 -81.42
CA ASP G 1147 14.95 -16.56 -81.20
C ASP G 1147 14.94 -18.11 -81.10
N THR G 1148 15.62 -18.76 -82.05
CA THR G 1148 15.79 -20.22 -82.10
C THR G 1148 16.45 -20.74 -80.82
N ALA G 1149 17.44 -20.01 -80.29
CA ALA G 1149 18.10 -20.33 -79.03
C ALA G 1149 17.22 -20.13 -77.79
N LEU G 1150 16.65 -18.94 -77.56
CA LEU G 1150 15.85 -18.66 -76.37
C LEU G 1150 14.64 -19.59 -76.22
N ILE G 1151 13.98 -19.98 -77.31
CA ILE G 1151 12.87 -20.95 -77.26
C ILE G 1151 13.30 -22.24 -76.57
N LYS G 1152 14.49 -22.76 -76.87
CA LYS G 1152 14.99 -23.97 -76.20
C LYS G 1152 15.66 -23.68 -74.86
N ALA G 1153 16.33 -22.53 -74.69
CA ALA G 1153 16.90 -22.13 -73.40
C ALA G 1153 15.83 -21.91 -72.31
N ASP G 1154 14.65 -21.43 -72.70
CA ASP G 1154 13.44 -21.50 -71.90
C ASP G 1154 12.97 -22.96 -71.74
N ASN G 1155 12.73 -23.69 -72.83
CA ASN G 1155 12.06 -24.98 -72.74
C ASN G 1155 12.83 -25.97 -71.85
N PHE G 1156 14.14 -26.08 -72.01
CA PHE G 1156 14.95 -26.90 -71.12
C PHE G 1156 14.95 -26.35 -69.70
N LEU G 1157 14.91 -25.03 -69.47
CA LEU G 1157 14.74 -24.49 -68.13
C LEU G 1157 13.40 -24.91 -67.55
N LEU G 1158 12.30 -24.72 -68.27
CA LEU G 1158 10.96 -25.13 -67.85
C LEU G 1158 10.93 -26.60 -67.49
N GLU G 1159 11.44 -27.45 -68.38
CA GLU G 1159 11.31 -28.88 -68.24
C GLU G 1159 12.16 -29.42 -67.09
N ASN G 1160 13.30 -28.79 -66.79
CA ASN G 1160 14.07 -29.01 -65.57
C ASN G 1160 13.45 -28.39 -64.30
N THR G 1161 12.73 -27.27 -64.38
CA THR G 1161 12.39 -26.43 -63.22
C THR G 1161 11.35 -27.07 -62.30
N LEU G 1162 11.83 -27.77 -61.26
CA LEU G 1162 11.09 -28.15 -60.06
C LEU G 1162 11.99 -27.93 -58.81
N PRO G 1163 12.54 -26.73 -58.58
CA PRO G 1163 13.73 -26.51 -57.76
C PRO G 1163 13.46 -26.49 -56.25
N ALA G 1164 12.63 -27.40 -55.75
CA ALA G 1164 12.13 -27.38 -54.38
C ALA G 1164 13.25 -27.28 -53.33
N GLN G 1165 14.45 -27.78 -53.65
CA GLN G 1165 15.64 -27.67 -52.81
C GLN G 1165 16.04 -26.22 -52.47
N SER G 1166 15.58 -25.23 -53.24
CA SER G 1166 15.86 -23.82 -52.97
C SER G 1166 14.83 -22.90 -53.61
N THR G 1167 14.16 -22.07 -52.81
CA THR G 1167 13.34 -20.98 -53.36
C THR G 1167 14.20 -20.01 -54.15
N PHE G 1168 15.44 -19.74 -53.76
CA PHE G 1168 16.34 -18.91 -54.55
C PHE G 1168 16.50 -19.44 -55.98
N THR G 1169 16.63 -20.75 -56.14
CA THR G 1169 16.58 -21.40 -57.45
C THR G 1169 15.17 -21.41 -58.05
N LEU G 1170 14.10 -21.65 -57.29
CA LEU G 1170 12.73 -21.51 -57.79
C LEU G 1170 12.42 -20.09 -58.28
N ALA G 1171 13.00 -19.07 -57.66
CA ALA G 1171 12.70 -17.69 -57.93
C ALA G 1171 13.47 -17.16 -59.13
N ILE G 1172 14.78 -17.41 -59.24
CA ILE G 1172 15.49 -17.02 -60.45
C ILE G 1172 14.93 -17.78 -61.64
N SER G 1173 14.55 -19.05 -61.49
CA SER G 1173 13.91 -19.80 -62.55
C SER G 1173 12.51 -19.25 -62.86
N ALA G 1174 11.69 -18.93 -61.86
CA ALA G 1174 10.42 -18.22 -62.10
C ALA G 1174 10.64 -16.88 -62.82
N TYR G 1175 11.54 -16.02 -62.36
CA TYR G 1175 11.73 -14.68 -62.90
C TYR G 1175 12.15 -14.74 -64.35
N ALA G 1176 13.06 -15.62 -64.68
CA ALA G 1176 13.45 -15.85 -66.05
C ALA G 1176 12.22 -16.16 -66.88
N LEU G 1177 11.38 -17.05 -66.39
CA LEU G 1177 10.25 -17.53 -67.13
C LEU G 1177 9.13 -16.48 -67.20
N SER G 1178 9.11 -15.51 -66.29
CA SER G 1178 8.18 -14.39 -66.30
C SER G 1178 8.31 -13.50 -67.52
N LEU G 1179 9.51 -13.41 -68.11
CA LEU G 1179 9.72 -12.67 -69.34
C LEU G 1179 9.29 -13.50 -70.57
N GLY G 1180 9.07 -14.80 -70.38
CA GLY G 1180 8.78 -15.77 -71.44
C GLY G 1180 7.33 -15.73 -71.89
N ASP G 1181 6.75 -16.90 -72.14
CA ASP G 1181 5.30 -17.05 -72.25
C ASP G 1181 4.67 -17.12 -70.85
N LYS G 1182 4.21 -15.97 -70.37
CA LYS G 1182 3.51 -15.77 -69.08
C LYS G 1182 2.23 -16.60 -68.94
N THR G 1183 1.74 -17.20 -70.02
CA THR G 1183 0.55 -18.03 -70.07
C THR G 1183 0.86 -19.46 -70.51
N HIS G 1184 2.08 -19.92 -70.30
CA HIS G 1184 2.44 -21.36 -70.36
C HIS G 1184 2.14 -22.12 -69.04
N PRO G 1185 1.45 -23.28 -69.08
CA PRO G 1185 1.03 -23.97 -67.87
C PRO G 1185 2.17 -24.32 -66.91
N GLN G 1186 3.32 -24.74 -67.40
CA GLN G 1186 4.47 -25.00 -66.52
C GLN G 1186 4.91 -23.71 -65.82
N PHE G 1187 4.93 -22.57 -66.52
CA PHE G 1187 5.23 -21.30 -65.87
C PHE G 1187 4.23 -21.00 -64.78
N ARG G 1188 2.94 -21.11 -65.10
CA ARG G 1188 1.84 -20.89 -64.14
C ARG G 1188 2.00 -21.80 -62.91
N SER G 1189 2.35 -23.07 -63.16
CA SER G 1189 2.60 -24.09 -62.14
C SER G 1189 3.80 -23.72 -61.26
N ILE G 1190 4.86 -23.21 -61.86
CA ILE G 1190 6.05 -22.74 -61.14
C ILE G 1190 5.64 -21.61 -60.19
N VAL G 1191 4.87 -20.63 -60.65
CA VAL G 1191 4.42 -19.55 -59.76
C VAL G 1191 3.44 -20.08 -58.72
N SER G 1192 2.62 -21.06 -59.07
CA SER G 1192 1.74 -21.72 -58.10
C SER G 1192 2.53 -22.42 -57.00
N ALA G 1193 3.69 -23.00 -57.31
CA ALA G 1193 4.64 -23.42 -56.28
C ALA G 1193 5.22 -22.20 -55.55
N LEU G 1194 5.58 -21.13 -56.25
CA LEU G 1194 6.17 -19.98 -55.59
C LEU G 1194 5.22 -19.37 -54.54
N LYS G 1195 3.90 -19.40 -54.79
CA LYS G 1195 2.86 -19.10 -53.81
C LYS G 1195 2.99 -20.01 -52.58
N ARG G 1196 3.02 -21.32 -52.80
CA ARG G 1196 3.17 -22.33 -51.74
C ARG G 1196 4.46 -22.16 -50.96
N GLU G 1197 5.47 -21.50 -51.53
CA GLU G 1197 6.73 -21.20 -50.85
C GLU G 1197 6.73 -19.88 -50.10
N ALA G 1198 5.69 -19.05 -50.23
CA ALA G 1198 5.73 -17.69 -49.70
C ALA G 1198 5.78 -17.64 -48.17
N LEU G 1199 6.38 -16.59 -47.63
CA LEU G 1199 6.33 -16.21 -46.22
C LEU G 1199 5.41 -15.00 -46.06
N VAL G 1200 4.57 -14.96 -45.03
CA VAL G 1200 3.62 -13.85 -44.81
C VAL G 1200 3.58 -13.38 -43.37
N LYS G 1201 2.97 -12.23 -43.12
CA LYS G 1201 2.56 -11.76 -41.81
C LYS G 1201 1.18 -11.11 -41.91
N GLY G 1202 0.33 -11.27 -40.89
CA GLY G 1202 -1.01 -10.68 -40.80
C GLY G 1202 -2.15 -11.60 -41.27
N ASN G 1203 -3.39 -11.24 -40.93
CA ASN G 1203 -4.59 -12.03 -41.26
C ASN G 1203 -4.89 -12.04 -42.75
N PRO G 1204 -5.09 -10.87 -43.43
CA PRO G 1204 -4.75 -10.75 -44.83
C PRO G 1204 -3.23 -10.61 -44.95
N PRO G 1205 -2.59 -10.78 -46.11
CA PRO G 1205 -1.16 -10.55 -46.23
C PRO G 1205 -0.80 -9.06 -45.99
N ILE G 1206 -0.22 -8.73 -44.85
CA ILE G 1206 0.30 -7.39 -44.53
C ILE G 1206 1.74 -7.23 -45.05
N TYR G 1207 2.65 -8.16 -44.75
CA TYR G 1207 3.98 -8.30 -45.40
C TYR G 1207 4.07 -9.65 -46.09
N ARG G 1208 4.80 -9.74 -47.19
CA ARG G 1208 5.09 -11.00 -47.89
C ARG G 1208 6.53 -11.02 -48.42
N PHE G 1209 7.23 -12.14 -48.27
CA PHE G 1209 8.59 -12.34 -48.78
C PHE G 1209 8.89 -13.83 -48.93
N TRP G 1210 10.14 -14.23 -49.06
CA TRP G 1210 10.54 -15.63 -49.22
C TRP G 1210 11.90 -15.91 -48.53
N LYS G 1211 12.07 -17.13 -48.04
CA LYS G 1211 13.33 -17.79 -47.62
C LYS G 1211 13.31 -19.24 -48.09
N ASP G 1212 14.47 -19.87 -48.17
CA ASP G 1212 14.58 -21.31 -48.43
C ASP G 1212 15.41 -22.06 -47.41
N ASN G 1213 16.70 -21.72 -47.29
CA ASN G 1213 17.55 -22.30 -46.25
C ASN G 1213 17.11 -21.68 -44.92
N LEU G 1214 16.60 -22.51 -44.01
CA LEU G 1214 16.15 -22.04 -42.68
C LEU G 1214 17.31 -21.74 -41.72
N GLN G 1215 18.56 -21.99 -42.12
CA GLN G 1215 19.74 -21.49 -41.40
C GLN G 1215 19.61 -19.97 -41.22
N HIS G 1216 19.71 -19.52 -39.97
CA HIS G 1216 19.30 -18.18 -39.58
C HIS G 1216 20.17 -17.62 -38.47
N LYS G 1217 20.45 -16.32 -38.56
CA LYS G 1217 20.82 -15.43 -37.45
C LYS G 1217 20.20 -14.07 -37.75
N ASP G 1218 19.85 -13.30 -36.73
CA ASP G 1218 19.31 -11.95 -36.91
C ASP G 1218 20.41 -10.90 -37.18
N SER G 1219 21.09 -11.02 -38.32
CA SER G 1219 22.30 -10.27 -38.66
C SER G 1219 22.01 -8.77 -38.85
N SER G 1220 22.63 -7.92 -38.04
CA SER G 1220 22.59 -6.45 -38.23
C SER G 1220 23.51 -5.97 -39.38
N VAL G 1221 24.57 -6.71 -39.70
CA VAL G 1221 25.35 -6.58 -40.93
C VAL G 1221 25.01 -7.77 -41.84
N PRO G 1222 24.57 -7.58 -43.10
CA PRO G 1222 24.05 -8.68 -43.91
C PRO G 1222 25.12 -9.67 -44.39
N ASN G 1223 24.66 -10.80 -44.90
CA ASN G 1223 25.47 -11.95 -45.23
C ASN G 1223 24.94 -12.62 -46.50
N THR G 1224 25.62 -13.64 -47.00
CA THR G 1224 25.07 -14.48 -48.07
C THR G 1224 23.70 -15.08 -47.71
N GLY G 1225 23.42 -15.34 -46.43
CA GLY G 1225 22.08 -15.74 -45.98
C GLY G 1225 21.03 -14.67 -46.33
N THR G 1226 21.36 -13.40 -46.10
CA THR G 1226 20.54 -12.28 -46.56
C THR G 1226 20.43 -12.28 -48.06
N ALA G 1227 21.51 -12.55 -48.77
CA ALA G 1227 21.52 -12.59 -50.22
C ALA G 1227 20.54 -13.63 -50.74
N ARG G 1228 20.42 -14.79 -50.07
CA ARG G 1228 19.41 -15.79 -50.44
C ARG G 1228 18.03 -15.17 -50.42
N MET G 1229 17.71 -14.43 -49.36
CA MET G 1229 16.42 -13.76 -49.28
C MET G 1229 16.29 -12.68 -50.32
N VAL G 1230 17.22 -11.75 -50.41
CA VAL G 1230 16.99 -10.56 -51.21
C VAL G 1230 16.95 -10.90 -52.67
N GLU G 1231 17.77 -11.83 -53.13
CA GLU G 1231 17.72 -12.31 -54.50
C GLU G 1231 16.51 -13.21 -54.76
N THR G 1232 16.15 -14.14 -53.87
CA THR G 1232 14.95 -14.96 -54.10
C THR G 1232 13.71 -14.11 -54.12
N THR G 1233 13.65 -13.09 -53.26
CA THR G 1233 12.51 -12.18 -53.16
C THR G 1233 12.50 -11.24 -54.33
N ALA G 1234 13.61 -10.59 -54.67
CA ALA G 1234 13.61 -9.68 -55.78
C ALA G 1234 13.21 -10.39 -57.06
N TYR G 1235 13.59 -11.66 -57.24
CA TYR G 1235 13.12 -12.42 -58.38
C TYR G 1235 11.65 -12.79 -58.27
N ALA G 1236 11.12 -13.13 -57.09
CA ALA G 1236 9.68 -13.36 -56.94
C ALA G 1236 8.88 -12.07 -57.25
N LEU G 1237 9.38 -10.94 -56.77
CA LEU G 1237 8.82 -9.61 -56.95
C LEU G 1237 8.80 -9.25 -58.43
N LEU G 1238 9.92 -9.44 -59.11
CA LEU G 1238 10.01 -9.23 -60.55
C LEU G 1238 9.18 -10.26 -61.33
N THR G 1239 8.95 -11.46 -60.82
CA THR G 1239 8.03 -12.41 -61.44
C THR G 1239 6.61 -11.85 -61.41
N SER G 1240 6.22 -11.33 -60.26
CA SER G 1240 4.87 -10.83 -59.97
C SER G 1240 4.56 -9.56 -60.75
N LEU G 1241 5.56 -8.67 -60.78
CA LEU G 1241 5.61 -7.44 -61.58
C LEU G 1241 5.80 -7.63 -63.07
N ASN G 1242 5.95 -8.86 -63.54
CA ASN G 1242 5.81 -9.13 -64.95
C ASN G 1242 4.48 -9.80 -65.28
N LEU G 1243 3.74 -10.19 -64.23
CA LEU G 1243 2.32 -10.55 -64.28
C LEU G 1243 1.36 -9.39 -63.95
N LYS G 1244 1.89 -8.17 -63.76
CA LYS G 1244 1.08 -6.94 -63.67
C LYS G 1244 -0.10 -7.00 -62.66
N ASP G 1245 0.14 -7.25 -61.36
CA ASP G 1245 -0.89 -7.08 -60.33
C ASP G 1245 -0.39 -6.49 -58.99
N ILE G 1246 -0.65 -5.19 -58.79
CA ILE G 1246 -0.27 -4.46 -57.57
C ILE G 1246 -0.90 -5.05 -56.31
N ASN G 1247 -2.09 -5.67 -56.40
CA ASN G 1247 -2.70 -6.30 -55.23
C ASN G 1247 -1.84 -7.44 -54.71
N TYR G 1248 -1.25 -8.23 -55.61
CA TYR G 1248 -0.34 -9.31 -55.25
C TYR G 1248 1.01 -8.76 -54.74
N VAL G 1249 1.55 -7.73 -55.39
CA VAL G 1249 2.89 -7.18 -55.18
C VAL G 1249 3.04 -6.32 -53.91
N ASN G 1250 1.97 -5.68 -53.47
CA ASN G 1250 2.01 -4.71 -52.38
C ASN G 1250 2.69 -5.19 -51.09
N PRO G 1251 2.35 -6.36 -50.52
CA PRO G 1251 2.92 -6.77 -49.25
C PRO G 1251 4.42 -7.09 -49.36
N VAL G 1252 4.94 -7.29 -50.59
CA VAL G 1252 6.37 -7.37 -50.85
C VAL G 1252 6.97 -5.99 -50.82
N ILE G 1253 6.39 -5.04 -51.52
CA ILE G 1253 6.92 -3.69 -51.56
C ILE G 1253 6.92 -3.03 -50.16
N LYS G 1254 5.97 -3.40 -49.30
CA LYS G 1254 5.98 -3.09 -47.86
C LYS G 1254 7.16 -3.71 -47.11
N TRP G 1255 7.60 -4.89 -47.53
CA TRP G 1255 8.72 -5.61 -46.92
C TRP G 1255 10.04 -4.92 -47.25
N LEU G 1256 10.24 -4.54 -48.51
CA LEU G 1256 11.38 -3.73 -48.89
C LEU G 1256 11.33 -2.36 -48.23
N SER G 1257 12.46 -1.65 -48.30
CA SER G 1257 12.66 -0.26 -47.85
C SER G 1257 12.78 -0.05 -46.35
N GLU G 1258 12.61 -1.07 -45.50
CA GLU G 1258 12.80 -0.91 -44.05
C GLU G 1258 13.23 -2.20 -43.32
N GLU G 1259 14.50 -2.60 -43.48
CA GLU G 1259 15.25 -3.38 -42.47
C GLU G 1259 14.72 -4.78 -42.10
N GLN G 1260 14.10 -5.47 -43.04
CA GLN G 1260 13.61 -6.84 -42.72
C GLN G 1260 14.87 -7.69 -42.50
N ARG G 1261 15.61 -7.92 -43.57
CA ARG G 1261 17.00 -8.33 -43.35
C ARG G 1261 17.86 -7.40 -44.20
N TYR G 1262 18.62 -6.56 -43.50
CA TYR G 1262 19.07 -5.22 -43.91
C TYR G 1262 19.82 -5.09 -45.25
N GLY G 1263 19.86 -3.86 -45.79
CA GLY G 1263 20.90 -3.37 -46.69
C GLY G 1263 20.49 -3.06 -48.14
N GLY G 1264 19.23 -3.30 -48.54
CA GLY G 1264 18.76 -3.05 -49.92
C GLY G 1264 19.54 -3.81 -51.01
N GLY G 1265 20.07 -4.98 -50.67
CA GLY G 1265 21.07 -5.71 -51.46
C GLY G 1265 22.48 -5.66 -50.88
N PHE G 1266 22.70 -4.97 -49.76
CA PHE G 1266 23.92 -4.99 -48.94
C PHE G 1266 25.20 -4.50 -49.61
N TYR G 1267 25.07 -3.85 -50.77
CA TYR G 1267 26.15 -3.58 -51.72
C TYR G 1267 26.81 -4.86 -52.30
N SER G 1268 26.09 -5.99 -52.22
CA SER G 1268 26.27 -7.00 -53.25
C SER G 1268 25.66 -6.37 -54.48
N THR G 1269 26.39 -6.34 -55.60
CA THR G 1269 25.83 -5.74 -56.79
C THR G 1269 24.63 -6.54 -57.26
N GLN G 1270 24.66 -7.86 -57.17
CA GLN G 1270 23.62 -8.69 -57.76
C GLN G 1270 22.28 -8.41 -57.09
N ASP G 1271 22.29 -8.44 -55.77
CA ASP G 1271 21.12 -8.10 -54.98
C ASP G 1271 20.71 -6.64 -55.16
N THR G 1272 21.63 -5.69 -55.01
CA THR G 1272 21.27 -4.28 -55.06
C THR G 1272 20.68 -3.90 -56.41
N ILE G 1273 21.20 -4.46 -57.50
CA ILE G 1273 20.60 -4.38 -58.83
C ILE G 1273 19.18 -4.92 -58.79
N ASN G 1274 18.98 -6.13 -58.29
CA ASN G 1274 17.67 -6.73 -58.33
C ASN G 1274 16.63 -5.96 -57.45
N ALA G 1275 17.07 -5.31 -56.37
CA ALA G 1275 16.22 -4.41 -55.55
C ALA G 1275 15.82 -3.12 -56.28
N ILE G 1276 16.76 -2.43 -56.93
CA ILE G 1276 16.49 -1.25 -57.77
C ILE G 1276 15.59 -1.61 -58.94
N GLU G 1277 15.79 -2.78 -59.53
CA GLU G 1277 14.94 -3.26 -60.62
C GLU G 1277 13.51 -3.47 -60.13
N GLY G 1278 13.36 -3.94 -58.89
CA GLY G 1278 12.07 -4.08 -58.22
C GLY G 1278 11.30 -2.78 -58.19
N LEU G 1279 11.84 -1.73 -57.56
CA LEU G 1279 11.18 -0.42 -57.49
C LEU G 1279 10.89 0.15 -58.89
N THR G 1280 11.77 -0.10 -59.85
CA THR G 1280 11.62 0.40 -61.22
C THR G 1280 10.39 -0.18 -61.88
N GLU G 1281 10.27 -1.51 -61.93
CA GLU G 1281 9.09 -2.15 -62.50
C GLU G 1281 7.83 -1.87 -61.68
N TYR G 1282 7.93 -1.73 -60.36
CA TYR G 1282 6.83 -1.29 -59.49
C TYR G 1282 6.34 0.12 -59.85
N SER G 1283 7.24 1.10 -59.92
CA SER G 1283 6.85 2.49 -60.23
C SER G 1283 6.36 2.62 -61.65
N LEU G 1284 6.86 1.83 -62.59
CA LEU G 1284 6.33 1.80 -63.93
C LEU G 1284 4.90 1.28 -63.92
N LEU G 1285 4.66 0.15 -63.28
CA LEU G 1285 3.32 -0.41 -63.18
C LEU G 1285 2.34 0.53 -62.48
N VAL G 1286 2.78 1.26 -61.46
CA VAL G 1286 1.98 2.30 -60.77
C VAL G 1286 1.45 3.32 -61.77
N LYS G 1287 2.33 3.92 -62.58
CA LYS G 1287 1.91 4.89 -63.60
C LYS G 1287 1.11 4.23 -64.73
N GLN G 1288 1.42 3.00 -65.11
CA GLN G 1288 0.64 2.28 -66.12
C GLN G 1288 -0.80 2.07 -65.65
N LEU G 1289 -1.00 1.70 -64.39
CA LEU G 1289 -2.32 1.42 -63.80
C LEU G 1289 -3.20 2.65 -63.49
N ARG G 1290 -2.66 3.83 -63.15
CA ARG G 1290 -3.53 4.94 -62.72
C ARG G 1290 -4.55 5.32 -63.78
N LEU G 1291 -5.74 5.78 -63.36
CA LEU G 1291 -6.80 6.13 -64.29
C LEU G 1291 -6.67 7.59 -64.73
N SER G 1292 -6.09 7.79 -65.92
CA SER G 1292 -6.13 9.06 -66.64
C SER G 1292 -6.21 8.76 -68.12
N MET G 1293 -7.44 8.60 -68.59
CA MET G 1293 -7.77 7.98 -69.86
C MET G 1293 -9.00 8.66 -70.45
N ASP G 1294 -9.03 8.76 -71.76
CA ASP G 1294 -10.16 9.30 -72.50
C ASP G 1294 -10.53 8.24 -73.52
N ILE G 1295 -11.82 7.97 -73.61
CA ILE G 1295 -12.37 6.84 -74.34
C ILE G 1295 -13.45 7.35 -75.27
N ASP G 1296 -13.50 6.79 -76.45
CA ASP G 1296 -14.35 7.25 -77.52
C ASP G 1296 -15.11 6.04 -78.02
N VAL G 1297 -16.36 6.22 -78.42
CA VAL G 1297 -17.10 5.15 -79.07
C VAL G 1297 -17.85 5.65 -80.28
N SER G 1298 -17.78 4.89 -81.35
CA SER G 1298 -18.35 5.17 -82.65
C SER G 1298 -18.92 3.91 -83.24
N TYR G 1299 -19.78 4.04 -84.23
CA TYR G 1299 -20.05 2.94 -85.15
C TYR G 1299 -18.96 2.84 -86.23
N LYS G 1300 -18.98 1.72 -86.96
CA LYS G 1300 -18.04 1.38 -88.03
C LYS G 1300 -18.35 2.10 -89.33
N HIS G 1301 -19.54 1.92 -89.87
CA HIS G 1301 -20.01 2.69 -91.02
C HIS G 1301 -20.64 4.01 -90.59
N LYS G 1302 -21.42 3.99 -89.50
CA LYS G 1302 -22.07 5.18 -88.93
C LYS G 1302 -21.11 6.01 -88.06
N GLY G 1303 -21.60 7.17 -87.59
CA GLY G 1303 -20.82 8.18 -86.86
C GLY G 1303 -20.56 7.88 -85.39
N ALA G 1304 -20.07 8.88 -84.65
CA ALA G 1304 -19.80 8.78 -83.23
C ALA G 1304 -21.06 8.51 -82.40
N LEU G 1305 -20.96 7.64 -81.38
CA LEU G 1305 -22.04 7.36 -80.44
C LEU G 1305 -21.87 8.13 -79.13
N HIS G 1306 -20.68 8.11 -78.52
CA HIS G 1306 -20.40 8.84 -77.28
C HIS G 1306 -18.89 9.05 -77.03
N ASN G 1307 -18.53 9.96 -76.14
CA ASN G 1307 -17.15 10.15 -75.66
C ASN G 1307 -17.11 10.36 -74.15
N TYR G 1308 -16.14 9.76 -73.49
CA TYR G 1308 -16.00 9.60 -72.05
C TYR G 1308 -14.62 10.08 -71.61
N LYS G 1309 -14.51 10.68 -70.42
CA LYS G 1309 -13.23 11.06 -69.82
C LYS G 1309 -13.16 10.51 -68.40
N MET G 1310 -12.06 9.82 -68.07
CA MET G 1310 -11.97 8.93 -66.92
C MET G 1310 -10.74 9.29 -66.11
N THR G 1311 -10.95 9.53 -64.83
CA THR G 1311 -10.02 10.26 -63.97
C THR G 1311 -10.13 9.72 -62.55
N ASP G 1312 -9.27 10.19 -61.65
CA ASP G 1312 -9.35 9.90 -60.22
C ASP G 1312 -10.72 10.26 -59.60
N LYS G 1313 -11.51 11.13 -60.23
CA LYS G 1313 -12.89 11.43 -59.83
C LYS G 1313 -13.94 10.71 -60.66
N ASN G 1314 -13.89 10.81 -61.99
CA ASN G 1314 -14.98 10.36 -62.87
C ASN G 1314 -14.88 8.87 -63.24
N PHE G 1315 -14.48 8.02 -62.30
CA PHE G 1315 -14.19 6.62 -62.60
C PHE G 1315 -15.38 5.83 -63.12
N LEU G 1316 -16.60 6.14 -62.70
CA LEU G 1316 -17.78 5.41 -63.13
C LEU G 1316 -18.29 5.96 -64.46
N GLY G 1317 -18.26 5.15 -65.51
CA GLY G 1317 -18.77 5.52 -66.83
C GLY G 1317 -20.15 4.93 -67.08
N ARG G 1318 -21.17 5.75 -66.79
CA ARG G 1318 -22.60 5.40 -66.87
C ARG G 1318 -22.98 4.78 -68.21
N PRO G 1319 -24.00 3.92 -68.27
CA PRO G 1319 -24.39 3.36 -69.53
C PRO G 1319 -24.89 4.45 -70.44
N VAL G 1320 -24.66 4.23 -71.72
CA VAL G 1320 -25.25 4.98 -72.80
C VAL G 1320 -25.92 3.96 -73.69
N GLU G 1321 -27.11 4.27 -74.19
CA GLU G 1321 -27.79 3.36 -75.11
C GLU G 1321 -26.94 3.16 -76.36
N VAL G 1322 -27.07 1.97 -76.94
CA VAL G 1322 -26.50 1.65 -78.23
C VAL G 1322 -27.71 1.40 -79.15
N LEU G 1323 -27.84 2.21 -80.20
CA LEU G 1323 -29.10 2.39 -80.93
C LEU G 1323 -29.09 1.95 -82.42
N LEU G 1324 -27.97 2.07 -83.14
CA LEU G 1324 -28.01 2.24 -84.60
C LEU G 1324 -27.72 1.00 -85.47
N ASN G 1325 -27.85 -0.22 -84.95
CA ASN G 1325 -27.79 -1.47 -85.75
C ASN G 1325 -26.49 -1.70 -86.58
N ASP G 1326 -25.34 -1.23 -86.09
CA ASP G 1326 -24.03 -1.33 -86.76
C ASP G 1326 -22.94 -1.86 -85.81
N ASP G 1327 -21.80 -2.30 -86.35
CA ASP G 1327 -20.63 -2.70 -85.57
C ASP G 1327 -20.11 -1.52 -84.75
N LEU G 1328 -19.69 -1.79 -83.51
CA LEU G 1328 -19.39 -0.77 -82.50
C LEU G 1328 -17.89 -0.76 -82.21
N ILE G 1329 -17.24 0.38 -82.35
CA ILE G 1329 -15.80 0.55 -82.16
C ILE G 1329 -15.56 1.44 -80.96
N VAL G 1330 -14.78 0.96 -80.00
CA VAL G 1330 -14.34 1.73 -78.84
C VAL G 1330 -12.84 1.94 -78.94
N SER G 1331 -12.36 3.13 -78.62
CA SER G 1331 -10.93 3.43 -78.71
C SER G 1331 -10.44 4.42 -77.67
N THR G 1332 -9.12 4.51 -77.55
CA THR G 1332 -8.36 5.38 -76.66
C THR G 1332 -7.06 5.79 -77.36
N GLY G 1333 -6.43 6.88 -76.92
CA GLY G 1333 -5.09 7.28 -77.37
C GLY G 1333 -3.97 6.66 -76.52
N PHE G 1334 -2.87 7.39 -76.39
CA PHE G 1334 -2.00 7.28 -75.22
C PHE G 1334 -2.75 7.80 -73.98
N GLY G 1335 -2.26 7.46 -72.79
CA GLY G 1335 -2.87 7.81 -71.50
C GLY G 1335 -2.34 6.90 -70.40
N SER G 1336 -3.17 6.53 -69.44
CA SER G 1336 -2.87 5.49 -68.45
C SER G 1336 -4.13 4.78 -67.94
N GLY G 1337 -3.95 3.52 -67.52
CA GLY G 1337 -4.96 2.77 -66.78
C GLY G 1337 -5.58 1.60 -67.53
N LEU G 1338 -6.56 0.99 -66.88
CA LEU G 1338 -7.05 -0.36 -67.19
C LEU G 1338 -8.57 -0.43 -66.97
N ALA G 1339 -9.30 0.64 -67.27
CA ALA G 1339 -10.75 0.65 -67.19
C ALA G 1339 -11.35 -0.38 -68.14
N THR G 1340 -12.53 -0.90 -67.83
CA THR G 1340 -13.14 -1.99 -68.61
C THR G 1340 -14.53 -1.62 -69.09
N VAL G 1341 -14.82 -1.98 -70.33
CA VAL G 1341 -16.04 -1.58 -71.04
C VAL G 1341 -16.86 -2.81 -71.39
N HIS G 1342 -18.10 -2.84 -70.91
CA HIS G 1342 -19.00 -3.99 -70.97
C HIS G 1342 -20.17 -3.65 -71.84
N VAL G 1343 -20.48 -4.51 -72.82
CA VAL G 1343 -21.62 -4.34 -73.72
C VAL G 1343 -22.59 -5.51 -73.59
N THR G 1344 -23.85 -5.21 -73.28
CA THR G 1344 -24.94 -6.18 -73.16
C THR G 1344 -25.94 -6.00 -74.29
N THR G 1345 -26.39 -7.11 -74.85
CA THR G 1345 -27.41 -7.19 -75.90
C THR G 1345 -28.65 -7.91 -75.38
N VAL G 1346 -29.85 -7.41 -75.68
CA VAL G 1346 -31.11 -8.03 -75.26
C VAL G 1346 -31.88 -8.50 -76.49
N VAL G 1347 -32.47 -9.70 -76.47
CA VAL G 1347 -33.20 -10.26 -77.61
C VAL G 1347 -34.36 -11.16 -77.17
N HIS G 1348 -35.35 -11.33 -78.05
CA HIS G 1348 -36.48 -12.24 -77.85
C HIS G 1348 -36.58 -13.25 -79.00
N LYS G 1349 -36.63 -14.54 -78.68
CA LYS G 1349 -36.47 -15.61 -79.66
C LYS G 1349 -37.69 -16.54 -79.73
N THR G 1350 -38.00 -17.04 -80.93
CA THR G 1350 -39.13 -17.94 -81.22
C THR G 1350 -38.92 -19.36 -80.70
N SER G 1351 -40.01 -20.10 -80.44
CA SER G 1351 -39.97 -21.52 -80.06
C SER G 1351 -39.79 -22.45 -81.27
N THR G 1352 -40.64 -22.29 -82.30
CA THR G 1352 -40.71 -23.20 -83.46
C THR G 1352 -39.54 -23.03 -84.43
N SER G 1353 -39.08 -21.80 -84.66
CA SER G 1353 -38.01 -21.46 -85.60
C SER G 1353 -36.61 -21.44 -84.97
N GLU G 1354 -36.38 -22.26 -83.93
CA GLU G 1354 -35.12 -22.37 -83.20
C GLU G 1354 -34.82 -23.81 -82.75
N GLU G 1355 -33.56 -24.15 -82.53
CA GLU G 1355 -33.11 -25.46 -82.03
C GLU G 1355 -33.39 -25.71 -80.54
N VAL G 1356 -34.05 -24.77 -79.84
CA VAL G 1356 -34.45 -24.91 -78.44
C VAL G 1356 -35.58 -25.92 -78.23
N CYS G 1357 -36.43 -26.16 -79.24
CA CYS G 1357 -37.57 -27.06 -79.12
C CYS G 1357 -37.30 -28.42 -79.78
N SER G 1358 -37.50 -29.51 -79.02
CA SER G 1358 -37.54 -30.91 -79.52
C SER G 1358 -38.94 -31.54 -79.52
N PHE G 1359 -39.91 -30.91 -78.85
CA PHE G 1359 -41.22 -31.47 -78.51
C PHE G 1359 -42.29 -30.41 -78.79
N TYR G 1360 -42.89 -30.47 -79.98
CA TYR G 1360 -43.64 -29.36 -80.58
C TYR G 1360 -45.11 -29.37 -80.14
N LEU G 1361 -45.61 -28.21 -79.71
CA LEU G 1361 -46.75 -28.08 -78.80
C LEU G 1361 -48.03 -27.57 -79.46
N LYS G 1362 -49.20 -28.08 -79.03
CA LYS G 1362 -50.56 -27.62 -79.34
C LYS G 1362 -51.45 -27.76 -78.09
N ILE G 1363 -52.46 -26.91 -77.92
CA ILE G 1363 -53.48 -27.05 -76.87
C ILE G 1363 -54.84 -26.49 -77.32
N ASP G 1364 -55.93 -27.07 -76.83
CA ASP G 1364 -57.31 -26.68 -77.14
C ASP G 1364 -58.21 -26.69 -75.88
N THR G 1365 -59.02 -25.64 -75.67
CA THR G 1365 -60.03 -25.56 -74.60
C THR G 1365 -61.43 -25.69 -75.17
N GLN G 1366 -62.25 -26.59 -74.62
CA GLN G 1366 -63.63 -26.87 -75.06
C GLN G 1366 -64.58 -27.03 -73.88
N ASP G 1367 -65.86 -26.74 -74.08
CA ASP G 1367 -66.87 -26.76 -73.01
C ASP G 1367 -67.19 -28.17 -72.50
N ILE G 1368 -67.11 -29.20 -73.35
CA ILE G 1368 -67.47 -30.60 -73.03
C ILE G 1368 -66.39 -31.31 -72.20
N TYR G 1381 -67.73 -24.67 -65.98
CA TYR G 1381 -66.64 -25.63 -66.02
C TYR G 1381 -66.28 -26.05 -67.46
N LYS G 1382 -65.03 -26.44 -67.75
CA LYS G 1382 -64.54 -26.78 -69.11
C LYS G 1382 -63.49 -27.90 -69.10
N ARG G 1383 -63.19 -28.48 -70.27
CA ARG G 1383 -62.09 -29.43 -70.47
C ARG G 1383 -61.07 -28.94 -71.50
N ILE G 1384 -59.82 -29.32 -71.31
CA ILE G 1384 -58.65 -28.86 -72.07
C ILE G 1384 -57.87 -30.08 -72.54
N VAL G 1385 -57.49 -30.11 -73.82
CA VAL G 1385 -56.63 -31.17 -74.39
C VAL G 1385 -55.36 -30.59 -75.00
N ALA G 1386 -54.22 -30.97 -74.45
CA ALA G 1386 -52.90 -30.73 -75.04
C ALA G 1386 -52.57 -31.84 -76.04
N CYS G 1387 -51.92 -31.50 -77.14
CA CYS G 1387 -51.38 -32.44 -78.12
C CYS G 1387 -49.96 -32.03 -78.50
N ALA G 1388 -49.00 -32.96 -78.54
CA ALA G 1388 -47.61 -32.65 -78.89
C ALA G 1388 -46.80 -33.85 -79.40
N SER G 1389 -45.72 -33.64 -80.16
CA SER G 1389 -44.86 -34.73 -80.68
C SER G 1389 -43.35 -34.42 -80.71
N TYR G 1390 -42.50 -35.43 -80.48
CA TYR G 1390 -41.03 -35.31 -80.52
C TYR G 1390 -40.49 -35.16 -81.96
N LYS G 1391 -39.27 -34.64 -82.10
CA LYS G 1391 -38.53 -34.47 -83.36
C LYS G 1391 -37.06 -34.91 -83.20
N PRO G 1392 -36.68 -36.11 -83.69
CA PRO G 1392 -35.29 -36.60 -83.68
C PRO G 1392 -34.35 -35.77 -84.56
N SER G 1393 -33.05 -35.90 -84.35
CA SER G 1393 -32.02 -35.41 -85.29
C SER G 1393 -32.09 -36.14 -86.65
N ARG G 1394 -31.59 -35.52 -87.72
CA ARG G 1394 -31.68 -36.03 -89.11
C ARG G 1394 -31.12 -37.45 -89.29
N GLU G 1395 -30.09 -37.82 -88.53
CA GLU G 1395 -29.44 -39.14 -88.56
C GLU G 1395 -30.08 -40.21 -87.65
N GLU G 1396 -31.19 -39.91 -86.96
CA GLU G 1396 -31.75 -40.74 -85.89
C GLU G 1396 -33.17 -41.26 -86.19
N SER G 1397 -33.47 -42.47 -85.69
CA SER G 1397 -34.80 -43.10 -85.76
C SER G 1397 -35.78 -42.50 -84.72
N SER G 1398 -37.02 -42.97 -84.85
CA SER G 1398 -38.11 -42.68 -83.94
C SER G 1398 -38.02 -43.46 -82.62
N SER G 1399 -36.95 -43.19 -81.85
CA SER G 1399 -36.78 -43.75 -80.49
C SER G 1399 -37.50 -42.94 -79.39
N GLY G 1400 -37.99 -41.74 -79.72
CA GLY G 1400 -38.70 -40.84 -78.80
C GLY G 1400 -37.79 -39.97 -77.92
N SER G 1401 -38.38 -38.94 -77.31
CA SER G 1401 -37.67 -37.98 -76.44
C SER G 1401 -37.08 -38.64 -75.19
N SER G 1402 -36.08 -38.02 -74.59
CA SER G 1402 -35.67 -38.35 -73.20
C SER G 1402 -36.75 -37.95 -72.18
N HIS G 1403 -36.50 -38.28 -70.90
CA HIS G 1403 -37.34 -37.86 -69.77
C HIS G 1403 -37.52 -36.33 -69.76
N ALA G 1404 -38.71 -35.84 -69.42
CA ALA G 1404 -39.06 -34.43 -69.52
C ALA G 1404 -39.92 -33.95 -68.34
N VAL G 1405 -39.82 -32.66 -68.01
CA VAL G 1405 -40.69 -31.96 -67.06
C VAL G 1405 -41.62 -31.07 -67.85
N MET G 1406 -42.93 -31.30 -67.71
CA MET G 1406 -43.98 -30.59 -68.45
C MET G 1406 -44.78 -29.69 -67.49
N ASP G 1407 -45.12 -28.51 -67.97
CA ASP G 1407 -45.84 -27.47 -67.25
C ASP G 1407 -47.09 -27.07 -68.03
N ILE G 1408 -48.24 -27.28 -67.39
CA ILE G 1408 -49.53 -26.70 -67.77
C ILE G 1408 -49.81 -25.53 -66.81
N SER G 1409 -49.61 -24.31 -67.28
CA SER G 1409 -50.01 -23.10 -66.60
C SER G 1409 -51.53 -22.93 -66.66
N LEU G 1410 -52.15 -22.37 -65.62
CA LEU G 1410 -53.56 -21.96 -65.57
C LEU G 1410 -53.69 -20.54 -64.99
N PRO G 1411 -54.64 -19.71 -65.48
CA PRO G 1411 -54.99 -18.42 -64.89
C PRO G 1411 -55.36 -18.55 -63.40
N THR G 1412 -55.01 -17.55 -62.57
CA THR G 1412 -55.20 -17.68 -61.12
C THR G 1412 -56.68 -17.80 -60.74
N GLY G 1413 -56.98 -18.61 -59.73
CA GLY G 1413 -58.34 -19.02 -59.34
C GLY G 1413 -58.94 -20.17 -60.16
N ILE G 1414 -58.46 -20.46 -61.37
CA ILE G 1414 -58.80 -21.70 -62.08
C ILE G 1414 -58.04 -22.86 -61.45
N SER G 1415 -58.71 -23.99 -61.26
CA SER G 1415 -58.18 -25.20 -60.64
C SER G 1415 -58.56 -26.45 -61.45
N ALA G 1416 -57.61 -27.36 -61.64
CA ALA G 1416 -57.84 -28.61 -62.35
C ALA G 1416 -58.49 -29.69 -61.47
N ASN G 1417 -59.22 -30.61 -62.10
CA ASN G 1417 -59.83 -31.77 -61.43
C ASN G 1417 -58.75 -32.80 -61.06
N GLU G 1418 -58.07 -32.61 -59.93
CA GLU G 1418 -56.96 -33.48 -59.51
C GLU G 1418 -57.37 -34.95 -59.40
N GLU G 1419 -58.55 -35.26 -58.88
CA GLU G 1419 -59.00 -36.64 -58.74
C GLU G 1419 -59.26 -37.32 -60.10
N ASP G 1420 -59.57 -36.57 -61.15
CA ASP G 1420 -59.56 -37.06 -62.53
C ASP G 1420 -58.11 -37.21 -63.03
N LEU G 1421 -57.25 -36.23 -62.73
CA LEU G 1421 -55.82 -36.22 -63.03
C LEU G 1421 -55.11 -37.46 -62.47
N LYS G 1422 -55.51 -37.99 -61.30
CA LYS G 1422 -54.98 -39.25 -60.75
C LYS G 1422 -55.02 -40.41 -61.75
N ALA G 1423 -55.91 -40.44 -62.73
CA ALA G 1423 -55.93 -41.46 -63.77
C ALA G 1423 -54.62 -41.53 -64.58
N LEU G 1424 -53.93 -40.40 -64.79
CA LEU G 1424 -52.63 -40.32 -65.47
C LEU G 1424 -51.52 -41.03 -64.66
N VAL G 1425 -51.76 -41.27 -63.37
CA VAL G 1425 -50.83 -41.89 -62.41
C VAL G 1425 -51.23 -43.34 -62.13
N GLU G 1426 -52.53 -43.60 -61.95
CA GLU G 1426 -53.12 -44.92 -61.63
C GLU G 1426 -53.32 -45.84 -62.84
N GLY G 1427 -53.48 -45.30 -64.06
CA GLY G 1427 -53.78 -46.08 -65.26
C GLY G 1427 -52.66 -47.02 -65.71
N VAL G 1428 -53.01 -48.22 -66.19
CA VAL G 1428 -52.05 -49.26 -66.62
C VAL G 1428 -51.18 -48.80 -67.79
N ASP G 1429 -51.73 -47.98 -68.70
CA ASP G 1429 -51.01 -47.34 -69.81
C ASP G 1429 -50.23 -46.10 -69.35
N GLN G 1430 -49.36 -46.29 -68.35
CA GLN G 1430 -48.57 -45.23 -67.70
C GLN G 1430 -47.62 -44.50 -68.66
N LEU G 1431 -47.47 -43.20 -68.44
CA LEU G 1431 -46.59 -42.29 -69.18
C LEU G 1431 -45.87 -41.32 -68.23
N PHE G 1432 -46.61 -40.72 -67.29
CA PHE G 1432 -46.09 -39.80 -66.30
C PHE G 1432 -45.73 -40.53 -65.00
N THR G 1433 -44.59 -40.20 -64.41
CA THR G 1433 -44.19 -40.74 -63.09
C THR G 1433 -44.93 -40.06 -61.95
N ASP G 1434 -45.04 -38.73 -61.98
CA ASP G 1434 -45.53 -37.89 -60.88
C ASP G 1434 -46.12 -36.56 -61.37
N TYR G 1435 -46.89 -35.89 -60.52
CA TYR G 1435 -47.41 -34.52 -60.71
C TYR G 1435 -47.42 -33.71 -59.40
N GLN G 1436 -47.42 -32.38 -59.51
CA GLN G 1436 -47.53 -31.44 -58.39
C GLN G 1436 -48.14 -30.10 -58.87
N ILE G 1437 -48.74 -29.33 -57.96
CA ILE G 1437 -49.11 -27.93 -58.22
C ILE G 1437 -48.14 -26.99 -57.47
N LYS G 1438 -47.62 -25.98 -58.17
CA LYS G 1438 -46.53 -25.11 -57.68
C LYS G 1438 -46.58 -23.75 -58.36
N ASP G 1439 -46.48 -22.65 -57.61
CA ASP G 1439 -46.66 -21.29 -58.13
C ASP G 1439 -47.97 -21.14 -58.94
N GLY G 1440 -49.01 -21.88 -58.55
CA GLY G 1440 -50.29 -21.99 -59.28
C GLY G 1440 -50.25 -22.78 -60.60
N HIS G 1441 -49.08 -23.22 -61.06
CA HIS G 1441 -48.88 -24.00 -62.29
C HIS G 1441 -48.97 -25.51 -61.99
N VAL G 1442 -49.43 -26.30 -62.96
CA VAL G 1442 -49.52 -27.76 -62.85
C VAL G 1442 -48.30 -28.38 -63.51
N ILE G 1443 -47.46 -29.04 -62.72
CA ILE G 1443 -46.25 -29.71 -63.17
C ILE G 1443 -46.49 -31.22 -63.23
N LEU G 1444 -46.07 -31.88 -64.30
CA LEU G 1444 -46.08 -33.34 -64.42
C LEU G 1444 -44.88 -33.86 -65.21
N GLN G 1445 -44.34 -35.01 -64.83
CA GLN G 1445 -43.03 -35.49 -65.30
C GLN G 1445 -43.18 -36.77 -66.15
N LEU G 1446 -42.68 -36.73 -67.38
CA LEU G 1446 -43.00 -37.65 -68.48
C LEU G 1446 -41.77 -38.49 -68.87
N ASN G 1447 -41.88 -39.82 -68.92
CA ASN G 1447 -40.73 -40.72 -69.14
C ASN G 1447 -40.13 -40.63 -70.56
N SER G 1448 -40.97 -40.51 -71.60
CA SER G 1448 -40.55 -40.33 -73.00
C SER G 1448 -41.73 -39.79 -73.83
N ILE G 1449 -41.47 -39.30 -75.05
CA ILE G 1449 -42.46 -38.73 -75.96
C ILE G 1449 -42.32 -39.34 -77.36
N PRO G 1450 -43.40 -39.80 -78.01
CA PRO G 1450 -43.36 -40.29 -79.39
C PRO G 1450 -43.06 -39.19 -80.42
N SER G 1451 -42.21 -39.49 -81.40
CA SER G 1451 -42.10 -38.73 -82.66
C SER G 1451 -42.91 -39.33 -83.82
N SER G 1452 -43.44 -40.55 -83.65
CA SER G 1452 -44.31 -41.21 -84.64
C SER G 1452 -45.65 -40.49 -84.83
N ASP G 1453 -46.15 -39.81 -83.80
CA ASP G 1453 -47.46 -39.16 -83.75
C ASP G 1453 -47.55 -38.15 -82.60
N PHE G 1454 -48.57 -37.29 -82.61
CA PHE G 1454 -48.87 -36.41 -81.47
C PHE G 1454 -49.53 -37.21 -80.34
N LEU G 1455 -48.82 -37.35 -79.23
CA LEU G 1455 -49.38 -37.70 -77.92
C LEU G 1455 -50.36 -36.61 -77.48
N CYS G 1456 -51.60 -36.97 -77.18
CA CYS G 1456 -52.65 -36.06 -76.68
C CYS G 1456 -53.12 -36.46 -75.29
N VAL G 1457 -53.30 -35.48 -74.42
CA VAL G 1457 -53.64 -35.63 -73.00
C VAL G 1457 -54.73 -34.62 -72.64
N ARG G 1458 -55.76 -35.04 -71.90
CA ARG G 1458 -56.94 -34.23 -71.56
C ARG G 1458 -57.19 -34.19 -70.04
N PHE G 1459 -57.63 -33.02 -69.56
CA PHE G 1459 -57.97 -32.71 -68.17
C PHE G 1459 -59.15 -31.73 -68.11
N ARG G 1460 -59.72 -31.52 -66.91
CA ARG G 1460 -60.91 -30.69 -66.66
C ARG G 1460 -60.63 -29.60 -65.62
N ILE G 1461 -61.34 -28.47 -65.71
CA ILE G 1461 -61.10 -27.26 -64.89
C ILE G 1461 -62.38 -26.63 -64.33
N PHE G 1462 -62.26 -26.14 -63.10
CA PHE G 1462 -63.24 -25.34 -62.36
C PHE G 1462 -62.65 -23.97 -62.03
N GLU G 1463 -63.44 -22.91 -62.05
CA GLU G 1463 -62.98 -21.54 -61.89
C GLU G 1463 -63.56 -20.87 -60.65
N LEU G 1464 -62.67 -20.46 -59.73
CA LEU G 1464 -62.94 -19.44 -58.72
C LEU G 1464 -62.32 -18.13 -59.23
N PHE G 1465 -62.89 -17.53 -60.28
CA PHE G 1465 -62.28 -16.42 -61.02
C PHE G 1465 -61.76 -15.29 -60.11
N GLU G 1466 -60.45 -15.00 -60.18
CA GLU G 1466 -59.75 -14.23 -59.16
C GLU G 1466 -59.31 -12.81 -59.59
N VAL G 1467 -59.23 -12.55 -60.90
CA VAL G 1467 -58.55 -11.35 -61.44
C VAL G 1467 -59.32 -10.70 -62.60
N GLY G 1468 -59.22 -9.37 -62.70
CA GLY G 1468 -59.83 -8.58 -63.78
C GLY G 1468 -59.08 -8.73 -65.11
N PHE G 1469 -57.75 -8.73 -65.07
CA PHE G 1469 -56.88 -9.09 -66.19
C PHE G 1469 -56.21 -10.46 -65.93
N LEU G 1470 -56.27 -11.36 -66.91
CA LEU G 1470 -55.56 -12.64 -66.91
C LEU G 1470 -54.43 -12.66 -67.95
N SER G 1471 -53.20 -12.93 -67.51
CA SER G 1471 -52.07 -13.17 -68.41
C SER G 1471 -52.24 -14.48 -69.19
N PRO G 1472 -51.75 -14.60 -70.43
CA PRO G 1472 -51.73 -15.87 -71.15
C PRO G 1472 -51.00 -16.96 -70.36
N ALA G 1473 -51.64 -18.11 -70.17
CA ALA G 1473 -51.01 -19.30 -69.65
C ALA G 1473 -49.98 -19.84 -70.66
N THR G 1474 -48.91 -20.46 -70.17
CA THR G 1474 -47.98 -21.24 -70.98
C THR G 1474 -48.32 -22.72 -70.94
N PHE G 1475 -48.43 -23.36 -72.11
CA PHE G 1475 -48.13 -24.78 -72.19
C PHE G 1475 -46.66 -24.90 -72.59
N THR G 1476 -45.88 -25.62 -71.80
CA THR G 1476 -44.42 -25.55 -71.89
C THR G 1476 -43.75 -26.78 -71.29
N VAL G 1477 -42.52 -27.06 -71.70
CA VAL G 1477 -41.80 -28.29 -71.36
C VAL G 1477 -40.28 -28.10 -71.48
N TYR G 1478 -39.51 -28.92 -70.78
CA TYR G 1478 -38.10 -29.15 -71.08
C TYR G 1478 -37.70 -30.61 -70.83
N GLU G 1479 -36.69 -31.10 -71.55
CA GLU G 1479 -36.13 -32.43 -71.31
C GLU G 1479 -35.28 -32.44 -70.02
N TYR G 1480 -35.64 -33.27 -69.04
CA TYR G 1480 -34.92 -33.39 -67.77
C TYR G 1480 -33.49 -33.94 -67.95
N HIS G 1481 -33.28 -34.83 -68.93
CA HIS G 1481 -31.96 -35.30 -69.32
C HIS G 1481 -31.21 -34.33 -70.25
N ARG G 1482 -31.87 -33.30 -70.79
CA ARG G 1482 -31.30 -32.25 -71.66
C ARG G 1482 -31.89 -30.85 -71.34
N PRO G 1483 -31.66 -30.27 -70.15
CA PRO G 1483 -32.44 -29.12 -69.64
C PRO G 1483 -32.36 -27.82 -70.45
N ASP G 1484 -31.36 -27.65 -71.31
CA ASP G 1484 -31.27 -26.56 -72.27
C ASP G 1484 -32.38 -26.60 -73.35
N LYS G 1485 -32.94 -27.80 -73.62
CA LYS G 1485 -33.96 -28.07 -74.64
C LYS G 1485 -35.36 -27.69 -74.13
N GLN G 1486 -35.67 -26.40 -74.16
CA GLN G 1486 -36.87 -25.76 -73.61
C GLN G 1486 -37.85 -25.29 -74.71
N CYS G 1487 -39.14 -25.64 -74.61
CA CYS G 1487 -40.17 -25.26 -75.59
C CYS G 1487 -41.43 -24.67 -74.92
N THR G 1488 -42.07 -23.67 -75.54
CA THR G 1488 -43.19 -22.89 -74.97
C THR G 1488 -44.19 -22.42 -76.04
N MET G 1489 -45.46 -22.32 -75.66
CA MET G 1489 -46.57 -21.71 -76.41
C MET G 1489 -47.54 -21.03 -75.42
N PHE G 1490 -48.23 -19.97 -75.85
CA PHE G 1490 -49.17 -19.20 -75.02
C PHE G 1490 -50.64 -19.50 -75.39
N TYR G 1491 -51.50 -19.60 -74.37
CA TYR G 1491 -52.93 -19.90 -74.49
C TYR G 1491 -53.74 -19.28 -73.34
N SER G 1492 -55.07 -19.33 -73.41
CA SER G 1492 -55.96 -18.97 -72.29
C SER G 1492 -57.23 -19.82 -72.30
N THR G 1493 -57.91 -19.89 -71.15
CA THR G 1493 -59.21 -20.57 -71.00
C THR G 1493 -60.36 -19.83 -71.70
N SER G 1494 -60.30 -18.49 -71.75
CA SER G 1494 -61.33 -17.66 -72.39
C SER G 1494 -61.39 -17.90 -73.90
N ASN G 1495 -62.60 -17.91 -74.48
CA ASN G 1495 -62.80 -18.04 -75.92
C ASN G 1495 -62.25 -16.82 -76.68
N ILE G 1496 -61.66 -17.05 -77.86
CA ILE G 1496 -61.03 -16.02 -78.69
C ILE G 1496 -61.93 -15.63 -79.88
N LYS G 1497 -61.99 -14.34 -80.18
CA LYS G 1497 -62.78 -13.77 -81.28
C LYS G 1497 -62.00 -12.80 -82.17
N ILE G 1498 -60.90 -12.20 -81.69
CA ILE G 1498 -60.04 -11.34 -82.50
C ILE G 1498 -59.04 -12.23 -83.24
N GLN G 1499 -59.29 -12.54 -84.51
CA GLN G 1499 -58.52 -13.57 -85.23
C GLN G 1499 -58.47 -13.36 -86.75
N LYS G 1500 -57.26 -13.22 -87.31
CA LYS G 1500 -56.92 -13.58 -88.71
C LYS G 1500 -55.43 -13.94 -88.74
N VAL G 1501 -54.99 -14.75 -89.71
CA VAL G 1501 -53.61 -15.27 -89.84
C VAL G 1501 -53.13 -15.15 -91.30
N CYS G 1502 -51.85 -14.85 -91.50
CA CYS G 1502 -51.24 -14.64 -92.81
C CYS G 1502 -49.79 -15.16 -92.88
N GLU G 1503 -49.26 -15.32 -94.10
CA GLU G 1503 -47.86 -15.70 -94.36
C GLU G 1503 -46.90 -14.48 -94.28
N GLY G 1504 -46.95 -13.71 -93.19
CA GLY G 1504 -46.20 -12.46 -93.01
C GLY G 1504 -46.09 -11.99 -91.55
N ALA G 1505 -45.38 -10.88 -91.32
CA ALA G 1505 -45.01 -10.37 -89.99
C ALA G 1505 -46.13 -9.64 -89.22
N ALA G 1506 -47.14 -9.14 -89.94
CA ALA G 1506 -48.40 -8.55 -89.44
C ALA G 1506 -49.53 -8.81 -90.45
N CYS G 1507 -50.80 -8.94 -90.03
CA CYS G 1507 -51.75 -9.78 -90.81
C CYS G 1507 -53.24 -9.41 -91.04
N LYS G 1508 -53.77 -8.29 -90.56
CA LYS G 1508 -55.23 -8.14 -90.36
C LYS G 1508 -55.81 -8.97 -89.20
N CYS G 1509 -57.08 -8.69 -88.89
CA CYS G 1509 -57.90 -9.36 -87.88
C CYS G 1509 -59.37 -9.38 -88.36
N VAL G 1510 -60.15 -10.41 -88.01
CA VAL G 1510 -61.62 -10.44 -88.18
C VAL G 1510 -62.31 -10.94 -86.90
N GLU G 1511 -63.60 -10.64 -86.76
CA GLU G 1511 -64.43 -11.01 -85.61
C GLU G 1511 -65.01 -12.43 -85.80
N ALA G 1512 -64.21 -13.46 -85.46
CA ALA G 1512 -64.63 -14.87 -85.42
C ALA G 1512 -65.40 -15.37 -86.68
N ASP G 1513 -65.06 -14.84 -87.86
CA ASP G 1513 -65.95 -14.80 -89.02
C ASP G 1513 -66.25 -16.18 -89.65
N CYS G 1514 -67.53 -16.58 -89.66
CA CYS G 1514 -68.03 -17.75 -90.39
C CYS G 1514 -69.54 -17.65 -90.73
N GLY G 1515 -69.96 -18.27 -91.83
CA GLY G 1515 -71.34 -18.27 -92.32
C GLY G 1515 -71.66 -19.50 -93.19
N GLN G 1516 -72.65 -19.41 -94.08
CA GLN G 1516 -73.12 -20.50 -94.94
C GLN G 1516 -73.42 -20.05 -96.39
N MET G 1517 -73.12 -20.90 -97.38
CA MET G 1517 -73.40 -20.66 -98.80
C MET G 1517 -74.80 -21.12 -99.23
N GLN G 1518 -75.25 -20.64 -100.40
CA GLN G 1518 -76.45 -21.13 -101.09
C GLN G 1518 -76.20 -22.45 -101.83
N GLU G 1519 -77.25 -23.22 -102.11
CA GLU G 1519 -77.17 -24.46 -102.89
C GLU G 1519 -76.85 -24.21 -104.37
N GLU G 1520 -76.06 -25.11 -104.97
CA GLU G 1520 -75.69 -25.06 -106.39
C GLU G 1520 -76.87 -25.32 -107.34
N LEU G 1521 -76.86 -24.69 -108.53
CA LEU G 1521 -77.86 -24.86 -109.59
C LEU G 1521 -79.33 -24.62 -109.16
N ASP G 1522 -79.56 -23.72 -108.21
CA ASP G 1522 -80.89 -23.43 -107.65
C ASP G 1522 -81.88 -22.91 -108.70
N LEU G 1523 -83.02 -23.58 -108.85
CA LEU G 1523 -84.03 -23.26 -109.85
C LEU G 1523 -84.76 -21.94 -109.53
N THR G 1524 -84.73 -20.98 -110.45
CA THR G 1524 -85.46 -19.71 -110.38
C THR G 1524 -85.24 -18.89 -109.09
N ILE G 1525 -84.03 -18.92 -108.52
CA ILE G 1525 -83.68 -18.17 -107.30
C ILE G 1525 -83.77 -16.64 -107.49
N SER G 1526 -83.93 -15.90 -106.39
CA SER G 1526 -84.21 -14.47 -106.38
C SER G 1526 -83.01 -13.60 -106.83
N ALA G 1527 -82.92 -13.30 -108.12
CA ALA G 1527 -81.88 -12.46 -108.71
C ALA G 1527 -81.88 -11.02 -108.17
N GLU G 1528 -83.07 -10.46 -107.88
CA GLU G 1528 -83.22 -9.14 -107.26
C GLU G 1528 -82.67 -9.10 -105.82
N THR G 1529 -82.77 -10.20 -105.07
CA THR G 1529 -82.15 -10.33 -103.75
C THR G 1529 -80.62 -10.32 -103.81
N ARG G 1530 -80.03 -10.85 -104.88
CA ARG G 1530 -78.59 -10.72 -105.16
C ARG G 1530 -78.18 -9.26 -105.41
N LYS G 1531 -78.97 -8.50 -106.16
CA LYS G 1531 -78.79 -7.05 -106.31
C LYS G 1531 -78.89 -6.29 -104.98
N GLN G 1532 -79.89 -6.61 -104.15
CA GLN G 1532 -80.06 -6.02 -102.82
C GLN G 1532 -78.89 -6.34 -101.87
N THR G 1533 -78.35 -7.56 -101.92
CA THR G 1533 -77.19 -7.98 -101.15
C THR G 1533 -75.90 -7.25 -101.58
N ALA G 1534 -75.64 -7.15 -102.90
CA ALA G 1534 -74.52 -6.40 -103.45
C ALA G 1534 -74.63 -4.87 -103.20
N CYS G 1535 -75.87 -4.35 -103.13
CA CYS G 1535 -76.17 -2.96 -102.81
C CYS G 1535 -76.06 -2.59 -101.32
N LYS G 1536 -75.88 -3.56 -100.43
CA LYS G 1536 -75.80 -3.32 -98.98
C LYS G 1536 -74.59 -2.44 -98.59
N PRO G 1537 -74.69 -1.64 -97.51
CA PRO G 1537 -73.61 -0.73 -97.08
C PRO G 1537 -72.36 -1.48 -96.57
N GLU G 1538 -72.51 -2.72 -96.08
CA GLU G 1538 -71.40 -3.59 -95.72
C GLU G 1538 -70.72 -4.28 -96.92
N ILE G 1539 -71.38 -4.31 -98.09
CA ILE G 1539 -70.90 -4.98 -99.30
C ILE G 1539 -69.85 -4.14 -100.04
N ALA G 1540 -68.63 -4.68 -100.18
CA ALA G 1540 -67.49 -4.05 -100.85
C ALA G 1540 -66.49 -5.07 -101.46
N TYR G 1541 -66.92 -6.33 -101.57
CA TYR G 1541 -66.37 -7.34 -102.46
C TYR G 1541 -67.52 -8.02 -103.21
N ALA G 1542 -67.47 -8.13 -104.54
CA ALA G 1542 -68.46 -8.85 -105.36
C ALA G 1542 -67.92 -9.12 -106.79
N TYR G 1543 -67.92 -10.39 -107.21
CA TYR G 1543 -67.30 -10.85 -108.46
C TYR G 1543 -67.77 -12.24 -108.92
N LYS G 1544 -67.38 -12.64 -110.13
CA LYS G 1544 -67.58 -13.97 -110.71
C LYS G 1544 -66.26 -14.51 -111.25
N VAL G 1545 -65.90 -15.69 -110.77
CA VAL G 1545 -64.55 -16.22 -110.78
C VAL G 1545 -64.51 -17.75 -110.75
N SER G 1546 -63.35 -18.33 -111.01
CA SER G 1546 -63.15 -19.77 -110.90
C SER G 1546 -62.24 -20.05 -109.70
N ILE G 1547 -62.70 -20.89 -108.77
CA ILE G 1547 -61.90 -21.27 -107.62
C ILE G 1547 -60.66 -22.02 -108.10
N THR G 1548 -59.46 -21.57 -107.74
CA THR G 1548 -58.23 -22.05 -108.36
C THR G 1548 -57.50 -23.11 -107.51
N SER G 1549 -57.35 -22.85 -106.20
CA SER G 1549 -56.61 -23.70 -105.26
C SER G 1549 -56.90 -23.29 -103.82
N ILE G 1550 -56.48 -24.11 -102.85
CA ILE G 1550 -56.65 -23.86 -101.41
C ILE G 1550 -55.35 -23.99 -100.60
N THR G 1551 -55.41 -23.58 -99.33
CA THR G 1551 -54.29 -23.59 -98.37
C THR G 1551 -54.65 -24.23 -97.02
N VAL G 1552 -53.70 -24.21 -96.08
CA VAL G 1552 -53.66 -25.11 -94.94
C VAL G 1552 -53.83 -24.51 -93.54
N GLU G 1553 -53.59 -23.23 -93.32
CA GLU G 1553 -53.73 -22.59 -92.00
C GLU G 1553 -55.21 -22.41 -91.66
N ASN G 1554 -55.72 -23.17 -90.70
CA ASN G 1554 -57.15 -23.53 -90.61
C ASN G 1554 -58.15 -22.39 -90.35
N VAL G 1555 -57.74 -21.25 -89.79
CA VAL G 1555 -58.59 -20.05 -89.67
C VAL G 1555 -58.61 -19.16 -90.93
N PHE G 1556 -57.75 -19.45 -91.91
CA PHE G 1556 -57.60 -18.71 -93.16
C PHE G 1556 -56.98 -19.58 -94.29
N VAL G 1557 -57.62 -20.72 -94.61
CA VAL G 1557 -57.28 -21.53 -95.78
C VAL G 1557 -57.56 -20.68 -97.03
N LYS G 1558 -56.53 -20.39 -97.81
CA LYS G 1558 -56.46 -19.18 -98.64
C LYS G 1558 -57.48 -18.99 -99.79
N TYR G 1559 -57.99 -20.08 -100.38
CA TYR G 1559 -58.93 -20.05 -101.51
C TYR G 1559 -58.55 -19.09 -102.65
N LYS G 1560 -57.46 -19.40 -103.36
CA LYS G 1560 -57.03 -18.69 -104.56
C LYS G 1560 -58.06 -18.80 -105.70
N ALA G 1561 -57.95 -17.93 -106.71
CA ALA G 1561 -59.01 -17.71 -107.71
C ALA G 1561 -58.49 -17.45 -109.14
N THR G 1562 -59.41 -17.41 -110.08
CA THR G 1562 -59.25 -17.01 -111.48
C THR G 1562 -60.37 -16.02 -111.83
N LEU G 1563 -60.11 -14.72 -111.70
CA LEU G 1563 -61.12 -13.66 -111.79
C LEU G 1563 -61.69 -13.52 -113.21
N LEU G 1564 -62.99 -13.75 -113.38
CA LEU G 1564 -63.70 -13.64 -114.66
C LEU G 1564 -64.37 -12.28 -114.88
N ASP G 1565 -65.01 -11.72 -113.84
CA ASP G 1565 -65.68 -10.42 -113.83
C ASP G 1565 -65.82 -9.86 -112.40
N ILE G 1566 -66.08 -8.56 -112.28
CA ILE G 1566 -66.30 -7.85 -111.01
C ILE G 1566 -67.38 -6.78 -111.12
N TYR G 1567 -68.06 -6.48 -110.01
CA TYR G 1567 -69.19 -5.53 -109.97
C TYR G 1567 -69.13 -4.50 -108.84
N LYS G 1568 -68.57 -4.86 -107.69
CA LYS G 1568 -68.30 -3.94 -106.57
C LYS G 1568 -67.10 -4.44 -105.74
N THR G 1569 -65.97 -4.62 -106.41
CA THR G 1569 -64.68 -4.98 -105.79
C THR G 1569 -64.10 -3.88 -104.88
N GLY G 1570 -64.64 -2.66 -104.96
CA GLY G 1570 -64.65 -1.68 -103.87
C GLY G 1570 -63.33 -1.06 -103.42
N GLU G 1571 -63.21 -0.85 -102.11
CA GLU G 1571 -62.27 0.07 -101.47
C GLU G 1571 -60.80 -0.14 -101.87
N ALA G 1572 -60.22 0.86 -102.54
CA ALA G 1572 -58.85 0.88 -103.05
C ALA G 1572 -58.46 -0.32 -103.95
N VAL G 1573 -59.46 -1.01 -104.53
CA VAL G 1573 -59.27 -2.07 -105.51
C VAL G 1573 -59.00 -1.53 -106.93
N ALA G 1574 -58.71 -2.43 -107.86
CA ALA G 1574 -58.47 -2.13 -109.27
C ALA G 1574 -59.07 -3.22 -110.20
N GLU G 1575 -58.68 -3.21 -111.47
CA GLU G 1575 -59.20 -4.09 -112.53
C GLU G 1575 -59.03 -5.60 -112.26
N LYS G 1576 -59.86 -6.40 -112.93
CA LYS G 1576 -60.01 -7.85 -112.73
C LYS G 1576 -58.85 -8.71 -113.22
N ASP G 1577 -59.01 -10.04 -113.17
CA ASP G 1577 -57.99 -11.03 -113.50
C ASP G 1577 -56.76 -11.04 -112.57
N SER G 1578 -56.90 -10.54 -111.33
CA SER G 1578 -55.82 -10.54 -110.32
C SER G 1578 -55.56 -11.89 -109.62
N GLU G 1579 -56.51 -12.84 -109.68
CA GLU G 1579 -56.40 -14.22 -109.16
C GLU G 1579 -56.10 -14.39 -107.66
N ILE G 1580 -56.38 -13.37 -106.84
CA ILE G 1580 -56.02 -13.30 -105.42
C ILE G 1580 -56.81 -14.23 -104.48
N THR G 1581 -56.34 -14.39 -103.25
CA THR G 1581 -56.96 -15.22 -102.23
C THR G 1581 -58.31 -14.69 -101.71
N PHE G 1582 -59.13 -15.58 -101.15
CA PHE G 1582 -60.42 -15.30 -100.52
C PHE G 1582 -60.67 -16.32 -99.38
N ILE G 1583 -59.98 -16.13 -98.25
CA ILE G 1583 -59.73 -17.18 -97.25
C ILE G 1583 -60.96 -17.70 -96.49
N LYS G 1584 -60.86 -18.91 -95.93
CA LYS G 1584 -61.95 -19.60 -95.21
C LYS G 1584 -61.50 -20.20 -93.85
N LYS G 1585 -62.44 -20.43 -92.93
CA LYS G 1585 -62.19 -20.93 -91.57
C LYS G 1585 -63.06 -22.14 -91.19
N VAL G 1586 -62.55 -23.01 -90.31
CA VAL G 1586 -63.11 -24.35 -90.04
C VAL G 1586 -64.52 -24.42 -89.45
N THR G 1587 -65.00 -23.35 -88.80
CA THR G 1587 -66.38 -23.24 -88.32
C THR G 1587 -67.41 -23.00 -89.44
N CYS G 1588 -66.99 -22.52 -90.60
CA CYS G 1588 -67.83 -22.18 -91.75
C CYS G 1588 -68.12 -23.37 -92.70
N THR G 1589 -68.43 -24.55 -92.14
CA THR G 1589 -68.57 -25.80 -92.89
C THR G 1589 -69.64 -25.78 -94.01
N ASN G 1590 -70.68 -24.95 -93.87
CA ASN G 1590 -71.72 -24.73 -94.88
C ASN G 1590 -71.31 -23.84 -96.06
N ALA G 1591 -70.09 -23.31 -96.08
CA ALA G 1591 -69.53 -22.46 -97.13
C ALA G 1591 -68.33 -23.08 -97.84
N GLU G 1592 -68.27 -24.41 -97.95
CA GLU G 1592 -67.21 -25.13 -98.65
C GLU G 1592 -67.12 -24.71 -100.12
N LEU G 1593 -65.95 -24.84 -100.73
CA LEU G 1593 -65.67 -24.47 -102.12
C LEU G 1593 -64.93 -25.59 -102.87
N VAL G 1594 -65.13 -25.68 -104.18
CA VAL G 1594 -64.55 -26.70 -105.07
C VAL G 1594 -63.47 -26.10 -105.99
N LYS G 1595 -62.29 -26.72 -106.03
CA LYS G 1595 -61.20 -26.34 -106.93
C LYS G 1595 -61.57 -26.60 -108.40
N GLY G 1596 -61.27 -25.64 -109.27
CA GLY G 1596 -61.67 -25.58 -110.69
C GLY G 1596 -63.11 -25.11 -110.94
N ARG G 1597 -63.97 -25.03 -109.92
CA ARG G 1597 -65.38 -24.68 -110.08
C ARG G 1597 -65.62 -23.17 -110.28
N GLN G 1598 -66.45 -22.81 -111.27
CA GLN G 1598 -66.96 -21.45 -111.42
C GLN G 1598 -67.93 -21.07 -110.29
N TYR G 1599 -67.87 -19.84 -109.81
CA TYR G 1599 -68.62 -19.38 -108.65
C TYR G 1599 -68.94 -17.87 -108.69
N LEU G 1600 -69.95 -17.48 -107.91
CA LEU G 1600 -70.40 -16.11 -107.69
C LEU G 1600 -70.51 -15.83 -106.18
N ILE G 1601 -70.08 -14.66 -105.72
CA ILE G 1601 -70.06 -14.33 -104.29
C ILE G 1601 -70.06 -12.82 -104.00
N MET G 1602 -70.40 -12.44 -102.75
CA MET G 1602 -70.37 -11.07 -102.26
C MET G 1602 -70.08 -10.96 -100.76
N GLY G 1603 -69.48 -9.87 -100.30
CA GLY G 1603 -69.12 -9.64 -98.89
C GLY G 1603 -68.38 -8.32 -98.66
N LYS G 1604 -67.65 -8.20 -97.54
CA LYS G 1604 -66.80 -7.04 -97.23
C LYS G 1604 -65.46 -7.04 -98.00
N GLU G 1605 -64.81 -5.87 -98.08
CA GLU G 1605 -63.48 -5.70 -98.69
C GLU G 1605 -62.32 -6.27 -97.83
N ALA G 1606 -61.15 -6.44 -98.45
CA ALA G 1606 -59.92 -6.92 -97.79
C ALA G 1606 -59.29 -5.89 -96.83
N LEU G 1607 -58.62 -6.38 -95.77
CA LEU G 1607 -57.69 -5.58 -94.96
C LEU G 1607 -56.42 -5.29 -95.76
N GLN G 1608 -56.08 -4.02 -95.96
CA GLN G 1608 -55.24 -3.59 -97.08
C GLN G 1608 -53.71 -3.67 -96.87
N ILE G 1609 -53.23 -4.09 -95.70
CA ILE G 1609 -51.79 -4.19 -95.38
C ILE G 1609 -51.34 -5.59 -94.92
N LYS G 1610 -50.07 -5.93 -95.21
CA LYS G 1610 -49.44 -7.22 -94.91
C LYS G 1610 -47.90 -7.10 -94.81
N TYR G 1611 -47.17 -8.22 -94.90
CA TYR G 1611 -45.71 -8.20 -95.07
C TYR G 1611 -45.25 -7.70 -96.46
N ASN G 1612 -46.10 -7.84 -97.49
CA ASN G 1612 -45.94 -7.19 -98.79
C ASN G 1612 -46.19 -5.67 -98.73
N PHE G 1613 -45.94 -4.95 -99.83
CA PHE G 1613 -46.26 -3.52 -99.93
C PHE G 1613 -47.77 -3.21 -99.78
N SER G 1614 -48.62 -4.20 -100.05
CA SER G 1614 -50.06 -4.17 -99.78
C SER G 1614 -50.59 -5.60 -99.55
N PHE G 1615 -51.75 -5.70 -98.89
CA PHE G 1615 -52.58 -6.91 -98.81
C PHE G 1615 -53.78 -6.85 -99.78
N ARG G 1616 -53.67 -6.05 -100.84
CA ARG G 1616 -54.78 -5.70 -101.73
C ARG G 1616 -55.47 -6.94 -102.33
N TYR G 1617 -56.81 -6.92 -102.28
CA TYR G 1617 -57.68 -8.01 -102.73
C TYR G 1617 -57.48 -9.40 -102.08
N ILE G 1618 -56.75 -9.50 -100.95
CA ILE G 1618 -56.70 -10.70 -100.13
C ILE G 1618 -57.98 -10.84 -99.27
N TYR G 1619 -59.07 -11.30 -99.89
CA TYR G 1619 -60.43 -11.24 -99.33
C TYR G 1619 -60.63 -12.07 -98.05
N PRO G 1620 -61.46 -11.60 -97.09
CA PRO G 1620 -61.67 -12.27 -95.81
C PRO G 1620 -62.71 -13.41 -95.85
N LEU G 1621 -63.62 -13.41 -96.85
CA LEU G 1621 -64.76 -14.33 -96.96
C LEU G 1621 -65.55 -14.52 -95.64
N ASP G 1622 -65.76 -13.43 -94.92
CA ASP G 1622 -66.31 -13.41 -93.55
C ASP G 1622 -67.80 -13.81 -93.46
N SER G 1623 -68.32 -13.85 -92.23
CA SER G 1623 -69.70 -14.23 -91.92
C SER G 1623 -70.77 -13.37 -92.64
N LEU G 1624 -71.94 -13.95 -92.89
CA LEU G 1624 -73.05 -13.37 -93.64
C LEU G 1624 -72.77 -12.99 -95.12
N THR G 1625 -71.63 -13.39 -95.69
CA THR G 1625 -71.32 -13.22 -97.11
C THR G 1625 -72.17 -14.13 -98.02
N TRP G 1626 -72.47 -13.68 -99.23
CA TRP G 1626 -73.14 -14.46 -100.27
C TRP G 1626 -72.17 -15.39 -101.00
N ILE G 1627 -72.62 -16.60 -101.37
CA ILE G 1627 -71.86 -17.59 -102.12
C ILE G 1627 -72.77 -18.53 -102.91
N GLU G 1628 -72.45 -18.83 -104.16
CA GLU G 1628 -73.12 -19.84 -104.99
C GLU G 1628 -72.25 -20.32 -106.17
N TYR G 1629 -72.57 -21.48 -106.75
CA TYR G 1629 -71.92 -21.97 -107.96
C TYR G 1629 -72.36 -21.19 -109.21
N TRP G 1630 -71.44 -20.97 -110.16
CA TRP G 1630 -71.72 -20.34 -111.45
C TRP G 1630 -71.69 -21.41 -112.56
N PRO G 1631 -72.81 -21.66 -113.28
CA PRO G 1631 -72.87 -22.69 -114.31
C PRO G 1631 -71.84 -22.51 -115.43
N ARG G 1632 -71.00 -23.53 -115.62
CA ARG G 1632 -69.97 -23.56 -116.68
C ARG G 1632 -70.56 -23.81 -118.07
N ASP G 1633 -71.66 -24.57 -118.15
CA ASP G 1633 -72.55 -24.68 -119.30
C ASP G 1633 -74.01 -24.71 -118.83
N THR G 1634 -74.88 -23.90 -119.44
CA THR G 1634 -76.16 -23.54 -118.81
C THR G 1634 -77.40 -24.34 -119.26
N THR G 1635 -77.71 -24.38 -120.55
CA THR G 1635 -79.07 -24.68 -121.01
C THR G 1635 -79.50 -26.14 -120.89
N CYS G 1636 -78.58 -27.09 -121.01
CA CYS G 1636 -78.84 -28.52 -120.79
C CYS G 1636 -78.92 -28.93 -119.31
N SER G 1637 -78.58 -28.05 -118.37
CA SER G 1637 -78.46 -28.33 -116.94
C SER G 1637 -79.77 -28.25 -116.13
N SER G 1638 -80.93 -28.11 -116.78
CA SER G 1638 -82.27 -28.01 -116.18
C SER G 1638 -82.37 -26.93 -115.09
N CYS G 1639 -82.25 -25.63 -115.42
CA CYS G 1639 -82.30 -25.07 -116.77
C CYS G 1639 -81.59 -23.71 -116.90
N GLN G 1640 -81.41 -23.25 -118.13
CA GLN G 1640 -80.71 -22.00 -118.47
C GLN G 1640 -81.25 -20.74 -117.76
N ALA G 1641 -82.53 -20.73 -117.39
CA ALA G 1641 -83.18 -19.61 -116.69
C ALA G 1641 -82.52 -19.23 -115.35
N PHE G 1642 -81.91 -20.18 -114.63
CA PHE G 1642 -81.17 -19.89 -113.39
C PHE G 1642 -79.90 -19.07 -113.64
N LEU G 1643 -79.13 -19.44 -114.67
CA LEU G 1643 -77.94 -18.72 -115.10
C LEU G 1643 -78.30 -17.36 -115.73
N ALA G 1644 -79.37 -17.29 -116.51
CA ALA G 1644 -79.89 -16.04 -117.07
C ALA G 1644 -80.37 -15.07 -115.97
N ASN G 1645 -80.99 -15.57 -114.90
CA ASN G 1645 -81.32 -14.75 -113.72
C ASN G 1645 -80.07 -14.19 -113.03
N LEU G 1646 -79.02 -15.00 -112.84
CA LEU G 1646 -77.73 -14.53 -112.32
C LEU G 1646 -77.06 -13.49 -113.24
N ASP G 1647 -77.15 -13.66 -114.56
CA ASP G 1647 -76.68 -12.70 -115.56
C ASP G 1647 -77.45 -11.37 -115.48
N GLU G 1648 -78.77 -11.43 -115.28
CA GLU G 1648 -79.62 -10.27 -115.04
C GLU G 1648 -79.27 -9.54 -113.74
N PHE G 1649 -78.96 -10.28 -112.65
CA PHE G 1649 -78.47 -9.71 -111.39
C PHE G 1649 -77.13 -8.98 -111.55
N ALA G 1650 -76.18 -9.62 -112.24
CA ALA G 1650 -74.88 -9.03 -112.58
C ALA G 1650 -75.01 -7.76 -113.45
N GLU G 1651 -75.86 -7.81 -114.48
CA GLU G 1651 -76.18 -6.70 -115.37
C GLU G 1651 -76.88 -5.53 -114.66
N ASP G 1652 -77.77 -5.81 -113.70
CA ASP G 1652 -78.41 -4.78 -112.85
C ASP G 1652 -77.42 -4.09 -111.92
N ILE G 1653 -76.49 -4.84 -111.30
CA ILE G 1653 -75.41 -4.27 -110.50
C ILE G 1653 -74.45 -3.39 -111.33
N PHE G 1654 -74.17 -3.79 -112.58
CA PHE G 1654 -73.37 -3.01 -113.52
C PHE G 1654 -74.09 -1.77 -114.09
N LEU G 1655 -75.38 -1.85 -114.41
CA LEU G 1655 -76.13 -0.78 -115.11
C LEU G 1655 -77.00 0.13 -114.24
N ASN G 1656 -77.30 -0.24 -113.00
CA ASN G 1656 -78.07 0.58 -112.05
C ASN G 1656 -77.37 0.73 -110.68
N GLY G 1657 -76.74 -0.33 -110.19
CA GLY G 1657 -75.88 -0.29 -109.00
C GLY G 1657 -76.61 0.06 -107.70
N CYS G 1658 -75.97 0.85 -106.84
CA CYS G 1658 -76.49 1.27 -105.54
C CYS G 1658 -75.97 2.65 -105.11
N ILE H 13 -7.15 -36.31 20.37
CA ILE H 13 -5.85 -36.17 21.01
C ILE H 13 -5.68 -37.22 22.12
N SER H 14 -4.51 -37.84 22.24
CA SER H 14 -4.23 -38.94 23.20
C SER H 14 -2.83 -38.85 23.81
N THR H 15 -2.70 -39.39 25.03
CA THR H 15 -1.50 -39.29 25.88
C THR H 15 -0.69 -40.59 25.91
N ILE H 16 0.59 -40.51 25.58
CA ILE H 16 1.56 -41.62 25.67
C ILE H 16 1.92 -41.93 27.13
N GLN H 17 2.37 -43.15 27.41
CA GLN H 17 2.82 -43.55 28.75
C GLN H 17 4.23 -43.00 29.05
N PRO H 18 4.49 -42.46 30.25
CA PRO H 18 5.82 -42.01 30.67
C PRO H 18 6.79 -43.17 30.90
N LYS H 19 8.10 -42.87 31.02
CA LYS H 19 9.13 -43.85 31.39
C LYS H 19 8.78 -44.52 32.73
N ALA H 20 8.51 -45.82 32.69
CA ALA H 20 8.15 -46.62 33.87
C ALA H 20 9.31 -46.68 34.88
N ASN H 21 9.01 -46.41 36.16
CA ASN H 21 9.98 -46.31 37.24
C ASN H 21 11.18 -45.36 36.94
N PHE H 22 10.91 -44.27 36.21
CA PHE H 22 11.84 -43.14 36.06
C PHE H 22 12.33 -42.64 37.43
N ASP H 23 13.51 -42.04 37.49
CA ASP H 23 14.03 -41.47 38.75
C ASP H 23 14.97 -40.29 38.50
N ALA H 24 14.54 -39.09 38.87
CA ALA H 24 15.33 -37.86 38.78
C ALA H 24 16.59 -37.84 39.66
N GLN H 25 16.75 -38.77 40.62
CA GLN H 25 18.02 -38.97 41.32
C GLN H 25 19.05 -39.71 40.45
N GLN H 26 18.63 -40.28 39.32
CA GLN H 26 19.45 -41.12 38.44
C GLN H 26 19.49 -40.61 36.99
N PHE H 27 18.35 -40.15 36.47
CA PHE H 27 18.25 -39.22 35.34
C PHE H 27 18.59 -37.79 35.81
N ALA H 28 19.84 -37.35 35.61
CA ALA H 28 20.34 -36.09 36.15
C ALA H 28 21.55 -35.58 35.35
N GLY H 29 21.91 -34.32 35.57
CA GLY H 29 23.00 -33.62 34.88
C GLY H 29 22.59 -33.09 33.50
N THR H 30 23.58 -32.88 32.66
CA THR H 30 23.47 -32.34 31.30
C THR H 30 22.68 -33.26 30.36
N TRP H 31 22.16 -32.71 29.27
CA TRP H 31 21.56 -33.39 28.12
C TRP H 31 21.67 -32.45 26.91
N LEU H 32 22.54 -32.73 25.94
CA LEU H 32 22.72 -31.85 24.78
C LEU H 32 21.54 -32.01 23.80
N LEU H 33 20.92 -30.92 23.37
CA LEU H 33 19.80 -31.00 22.43
C LEU H 33 20.32 -31.50 21.07
N VAL H 34 19.72 -32.56 20.55
CA VAL H 34 19.95 -32.98 19.16
C VAL H 34 18.98 -32.26 18.23
N ALA H 35 17.68 -32.41 18.48
CA ALA H 35 16.64 -31.96 17.56
C ALA H 35 15.28 -31.83 18.26
N VAL H 36 14.36 -31.09 17.63
CA VAL H 36 12.97 -30.92 18.07
C VAL H 36 12.00 -31.22 16.94
N GLY H 37 10.99 -32.04 17.23
CA GLY H 37 9.82 -32.28 16.40
C GLY H 37 8.68 -31.35 16.80
N SER H 38 8.34 -30.36 15.96
CA SER H 38 7.16 -29.52 16.22
C SER H 38 6.55 -28.97 14.94
N ALA H 39 5.22 -28.80 14.93
CA ALA H 39 4.48 -28.14 13.86
C ALA H 39 4.61 -26.59 13.87
N CYS H 40 5.21 -25.98 14.89
CA CYS H 40 5.07 -24.54 15.16
C CYS H 40 5.67 -23.63 14.05
N ARG H 41 4.91 -22.62 13.60
CA ARG H 41 5.29 -21.77 12.46
C ARG H 41 6.58 -20.97 12.70
N PHE H 42 6.92 -20.67 13.96
CA PHE H 42 8.18 -20.02 14.31
C PHE H 42 9.39 -20.78 13.74
N LEU H 43 9.51 -22.09 13.97
CA LEU H 43 10.64 -22.86 13.42
C LEU H 43 10.58 -22.99 11.89
N GLN H 44 9.38 -22.91 11.29
CA GLN H 44 9.23 -22.85 9.83
C GLN H 44 9.72 -21.52 9.20
N GLU H 45 9.48 -20.36 9.81
CA GLU H 45 9.73 -19.03 9.19
C GLU H 45 10.89 -18.23 9.80
N GLN H 46 11.00 -18.22 11.14
CA GLN H 46 12.08 -17.67 11.97
C GLN H 46 13.30 -18.60 12.17
N GLY H 47 13.10 -19.92 12.10
CA GLY H 47 14.01 -20.99 12.54
C GLY H 47 15.49 -20.86 12.15
N HIS H 48 15.82 -20.17 11.05
CA HIS H 48 17.20 -19.87 10.66
C HIS H 48 17.97 -19.08 11.73
N ARG H 49 19.31 -19.22 11.75
CA ARG H 49 20.17 -18.69 12.83
C ARG H 49 19.76 -19.23 14.22
N ALA H 50 19.45 -20.53 14.28
CA ALA H 50 19.23 -21.30 15.49
C ALA H 50 20.44 -21.30 16.45
N GLU H 51 20.24 -21.76 17.69
CA GLU H 51 21.20 -21.58 18.78
C GLU H 51 21.59 -22.89 19.46
N ALA H 52 22.87 -23.04 19.83
CA ALA H 52 23.34 -24.20 20.59
C ALA H 52 22.60 -24.28 21.94
N THR H 53 22.08 -25.45 22.30
CA THR H 53 21.07 -25.62 23.37
C THR H 53 21.25 -26.93 24.14
N THR H 54 21.07 -26.92 25.46
CA THR H 54 21.12 -28.13 26.28
C THR H 54 20.20 -28.05 27.50
N LEU H 55 19.63 -29.17 27.93
CA LEU H 55 19.00 -29.30 29.24
C LEU H 55 20.04 -29.63 30.33
N HIS H 56 19.70 -29.29 31.55
CA HIS H 56 20.44 -29.62 32.76
C HIS H 56 19.42 -29.94 33.87
N VAL H 57 19.57 -31.06 34.58
CA VAL H 57 18.50 -31.64 35.44
C VAL H 57 19.03 -32.03 36.82
N ALA H 58 18.23 -31.82 37.87
CA ALA H 58 18.50 -32.26 39.25
C ALA H 58 17.22 -32.78 39.95
N PRO H 59 17.35 -33.67 40.95
CA PRO H 59 16.22 -34.11 41.78
C PRO H 59 15.77 -33.03 42.78
N GLN H 60 14.45 -32.92 42.99
CA GLN H 60 13.81 -32.20 44.11
C GLN H 60 12.54 -32.90 44.67
N GLY H 61 12.16 -34.07 44.15
CA GLY H 61 10.92 -34.76 44.48
C GLY H 61 10.52 -35.73 43.35
N THR H 62 9.21 -35.92 43.13
CA THR H 62 8.73 -36.50 41.84
C THR H 62 8.94 -35.48 40.71
N ALA H 63 8.68 -34.21 40.95
CA ALA H 63 9.00 -33.11 40.04
C ALA H 63 10.50 -32.99 39.75
N MET H 64 10.89 -32.84 38.48
CA MET H 64 12.27 -32.51 38.11
C MET H 64 12.57 -31.03 38.39
N ALA H 65 13.78 -30.70 38.85
CA ALA H 65 14.32 -29.34 38.85
C ALA H 65 15.27 -29.16 37.65
N VAL H 66 15.13 -28.07 36.87
CA VAL H 66 15.68 -28.01 35.51
C VAL H 66 16.28 -26.64 35.17
N SER H 67 17.29 -26.63 34.32
CA SER H 67 17.68 -25.46 33.51
C SER H 67 17.78 -25.84 32.04
N THR H 68 17.51 -24.89 31.14
CA THR H 68 18.02 -24.93 29.77
C THR H 68 19.19 -23.95 29.65
N PHE H 69 20.30 -24.34 29.05
CA PHE H 69 21.34 -23.41 28.65
C PHE H 69 21.31 -23.24 27.15
N ARG H 70 21.49 -21.99 26.69
CA ARG H 70 21.39 -21.58 25.29
C ARG H 70 22.22 -20.31 25.02
N LYS H 71 22.72 -20.14 23.79
CA LYS H 71 23.22 -18.84 23.30
C LYS H 71 22.07 -18.01 22.73
N LEU H 72 22.10 -16.69 22.95
CA LEU H 72 21.28 -15.71 22.25
C LEU H 72 22.22 -14.70 21.57
N ASP H 73 22.25 -14.68 20.25
CA ASP H 73 23.09 -13.77 19.44
C ASP H 73 24.55 -13.69 19.94
N GLY H 74 25.12 -14.83 20.32
CA GLY H 74 26.50 -14.97 20.76
C GLY H 74 26.76 -14.77 22.26
N ILE H 75 25.74 -14.39 23.05
CA ILE H 75 25.84 -14.29 24.52
C ILE H 75 25.16 -15.51 25.15
N CYS H 76 25.78 -16.16 26.12
CA CYS H 76 25.23 -17.34 26.78
C CYS H 76 24.20 -17.00 27.87
N TRP H 77 23.14 -17.81 27.95
CA TRP H 77 21.94 -17.65 28.77
C TRP H 77 21.53 -18.97 29.44
N GLN H 78 20.75 -18.84 30.52
CA GLN H 78 20.18 -19.92 31.31
C GLN H 78 18.69 -19.67 31.60
N VAL H 79 17.85 -20.67 31.35
CA VAL H 79 16.41 -20.70 31.65
C VAL H 79 16.16 -21.65 32.83
N ARG H 80 16.13 -21.16 34.08
CA ARG H 80 15.78 -21.96 35.27
C ARG H 80 14.28 -22.28 35.29
N GLN H 81 13.88 -23.53 35.50
CA GLN H 81 12.47 -23.94 35.58
C GLN H 81 12.24 -25.09 36.60
N LEU H 82 11.05 -25.21 37.18
CA LEU H 82 10.63 -26.39 37.95
C LEU H 82 9.49 -27.13 37.25
N TYR H 83 9.71 -28.42 36.98
CA TYR H 83 8.73 -29.25 36.30
C TYR H 83 7.73 -29.82 37.33
N GLY H 84 6.87 -28.96 37.88
CA GLY H 84 5.85 -29.38 38.88
C GLY H 84 5.02 -30.56 38.38
N ASP H 85 5.00 -31.67 39.14
CA ASP H 85 4.44 -32.93 38.67
C ASP H 85 2.90 -32.95 38.68
N THR H 86 2.32 -33.77 37.81
CA THR H 86 0.86 -33.95 37.65
C THR H 86 0.20 -34.92 38.65
N GLY H 87 0.96 -35.45 39.62
CA GLY H 87 0.58 -36.62 40.42
C GLY H 87 0.92 -37.97 39.78
N VAL H 88 1.36 -37.98 38.51
CA VAL H 88 1.86 -39.17 37.78
C VAL H 88 3.38 -39.06 37.59
N LEU H 89 4.10 -40.14 37.89
CA LEU H 89 5.56 -40.21 37.74
C LEU H 89 5.99 -39.96 36.29
N GLY H 90 6.92 -39.03 36.08
CA GLY H 90 7.39 -38.67 34.74
C GLY H 90 6.45 -37.78 33.93
N ARG H 91 5.37 -37.22 34.54
CA ARG H 91 4.45 -36.26 33.90
C ARG H 91 4.34 -34.97 34.72
N PHE H 92 4.50 -33.82 34.06
CA PHE H 92 4.67 -32.49 34.67
C PHE H 92 3.91 -31.38 33.91
N LEU H 93 3.78 -30.19 34.53
CA LEU H 93 2.90 -29.10 34.05
C LEU H 93 3.61 -27.76 33.71
N LEU H 94 4.95 -27.73 33.84
CA LEU H 94 5.83 -26.56 33.65
C LEU H 94 5.50 -25.33 34.53
N GLN H 95 4.67 -25.49 35.57
CA GLN H 95 4.34 -24.48 36.59
C GLN H 95 3.71 -23.18 36.04
N ALA H 96 3.22 -23.18 34.80
CA ALA H 96 2.38 -22.12 34.21
C ALA H 96 2.87 -20.69 34.52
N ARG H 97 4.18 -20.43 34.40
CA ARG H 97 4.88 -19.24 34.91
C ARG H 97 4.64 -17.94 34.14
N ASP H 98 3.89 -18.00 33.03
CA ASP H 98 3.57 -16.87 32.16
C ASP H 98 2.18 -17.06 31.50
N ALA H 99 1.63 -16.02 30.88
CA ALA H 99 0.27 -15.97 30.34
C ALA H 99 -0.06 -17.05 29.29
N ARG H 100 0.94 -17.69 28.67
CA ARG H 100 0.75 -18.90 27.84
C ARG H 100 0.19 -20.08 28.64
N GLY H 101 0.29 -20.02 29.96
CA GLY H 101 -0.20 -21.02 30.90
C GLY H 101 0.68 -22.27 30.94
N ALA H 102 0.08 -23.38 31.36
CA ALA H 102 0.76 -24.65 31.49
C ALA H 102 1.27 -25.21 30.15
N VAL H 103 2.31 -26.03 30.23
CA VAL H 103 2.73 -26.97 29.19
C VAL H 103 2.71 -28.36 29.84
N HIS H 104 2.06 -29.34 29.23
CA HIS H 104 2.20 -30.73 29.65
C HIS H 104 3.57 -31.26 29.21
N VAL H 105 4.35 -31.83 30.13
CA VAL H 105 5.73 -32.30 29.90
C VAL H 105 5.87 -33.76 30.35
N VAL H 106 6.59 -34.56 29.58
CA VAL H 106 6.75 -36.01 29.81
C VAL H 106 8.17 -36.46 29.45
N VAL H 107 8.75 -37.40 30.19
CA VAL H 107 9.91 -38.20 29.70
C VAL H 107 9.38 -39.54 29.20
N ALA H 108 9.65 -39.90 27.94
CA ALA H 108 8.95 -40.98 27.24
C ALA H 108 9.84 -42.19 26.90
N GLU H 109 11.05 -41.96 26.39
CA GLU H 109 12.02 -43.03 26.09
C GLU H 109 13.42 -42.57 26.48
N THR H 110 14.21 -43.42 27.17
CA THR H 110 15.56 -43.03 27.60
C THR H 110 16.42 -44.22 28.05
N ASP H 111 17.72 -44.02 28.01
CA ASP H 111 18.65 -44.71 28.90
C ASP H 111 19.56 -43.61 29.47
N TYR H 112 19.74 -43.58 30.79
CA TYR H 112 20.37 -42.44 31.45
C TYR H 112 21.86 -42.32 31.08
N GLN H 113 22.45 -43.38 30.54
CA GLN H 113 23.82 -43.43 30.07
C GLN H 113 24.01 -42.64 28.76
N SER H 114 23.04 -42.67 27.83
CA SER H 114 23.27 -42.15 26.47
C SER H 114 22.21 -41.19 25.95
N PHE H 115 20.91 -41.41 26.15
CA PHE H 115 19.88 -40.63 25.46
C PHE H 115 18.58 -40.41 26.23
N ALA H 116 17.88 -39.32 25.91
CA ALA H 116 16.55 -39.02 26.42
C ALA H 116 15.63 -38.45 25.34
N VAL H 117 14.36 -38.87 25.34
CA VAL H 117 13.29 -38.32 24.50
C VAL H 117 12.15 -37.82 25.38
N LEU H 118 11.77 -36.56 25.18
CA LEU H 118 10.70 -35.87 25.93
C LEU H 118 9.54 -35.51 24.99
N TYR H 119 8.31 -35.55 25.51
CA TYR H 119 7.12 -34.99 24.87
C TYR H 119 6.69 -33.72 25.61
N LEU H 120 6.34 -32.69 24.85
CA LEU H 120 5.80 -31.43 25.36
C LEU H 120 4.55 -31.03 24.58
N GLU H 121 3.53 -30.56 25.27
CA GLU H 121 2.22 -30.23 24.69
C GLU H 121 1.61 -28.96 25.31
N ARG H 122 0.99 -28.14 24.46
CA ARG H 122 0.15 -27.01 24.85
C ARG H 122 -0.94 -26.83 23.80
N ALA H 123 -2.08 -26.29 24.19
CA ALA H 123 -3.17 -25.93 23.28
C ALA H 123 -3.49 -27.03 22.26
N GLY H 124 -3.53 -28.27 22.75
CA GLY H 124 -3.84 -29.49 22.02
C GLY H 124 -2.79 -30.03 21.03
N GLN H 125 -1.63 -29.37 20.90
CA GLN H 125 -0.60 -29.73 19.93
C GLN H 125 0.58 -30.45 20.60
N LEU H 126 0.96 -31.61 20.06
CA LEU H 126 2.13 -32.37 20.52
C LEU H 126 3.44 -31.84 19.91
N SER H 127 4.53 -31.98 20.66
CA SER H 127 5.89 -31.73 20.22
C SER H 127 6.85 -32.66 20.96
N VAL H 128 8.04 -32.92 20.41
CA VAL H 128 9.01 -33.88 20.99
C VAL H 128 10.44 -33.40 20.86
N LYS H 129 11.32 -33.85 21.76
CA LYS H 129 12.74 -33.46 21.80
C LYS H 129 13.64 -34.67 21.97
N LEU H 130 14.76 -34.70 21.24
CA LEU H 130 15.81 -35.71 21.40
C LEU H 130 17.04 -35.09 22.03
N TYR H 131 17.60 -35.74 23.04
CA TYR H 131 18.87 -35.39 23.65
C TYR H 131 19.81 -36.58 23.71
N ALA H 132 21.11 -36.31 23.67
CA ALA H 132 22.17 -37.25 24.04
C ALA H 132 23.04 -36.65 25.17
N ARG H 133 23.63 -37.49 26.03
CA ARG H 133 24.33 -37.00 27.24
C ARG H 133 25.73 -36.43 26.97
N SER H 134 26.22 -36.58 25.74
CA SER H 134 27.52 -36.12 25.22
C SER H 134 27.37 -35.70 23.76
N LEU H 135 28.43 -35.17 23.14
CA LEU H 135 28.40 -34.63 21.78
C LEU H 135 27.75 -35.55 20.72
N PRO H 136 28.13 -36.84 20.56
CA PRO H 136 27.58 -37.72 19.53
C PRO H 136 26.22 -38.33 19.87
N VAL H 137 25.50 -38.79 18.84
CA VAL H 137 24.24 -39.56 18.97
C VAL H 137 24.22 -40.73 17.98
N SER H 138 23.68 -41.88 18.41
CA SER H 138 23.52 -43.08 17.57
C SER H 138 22.37 -42.94 16.57
N ASP H 139 22.55 -43.41 15.34
CA ASP H 139 21.48 -43.44 14.33
C ASP H 139 20.29 -44.33 14.77
N SER H 140 20.53 -45.38 15.56
CA SER H 140 19.45 -46.19 16.12
C SER H 140 18.55 -45.36 17.03
N VAL H 141 19.15 -44.58 17.93
CA VAL H 141 18.45 -43.60 18.79
C VAL H 141 17.70 -42.57 17.96
N LEU H 142 18.35 -42.01 16.92
CA LEU H 142 17.68 -41.05 16.05
C LEU H 142 16.49 -41.68 15.31
N SER H 143 16.61 -42.93 14.87
CA SER H 143 15.50 -43.66 14.25
C SER H 143 14.34 -43.88 15.22
N GLY H 144 14.63 -44.26 16.47
CA GLY H 144 13.64 -44.39 17.52
C GLY H 144 12.94 -43.06 17.82
N PHE H 145 13.68 -41.95 17.88
CA PHE H 145 13.11 -40.62 18.04
C PHE H 145 12.16 -40.26 16.89
N GLU H 146 12.49 -40.55 15.63
CA GLU H 146 11.57 -40.33 14.53
C GLU H 146 10.26 -41.12 14.70
N GLN H 147 10.28 -42.33 15.27
CA GLN H 147 9.04 -43.00 15.63
C GLN H 147 8.26 -42.23 16.71
N ARG H 148 8.95 -41.62 17.68
CA ARG H 148 8.29 -40.73 18.67
C ARG H 148 7.73 -39.45 18.04
N VAL H 149 8.39 -38.90 17.02
CA VAL H 149 7.88 -37.80 16.20
C VAL H 149 6.62 -38.24 15.44
N GLN H 150 6.64 -39.43 14.84
CA GLN H 150 5.47 -40.01 14.17
C GLN H 150 4.34 -40.39 15.14
N GLU H 151 4.65 -40.75 16.38
CA GLU H 151 3.66 -40.94 17.45
C GLU H 151 3.11 -39.62 17.98
N ALA H 152 3.87 -38.52 17.87
CA ALA H 152 3.38 -37.15 17.98
C ALA H 152 2.59 -36.66 16.73
N HIS H 153 2.41 -37.54 15.72
CA HIS H 153 1.73 -37.29 14.45
C HIS H 153 2.36 -36.16 13.62
N LEU H 154 3.69 -36.07 13.67
CA LEU H 154 4.53 -35.13 12.94
C LEU H 154 5.39 -35.86 11.89
N THR H 155 5.76 -35.13 10.84
CA THR H 155 6.69 -35.59 9.80
C THR H 155 8.14 -35.26 10.16
N GLU H 156 9.09 -35.98 9.56
CA GLU H 156 10.52 -35.70 9.74
C GLU H 156 10.94 -34.30 9.24
N ASP H 157 10.16 -33.66 8.37
CA ASP H 157 10.40 -32.27 7.95
C ASP H 157 10.05 -31.24 9.02
N GLN H 158 9.15 -31.59 9.94
CA GLN H 158 8.89 -30.86 11.18
C GLN H 158 9.91 -31.19 12.27
N ILE H 159 10.93 -31.98 11.97
CA ILE H 159 12.13 -32.03 12.78
C ILE H 159 13.09 -30.90 12.37
N PHE H 160 13.50 -30.14 13.38
CA PHE H 160 14.49 -29.07 13.31
C PHE H 160 15.72 -29.46 14.14
N TYR H 161 16.90 -29.44 13.54
CA TYR H 161 18.13 -29.99 14.11
C TYR H 161 19.05 -28.87 14.56
N PHE H 162 19.51 -28.91 15.81
CA PHE H 162 20.15 -27.76 16.47
C PHE H 162 21.68 -27.88 16.52
N PRO H 163 22.40 -26.78 16.82
CA PRO H 163 23.84 -26.72 16.60
C PRO H 163 24.61 -27.80 17.35
N LYS H 164 25.34 -28.62 16.60
CA LYS H 164 26.08 -29.79 17.08
C LYS H 164 27.46 -29.43 17.67
N TYR H 165 27.60 -28.20 18.12
CA TYR H 165 28.84 -27.53 18.48
C TYR H 165 28.51 -26.27 19.29
N GLY H 166 29.50 -25.71 19.99
CA GLY H 166 29.37 -24.40 20.63
C GLY H 166 28.40 -24.35 21.81
N PHE H 167 28.10 -25.49 22.45
CA PHE H 167 27.27 -25.57 23.64
C PHE H 167 27.83 -24.73 24.80
N CYS H 168 26.97 -24.30 25.71
CA CYS H 168 27.36 -23.51 26.87
C CYS H 168 26.76 -24.05 28.17
N GLU H 169 27.45 -23.83 29.28
CA GLU H 169 26.98 -23.99 30.65
C GLU H 169 27.57 -22.85 31.52
N ALA H 170 27.05 -22.67 32.73
CA ALA H 170 27.55 -21.72 33.73
C ALA H 170 27.60 -20.26 33.26
N ALA H 171 26.51 -19.78 32.66
CA ALA H 171 26.27 -18.36 32.35
C ALA H 171 26.32 -17.44 33.58
N ASP H 172 26.59 -16.14 33.37
CA ASP H 172 26.61 -15.12 34.42
C ASP H 172 25.19 -14.74 34.90
N GLN H 173 25.09 -14.09 36.05
CA GLN H 173 23.86 -13.80 36.77
C GLN H 173 22.79 -13.15 35.89
N PHE H 174 23.13 -12.09 35.18
CA PHE H 174 22.20 -11.33 34.32
C PHE H 174 21.81 -12.02 33.04
N HIS H 175 22.25 -13.25 32.88
CA HIS H 175 21.86 -14.13 31.80
C HIS H 175 21.27 -15.41 32.36
N VAL H 176 20.79 -15.42 33.62
CA VAL H 176 19.81 -16.42 34.07
C VAL H 176 18.42 -15.79 34.30
N LEU H 177 17.37 -16.37 33.71
CA LEU H 177 16.00 -15.79 33.73
C LEU H 177 15.27 -15.83 35.10
N ASP H 178 15.61 -16.76 35.99
CA ASP H 178 14.96 -16.95 37.30
C ASP H 178 13.44 -17.19 37.18
N GLU H 179 13.02 -17.95 36.15
CA GLU H 179 11.59 -18.24 35.89
C GLU H 179 10.99 -19.21 36.91
N VAL H 180 11.75 -20.20 37.39
CA VAL H 180 11.33 -21.16 38.44
C VAL H 180 9.98 -21.81 38.10
N ASP I 78 -25.76 -35.53 95.98
CA ASP I 78 -26.66 -36.69 96.21
C ASP I 78 -27.85 -36.65 95.28
N ASP I 79 -28.90 -35.89 95.59
CA ASP I 79 -30.08 -35.76 94.74
C ASP I 79 -29.86 -34.59 93.78
N CYS I 80 -29.61 -34.92 92.52
CA CYS I 80 -29.26 -33.94 91.50
C CYS I 80 -30.46 -33.11 90.98
N GLY I 81 -31.64 -33.25 91.58
CA GLY I 81 -32.87 -32.55 91.18
C GLY I 81 -33.34 -32.98 89.78
N ASN I 82 -33.40 -32.03 88.84
CA ASN I 82 -33.72 -32.32 87.43
C ASN I 82 -32.55 -32.97 86.65
N ASP I 83 -31.32 -32.85 87.12
CA ASP I 83 -30.13 -33.49 86.54
C ASP I 83 -29.95 -34.96 87.00
N PHE I 84 -28.93 -35.65 86.51
CA PHE I 84 -28.85 -37.11 86.55
C PHE I 84 -27.89 -37.61 87.64
N GLN I 85 -28.39 -38.52 88.49
CA GLN I 85 -27.62 -39.17 89.56
C GLN I 85 -26.77 -40.35 89.02
N CYS I 86 -25.45 -40.30 89.20
CA CYS I 86 -24.47 -41.25 88.68
C CYS I 86 -24.24 -42.50 89.58
N SER I 87 -23.82 -43.61 88.97
CA SER I 87 -23.67 -44.95 89.57
C SER I 87 -22.81 -45.03 90.84
N THR I 88 -21.58 -44.49 90.82
CA THR I 88 -20.69 -44.50 92.00
C THR I 88 -20.72 -43.15 92.74
N GLY I 89 -21.81 -42.40 92.60
CA GLY I 89 -22.15 -41.24 93.42
C GLY I 89 -21.58 -39.92 92.90
N ARG I 90 -22.29 -39.32 91.94
CA ARG I 90 -21.97 -38.01 91.32
C ARG I 90 -23.23 -37.37 90.71
N CYS I 91 -23.21 -36.08 90.41
CA CYS I 91 -24.23 -35.45 89.55
C CYS I 91 -23.64 -35.05 88.20
N ILE I 92 -24.33 -35.43 87.12
CA ILE I 92 -24.02 -34.98 85.74
C ILE I 92 -25.20 -34.16 85.21
N LYS I 93 -24.93 -32.96 84.68
CA LYS I 93 -25.98 -32.10 84.11
C LYS I 93 -26.62 -32.78 82.90
N MET I 94 -27.94 -32.66 82.73
CA MET I 94 -28.70 -33.51 81.79
C MET I 94 -28.20 -33.43 80.34
N ARG I 95 -27.75 -32.25 79.90
CA ARG I 95 -27.14 -32.04 78.57
C ARG I 95 -25.87 -32.84 78.33
N LEU I 96 -25.09 -33.14 79.38
CA LEU I 96 -23.84 -33.88 79.25
C LEU I 96 -24.10 -35.30 78.74
N ARG I 97 -25.12 -35.97 79.29
CA ARG I 97 -25.23 -37.44 79.34
C ARG I 97 -25.08 -38.14 77.98
N CYS I 98 -25.50 -37.51 76.90
CA CYS I 98 -25.49 -38.08 75.56
C CYS I 98 -24.18 -37.87 74.76
N ASN I 99 -23.21 -37.10 75.28
CA ASN I 99 -22.22 -36.44 74.43
C ASN I 99 -21.00 -37.28 74.01
N GLY I 100 -20.71 -38.39 74.68
CA GLY I 100 -19.52 -39.23 74.42
C GLY I 100 -18.35 -39.05 75.40
N ASP I 101 -18.51 -38.27 76.48
CA ASP I 101 -17.42 -37.82 77.36
C ASP I 101 -17.16 -38.64 78.65
N ASN I 102 -17.82 -39.78 78.90
CA ASN I 102 -17.59 -40.57 80.13
C ASN I 102 -17.82 -39.74 81.43
N ASP I 103 -18.91 -38.97 81.48
CA ASP I 103 -19.36 -38.13 82.57
C ASP I 103 -19.48 -38.90 83.88
N CYS I 104 -20.04 -40.10 83.80
CA CYS I 104 -20.23 -41.04 84.89
C CYS I 104 -19.51 -42.35 84.54
N GLY I 105 -18.62 -42.82 85.42
CA GLY I 105 -17.53 -43.74 85.10
C GLY I 105 -17.92 -44.98 84.30
N ASP I 106 -16.97 -45.55 83.55
CA ASP I 106 -17.18 -46.69 82.64
C ASP I 106 -18.30 -46.44 81.59
N PHE I 107 -18.42 -45.19 81.13
CA PHE I 107 -19.44 -44.69 80.20
C PHE I 107 -20.88 -45.00 80.66
N SER I 108 -21.14 -45.02 81.97
CA SER I 108 -22.43 -45.43 82.53
C SER I 108 -23.44 -44.28 82.56
N ASP I 109 -22.99 -43.08 82.27
CA ASP I 109 -23.84 -42.00 81.73
C ASP I 109 -24.59 -42.46 80.48
N GLU I 110 -23.86 -43.04 79.53
CA GLU I 110 -24.27 -43.17 78.14
C GLU I 110 -25.07 -44.45 77.84
N ASP I 111 -26.14 -44.70 78.60
CA ASP I 111 -26.97 -45.93 78.48
C ASP I 111 -27.74 -46.02 77.14
N ASP I 112 -28.68 -45.10 76.89
CA ASP I 112 -29.31 -44.89 75.57
C ASP I 112 -29.65 -43.40 75.44
N CYS I 113 -29.01 -42.76 74.48
CA CYS I 113 -29.42 -41.47 73.94
C CYS I 113 -29.12 -41.44 72.43
N GLU I 114 -29.26 -42.59 71.75
CA GLU I 114 -28.70 -42.81 70.41
C GLU I 114 -29.46 -42.08 69.29
N SER I 115 -30.64 -41.52 69.60
CA SER I 115 -31.37 -40.58 68.75
C SER I 115 -30.80 -39.14 68.81
N GLU I 116 -30.08 -38.77 69.88
CA GLU I 116 -29.52 -37.44 70.11
C GLU I 116 -28.12 -37.48 70.80
N PRO I 117 -27.12 -38.20 70.24
CA PRO I 117 -25.79 -38.40 70.85
C PRO I 117 -24.87 -37.16 70.74
N ARG I 118 -25.42 -35.96 70.94
CA ARG I 118 -24.85 -34.68 70.49
C ARG I 118 -23.45 -34.38 71.07
N PRO I 119 -22.41 -34.26 70.24
CA PRO I 119 -21.02 -34.18 70.69
C PRO I 119 -20.69 -32.83 71.34
N PRO I 120 -19.62 -32.76 72.14
CA PRO I 120 -19.11 -31.51 72.66
C PRO I 120 -18.47 -30.64 71.56
N CYS I 121 -17.82 -31.28 70.58
CA CYS I 121 -17.15 -30.66 69.44
C CYS I 121 -17.91 -30.91 68.13
N ARG I 122 -18.05 -29.90 67.28
CA ARG I 122 -18.79 -29.96 66.00
C ARG I 122 -17.97 -30.64 64.89
N ASP I 123 -17.74 -31.94 65.05
CA ASP I 123 -16.92 -32.79 64.15
C ASP I 123 -15.45 -32.33 63.98
N ARG I 124 -14.90 -31.62 64.97
CA ARG I 124 -13.50 -31.21 65.01
C ARG I 124 -12.57 -32.36 65.44
N VAL I 125 -11.38 -32.45 64.83
CA VAL I 125 -10.36 -33.46 65.19
C VAL I 125 -9.65 -33.07 66.48
N VAL I 126 -9.69 -33.96 67.48
CA VAL I 126 -9.05 -33.81 68.80
C VAL I 126 -8.61 -35.21 69.28
N GLU I 127 -7.58 -35.28 70.12
CA GLU I 127 -7.15 -36.49 70.85
C GLU I 127 -6.84 -36.15 72.34
N GLU I 128 -7.09 -37.08 73.26
CA GLU I 128 -7.14 -36.72 74.68
C GLU I 128 -5.74 -36.52 75.31
N SER I 129 -5.55 -35.37 75.98
CA SER I 129 -4.21 -34.88 76.36
C SER I 129 -3.61 -35.76 77.42
N GLU I 130 -2.75 -36.68 77.06
CA GLU I 130 -1.98 -37.61 77.93
C GLU I 130 -1.08 -36.89 78.95
N LEU I 131 -0.64 -35.67 78.65
CA LEU I 131 0.16 -34.85 79.56
C LEU I 131 -0.68 -34.19 80.68
N ALA I 132 -1.98 -34.03 80.46
CA ALA I 132 -2.90 -33.42 81.42
C ALA I 132 -3.78 -34.44 82.15
N ARG I 133 -4.06 -35.61 81.56
CA ARG I 133 -4.83 -36.71 82.19
C ARG I 133 -4.19 -37.20 83.48
N THR I 134 -2.86 -37.07 83.62
CA THR I 134 -2.13 -37.34 84.87
C THR I 134 -1.89 -36.12 85.76
N ALA I 135 -2.27 -34.90 85.37
CA ALA I 135 -1.97 -33.69 86.14
C ALA I 135 -2.86 -33.52 87.40
N GLY I 136 -2.33 -32.89 88.44
CA GLY I 136 -2.97 -32.81 89.76
C GLY I 136 -2.63 -33.98 90.70
N TYR I 137 -1.39 -34.47 90.64
CA TYR I 137 -0.91 -35.57 91.49
C TYR I 137 -1.10 -35.26 93.00
N GLY I 138 -1.52 -36.25 93.79
CA GLY I 138 -1.53 -36.18 95.25
C GLY I 138 -0.11 -36.29 95.81
N ILE I 139 0.21 -35.45 96.78
CA ILE I 139 1.58 -35.17 97.25
C ILE I 139 1.66 -35.38 98.76
N ASN I 140 2.82 -35.85 99.23
CA ASN I 140 3.15 -36.02 100.65
C ASN I 140 4.45 -35.27 100.95
N ILE I 141 4.75 -35.00 102.23
CA ILE I 141 5.98 -34.28 102.58
C ILE I 141 7.18 -35.15 102.18
N LEU I 142 7.95 -34.69 101.20
CA LEU I 142 8.98 -35.49 100.49
C LEU I 142 8.43 -36.79 99.84
N GLY I 143 7.30 -36.71 99.14
CA GLY I 143 6.72 -37.85 98.39
C GLY I 143 5.54 -37.49 97.46
N MET I 144 5.10 -38.44 96.66
CA MET I 144 3.97 -38.30 95.72
C MET I 144 3.26 -39.63 95.51
N ASP I 145 2.00 -39.61 95.08
CA ASP I 145 1.14 -40.80 95.04
C ASP I 145 1.54 -41.88 93.99
N PRO I 146 1.21 -43.17 94.25
CA PRO I 146 1.35 -44.25 93.26
C PRO I 146 0.14 -44.37 92.32
N LEU I 147 -1.05 -43.96 92.76
CA LEU I 147 -2.30 -43.94 91.99
C LEU I 147 -2.60 -42.49 91.56
N SER I 148 -2.95 -42.28 90.29
CA SER I 148 -2.70 -41.02 89.57
C SER I 148 -3.15 -39.70 90.22
N THR I 149 -4.42 -39.55 90.63
CA THR I 149 -4.99 -38.27 91.11
C THR I 149 -6.22 -38.48 92.01
N PRO I 150 -6.55 -37.52 92.92
CA PRO I 150 -7.91 -37.42 93.48
C PRO I 150 -8.88 -36.78 92.47
N PHE I 151 -8.42 -35.80 91.67
CA PHE I 151 -9.19 -35.16 90.60
C PHE I 151 -9.56 -36.12 89.47
N ASP I 152 -10.67 -35.88 88.79
CA ASP I 152 -11.07 -36.70 87.65
C ASP I 152 -10.79 -35.97 86.33
N ASN I 153 -9.59 -36.20 85.79
CA ASN I 153 -9.18 -35.65 84.50
C ASN I 153 -9.85 -36.33 83.28
N GLU I 154 -10.83 -37.24 83.48
CA GLU I 154 -11.71 -37.71 82.40
C GLU I 154 -12.99 -36.87 82.27
N PHE I 155 -13.11 -35.73 82.98
CA PHE I 155 -14.30 -34.89 82.93
C PHE I 155 -14.07 -33.52 82.24
N TYR I 156 -15.04 -33.07 81.43
CA TYR I 156 -14.89 -31.93 80.50
C TYR I 156 -16.04 -30.90 80.53
N ASN I 157 -17.03 -31.04 81.43
CA ASN I 157 -18.29 -30.26 81.45
C ASN I 157 -19.04 -30.23 80.10
N GLY I 158 -18.77 -31.18 79.19
CA GLY I 158 -19.31 -31.17 77.83
C GLY I 158 -18.79 -30.02 76.93
N LEU I 159 -17.78 -29.27 77.38
CA LEU I 159 -17.08 -28.27 76.58
C LEU I 159 -16.12 -28.94 75.59
N CYS I 160 -15.67 -28.18 74.59
CA CYS I 160 -14.66 -28.59 73.61
C CYS I 160 -13.33 -27.83 73.77
N ASN I 161 -13.14 -27.10 74.87
CA ASN I 161 -12.06 -26.14 74.95
C ASN I 161 -10.69 -26.82 74.93
N ARG I 162 -9.83 -26.30 74.05
CA ARG I 162 -8.67 -27.04 73.54
C ARG I 162 -7.42 -26.20 73.51
N ASP I 163 -6.33 -26.87 73.84
CA ASP I 163 -4.95 -26.42 73.66
C ASP I 163 -4.33 -27.31 72.56
N ARG I 164 -3.06 -27.12 72.20
CA ARG I 164 -2.45 -27.95 71.16
C ARG I 164 -0.95 -28.14 71.39
N ASP I 165 -0.42 -29.23 70.87
CA ASP I 165 1.02 -29.43 70.76
C ASP I 165 1.58 -28.76 69.50
N GLY I 166 2.46 -27.76 69.64
CA GLY I 166 3.14 -27.14 68.50
C GLY I 166 4.13 -28.07 67.79
N ASN I 167 4.59 -29.15 68.43
CA ASN I 167 5.65 -30.01 67.89
C ASN I 167 5.15 -31.03 66.87
N THR I 168 3.92 -31.52 67.03
CA THR I 168 3.25 -32.42 66.07
C THR I 168 2.00 -31.81 65.44
N LEU I 169 1.62 -30.59 65.84
CA LEU I 169 0.39 -29.89 65.42
C LEU I 169 -0.87 -30.74 65.63
N THR I 170 -1.06 -31.19 66.87
CA THR I 170 -2.22 -31.96 67.32
C THR I 170 -2.98 -31.19 68.40
N TYR I 171 -4.32 -31.20 68.33
CA TYR I 171 -5.20 -30.51 69.26
C TYR I 171 -5.71 -31.45 70.36
N TYR I 172 -5.60 -31.01 71.61
CA TYR I 172 -6.05 -31.76 72.78
C TYR I 172 -7.14 -31.03 73.53
N ARG I 173 -8.17 -31.73 73.97
CA ARG I 173 -9.12 -31.18 74.94
C ARG I 173 -8.46 -31.03 76.31
N ARG I 174 -8.85 -30.02 77.07
CA ARG I 174 -8.31 -29.80 78.43
C ARG I 174 -9.27 -30.34 79.49
N PRO I 175 -8.83 -31.22 80.41
CA PRO I 175 -9.69 -31.71 81.49
C PRO I 175 -10.14 -30.56 82.39
N TRP I 176 -11.40 -30.57 82.76
CA TRP I 176 -12.05 -29.43 83.40
C TRP I 176 -11.55 -29.08 84.81
N ASN I 177 -10.76 -29.98 85.37
CA ASN I 177 -9.95 -29.71 86.55
C ASN I 177 -8.83 -28.71 86.25
N VAL I 178 -8.13 -28.89 85.13
CA VAL I 178 -7.00 -28.08 84.73
C VAL I 178 -7.52 -26.77 84.12
N ALA I 179 -7.60 -25.74 84.94
CA ALA I 179 -8.02 -24.39 84.56
C ALA I 179 -7.14 -23.79 83.45
N SER I 180 -5.90 -24.26 83.27
CA SER I 180 -5.01 -23.79 82.19
C SER I 180 -3.98 -24.85 81.81
N LEU I 181 -3.85 -25.14 80.52
CA LEU I 181 -2.66 -25.73 79.91
C LEU I 181 -2.02 -24.71 78.96
N ILE I 182 -0.77 -24.36 79.19
CA ILE I 182 0.04 -23.65 78.21
C ILE I 182 1.24 -24.52 77.90
N TYR I 183 1.45 -24.84 76.62
CA TYR I 183 2.56 -25.65 76.16
C TYR I 183 3.47 -24.66 75.47
N GLU I 184 4.67 -24.67 76.01
CA GLU I 184 5.72 -23.70 75.95
C GLU I 184 6.96 -24.57 75.69
N THR I 185 7.93 -24.10 74.91
CA THR I 185 9.19 -24.83 74.72
C THR I 185 10.19 -23.86 75.29
N LYS I 186 10.88 -24.28 76.34
CA LYS I 186 11.76 -23.41 77.11
C LYS I 186 12.89 -24.26 77.67
N GLY I 187 14.12 -23.85 77.41
CA GLY I 187 15.32 -24.58 77.80
C GLY I 187 16.28 -23.60 78.46
N GLU I 188 16.73 -23.92 79.68
CA GLU I 188 17.62 -23.07 80.47
C GLU I 188 18.74 -23.95 80.99
N LYS I 189 19.98 -23.47 80.90
CA LYS I 189 21.16 -24.27 81.25
C LYS I 189 22.21 -23.42 81.95
N ASN I 190 22.79 -23.91 83.04
CA ASN I 190 23.77 -23.18 83.84
C ASN I 190 24.98 -24.05 84.22
N PHE I 191 26.16 -23.49 84.08
CA PHE I 191 27.41 -24.00 84.64
C PHE I 191 27.90 -23.02 85.72
N ARG I 192 28.37 -23.51 86.86
CA ARG I 192 28.86 -22.62 87.93
C ARG I 192 29.94 -23.26 88.80
N THR I 193 30.90 -22.44 89.21
CA THR I 193 31.90 -22.72 90.25
C THR I 193 32.18 -21.48 91.06
N GLU I 194 32.32 -21.62 92.37
CA GLU I 194 33.09 -20.66 93.17
C GLU I 194 34.22 -21.43 93.87
N HIS I 195 35.39 -20.81 94.03
CA HIS I 195 36.58 -21.44 94.60
C HIS I 195 37.34 -20.45 95.49
N TYR I 196 37.85 -20.94 96.64
CA TYR I 196 38.77 -20.15 97.51
C TYR I 196 39.88 -21.00 98.13
N GLU I 197 41.16 -20.61 97.99
CA GLU I 197 42.31 -21.22 98.65
C GLU I 197 43.13 -20.15 99.39
N GLU I 198 43.72 -20.53 100.52
CA GLU I 198 44.65 -19.68 101.27
C GLU I 198 45.67 -20.57 101.99
N GLU I 270 40.90 -24.84 101.62
CA GLU I 270 40.24 -24.99 100.31
C GLU I 270 38.70 -25.01 100.47
N LYS I 271 37.99 -24.49 99.47
CA LYS I 271 36.59 -24.84 99.16
C LYS I 271 36.39 -24.81 97.64
N MET I 272 35.76 -25.84 97.08
CA MET I 272 35.60 -26.00 95.62
C MET I 272 34.41 -26.89 95.25
N PHE I 273 33.64 -26.46 94.24
CA PHE I 273 32.54 -27.20 93.61
C PHE I 273 32.41 -26.82 92.13
N LEU I 274 31.94 -27.74 91.31
CA LEU I 274 31.47 -27.43 89.96
C LEU I 274 30.07 -28.02 89.73
N HIS I 275 29.18 -27.22 89.14
CA HIS I 275 27.78 -27.57 88.89
C HIS I 275 27.52 -27.44 87.40
N VAL I 276 26.76 -28.39 86.86
CA VAL I 276 26.03 -28.20 85.61
C VAL I 276 24.57 -28.60 85.82
N LYS I 277 23.67 -27.72 85.40
CA LYS I 277 22.23 -27.73 85.68
C LYS I 277 21.48 -27.48 84.37
N GLY I 278 20.38 -28.18 84.12
CA GLY I 278 19.56 -27.92 82.95
C GLY I 278 18.08 -28.21 83.15
N GLU I 279 17.24 -27.38 82.52
CA GLU I 279 15.79 -27.55 82.45
C GLU I 279 15.36 -27.86 81.01
N ILE I 280 14.38 -28.75 80.87
CA ILE I 280 13.58 -28.95 79.66
C ILE I 280 12.11 -28.76 80.05
N HIS I 281 11.45 -27.74 79.54
CA HIS I 281 10.10 -27.38 79.96
C HIS I 281 9.09 -27.60 78.82
N LEU I 282 8.04 -28.39 79.10
CA LEU I 282 7.03 -28.84 78.13
C LEU I 282 5.70 -28.09 78.28
N GLY I 283 5.33 -27.67 79.51
CA GLY I 283 4.10 -26.91 79.72
C GLY I 283 3.82 -26.58 81.18
N ARG I 284 2.98 -25.56 81.40
CA ARG I 284 2.47 -25.12 82.70
C ARG I 284 1.04 -25.63 82.88
N PHE I 285 0.74 -26.24 84.02
CA PHE I 285 -0.63 -26.57 84.40
C PHE I 285 -1.04 -25.81 85.67
N VAL I 286 -2.27 -25.31 85.66
CA VAL I 286 -2.96 -24.71 86.81
C VAL I 286 -4.34 -25.35 86.89
N MET I 287 -4.91 -25.48 88.09
CA MET I 287 -6.17 -26.16 88.30
C MET I 287 -7.13 -25.41 89.23
N ARG I 288 -8.41 -25.80 89.16
CA ARG I 288 -9.52 -25.15 89.84
C ARG I 288 -9.39 -25.16 91.36
N ASN I 289 -10.05 -24.22 92.01
CA ASN I 289 -10.26 -24.22 93.48
C ASN I 289 -11.75 -24.31 93.89
N ARG I 290 -12.70 -24.25 92.96
CA ARG I 290 -14.15 -24.48 93.14
C ARG I 290 -14.77 -25.08 91.88
N ASP I 291 -15.95 -25.68 92.04
CA ASP I 291 -16.65 -26.51 91.03
C ASP I 291 -15.85 -27.74 90.56
N VAL I 292 -14.82 -28.12 91.31
CA VAL I 292 -13.94 -29.27 91.06
C VAL I 292 -14.75 -30.57 90.99
N VAL I 293 -14.40 -31.44 90.05
CA VAL I 293 -14.94 -32.79 89.96
C VAL I 293 -13.84 -33.80 90.32
N LEU I 294 -14.09 -34.57 91.38
CA LEU I 294 -13.17 -35.59 91.89
C LEU I 294 -13.52 -36.96 91.32
N THR I 295 -12.59 -37.91 91.44
CA THR I 295 -12.87 -39.35 91.26
C THR I 295 -13.89 -39.83 92.30
N THR I 296 -14.81 -40.72 91.92
CA THR I 296 -15.83 -41.24 92.87
C THR I 296 -15.18 -42.00 94.01
N THR I 297 -14.12 -42.74 93.73
CA THR I 297 -13.31 -43.43 94.73
C THR I 297 -12.69 -42.51 95.78
N PHE I 298 -12.43 -41.22 95.48
CA PHE I 298 -11.93 -40.27 96.47
C PHE I 298 -13.04 -39.80 97.42
N VAL I 299 -14.20 -39.40 96.88
CA VAL I 299 -15.34 -38.97 97.71
C VAL I 299 -15.98 -40.13 98.48
N ASP I 300 -15.92 -41.36 97.95
CA ASP I 300 -16.23 -42.56 98.72
C ASP I 300 -15.32 -42.72 99.95
N ASP I 301 -14.03 -42.44 99.82
CA ASP I 301 -13.10 -42.49 100.95
C ASP I 301 -13.41 -41.41 102.01
N ILE I 302 -13.97 -40.25 101.62
CA ILE I 302 -14.52 -39.23 102.54
C ILE I 302 -15.84 -39.69 103.18
N LYS I 303 -16.78 -40.27 102.42
CA LYS I 303 -18.06 -40.78 102.93
C LYS I 303 -17.86 -41.89 103.97
N ALA I 304 -16.78 -42.64 103.87
CA ALA I 304 -16.39 -43.65 104.85
C ALA I 304 -15.71 -43.08 106.12
N LEU I 305 -15.23 -41.82 106.15
CA LEU I 305 -14.67 -41.24 107.38
C LEU I 305 -15.75 -41.08 108.47
N PRO I 306 -15.45 -41.38 109.74
CA PRO I 306 -16.35 -41.09 110.86
C PRO I 306 -16.36 -39.60 111.21
N THR I 307 -17.38 -39.16 111.95
CA THR I 307 -17.52 -37.77 112.44
C THR I 307 -16.44 -37.42 113.48
N THR I 308 -15.96 -38.41 114.23
CA THR I 308 -14.91 -38.27 115.26
C THR I 308 -13.53 -38.01 114.66
N TYR I 309 -12.61 -37.43 115.45
CA TYR I 309 -11.19 -37.30 115.11
C TYR I 309 -10.49 -38.67 115.23
N GLU I 310 -10.82 -39.57 114.32
CA GLU I 310 -10.35 -40.95 114.35
C GLU I 310 -8.94 -41.06 113.74
N LYS I 311 -7.92 -40.59 114.46
CA LYS I 311 -6.62 -40.21 113.89
C LYS I 311 -5.98 -41.27 113.00
N GLY I 312 -6.01 -42.54 113.41
CA GLY I 312 -5.49 -43.65 112.63
C GLY I 312 -6.17 -43.79 111.25
N GLU I 313 -7.49 -43.61 111.17
CA GLU I 313 -8.25 -43.63 109.92
C GLU I 313 -8.00 -42.37 109.07
N TYR I 314 -7.92 -41.20 109.68
CA TYR I 314 -7.65 -39.97 108.95
C TYR I 314 -6.22 -39.95 108.37
N PHE I 315 -5.22 -40.47 109.09
CA PHE I 315 -3.90 -40.75 108.50
C PHE I 315 -3.96 -41.84 107.41
N ALA I 316 -4.86 -42.83 107.53
CA ALA I 316 -5.07 -43.78 106.45
C ALA I 316 -5.54 -43.07 105.17
N PHE I 317 -6.59 -42.26 105.21
CA PHE I 317 -7.03 -41.46 104.06
C PHE I 317 -5.91 -40.56 103.53
N LEU I 318 -5.25 -39.78 104.38
CA LEU I 318 -4.20 -38.85 103.98
C LEU I 318 -2.99 -39.54 103.32
N GLU I 319 -2.83 -40.86 103.43
CA GLU I 319 -1.89 -41.64 102.64
C GLU I 319 -2.55 -42.53 101.57
N THR I 320 -3.89 -42.68 101.57
CA THR I 320 -4.65 -43.36 100.51
C THR I 320 -4.88 -42.50 99.26
N TYR I 321 -4.74 -41.18 99.37
CA TYR I 321 -4.74 -40.27 98.22
C TYR I 321 -3.62 -39.22 98.27
N GLY I 322 -3.49 -38.45 99.35
CA GLY I 322 -2.38 -37.49 99.47
C GLY I 322 -2.56 -36.53 100.64
N THR I 323 -1.44 -36.01 101.14
CA THR I 323 -1.41 -35.00 102.21
C THR I 323 -1.71 -33.61 101.65
N HIS I 324 -1.16 -33.32 100.47
CA HIS I 324 -1.29 -32.08 99.70
C HIS I 324 -1.62 -32.41 98.22
N TYR I 325 -1.85 -31.37 97.43
CA TYR I 325 -1.94 -31.44 95.96
C TYR I 325 -1.33 -30.17 95.35
N SER I 326 -0.87 -30.30 94.11
CA SER I 326 -0.29 -29.20 93.37
C SER I 326 -1.38 -28.41 92.66
N SER I 327 -1.79 -27.30 93.26
CA SER I 327 -2.72 -26.40 92.59
C SER I 327 -2.16 -25.86 91.28
N SER I 328 -0.83 -25.89 91.11
CA SER I 328 -0.18 -25.79 89.79
C SER I 328 1.17 -26.52 89.79
N GLY I 329 1.66 -26.89 88.61
CA GLY I 329 3.00 -27.48 88.43
C GLY I 329 3.60 -27.24 87.04
N SER I 330 4.79 -27.79 86.80
CA SER I 330 5.53 -27.67 85.53
C SER I 330 5.97 -29.03 84.98
N LEU I 331 5.31 -29.48 83.92
CA LEU I 331 5.66 -30.66 83.15
C LEU I 331 6.96 -30.44 82.38
N GLY I 332 7.91 -31.38 82.49
CA GLY I 332 9.16 -31.34 81.72
C GLY I 332 10.14 -32.44 82.11
N GLY I 333 11.44 -32.10 82.03
CA GLY I 333 12.56 -32.88 82.52
C GLY I 333 13.70 -31.99 83.00
N LEU I 334 14.61 -32.53 83.80
CA LEU I 334 15.64 -31.74 84.49
C LEU I 334 16.89 -32.57 84.74
N TYR I 335 18.03 -31.88 84.84
CA TYR I 335 19.28 -32.46 85.30
C TYR I 335 20.07 -31.57 86.27
N GLU I 336 20.80 -32.21 87.19
CA GLU I 336 21.82 -31.60 88.03
C GLU I 336 22.96 -32.58 88.25
N LEU I 337 24.16 -32.18 87.84
CA LEU I 337 25.29 -33.09 87.65
C LEU I 337 26.53 -32.59 88.39
N ILE I 338 26.42 -32.37 89.70
CA ILE I 338 27.48 -31.76 90.51
C ILE I 338 28.79 -32.59 90.46
N TYR I 339 29.87 -31.94 90.04
CA TYR I 339 31.23 -32.44 90.10
C TYR I 339 31.79 -32.14 91.49
N VAL I 340 31.72 -33.16 92.35
CA VAL I 340 32.35 -33.13 93.68
C VAL I 340 33.88 -33.05 93.52
N LEU I 341 34.42 -33.54 92.41
CA LEU I 341 35.85 -33.47 92.04
C LEU I 341 36.46 -32.10 92.36
N ASP I 342 37.43 -32.12 93.28
CA ASP I 342 38.38 -31.03 93.46
C ASP I 342 39.29 -30.93 92.23
N LYS I 343 39.35 -29.76 91.61
CA LYS I 343 40.06 -29.57 90.34
C LYS I 343 41.53 -30.02 90.37
N ALA I 344 42.24 -29.73 91.46
CA ALA I 344 43.65 -30.11 91.67
C ALA I 344 43.89 -31.64 91.66
N SER I 345 42.86 -32.46 91.87
CA SER I 345 42.97 -33.93 91.77
C SER I 345 43.40 -34.39 90.37
N MET I 346 43.03 -33.61 89.34
CA MET I 346 43.42 -33.82 87.93
C MET I 346 44.40 -32.74 87.45
N LYS I 347 44.27 -31.51 87.94
CA LYS I 347 45.03 -30.35 87.48
C LYS I 347 46.55 -30.39 87.77
N ARG I 348 47.00 -31.24 88.69
CA ARG I 348 48.44 -31.50 88.92
C ARG I 348 49.12 -32.28 87.77
N LYS I 349 48.37 -32.89 86.83
CA LYS I 349 48.91 -33.89 85.86
C LYS I 349 49.19 -33.46 84.41
N GLY I 350 48.69 -32.32 83.95
CA GLY I 350 48.84 -31.87 82.54
C GLY I 350 47.68 -31.04 82.00
N VAL I 351 46.57 -30.92 82.74
CA VAL I 351 45.37 -30.19 82.31
C VAL I 351 45.18 -28.85 83.04
N GLU I 352 45.09 -27.75 82.28
CA GLU I 352 44.72 -26.42 82.76
C GLU I 352 43.22 -26.31 83.09
N LEU I 353 42.83 -25.30 83.87
CA LEU I 353 41.43 -25.08 84.26
C LEU I 353 40.51 -24.89 83.04
N LYS I 354 40.94 -24.10 82.07
CA LYS I 354 40.23 -23.93 80.81
C LYS I 354 40.17 -25.21 79.97
N ASP I 355 41.22 -26.06 80.03
CA ASP I 355 41.24 -27.34 79.32
C ASP I 355 40.28 -28.36 79.94
N ILE I 356 40.26 -28.55 81.27
CA ILE I 356 39.30 -29.46 81.89
C ILE I 356 37.87 -28.99 81.63
N LYS I 357 37.67 -27.67 81.63
CA LYS I 357 36.35 -27.13 81.24
C LYS I 357 36.08 -27.56 79.80
N ARG I 358 37.03 -27.26 78.91
CA ARG I 358 36.90 -27.57 77.48
C ARG I 358 36.56 -29.05 77.24
N CYS I 359 37.22 -29.97 77.95
CA CYS I 359 36.94 -31.39 77.90
C CYS I 359 35.52 -31.72 78.41
N LEU I 360 35.07 -31.07 79.50
CA LEU I 360 33.72 -31.23 80.04
C LEU I 360 32.63 -30.59 79.15
N GLY I 361 32.97 -29.53 78.40
CA GLY I 361 32.08 -28.83 77.47
C GLY I 361 32.83 -27.88 76.54
N CYS I 384 40.23 -32.78 74.57
CA CYS I 384 41.20 -31.70 74.77
C CYS I 384 42.63 -32.24 75.01
N VAL I 385 43.65 -31.58 74.45
CA VAL I 385 45.01 -32.13 74.30
C VAL I 385 45.99 -31.89 75.47
N LYS I 386 45.70 -30.97 76.38
CA LYS I 386 46.50 -30.69 77.57
C LYS I 386 45.62 -30.37 78.78
N VAL I 393 48.01 -35.57 78.45
CA VAL I 393 46.82 -36.24 78.96
C VAL I 393 45.81 -36.54 77.84
N ASN I 394 44.93 -37.52 78.09
CA ASN I 394 43.73 -37.79 77.29
C ASN I 394 42.58 -38.04 78.27
N ILE I 395 41.92 -36.96 78.70
CA ILE I 395 40.99 -36.96 79.84
C ILE I 395 39.82 -37.96 79.66
N THR I 396 39.31 -38.11 78.44
CA THR I 396 38.25 -39.10 78.12
C THR I 396 38.72 -40.55 78.26
N SER I 397 40.01 -40.84 78.01
CA SER I 397 40.59 -42.17 78.26
C SER I 397 40.99 -42.40 79.73
N GLU I 398 41.34 -41.33 80.45
CA GLU I 398 41.96 -41.40 81.77
C GLU I 398 41.00 -41.77 82.91
N ASN I 399 41.57 -42.32 83.99
CA ASN I 399 40.87 -42.55 85.26
C ASN I 399 40.68 -41.28 86.12
N LEU I 400 41.07 -40.11 85.60
CA LEU I 400 41.16 -38.85 86.35
C LEU I 400 39.78 -38.28 86.75
N ILE I 401 38.81 -38.18 85.83
CA ILE I 401 37.43 -37.81 86.18
C ILE I 401 36.75 -39.01 86.83
N ASP I 402 36.33 -38.87 88.10
CA ASP I 402 35.51 -39.84 88.84
C ASP I 402 34.23 -39.20 89.42
N ASP I 403 34.38 -38.30 90.39
CA ASP I 403 33.29 -37.86 91.28
C ASP I 403 32.36 -36.80 90.64
N VAL I 404 31.54 -37.25 89.69
CA VAL I 404 30.35 -36.55 89.19
C VAL I 404 29.07 -37.24 89.64
N VAL I 405 28.20 -36.49 90.31
CA VAL I 405 26.85 -36.92 90.71
C VAL I 405 25.91 -36.86 89.51
N SER I 406 24.87 -37.70 89.50
CA SER I 406 23.79 -37.62 88.52
C SER I 406 22.41 -37.52 89.18
N LEU I 407 21.65 -36.52 88.79
CA LEU I 407 20.20 -36.44 88.95
C LEU I 407 19.62 -36.11 87.59
N ILE I 408 18.69 -36.94 87.12
CA ILE I 408 18.09 -36.86 85.78
C ILE I 408 16.63 -37.29 85.88
N ARG I 409 15.72 -36.46 85.37
CA ARG I 409 14.28 -36.61 85.58
C ARG I 409 13.52 -36.56 84.25
N GLY I 410 12.65 -37.54 84.03
CA GLY I 410 11.84 -37.71 82.82
C GLY I 410 12.61 -38.19 81.59
N GLY I 411 11.85 -38.50 80.54
CA GLY I 411 12.35 -39.07 79.28
C GLY I 411 12.41 -40.61 79.27
N THR I 412 12.66 -41.16 78.10
CA THR I 412 12.78 -42.62 77.89
C THR I 412 14.10 -43.15 78.48
N ARG I 413 14.03 -44.24 79.25
CA ARG I 413 15.15 -44.81 80.03
C ARG I 413 16.44 -44.97 79.21
N LYS I 414 16.38 -45.41 77.95
CA LYS I 414 17.56 -45.59 77.06
C LYS I 414 18.49 -44.37 77.11
N TYR I 415 17.91 -43.19 76.92
CA TYR I 415 18.67 -41.95 76.83
C TYR I 415 19.13 -41.46 78.20
N ALA I 416 18.28 -41.60 79.22
CA ALA I 416 18.65 -41.30 80.61
C ALA I 416 19.82 -42.16 81.06
N PHE I 417 19.78 -43.46 80.77
CA PHE I 417 20.87 -44.39 81.03
C PHE I 417 22.13 -43.98 80.26
N GLU I 418 22.05 -43.68 78.96
CA GLU I 418 23.25 -43.30 78.19
C GLU I 418 23.95 -42.08 78.80
N LEU I 419 23.19 -41.06 79.22
CA LEU I 419 23.74 -39.91 79.91
C LEU I 419 24.40 -40.30 81.24
N LYS I 420 23.71 -41.09 82.09
CA LYS I 420 24.23 -41.56 83.38
C LYS I 420 25.51 -42.38 83.23
N GLU I 421 25.55 -43.28 82.26
CA GLU I 421 26.68 -44.18 82.00
C GLU I 421 27.92 -43.41 81.55
N LYS I 422 27.74 -42.41 80.66
CA LYS I 422 28.83 -41.52 80.27
C LYS I 422 29.37 -40.72 81.46
N LEU I 423 28.49 -40.21 82.33
CA LEU I 423 28.90 -39.46 83.52
C LEU I 423 29.66 -40.31 84.53
N LEU I 424 29.15 -41.50 84.92
CA LEU I 424 29.85 -42.37 85.88
C LEU I 424 31.18 -42.93 85.35
N ARG I 425 31.32 -43.10 84.03
CA ARG I 425 32.59 -43.41 83.34
C ARG I 425 33.58 -42.23 83.40
N GLY I 426 33.12 -41.05 83.78
CA GLY I 426 33.91 -39.83 83.86
C GLY I 426 34.06 -39.11 82.50
N THR I 427 33.01 -39.14 81.66
CA THR I 427 33.04 -38.58 80.31
C THR I 427 31.86 -37.63 80.06
N VAL I 428 32.08 -36.58 79.27
CA VAL I 428 31.01 -35.65 78.88
C VAL I 428 29.98 -36.30 77.95
N ILE I 429 28.72 -35.89 78.05
CA ILE I 429 27.68 -36.19 77.06
C ILE I 429 27.80 -35.28 75.83
N ASP I 430 27.45 -35.79 74.65
CA ASP I 430 27.40 -34.99 73.41
C ASP I 430 26.06 -34.28 73.24
N VAL I 431 26.02 -33.18 72.47
CA VAL I 431 24.80 -32.39 72.25
C VAL I 431 23.69 -33.23 71.59
N THR I 432 24.07 -34.19 70.75
CA THR I 432 23.24 -35.27 70.18
C THR I 432 22.44 -36.03 71.25
N ASP I 433 23.05 -36.25 72.41
CA ASP I 433 22.47 -37.06 73.46
C ASP I 433 21.38 -36.28 74.20
N PHE I 434 21.65 -35.01 74.50
CA PHE I 434 20.67 -34.13 75.13
C PHE I 434 19.46 -33.86 74.24
N VAL I 435 19.62 -33.66 72.92
CA VAL I 435 18.45 -33.49 72.03
C VAL I 435 17.61 -34.76 71.91
N ASN I 436 18.26 -35.93 71.91
CA ASN I 436 17.56 -37.20 71.90
C ASN I 436 16.75 -37.37 73.20
N TRP I 437 17.35 -37.08 74.36
CA TRP I 437 16.64 -37.03 75.63
C TRP I 437 15.46 -36.05 75.61
N ALA I 438 15.68 -34.82 75.14
CA ALA I 438 14.66 -33.79 75.04
C ALA I 438 13.46 -34.20 74.17
N SER I 439 13.70 -34.89 73.05
CA SER I 439 12.63 -35.44 72.20
C SER I 439 11.77 -36.47 72.93
N SER I 440 12.34 -37.19 73.91
CA SER I 440 11.67 -38.30 74.61
C SER I 440 10.81 -37.86 75.81
N ILE I 441 10.98 -36.63 76.32
CA ILE I 441 10.18 -36.09 77.43
C ILE I 441 8.68 -35.98 77.08
N ASN I 442 8.36 -35.90 75.78
CA ASN I 442 6.99 -35.97 75.25
C ASN I 442 6.23 -37.25 75.70
N ASP I 443 6.93 -38.37 75.87
CA ASP I 443 6.35 -39.65 76.32
C ASP I 443 6.28 -39.79 77.85
N ALA I 444 7.21 -39.16 78.58
CA ALA I 444 7.45 -39.41 80.00
C ALA I 444 7.89 -38.12 80.74
N PRO I 445 6.98 -37.16 80.97
CA PRO I 445 7.25 -35.95 81.74
C PRO I 445 7.37 -36.23 83.24
N VAL I 446 8.04 -35.33 83.95
CA VAL I 446 8.12 -35.27 85.42
C VAL I 446 7.89 -33.81 85.86
N LEU I 447 7.39 -33.58 87.07
CA LEU I 447 7.14 -32.24 87.57
C LEU I 447 8.40 -31.56 88.13
N ILE I 448 8.86 -30.50 87.47
CA ILE I 448 10.10 -29.78 87.83
C ILE I 448 9.94 -29.03 89.15
N SER I 449 8.82 -28.34 89.31
CA SER I 449 8.45 -27.60 90.51
C SER I 449 6.93 -27.58 90.65
N GLN I 450 6.44 -27.35 91.86
CA GLN I 450 5.03 -27.43 92.22
C GLN I 450 4.66 -26.35 93.23
N LYS I 451 3.43 -25.83 93.16
CA LYS I 451 2.85 -24.94 94.19
C LYS I 451 1.69 -25.64 94.87
N LEU I 452 1.70 -25.67 96.21
CA LEU I 452 1.04 -26.71 97.04
C LEU I 452 -0.08 -26.19 97.94
N SER I 453 -1.09 -27.05 98.16
CA SER I 453 -2.21 -26.84 99.10
C SER I 453 -2.65 -28.18 99.72
N PRO I 454 -3.19 -28.24 100.95
CA PRO I 454 -3.60 -29.48 101.62
C PRO I 454 -4.92 -30.06 101.10
N ILE I 455 -5.02 -31.40 101.11
CA ILE I 455 -6.04 -32.13 100.34
C ILE I 455 -7.49 -31.88 100.79
N TYR I 456 -7.71 -31.44 102.04
CA TYR I 456 -9.06 -31.18 102.56
C TYR I 456 -9.83 -30.12 101.77
N ASN I 457 -9.12 -29.28 101.00
CA ASN I 457 -9.72 -28.31 100.09
C ASN I 457 -10.55 -28.96 98.97
N LEU I 458 -10.29 -30.23 98.65
CA LEU I 458 -11.03 -30.98 97.64
C LEU I 458 -12.35 -31.54 98.16
N VAL I 459 -12.58 -31.54 99.47
CA VAL I 459 -13.76 -32.18 100.09
C VAL I 459 -15.03 -31.42 99.68
N PRO I 460 -16.01 -32.04 98.98
CA PRO I 460 -17.18 -31.33 98.47
C PRO I 460 -18.03 -30.70 99.57
N VAL I 461 -18.58 -29.51 99.32
CA VAL I 461 -19.39 -28.77 100.30
C VAL I 461 -20.70 -29.51 100.67
N LYS I 462 -21.21 -30.37 99.77
CA LYS I 462 -22.37 -31.25 100.00
C LYS I 462 -22.13 -32.40 100.98
N MET I 463 -20.89 -32.69 101.36
CA MET I 463 -20.57 -33.84 102.21
C MET I 463 -21.29 -33.76 103.55
N LYS I 464 -21.91 -34.86 103.95
CA LYS I 464 -22.51 -35.00 105.28
C LYS I 464 -21.37 -34.84 106.30
N ASN I 465 -21.51 -33.90 107.23
CA ASN I 465 -20.45 -33.45 108.14
C ASN I 465 -19.22 -32.80 107.47
N ALA I 466 -19.37 -32.11 106.33
CA ALA I 466 -18.27 -31.51 105.56
C ALA I 466 -17.27 -30.70 106.41
N HIS I 467 -17.73 -29.66 107.11
CA HIS I 467 -16.85 -28.80 107.91
C HIS I 467 -16.15 -29.58 109.03
N LEU I 468 -16.86 -30.50 109.70
CA LEU I 468 -16.28 -31.31 110.75
C LEU I 468 -15.16 -32.19 110.18
N LYS I 469 -15.37 -32.83 109.03
CA LYS I 469 -14.34 -33.65 108.37
C LYS I 469 -13.15 -32.80 107.96
N LYS I 470 -13.38 -31.67 107.30
CA LYS I 470 -12.29 -30.76 106.90
C LYS I 470 -11.50 -30.25 108.11
N GLN I 471 -12.17 -29.89 109.19
CA GLN I 471 -11.51 -29.48 110.43
C GLN I 471 -10.73 -30.64 111.08
N ASN I 472 -11.23 -31.87 111.04
CA ASN I 472 -10.49 -33.03 111.49
C ASN I 472 -9.30 -33.41 110.59
N LEU I 473 -9.40 -33.20 109.27
CA LEU I 473 -8.26 -33.34 108.36
C LEU I 473 -7.21 -32.27 108.65
N GLU I 474 -7.58 -31.02 108.92
CA GLU I 474 -6.65 -29.99 109.41
C GLU I 474 -5.98 -30.43 110.74
N ARG I 475 -6.74 -30.91 111.72
CA ARG I 475 -6.20 -31.50 112.97
C ARG I 475 -5.22 -32.65 112.69
N ALA I 476 -5.48 -33.47 111.68
CA ALA I 476 -4.59 -34.56 111.30
C ALA I 476 -3.33 -34.05 110.59
N ILE I 477 -3.47 -33.21 109.56
CA ILE I 477 -2.36 -32.55 108.86
C ILE I 477 -1.41 -31.88 109.86
N GLU I 478 -1.94 -31.15 110.85
CA GLU I 478 -1.15 -30.52 111.92
C GLU I 478 -0.31 -31.52 112.74
N ASP I 479 -0.76 -32.75 112.91
CA ASP I 479 0.01 -33.75 113.64
C ASP I 479 1.18 -34.33 112.84
N TYR I 480 1.09 -34.43 111.50
CA TYR I 480 2.21 -34.98 110.68
C TYR I 480 3.55 -34.29 111.02
N ILE I 481 3.51 -32.96 111.13
CA ILE I 481 4.64 -32.08 111.43
C ILE I 481 5.32 -32.45 112.77
N ASN I 482 4.59 -33.09 113.69
CA ASN I 482 5.10 -33.57 114.96
C ASN I 482 5.37 -35.10 114.96
N GLU I 483 4.63 -35.87 114.17
CA GLU I 483 4.80 -37.32 114.00
C GLU I 483 6.19 -37.68 113.44
N PHE I 484 6.77 -36.81 112.60
CA PHE I 484 8.10 -37.00 112.04
C PHE I 484 9.10 -35.99 112.60
N SER I 485 10.24 -36.50 113.06
CA SER I 485 11.38 -35.72 113.54
C SER I 485 12.21 -35.09 112.41
C1 NAG J . 76.18 14.22 47.19
C2 NAG J . 75.44 13.93 45.92
C3 NAG J . 74.37 12.88 46.07
C4 NAG J . 74.99 11.64 46.63
C5 NAG J . 75.76 11.95 47.88
C6 NAG J . 76.64 10.71 47.87
C7 NAG J . 75.74 15.38 44.09
C8 NAG J . 75.74 14.35 43.00
N2 NAG J . 75.03 15.08 45.17
O3 NAG J . 74.37 12.48 44.74
O4 NAG J . 73.87 10.92 47.13
O5 NAG J . 76.72 12.99 47.66
O6 NAG J . 76.05 9.65 48.64
O7 NAG J . 76.37 16.42 44.00
C1 NAG J . 73.65 9.63 46.50
C2 NAG J . 72.32 9.05 46.95
C3 NAG J . 72.17 7.66 46.39
C4 NAG J . 72.29 7.72 44.88
C5 NAG J . 73.62 8.36 44.50
C6 NAG J . 73.77 8.46 42.98
C7 NAG J . 71.56 9.86 49.11
C8 NAG J . 70.34 9.34 49.80
N2 NAG J . 72.26 8.98 48.40
O3 NAG J . 70.91 7.10 46.78
O4 NAG J . 72.20 6.40 44.33
O5 NAG J . 73.72 9.66 45.08
O6 NAG J . 72.82 9.37 42.46
O7 NAG J . 71.93 11.02 49.18
C1 NAG K . -58.40 10.96 -77.98
C2 NAG K . -58.74 11.36 -79.36
C3 NAG K . -57.79 12.45 -79.73
C4 NAG K . -57.82 13.58 -78.72
C5 NAG K . -57.51 13.03 -77.37
C6 NAG K . -57.40 14.02 -76.23
C7 NAG K . -58.71 9.39 -80.87
C8 NAG K . -59.49 8.23 -80.37
N2 NAG K . -58.18 10.20 -80.00
O3 NAG K . -58.28 12.98 -80.95
O4 NAG K . -56.74 14.45 -79.00
O5 NAG K . -58.42 12.01 -77.06
O6 NAG K . -56.14 13.74 -75.61
O7 NAG K . -58.54 9.52 -82.06
C1 NAG K . -57.28 15.67 -79.49
C2 NAG K . -56.42 16.80 -79.00
C3 NAG K . -56.96 18.14 -79.44
C4 NAG K . -57.05 18.13 -80.97
C5 NAG K . -57.90 16.94 -81.40
C6 NAG K . -58.01 16.87 -82.92
C7 NAG K . -55.18 16.47 -77.01
C8 NAG K . -54.58 17.52 -76.13
N2 NAG K . -56.32 16.77 -77.56
O3 NAG K . -56.04 19.10 -78.92
O4 NAG K . -57.69 19.32 -81.47
O5 NAG K . -57.35 15.72 -80.91
O6 NAG K . -56.86 16.21 -83.46
O7 NAG K . -54.65 15.39 -77.20
C1 BMA K . -56.73 20.33 -81.80
C2 BMA K . -55.98 20.09 -83.10
C3 BMA K . -54.76 21.01 -83.07
C4 BMA K . -55.25 22.44 -82.93
C5 BMA K . -56.04 22.55 -81.65
C6 BMA K . -56.50 23.98 -81.44
O2 BMA K . -56.83 20.40 -84.20
O3 BMA K . -54.08 20.88 -84.32
O4 BMA K . -54.11 23.30 -82.80
O5 BMA K . -57.16 21.68 -81.69
O6 BMA K . -55.34 24.79 -81.27
C1 MAN L . 14.01 42.30 -10.88
C2 MAN L . 12.91 41.77 -11.80
C3 MAN L . 13.18 41.98 -13.29
C4 MAN L . 13.80 43.34 -13.58
C5 MAN L . 14.95 43.62 -12.61
C6 MAN L . 15.58 44.98 -12.89
O2 MAN L . 11.69 42.41 -11.44
O3 MAN L . 11.95 41.86 -14.01
O4 MAN L . 14.30 43.36 -14.92
O5 MAN L . 14.41 43.61 -11.29
O6 MAN L . 16.50 44.85 -13.99
C1 MAN M . 0.28 45.73 34.32
C2 MAN M . -0.55 46.72 35.08
C3 MAN M . -0.52 46.28 36.51
C4 MAN M . 0.87 46.46 37.06
C5 MAN M . 1.91 46.37 35.94
C6 MAN M . 3.27 45.96 36.46
O2 MAN M . -1.91 46.64 34.64
O3 MAN M . -0.83 44.89 36.55
O4 MAN M . 0.91 47.70 37.77
O5 MAN M . 1.52 45.42 34.94
O6 MAN M . 3.14 45.27 37.72
C1 MAN N . 21.40 39.19 17.17
C2 MAN N . 22.59 38.25 17.27
C3 MAN N . 22.06 36.83 17.36
C4 MAN N . 20.81 36.69 16.52
C5 MAN N . 20.82 37.69 15.39
C6 MAN N . 19.66 37.51 14.44
O2 MAN N . 23.35 38.58 18.43
O3 MAN N . 21.76 36.50 18.73
O4 MAN N . 20.75 35.37 15.98
O5 MAN N . 20.74 38.99 15.94
O6 MAN N . 20.18 37.20 13.15
CA CA O . -11.41 5.50 11.02
C1 MAN P . -11.57 27.08 71.28
C2 MAN P . -12.80 26.79 72.08
C3 MAN P . -12.37 26.36 73.48
C4 MAN P . -11.51 27.42 74.16
C5 MAN P . -10.99 28.38 73.11
C6 MAN P . -9.83 29.28 73.47
O2 MAN P . -13.38 25.63 71.51
O3 MAN P . -11.59 25.18 73.40
O4 MAN P . -12.30 28.14 75.12
O5 MAN P . -10.53 27.60 72.04
O6 MAN P . -9.70 30.10 72.30
C1 MAN Q . 16.97 28.13 53.13
C2 MAN Q . 15.63 28.34 52.45
C3 MAN Q . 15.65 27.84 51.00
C4 MAN Q . 16.70 26.76 50.70
C5 MAN Q . 17.62 26.32 51.84
C6 MAN Q . 19.05 26.81 51.60
O2 MAN Q . 15.27 29.73 52.53
O3 MAN Q . 15.86 28.94 50.08
O4 MAN Q . 16.07 25.63 50.10
O5 MAN Q . 17.22 26.74 53.12
O6 MAN Q . 19.04 28.00 50.80
C1 MAN R . 8.75 31.55 53.68
C2 MAN R . 7.24 31.76 53.82
C3 MAN R . 6.55 32.02 52.48
C4 MAN R . 7.16 31.19 51.36
C5 MAN R . 8.00 30.07 51.95
C6 MAN R . 8.51 29.15 50.84
O2 MAN R . 7.00 32.87 54.69
O3 MAN R . 6.60 33.41 52.15
O4 MAN R . 6.11 30.64 50.56
O5 MAN R . 9.11 30.64 52.64
O6 MAN R . 8.71 29.91 49.64
C1 NAG S . 30.85 -5.25 45.46
C2 NAG S . 31.96 -4.31 45.93
C3 NAG S . 33.26 -4.58 45.17
C4 NAG S . 33.59 -6.06 45.14
C5 NAG S . 32.37 -6.84 44.68
C6 NAG S . 32.65 -8.33 44.60
C7 NAG S . 30.99 -2.20 46.75
C8 NAG S . 30.51 -0.83 46.37
N2 NAG S . 31.57 -2.92 45.78
O3 NAG S . 34.31 -3.81 45.76
O4 NAG S . 34.62 -6.36 44.18
O5 NAG S . 31.27 -6.59 45.54
O6 NAG S . 32.87 -8.79 45.92
O7 NAG S . 30.85 -2.63 47.89
CA CA T . -19.18 7.90 30.45
C1 MAN U . -13.94 5.34 96.07
C2 MAN U . -14.07 3.84 95.90
C3 MAN U . -13.03 3.13 96.75
C4 MAN U . -11.65 3.69 96.55
C5 MAN U . -11.69 5.20 96.70
C6 MAN U . -10.33 5.81 96.45
O2 MAN U . -13.93 3.47 94.52
O3 MAN U . -13.00 1.73 96.47
O4 MAN U . -10.79 3.14 97.54
O5 MAN U . -12.62 5.74 95.77
O6 MAN U . -10.11 6.82 97.44
C1 NAG V . 58.54 -5.29 89.31
C2 NAG V . 58.78 -4.46 90.57
C3 NAG V . 59.75 -5.21 91.48
C4 NAG V . 59.24 -6.60 91.75
C5 NAG V . 58.98 -7.34 90.44
C6 NAG V . 58.54 -8.78 90.68
C7 NAG V . 60.34 -3.32 89.14
C8 NAG V . 61.40 -4.38 89.21
N2 NAG V . 59.48 -3.27 90.16
O3 NAG V . 59.75 -4.51 92.72
O4 NAG V . 60.23 -7.34 92.45
O5 NAG V . 58.07 -6.61 89.62
O6 NAG V . 59.30 -9.35 91.74
O7 NAG V . 60.27 -2.56 88.19
C1 FUC W . 52.89 16.52 -13.39
C2 FUC W . 53.61 16.77 -14.77
C3 FUC W . 53.27 15.74 -15.85
C4 FUC W . 51.92 15.10 -15.59
C5 FUC W . 51.00 16.10 -14.93
C6 FUC W . 50.84 17.30 -15.85
O2 FUC W . 55.01 16.63 -14.52
O3 FUC W . 53.31 16.36 -17.14
O4 FUC W . 51.30 14.65 -16.80
O5 FUC W . 51.48 16.43 -13.62
C1 NAG X . 32.09 -28.95 -13.69
C2 NAG X . 31.97 -29.71 -14.98
C3 NAG X . 31.94 -31.14 -14.59
C4 NAG X . 33.18 -31.45 -13.80
C5 NAG X . 33.20 -30.54 -12.59
C6 NAG X . 34.25 -30.74 -11.54
C7 NAG X . 30.46 -29.03 -16.75
C8 NAG X . 29.75 -30.00 -17.65
N2 NAG X . 30.66 -29.45 -15.51
O3 NAG X . 31.86 -31.90 -15.78
O4 NAG X . 33.14 -32.81 -13.37
O5 NAG X . 33.24 -29.18 -12.95
O6 NAG X . 33.52 -30.27 -10.41
O7 NAG X . 30.83 -27.94 -17.13
C1 NAG Y . 57.54 -21.66 99.73
C2 NAG Y . 58.80 -22.07 100.49
C3 NAG Y . 59.88 -22.47 99.49
C4 NAG Y . 59.33 -23.58 98.60
C5 NAG Y . 58.06 -23.12 97.91
C6 NAG Y . 57.48 -24.22 97.03
C7 NAG Y . 59.19 -20.94 102.60
C8 NAG Y . 59.80 -22.13 103.30
N2 NAG Y . 59.28 -20.95 101.27
O3 NAG Y . 61.02 -22.94 100.20
O4 NAG Y . 60.31 -23.91 97.61
O5 NAG Y . 57.10 -22.72 98.88
O6 NAG Y . 58.45 -24.63 96.08
O7 NAG Y . 58.66 -20.04 103.21
CA CA Z . -23.85 -17.83 65.06
#